data_9IS4
#
_entry.id   9IS4
#
_cell.length_a   1.00
_cell.length_b   1.00
_cell.length_c   1.00
_cell.angle_alpha   90.00
_cell.angle_beta   90.00
_cell.angle_gamma   90.00
#
_symmetry.space_group_name_H-M   'P 1'
#
loop_
_entity.id
_entity.type
_entity.pdbx_description
1 polymer 'PDZ domain-containing protein'
2 polymer 'Photosystem II protein D1'
3 polymer 'Photosystem II CP47 reaction center protein'
4 polymer 'Photosystem II CP43 reaction center protein'
5 polymer 'Photosystem II D2 protein'
6 polymer 'Cytochrome b559 subunit alpha'
7 polymer 'Cytochrome b559 subunit beta'
8 polymer 'Chlorophyll a-b binding protein, chloroplastic'
9 polymer 'Photosystem II reaction center protein H'
10 polymer 'Photosystem II reaction center protein I'
11 polymer 'Photosystem II reaction center protein K'
12 polymer 'Photosystem II reaction center protein L'
13 polymer 'Photosystem II reaction center protein M'
14 polymer 'Chlorophyll a-b binding protein, chloroplastic'
15 polymer 'Oxygen-evolving enhancer protein 1, chloroplastic'
16 polymer 'Chlorophyll a-b binding protein, chloroplastic'
17 polymer 'Photosystem II reaction center protein T'
18 polymer 'Photosystem II reaction center protein Psb30'
19 polymer 'Photosystem II reaction center W protein, chloroplastic'
20 polymer 'Chloroplast photosystem II subunit X'
21 polymer 'Chlorophyll a-b binding protein, chloroplastic'
22 polymer 'Photosystem II reaction center protein Z'
23 polymer 'Chlorophyll a-b binding protein CP29'
24 non-polymer 'FE (II) ION'
25 non-polymer 'CHLOROPHYLL A'
26 non-polymer 'PHEOPHYTIN A'
27 non-polymer BETA-CAROTENE
28 non-polymer 1,2-DI-O-ACYL-3-O-[6-DEOXY-6-SULFO-ALPHA-D-GLUCOPYRANOSYL]-SN-GLYCEROL
29 non-polymer 1,2-DISTEAROYL-MONOGALACTOSYL-DIGLYCERIDE
30 non-polymer 1,2-DIPALMITOYL-PHOSPHATIDYL-GLYCEROLE
31 non-polymer 'DIGALACTOSYL DIACYL GLYCEROL (DGDG)'
32 non-polymer DODECYL-ALPHA-D-MALTOSIDE
33 non-polymer 'BICARBONATE ION'
34 non-polymer 2,3-DIMETHYL-5-(3,7,11,15,19,23,27,31,35-NONAMETHYL-2,6,10,14,18,22,26,30,34-HEXATRIACONTANONAENYL-2,5-CYCLOHEXADIENE-1,4-DIONE-2,3-DIMETHYL-5-SOLANESYL-1,4-BENZOQUINONE
35 non-polymer 'PROTOPORPHYRIN IX CONTAINING FE'
36 non-polymer 'CHLOROPHYLL B'
37 non-polymer "(3R,3'R,6S)-4,5-DIDEHYDRO-5,6-DIHYDRO-BETA,BETA-CAROTENE-3,3'-DIOL"
38 non-polymer (1R,3R)-6-{(3E,5E,7E,9E,11E,13E,15E,17E)-18-[(1S,4R,6R)-4-HYDROXY-2,2,6-TRIMETHYL-7-OXABICYCLO[4.1.0]HEPT-1-YL]-3,7,12,16-TETRAMETHYLOCTADECA-1,3,5,7,9,11,13,15,17-NONAENYLIDENE}-1,5,5-TRIMETHYLCYCLOHEXANE-1,3-DIOL
39 non-polymer "(3S,5R,6S,3'S,5'R,6'S)-5,6,5',6'-DIEPOXY-5,6,5',6'- TETRAHYDRO-BETA,BETA-CAROTENE-3,3'-DIOL"
#
loop_
_entity_poly.entity_id
_entity_poly.type
_entity_poly.pdbx_seq_one_letter_code
_entity_poly.pdbx_strand_id
1 'polypeptide(L)'
;AAEKQWKKERAGGNYGAGTKEIQARNYVQRKENERKRREMFDDALAKFKENDIQGALVEFENIIAMEPRNFVGDNFSRNT
PIYKVTQYNIACCYSMLDQVEEAIKSLDAAMLSGFDNYDQIRRDKNLSKARANPKFQAVLDKYDEPVVNWNAVKATFGA
;
1
2 'polypeptide(L)'
;NSSLWARFCEWITSTENRLYIGWFGVIMIPCLLTATSVFIIAFIAAPPVDIDGIREPVSGSLLYGNNIITGAVIPTSNAI
GLHFYPIWEAASLDEWLYNGGPYQLIVCHFLLGVYCYMGREWELSFRLGMRPWIAVAYSAPVAAASAVFLVYPIGQGSFS
DGMPLGISGTFNFMIVFQAEHNILMHPFHMLGVAGVFGGSLFSAMHGSLVTSSLIRETTENESANEGYRFGQEEETYNIV
AAHGYFGRLIFQYASFNNSRSLHFFLAAWPVIGIWFTALGLSTMAFNLNGFNFNQSVVDSQGRVLNTWADIINRANLGME
VMHERNAHNFPLDLA
;
A,a
3 'polypeptide(L)'
;GLPWYRVHTVVINDPGRLISVHLMHTALVSGWAGSMALFEISVFDPSDPVLNPMWRQGMFVLPFMTRLGITQSWGGWTIS
GETATNPGIWSYEGVAAAHIILSGALFLASVWHWTYWDLELFRDPRTGKTALDLPKIFGIHLFLSGLLCFGFGAFHVTGV
FGPGIWVSDPYGLTGRVQPVAPSWGADGFDPYNPGGIASHHIAAGILGVLAGLFHLCVRPSIRLYFGLSMGSIETVLSSS
IAAVFWAAFVVAGTMWYGSAATPIELFGPTRYQWDQGFFQQEIQKRVQASLAEGASLSDAWSRIPEKLAFYDYIGNNPAK
GGLFRTGAMNSGDGIAVGWLGHASFKDQEGRELFVRRMPTFFETFPVLLLDKDGIVRADVPFRKAESKYSIEQVGVSVTF
YGGELDGLTFTDPATVKKYARKAQLGEIFEFDRSTLQSDGVFRSSPRGWFTFGHVCFALLFFFGHIWHGARTIFRDVFAG
I
;
B,b
4 'polypeptide(L)'
;GRDQETTGFAWWSGNARLINLSGKLLGAHVAHAGLIVFWAGAMNLFEVSHFVPEKPMYEQGLILLPHIATLGYGVGPGGE
IIDTFPYFVSGVLHLISSAVLGFGGVYHSLIGPETLEESYPFFGYVWKDKNKMTNILGYHLIMLGLGAWLLVWKAMYFGG
VYDTWAPGGGDVRVITNPTTNAAVIFGYLVKSPFGGDGWICSVDNMEDIIGGHIWIGTLEILGGIWHIYTTPWPWARRAF
VWSGEAYLSYSLGAIGVMGFIACCMSWFNNTAYPSEFYGPTGPEASQSQAFTFLVRDQRLGANVASAQGPTGLGKYLMRS
PTGEIIFGGETMRFWDFRGPWLEPLRGPNGLDLNKLKNDIQPWQERRAAEYMTHAPLGSLNSVGGVATEINAVNFVSPRS
WLACSHFCLGFFFFIGHLWHAGRARAAAAGFEKGIDRFDEPVLSMRPLD
;
C,c
5 'polypeptide(L)'
;TIAIGTYQEKRTWFDDADDWLRQDRFVFVGWSGLLLFPCAYFALGGWLTGTTFVTSWYTHGLATSYLEGCNFLTAAVSTP
ANSMAHSLLFVWGPEAQGDFTRWCQLGGLWAFVALHGAFGLIGFMLRQFEIARSVNLRPYNAIAFSAPIAVFVSVFLIYP
LGQSGWFFAPSFGVAAIFRFILFFQGFHNWTLNPFHMMGVAGVLGAALLCAIHGATVENTLFEDGDGANTFRAFNPTQAE
ETYSMVTANRFWSQIFGVAFSNKRWLHFFMLLVPVTGLWMSAIGVVGLALNLRAYDFVSQEIRAAEDPEFETFYTKNILL
NEGIRAWMAAQDQPHERLVFPEEVLPRGNAL
;
D,d
6 'polypeptide(L)' RPFSDILTSIRYWVIHSITVPALFIAGWLFVSTGLAYDVFGTPRPNEYFTEDRQEAPLITDRFNALEQVKKLSGN E,e
7 'polypeptide(L)' IFTVRWLAIHGIAVPTIFFLGAITAMQFIQR F,f
8 'polypeptide(L)'
;EWYGPDRPKFLGPFSEGDTPAYLTGEFPGDYGWDTAGLSADPETFKRYRELELIHARWAMLGALGCITPELLAKNGIPFG
EAVWFKAGAQIFAEGGLNYLGNENLIHAQSIIATLAFQVVVMGLAEAYRANGGPLGEGLDPLHPGGAFDPLGLADDPDTF
AELKVKEIKNGRLAMFSMFGFFVQAIVTGKGPIQNLDDHLANPTAVNAFAYATKFTPSA
;
G
9 'polypeptide(L)' QEPGLVTPLGTLLRPLNSEAGKVLPGWGTTVLMAVFILLFAAFLLIILEIYNSSLILDDVSMSWETLAK H,h
10 'polypeptide(L)' MLTLKIFVYTVVTFFVCLFIFGFLSNDPARNPGKN I,i
11 'polypeptide(L)' KLPEAYAPFAPIVDVLPVIPVFFILLAFVWQAAVSFR K,k
12 'polypeptide(L)' ARPNPNKQVVELNRTSLYWGLLLIFVLAVLFSSYIFN L,l
13 'polypeptide(L)' VNIYGLTATALFIIIPTSFLLILYVKTASTQ M,m
14 'polypeptide(L)'
;EFYGPNRAKWLGPYSENATPAYLTGEFPGDYGWDTAGLSADPETFKRYRELELIHARWAMLGALGCITPELLAKSGTQFG
EAVWFKAGAQIFSEGGLDYLGNPSLVHAQNIVATLAVQVILMGLVEGYRVNGGPAGEGLDPLYPGESFDPLGLADDPDTF
AELKVKEIKNGRLAMFSMFGFFVQAIVTGKGPIQNLDDHLSNPTVNNAFAFATKFTPSA
;
N
15 'polypeptide(L)'
;LTFDEIQGLTYLQVKGSGIANTCPVLESGTTNLKELKAGSYKLENFCIEPTSFTVKEESQFKGGETEFVKTKLMTRLTYT
LDAMSGSFKVGSDGSAELKEDDGIDYAATTVQLPGGERVAFLFTIKQFDGKGTLDGIKGDFLVPSYRGSSFLDPKGRGGS
TGYDNAVALPARADAEELLKENVKITKALKGSAVFSVAKVDPVTGEIAGVFESIQPSDTDLGAKPPKDIKVTGLWYAQLK
;
O
16 'polypeptide(L)'
;KATRGWLGGQGGAADLDKWYGPDRKLFLPSGLYDRSEIPEYLNGELAGDYGYDPLGLGKDPETVAKYRENELLHARWAML
AAAGILIPEGLQANGANIKGGTWFETGAEMLNGGTLNYFAVPWGIVSNPLPLFAVIAVEVGLMGAVEFYRRNGTGPAGYS
PGIGKFDSSVFDGLDPLYPGGPFDPLGLADDPEVLQELKVKEIKNGRLAMVSVLGFAVQSYVTGEGPYANWTKHVADPFG
YNLLTVLGAE
;
S
17 'polypeptide(L)' MEALVYTFLLVGTLGIIFFSIFFRDPPRMI T,t
18 'polypeptide(L)' NIELALTLVSLVLVVSAGPLVVVLLSARGGNL V,v
19 'polypeptide(L)' LVDERMNGDGTGRPFGVNDPVLGWVLLGVFGTMWAIWFIGQKDLGDFEDADDGLKL W
20 'polypeptide(L)' AVTPSLKNFLGSLIAGATVLGGIALAITAVSK X,x
21 'polypeptide(L)'
;PDSFWYGPERPLFLGAFTGEPPSYLTGEFPGDYGWDTAGLSADPETFKRYRELELIHARWAMLGALGCIFPELLGSYGVP
FGEAVWFKAGAQIFQEGGLDYLGNPNLVHAQSILAILGTQVLLMGAIEGYRVNGGPLGEGLDKLYPGGSFDPLGLADDPD
TFAELKVKEIKNGRLAMFSMFGFFVQAIVTGKGPLQNLSDHLANPGTNNAFAYATKFTPQ
;
Y
22 'polypeptide(L)' MTSILQVALLALIFVSFALVVGVPVVFATPNGWTDNKGAVFSGLSLWLLLVFVVGILNSFV Z,z
23 'polypeptide(L)'
;RPEWLDGSLPGDRGFDPLGLSKPSEFVVIGVDENDQNAAKNNKGSVEAIVQATPDEVSSENRLAPYSEVFGLARFRECEL
IHGRWAMLACLGALVAEATTGVSWVEAGKVELDGASYAGLSLPFSITQLIWIEVILVGGAEFYRNSETNPEKRCYPGGVF
DPLKLASEDEERAFRLKTAEIKHARLAMVSFFGYGVQALST
;
r
#
# COMPACT_ATOMS: atom_id res chain seq x y z
N ALA A 1 45.21 42.93 1.31
CA ALA A 1 44.12 42.42 0.50
C ALA A 1 44.02 40.90 0.62
N ALA A 2 43.85 40.22 -0.52
CA ALA A 2 43.75 38.77 -0.51
C ALA A 2 45.06 38.09 -0.17
N GLU A 3 46.17 38.82 -0.25
CA GLU A 3 47.46 38.24 0.14
C GLU A 3 47.45 37.83 1.61
N LYS A 4 46.74 38.59 2.44
CA LYS A 4 46.65 38.26 3.86
C LYS A 4 46.02 36.89 4.07
N GLN A 5 44.88 36.64 3.40
CA GLN A 5 44.20 35.36 3.59
C GLN A 5 44.94 34.22 2.87
N TRP A 6 45.64 34.53 1.78
CA TRP A 6 46.49 33.52 1.15
C TRP A 6 47.59 33.08 2.10
N LYS A 7 48.24 34.04 2.77
CA LYS A 7 49.24 33.70 3.77
C LYS A 7 48.61 32.94 4.93
N LYS A 8 47.40 33.32 5.32
CA LYS A 8 46.69 32.64 6.40
C LYS A 8 46.49 31.17 6.08
N GLU A 9 45.97 30.86 4.88
CA GLU A 9 45.75 29.47 4.53
C GLU A 9 47.06 28.73 4.29
N ARG A 10 48.09 29.45 3.83
CA ARG A 10 49.40 28.82 3.63
C ARG A 10 50.01 28.40 4.96
N ALA A 11 49.82 29.21 6.01
CA ALA A 11 50.34 28.85 7.32
C ALA A 11 49.73 27.56 7.86
N GLY A 12 48.54 27.19 7.38
CA GLY A 12 47.93 25.93 7.78
C GLY A 12 48.19 24.82 6.78
N GLY A 13 48.19 25.17 5.49
CA GLY A 13 48.43 24.20 4.45
C GLY A 13 47.18 23.47 4.00
N ASN A 14 46.15 24.24 3.63
CA ASN A 14 44.88 23.67 3.19
C ASN A 14 44.50 24.08 1.77
N TYR A 15 45.41 24.71 1.04
CA TYR A 15 45.15 25.12 -0.35
C TYR A 15 43.89 25.98 -0.42
N GLY A 16 42.90 25.53 -1.18
CA GLY A 16 41.63 26.22 -1.24
C GLY A 16 41.61 27.36 -2.25
N ALA A 17 40.46 28.03 -2.28
CA ALA A 17 40.25 29.11 -3.24
C ALA A 17 41.06 30.36 -2.92
N GLY A 18 41.62 30.45 -1.71
CA GLY A 18 42.45 31.60 -1.38
C GLY A 18 43.69 31.69 -2.24
N THR A 19 44.33 30.56 -2.49
CA THR A 19 45.52 30.54 -3.33
C THR A 19 45.20 30.70 -4.81
N LYS A 20 43.99 30.32 -5.21
CA LYS A 20 43.65 30.29 -6.63
C LYS A 20 43.70 31.68 -7.25
N GLU A 21 43.12 32.68 -6.58
CA GLU A 21 43.09 34.01 -7.15
C GLU A 21 44.48 34.62 -7.22
N ILE A 22 45.30 34.38 -6.19
CA ILE A 22 46.69 34.85 -6.23
C ILE A 22 47.44 34.18 -7.37
N GLN A 23 47.21 32.89 -7.57
CA GLN A 23 47.87 32.16 -8.64
C GLN A 23 47.50 32.72 -10.00
N ALA A 24 46.20 32.98 -10.21
CA ALA A 24 45.75 33.54 -11.48
C ALA A 24 46.30 34.95 -11.69
N ARG A 25 46.32 35.76 -10.63
CA ARG A 25 46.86 37.11 -10.74
C ARG A 25 48.34 37.08 -11.13
N ASN A 26 49.11 36.21 -10.49
CA ASN A 26 50.53 36.10 -10.82
C ASN A 26 50.71 35.63 -12.25
N TYR A 27 49.92 34.65 -12.69
CA TYR A 27 50.06 34.14 -14.05
C TYR A 27 49.77 35.22 -15.09
N VAL A 28 48.65 35.94 -14.93
CA VAL A 28 48.30 36.96 -15.91
C VAL A 28 49.28 38.13 -15.85
N GLN A 29 49.76 38.47 -14.65
CA GLN A 29 50.72 39.56 -14.52
C GLN A 29 52.02 39.22 -15.24
N ARG A 30 52.50 37.98 -15.08
CA ARG A 30 53.73 37.61 -15.76
C ARG A 30 53.53 37.51 -17.27
N LYS A 31 52.36 37.06 -17.71
CA LYS A 31 52.10 37.03 -19.15
C LYS A 31 52.12 38.43 -19.76
N GLU A 32 51.44 39.38 -19.11
CA GLU A 32 51.45 40.74 -19.64
C GLU A 32 52.82 41.38 -19.53
N ASN A 33 53.59 41.04 -18.48
CA ASN A 33 54.96 41.55 -18.38
C ASN A 33 55.83 41.02 -19.50
N GLU A 34 55.67 39.74 -19.85
CA GLU A 34 56.43 39.17 -20.96
C GLU A 34 56.05 39.82 -22.28
N ARG A 35 54.75 40.08 -22.48
CA ARG A 35 54.32 40.77 -23.70
C ARG A 35 54.91 42.17 -23.76
N LYS A 36 54.91 42.89 -22.63
CA LYS A 36 55.50 44.22 -22.60
C LYS A 36 57.00 44.16 -22.89
N ARG A 37 57.70 43.17 -22.35
CA ARG A 37 59.11 43.01 -22.65
C ARG A 37 59.34 42.75 -24.12
N ARG A 38 58.50 41.92 -24.74
CA ARG A 38 58.65 41.63 -26.16
C ARG A 38 58.45 42.88 -27.00
N GLU A 39 57.42 43.68 -26.68
CA GLU A 39 57.19 44.89 -27.45
C GLU A 39 58.29 45.93 -27.22
N MET A 40 58.83 46.00 -26.01
CA MET A 40 59.97 46.87 -25.76
C MET A 40 61.19 46.42 -26.56
N PHE A 41 61.40 45.11 -26.68
CA PHE A 41 62.50 44.60 -27.48
C PHE A 41 62.32 44.97 -28.95
N ASP A 42 61.09 44.84 -29.46
CA ASP A 42 60.83 45.22 -30.84
C ASP A 42 61.07 46.71 -31.06
N ASP A 43 60.62 47.55 -30.13
CA ASP A 43 60.83 48.99 -30.26
C ASP A 43 62.31 49.33 -30.20
N ALA A 44 63.06 48.68 -29.31
CA ALA A 44 64.50 48.93 -29.22
C ALA A 44 65.21 48.52 -30.50
N LEU A 45 64.83 47.38 -31.06
CA LEU A 45 65.43 46.95 -32.32
C LEU A 45 65.12 47.94 -33.44
N ALA A 46 63.86 48.40 -33.50
CA ALA A 46 63.48 49.35 -34.53
C ALA A 46 64.27 50.66 -34.40
N LYS A 47 64.43 51.15 -33.18
CA LYS A 47 65.19 52.39 -32.98
C LYS A 47 66.67 52.17 -33.23
N PHE A 48 67.17 50.95 -33.01
CA PHE A 48 68.58 50.67 -33.28
C PHE A 48 68.84 50.56 -34.77
N LYS A 49 67.84 50.16 -35.55
CA LYS A 49 68.03 50.01 -36.99
C LYS A 49 68.44 51.33 -37.64
N GLU A 50 68.06 52.45 -37.05
CA GLU A 50 68.47 53.78 -37.53
C GLU A 50 69.17 54.51 -36.38
N ASN A 51 70.47 54.23 -36.24
CA ASN A 51 71.31 54.82 -35.20
C ASN A 51 70.61 54.74 -33.84
N ASP A 52 70.62 55.83 -33.08
CA ASP A 52 69.97 55.91 -31.77
C ASP A 52 70.43 54.76 -30.88
N ILE A 53 71.74 54.49 -30.90
CA ILE A 53 72.27 53.30 -30.25
C ILE A 53 72.13 53.39 -28.74
N GLN A 54 72.31 54.57 -28.17
CA GLN A 54 72.21 54.72 -26.72
C GLN A 54 70.80 54.43 -26.23
N GLY A 55 69.79 54.90 -26.95
CA GLY A 55 68.42 54.62 -26.57
C GLY A 55 68.09 53.15 -26.64
N ALA A 56 68.56 52.47 -27.70
CA ALA A 56 68.35 51.04 -27.81
C ALA A 56 69.04 50.29 -26.68
N LEU A 57 70.26 50.72 -26.32
CA LEU A 57 70.96 50.09 -25.22
C LEU A 57 70.21 50.28 -23.91
N VAL A 58 69.68 51.47 -23.67
CA VAL A 58 68.91 51.73 -22.45
C VAL A 58 67.67 50.86 -22.42
N GLU A 59 66.97 50.75 -23.56
CA GLU A 59 65.77 49.93 -23.63
C GLU A 59 66.09 48.47 -23.36
N PHE A 60 67.17 47.96 -23.95
CA PHE A 60 67.56 46.57 -23.72
C PHE A 60 67.95 46.35 -22.26
N GLU A 61 68.63 47.31 -21.65
CA GLU A 61 68.98 47.18 -20.24
C GLU A 61 67.74 47.15 -19.36
N ASN A 62 66.75 47.99 -19.67
CA ASN A 62 65.49 47.96 -18.93
C ASN A 62 64.78 46.62 -19.13
N ILE A 63 64.87 46.06 -20.33
CA ILE A 63 64.31 44.73 -20.59
C ILE A 63 64.99 43.69 -19.70
N ILE A 64 66.32 43.77 -19.59
CA ILE A 64 67.05 42.86 -18.71
C ILE A 64 66.60 43.03 -17.27
N ALA A 65 66.38 44.27 -16.84
CA ALA A 65 66.01 44.52 -15.45
C ALA A 65 64.69 43.87 -15.10
N MET A 66 63.72 43.89 -16.01
CA MET A 66 62.39 43.34 -15.76
C MET A 66 62.37 41.83 -16.01
N GLU A 67 63.28 41.13 -15.34
CA GLU A 67 63.43 39.69 -15.48
C GLU A 67 62.76 38.96 -14.33
N PRO A 68 61.99 37.91 -14.62
CA PRO A 68 61.38 37.12 -13.54
C PRO A 68 62.44 36.42 -12.70
N ARG A 69 62.12 36.24 -11.43
CA ARG A 69 63.01 35.61 -10.47
C ARG A 69 62.68 34.14 -10.32
N ASN A 70 63.72 33.31 -10.25
CA ASN A 70 63.57 31.86 -10.07
C ASN A 70 62.71 31.25 -11.18
N PHE A 71 62.96 31.68 -12.42
CA PHE A 71 62.20 31.18 -13.55
C PHE A 71 62.50 29.70 -13.80
N VAL A 72 61.45 28.96 -14.16
CA VAL A 72 61.60 27.57 -14.55
C VAL A 72 60.85 27.35 -15.86
N GLY A 73 61.59 27.21 -16.96
CA GLY A 73 60.97 27.03 -18.25
C GLY A 73 60.36 25.65 -18.41
N ASP A 74 59.52 25.52 -19.44
CA ASP A 74 58.93 24.21 -19.74
C ASP A 74 60.01 23.19 -20.12
N ASN A 75 61.03 23.64 -20.85
CA ASN A 75 62.17 22.79 -21.20
C ASN A 75 63.33 22.97 -20.24
N PHE A 76 63.04 23.28 -18.97
CA PHE A 76 64.06 23.38 -17.92
C PHE A 76 65.05 24.50 -18.21
N SER A 77 64.55 25.62 -18.74
CA SER A 77 65.43 26.67 -19.22
C SER A 77 66.15 27.39 -18.09
N ARG A 78 65.45 27.65 -16.98
CA ARG A 78 65.93 28.43 -15.84
C ARG A 78 66.20 29.89 -16.21
N ASN A 79 65.86 30.32 -17.41
CA ASN A 79 66.00 31.71 -17.81
C ASN A 79 65.00 32.02 -18.91
N THR A 80 64.62 33.29 -19.00
CA THR A 80 63.67 33.71 -20.02
C THR A 80 64.31 33.53 -21.41
N PRO A 81 63.56 33.04 -22.40
CA PRO A 81 64.15 32.89 -23.75
C PRO A 81 64.65 34.20 -24.33
N ILE A 82 64.00 35.32 -24.02
CA ILE A 82 64.45 36.61 -24.53
C ILE A 82 65.67 37.11 -23.76
N TYR A 83 65.96 36.54 -22.60
CA TYR A 83 67.04 37.04 -21.76
C TYR A 83 68.39 36.91 -22.46
N LYS A 84 68.66 35.76 -23.07
CA LYS A 84 69.95 35.55 -23.71
C LYS A 84 70.14 36.46 -24.91
N VAL A 85 69.10 36.62 -25.74
CA VAL A 85 69.24 37.46 -26.93
C VAL A 85 69.38 38.92 -26.52
N THR A 86 68.67 39.34 -25.47
CA THR A 86 68.84 40.71 -24.99
C THR A 86 70.22 40.93 -24.40
N GLN A 87 70.77 39.93 -23.69
CA GLN A 87 72.14 40.06 -23.18
C GLN A 87 73.14 40.17 -24.33
N TYR A 88 72.94 39.37 -25.38
CA TYR A 88 73.83 39.47 -26.54
C TYR A 88 73.70 40.83 -27.21
N ASN A 89 72.49 41.38 -27.26
CA ASN A 89 72.32 42.72 -27.83
C ASN A 89 72.99 43.77 -26.97
N ILE A 90 72.95 43.61 -25.64
CA ILE A 90 73.74 44.47 -24.76
C ILE A 90 75.22 44.41 -25.13
N ALA A 91 75.74 43.20 -25.31
CA ALA A 91 77.15 43.04 -25.65
C ALA A 91 77.47 43.72 -26.98
N CYS A 92 76.61 43.52 -27.98
CA CYS A 92 76.83 44.12 -29.30
C CYS A 92 76.80 45.64 -29.23
N CYS A 93 75.76 46.20 -28.61
CA CYS A 93 75.59 47.64 -28.55
C CYS A 93 76.74 48.30 -27.79
N TYR A 94 77.14 47.70 -26.66
CA TYR A 94 78.28 48.25 -25.94
C TYR A 94 79.57 48.13 -26.75
N SER A 95 79.76 46.99 -27.44
CA SER A 95 80.97 46.81 -28.22
C SER A 95 81.08 47.85 -29.33
N MET A 96 79.95 48.23 -29.93
CA MET A 96 80.00 49.31 -30.91
C MET A 96 80.26 50.68 -30.26
N LEU A 97 80.23 50.77 -28.93
CA LEU A 97 80.47 52.01 -28.22
C LEU A 97 81.73 51.94 -27.34
N ASP A 98 82.74 51.21 -27.80
CA ASP A 98 84.00 51.02 -27.05
C ASP A 98 83.65 50.38 -25.71
N GLN A 99 84.34 50.73 -24.62
CA GLN A 99 84.10 50.15 -23.31
C GLN A 99 84.12 48.62 -23.39
N VAL A 100 85.22 48.09 -23.93
CA VAL A 100 85.25 46.68 -24.33
C VAL A 100 85.12 45.76 -23.11
N GLU A 101 85.59 46.20 -21.95
CA GLU A 101 85.64 45.33 -20.79
C GLU A 101 84.23 44.95 -20.32
N GLU A 102 83.37 45.95 -20.13
CA GLU A 102 82.00 45.65 -19.72
C GLU A 102 81.23 44.94 -20.84
N ALA A 103 81.56 45.23 -22.09
CA ALA A 103 80.91 44.54 -23.20
C ALA A 103 81.21 43.05 -23.19
N ILE A 104 82.48 42.69 -22.97
CA ILE A 104 82.82 41.26 -22.91
C ILE A 104 82.29 40.64 -21.63
N LYS A 105 82.16 41.42 -20.55
CA LYS A 105 81.49 40.88 -19.37
C LYS A 105 80.04 40.53 -19.65
N SER A 106 79.33 41.41 -20.36
CA SER A 106 77.95 41.13 -20.74
C SER A 106 77.86 39.94 -21.68
N LEU A 107 78.83 39.82 -22.61
CA LEU A 107 78.86 38.65 -23.48
C LEU A 107 79.09 37.38 -22.67
N ASP A 108 79.95 37.44 -21.65
CA ASP A 108 80.17 36.29 -20.78
C ASP A 108 78.88 35.92 -20.06
N ALA A 109 78.14 36.91 -19.57
CA ALA A 109 76.86 36.62 -18.94
C ALA A 109 75.89 36.00 -19.91
N ALA A 110 75.86 36.49 -21.16
CA ALA A 110 74.98 35.94 -22.17
C ALA A 110 75.30 34.48 -22.45
N MET A 111 76.59 34.16 -22.59
CA MET A 111 76.98 32.78 -22.83
C MET A 111 76.73 31.90 -21.61
N LEU A 112 76.80 32.48 -20.41
CA LEU A 112 76.44 31.74 -19.21
C LEU A 112 74.96 31.41 -19.20
N SER A 113 74.12 32.34 -19.65
CA SER A 113 72.67 32.14 -19.70
C SER A 113 72.20 31.41 -20.95
N GLY A 114 73.10 30.71 -21.65
CA GLY A 114 72.75 29.99 -22.87
C GLY A 114 73.56 30.52 -24.04
N PHE A 115 72.86 30.72 -25.17
CA PHE A 115 73.46 31.26 -26.39
C PHE A 115 74.64 30.41 -26.85
N ASP A 116 74.32 29.17 -27.22
CA ASP A 116 75.35 28.22 -27.65
C ASP A 116 75.92 28.53 -29.03
N ASN A 117 75.33 29.47 -29.77
CA ASN A 117 75.79 29.78 -31.13
C ASN A 117 77.08 30.58 -31.03
N TYR A 118 78.17 29.86 -30.73
CA TYR A 118 79.48 30.49 -30.64
C TYR A 118 79.97 30.98 -31.99
N ASP A 119 79.54 30.33 -33.07
CA ASP A 119 80.00 30.73 -34.40
C ASP A 119 79.54 32.13 -34.75
N GLN A 120 78.32 32.50 -34.34
CA GLN A 120 77.83 33.85 -34.58
C GLN A 120 78.73 34.88 -33.89
N ILE A 121 79.20 34.56 -32.69
CA ILE A 121 80.08 35.47 -31.98
C ILE A 121 81.38 35.68 -32.75
N ARG A 122 81.95 34.61 -33.27
CA ARG A 122 83.20 34.72 -34.03
C ARG A 122 82.98 35.49 -35.34
N ARG A 123 81.88 35.22 -36.03
CA ARG A 123 81.63 35.87 -37.32
C ARG A 123 80.99 37.24 -37.19
N ASP A 124 80.59 37.65 -35.99
CA ASP A 124 79.98 38.96 -35.81
C ASP A 124 81.00 40.06 -36.06
N LYS A 125 80.59 41.09 -36.79
CA LYS A 125 81.45 42.24 -37.05
C LYS A 125 81.33 43.32 -36.00
N ASN A 126 80.14 43.47 -35.40
CA ASN A 126 79.94 44.50 -34.38
C ASN A 126 80.85 44.27 -33.18
N LEU A 127 81.17 43.01 -32.87
CA LEU A 127 82.08 42.67 -31.80
C LEU A 127 83.54 42.78 -32.22
N SER A 128 83.82 43.47 -33.33
CA SER A 128 85.20 43.58 -33.81
C SER A 128 86.10 44.23 -32.77
N LYS A 129 85.58 45.26 -32.08
CA LYS A 129 86.35 45.88 -31.00
C LYS A 129 86.68 44.86 -29.93
N ALA A 130 85.73 43.97 -29.60
CA ALA A 130 86.00 42.92 -28.64
C ALA A 130 87.12 42.00 -29.12
N ARG A 131 87.27 41.85 -30.44
CA ARG A 131 88.38 41.06 -30.96
C ARG A 131 89.72 41.65 -30.57
N ALA A 132 89.79 42.97 -30.37
CA ALA A 132 91.04 43.60 -29.96
C ALA A 132 91.48 43.11 -28.59
N ASN A 133 90.55 42.98 -27.66
CA ASN A 133 90.88 42.54 -26.31
C ASN A 133 91.02 41.02 -26.30
N PRO A 134 92.19 40.48 -25.91
CA PRO A 134 92.32 39.02 -25.83
C PRO A 134 91.43 38.38 -24.78
N LYS A 135 90.92 39.16 -23.81
CA LYS A 135 89.99 38.61 -22.83
C LYS A 135 88.75 38.05 -23.50
N PHE A 136 88.38 38.59 -24.67
CA PHE A 136 87.30 37.99 -25.45
C PHE A 136 87.61 36.54 -25.78
N GLN A 137 88.80 36.28 -26.32
CA GLN A 137 89.18 34.91 -26.65
C GLN A 137 89.31 34.06 -25.39
N ALA A 138 89.76 34.67 -24.28
CA ALA A 138 89.86 33.93 -23.03
C ALA A 138 88.49 33.45 -22.56
N VAL A 139 87.51 34.34 -22.55
CA VAL A 139 86.16 33.96 -22.13
C VAL A 139 85.58 32.95 -23.11
N LEU A 140 85.85 33.14 -24.42
CA LEU A 140 85.32 32.22 -25.41
C LEU A 140 85.87 30.81 -25.21
N ASP A 141 87.17 30.69 -24.95
CA ASP A 141 87.74 29.35 -24.77
C ASP A 141 87.33 28.77 -23.42
N LYS A 142 87.05 29.62 -22.43
CA LYS A 142 86.44 29.13 -21.20
C LYS A 142 85.05 28.56 -21.47
N TYR A 143 84.33 29.13 -22.44
CA TYR A 143 83.00 28.65 -22.80
C TYR A 143 82.97 27.84 -24.08
N ASP A 144 84.08 27.75 -24.81
CA ASP A 144 84.15 26.92 -26.02
C ASP A 144 85.59 26.42 -26.13
N GLU A 145 85.84 25.23 -25.58
CA GLU A 145 87.17 24.65 -25.57
C GLU A 145 87.29 23.70 -26.75
N PRO A 146 88.21 23.96 -27.69
CA PRO A 146 88.32 23.05 -28.85
C PRO A 146 88.56 21.61 -28.41
N VAL A 147 87.89 20.69 -29.10
CA VAL A 147 87.86 19.31 -28.64
C VAL A 147 89.25 18.67 -28.72
N VAL A 148 90.00 18.93 -29.78
CA VAL A 148 91.28 18.27 -30.00
C VAL A 148 92.40 19.18 -29.50
N ASN A 149 93.30 18.62 -28.70
CA ASN A 149 94.48 19.34 -28.22
C ASN A 149 95.58 19.11 -29.25
N TRP A 150 95.58 19.96 -30.28
CA TRP A 150 96.45 19.73 -31.44
C TRP A 150 97.92 19.84 -31.08
N ASN A 151 98.29 20.81 -30.25
CA ASN A 151 99.70 21.02 -29.94
C ASN A 151 100.30 19.81 -29.21
N ALA A 152 99.57 19.25 -28.25
CA ALA A 152 100.10 18.11 -27.50
C ALA A 152 100.29 16.89 -28.40
N VAL A 153 99.31 16.61 -29.26
CA VAL A 153 99.42 15.43 -30.12
C VAL A 153 100.52 15.63 -31.15
N LYS A 154 100.68 16.85 -31.68
CA LYS A 154 101.78 17.13 -32.59
C LYS A 154 103.12 16.95 -31.90
N ALA A 155 103.24 17.44 -30.67
CA ALA A 155 104.50 17.30 -29.93
C ALA A 155 104.82 15.84 -29.66
N THR A 156 103.81 15.06 -29.27
CA THR A 156 104.05 13.64 -29.01
C THR A 156 104.42 12.89 -30.29
N PHE A 157 103.75 13.21 -31.41
CA PHE A 157 104.11 12.58 -32.68
C PHE A 157 105.50 12.97 -33.14
N GLY A 158 105.95 14.18 -32.80
CA GLY A 158 107.30 14.58 -33.16
C GLY A 158 108.36 13.72 -32.51
N ALA A 159 108.17 13.37 -31.24
CA ALA A 159 109.13 12.53 -30.54
C ALA A 159 108.69 11.07 -30.55
N ASN B 1 -20.45 27.74 30.06
CA ASN B 1 -20.30 27.86 28.61
C ASN B 1 -21.34 27.02 27.88
N SER B 2 -21.12 26.82 26.59
CA SER B 2 -22.05 26.06 25.77
C SER B 2 -22.05 24.60 26.19
N SER B 3 -23.18 23.93 25.95
CA SER B 3 -23.31 22.52 26.31
C SER B 3 -22.48 21.65 25.38
N LEU B 4 -22.51 20.34 25.65
CA LEU B 4 -21.75 19.39 24.83
C LEU B 4 -22.25 19.37 23.40
N TRP B 5 -23.56 19.37 23.20
CA TRP B 5 -24.10 19.30 21.85
C TRP B 5 -23.78 20.56 21.05
N ALA B 6 -23.78 21.71 21.70
CA ALA B 6 -23.44 22.95 21.00
C ALA B 6 -22.01 22.90 20.49
N ARG B 7 -21.08 22.46 21.33
CA ARG B 7 -19.69 22.33 20.88
C ARG B 7 -19.56 21.30 19.78
N PHE B 8 -20.28 20.18 19.89
CA PHE B 8 -20.19 19.14 18.88
C PHE B 8 -20.69 19.64 17.53
N CYS B 9 -21.81 20.35 17.52
CA CYS B 9 -22.35 20.84 16.25
C CYS B 9 -21.53 22.00 15.71
N GLU B 10 -20.89 22.78 16.59
CA GLU B 10 -19.95 23.79 16.11
C GLU B 10 -18.76 23.14 15.42
N TRP B 11 -18.24 22.05 16.00
CA TRP B 11 -17.11 21.36 15.39
C TRP B 11 -17.51 20.71 14.07
N ILE B 12 -18.68 20.08 14.02
CA ILE B 12 -19.10 19.40 12.79
C ILE B 12 -19.30 20.41 11.66
N THR B 13 -20.05 21.47 11.93
CA THR B 13 -20.32 22.50 10.92
C THR B 13 -19.27 23.60 10.96
N SER B 14 -18.00 23.21 10.91
CA SER B 14 -16.89 24.14 10.93
C SER B 14 -16.17 24.11 9.59
N THR B 15 -15.94 25.28 9.02
CA THR B 15 -15.23 25.39 7.75
C THR B 15 -13.72 25.43 7.94
N GLU B 16 -13.23 25.35 9.17
CA GLU B 16 -11.80 25.36 9.44
C GLU B 16 -11.18 23.98 9.37
N ASN B 17 -11.97 22.92 9.25
CA ASN B 17 -11.41 21.58 9.12
C ASN B 17 -10.75 21.41 7.75
N ARG B 18 -9.75 20.53 7.70
CA ARG B 18 -9.08 20.26 6.44
C ARG B 18 -10.05 19.68 5.43
N LEU B 19 -10.90 18.75 5.85
CA LEU B 19 -11.98 18.22 5.04
C LEU B 19 -13.29 18.47 5.74
N TYR B 20 -14.25 19.05 5.02
CA TYR B 20 -15.51 19.45 5.63
C TYR B 20 -16.32 18.23 6.02
N ILE B 21 -16.58 18.08 7.32
CA ILE B 21 -17.40 16.99 7.85
C ILE B 21 -18.79 17.58 8.04
N GLY B 22 -19.61 17.53 6.99
CA GLY B 22 -20.94 18.08 7.07
C GLY B 22 -21.91 17.18 7.78
N TRP B 23 -23.15 17.66 7.91
CA TRP B 23 -24.20 16.81 8.45
C TRP B 23 -24.50 15.66 7.51
N PHE B 24 -24.30 15.84 6.21
CA PHE B 24 -24.30 14.72 5.30
C PHE B 24 -23.02 13.90 5.43
N GLY B 25 -21.92 14.56 5.83
CA GLY B 25 -20.67 13.87 6.01
C GLY B 25 -20.70 12.83 7.11
N VAL B 26 -21.49 13.07 8.16
CA VAL B 26 -21.51 12.16 9.30
C VAL B 26 -22.03 10.79 8.88
N ILE B 27 -22.77 10.71 7.78
CA ILE B 27 -23.19 9.45 7.20
C ILE B 27 -22.30 9.04 6.04
N MET B 28 -21.83 10.02 5.26
CA MET B 28 -20.99 9.71 4.10
C MET B 28 -19.70 9.00 4.51
N ILE B 29 -19.03 9.52 5.54
CA ILE B 29 -17.72 9.00 5.91
C ILE B 29 -17.78 7.55 6.36
N PRO B 30 -18.63 7.15 7.33
CA PRO B 30 -18.63 5.74 7.74
C PRO B 30 -19.04 4.79 6.63
N CYS B 31 -20.07 5.13 5.85
CA CYS B 31 -20.51 4.26 4.78
C CYS B 31 -19.41 4.08 3.73
N LEU B 32 -18.78 5.19 3.34
CA LEU B 32 -17.73 5.11 2.32
C LEU B 32 -16.53 4.33 2.81
N LEU B 33 -16.12 4.54 4.07
CA LEU B 33 -14.99 3.78 4.58
C LEU B 33 -15.32 2.30 4.73
N THR B 34 -16.54 1.97 5.15
CA THR B 34 -16.93 0.57 5.24
C THR B 34 -16.92 -0.09 3.87
N ALA B 35 -17.48 0.59 2.87
CA ALA B 35 -17.49 0.05 1.52
C ALA B 35 -16.07 -0.12 1.00
N THR B 36 -15.21 0.86 1.24
CA THR B 36 -13.83 0.78 0.78
C THR B 36 -13.10 -0.40 1.43
N SER B 37 -13.26 -0.56 2.74
CA SER B 37 -12.58 -1.64 3.44
C SER B 37 -13.05 -3.00 2.93
N VAL B 38 -14.36 -3.18 2.81
CA VAL B 38 -14.88 -4.46 2.35
C VAL B 38 -14.45 -4.72 0.91
N PHE B 39 -14.47 -3.70 0.07
CA PHE B 39 -14.06 -3.88 -1.33
C PHE B 39 -12.59 -4.28 -1.41
N ILE B 40 -11.72 -3.61 -0.65
CA ILE B 40 -10.30 -3.93 -0.70
C ILE B 40 -10.06 -5.35 -0.21
N ILE B 41 -10.68 -5.72 0.91
CA ILE B 41 -10.46 -7.05 1.47
C ILE B 41 -10.97 -8.12 0.51
N ALA B 42 -12.14 -7.91 -0.09
CA ALA B 42 -12.68 -8.89 -1.03
C ALA B 42 -11.83 -9.00 -2.29
N PHE B 43 -11.36 -7.85 -2.80
CA PHE B 43 -10.54 -7.87 -4.00
C PHE B 43 -9.22 -8.58 -3.77
N ILE B 44 -8.59 -8.33 -2.62
CA ILE B 44 -7.31 -8.98 -2.33
C ILE B 44 -7.48 -10.48 -2.17
N ALA B 45 -8.51 -10.89 -1.43
CA ALA B 45 -8.70 -12.32 -1.15
C ALA B 45 -10.17 -12.57 -0.86
N ALA B 46 -10.81 -13.44 -1.66
CA ALA B 46 -12.18 -13.86 -1.43
C ALA B 46 -12.42 -15.13 -2.22
N PRO B 47 -13.16 -16.09 -1.68
CA PRO B 47 -13.38 -17.35 -2.38
C PRO B 47 -14.29 -17.16 -3.59
N PRO B 48 -14.31 -18.12 -4.52
CA PRO B 48 -15.19 -17.98 -5.68
C PRO B 48 -16.66 -17.86 -5.28
N VAL B 49 -17.39 -17.05 -6.03
CA VAL B 49 -18.79 -16.74 -5.74
C VAL B 49 -19.66 -17.35 -6.82
N ASP B 50 -20.77 -17.96 -6.38
CA ASP B 50 -21.70 -18.64 -7.28
C ASP B 50 -22.66 -17.60 -7.85
N ILE B 51 -22.20 -16.90 -8.90
CA ILE B 51 -23.01 -15.82 -9.46
C ILE B 51 -24.26 -16.37 -10.15
N ASP B 52 -24.11 -17.45 -10.91
CA ASP B 52 -25.21 -17.94 -11.72
C ASP B 52 -26.25 -18.71 -10.94
N GLY B 53 -25.97 -19.12 -9.71
CA GLY B 53 -26.93 -19.90 -8.96
C GLY B 53 -27.11 -21.31 -9.46
N ILE B 54 -26.15 -21.85 -10.19
CA ILE B 54 -26.26 -23.20 -10.75
C ILE B 54 -25.12 -24.07 -10.25
N ARG B 55 -24.66 -23.78 -9.03
CA ARG B 55 -23.66 -24.58 -8.34
C ARG B 55 -22.32 -24.63 -9.07
N GLU B 56 -21.98 -23.56 -9.77
CA GLU B 56 -20.63 -23.38 -10.32
C GLU B 56 -20.16 -21.97 -9.99
N PRO B 57 -19.11 -21.81 -9.20
CA PRO B 57 -18.63 -20.47 -8.85
C PRO B 57 -17.53 -19.98 -9.76
N VAL B 58 -17.36 -18.65 -9.75
CA VAL B 58 -16.31 -17.98 -10.52
C VAL B 58 -15.44 -17.21 -9.54
N SER B 59 -14.13 -17.26 -9.77
CA SER B 59 -13.17 -16.59 -8.89
C SER B 59 -12.81 -15.21 -9.43
N GLY B 60 -12.72 -14.24 -8.53
CA GLY B 60 -12.39 -12.89 -8.92
C GLY B 60 -11.42 -12.20 -7.97
N SER B 61 -10.64 -12.99 -7.24
CA SER B 61 -9.73 -12.45 -6.24
C SER B 61 -8.29 -12.64 -6.69
N LEU B 62 -7.42 -11.73 -6.22
CA LEU B 62 -6.02 -11.78 -6.59
C LEU B 62 -5.36 -13.06 -6.09
N LEU B 63 -5.70 -13.50 -4.87
CA LEU B 63 -5.14 -14.72 -4.32
C LEU B 63 -5.71 -15.98 -4.96
N TYR B 64 -6.60 -15.85 -5.94
CA TYR B 64 -7.20 -17.01 -6.59
C TYR B 64 -6.89 -17.01 -8.08
N GLY B 65 -5.64 -16.77 -8.43
CA GLY B 65 -5.21 -16.81 -9.82
C GLY B 65 -5.81 -15.74 -10.71
N ASN B 66 -5.84 -14.49 -10.24
CA ASN B 66 -6.34 -13.37 -11.02
C ASN B 66 -5.32 -12.24 -10.98
N ASN B 67 -5.53 -11.25 -11.84
CA ASN B 67 -4.71 -10.04 -11.82
C ASN B 67 -5.61 -8.83 -11.70
N ILE B 68 -5.02 -7.63 -11.83
CA ILE B 68 -5.80 -6.41 -11.66
C ILE B 68 -6.89 -6.30 -12.72
N ILE B 69 -6.57 -6.64 -13.97
CA ILE B 69 -7.52 -6.46 -15.06
C ILE B 69 -8.70 -7.41 -14.90
N THR B 70 -8.44 -8.67 -14.59
CA THR B 70 -9.50 -9.68 -14.54
C THR B 70 -10.10 -9.85 -13.14
N GLY B 71 -9.59 -9.15 -12.13
CA GLY B 71 -10.17 -9.24 -10.82
C GLY B 71 -11.47 -8.47 -10.72
N ALA B 72 -12.36 -8.95 -9.85
CA ALA B 72 -13.65 -8.32 -9.65
C ALA B 72 -14.27 -8.83 -8.36
N VAL B 73 -15.24 -8.08 -7.85
CA VAL B 73 -16.09 -8.53 -6.76
C VAL B 73 -17.36 -9.08 -7.38
N ILE B 74 -17.52 -10.39 -7.35
CA ILE B 74 -18.58 -11.05 -8.10
C ILE B 74 -19.93 -10.63 -7.55
N PRO B 75 -20.92 -10.35 -8.40
CA PRO B 75 -22.26 -9.99 -7.90
C PRO B 75 -22.88 -11.12 -7.09
N THR B 76 -24.01 -10.79 -6.47
CA THR B 76 -24.69 -11.73 -5.58
C THR B 76 -25.25 -12.91 -6.38
N SER B 77 -25.42 -14.04 -5.70
CA SER B 77 -25.91 -15.25 -6.35
C SER B 77 -27.32 -15.04 -6.90
N ASN B 78 -27.62 -15.76 -7.98
CA ASN B 78 -28.95 -15.67 -8.58
C ASN B 78 -30.01 -16.23 -7.65
N ALA B 79 -29.66 -17.27 -6.89
CA ALA B 79 -30.63 -17.88 -5.98
C ALA B 79 -31.12 -16.89 -4.93
N ILE B 80 -30.27 -15.95 -4.52
CA ILE B 80 -30.68 -14.93 -3.57
C ILE B 80 -31.75 -14.04 -4.18
N GLY B 81 -31.63 -13.73 -5.47
CA GLY B 81 -32.59 -12.83 -6.09
C GLY B 81 -32.41 -11.43 -5.56
N LEU B 82 -33.52 -10.80 -5.16
CA LEU B 82 -33.50 -9.46 -4.62
C LEU B 82 -33.57 -9.43 -3.11
N HIS B 83 -33.45 -10.59 -2.45
CA HIS B 83 -33.59 -10.65 -1.01
C HIS B 83 -32.42 -9.94 -0.32
N PHE B 84 -32.72 -9.30 0.81
CA PHE B 84 -31.67 -8.71 1.63
C PHE B 84 -30.84 -9.81 2.27
N TYR B 85 -29.52 -9.73 2.12
CA TYR B 85 -28.60 -10.78 2.57
C TYR B 85 -27.47 -10.16 3.38
N PRO B 86 -27.75 -9.74 4.62
CA PRO B 86 -26.68 -9.24 5.48
C PRO B 86 -25.88 -10.39 6.09
N ILE B 87 -24.83 -10.03 6.81
CA ILE B 87 -23.96 -11.03 7.41
C ILE B 87 -24.71 -11.86 8.44
N TRP B 88 -25.52 -11.19 9.28
CA TRP B 88 -26.18 -11.89 10.38
C TRP B 88 -27.26 -12.84 9.88
N GLU B 89 -27.67 -12.72 8.61
CA GLU B 89 -28.67 -13.63 8.07
C GLU B 89 -28.08 -14.92 7.54
N ALA B 90 -26.75 -15.02 7.45
CA ALA B 90 -26.10 -16.23 6.98
C ALA B 90 -25.73 -17.11 8.16
N ALA B 91 -25.82 -18.42 7.96
CA ALA B 91 -25.47 -19.35 9.03
C ALA B 91 -24.01 -19.24 9.41
N SER B 92 -23.13 -19.07 8.42
CA SER B 92 -21.71 -18.94 8.67
C SER B 92 -21.12 -17.92 7.73
N LEU B 93 -19.95 -17.39 8.11
CA LEU B 93 -19.30 -16.37 7.29
C LEU B 93 -18.88 -16.92 5.94
N ASP B 94 -18.44 -18.18 5.92
CA ASP B 94 -18.05 -18.81 4.66
C ASP B 94 -19.24 -18.94 3.72
N GLU B 95 -20.42 -19.24 4.25
CA GLU B 95 -21.63 -19.26 3.44
C GLU B 95 -21.93 -17.89 2.85
N TRP B 96 -21.75 -16.84 3.67
CA TRP B 96 -21.93 -15.47 3.19
C TRP B 96 -20.97 -15.18 2.04
N LEU B 97 -19.72 -15.62 2.16
CA LEU B 97 -18.76 -15.45 1.07
C LEU B 97 -19.19 -16.21 -0.17
N TYR B 98 -19.66 -17.45 0.01
CA TYR B 98 -20.03 -18.28 -1.13
C TYR B 98 -21.19 -17.71 -1.91
N ASN B 99 -22.20 -17.19 -1.20
CA ASN B 99 -23.39 -16.71 -1.87
C ASN B 99 -23.24 -15.30 -2.45
N GLY B 100 -22.20 -14.56 -2.05
CA GLY B 100 -21.94 -13.27 -2.65
C GLY B 100 -22.51 -12.09 -1.89
N GLY B 101 -22.39 -12.11 -0.57
CA GLY B 101 -22.81 -11.02 0.27
C GLY B 101 -22.01 -9.72 0.11
N PRO B 102 -20.67 -9.83 0.01
CA PRO B 102 -19.86 -8.60 -0.06
C PRO B 102 -20.28 -7.65 -1.17
N TYR B 103 -20.69 -8.17 -2.33
CA TYR B 103 -21.15 -7.29 -3.39
C TYR B 103 -22.35 -6.46 -2.95
N GLN B 104 -23.32 -7.11 -2.32
CA GLN B 104 -24.51 -6.39 -1.86
C GLN B 104 -24.13 -5.35 -0.81
N LEU B 105 -23.28 -5.72 0.14
CA LEU B 105 -22.87 -4.78 1.19
C LEU B 105 -22.18 -3.57 0.59
N ILE B 106 -21.23 -3.80 -0.32
CA ILE B 106 -20.49 -2.71 -0.94
C ILE B 106 -21.42 -1.82 -1.73
N VAL B 107 -22.34 -2.41 -2.50
CA VAL B 107 -23.24 -1.61 -3.32
C VAL B 107 -24.12 -0.72 -2.46
N CYS B 108 -24.70 -1.29 -1.40
CA CYS B 108 -25.58 -0.49 -0.54
C CYS B 108 -24.80 0.66 0.11
N HIS B 109 -23.66 0.35 0.72
CA HIS B 109 -22.90 1.39 1.41
C HIS B 109 -22.39 2.44 0.43
N PHE B 110 -22.01 2.02 -0.78
CA PHE B 110 -21.49 2.96 -1.76
C PHE B 110 -22.57 3.88 -2.28
N LEU B 111 -23.78 3.36 -2.51
CA LEU B 111 -24.88 4.22 -2.94
C LEU B 111 -25.22 5.24 -1.86
N LEU B 112 -25.29 4.80 -0.61
CA LEU B 112 -25.54 5.75 0.47
C LEU B 112 -24.43 6.79 0.53
N GLY B 113 -23.18 6.35 0.36
CA GLY B 113 -22.06 7.27 0.41
C GLY B 113 -22.11 8.32 -0.67
N VAL B 114 -22.45 7.94 -1.90
CA VAL B 114 -22.48 8.92 -2.99
C VAL B 114 -23.66 9.89 -2.81
N TYR B 115 -24.80 9.39 -2.34
CA TYR B 115 -25.91 10.31 -2.08
C TYR B 115 -25.52 11.34 -1.02
N CYS B 116 -24.89 10.88 0.06
CA CYS B 116 -24.46 11.81 1.09
C CYS B 116 -23.32 12.69 0.62
N TYR B 117 -22.52 12.23 -0.34
CA TYR B 117 -21.48 13.07 -0.93
C TYR B 117 -22.08 14.23 -1.70
N MET B 118 -23.13 13.97 -2.46
CA MET B 118 -23.84 15.05 -3.14
C MET B 118 -24.45 16.02 -2.13
N GLY B 119 -25.04 15.48 -1.06
CA GLY B 119 -25.56 16.33 -0.01
C GLY B 119 -24.47 17.20 0.62
N ARG B 120 -23.30 16.63 0.86
CA ARG B 120 -22.19 17.38 1.45
C ARG B 120 -21.68 18.45 0.50
N GLU B 121 -21.68 18.16 -0.80
CA GLU B 121 -21.34 19.18 -1.77
C GLU B 121 -22.27 20.37 -1.64
N TRP B 122 -23.58 20.10 -1.56
CA TRP B 122 -24.52 21.21 -1.38
C TRP B 122 -24.25 21.95 -0.07
N GLU B 123 -23.97 21.19 1.00
CA GLU B 123 -23.80 21.81 2.31
C GLU B 123 -22.61 22.76 2.33
N LEU B 124 -21.47 22.32 1.79
CA LEU B 124 -20.31 23.19 1.79
C LEU B 124 -20.49 24.33 0.80
N SER B 125 -21.27 24.14 -0.26
CA SER B 125 -21.62 25.27 -1.11
C SER B 125 -22.41 26.30 -0.31
N PHE B 126 -23.32 25.84 0.55
CA PHE B 126 -24.12 26.77 1.35
C PHE B 126 -23.28 27.50 2.38
N ARG B 127 -22.36 26.79 3.04
CA ARG B 127 -21.60 27.40 4.13
C ARG B 127 -20.61 28.46 3.66
N LEU B 128 -20.27 28.48 2.37
CA LEU B 128 -19.29 29.42 1.84
C LEU B 128 -19.93 30.54 1.05
N GLY B 129 -21.25 30.67 1.08
CA GLY B 129 -21.92 31.72 0.33
C GLY B 129 -21.82 31.57 -1.17
N MET B 130 -22.01 30.37 -1.70
CA MET B 130 -21.98 30.12 -3.13
C MET B 130 -23.38 29.74 -3.61
N ARG B 131 -23.57 29.82 -4.92
CA ARG B 131 -24.81 29.35 -5.51
C ARG B 131 -24.81 27.82 -5.53
N PRO B 132 -25.80 27.17 -4.95
CA PRO B 132 -25.75 25.71 -4.72
C PRO B 132 -26.33 24.86 -5.84
N TRP B 133 -25.60 24.77 -6.95
CA TRP B 133 -26.01 23.92 -8.06
C TRP B 133 -24.86 23.03 -8.57
N ILE B 134 -23.75 22.94 -7.84
CA ILE B 134 -22.74 21.97 -8.19
C ILE B 134 -23.26 20.55 -7.97
N ALA B 135 -24.07 20.37 -6.92
CA ALA B 135 -24.65 19.06 -6.66
C ALA B 135 -25.58 18.63 -7.79
N VAL B 136 -26.27 19.58 -8.42
CA VAL B 136 -27.13 19.24 -9.54
C VAL B 136 -26.30 18.67 -10.68
N ALA B 137 -25.16 19.29 -10.97
CA ALA B 137 -24.27 18.75 -11.99
C ALA B 137 -23.72 17.39 -11.59
N TYR B 138 -23.36 17.23 -10.31
CA TYR B 138 -22.82 15.96 -9.84
C TYR B 138 -23.86 14.85 -9.85
N SER B 139 -25.14 15.19 -9.86
CA SER B 139 -26.19 14.17 -9.84
C SER B 139 -26.13 13.25 -11.05
N ALA B 140 -25.59 13.71 -12.19
CA ALA B 140 -25.60 12.88 -13.40
C ALA B 140 -24.77 11.61 -13.23
N PRO B 141 -23.50 11.65 -12.81
CA PRO B 141 -22.82 10.39 -12.49
C PRO B 141 -23.48 9.62 -11.36
N VAL B 142 -24.07 10.30 -10.39
CA VAL B 142 -24.79 9.61 -9.32
C VAL B 142 -25.98 8.86 -9.89
N ALA B 143 -26.74 9.51 -10.79
CA ALA B 143 -27.87 8.84 -11.42
C ALA B 143 -27.40 7.65 -12.24
N ALA B 144 -26.30 7.80 -12.97
CA ALA B 144 -25.79 6.70 -13.77
C ALA B 144 -25.38 5.52 -12.88
N ALA B 145 -24.71 5.80 -11.77
CA ALA B 145 -24.30 4.74 -10.86
C ALA B 145 -25.51 4.05 -10.25
N SER B 146 -26.53 4.82 -9.88
CA SER B 146 -27.75 4.22 -9.32
C SER B 146 -28.44 3.33 -10.36
N ALA B 147 -28.50 3.77 -11.61
CA ALA B 147 -29.11 2.95 -12.65
C ALA B 147 -28.31 1.69 -12.90
N VAL B 148 -26.98 1.79 -12.87
CA VAL B 148 -26.13 0.63 -13.12
C VAL B 148 -26.26 -0.39 -12.00
N PHE B 149 -26.19 0.06 -10.75
CA PHE B 149 -26.06 -0.85 -9.62
C PHE B 149 -27.38 -1.23 -8.98
N LEU B 150 -28.39 -0.37 -9.07
CA LEU B 150 -29.63 -0.58 -8.33
C LEU B 150 -30.85 -0.77 -9.23
N VAL B 151 -31.09 0.15 -10.16
CA VAL B 151 -32.33 0.11 -10.93
C VAL B 151 -32.37 -1.11 -11.86
N TYR B 152 -31.25 -1.40 -12.52
CA TYR B 152 -31.22 -2.56 -13.41
C TYR B 152 -31.44 -3.88 -12.66
N PRO B 153 -30.81 -4.14 -11.50
CA PRO B 153 -31.17 -5.35 -10.76
C PRO B 153 -32.64 -5.39 -10.35
N ILE B 154 -33.22 -4.25 -10.00
CA ILE B 154 -34.63 -4.21 -9.62
C ILE B 154 -35.51 -4.60 -10.80
N GLY B 155 -35.23 -4.02 -11.97
CA GLY B 155 -36.01 -4.34 -13.15
C GLY B 155 -35.86 -5.78 -13.58
N GLN B 156 -34.63 -6.30 -13.53
CA GLN B 156 -34.36 -7.68 -13.93
C GLN B 156 -34.66 -8.69 -12.83
N GLY B 157 -34.93 -8.23 -11.62
CA GLY B 157 -35.36 -9.11 -10.56
C GLY B 157 -34.26 -9.80 -9.78
N SER B 158 -32.99 -9.53 -10.07
CA SER B 158 -31.91 -10.18 -9.35
C SER B 158 -30.68 -9.27 -9.32
N PHE B 159 -29.89 -9.41 -8.25
CA PHE B 159 -28.66 -8.65 -8.15
C PHE B 159 -27.53 -9.24 -8.98
N SER B 160 -27.68 -10.48 -9.44
CA SER B 160 -26.65 -11.08 -10.29
C SER B 160 -26.53 -10.39 -11.64
N ASP B 161 -27.53 -9.62 -12.05
CA ASP B 161 -27.49 -8.88 -13.31
C ASP B 161 -26.84 -7.52 -13.18
N GLY B 162 -26.43 -7.13 -11.97
CA GLY B 162 -25.77 -5.85 -11.78
C GLY B 162 -24.35 -5.87 -12.30
N MET B 163 -23.74 -4.69 -12.28
CA MET B 163 -22.37 -4.54 -12.76
C MET B 163 -21.38 -5.10 -11.76
N PRO B 164 -20.52 -6.04 -12.16
CA PRO B 164 -19.46 -6.49 -11.26
C PRO B 164 -18.47 -5.37 -10.99
N LEU B 165 -17.88 -5.40 -9.79
CA LEU B 165 -16.90 -4.39 -9.39
C LEU B 165 -15.50 -4.84 -9.85
N GLY B 166 -15.28 -4.75 -11.15
CA GLY B 166 -14.01 -5.13 -11.73
C GLY B 166 -13.92 -4.70 -13.17
N ILE B 167 -12.68 -4.60 -13.66
CA ILE B 167 -12.45 -4.08 -15.00
C ILE B 167 -13.03 -5.01 -16.06
N SER B 168 -12.73 -6.31 -15.96
CA SER B 168 -13.31 -7.26 -16.89
C SER B 168 -14.82 -7.41 -16.67
N GLY B 169 -15.28 -7.19 -15.45
CA GLY B 169 -16.71 -7.21 -15.19
C GLY B 169 -17.46 -6.15 -15.97
N THR B 170 -16.86 -4.96 -16.13
CA THR B 170 -17.50 -3.91 -16.90
C THR B 170 -17.71 -4.35 -18.35
N PHE B 171 -16.67 -4.93 -18.97
CA PHE B 171 -16.77 -5.36 -20.35
C PHE B 171 -17.78 -6.49 -20.50
N ASN B 172 -17.77 -7.44 -19.56
CA ASN B 172 -18.75 -8.52 -19.62
C ASN B 172 -20.17 -7.97 -19.49
N PHE B 173 -20.38 -7.03 -18.58
CA PHE B 173 -21.70 -6.44 -18.40
C PHE B 173 -22.14 -5.71 -19.66
N MET B 174 -21.21 -4.98 -20.30
CA MET B 174 -21.57 -4.24 -21.52
C MET B 174 -21.91 -5.19 -22.66
N ILE B 175 -21.14 -6.26 -22.82
CA ILE B 175 -21.44 -7.23 -23.87
C ILE B 175 -22.79 -7.91 -23.62
N VAL B 176 -23.03 -8.31 -22.37
CA VAL B 176 -24.32 -8.86 -21.98
C VAL B 176 -25.45 -7.90 -22.32
N PHE B 177 -25.29 -6.63 -21.96
CA PHE B 177 -26.38 -5.67 -22.12
C PHE B 177 -26.66 -5.41 -23.59
N GLN B 178 -25.61 -5.32 -24.42
CA GLN B 178 -25.82 -5.13 -25.85
C GLN B 178 -26.50 -6.36 -26.44
N ALA B 179 -26.12 -7.55 -25.99
CA ALA B 179 -26.73 -8.77 -26.50
C ALA B 179 -28.21 -8.83 -26.16
N GLU B 180 -28.58 -8.46 -24.95
CA GLU B 180 -29.95 -8.66 -24.48
C GLU B 180 -30.88 -7.49 -24.78
N HIS B 181 -30.36 -6.28 -24.96
CA HIS B 181 -31.20 -5.10 -25.09
C HIS B 181 -30.90 -4.22 -26.29
N ASN B 182 -29.81 -4.46 -27.02
CA ASN B 182 -29.41 -3.61 -28.14
C ASN B 182 -29.23 -2.16 -27.69
N ILE B 183 -28.23 -1.96 -26.82
CA ILE B 183 -27.98 -0.64 -26.26
C ILE B 183 -27.57 0.35 -27.35
N LEU B 184 -26.83 -0.13 -28.36
CA LEU B 184 -26.26 0.78 -29.33
C LEU B 184 -27.32 1.47 -30.19
N MET B 185 -28.46 0.83 -30.37
CA MET B 185 -29.51 1.35 -31.25
C MET B 185 -30.51 2.23 -30.52
N HIS B 186 -30.33 2.48 -29.24
CA HIS B 186 -31.26 3.30 -28.48
C HIS B 186 -30.94 4.77 -28.66
N PRO B 187 -31.94 5.63 -28.83
CA PRO B 187 -31.66 7.07 -28.93
C PRO B 187 -30.98 7.65 -27.70
N PHE B 188 -31.27 7.12 -26.51
CA PHE B 188 -30.68 7.68 -25.30
C PHE B 188 -29.20 7.35 -25.18
N HIS B 189 -28.79 6.16 -25.61
CA HIS B 189 -27.36 5.87 -25.65
C HIS B 189 -26.66 6.74 -26.70
N MET B 190 -27.33 7.01 -27.81
CA MET B 190 -26.78 7.92 -28.81
C MET B 190 -26.61 9.32 -28.21
N LEU B 191 -27.59 9.77 -27.43
CA LEU B 191 -27.47 11.07 -26.79
C LEU B 191 -26.35 11.09 -25.75
N GLY B 192 -26.17 9.99 -25.03
CA GLY B 192 -25.08 9.91 -24.07
C GLY B 192 -23.72 9.95 -24.76
N VAL B 193 -23.58 9.21 -25.85
CA VAL B 193 -22.34 9.24 -26.63
C VAL B 193 -22.09 10.63 -27.18
N ALA B 194 -23.14 11.28 -27.70
CA ALA B 194 -23.01 12.65 -28.18
C ALA B 194 -22.58 13.58 -27.07
N GLY B 195 -23.16 13.42 -25.88
CA GLY B 195 -22.79 14.27 -24.75
C GLY B 195 -21.34 14.07 -24.34
N VAL B 196 -20.87 12.83 -24.33
CA VAL B 196 -19.48 12.57 -23.93
C VAL B 196 -18.50 13.13 -24.97
N PHE B 197 -18.76 12.85 -26.25
CA PHE B 197 -17.89 13.37 -27.30
C PHE B 197 -17.90 14.90 -27.32
N GLY B 198 -19.07 15.51 -27.19
CA GLY B 198 -19.14 16.96 -27.13
C GLY B 198 -18.46 17.54 -25.91
N GLY B 199 -18.55 16.84 -24.77
CA GLY B 199 -17.83 17.30 -23.61
C GLY B 199 -16.33 17.32 -23.84
N SER B 200 -15.80 16.25 -24.44
CA SER B 200 -14.38 16.23 -24.77
C SER B 200 -14.02 17.35 -25.75
N LEU B 201 -14.84 17.53 -26.79
CA LEU B 201 -14.57 18.54 -27.80
C LEU B 201 -14.55 19.93 -27.19
N PHE B 202 -15.58 20.27 -26.41
CA PHE B 202 -15.68 21.59 -25.83
C PHE B 202 -14.59 21.81 -24.79
N SER B 203 -14.24 20.77 -24.03
CA SER B 203 -13.13 20.90 -23.09
C SER B 203 -11.84 21.27 -23.82
N ALA B 204 -11.51 20.52 -24.87
CA ALA B 204 -10.28 20.80 -25.62
C ALA B 204 -10.33 22.20 -26.22
N MET B 205 -11.45 22.57 -26.84
CA MET B 205 -11.55 23.86 -27.50
C MET B 205 -11.45 25.01 -26.51
N HIS B 206 -12.18 24.91 -25.40
CA HIS B 206 -12.15 25.97 -24.39
C HIS B 206 -10.75 26.10 -23.79
N GLY B 207 -10.10 24.97 -23.48
CA GLY B 207 -8.76 25.03 -22.96
C GLY B 207 -7.80 25.70 -23.91
N SER B 208 -7.84 25.31 -25.19
CA SER B 208 -6.93 25.90 -26.16
C SER B 208 -7.19 27.39 -26.34
N LEU B 209 -8.45 27.77 -26.47
CA LEU B 209 -8.78 29.18 -26.71
C LEU B 209 -8.39 30.04 -25.52
N VAL B 210 -8.67 29.58 -24.30
CA VAL B 210 -8.33 30.39 -23.13
C VAL B 210 -6.83 30.46 -22.94
N THR B 211 -6.12 29.34 -23.10
CA THR B 211 -4.67 29.34 -22.91
C THR B 211 -4.00 30.23 -23.94
N SER B 212 -4.46 30.19 -25.19
CA SER B 212 -3.85 31.03 -26.22
C SER B 212 -4.09 32.51 -25.95
N SER B 213 -5.22 32.86 -25.33
CA SER B 213 -5.55 34.25 -25.07
C SER B 213 -4.98 34.77 -23.76
N LEU B 214 -4.30 33.94 -22.99
CA LEU B 214 -3.69 34.38 -21.73
C LEU B 214 -2.29 34.93 -21.98
N ILE B 215 -2.25 36.03 -22.74
CA ILE B 215 -0.99 36.70 -23.02
C ILE B 215 -0.49 37.40 -21.75
N ARG B 216 0.77 37.83 -21.80
CA ARG B 216 1.43 38.47 -20.67
C ARG B 216 0.63 39.66 -20.14
N TYR B 237 -11.25 36.18 -17.34
CA TYR B 237 -10.10 37.01 -17.70
C TYR B 237 -9.85 36.93 -19.20
N ASN B 238 -10.60 36.06 -19.87
CA ASN B 238 -10.43 35.88 -21.30
C ASN B 238 -10.77 37.16 -22.05
N ILE B 239 -9.92 37.54 -22.99
CA ILE B 239 -10.12 38.75 -23.78
C ILE B 239 -11.10 38.46 -24.90
N VAL B 240 -11.57 39.53 -25.57
CA VAL B 240 -12.55 39.37 -26.64
C VAL B 240 -11.93 38.85 -27.94
N ALA B 241 -10.60 38.76 -28.01
CA ALA B 241 -9.97 38.28 -29.23
C ALA B 241 -10.30 36.82 -29.50
N ALA B 242 -10.44 36.02 -28.45
CA ALA B 242 -10.78 34.61 -28.62
C ALA B 242 -12.16 34.45 -29.26
N HIS B 243 -13.11 35.31 -28.88
CA HIS B 243 -14.43 35.27 -29.51
C HIS B 243 -14.34 35.57 -30.99
N GLY B 244 -13.53 36.57 -31.37
CA GLY B 244 -13.34 36.86 -32.77
C GLY B 244 -12.69 35.71 -33.53
N TYR B 245 -11.70 35.07 -32.91
CA TYR B 245 -11.07 33.89 -33.52
C TYR B 245 -12.10 32.79 -33.76
N PHE B 246 -12.91 32.50 -32.75
CA PHE B 246 -13.91 31.44 -32.89
C PHE B 246 -14.94 31.80 -33.95
N GLY B 247 -15.35 33.07 -34.00
CA GLY B 247 -16.30 33.49 -35.02
C GLY B 247 -15.73 33.36 -36.43
N ARG B 248 -14.47 33.73 -36.60
CA ARG B 248 -13.83 33.60 -37.91
C ARG B 248 -13.67 32.13 -38.30
N LEU B 249 -13.40 31.27 -37.32
CA LEU B 249 -13.09 29.87 -37.62
C LEU B 249 -14.32 29.14 -38.17
N ILE B 250 -15.39 29.08 -37.38
CA ILE B 250 -16.52 28.22 -37.69
C ILE B 250 -17.76 29.02 -38.11
N PHE B 251 -17.59 30.32 -38.37
CA PHE B 251 -18.65 31.17 -38.93
C PHE B 251 -19.87 31.21 -38.01
N GLN B 252 -19.60 31.41 -36.71
CA GLN B 252 -20.64 31.46 -35.68
C GLN B 252 -20.46 32.70 -34.82
N TYR B 253 -20.34 33.85 -35.47
CA TYR B 253 -20.20 35.11 -34.74
C TYR B 253 -21.38 35.30 -33.79
N ALA B 254 -21.09 35.84 -32.60
CA ALA B 254 -22.03 36.12 -31.53
C ALA B 254 -22.67 34.87 -30.95
N SER B 255 -22.23 33.67 -31.34
CA SER B 255 -22.78 32.46 -30.74
C SER B 255 -22.44 32.38 -29.26
N PHE B 256 -21.19 32.70 -28.89
CA PHE B 256 -20.78 32.68 -27.49
C PHE B 256 -19.80 33.84 -27.29
N ASN B 257 -20.32 34.98 -26.85
CA ASN B 257 -19.51 36.12 -26.47
C ASN B 257 -19.61 36.48 -25.00
N ASN B 258 -20.52 35.85 -24.25
CA ASN B 258 -20.66 36.06 -22.82
C ASN B 258 -19.99 34.90 -22.09
N SER B 259 -19.05 35.22 -21.19
CA SER B 259 -18.32 34.17 -20.50
C SER B 259 -19.24 33.31 -19.64
N ARG B 260 -20.20 33.95 -18.96
CA ARG B 260 -21.15 33.19 -18.14
C ARG B 260 -21.97 32.24 -19.01
N SER B 261 -22.44 32.71 -20.16
CA SER B 261 -23.19 31.84 -21.07
C SER B 261 -22.33 30.66 -21.54
N LEU B 262 -21.09 30.93 -21.91
CA LEU B 262 -20.20 29.87 -22.39
C LEU B 262 -19.98 28.82 -21.32
N HIS B 263 -19.68 29.25 -20.09
CA HIS B 263 -19.43 28.28 -19.03
C HIS B 263 -20.70 27.54 -18.63
N PHE B 264 -21.86 28.19 -18.70
CA PHE B 264 -23.11 27.48 -18.44
C PHE B 264 -23.36 26.41 -19.50
N PHE B 265 -23.08 26.72 -20.76
CA PHE B 265 -23.23 25.71 -21.81
C PHE B 265 -22.28 24.54 -21.59
N LEU B 266 -21.03 24.86 -21.21
CA LEU B 266 -20.05 23.82 -20.90
C LEU B 266 -20.55 22.90 -19.79
N ALA B 267 -21.19 23.47 -18.76
CA ALA B 267 -21.72 22.65 -17.69
C ALA B 267 -22.95 21.86 -18.15
N ALA B 268 -23.78 22.47 -19.00
CA ALA B 268 -25.09 21.89 -19.31
C ALA B 268 -24.99 20.70 -20.25
N TRP B 269 -24.08 20.77 -21.23
CA TRP B 269 -24.07 19.73 -22.27
C TRP B 269 -23.82 18.32 -21.70
N PRO B 270 -22.66 18.03 -21.09
CA PRO B 270 -22.42 16.65 -20.65
C PRO B 270 -23.38 16.18 -19.56
N VAL B 271 -23.83 17.09 -18.70
CA VAL B 271 -24.76 16.71 -17.64
C VAL B 271 -26.07 16.20 -18.24
N ILE B 272 -26.59 16.92 -19.24
CA ILE B 272 -27.82 16.48 -19.89
C ILE B 272 -27.59 15.16 -20.62
N GLY B 273 -26.44 15.03 -21.30
CA GLY B 273 -26.16 13.78 -21.97
C GLY B 273 -26.15 12.59 -21.02
N ILE B 274 -25.49 12.73 -19.89
CA ILE B 274 -25.41 11.64 -18.93
C ILE B 274 -26.76 11.36 -18.28
N TRP B 275 -27.54 12.42 -18.01
CA TRP B 275 -28.89 12.22 -17.51
C TRP B 275 -29.69 11.35 -18.46
N PHE B 276 -29.62 11.66 -19.75
CA PHE B 276 -30.42 10.92 -20.72
C PHE B 276 -29.93 9.49 -20.89
N THR B 277 -28.61 9.27 -20.84
CA THR B 277 -28.13 7.90 -20.96
C THR B 277 -28.50 7.07 -19.73
N ALA B 278 -28.47 7.68 -18.54
CA ALA B 278 -28.91 6.96 -17.35
C ALA B 278 -30.40 6.66 -17.40
N LEU B 279 -31.20 7.59 -17.94
CA LEU B 279 -32.62 7.32 -18.10
C LEU B 279 -32.86 6.18 -19.08
N GLY B 280 -32.09 6.13 -20.17
CA GLY B 280 -32.21 5.01 -21.09
C GLY B 280 -31.86 3.69 -20.45
N LEU B 281 -30.80 3.68 -19.62
CA LEU B 281 -30.45 2.50 -18.86
C LEU B 281 -31.61 2.04 -17.99
N SER B 282 -32.18 2.96 -17.21
CA SER B 282 -33.27 2.61 -16.32
C SER B 282 -34.50 2.18 -17.09
N THR B 283 -34.70 2.73 -18.29
CA THR B 283 -35.82 2.32 -19.14
C THR B 283 -35.64 0.88 -19.59
N MET B 284 -34.44 0.52 -20.06
CA MET B 284 -34.20 -0.87 -20.43
C MET B 284 -34.26 -1.81 -19.24
N ALA B 285 -34.04 -1.28 -18.03
CA ALA B 285 -34.19 -2.13 -16.85
C ALA B 285 -35.56 -2.78 -16.80
N PHE B 286 -36.58 -2.12 -17.35
CA PHE B 286 -37.93 -2.64 -17.40
C PHE B 286 -38.29 -3.21 -18.76
N ASN B 287 -37.30 -3.73 -19.49
CA ASN B 287 -37.51 -4.43 -20.76
C ASN B 287 -38.20 -3.54 -21.79
N LEU B 288 -37.63 -2.37 -22.03
CA LEU B 288 -38.04 -1.47 -23.10
C LEU B 288 -36.80 -1.20 -23.93
N ASN B 289 -36.53 -2.08 -24.89
CA ASN B 289 -35.27 -2.08 -25.59
C ASN B 289 -35.20 -0.92 -26.59
N GLY B 290 -34.10 -0.89 -27.34
CA GLY B 290 -33.89 0.13 -28.34
C GLY B 290 -34.58 -0.18 -29.64
N PHE B 291 -34.17 0.54 -30.69
CA PHE B 291 -34.78 0.39 -31.99
C PHE B 291 -34.51 -1.00 -32.57
N ASN B 292 -35.46 -1.51 -33.33
CA ASN B 292 -35.34 -2.79 -34.01
C ASN B 292 -35.59 -2.57 -35.49
N PHE B 293 -34.61 -2.90 -36.33
CA PHE B 293 -34.70 -2.65 -37.76
C PHE B 293 -34.36 -3.88 -38.59
N ASN B 294 -34.34 -5.06 -37.99
CA ASN B 294 -34.09 -6.27 -38.76
C ASN B 294 -35.31 -6.65 -39.59
N GLN B 295 -35.07 -7.16 -40.79
CA GLN B 295 -36.12 -7.55 -41.73
C GLN B 295 -37.03 -6.36 -42.03
N SER B 296 -36.42 -5.30 -42.55
CA SER B 296 -37.14 -4.09 -42.93
C SER B 296 -37.16 -3.86 -44.43
N VAL B 297 -36.01 -3.93 -45.09
CA VAL B 297 -35.93 -3.79 -46.54
C VAL B 297 -36.24 -5.14 -47.17
N VAL B 298 -37.32 -5.20 -47.95
CA VAL B 298 -37.84 -6.45 -48.47
C VAL B 298 -37.95 -6.33 -49.99
N ASP B 299 -37.54 -7.39 -50.69
CA ASP B 299 -37.64 -7.45 -52.14
C ASP B 299 -39.11 -7.49 -52.56
N SER B 300 -39.34 -7.23 -53.86
CA SER B 300 -40.70 -7.23 -54.38
C SER B 300 -41.36 -8.61 -54.22
N GLN B 301 -40.60 -9.67 -54.49
CA GLN B 301 -41.13 -11.01 -54.30
C GLN B 301 -41.47 -11.27 -52.84
N GLY B 302 -40.63 -10.81 -51.93
CA GLY B 302 -40.84 -11.01 -50.51
C GLY B 302 -39.57 -11.39 -49.77
N ARG B 303 -38.49 -11.55 -50.51
CA ARG B 303 -37.22 -11.91 -49.90
C ARG B 303 -36.67 -10.76 -49.06
N VAL B 304 -35.92 -11.11 -48.03
CA VAL B 304 -35.36 -10.13 -47.10
C VAL B 304 -33.95 -9.78 -47.53
N LEU B 305 -33.65 -8.49 -47.58
CA LEU B 305 -32.32 -8.00 -47.92
C LEU B 305 -31.59 -7.59 -46.65
N ASN B 306 -30.35 -8.05 -46.52
CA ASN B 306 -29.56 -7.72 -45.34
C ASN B 306 -29.18 -6.25 -45.33
N THR B 307 -29.06 -5.71 -44.12
CA THR B 307 -28.66 -4.34 -43.89
C THR B 307 -27.68 -4.36 -42.73
N TRP B 308 -26.94 -3.26 -42.54
CA TRP B 308 -25.99 -3.21 -41.43
C TRP B 308 -26.68 -3.49 -40.10
N ALA B 309 -27.95 -3.11 -39.97
CA ALA B 309 -28.72 -3.48 -38.79
C ALA B 309 -28.85 -4.99 -38.68
N ASP B 310 -28.96 -5.68 -39.81
CA ASP B 310 -29.02 -7.14 -39.77
C ASP B 310 -27.69 -7.76 -39.35
N ILE B 311 -26.57 -7.14 -39.71
CA ILE B 311 -25.28 -7.63 -39.24
C ILE B 311 -25.14 -7.40 -37.73
N ILE B 312 -25.62 -6.26 -37.24
CA ILE B 312 -25.68 -6.04 -35.80
C ILE B 312 -26.53 -7.11 -35.14
N ASN B 313 -27.66 -7.46 -35.78
CA ASN B 313 -28.51 -8.50 -35.24
C ASN B 313 -27.80 -9.85 -35.18
N ARG B 314 -27.01 -10.15 -36.22
CA ARG B 314 -26.23 -11.39 -36.21
C ARG B 314 -25.22 -11.41 -35.08
N ALA B 315 -24.54 -10.28 -34.85
CA ALA B 315 -23.60 -10.20 -33.74
C ALA B 315 -24.30 -10.37 -32.40
N ASN B 316 -25.47 -9.76 -32.25
CA ASN B 316 -26.24 -9.92 -31.02
C ASN B 316 -26.67 -11.37 -30.82
N LEU B 317 -27.08 -12.02 -31.91
CA LEU B 317 -27.46 -13.43 -31.83
C LEU B 317 -26.28 -14.29 -31.40
N GLY B 318 -25.10 -14.01 -31.93
CA GLY B 318 -23.92 -14.73 -31.50
C GLY B 318 -23.58 -14.50 -30.04
N MET B 319 -23.76 -13.26 -29.57
CA MET B 319 -23.56 -12.98 -28.16
C MET B 319 -24.57 -13.69 -27.28
N GLU B 320 -25.80 -13.87 -27.77
CA GLU B 320 -26.88 -14.36 -26.92
C GLU B 320 -26.79 -15.86 -26.69
N VAL B 321 -26.33 -16.61 -27.69
CA VAL B 321 -26.32 -18.06 -27.58
C VAL B 321 -25.30 -18.52 -26.53
N MET B 322 -24.18 -17.82 -26.43
CA MET B 322 -23.17 -18.12 -25.43
C MET B 322 -23.29 -17.23 -24.21
N HIS B 323 -24.46 -16.65 -23.99
CA HIS B 323 -24.68 -15.74 -22.86
C HIS B 323 -24.51 -16.47 -21.53
N GLU B 324 -25.38 -17.42 -21.24
CA GLU B 324 -25.23 -18.29 -20.08
C GLU B 324 -25.07 -19.72 -20.57
N ARG B 325 -23.96 -20.34 -20.19
CA ARG B 325 -23.64 -21.67 -20.70
C ARG B 325 -24.62 -22.71 -20.20
N ASN B 326 -24.88 -22.73 -18.90
CA ASN B 326 -25.67 -23.78 -18.28
C ASN B 326 -26.68 -23.24 -17.28
N ALA B 327 -27.18 -22.03 -17.50
CA ALA B 327 -28.17 -21.42 -16.62
C ALA B 327 -29.60 -21.60 -17.13
N HIS B 328 -29.81 -21.37 -18.41
CA HIS B 328 -31.16 -21.48 -18.98
C HIS B 328 -31.57 -22.94 -19.10
N ASN B 329 -32.89 -23.15 -19.09
CA ASN B 329 -33.43 -24.46 -19.45
C ASN B 329 -34.72 -24.37 -20.27
N PHE B 330 -35.11 -23.18 -20.70
CA PHE B 330 -36.30 -22.97 -21.50
C PHE B 330 -35.94 -22.18 -22.74
N PRO B 331 -36.70 -22.34 -23.83
CA PRO B 331 -36.32 -21.72 -25.10
C PRO B 331 -36.20 -20.20 -25.05
N LEU B 332 -37.07 -19.52 -24.30
CA LEU B 332 -37.10 -18.07 -24.31
C LEU B 332 -36.55 -17.50 -23.01
N ASP B 333 -35.67 -16.51 -23.14
CA ASP B 333 -35.02 -15.87 -22.00
C ASP B 333 -35.93 -14.76 -21.44
N LEU B 334 -36.90 -15.19 -20.64
CA LEU B 334 -37.85 -14.25 -20.05
C LEU B 334 -37.23 -13.47 -18.90
N ALA B 335 -36.32 -14.11 -18.17
CA ALA B 335 -35.71 -13.50 -17.00
C ALA B 335 -35.03 -12.16 -17.32
N GLY C 1 13.52 29.33 -13.43
CA GLY C 1 14.33 28.78 -14.51
C GLY C 1 13.49 28.14 -15.60
N LEU C 2 13.64 26.82 -15.76
CA LEU C 2 12.94 26.10 -16.80
C LEU C 2 12.21 24.89 -16.22
N PRO C 3 11.06 24.53 -16.79
CA PRO C 3 10.39 23.30 -16.36
C PRO C 3 11.17 22.07 -16.80
N TRP C 4 10.69 20.88 -16.42
CA TRP C 4 11.42 19.65 -16.74
C TRP C 4 11.40 19.34 -18.23
N TYR C 5 10.49 19.92 -19.00
CA TYR C 5 10.35 19.62 -20.42
C TYR C 5 11.03 20.65 -21.31
N ARG C 6 11.80 21.58 -20.73
CA ARG C 6 12.54 22.56 -21.51
C ARG C 6 14.04 22.56 -21.19
N VAL C 7 14.52 21.56 -20.46
CA VAL C 7 15.89 21.57 -19.95
C VAL C 7 16.89 21.57 -21.10
N HIS C 8 16.52 21.03 -22.25
CA HIS C 8 17.42 20.97 -23.40
C HIS C 8 17.35 22.21 -24.28
N THR C 9 16.56 23.21 -23.90
CA THR C 9 16.49 24.44 -24.67
C THR C 9 17.70 25.34 -24.46
N VAL C 10 18.55 25.05 -23.47
CA VAL C 10 19.71 25.89 -23.22
C VAL C 10 20.75 25.77 -24.33
N VAL C 11 20.62 24.77 -25.20
CA VAL C 11 21.60 24.54 -26.26
C VAL C 11 21.24 25.25 -27.55
N ILE C 12 20.07 25.91 -27.60
CA ILE C 12 19.57 26.45 -28.87
C ILE C 12 20.46 27.58 -29.37
N ASN C 13 21.06 28.35 -28.46
CA ASN C 13 21.72 29.61 -28.83
C ASN C 13 23.22 29.50 -28.95
N ASP C 14 23.78 28.29 -28.91
CA ASP C 14 25.22 28.18 -29.14
C ASP C 14 25.53 26.88 -29.88
N PRO C 15 26.26 26.96 -30.99
CA PRO C 15 26.49 25.76 -31.82
C PRO C 15 27.37 24.71 -31.16
N GLY C 16 28.32 25.10 -30.31
CA GLY C 16 29.28 24.14 -29.80
C GLY C 16 28.63 23.06 -28.95
N ARG C 17 27.78 23.46 -28.02
CA ARG C 17 27.07 22.47 -27.21
C ARG C 17 26.09 21.66 -28.06
N LEU C 18 25.58 22.25 -29.15
CA LEU C 18 24.76 21.48 -30.07
C LEU C 18 25.56 20.37 -30.71
N ILE C 19 26.79 20.67 -31.16
CA ILE C 19 27.66 19.65 -31.71
C ILE C 19 27.94 18.57 -30.66
N SER C 20 28.23 18.99 -29.43
CA SER C 20 28.53 18.02 -28.38
C SER C 20 27.34 17.10 -28.11
N VAL C 21 26.14 17.66 -28.05
CA VAL C 21 24.96 16.86 -27.73
C VAL C 21 24.63 15.91 -28.88
N HIS C 22 24.73 16.38 -30.13
CA HIS C 22 24.49 15.50 -31.26
C HIS C 22 25.52 14.37 -31.30
N LEU C 23 26.77 14.68 -30.97
CA LEU C 23 27.79 13.65 -30.89
C LEU C 23 27.45 12.63 -29.80
N MET C 24 26.96 13.11 -28.66
CA MET C 24 26.56 12.19 -27.59
C MET C 24 25.45 11.26 -28.04
N HIS C 25 24.44 11.80 -28.72
CA HIS C 25 23.35 10.94 -29.20
C HIS C 25 23.85 9.93 -30.22
N THR C 26 24.72 10.36 -31.14
CA THR C 26 25.26 9.45 -32.13
C THR C 26 26.08 8.35 -31.47
N ALA C 27 26.85 8.70 -30.43
CA ALA C 27 27.60 7.70 -29.69
C ALA C 27 26.67 6.70 -29.01
N LEU C 28 25.57 7.18 -28.44
CA LEU C 28 24.61 6.27 -27.81
C LEU C 28 24.01 5.31 -28.83
N VAL C 29 23.67 5.83 -30.01
CA VAL C 29 23.10 4.98 -31.06
C VAL C 29 24.10 3.92 -31.50
N SER C 30 25.35 4.31 -31.71
CA SER C 30 26.37 3.36 -32.13
C SER C 30 26.61 2.30 -31.05
N GLY C 31 26.63 2.72 -29.79
CA GLY C 31 26.79 1.77 -28.71
C GLY C 31 25.65 0.77 -28.64
N TRP C 32 24.42 1.25 -28.84
CA TRP C 32 23.28 0.33 -28.88
C TRP C 32 23.42 -0.66 -30.01
N ALA C 33 23.84 -0.19 -31.19
CA ALA C 33 24.01 -1.10 -32.32
C ALA C 33 25.03 -2.19 -32.00
N GLY C 34 26.18 -1.79 -31.45
CA GLY C 34 27.19 -2.78 -31.12
C GLY C 34 26.74 -3.76 -30.06
N SER C 35 26.09 -3.26 -29.01
CA SER C 35 25.64 -4.13 -27.93
C SER C 35 24.59 -5.11 -28.43
N MET C 36 23.65 -4.64 -29.24
CA MET C 36 22.62 -5.53 -29.77
C MET C 36 23.22 -6.58 -30.69
N ALA C 37 24.19 -6.18 -31.51
CA ALA C 37 24.87 -7.16 -32.37
C ALA C 37 25.53 -8.25 -31.54
N LEU C 38 26.25 -7.84 -30.49
CA LEU C 38 26.91 -8.82 -29.62
C LEU C 38 25.88 -9.74 -28.96
N PHE C 39 24.78 -9.18 -28.46
CA PHE C 39 23.77 -9.99 -27.79
C PHE C 39 23.15 -11.00 -28.74
N GLU C 40 22.77 -10.57 -29.94
CA GLU C 40 22.14 -11.48 -30.88
C GLU C 40 23.11 -12.55 -31.35
N ILE C 41 24.39 -12.20 -31.54
CA ILE C 41 25.37 -13.22 -31.89
C ILE C 41 25.53 -14.22 -30.76
N SER C 42 25.46 -13.75 -29.52
CA SER C 42 25.53 -14.67 -28.38
C SER C 42 24.35 -15.62 -28.34
N VAL C 43 23.15 -15.13 -28.69
CA VAL C 43 21.95 -15.95 -28.58
C VAL C 43 21.68 -16.80 -29.82
N PHE C 44 22.19 -16.40 -30.99
CA PHE C 44 21.85 -17.07 -32.24
C PHE C 44 22.30 -18.53 -32.25
N ASP C 45 21.50 -19.37 -32.90
CA ASP C 45 21.78 -20.81 -33.02
C ASP C 45 21.84 -21.16 -34.51
N PRO C 46 23.04 -21.27 -35.10
CA PRO C 46 23.13 -21.48 -36.54
C PRO C 46 23.07 -22.95 -36.95
N SER C 47 22.63 -23.82 -36.04
CA SER C 47 22.67 -25.25 -36.30
C SER C 47 21.79 -25.62 -37.50
N ASP C 48 20.54 -25.18 -37.49
CA ASP C 48 19.58 -25.55 -38.54
C ASP C 48 19.16 -24.31 -39.32
N PRO C 49 19.68 -24.13 -40.54
CA PRO C 49 19.32 -22.94 -41.34
C PRO C 49 18.11 -23.11 -42.23
N VAL C 50 17.48 -24.29 -42.26
CA VAL C 50 16.35 -24.53 -43.15
C VAL C 50 15.05 -24.52 -42.35
N LEU C 51 15.12 -24.96 -41.10
CA LEU C 51 13.94 -24.98 -40.23
C LEU C 51 14.07 -24.08 -39.00
N ASN C 52 15.25 -23.53 -38.73
CA ASN C 52 15.42 -22.56 -37.65
C ASN C 52 16.22 -21.36 -38.15
N PRO C 53 15.67 -20.59 -39.08
CA PRO C 53 16.40 -19.45 -39.63
C PRO C 53 16.44 -18.28 -38.65
N MET C 54 17.06 -17.17 -39.06
CA MET C 54 17.22 -16.04 -38.14
C MET C 54 15.89 -15.43 -37.74
N TRP C 55 14.95 -15.31 -38.69
CA TRP C 55 13.66 -14.71 -38.38
C TRP C 55 12.81 -15.59 -37.48
N ARG C 56 13.16 -16.86 -37.35
CA ARG C 56 12.44 -17.75 -36.45
C ARG C 56 12.90 -17.63 -35.01
N GLN C 57 14.08 -17.04 -34.78
CA GLN C 57 14.66 -16.94 -33.45
C GLN C 57 14.62 -15.51 -32.92
N GLY C 58 13.81 -14.64 -33.50
CA GLY C 58 13.68 -13.28 -32.99
C GLY C 58 14.92 -12.43 -33.14
N MET C 59 15.62 -12.57 -34.26
CA MET C 59 16.78 -11.73 -34.54
C MET C 59 16.31 -10.44 -35.20
N PHE C 60 16.84 -9.30 -34.74
CA PHE C 60 16.44 -8.00 -35.24
C PHE C 60 17.52 -7.33 -36.06
N VAL C 61 18.72 -7.15 -35.51
CA VAL C 61 19.78 -6.46 -36.24
C VAL C 61 20.56 -7.42 -37.13
N LEU C 62 20.53 -8.71 -36.83
CA LEU C 62 21.26 -9.69 -37.64
C LEU C 62 20.82 -9.69 -39.10
N PRO C 63 19.52 -9.69 -39.44
CA PRO C 63 19.14 -9.61 -40.85
C PRO C 63 19.63 -8.34 -41.53
N PHE C 64 19.71 -7.22 -40.80
CA PHE C 64 20.16 -5.98 -41.41
C PHE C 64 21.64 -6.06 -41.80
N MET C 65 22.46 -6.66 -40.93
CA MET C 65 23.86 -6.89 -41.30
C MET C 65 23.96 -7.87 -42.45
N THR C 66 23.17 -8.95 -42.41
CA THR C 66 23.23 -9.96 -43.47
C THR C 66 22.81 -9.39 -44.82
N ARG C 67 21.90 -8.42 -44.81
CA ARG C 67 21.39 -7.86 -46.06
C ARG C 67 22.47 -7.24 -46.92
N LEU C 68 23.50 -6.66 -46.32
CA LEU C 68 24.49 -5.89 -47.06
C LEU C 68 25.79 -6.65 -47.32
N GLY C 69 25.90 -7.90 -46.89
CA GLY C 69 27.07 -8.68 -47.23
C GLY C 69 27.69 -9.48 -46.12
N ILE C 70 27.56 -9.02 -44.87
CA ILE C 70 28.17 -9.70 -43.73
C ILE C 70 27.48 -11.02 -43.50
N THR C 71 28.19 -12.12 -43.74
CA THR C 71 27.59 -13.45 -43.60
C THR C 71 28.37 -14.36 -42.67
N GLN C 72 29.69 -14.25 -42.64
CA GLN C 72 30.52 -15.16 -41.86
C GLN C 72 30.65 -14.68 -40.42
N SER C 73 31.09 -15.60 -39.56
CA SER C 73 31.29 -15.30 -38.14
C SER C 73 32.62 -15.87 -37.70
N TRP C 74 33.17 -15.28 -36.63
CA TRP C 74 34.45 -15.73 -36.08
C TRP C 74 34.34 -17.08 -35.39
N GLY C 75 33.13 -17.59 -35.14
CA GLY C 75 32.96 -18.87 -34.51
C GLY C 75 33.12 -20.06 -35.42
N GLY C 76 33.40 -19.85 -36.70
CA GLY C 76 33.57 -20.93 -37.64
C GLY C 76 32.32 -21.36 -38.38
N TRP C 77 31.27 -20.55 -38.36
CA TRP C 77 30.01 -20.89 -39.03
C TRP C 77 29.56 -19.73 -39.89
N THR C 78 28.91 -20.06 -40.99
CA THR C 78 28.30 -19.07 -41.86
C THR C 78 26.79 -19.04 -41.63
N ILE C 79 26.12 -18.09 -42.27
CA ILE C 79 24.68 -17.99 -42.12
C ILE C 79 23.96 -19.07 -42.91
N SER C 80 24.65 -19.67 -43.88
CA SER C 80 24.09 -20.76 -44.68
C SER C 80 24.40 -22.14 -44.10
N GLY C 81 25.02 -22.21 -42.93
CA GLY C 81 25.39 -23.46 -42.31
C GLY C 81 26.73 -24.00 -42.73
N GLU C 82 27.34 -23.47 -43.79
CA GLU C 82 28.64 -23.93 -44.23
C GLU C 82 29.73 -23.42 -43.29
N THR C 83 30.87 -24.10 -43.33
CA THR C 83 32.02 -23.65 -42.55
C THR C 83 32.62 -22.39 -43.14
N ALA C 84 33.18 -21.55 -42.27
CA ALA C 84 33.75 -20.28 -42.69
C ALA C 84 35.20 -20.52 -43.13
N THR C 85 35.45 -20.38 -44.44
CA THR C 85 36.80 -20.56 -44.95
C THR C 85 37.75 -19.51 -44.39
N ASN C 86 37.32 -18.26 -44.37
CA ASN C 86 38.13 -17.16 -43.83
C ASN C 86 37.17 -16.05 -43.37
N PRO C 87 36.91 -15.94 -42.07
CA PRO C 87 35.95 -14.92 -41.60
C PRO C 87 36.36 -13.51 -41.97
N GLY C 88 37.65 -13.20 -41.94
CA GLY C 88 38.12 -11.88 -42.28
C GLY C 88 37.85 -10.89 -41.15
N ILE C 89 38.23 -9.64 -41.40
CA ILE C 89 38.02 -8.59 -40.41
C ILE C 89 36.54 -8.25 -40.31
N TRP C 90 35.83 -8.23 -41.43
CA TRP C 90 34.44 -7.79 -41.46
C TRP C 90 33.52 -8.98 -41.17
N SER C 91 33.43 -9.32 -39.88
CA SER C 91 32.51 -10.32 -39.38
C SER C 91 31.51 -9.66 -38.45
N TYR C 92 30.57 -10.46 -37.95
CA TYR C 92 29.56 -9.93 -37.04
C TYR C 92 30.21 -9.36 -35.78
N GLU C 93 31.12 -10.13 -35.17
CA GLU C 93 31.86 -9.63 -34.02
C GLU C 93 32.70 -8.42 -34.39
N GLY C 94 33.32 -8.45 -35.57
CA GLY C 94 34.09 -7.30 -36.01
C GLY C 94 33.24 -6.06 -36.18
N VAL C 95 32.05 -6.20 -36.77
CA VAL C 95 31.16 -5.06 -36.93
C VAL C 95 30.72 -4.53 -35.58
N ALA C 96 30.38 -5.41 -34.64
CA ALA C 96 29.96 -4.96 -33.32
C ALA C 96 31.09 -4.22 -32.61
N ALA C 97 32.30 -4.76 -32.67
CA ALA C 97 33.44 -4.08 -32.03
C ALA C 97 33.72 -2.74 -32.69
N ALA C 98 33.62 -2.68 -34.02
CA ALA C 98 33.81 -1.41 -34.71
C ALA C 98 32.78 -0.38 -34.27
N HIS C 99 31.52 -0.80 -34.13
CA HIS C 99 30.49 0.13 -33.70
C HIS C 99 30.74 0.61 -32.27
N ILE C 100 31.18 -0.29 -31.39
CA ILE C 100 31.47 0.12 -30.01
C ILE C 100 32.62 1.12 -29.98
N ILE C 101 33.69 0.85 -30.75
CA ILE C 101 34.83 1.76 -30.77
C ILE C 101 34.42 3.12 -31.33
N LEU C 102 33.57 3.12 -32.37
CA LEU C 102 33.06 4.37 -32.92
C LEU C 102 32.24 5.13 -31.87
N SER C 103 31.43 4.41 -31.09
CA SER C 103 30.67 5.04 -30.03
C SER C 103 31.58 5.70 -29.02
N GLY C 104 32.66 5.02 -28.63
CA GLY C 104 33.60 5.61 -27.68
C GLY C 104 34.30 6.84 -28.23
N ALA C 105 34.74 6.77 -29.48
CA ALA C 105 35.39 7.93 -30.09
C ALA C 105 34.43 9.11 -30.17
N LEU C 106 33.18 8.86 -30.53
CA LEU C 106 32.19 9.93 -30.59
C LEU C 106 31.91 10.50 -29.21
N PHE C 107 31.90 9.65 -28.18
CA PHE C 107 31.72 10.15 -26.82
C PHE C 107 32.86 11.08 -26.42
N LEU C 108 34.10 10.68 -26.73
CA LEU C 108 35.24 11.54 -26.41
C LEU C 108 35.17 12.86 -27.17
N ALA C 109 34.79 12.81 -28.45
CA ALA C 109 34.64 14.04 -29.22
C ALA C 109 33.55 14.93 -28.65
N SER C 110 32.45 14.33 -28.19
CA SER C 110 31.39 15.09 -27.55
C SER C 110 31.88 15.77 -26.29
N VAL C 111 32.65 15.07 -25.47
CA VAL C 111 33.20 15.67 -24.26
C VAL C 111 34.09 16.86 -24.62
N TRP C 112 34.95 16.68 -25.62
CA TRP C 112 35.85 17.77 -26.02
C TRP C 112 35.06 18.98 -26.52
N HIS C 113 34.04 18.74 -27.35
CA HIS C 113 33.26 19.84 -27.89
C HIS C 113 32.44 20.54 -26.82
N TRP C 114 31.97 19.79 -25.82
CA TRP C 114 31.29 20.42 -24.69
C TRP C 114 32.24 21.29 -23.89
N THR C 115 33.48 20.82 -23.68
CA THR C 115 34.43 21.59 -22.89
C THR C 115 34.78 22.92 -23.57
N TYR C 116 35.01 22.90 -24.87
CA TYR C 116 35.40 24.07 -25.64
C TYR C 116 34.23 24.47 -26.53
N TRP C 117 33.37 25.34 -26.01
CA TRP C 117 32.19 25.79 -26.74
C TRP C 117 32.41 27.10 -27.48
N ASP C 118 33.28 27.97 -26.96
CA ASP C 118 33.50 29.29 -27.56
C ASP C 118 34.56 29.15 -28.64
N LEU C 119 34.11 29.09 -29.89
CA LEU C 119 35.00 28.97 -31.04
C LEU C 119 34.74 30.12 -32.00
N GLU C 120 35.81 30.66 -32.57
CA GLU C 120 35.69 31.79 -33.49
C GLU C 120 34.99 31.40 -34.78
N LEU C 121 34.87 30.10 -35.07
CA LEU C 121 34.20 29.68 -36.29
C LEU C 121 32.73 30.06 -36.28
N PHE C 122 32.07 29.97 -35.12
CA PHE C 122 30.64 30.23 -35.02
C PHE C 122 30.30 31.70 -34.96
N ARG C 123 31.28 32.58 -34.83
CA ARG C 123 31.04 34.02 -34.71
C ARG C 123 31.19 34.68 -36.07
N ASP C 124 30.19 35.45 -36.47
CA ASP C 124 30.29 36.18 -37.73
C ASP C 124 31.19 37.40 -37.57
N PRO C 125 32.15 37.61 -38.47
CA PRO C 125 33.04 38.77 -38.33
C PRO C 125 32.33 40.10 -38.41
N ARG C 126 31.16 40.15 -39.03
CA ARG C 126 30.45 41.41 -39.19
C ARG C 126 29.96 41.96 -37.86
N THR C 127 29.41 41.10 -37.00
CA THR C 127 28.86 41.55 -35.74
C THR C 127 29.44 40.85 -34.51
N GLY C 128 30.27 39.82 -34.70
CA GLY C 128 30.85 39.12 -33.56
C GLY C 128 29.84 38.41 -32.69
N LYS C 129 28.85 37.77 -33.31
CA LYS C 129 27.82 37.04 -32.59
C LYS C 129 27.71 35.63 -33.15
N THR C 130 27.31 34.70 -32.29
CA THR C 130 27.17 33.30 -32.71
C THR C 130 26.06 33.16 -33.73
N ALA C 131 26.43 32.92 -34.99
CA ALA C 131 25.46 32.78 -36.07
C ALA C 131 25.90 31.69 -37.02
N LEU C 132 24.93 30.93 -37.54
CA LEU C 132 25.18 29.87 -38.50
C LEU C 132 24.45 30.18 -39.80
N ASP C 133 25.17 30.08 -40.92
CA ASP C 133 24.56 30.26 -42.23
C ASP C 133 23.90 28.94 -42.62
N LEU C 134 22.62 28.81 -42.25
CA LEU C 134 21.91 27.56 -42.48
C LEU C 134 21.85 27.13 -43.95
N PRO C 135 21.59 28.02 -44.92
CA PRO C 135 21.60 27.54 -46.33
C PRO C 135 22.91 26.94 -46.76
N LYS C 136 24.05 27.53 -46.36
CA LYS C 136 25.33 26.98 -46.80
C LYS C 136 25.66 25.67 -46.09
N ILE C 137 25.29 25.57 -44.80
CA ILE C 137 25.46 24.32 -44.09
C ILE C 137 24.64 23.22 -44.76
N PHE C 138 23.40 23.54 -45.13
CA PHE C 138 22.56 22.59 -45.83
C PHE C 138 23.18 22.20 -47.17
N GLY C 139 23.75 23.16 -47.88
CA GLY C 139 24.38 22.85 -49.15
C GLY C 139 25.54 21.88 -48.99
N ILE C 140 26.41 22.14 -48.00
CA ILE C 140 27.56 21.26 -47.77
C ILE C 140 27.08 19.87 -47.40
N HIS C 141 26.12 19.78 -46.49
CA HIS C 141 25.66 18.47 -46.02
C HIS C 141 24.94 17.71 -47.12
N LEU C 142 24.18 18.41 -47.96
CA LEU C 142 23.52 17.76 -49.09
C LEU C 142 24.54 17.26 -50.10
N PHE C 143 25.60 18.04 -50.34
CA PHE C 143 26.67 17.57 -51.23
C PHE C 143 27.30 16.29 -50.70
N LEU C 144 27.58 16.26 -49.38
CA LEU C 144 28.15 15.06 -48.78
C LEU C 144 27.20 13.87 -48.90
N SER C 145 25.92 14.10 -48.62
CA SER C 145 24.95 13.01 -48.70
C SER C 145 24.83 12.48 -50.12
N GLY C 146 24.81 13.36 -51.11
CA GLY C 146 24.76 12.90 -52.49
C GLY C 146 26.00 12.12 -52.88
N LEU C 147 27.16 12.59 -52.46
CA LEU C 147 28.39 11.86 -52.75
C LEU C 147 28.37 10.47 -52.14
N LEU C 148 27.94 10.37 -50.88
CA LEU C 148 27.88 9.07 -50.22
C LEU C 148 26.86 8.16 -50.88
N CYS C 149 25.71 8.70 -51.27
CA CYS C 149 24.69 7.89 -51.93
C CYS C 149 25.20 7.35 -53.26
N PHE C 150 25.85 8.20 -54.05
CA PHE C 150 26.40 7.74 -55.33
C PHE C 150 27.47 6.68 -55.10
N GLY C 151 28.35 6.88 -54.12
CA GLY C 151 29.37 5.89 -53.85
C GLY C 151 28.78 4.54 -53.46
N PHE C 152 27.79 4.56 -52.55
CA PHE C 152 27.16 3.32 -52.12
C PHE C 152 26.45 2.63 -53.27
N GLY C 153 25.76 3.40 -54.11
CA GLY C 153 25.05 2.80 -55.23
C GLY C 153 25.98 2.20 -56.27
N ALA C 154 27.07 2.89 -56.58
CA ALA C 154 27.91 2.49 -57.70
C ALA C 154 28.97 1.47 -57.31
N PHE C 155 29.52 1.54 -56.10
CA PHE C 155 30.64 0.69 -55.73
C PHE C 155 30.28 -0.45 -54.82
N HIS C 156 29.25 -0.32 -53.99
CA HIS C 156 28.90 -1.37 -53.05
C HIS C 156 27.80 -2.27 -53.59
N VAL C 157 26.64 -1.70 -53.91
CA VAL C 157 25.52 -2.51 -54.38
C VAL C 157 25.85 -3.16 -55.72
N THR C 158 26.42 -2.38 -56.64
CA THR C 158 26.75 -2.90 -57.96
C THR C 158 27.79 -4.02 -57.89
N GLY C 159 28.63 -4.03 -56.86
CA GLY C 159 29.67 -5.02 -56.73
C GLY C 159 30.97 -4.68 -57.43
N VAL C 160 31.10 -3.46 -57.95
CA VAL C 160 32.36 -3.05 -58.56
C VAL C 160 33.49 -3.09 -57.55
N PHE C 161 33.24 -2.57 -56.36
CA PHE C 161 34.20 -2.63 -55.26
C PHE C 161 33.67 -3.36 -54.05
N GLY C 162 32.41 -3.14 -53.67
CA GLY C 162 31.82 -3.78 -52.51
C GLY C 162 31.32 -5.17 -52.81
N PRO C 163 30.82 -5.86 -51.78
CA PRO C 163 30.35 -7.23 -51.99
C PRO C 163 29.04 -7.32 -52.73
N GLY C 164 28.08 -6.44 -52.41
CA GLY C 164 26.77 -6.47 -53.03
C GLY C 164 25.69 -6.62 -51.98
N ILE C 165 24.47 -6.81 -52.46
CA ILE C 165 23.31 -6.94 -51.59
C ILE C 165 22.76 -8.37 -51.72
N TRP C 166 21.78 -8.68 -50.88
CA TRP C 166 21.18 -10.01 -50.85
C TRP C 166 20.12 -10.13 -51.95
N VAL C 167 20.24 -11.17 -52.76
CA VAL C 167 19.29 -11.45 -53.84
C VAL C 167 18.80 -12.88 -53.68
N SER C 168 17.50 -13.08 -53.88
CA SER C 168 16.89 -14.38 -53.68
C SER C 168 15.86 -14.64 -54.77
N ASP C 169 15.54 -15.91 -54.97
CA ASP C 169 14.49 -16.32 -55.88
C ASP C 169 13.13 -15.94 -55.31
N PRO C 170 12.09 -15.88 -56.16
CA PRO C 170 10.78 -15.40 -55.68
C PRO C 170 10.22 -16.19 -54.50
N TYR C 171 10.48 -17.49 -54.43
CA TYR C 171 9.96 -18.32 -53.36
C TYR C 171 10.92 -18.46 -52.19
N GLY C 172 12.04 -17.74 -52.22
CA GLY C 172 12.94 -17.71 -51.08
C GLY C 172 13.58 -19.03 -50.75
N LEU C 173 14.05 -19.76 -51.76
CA LEU C 173 14.70 -21.05 -51.56
C LEU C 173 16.22 -20.94 -51.59
N THR C 174 16.77 -20.27 -52.60
CA THR C 174 18.22 -20.13 -52.76
C THR C 174 18.53 -18.63 -52.90
N GLY C 175 18.86 -18.00 -51.78
CA GLY C 175 19.22 -16.60 -51.77
C GLY C 175 20.60 -16.38 -51.19
N ARG C 176 21.38 -15.54 -51.85
CA ARG C 176 22.76 -15.28 -51.46
C ARG C 176 23.09 -13.82 -51.72
N VAL C 177 24.24 -13.39 -51.22
CA VAL C 177 24.72 -12.04 -51.47
C VAL C 177 25.36 -12.02 -52.85
N GLN C 178 24.76 -11.28 -53.77
CA GLN C 178 25.23 -11.23 -55.15
C GLN C 178 25.27 -9.79 -55.63
N PRO C 179 26.22 -9.47 -56.50
CA PRO C 179 26.19 -8.16 -57.17
C PRO C 179 24.98 -8.07 -58.07
N VAL C 180 24.45 -6.85 -58.21
CA VAL C 180 23.29 -6.59 -59.06
C VAL C 180 23.69 -5.59 -60.12
N ALA C 181 23.24 -5.83 -61.35
CA ALA C 181 23.44 -4.86 -62.43
C ALA C 181 22.30 -3.86 -62.42
N PRO C 182 22.57 -2.57 -62.32
CA PRO C 182 21.48 -1.59 -62.27
C PRO C 182 20.62 -1.64 -63.52
N SER C 183 19.31 -1.50 -63.33
CA SER C 183 18.35 -1.53 -64.43
C SER C 183 17.81 -0.13 -64.65
N TRP C 184 18.05 0.42 -65.84
CA TRP C 184 17.66 1.78 -66.16
C TRP C 184 16.31 1.85 -66.87
N GLY C 185 15.67 0.71 -67.11
CA GLY C 185 14.39 0.69 -67.78
C GLY C 185 13.23 0.91 -66.81
N ALA C 186 12.03 0.59 -67.29
CA ALA C 186 10.85 0.71 -66.45
C ALA C 186 10.90 -0.27 -65.29
N ASP C 187 11.45 -1.47 -65.52
CA ASP C 187 11.53 -2.48 -64.48
C ASP C 187 12.37 -2.02 -63.30
N GLY C 188 13.20 -1.00 -63.48
CA GLY C 188 13.95 -0.44 -62.37
C GLY C 188 13.07 0.17 -61.29
N PHE C 189 11.82 0.51 -61.63
CA PHE C 189 10.88 1.04 -60.66
C PHE C 189 10.00 -0.04 -60.05
N ASP C 190 10.24 -1.29 -60.40
CA ASP C 190 9.57 -2.39 -59.73
C ASP C 190 10.24 -2.61 -58.38
N PRO C 191 9.49 -2.54 -57.28
CA PRO C 191 10.11 -2.67 -55.95
C PRO C 191 10.78 -4.00 -55.71
N TYR C 192 10.36 -5.04 -56.42
CA TYR C 192 10.94 -6.37 -56.25
C TYR C 192 12.12 -6.60 -57.18
N ASN C 193 12.55 -5.58 -57.93
CA ASN C 193 13.70 -5.70 -58.81
C ASN C 193 14.92 -5.19 -58.08
N PRO C 194 15.90 -6.05 -57.77
CA PRO C 194 17.09 -5.57 -57.03
C PRO C 194 17.88 -4.50 -57.75
N GLY C 195 17.96 -4.56 -59.09
CA GLY C 195 18.72 -3.56 -59.81
C GLY C 195 18.16 -2.16 -59.68
N GLY C 196 16.88 -2.05 -59.35
CA GLY C 196 16.30 -0.74 -59.10
C GLY C 196 16.97 -0.02 -57.95
N ILE C 197 17.42 -0.75 -56.94
CA ILE C 197 18.10 -0.11 -55.81
C ILE C 197 19.38 0.56 -56.28
N ALA C 198 20.19 -0.15 -57.06
CA ALA C 198 21.44 0.42 -57.55
C ALA C 198 21.18 1.60 -58.48
N SER C 199 20.21 1.46 -59.39
CA SER C 199 19.90 2.55 -60.31
C SER C 199 19.43 3.78 -59.54
N HIS C 200 18.54 3.58 -58.57
CA HIS C 200 18.05 4.68 -57.75
C HIS C 200 19.19 5.37 -57.03
N HIS C 201 20.05 4.59 -56.38
CA HIS C 201 21.10 5.21 -55.59
C HIS C 201 22.07 5.98 -56.47
N ILE C 202 22.41 5.45 -57.65
CA ILE C 202 23.29 6.18 -58.55
C ILE C 202 22.65 7.50 -58.99
N ALA C 203 21.40 7.44 -59.47
CA ALA C 203 20.75 8.64 -59.98
C ALA C 203 20.54 9.66 -58.88
N ALA C 204 20.10 9.21 -57.70
CA ALA C 204 19.88 10.10 -56.58
C ALA C 204 21.18 10.71 -56.08
N GLY C 205 22.27 9.96 -56.11
CA GLY C 205 23.55 10.54 -55.75
C GLY C 205 23.99 11.63 -56.71
N ILE C 206 23.80 11.40 -58.01
CA ILE C 206 24.15 12.43 -58.99
C ILE C 206 23.31 13.68 -58.76
N LEU C 207 21.99 13.51 -58.61
CA LEU C 207 21.11 14.65 -58.41
C LEU C 207 21.41 15.36 -57.09
N GLY C 208 21.74 14.60 -56.05
CA GLY C 208 22.08 15.21 -54.78
C GLY C 208 23.37 16.01 -54.85
N VAL C 209 24.35 15.52 -55.60
CA VAL C 209 25.58 16.29 -55.81
C VAL C 209 25.26 17.60 -56.52
N LEU C 210 24.44 17.53 -57.57
CA LEU C 210 24.07 18.74 -58.29
C LEU C 210 23.33 19.73 -57.39
N ALA C 211 22.38 19.23 -56.60
CA ALA C 211 21.61 20.09 -55.71
C ALA C 211 22.49 20.68 -54.63
N GLY C 212 23.45 19.90 -54.12
CA GLY C 212 24.38 20.44 -53.14
C GLY C 212 25.23 21.55 -53.71
N LEU C 213 25.71 21.38 -54.94
CA LEU C 213 26.45 22.45 -55.59
C LEU C 213 25.59 23.69 -55.75
N PHE C 214 24.34 23.51 -56.17
CA PHE C 214 23.45 24.65 -56.35
C PHE C 214 23.24 25.39 -55.03
N HIS C 215 22.84 24.65 -53.98
CA HIS C 215 22.57 25.28 -52.69
C HIS C 215 23.83 25.83 -52.05
N LEU C 216 25.00 25.35 -52.47
CA LEU C 216 26.26 25.93 -52.01
C LEU C 216 26.57 27.25 -52.71
N CYS C 217 26.23 27.36 -54.00
CA CYS C 217 26.55 28.57 -54.75
C CYS C 217 25.46 29.64 -54.61
N VAL C 218 24.22 29.30 -54.98
CA VAL C 218 23.15 30.28 -55.05
C VAL C 218 22.60 30.57 -53.66
N ARG C 219 22.41 31.85 -53.36
CA ARG C 219 21.84 32.32 -52.10
C ARG C 219 20.32 32.33 -52.18
N PRO C 220 19.64 32.19 -51.04
CA PRO C 220 18.18 32.20 -51.06
C PRO C 220 17.63 33.59 -51.33
N SER C 221 16.38 33.61 -51.79
CA SER C 221 15.68 34.87 -52.01
C SER C 221 15.22 35.47 -50.69
N ILE C 222 15.11 36.81 -50.67
CA ILE C 222 14.72 37.50 -49.44
C ILE C 222 13.29 37.12 -49.05
N ARG C 223 12.38 37.05 -50.01
CA ARG C 223 11.01 36.67 -49.71
C ARG C 223 10.95 35.26 -49.12
N LEU C 224 11.69 34.33 -49.73
CA LEU C 224 11.75 32.97 -49.19
C LEU C 224 12.47 32.95 -47.85
N TYR C 225 13.53 33.75 -47.71
CA TYR C 225 14.31 33.76 -46.48
C TYR C 225 13.45 34.19 -45.29
N PHE C 226 12.64 35.23 -45.47
CA PHE C 226 11.80 35.69 -44.38
C PHE C 226 10.51 34.87 -44.25
N GLY C 227 10.01 34.31 -45.34
CA GLY C 227 8.78 33.54 -45.25
C GLY C 227 8.94 32.26 -44.46
N LEU C 228 10.05 31.55 -44.67
CA LEU C 228 10.28 30.27 -44.01
C LEU C 228 11.20 30.37 -42.80
N SER C 229 11.51 31.59 -42.37
CA SER C 229 12.35 31.82 -41.19
C SER C 229 13.69 31.09 -41.32
N MET C 230 14.33 31.26 -42.47
CA MET C 230 15.58 30.56 -42.74
C MET C 230 16.69 30.98 -41.78
N GLY C 231 16.53 32.09 -41.08
CA GLY C 231 17.51 32.50 -40.10
C GLY C 231 17.35 31.87 -38.74
N SER C 232 16.34 31.03 -38.55
CA SER C 232 16.07 30.39 -37.26
C SER C 232 16.43 28.93 -37.31
N ILE C 233 16.99 28.42 -36.22
CA ILE C 233 17.40 27.01 -36.17
C ILE C 233 16.20 26.09 -36.00
N GLU C 234 15.07 26.59 -35.50
CA GLU C 234 13.95 25.71 -35.19
C GLU C 234 13.19 25.27 -36.44
N THR C 235 13.20 26.07 -37.51
CA THR C 235 12.52 25.66 -38.73
C THR C 235 13.19 24.43 -39.35
N VAL C 236 14.52 24.35 -39.24
CA VAL C 236 15.23 23.17 -39.72
C VAL C 236 14.77 21.94 -38.97
N LEU C 237 14.53 22.07 -37.66
CA LEU C 237 14.03 20.95 -36.88
C LEU C 237 12.67 20.48 -37.36
N SER C 238 11.76 21.43 -37.63
CA SER C 238 10.42 21.05 -38.09
C SER C 238 10.49 20.34 -39.45
N SER C 239 11.26 20.90 -40.39
CA SER C 239 11.37 20.29 -41.70
C SER C 239 12.01 18.91 -41.60
N SER C 240 13.05 18.77 -40.76
CA SER C 240 13.71 17.48 -40.61
C SER C 240 12.78 16.44 -39.99
N ILE C 241 11.97 16.85 -39.01
CA ILE C 241 11.02 15.92 -38.41
C ILE C 241 9.99 15.48 -39.44
N ALA C 242 9.51 16.41 -40.26
CA ALA C 242 8.61 16.03 -41.35
C ALA C 242 9.25 15.00 -42.26
N ALA C 243 10.49 15.25 -42.67
CA ALA C 243 11.19 14.32 -43.56
C ALA C 243 11.36 12.96 -42.92
N VAL C 244 11.73 12.90 -41.64
CA VAL C 244 12.01 11.62 -41.03
C VAL C 244 10.74 10.81 -40.82
N PHE C 245 9.61 11.48 -40.49
CA PHE C 245 8.42 10.65 -40.33
C PHE C 245 7.88 10.20 -41.68
N TRP C 246 8.05 11.01 -42.73
CA TRP C 246 7.74 10.53 -44.07
C TRP C 246 8.58 9.30 -44.42
N ALA C 247 9.87 9.35 -44.12
CA ALA C 247 10.75 8.23 -44.40
C ALA C 247 10.34 7.00 -43.60
N ALA C 248 9.96 7.20 -42.33
CA ALA C 248 9.54 6.08 -41.50
C ALA C 248 8.28 5.42 -42.06
N PHE C 249 7.32 6.23 -42.50
CA PHE C 249 6.11 5.67 -43.09
C PHE C 249 6.44 4.86 -44.34
N VAL C 250 7.30 5.40 -45.20
CA VAL C 250 7.65 4.68 -46.43
C VAL C 250 8.35 3.36 -46.10
N VAL C 251 9.29 3.40 -45.16
CA VAL C 251 10.05 2.20 -44.81
C VAL C 251 9.13 1.16 -44.19
N ALA C 252 8.24 1.57 -43.30
CA ALA C 252 7.31 0.62 -42.68
C ALA C 252 6.39 0.00 -43.72
N GLY C 253 5.91 0.80 -44.67
CA GLY C 253 5.08 0.24 -45.72
C GLY C 253 5.81 -0.79 -46.56
N THR C 254 7.05 -0.47 -46.96
CA THR C 254 7.82 -1.41 -47.75
C THR C 254 8.11 -2.69 -46.98
N MET C 255 8.40 -2.57 -45.68
CA MET C 255 8.66 -3.75 -44.88
C MET C 255 7.40 -4.61 -44.74
N TRP C 256 6.25 -3.98 -44.49
CA TRP C 256 5.03 -4.76 -44.31
C TRP C 256 4.59 -5.43 -45.60
N TYR C 257 4.68 -4.74 -46.73
CA TYR C 257 4.20 -5.30 -47.98
C TYR C 257 5.27 -6.09 -48.73
N GLY C 258 6.50 -6.11 -48.24
CA GLY C 258 7.57 -6.84 -48.89
C GLY C 258 8.17 -6.11 -50.08
N SER C 259 9.47 -6.26 -50.28
CA SER C 259 10.17 -5.64 -51.39
C SER C 259 11.50 -6.35 -51.58
N ALA C 260 12.26 -5.90 -52.58
CA ALA C 260 13.58 -6.48 -52.81
C ALA C 260 14.56 -6.16 -51.69
N ALA C 261 14.26 -5.15 -50.88
CA ALA C 261 15.12 -4.77 -49.76
C ALA C 261 14.79 -5.52 -48.48
N THR C 262 13.73 -6.33 -48.47
CA THR C 262 13.34 -7.13 -47.31
C THR C 262 13.11 -8.57 -47.76
N PRO C 263 14.19 -9.33 -48.01
CA PRO C 263 14.02 -10.72 -48.44
C PRO C 263 13.34 -11.56 -47.36
N ILE C 264 12.57 -12.55 -47.80
CA ILE C 264 11.85 -13.40 -46.86
C ILE C 264 12.74 -14.38 -46.14
N GLU C 265 13.97 -14.60 -46.62
CA GLU C 265 14.90 -15.44 -45.88
C GLU C 265 15.38 -14.77 -44.61
N LEU C 266 15.35 -13.44 -44.58
CA LEU C 266 15.86 -12.68 -43.44
C LEU C 266 14.78 -12.18 -42.51
N PHE C 267 13.62 -11.80 -43.05
CA PHE C 267 12.53 -11.24 -42.25
C PHE C 267 11.30 -12.15 -42.20
N GLY C 268 11.33 -13.28 -42.91
CA GLY C 268 10.20 -14.19 -42.90
C GLY C 268 9.19 -13.84 -43.97
N PRO C 269 8.21 -14.72 -44.16
CA PRO C 269 7.16 -14.45 -45.15
C PRO C 269 6.23 -13.35 -44.67
N THR C 270 5.47 -12.80 -45.61
CA THR C 270 4.56 -11.71 -45.30
C THR C 270 3.15 -12.24 -45.03
N ARG C 271 2.25 -11.32 -44.71
CA ARG C 271 0.86 -11.68 -44.45
C ARG C 271 0.14 -12.03 -45.74
N TYR C 272 0.37 -11.27 -46.80
CA TYR C 272 -0.37 -11.43 -48.04
C TYR C 272 0.09 -12.63 -48.85
N GLN C 273 1.24 -13.22 -48.52
CA GLN C 273 1.62 -14.47 -49.15
C GLN C 273 0.74 -15.61 -48.63
N TRP C 274 0.43 -15.60 -47.34
CA TRP C 274 -0.49 -16.59 -46.80
C TRP C 274 -1.93 -16.28 -47.20
N ASP C 275 -2.28 -14.99 -47.25
CA ASP C 275 -3.66 -14.62 -47.59
C ASP C 275 -4.03 -15.09 -48.99
N GLN C 276 -3.08 -15.02 -49.93
CA GLN C 276 -3.32 -15.40 -51.31
C GLN C 276 -2.78 -16.79 -51.63
N GLY C 277 -2.30 -17.52 -50.64
CA GLY C 277 -1.82 -18.87 -50.85
C GLY C 277 -0.66 -18.98 -51.82
N PHE C 278 0.31 -18.06 -51.72
CA PHE C 278 1.44 -18.03 -52.64
C PHE C 278 2.18 -19.36 -52.66
N PHE C 279 2.74 -19.75 -51.51
CA PHE C 279 3.47 -20.99 -51.44
C PHE C 279 2.58 -22.20 -51.67
N GLN C 280 1.31 -22.12 -51.29
CA GLN C 280 0.39 -23.21 -51.56
C GLN C 280 0.20 -23.42 -53.06
N GLN C 281 0.02 -22.32 -53.80
CA GLN C 281 -0.09 -22.44 -55.25
C GLN C 281 1.18 -22.98 -55.88
N GLU C 282 2.34 -22.52 -55.40
CA GLU C 282 3.59 -23.03 -55.95
C GLU C 282 3.74 -24.53 -55.68
N ILE C 283 3.42 -24.97 -54.46
CA ILE C 283 3.54 -26.38 -54.12
C ILE C 283 2.57 -27.22 -54.97
N GLN C 284 1.34 -26.73 -55.14
CA GLN C 284 0.38 -27.46 -55.97
C GLN C 284 0.85 -27.54 -57.41
N LYS C 285 1.43 -26.46 -57.94
CA LYS C 285 1.94 -26.48 -59.30
C LYS C 285 3.05 -27.51 -59.45
N ARG C 286 3.98 -27.54 -58.49
CA ARG C 286 5.06 -28.52 -58.54
C ARG C 286 4.52 -29.95 -58.47
N VAL C 287 3.57 -30.19 -57.57
CA VAL C 287 3.02 -31.54 -57.43
C VAL C 287 2.30 -31.96 -58.70
N GLN C 288 1.51 -31.06 -59.29
CA GLN C 288 0.79 -31.40 -60.52
C GLN C 288 1.76 -31.66 -61.66
N ALA C 289 2.82 -30.86 -61.76
CA ALA C 289 3.82 -31.09 -62.81
C ALA C 289 4.49 -32.45 -62.63
N SER C 290 4.85 -32.80 -61.39
CA SER C 290 5.47 -34.09 -61.15
C SER C 290 4.53 -35.24 -61.47
N LEU C 291 3.24 -35.11 -61.10
CA LEU C 291 2.28 -36.16 -61.40
C LEU C 291 2.05 -36.31 -62.89
N ALA C 292 1.99 -35.18 -63.61
CA ALA C 292 1.83 -35.25 -65.06
C ALA C 292 3.04 -35.88 -65.72
N GLU C 293 4.23 -35.60 -65.20
CA GLU C 293 5.43 -36.27 -65.70
C GLU C 293 5.34 -37.78 -65.53
N GLY C 294 4.62 -38.24 -64.50
CA GLY C 294 4.45 -39.65 -64.26
C GLY C 294 5.25 -40.13 -63.07
N ALA C 295 4.59 -40.25 -61.92
CA ALA C 295 5.22 -40.70 -60.68
C ALA C 295 4.12 -40.93 -59.65
N SER C 296 4.46 -41.73 -58.64
CA SER C 296 3.52 -41.98 -57.56
C SER C 296 3.35 -40.73 -56.70
N LEU C 297 2.29 -40.73 -55.89
CA LEU C 297 2.03 -39.58 -55.04
C LEU C 297 3.16 -39.36 -54.05
N SER C 298 3.71 -40.45 -53.50
CA SER C 298 4.81 -40.31 -52.55
C SER C 298 6.03 -39.68 -53.22
N ASP C 299 6.35 -40.09 -54.45
CA ASP C 299 7.47 -39.51 -55.16
C ASP C 299 7.22 -38.04 -55.47
N ALA C 300 6.01 -37.70 -55.87
CA ALA C 300 5.69 -36.31 -56.19
C ALA C 300 5.79 -35.43 -54.95
N TRP C 301 5.30 -35.92 -53.81
CA TRP C 301 5.30 -35.13 -52.58
C TRP C 301 6.62 -35.20 -51.82
N SER C 302 7.53 -36.09 -52.19
CA SER C 302 8.85 -36.14 -51.58
C SER C 302 9.85 -35.20 -52.25
N ARG C 303 9.50 -34.62 -53.40
CA ARG C 303 10.36 -33.68 -54.09
C ARG C 303 10.17 -32.24 -53.62
N ILE C 304 9.16 -31.97 -52.80
CA ILE C 304 8.92 -30.64 -52.27
C ILE C 304 9.91 -30.37 -51.14
N PRO C 305 10.75 -29.35 -51.24
CA PRO C 305 11.69 -29.06 -50.15
C PRO C 305 10.95 -28.71 -48.87
N GLU C 306 11.54 -29.11 -47.74
CA GLU C 306 10.93 -28.80 -46.45
C GLU C 306 10.88 -27.30 -46.21
N LYS C 307 11.79 -26.54 -46.81
CA LYS C 307 11.76 -25.09 -46.67
C LYS C 307 10.48 -24.51 -47.28
N LEU C 308 10.13 -24.96 -48.48
CA LEU C 308 8.95 -24.45 -49.15
C LEU C 308 7.68 -24.79 -48.37
N ALA C 309 7.60 -26.00 -47.83
CA ALA C 309 6.46 -26.37 -47.00
C ALA C 309 6.43 -25.56 -45.72
N PHE C 310 7.60 -25.27 -45.15
CA PHE C 310 7.67 -24.47 -43.93
C PHE C 310 7.16 -23.06 -44.16
N TYR C 311 7.47 -22.48 -45.32
CA TYR C 311 6.93 -21.17 -45.65
C TYR C 311 5.41 -21.18 -45.73
N ASP C 312 4.80 -22.34 -45.98
CA ASP C 312 3.35 -22.46 -46.07
C ASP C 312 2.80 -22.96 -44.74
N TYR C 313 2.86 -22.07 -43.74
CA TYR C 313 2.42 -22.40 -42.39
C TYR C 313 1.90 -21.13 -41.73
N ILE C 314 0.79 -21.26 -40.99
CA ILE C 314 0.20 -20.11 -40.33
C ILE C 314 1.11 -19.59 -39.22
N GLY C 315 1.94 -20.47 -38.65
CA GLY C 315 2.81 -20.05 -37.57
C GLY C 315 3.80 -19.00 -37.98
N ASN C 316 4.20 -18.99 -39.25
CA ASN C 316 5.17 -18.03 -39.77
C ASN C 316 4.51 -16.75 -40.25
N ASN C 317 3.20 -16.65 -40.15
CA ASN C 317 2.50 -15.44 -40.58
C ASN C 317 2.78 -14.32 -39.58
N PRO C 318 3.28 -13.17 -40.04
CA PRO C 318 3.55 -12.07 -39.10
C PRO C 318 2.32 -11.53 -38.41
N ALA C 319 1.12 -11.75 -38.96
CA ALA C 319 -0.10 -11.16 -38.44
C ALA C 319 -0.88 -12.14 -37.58
N LYS C 320 -0.20 -13.00 -36.84
CA LYS C 320 -0.85 -13.95 -35.96
C LYS C 320 -0.42 -13.81 -34.50
N GLY C 321 0.50 -12.91 -34.20
CA GLY C 321 1.02 -12.77 -32.85
C GLY C 321 0.17 -11.86 -31.98
N GLY C 322 0.76 -11.43 -30.87
CA GLY C 322 0.08 -10.55 -29.96
C GLY C 322 1.01 -9.44 -29.50
N LEU C 323 0.39 -8.39 -28.95
CA LEU C 323 1.16 -7.22 -28.52
C LEU C 323 2.10 -7.57 -27.37
N PHE C 324 1.62 -8.34 -26.41
CA PHE C 324 2.40 -8.69 -25.23
C PHE C 324 2.89 -10.14 -25.24
N ARG C 325 2.78 -10.83 -26.39
CA ARG C 325 3.38 -12.14 -26.56
C ARG C 325 4.84 -11.96 -26.94
N THR C 326 5.62 -11.57 -25.93
CA THR C 326 7.01 -11.21 -26.15
C THR C 326 7.85 -12.44 -26.45
N GLY C 327 9.02 -12.20 -27.03
CA GLY C 327 9.99 -13.25 -27.29
C GLY C 327 10.06 -13.63 -28.75
N ALA C 328 10.90 -14.62 -29.01
CA ALA C 328 11.11 -15.13 -30.36
C ALA C 328 9.91 -15.99 -30.79
N MET C 329 9.88 -16.29 -32.09
CA MET C 329 8.84 -17.19 -32.59
C MET C 329 9.01 -18.60 -32.05
N ASN C 330 10.24 -18.99 -31.72
CA ASN C 330 10.48 -20.33 -31.18
C ASN C 330 9.81 -20.51 -29.83
N SER C 331 9.78 -19.46 -29.01
CA SER C 331 9.19 -19.56 -27.68
C SER C 331 7.69 -19.78 -27.71
N GLY C 332 7.06 -19.62 -28.86
CA GLY C 332 5.65 -19.95 -29.01
C GLY C 332 5.42 -20.94 -30.12
N ASP C 333 4.90 -22.11 -29.76
CA ASP C 333 4.66 -23.32 -30.58
C ASP C 333 5.93 -24.16 -30.76
N GLY C 334 7.02 -23.81 -30.09
CA GLY C 334 8.21 -24.65 -30.11
C GLY C 334 9.10 -24.42 -31.32
N ILE C 335 10.08 -25.30 -31.44
CA ILE C 335 11.08 -25.25 -32.50
C ILE C 335 10.75 -26.33 -33.52
N ALA C 336 10.73 -25.96 -34.80
CA ALA C 336 10.48 -26.94 -35.86
C ALA C 336 11.61 -27.95 -35.92
N VAL C 337 11.25 -29.21 -36.16
CA VAL C 337 12.19 -30.32 -36.24
C VAL C 337 12.17 -30.97 -37.60
N GLY C 338 10.99 -31.29 -38.12
CA GLY C 338 10.90 -31.94 -39.40
C GLY C 338 9.50 -31.84 -39.97
N TRP C 339 9.37 -32.25 -41.22
CA TRP C 339 8.11 -32.21 -41.96
C TRP C 339 7.42 -33.56 -41.87
N LEU C 340 6.14 -33.54 -41.52
CA LEU C 340 5.35 -34.76 -41.41
C LEU C 340 4.73 -35.19 -42.73
N GLY C 341 4.94 -34.44 -43.80
CA GLY C 341 4.39 -34.79 -45.09
C GLY C 341 2.97 -34.27 -45.28
N HIS C 342 2.57 -34.18 -46.54
CA HIS C 342 1.24 -33.69 -46.86
C HIS C 342 0.17 -34.69 -46.43
N ALA C 343 -0.88 -34.20 -45.81
CA ALA C 343 -1.97 -35.02 -45.32
C ALA C 343 -3.16 -34.92 -46.25
N SER C 344 -3.71 -36.07 -46.64
CA SER C 344 -4.88 -36.14 -47.49
C SER C 344 -5.99 -36.90 -46.75
N PHE C 345 -7.17 -36.29 -46.70
CA PHE C 345 -8.31 -36.85 -45.98
C PHE C 345 -9.34 -37.37 -46.98
N LYS C 346 -9.78 -38.60 -46.78
CA LYS C 346 -10.79 -39.21 -47.64
C LYS C 346 -11.81 -39.94 -46.77
N ASP C 347 -13.08 -39.84 -47.16
CA ASP C 347 -14.15 -40.46 -46.41
C ASP C 347 -14.24 -41.95 -46.75
N GLN C 348 -15.31 -42.59 -46.28
CA GLN C 348 -15.48 -44.03 -46.52
C GLN C 348 -15.73 -44.31 -47.99
N GLU C 349 -16.45 -43.41 -48.66
CA GLU C 349 -16.74 -43.59 -50.08
C GLU C 349 -15.50 -43.39 -50.96
N GLY C 350 -14.40 -42.88 -50.41
CA GLY C 350 -13.23 -42.58 -51.19
C GLY C 350 -13.17 -41.16 -51.73
N ARG C 351 -14.21 -40.37 -51.50
CA ARG C 351 -14.20 -38.97 -51.93
C ARG C 351 -13.10 -38.20 -51.22
N GLU C 352 -12.41 -37.34 -51.97
CA GLU C 352 -11.33 -36.55 -51.40
C GLU C 352 -11.89 -35.36 -50.64
N LEU C 353 -11.31 -35.09 -49.47
CA LEU C 353 -11.74 -34.00 -48.60
C LEU C 353 -10.56 -33.12 -48.26
N PHE C 354 -10.83 -31.82 -48.07
CA PHE C 354 -9.81 -30.86 -47.71
C PHE C 354 -10.28 -30.05 -46.50
N VAL C 355 -9.32 -29.64 -45.68
CA VAL C 355 -9.61 -28.81 -44.52
C VAL C 355 -9.62 -27.35 -44.96
N ARG C 356 -10.62 -26.61 -44.50
CA ARG C 356 -10.67 -25.18 -44.78
C ARG C 356 -9.62 -24.46 -43.95
N ARG C 357 -8.66 -23.84 -44.63
CA ARG C 357 -7.54 -23.21 -43.94
C ARG C 357 -8.00 -22.02 -43.12
N MET C 358 -7.28 -21.77 -42.04
CA MET C 358 -7.66 -20.73 -41.09
C MET C 358 -7.31 -19.35 -41.64
N PRO C 359 -8.27 -18.44 -41.76
CA PRO C 359 -7.94 -17.06 -42.14
C PRO C 359 -7.17 -16.35 -41.05
N THR C 360 -6.50 -15.27 -41.43
CA THR C 360 -5.62 -14.56 -40.50
C THR C 360 -6.39 -13.93 -39.35
N PHE C 361 -7.63 -13.48 -39.60
CA PHE C 361 -8.41 -12.81 -38.57
C PHE C 361 -8.70 -13.72 -37.38
N PHE C 362 -9.05 -14.97 -37.64
CA PHE C 362 -9.66 -15.81 -36.62
C PHE C 362 -8.58 -16.34 -35.66
N GLU C 363 -8.71 -15.97 -34.39
CA GLU C 363 -7.85 -16.57 -33.38
C GLU C 363 -8.13 -18.06 -33.25
N THR C 364 -9.40 -18.44 -33.25
CA THR C 364 -9.82 -19.84 -33.25
C THR C 364 -10.82 -20.04 -34.38
N PHE C 365 -10.60 -21.09 -35.19
CA PHE C 365 -11.43 -21.35 -36.34
C PHE C 365 -11.93 -22.79 -36.28
N PRO C 366 -13.22 -23.03 -36.51
CA PRO C 366 -13.71 -24.40 -36.57
C PRO C 366 -13.12 -25.14 -37.76
N VAL C 367 -12.91 -26.44 -37.59
CA VAL C 367 -12.33 -27.28 -38.63
C VAL C 367 -13.43 -27.90 -39.46
N LEU C 368 -13.33 -27.75 -40.79
CA LEU C 368 -14.33 -28.24 -41.72
C LEU C 368 -13.66 -29.04 -42.82
N LEU C 369 -14.12 -30.27 -43.03
CA LEU C 369 -13.69 -31.10 -44.15
C LEU C 369 -14.73 -30.98 -45.25
N LEU C 370 -14.32 -30.44 -46.39
CA LEU C 370 -15.22 -30.20 -47.51
C LEU C 370 -14.66 -30.83 -48.78
N ASP C 371 -15.56 -31.22 -49.68
CA ASP C 371 -15.20 -31.92 -50.89
C ASP C 371 -14.62 -30.94 -51.92
N LYS C 372 -14.36 -31.42 -53.12
CA LYS C 372 -13.81 -30.57 -54.17
C LYS C 372 -14.79 -29.49 -54.59
N ASP C 373 -16.09 -29.81 -54.58
CA ASP C 373 -17.10 -28.83 -55.00
C ASP C 373 -17.15 -27.65 -54.03
N GLY C 374 -17.07 -27.92 -52.74
CA GLY C 374 -17.10 -26.86 -51.75
C GLY C 374 -18.09 -27.12 -50.63
N ILE C 375 -18.89 -28.18 -50.78
CA ILE C 375 -19.89 -28.54 -49.78
C ILE C 375 -19.21 -29.24 -48.61
N VAL C 376 -19.52 -28.81 -47.39
CA VAL C 376 -18.92 -29.40 -46.20
C VAL C 376 -19.40 -30.82 -46.03
N ARG C 377 -18.47 -31.75 -45.82
CA ARG C 377 -18.79 -33.15 -45.62
C ARG C 377 -18.55 -33.64 -44.20
N ALA C 378 -17.73 -32.95 -43.42
CA ALA C 378 -17.47 -33.36 -42.04
C ALA C 378 -16.99 -32.15 -41.23
N ASP C 379 -17.08 -32.28 -39.92
CA ASP C 379 -16.62 -31.22 -39.02
C ASP C 379 -16.61 -31.75 -37.60
N VAL C 380 -15.83 -31.08 -36.75
CA VAL C 380 -15.79 -31.42 -35.32
C VAL C 380 -16.99 -30.80 -34.63
N PRO C 381 -17.79 -31.56 -33.89
CA PRO C 381 -19.00 -31.02 -33.28
C PRO C 381 -18.72 -30.07 -32.12
N PHE C 382 -18.13 -28.92 -32.40
CA PHE C 382 -17.81 -27.92 -31.38
C PHE C 382 -16.97 -28.54 -30.26
N ARG C 383 -17.52 -28.56 -29.05
CA ARG C 383 -16.83 -29.13 -27.90
C ARG C 383 -17.58 -30.31 -27.29
N LYS C 384 -18.86 -30.13 -26.97
CA LYS C 384 -19.67 -31.21 -26.41
C LYS C 384 -21.05 -31.23 -27.07
N ALA C 385 -21.08 -31.06 -28.39
CA ALA C 385 -22.31 -31.08 -29.16
C ALA C 385 -22.44 -32.39 -29.93
N GLU C 386 -23.68 -32.70 -30.32
CA GLU C 386 -23.96 -33.88 -31.11
C GLU C 386 -24.15 -33.47 -32.56
N SER C 387 -23.59 -34.26 -33.48
CA SER C 387 -23.56 -33.91 -34.89
C SER C 387 -23.96 -35.10 -35.74
N LYS C 388 -24.37 -34.80 -36.97
CA LYS C 388 -24.61 -35.82 -37.98
C LYS C 388 -23.44 -35.94 -38.96
N TYR C 389 -22.48 -35.02 -38.91
CA TYR C 389 -21.30 -35.05 -39.79
C TYR C 389 -20.00 -35.20 -39.01
N SER C 390 -20.04 -35.84 -37.85
CA SER C 390 -18.83 -35.98 -37.05
C SER C 390 -17.79 -36.83 -37.78
N ILE C 391 -16.55 -36.74 -37.31
CA ILE C 391 -15.45 -37.42 -37.99
C ILE C 391 -15.65 -38.94 -37.97
N GLU C 392 -15.98 -39.49 -36.81
CA GLU C 392 -16.15 -40.93 -36.71
C GLU C 392 -17.42 -41.40 -37.41
N GLN C 393 -18.47 -40.57 -37.43
CA GLN C 393 -19.71 -40.96 -38.08
C GLN C 393 -19.53 -41.10 -39.58
N VAL C 394 -18.80 -40.17 -40.20
CA VAL C 394 -18.55 -40.27 -41.62
C VAL C 394 -17.40 -41.23 -41.92
N GLY C 395 -16.53 -41.48 -40.94
CA GLY C 395 -15.42 -42.39 -41.14
C GLY C 395 -14.34 -41.82 -42.04
N VAL C 396 -13.68 -40.77 -41.58
CA VAL C 396 -12.64 -40.09 -42.36
C VAL C 396 -11.30 -40.73 -42.04
N SER C 397 -10.49 -40.93 -43.08
CA SER C 397 -9.16 -41.50 -42.95
C SER C 397 -8.14 -40.54 -43.55
N VAL C 398 -6.93 -40.57 -43.01
CA VAL C 398 -5.86 -39.66 -43.39
C VAL C 398 -4.67 -40.47 -43.87
N THR C 399 -4.11 -40.06 -45.02
CA THR C 399 -2.90 -40.66 -45.57
C THR C 399 -1.84 -39.57 -45.72
N PHE C 400 -0.61 -39.90 -45.36
CA PHE C 400 0.50 -38.95 -45.40
C PHE C 400 1.43 -39.30 -46.55
N TYR C 401 1.71 -38.32 -47.40
CA TYR C 401 2.62 -38.48 -48.52
C TYR C 401 3.85 -37.62 -48.27
N GLY C 402 5.03 -38.23 -48.39
CA GLY C 402 6.26 -37.50 -48.14
C GLY C 402 6.49 -37.27 -46.66
N GLY C 403 7.58 -36.57 -46.37
CA GLY C 403 7.87 -36.22 -45.00
C GLY C 403 8.25 -37.43 -44.15
N GLU C 404 8.18 -37.22 -42.83
CA GLU C 404 8.54 -38.28 -41.90
C GLU C 404 7.55 -39.43 -41.93
N LEU C 405 6.26 -39.12 -42.05
CA LEU C 405 5.21 -40.13 -41.98
C LEU C 405 4.76 -40.60 -43.35
N ASP C 406 5.67 -40.62 -44.33
CA ASP C 406 5.31 -41.00 -45.69
C ASP C 406 4.80 -42.42 -45.74
N GLY C 407 3.67 -42.61 -46.42
CA GLY C 407 3.10 -43.93 -46.64
C GLY C 407 2.13 -44.39 -45.57
N LEU C 408 2.13 -43.75 -44.40
CA LEU C 408 1.25 -44.18 -43.32
C LEU C 408 -0.20 -43.82 -43.63
N THR C 409 -1.11 -44.55 -42.98
CA THR C 409 -2.54 -44.32 -43.17
C THR C 409 -3.23 -44.60 -41.84
N PHE C 410 -3.66 -43.53 -41.16
CA PHE C 410 -4.33 -43.66 -39.88
C PHE C 410 -5.85 -43.69 -40.07
N THR C 411 -6.52 -44.46 -39.20
CA THR C 411 -7.97 -44.54 -39.20
C THR C 411 -8.59 -44.34 -37.82
N ASP C 412 -7.79 -44.24 -36.77
CA ASP C 412 -8.33 -43.98 -35.44
C ASP C 412 -9.00 -42.61 -35.45
N PRO C 413 -10.27 -42.51 -35.06
CA PRO C 413 -10.95 -41.20 -35.10
C PRO C 413 -10.24 -40.11 -34.32
N ALA C 414 -9.65 -40.45 -33.16
CA ALA C 414 -8.90 -39.44 -32.41
C ALA C 414 -7.70 -38.94 -33.20
N THR C 415 -6.95 -39.87 -33.80
CA THR C 415 -5.78 -39.48 -34.60
C THR C 415 -6.18 -38.64 -35.80
N VAL C 416 -7.26 -39.03 -36.50
CA VAL C 416 -7.72 -38.28 -37.66
C VAL C 416 -8.16 -36.89 -37.24
N LYS C 417 -8.89 -36.79 -36.13
CA LYS C 417 -9.33 -35.48 -35.63
C LYS C 417 -8.15 -34.59 -35.28
N LYS C 418 -7.16 -35.15 -34.58
CA LYS C 418 -5.99 -34.37 -34.21
C LYS C 418 -5.24 -33.88 -35.44
N TYR C 419 -5.07 -34.75 -36.44
CA TYR C 419 -4.34 -34.33 -37.63
C TYR C 419 -5.13 -33.34 -38.47
N ALA C 420 -6.46 -33.44 -38.47
CA ALA C 420 -7.26 -32.41 -39.15
C ALA C 420 -7.11 -31.06 -38.46
N ARG C 421 -7.14 -31.07 -37.12
CA ARG C 421 -6.94 -29.81 -36.39
C ARG C 421 -5.57 -29.22 -36.68
N LYS C 422 -4.53 -30.07 -36.75
CA LYS C 422 -3.19 -29.56 -37.02
C LYS C 422 -3.01 -29.18 -38.48
N ALA C 423 -3.80 -29.74 -39.40
CA ALA C 423 -3.67 -29.44 -40.81
C ALA C 423 -4.51 -28.25 -41.26
N GLN C 424 -5.50 -27.84 -40.46
CA GLN C 424 -6.21 -26.61 -40.80
C GLN C 424 -5.29 -25.40 -40.74
N LEU C 425 -4.15 -25.51 -40.09
CA LEU C 425 -3.16 -24.44 -39.98
C LEU C 425 -2.18 -24.42 -41.14
N GLY C 426 -2.32 -25.33 -42.10
CA GLY C 426 -1.39 -25.43 -43.21
C GLY C 426 -0.64 -26.75 -43.19
N GLU C 427 0.63 -26.69 -43.61
CA GLU C 427 1.46 -27.87 -43.59
C GLU C 427 1.74 -28.32 -42.16
N ILE C 428 1.82 -29.62 -41.96
CA ILE C 428 1.97 -30.21 -40.64
C ILE C 428 3.46 -30.38 -40.34
N PHE C 429 3.88 -29.88 -39.18
CA PHE C 429 5.28 -29.93 -38.78
C PHE C 429 5.38 -30.46 -37.35
N GLU C 430 6.57 -30.96 -37.02
CA GLU C 430 6.86 -31.47 -35.69
C GLU C 430 7.58 -30.39 -34.89
N PHE C 431 7.15 -30.21 -33.65
CA PHE C 431 7.72 -29.20 -32.76
C PHE C 431 8.08 -29.85 -31.44
N ASP C 432 9.13 -29.30 -30.81
CA ASP C 432 9.55 -29.75 -29.48
C ASP C 432 9.44 -28.55 -28.52
N ARG C 433 8.26 -28.36 -27.97
CA ARG C 433 8.02 -27.27 -27.02
C ARG C 433 8.46 -27.64 -25.61
N SER C 434 9.69 -28.12 -25.49
CA SER C 434 10.25 -28.51 -24.20
C SER C 434 11.59 -27.85 -23.92
N THR C 435 12.41 -27.62 -24.95
CA THR C 435 13.70 -26.97 -24.75
C THR C 435 13.52 -25.54 -24.24
N LEU C 436 12.61 -24.80 -24.84
CA LEU C 436 12.34 -23.43 -24.46
C LEU C 436 11.08 -23.27 -23.62
N GLN C 437 10.43 -24.37 -23.24
CA GLN C 437 9.19 -24.33 -22.47
C GLN C 437 8.15 -23.44 -23.16
N SER C 438 7.90 -23.74 -24.42
CA SER C 438 7.05 -22.88 -25.23
C SER C 438 5.61 -22.88 -24.72
N ASP C 439 4.96 -21.72 -24.84
CA ASP C 439 3.58 -21.59 -24.37
C ASP C 439 2.60 -22.27 -25.30
N GLY C 440 2.87 -22.28 -26.60
CA GLY C 440 1.97 -22.84 -27.58
C GLY C 440 1.18 -21.82 -28.37
N VAL C 441 1.24 -20.55 -28.00
CA VAL C 441 0.56 -19.47 -28.72
C VAL C 441 1.56 -18.81 -29.65
N PHE C 442 1.07 -18.38 -30.82
CA PHE C 442 1.95 -17.83 -31.84
C PHE C 442 2.52 -16.48 -31.42
N ARG C 443 3.72 -16.18 -31.89
CA ARG C 443 4.34 -14.89 -31.77
C ARG C 443 4.43 -14.22 -33.13
N SER C 444 5.08 -13.06 -33.18
CA SER C 444 5.19 -12.28 -34.40
C SER C 444 6.64 -12.23 -34.88
N SER C 445 6.82 -12.29 -36.18
CA SER C 445 8.13 -12.24 -36.80
C SER C 445 8.71 -10.83 -36.69
N PRO C 446 10.02 -10.67 -36.89
CA PRO C 446 10.60 -9.32 -36.82
C PRO C 446 10.00 -8.34 -37.80
N ARG C 447 9.43 -8.81 -38.90
CA ARG C 447 8.75 -7.93 -39.84
C ARG C 447 7.63 -7.15 -39.14
N GLY C 448 6.76 -7.86 -38.42
CA GLY C 448 5.65 -7.20 -37.74
C GLY C 448 6.11 -6.25 -36.66
N TRP C 449 7.11 -6.65 -35.87
CA TRP C 449 7.60 -5.78 -34.80
C TRP C 449 8.22 -4.52 -35.37
N PHE C 450 9.02 -4.65 -36.43
CA PHE C 450 9.62 -3.49 -37.06
C PHE C 450 8.55 -2.55 -37.60
N THR C 451 7.54 -3.11 -38.28
CA THR C 451 6.48 -2.29 -38.84
C THR C 451 5.73 -1.55 -37.74
N PHE C 452 5.38 -2.25 -36.66
CA PHE C 452 4.66 -1.63 -35.57
C PHE C 452 5.46 -0.49 -34.95
N GLY C 453 6.72 -0.76 -34.61
CA GLY C 453 7.53 0.27 -33.99
C GLY C 453 7.69 1.49 -34.87
N HIS C 454 7.96 1.28 -36.16
CA HIS C 454 8.23 2.43 -37.01
C HIS C 454 6.97 3.20 -37.38
N VAL C 455 5.83 2.53 -37.53
CA VAL C 455 4.59 3.27 -37.74
C VAL C 455 4.24 4.11 -36.51
N CYS C 456 4.41 3.54 -35.31
CA CYS C 456 4.14 4.33 -34.11
C CYS C 456 5.07 5.52 -34.01
N PHE C 457 6.36 5.32 -34.31
CA PHE C 457 7.31 6.42 -34.24
C PHE C 457 6.99 7.51 -35.26
N ALA C 458 6.59 7.11 -36.47
CA ALA C 458 6.20 8.09 -37.48
C ALA C 458 4.96 8.87 -37.04
N LEU C 459 3.99 8.18 -36.44
CA LEU C 459 2.78 8.84 -36.00
C LEU C 459 3.09 9.87 -34.91
N LEU C 460 3.98 9.53 -33.97
CA LEU C 460 4.36 10.49 -32.94
C LEU C 460 5.17 11.64 -33.52
N PHE C 461 6.06 11.34 -34.48
CA PHE C 461 6.86 12.40 -35.08
C PHE C 461 6.00 13.34 -35.92
N PHE C 462 4.82 12.90 -36.37
CA PHE C 462 3.91 13.85 -37.00
C PHE C 462 3.51 14.96 -36.04
N PHE C 463 3.13 14.59 -34.81
CA PHE C 463 2.81 15.59 -33.80
C PHE C 463 4.05 16.42 -33.46
N GLY C 464 5.21 15.78 -33.43
CA GLY C 464 6.43 16.54 -33.21
C GLY C 464 6.64 17.63 -34.26
N HIS C 465 6.44 17.26 -35.53
CA HIS C 465 6.55 18.24 -36.61
C HIS C 465 5.54 19.35 -36.45
N ILE C 466 4.29 19.01 -36.12
CA ILE C 466 3.27 20.02 -35.93
C ILE C 466 3.68 21.01 -34.85
N TRP C 467 4.11 20.48 -33.70
CA TRP C 467 4.45 21.35 -32.57
C TRP C 467 5.63 22.25 -32.90
N HIS C 468 6.70 21.68 -33.48
CA HIS C 468 7.89 22.48 -33.73
C HIS C 468 7.66 23.49 -34.85
N GLY C 469 6.88 23.13 -35.87
CA GLY C 469 6.53 24.11 -36.89
C GLY C 469 5.68 25.24 -36.33
N ALA C 470 4.74 24.91 -35.43
CA ALA C 470 3.94 25.95 -34.80
C ALA C 470 4.80 26.88 -33.97
N ARG C 471 5.77 26.32 -33.24
CA ARG C 471 6.68 27.15 -32.46
C ARG C 471 7.51 28.06 -33.37
N THR C 472 7.96 27.53 -34.52
CA THR C 472 8.76 28.33 -35.43
C THR C 472 7.96 29.48 -36.02
N ILE C 473 6.75 29.19 -36.52
CA ILE C 473 5.96 30.21 -37.19
C ILE C 473 5.54 31.30 -36.21
N PHE C 474 5.26 30.91 -34.97
CA PHE C 474 4.72 31.81 -33.95
C PHE C 474 5.76 32.14 -32.89
N ARG C 475 7.02 32.36 -33.32
CA ARG C 475 8.09 32.59 -32.37
C ARG C 475 7.87 33.88 -31.56
N ASP C 476 7.33 34.91 -32.20
CA ASP C 476 7.19 36.20 -31.54
C ASP C 476 6.23 36.12 -30.36
N VAL C 477 5.07 35.49 -30.55
CA VAL C 477 4.11 35.39 -29.46
C VAL C 477 4.59 34.43 -28.39
N PHE C 478 5.25 33.35 -28.80
CA PHE C 478 5.73 32.37 -27.82
C PHE C 478 6.81 32.96 -26.93
N ALA C 479 7.76 33.69 -27.52
CA ALA C 479 8.85 34.26 -26.74
C ALA C 479 8.34 35.30 -25.75
N GLY C 480 7.43 36.16 -26.19
CA GLY C 480 6.89 37.22 -25.34
C GLY C 480 5.40 37.40 -25.48
N GLY D 1 -48.51 41.22 -19.27
CA GLY D 1 -47.37 40.61 -18.63
C GLY D 1 -46.34 41.61 -18.15
N ARG D 2 -45.13 41.13 -17.87
CA ARG D 2 -44.03 41.96 -17.40
C ARG D 2 -42.86 41.83 -18.37
N ASP D 3 -41.77 42.51 -18.05
CA ASP D 3 -40.53 42.44 -18.83
C ASP D 3 -39.36 42.20 -17.88
N GLN D 4 -38.18 41.98 -18.47
CA GLN D 4 -37.02 41.64 -17.67
C GLN D 4 -36.58 42.80 -16.78
N GLU D 5 -36.68 44.03 -17.28
CA GLU D 5 -36.21 45.17 -16.52
C GLU D 5 -36.99 45.35 -15.22
N THR D 6 -38.31 45.16 -15.27
CA THR D 6 -39.13 45.35 -14.08
C THR D 6 -38.97 44.20 -13.10
N THR D 7 -38.89 42.98 -13.60
CA THR D 7 -38.89 41.80 -12.74
C THR D 7 -37.50 41.22 -12.49
N GLY D 8 -36.60 41.29 -13.46
CA GLY D 8 -35.30 40.68 -13.34
C GLY D 8 -35.22 39.24 -13.81
N PHE D 9 -36.32 38.68 -14.31
CA PHE D 9 -36.36 37.31 -14.81
C PHE D 9 -36.53 37.33 -16.32
N ALA D 10 -35.69 36.58 -17.01
CA ALA D 10 -35.77 36.50 -18.47
C ALA D 10 -37.03 35.74 -18.89
N TRP D 11 -37.28 35.73 -20.20
CA TRP D 11 -38.47 35.06 -20.70
C TRP D 11 -38.45 33.57 -20.41
N TRP D 12 -37.30 32.93 -20.56
CA TRP D 12 -37.17 31.50 -20.29
C TRP D 12 -37.31 31.16 -18.81
N SER D 13 -37.55 32.16 -17.96
CA SER D 13 -37.91 31.93 -16.56
C SER D 13 -39.14 32.74 -16.18
N GLY D 14 -40.03 33.01 -17.14
CA GLY D 14 -41.07 33.99 -16.94
C GLY D 14 -42.03 33.63 -15.82
N ASN D 15 -42.30 32.33 -15.65
CA ASN D 15 -43.24 31.93 -14.61
C ASN D 15 -42.73 32.23 -13.21
N ALA D 16 -41.44 32.55 -13.07
CA ALA D 16 -40.93 33.00 -11.78
C ALA D 16 -41.42 34.39 -11.41
N ARG D 17 -41.99 35.13 -12.35
CA ARG D 17 -42.50 36.47 -12.07
C ARG D 17 -43.77 36.46 -11.24
N LEU D 18 -44.38 35.30 -11.03
CA LEU D 18 -45.67 35.19 -10.35
C LEU D 18 -45.55 34.81 -8.89
N ILE D 19 -44.34 34.84 -8.33
CA ILE D 19 -44.16 34.40 -6.95
C ILE D 19 -44.93 35.31 -6.00
N ASN D 20 -44.96 36.61 -6.29
CA ASN D 20 -45.63 37.58 -5.42
C ASN D 20 -46.88 38.16 -6.08
N LEU D 21 -47.53 37.40 -6.96
CA LEU D 21 -48.78 37.80 -7.61
C LEU D 21 -49.78 36.68 -7.38
N SER D 22 -50.58 36.79 -6.32
CA SER D 22 -51.45 35.70 -5.92
C SER D 22 -52.52 35.41 -6.96
N GLY D 23 -53.12 36.46 -7.54
CA GLY D 23 -54.19 36.23 -8.50
C GLY D 23 -53.71 35.54 -9.75
N LYS D 24 -52.58 36.00 -10.32
CA LYS D 24 -52.05 35.39 -11.53
C LYS D 24 -51.58 33.96 -11.26
N LEU D 25 -50.95 33.74 -10.11
CA LEU D 25 -50.52 32.39 -9.76
C LEU D 25 -51.70 31.45 -9.61
N LEU D 26 -52.77 31.92 -8.97
CA LEU D 26 -53.96 31.10 -8.83
C LEU D 26 -54.57 30.79 -10.19
N GLY D 27 -54.63 31.78 -11.08
CA GLY D 27 -55.13 31.53 -12.42
C GLY D 27 -54.30 30.50 -13.17
N ALA D 28 -52.98 30.58 -13.03
CA ALA D 28 -52.10 29.61 -13.67
C ALA D 28 -52.35 28.21 -13.14
N HIS D 29 -52.48 28.07 -11.82
CA HIS D 29 -52.73 26.76 -11.24
C HIS D 29 -54.05 26.19 -11.70
N VAL D 30 -55.10 27.02 -11.75
CA VAL D 30 -56.41 26.54 -12.19
C VAL D 30 -56.37 26.13 -13.65
N ALA D 31 -55.68 26.91 -14.49
CA ALA D 31 -55.56 26.54 -15.90
C ALA D 31 -54.81 25.22 -16.07
N HIS D 32 -53.77 25.00 -15.28
CA HIS D 32 -53.05 23.74 -15.37
C HIS D 32 -53.90 22.56 -14.92
N ALA D 33 -54.70 22.76 -13.87
CA ALA D 33 -55.63 21.70 -13.45
C ALA D 33 -56.63 21.41 -14.55
N GLY D 34 -57.14 22.45 -15.21
CA GLY D 34 -58.01 22.24 -16.35
C GLY D 34 -57.34 21.45 -17.45
N LEU D 35 -56.05 21.73 -17.69
CA LEU D 35 -55.30 20.96 -18.68
C LEU D 35 -55.21 19.48 -18.29
N ILE D 36 -54.95 19.20 -17.02
CA ILE D 36 -54.86 17.81 -16.56
C ILE D 36 -56.19 17.10 -16.81
N VAL D 37 -57.29 17.73 -16.40
CA VAL D 37 -58.59 17.09 -16.55
C VAL D 37 -58.94 16.94 -18.03
N PHE D 38 -58.55 17.91 -18.85
CA PHE D 38 -58.82 17.81 -20.28
C PHE D 38 -58.07 16.65 -20.90
N TRP D 39 -56.81 16.46 -20.53
CA TRP D 39 -56.07 15.31 -21.04
C TRP D 39 -56.72 14.01 -20.59
N ALA D 40 -57.14 13.95 -19.32
CA ALA D 40 -57.80 12.73 -18.84
C ALA D 40 -59.02 12.40 -19.68
N GLY D 41 -59.91 13.38 -19.87
CA GLY D 41 -61.12 13.13 -20.64
C GLY D 41 -60.83 12.78 -22.10
N ALA D 42 -59.92 13.53 -22.73
CA ALA D 42 -59.61 13.30 -24.14
C ALA D 42 -59.00 11.92 -24.35
N MET D 43 -58.07 11.53 -23.47
CA MET D 43 -57.44 10.22 -23.62
C MET D 43 -58.43 9.11 -23.33
N ASN D 44 -59.33 9.31 -22.36
CA ASN D 44 -60.36 8.30 -22.11
C ASN D 44 -61.23 8.10 -23.33
N LEU D 45 -61.66 9.20 -23.96
CA LEU D 45 -62.47 9.08 -25.17
C LEU D 45 -61.68 8.42 -26.30
N PHE D 46 -60.41 8.77 -26.43
CA PHE D 46 -59.58 8.17 -27.48
C PHE D 46 -59.46 6.67 -27.30
N GLU D 47 -59.24 6.22 -26.06
CA GLU D 47 -59.14 4.79 -25.81
C GLU D 47 -60.48 4.09 -26.03
N VAL D 48 -61.59 4.76 -25.66
CA VAL D 48 -62.90 4.17 -25.88
C VAL D 48 -63.17 3.97 -27.37
N SER D 49 -62.85 4.97 -28.18
CA SER D 49 -63.12 4.88 -29.61
C SER D 49 -62.29 3.82 -30.30
N HIS D 50 -61.15 3.43 -29.74
CA HIS D 50 -60.28 2.42 -30.33
C HIS D 50 -60.34 1.09 -29.61
N PHE D 51 -61.28 0.92 -28.68
CA PHE D 51 -61.33 -0.28 -27.86
C PHE D 51 -62.17 -1.36 -28.52
N VAL D 52 -61.60 -2.56 -28.66
CA VAL D 52 -62.34 -3.72 -29.14
C VAL D 52 -62.57 -4.64 -27.94
N PRO D 53 -63.81 -4.72 -27.44
CA PRO D 53 -64.04 -5.46 -26.19
C PRO D 53 -63.73 -6.95 -26.28
N GLU D 54 -63.67 -7.52 -27.48
CA GLU D 54 -63.38 -8.95 -27.60
C GLU D 54 -61.97 -9.28 -27.12
N LYS D 55 -61.00 -8.43 -27.47
CA LYS D 55 -59.61 -8.66 -27.09
C LYS D 55 -59.33 -8.12 -25.69
N PRO D 56 -58.31 -8.64 -25.02
CA PRO D 56 -57.96 -8.12 -23.70
C PRO D 56 -57.45 -6.69 -23.77
N MET D 57 -57.60 -5.97 -22.66
CA MET D 57 -57.20 -4.57 -22.62
C MET D 57 -55.70 -4.40 -22.82
N TYR D 58 -54.89 -5.26 -22.18
CA TYR D 58 -53.44 -5.11 -22.26
C TYR D 58 -52.89 -5.41 -23.65
N GLU D 59 -53.68 -6.02 -24.53
CA GLU D 59 -53.24 -6.33 -25.87
C GLU D 59 -53.48 -5.20 -26.85
N GLN D 60 -54.07 -4.09 -26.40
CA GLN D 60 -54.36 -2.94 -27.26
C GLN D 60 -53.68 -1.66 -26.80
N GLY D 61 -52.79 -1.75 -25.80
CA GLY D 61 -52.07 -0.58 -25.33
C GLY D 61 -52.93 0.48 -24.70
N LEU D 62 -53.83 0.08 -23.81
CA LEU D 62 -54.69 1.01 -23.09
C LEU D 62 -54.22 1.12 -21.65
N ILE D 63 -54.13 2.35 -21.15
CA ILE D 63 -53.59 2.60 -19.81
C ILE D 63 -54.59 3.30 -18.89
N LEU D 64 -55.69 3.85 -19.41
CA LEU D 64 -56.67 4.51 -18.57
C LEU D 64 -57.89 3.66 -18.31
N LEU D 65 -58.39 2.95 -19.32
CA LEU D 65 -59.50 2.02 -19.11
C LEU D 65 -59.21 0.97 -18.04
N PRO D 66 -58.00 0.42 -17.90
CA PRO D 66 -57.75 -0.53 -16.80
C PRO D 66 -58.06 0.04 -15.43
N HIS D 67 -57.81 1.32 -15.19
CA HIS D 67 -58.13 1.91 -13.90
C HIS D 67 -59.63 1.86 -13.63
N ILE D 68 -60.44 2.28 -14.61
CA ILE D 68 -61.89 2.28 -14.43
C ILE D 68 -62.41 0.86 -14.28
N ALA D 69 -61.83 -0.07 -15.04
CA ALA D 69 -62.23 -1.48 -14.91
C ALA D 69 -61.90 -2.01 -13.53
N THR D 70 -60.73 -1.68 -13.00
CA THR D 70 -60.38 -2.08 -11.64
C THR D 70 -61.34 -1.49 -10.63
N LEU D 71 -61.83 -0.27 -10.89
CA LEU D 71 -62.87 0.29 -10.04
C LEU D 71 -64.17 -0.49 -10.13
N GLY D 72 -64.33 -1.35 -11.14
CA GLY D 72 -65.48 -2.23 -11.21
C GLY D 72 -66.64 -1.67 -12.01
N TYR D 73 -66.35 -1.10 -13.18
CA TYR D 73 -67.37 -0.53 -14.05
C TYR D 73 -67.39 -1.28 -15.36
N GLY D 74 -68.54 -1.85 -15.71
CA GLY D 74 -68.70 -2.56 -16.96
C GLY D 74 -67.78 -3.75 -17.12
N VAL D 75 -67.64 -4.56 -16.07
CA VAL D 75 -66.75 -5.71 -16.08
C VAL D 75 -67.47 -6.89 -15.43
N GLY D 76 -67.38 -8.05 -16.07
CA GLY D 76 -67.97 -9.26 -15.53
C GLY D 76 -66.92 -10.19 -14.95
N PRO D 77 -67.31 -11.43 -14.68
CA PRO D 77 -66.34 -12.40 -14.12
C PRO D 77 -65.19 -12.65 -15.07
N GLY D 78 -63.99 -12.80 -14.50
CA GLY D 78 -62.82 -13.09 -15.28
C GLY D 78 -62.26 -11.93 -16.07
N GLY D 79 -62.75 -10.72 -15.84
CA GLY D 79 -62.31 -9.56 -16.59
C GLY D 79 -63.04 -9.33 -17.90
N GLU D 80 -64.06 -10.12 -18.21
CA GLU D 80 -64.83 -9.92 -19.42
C GLU D 80 -65.60 -8.61 -19.36
N ILE D 81 -65.68 -7.91 -20.49
CA ILE D 81 -66.31 -6.59 -20.57
C ILE D 81 -67.76 -6.78 -21.01
N ILE D 82 -68.68 -6.18 -20.26
CA ILE D 82 -70.10 -6.26 -20.56
C ILE D 82 -70.49 -5.12 -21.49
N ASP D 83 -70.22 -3.88 -21.05
CA ASP D 83 -70.53 -2.71 -21.85
C ASP D 83 -69.50 -1.62 -21.57
N THR D 84 -69.38 -0.69 -22.52
CA THR D 84 -68.36 0.36 -22.45
C THR D 84 -68.94 1.74 -22.20
N PHE D 85 -70.23 1.83 -21.87
CA PHE D 85 -70.83 3.14 -21.61
C PHE D 85 -70.21 3.88 -20.43
N PRO D 86 -69.93 3.25 -19.28
CA PRO D 86 -69.34 4.03 -18.16
C PRO D 86 -68.03 4.70 -18.51
N TYR D 87 -67.19 4.08 -19.35
CA TYR D 87 -65.96 4.72 -19.78
C TYR D 87 -66.26 6.00 -20.56
N PHE D 88 -67.24 5.93 -21.46
CA PHE D 88 -67.66 7.12 -22.20
C PHE D 88 -68.16 8.21 -21.27
N VAL D 89 -68.94 7.81 -20.25
CA VAL D 89 -69.47 8.79 -19.31
C VAL D 89 -68.34 9.48 -18.55
N SER D 90 -67.37 8.71 -18.07
CA SER D 90 -66.25 9.31 -17.36
C SER D 90 -65.47 10.25 -18.26
N GLY D 91 -65.24 9.84 -19.52
CA GLY D 91 -64.52 10.69 -20.44
C GLY D 91 -65.21 12.02 -20.67
N VAL D 92 -66.52 11.98 -20.94
CA VAL D 92 -67.23 13.22 -21.24
C VAL D 92 -67.32 14.09 -19.99
N LEU D 93 -67.48 13.49 -18.81
CA LEU D 93 -67.56 14.28 -17.59
C LEU D 93 -66.26 15.01 -17.32
N HIS D 94 -65.11 14.31 -17.42
CA HIS D 94 -63.84 15.00 -17.31
C HIS D 94 -63.68 16.07 -18.39
N LEU D 95 -64.14 15.82 -19.60
CA LEU D 95 -63.98 16.82 -20.66
C LEU D 95 -64.71 18.11 -20.32
N ILE D 96 -65.99 18.00 -19.92
CA ILE D 96 -66.76 19.20 -19.64
C ILE D 96 -66.25 19.92 -18.40
N SER D 97 -65.89 19.17 -17.35
CA SER D 97 -65.34 19.79 -16.16
C SER D 97 -64.04 20.52 -16.49
N SER D 98 -63.25 19.97 -17.41
CA SER D 98 -62.03 20.63 -17.84
C SER D 98 -62.33 21.91 -18.59
N ALA D 99 -63.40 21.92 -19.39
CA ALA D 99 -63.79 23.17 -20.04
C ALA D 99 -64.10 24.25 -19.01
N VAL D 100 -64.85 23.90 -17.98
CA VAL D 100 -65.19 24.88 -16.94
C VAL D 100 -63.93 25.36 -16.23
N LEU D 101 -63.05 24.43 -15.87
CA LEU D 101 -61.81 24.79 -15.18
C LEU D 101 -60.93 25.68 -16.04
N GLY D 102 -60.87 25.40 -17.34
CA GLY D 102 -60.08 26.24 -18.23
C GLY D 102 -60.63 27.65 -18.33
N PHE D 103 -61.96 27.78 -18.40
CA PHE D 103 -62.54 29.12 -18.38
C PHE D 103 -62.16 29.86 -17.10
N GLY D 104 -62.26 29.18 -15.96
CA GLY D 104 -61.86 29.80 -14.71
C GLY D 104 -60.41 30.23 -14.70
N GLY D 105 -59.53 29.37 -15.22
CA GLY D 105 -58.11 29.70 -15.24
C GLY D 105 -57.80 30.89 -16.12
N VAL D 106 -58.38 30.93 -17.31
CA VAL D 106 -58.10 32.05 -18.21
C VAL D 106 -58.66 33.34 -17.64
N TYR D 107 -59.82 33.27 -16.98
CA TYR D 107 -60.35 34.48 -16.35
C TYR D 107 -59.41 34.97 -15.25
N HIS D 108 -59.03 34.08 -14.33
CA HIS D 108 -58.18 34.49 -13.22
C HIS D 108 -56.79 34.91 -13.66
N SER D 109 -56.36 34.48 -14.85
CA SER D 109 -55.04 34.85 -15.35
C SER D 109 -55.05 36.15 -16.15
N LEU D 110 -56.15 36.48 -16.83
CA LEU D 110 -56.19 37.66 -17.68
C LEU D 110 -56.95 38.83 -17.07
N ILE D 111 -58.12 38.58 -16.47
CA ILE D 111 -58.96 39.66 -15.98
C ILE D 111 -58.92 39.80 -14.45
N GLY D 112 -58.78 38.70 -13.72
CA GLY D 112 -58.83 38.75 -12.28
C GLY D 112 -57.76 39.62 -11.67
N PRO D 113 -57.92 39.98 -10.40
CA PRO D 113 -56.97 40.89 -9.75
C PRO D 113 -55.56 40.30 -9.73
N GLU D 114 -54.57 41.16 -9.92
CA GLU D 114 -53.19 40.70 -9.91
C GLU D 114 -52.80 40.15 -8.54
N THR D 115 -53.06 40.93 -7.49
CA THR D 115 -52.82 40.50 -6.11
C THR D 115 -54.12 40.63 -5.34
N LEU D 116 -54.48 39.58 -4.61
CA LEU D 116 -55.73 39.52 -3.87
C LEU D 116 -55.53 39.51 -2.37
N GLU D 117 -54.44 40.14 -1.90
CA GLU D 117 -54.16 40.22 -0.48
C GLU D 117 -55.02 41.25 0.25
N GLU D 118 -55.63 42.20 -0.46
CA GLU D 118 -56.38 43.26 0.18
C GLU D 118 -57.86 43.27 -0.21
N SER D 119 -58.21 42.91 -1.44
CA SER D 119 -59.61 42.87 -1.82
C SER D 119 -60.31 41.64 -1.27
N TYR D 120 -59.60 40.51 -1.17
CA TYR D 120 -60.15 39.26 -0.67
C TYR D 120 -59.20 38.73 0.40
N PRO D 121 -59.28 39.26 1.61
CA PRO D 121 -58.32 38.88 2.66
C PRO D 121 -58.37 37.40 3.01
N PHE D 122 -59.51 36.74 2.83
CA PHE D 122 -59.59 35.31 3.14
C PHE D 122 -58.67 34.50 2.25
N PHE D 123 -58.64 34.80 0.96
CA PHE D 123 -57.81 34.07 0.02
C PHE D 123 -56.39 34.60 -0.07
N GLY D 124 -56.12 35.78 0.48
CA GLY D 124 -54.78 36.32 0.41
C GLY D 124 -53.83 35.60 1.33
N TYR D 125 -52.53 35.72 1.02
CA TYR D 125 -51.52 35.02 1.80
C TYR D 125 -50.16 35.63 1.50
N VAL D 126 -49.33 35.75 2.52
CA VAL D 126 -47.93 36.09 2.40
C VAL D 126 -47.12 34.82 2.63
N TRP D 127 -46.11 34.59 1.78
CA TRP D 127 -45.40 33.32 1.80
C TRP D 127 -44.79 33.02 3.17
N LYS D 128 -44.52 34.06 3.97
CA LYS D 128 -43.92 33.89 5.29
C LYS D 128 -44.94 34.05 6.41
N ASP D 129 -46.22 33.91 6.11
CA ASP D 129 -47.25 34.12 7.13
C ASP D 129 -47.16 33.07 8.23
N LYS D 130 -46.88 31.81 7.85
CA LYS D 130 -46.74 30.66 8.74
C LYS D 130 -48.04 30.25 9.40
N ASN D 131 -49.13 30.96 9.17
CA ASN D 131 -50.44 30.59 9.70
C ASN D 131 -51.48 30.40 8.62
N LYS D 132 -51.47 31.25 7.58
CA LYS D 132 -52.36 31.03 6.45
C LYS D 132 -51.93 29.82 5.63
N MET D 133 -50.63 29.58 5.55
CA MET D 133 -50.13 28.41 4.82
C MET D 133 -50.64 27.11 5.45
N THR D 134 -50.64 27.03 6.79
CA THR D 134 -51.20 25.86 7.44
C THR D 134 -52.69 25.76 7.20
N ASN D 135 -53.39 26.88 7.09
CA ASN D 135 -54.81 26.84 6.79
C ASN D 135 -55.06 26.22 5.42
N ILE D 136 -54.30 26.65 4.41
CA ILE D 136 -54.43 26.09 3.07
C ILE D 136 -54.09 24.61 3.08
N LEU D 137 -53.02 24.24 3.79
CA LEU D 137 -52.62 22.85 3.88
C LEU D 137 -53.72 22.01 4.52
N GLY D 138 -54.37 22.53 5.56
CA GLY D 138 -55.46 21.81 6.19
C GLY D 138 -56.66 21.65 5.27
N TYR D 139 -57.01 22.71 4.53
CA TYR D 139 -58.11 22.60 3.58
C TYR D 139 -57.86 21.49 2.59
N HIS D 140 -56.66 21.47 2.01
CA HIS D 140 -56.38 20.48 0.97
C HIS D 140 -56.21 19.09 1.57
N LEU D 141 -55.73 18.98 2.81
CA LEU D 141 -55.71 17.69 3.49
C LEU D 141 -57.11 17.15 3.68
N ILE D 142 -58.05 18.02 4.07
CA ILE D 142 -59.44 17.59 4.22
C ILE D 142 -59.99 17.12 2.89
N MET D 143 -59.68 17.84 1.80
CA MET D 143 -60.15 17.43 0.49
C MET D 143 -59.60 16.05 0.10
N LEU D 144 -58.31 15.82 0.35
CA LEU D 144 -57.71 14.52 0.05
C LEU D 144 -58.35 13.41 0.87
N GLY D 145 -58.60 13.67 2.15
CA GLY D 145 -59.28 12.69 2.97
C GLY D 145 -60.68 12.38 2.47
N LEU D 146 -61.38 13.41 1.99
CA LEU D 146 -62.70 13.18 1.41
C LEU D 146 -62.61 12.32 0.18
N GLY D 147 -61.59 12.52 -0.65
CA GLY D 147 -61.41 11.67 -1.82
C GLY D 147 -61.14 10.22 -1.44
N ALA D 148 -60.29 10.00 -0.44
CA ALA D 148 -60.03 8.64 0.01
C ALA D 148 -61.29 7.97 0.54
N TRP D 149 -62.08 8.71 1.33
CA TRP D 149 -63.34 8.16 1.82
C TRP D 149 -64.33 7.91 0.69
N LEU D 150 -64.26 8.72 -0.37
CA LEU D 150 -65.08 8.46 -1.55
C LEU D 150 -64.71 7.13 -2.19
N LEU D 151 -63.41 6.85 -2.30
CA LEU D 151 -63.00 5.55 -2.81
C LEU D 151 -63.49 4.42 -1.90
N VAL D 152 -63.41 4.62 -0.58
CA VAL D 152 -63.87 3.60 0.35
C VAL D 152 -65.35 3.33 0.18
N TRP D 153 -66.15 4.39 0.05
CA TRP D 153 -67.58 4.23 -0.16
C TRP D 153 -67.87 3.51 -1.46
N LYS D 154 -67.14 3.84 -2.53
CA LYS D 154 -67.32 3.14 -3.79
C LYS D 154 -67.04 1.65 -3.63
N ALA D 155 -65.97 1.30 -2.92
CA ALA D 155 -65.64 -0.10 -2.74
C ALA D 155 -66.60 -0.83 -1.81
N MET D 156 -67.26 -0.11 -0.92
CA MET D 156 -68.04 -0.75 0.14
C MET D 156 -69.55 -0.74 -0.11
N TYR D 157 -70.10 0.35 -0.62
CA TYR D 157 -71.55 0.49 -0.77
C TYR D 157 -71.99 0.54 -2.23
N PHE D 158 -71.46 1.49 -3.01
CA PHE D 158 -71.90 1.69 -4.40
C PHE D 158 -71.17 0.69 -5.29
N GLY D 159 -71.83 -0.44 -5.57
CA GLY D 159 -71.17 -1.48 -6.35
C GLY D 159 -70.03 -2.08 -5.57
N GLY D 160 -68.97 -2.44 -6.28
CA GLY D 160 -67.79 -3.00 -5.64
C GLY D 160 -66.53 -2.74 -6.43
N VAL D 161 -65.45 -3.41 -6.06
CA VAL D 161 -64.18 -3.30 -6.77
C VAL D 161 -63.84 -4.68 -7.33
N TYR D 162 -62.97 -4.69 -8.33
CA TYR D 162 -62.59 -5.92 -9.01
C TYR D 162 -61.59 -6.68 -8.16
N ASP D 163 -62.07 -7.65 -7.40
CA ASP D 163 -61.20 -8.53 -6.64
C ASP D 163 -60.68 -9.62 -7.56
N THR D 164 -59.37 -9.63 -7.79
CA THR D 164 -58.74 -10.63 -8.65
C THR D 164 -58.39 -11.92 -7.90
N TRP D 165 -58.55 -11.94 -6.58
CA TRP D 165 -58.28 -13.13 -5.79
C TRP D 165 -59.56 -13.91 -5.46
N ALA D 166 -60.68 -13.54 -6.06
CA ALA D 166 -61.92 -14.25 -5.84
C ALA D 166 -61.82 -15.67 -6.40
N PRO D 167 -62.62 -16.60 -5.89
CA PRO D 167 -62.56 -17.98 -6.39
C PRO D 167 -62.79 -18.05 -7.89
N GLY D 168 -62.04 -18.93 -8.55
CA GLY D 168 -62.03 -18.92 -9.99
C GLY D 168 -61.36 -17.63 -10.48
N GLY D 169 -61.80 -17.19 -11.66
CA GLY D 169 -61.39 -15.87 -12.12
C GLY D 169 -61.98 -14.78 -11.25
N GLY D 170 -61.22 -13.72 -11.06
CA GLY D 170 -61.69 -12.61 -10.24
C GLY D 170 -62.90 -11.93 -10.84
N ASP D 171 -63.59 -11.16 -9.99
CA ASP D 171 -64.81 -10.49 -10.41
C ASP D 171 -65.06 -9.33 -9.46
N VAL D 172 -66.15 -8.58 -9.72
CA VAL D 172 -66.50 -7.47 -8.86
C VAL D 172 -67.08 -7.99 -7.56
N ARG D 173 -66.64 -7.42 -6.44
CA ARG D 173 -67.07 -7.86 -5.13
C ARG D 173 -67.16 -6.64 -4.22
N VAL D 174 -67.97 -6.76 -3.17
CA VAL D 174 -68.12 -5.72 -2.16
C VAL D 174 -67.24 -6.10 -0.97
N ILE D 175 -66.46 -5.14 -0.49
CA ILE D 175 -65.55 -5.38 0.64
C ILE D 175 -66.34 -5.08 1.90
N THR D 176 -66.99 -6.12 2.44
CA THR D 176 -67.84 -5.95 3.62
C THR D 176 -67.01 -5.80 4.88
N ASN D 177 -65.82 -6.39 4.95
CA ASN D 177 -65.00 -6.39 6.15
C ASN D 177 -63.58 -5.94 5.82
N PRO D 178 -63.38 -4.63 5.62
CA PRO D 178 -62.03 -4.13 5.41
C PRO D 178 -61.17 -4.33 6.65
N THR D 179 -59.87 -4.53 6.43
CA THR D 179 -58.94 -4.79 7.52
C THR D 179 -58.57 -3.46 8.17
N THR D 180 -59.20 -3.15 9.29
CA THR D 180 -58.94 -1.90 10.00
C THR D 180 -57.99 -2.08 11.18
N ASN D 181 -57.45 -3.28 11.38
CA ASN D 181 -56.53 -3.52 12.48
C ASN D 181 -55.28 -2.67 12.31
N ALA D 182 -54.86 -2.01 13.39
CA ALA D 182 -53.73 -1.09 13.32
C ALA D 182 -52.44 -1.83 12.99
N ALA D 183 -52.21 -2.97 13.63
CA ALA D 183 -50.96 -3.70 13.42
C ALA D 183 -50.81 -4.15 11.97
N VAL D 184 -51.88 -4.72 11.42
CA VAL D 184 -51.82 -5.20 10.03
C VAL D 184 -51.61 -4.04 9.07
N ILE D 185 -52.32 -2.94 9.29
CA ILE D 185 -52.22 -1.78 8.39
C ILE D 185 -50.83 -1.18 8.43
N PHE D 186 -50.27 -1.01 9.62
CA PHE D 186 -48.99 -0.33 9.76
C PHE D 186 -47.80 -1.27 9.65
N GLY D 187 -48.02 -2.57 9.53
CA GLY D 187 -46.91 -3.48 9.24
C GLY D 187 -46.32 -3.24 7.86
N TYR D 188 -47.16 -2.85 6.89
CA TYR D 188 -46.68 -2.63 5.53
C TYR D 188 -45.69 -1.48 5.48
N LEU D 189 -45.98 -0.40 6.20
CA LEU D 189 -45.15 0.80 6.10
C LEU D 189 -43.73 0.56 6.62
N VAL D 190 -43.60 -0.14 7.75
CA VAL D 190 -42.30 -0.39 8.34
C VAL D 190 -41.64 -1.65 7.79
N LYS D 191 -42.30 -2.36 6.89
CA LYS D 191 -41.69 -3.53 6.27
C LYS D 191 -40.52 -3.12 5.39
N SER D 192 -39.55 -4.02 5.26
CA SER D 192 -38.40 -3.73 4.43
C SER D 192 -38.79 -3.67 2.96
N PRO D 193 -38.08 -2.87 2.16
CA PRO D 193 -38.39 -2.78 0.73
C PRO D 193 -37.70 -3.83 -0.13
N PHE D 194 -36.81 -4.65 0.43
CA PHE D 194 -36.05 -5.59 -0.37
C PHE D 194 -36.93 -6.78 -0.76
N GLY D 195 -36.29 -7.75 -1.41
CA GLY D 195 -37.04 -8.88 -1.95
C GLY D 195 -37.72 -9.68 -0.85
N GLY D 196 -38.84 -10.29 -1.20
CA GLY D 196 -39.66 -11.06 -0.28
C GLY D 196 -40.62 -10.23 0.53
N ASP D 197 -40.20 -9.03 0.95
CA ASP D 197 -41.07 -8.14 1.73
C ASP D 197 -41.80 -7.16 0.82
N GLY D 198 -41.05 -6.32 0.10
CA GLY D 198 -41.62 -5.47 -0.92
C GLY D 198 -42.32 -4.21 -0.46
N TRP D 199 -42.35 -3.95 0.84
CA TRP D 199 -42.95 -2.72 1.39
C TRP D 199 -44.42 -2.70 0.97
N ILE D 200 -45.03 -1.52 0.79
CA ILE D 200 -46.46 -1.44 0.48
C ILE D 200 -46.81 -2.07 -0.85
N CYS D 201 -45.82 -2.43 -1.67
CA CYS D 201 -46.11 -3.15 -2.90
C CYS D 201 -46.49 -4.60 -2.65
N SER D 202 -46.57 -5.05 -1.40
CA SER D 202 -46.89 -6.43 -1.09
C SER D 202 -48.36 -6.64 -0.72
N VAL D 203 -49.20 -5.63 -0.89
CA VAL D 203 -50.62 -5.79 -0.57
C VAL D 203 -51.22 -6.82 -1.52
N ASP D 204 -51.87 -7.84 -0.95
CA ASP D 204 -52.33 -8.98 -1.72
C ASP D 204 -53.82 -9.25 -1.54
N ASN D 205 -54.59 -8.26 -1.08
CA ASN D 205 -56.03 -8.42 -0.97
C ASN D 205 -56.67 -7.04 -0.92
N MET D 206 -57.93 -6.98 -1.37
CA MET D 206 -58.63 -5.71 -1.40
C MET D 206 -59.01 -5.23 0.00
N GLU D 207 -59.16 -6.16 0.95
CA GLU D 207 -59.52 -5.78 2.31
C GLU D 207 -58.45 -4.87 2.92
N ASP D 208 -57.18 -5.24 2.74
CA ASP D 208 -56.09 -4.41 3.26
C ASP D 208 -56.08 -3.05 2.61
N ILE D 209 -56.30 -2.98 1.30
CA ILE D 209 -56.30 -1.70 0.59
C ILE D 209 -57.41 -0.81 1.13
N ILE D 210 -58.61 -1.36 1.30
CA ILE D 210 -59.74 -0.55 1.74
C ILE D 210 -59.55 -0.11 3.19
N GLY D 211 -59.04 -0.99 4.04
CA GLY D 211 -58.75 -0.59 5.42
C GLY D 211 -57.70 0.49 5.48
N GLY D 212 -56.65 0.37 4.67
CA GLY D 212 -55.64 1.41 4.63
C GLY D 212 -56.19 2.74 4.15
N HIS D 213 -57.09 2.69 3.17
CA HIS D 213 -57.68 3.94 2.69
C HIS D 213 -58.59 4.56 3.73
N ILE D 214 -59.31 3.73 4.49
CA ILE D 214 -60.07 4.25 5.63
C ILE D 214 -59.14 4.97 6.60
N TRP D 215 -58.03 4.31 6.95
CA TRP D 215 -57.09 4.88 7.90
C TRP D 215 -56.52 6.20 7.38
N ILE D 216 -56.13 6.24 6.11
CA ILE D 216 -55.49 7.44 5.57
C ILE D 216 -56.51 8.57 5.44
N GLY D 217 -57.75 8.26 5.09
CA GLY D 217 -58.76 9.30 5.03
C GLY D 217 -59.04 9.91 6.39
N THR D 218 -59.21 9.07 7.40
CA THR D 218 -59.45 9.59 8.74
C THR D 218 -58.26 10.40 9.24
N LEU D 219 -57.04 9.90 9.01
CA LEU D 219 -55.85 10.60 9.45
C LEU D 219 -55.73 11.94 8.74
N GLU D 220 -56.05 11.99 7.45
CA GLU D 220 -55.95 13.24 6.71
C GLU D 220 -56.98 14.26 7.19
N ILE D 221 -58.20 13.81 7.48
CA ILE D 221 -59.21 14.74 8.01
C ILE D 221 -58.76 15.30 9.35
N LEU D 222 -58.27 14.42 10.23
CA LEU D 222 -57.81 14.88 11.54
C LEU D 222 -56.63 15.82 11.42
N GLY D 223 -55.70 15.52 10.51
CA GLY D 223 -54.55 16.38 10.32
C GLY D 223 -54.92 17.73 9.75
N GLY D 224 -55.90 17.75 8.84
CA GLY D 224 -56.37 19.03 8.33
C GLY D 224 -57.00 19.87 9.42
N ILE D 225 -57.83 19.26 10.26
CA ILE D 225 -58.43 20.00 11.37
C ILE D 225 -57.34 20.49 12.32
N TRP D 226 -56.34 19.66 12.57
CA TRP D 226 -55.19 20.06 13.39
C TRP D 226 -54.49 21.28 12.81
N HIS D 227 -54.22 21.26 11.51
CA HIS D 227 -53.41 22.31 10.90
C HIS D 227 -54.18 23.61 10.73
N ILE D 228 -55.51 23.53 10.60
CA ILE D 228 -56.30 24.75 10.51
C ILE D 228 -56.20 25.54 11.81
N TYR D 229 -56.25 24.85 12.96
CA TYR D 229 -56.30 25.48 14.27
C TYR D 229 -54.95 25.49 14.97
N THR D 230 -53.84 25.53 14.23
CA THR D 230 -52.53 25.47 14.87
C THR D 230 -51.51 26.16 13.96
N THR D 231 -50.43 26.65 14.57
CA THR D 231 -49.28 27.19 13.88
C THR D 231 -48.07 26.34 14.21
N PRO D 232 -47.06 26.30 13.33
CA PRO D 232 -45.87 25.48 13.60
C PRO D 232 -45.18 25.88 14.89
N TRP D 233 -44.68 24.88 15.60
CA TRP D 233 -43.99 25.08 16.86
C TRP D 233 -42.61 25.70 16.63
N PRO D 234 -41.99 26.26 17.66
CA PRO D 234 -40.66 26.88 17.47
C PRO D 234 -39.63 25.95 16.89
N TRP D 235 -39.63 24.66 17.26
CA TRP D 235 -38.69 23.73 16.65
C TRP D 235 -38.96 23.56 15.16
N ALA D 236 -40.20 23.72 14.74
CA ALA D 236 -40.51 23.68 13.32
C ALA D 236 -39.99 24.91 12.60
N ARG D 237 -40.18 26.09 13.21
CA ARG D 237 -39.65 27.31 12.61
C ARG D 237 -38.12 27.28 12.56
N ARG D 238 -37.50 26.55 13.49
CA ARG D 238 -36.05 26.52 13.57
C ARG D 238 -35.42 25.71 12.43
N ALA D 239 -36.13 24.74 11.88
CA ALA D 239 -35.55 23.80 10.93
C ALA D 239 -36.33 23.79 9.61
N PHE D 240 -36.79 24.96 9.17
CA PHE D 240 -37.47 25.05 7.89
C PHE D 240 -37.25 26.43 7.30
N VAL D 241 -37.30 26.50 5.97
CA VAL D 241 -37.23 27.76 5.24
C VAL D 241 -38.65 28.11 4.82
N TRP D 242 -39.07 29.34 5.12
CA TRP D 242 -40.44 29.77 4.90
C TRP D 242 -40.48 30.71 3.70
N SER D 243 -40.63 30.12 2.51
CA SER D 243 -40.76 30.87 1.28
C SER D 243 -41.49 30.00 0.28
N GLY D 244 -41.97 30.62 -0.79
CA GLY D 244 -42.73 29.88 -1.79
C GLY D 244 -41.90 28.79 -2.44
N GLU D 245 -40.67 29.12 -2.83
CA GLU D 245 -39.83 28.12 -3.48
C GLU D 245 -39.48 26.98 -2.54
N ALA D 246 -39.39 27.26 -1.23
CA ALA D 246 -39.12 26.19 -0.29
C ALA D 246 -40.27 25.18 -0.25
N TYR D 247 -41.50 25.68 -0.21
CA TYR D 247 -42.65 24.78 -0.24
C TYR D 247 -42.71 24.02 -1.55
N LEU D 248 -42.39 24.69 -2.65
CA LEU D 248 -42.34 24.02 -3.94
C LEU D 248 -41.31 22.89 -3.92
N SER D 249 -40.14 23.13 -3.34
CA SER D 249 -39.11 22.11 -3.28
C SER D 249 -39.52 20.92 -2.43
N TYR D 250 -40.17 21.19 -1.28
CA TYR D 250 -40.68 20.10 -0.46
C TYR D 250 -41.66 19.24 -1.24
N SER D 251 -42.60 19.90 -1.93
CA SER D 251 -43.57 19.16 -2.72
C SER D 251 -42.89 18.37 -3.83
N LEU D 252 -41.86 18.95 -4.45
CA LEU D 252 -41.14 18.27 -5.52
C LEU D 252 -40.48 17.00 -5.01
N GLY D 253 -39.81 17.08 -3.86
CA GLY D 253 -39.19 15.88 -3.29
C GLY D 253 -40.19 14.81 -2.96
N ALA D 254 -41.29 15.21 -2.30
CA ALA D 254 -42.31 14.24 -1.94
C ALA D 254 -42.91 13.58 -3.17
N ILE D 255 -43.17 14.36 -4.22
CA ILE D 255 -43.85 13.81 -5.37
C ILE D 255 -42.90 12.98 -6.22
N GLY D 256 -41.59 13.28 -6.17
CA GLY D 256 -40.63 12.40 -6.81
C GLY D 256 -40.54 11.05 -6.13
N VAL D 257 -40.52 11.05 -4.80
CA VAL D 257 -40.58 9.78 -4.07
C VAL D 257 -41.86 9.03 -4.43
N MET D 258 -42.98 9.75 -4.54
CA MET D 258 -44.23 9.13 -4.93
C MET D 258 -44.13 8.51 -6.32
N GLY D 259 -43.46 9.19 -7.24
CA GLY D 259 -43.28 8.64 -8.58
C GLY D 259 -42.48 7.36 -8.58
N PHE D 260 -41.39 7.32 -7.81
CA PHE D 260 -40.62 6.09 -7.71
C PHE D 260 -41.46 4.95 -7.13
N ILE D 261 -42.24 5.24 -6.09
CA ILE D 261 -43.08 4.22 -5.49
C ILE D 261 -44.12 3.72 -6.49
N ALA D 262 -44.68 4.64 -7.28
CA ALA D 262 -45.64 4.24 -8.31
C ALA D 262 -45.00 3.35 -9.36
N CYS D 263 -43.78 3.68 -9.78
CA CYS D 263 -43.06 2.82 -10.71
C CYS D 263 -42.94 1.40 -10.16
N CYS D 264 -42.43 1.28 -8.94
CA CYS D 264 -42.22 -0.06 -8.36
C CYS D 264 -43.54 -0.79 -8.19
N MET D 265 -44.58 -0.11 -7.73
CA MET D 265 -45.87 -0.75 -7.51
C MET D 265 -46.48 -1.22 -8.83
N SER D 266 -46.40 -0.40 -9.87
CA SER D 266 -46.93 -0.81 -11.16
C SER D 266 -46.16 -2.00 -11.72
N TRP D 267 -44.83 -2.02 -11.52
CA TRP D 267 -44.05 -3.12 -12.05
C TRP D 267 -44.33 -4.44 -11.32
N PHE D 268 -44.43 -4.39 -9.99
CA PHE D 268 -44.48 -5.61 -9.20
C PHE D 268 -45.89 -6.02 -8.77
N ASN D 269 -46.68 -5.09 -8.27
CA ASN D 269 -47.98 -5.43 -7.71
C ASN D 269 -48.94 -5.93 -8.79
N ASN D 270 -49.77 -6.89 -8.42
CA ASN D 270 -50.80 -7.40 -9.33
C ASN D 270 -52.13 -7.60 -8.63
N THR D 271 -52.35 -6.97 -7.46
CA THR D 271 -53.64 -6.97 -6.81
C THR D 271 -54.41 -5.68 -7.06
N ALA D 272 -53.81 -4.53 -6.78
CA ALA D 272 -54.38 -3.26 -7.19
C ALA D 272 -54.23 -3.02 -8.69
N TYR D 273 -53.42 -3.83 -9.37
CA TYR D 273 -53.23 -3.77 -10.81
C TYR D 273 -53.49 -5.17 -11.36
N PRO D 274 -54.75 -5.55 -11.55
CA PRO D 274 -55.05 -6.91 -11.99
C PRO D 274 -54.39 -7.22 -13.33
N SER D 275 -53.86 -8.44 -13.44
CA SER D 275 -53.20 -8.84 -14.68
C SER D 275 -54.17 -9.02 -15.83
N GLU D 276 -55.46 -9.20 -15.53
CA GLU D 276 -56.46 -9.34 -16.59
C GLU D 276 -56.64 -8.05 -17.38
N PHE D 277 -56.19 -6.92 -16.85
CA PHE D 277 -56.27 -5.63 -17.53
C PHE D 277 -54.91 -5.06 -17.90
N TYR D 278 -53.94 -5.12 -17.00
CA TYR D 278 -52.62 -4.58 -17.25
C TYR D 278 -51.66 -5.59 -17.88
N GLY D 279 -52.06 -6.86 -17.99
CA GLY D 279 -51.17 -7.88 -18.49
C GLY D 279 -50.32 -8.46 -17.37
N PRO D 280 -49.65 -9.57 -17.66
CA PRO D 280 -48.82 -10.20 -16.62
C PRO D 280 -47.59 -9.36 -16.30
N THR D 281 -47.14 -9.48 -15.06
CA THR D 281 -45.96 -8.75 -14.61
C THR D 281 -44.71 -9.43 -15.16
N GLY D 282 -43.55 -8.91 -14.76
CA GLY D 282 -42.28 -9.50 -15.12
C GLY D 282 -42.15 -10.93 -14.63
N PRO D 283 -42.18 -11.11 -13.31
CA PRO D 283 -42.10 -12.49 -12.77
C PRO D 283 -43.25 -13.38 -13.21
N GLU D 284 -44.44 -12.81 -13.42
CA GLU D 284 -45.60 -13.62 -13.77
C GLU D 284 -45.40 -14.33 -15.10
N ALA D 285 -44.80 -13.64 -16.08
CA ALA D 285 -44.59 -14.25 -17.38
C ALA D 285 -43.67 -15.46 -17.29
N SER D 286 -42.57 -15.31 -16.54
CA SER D 286 -41.61 -16.41 -16.40
C SER D 286 -42.24 -17.58 -15.63
N GLN D 287 -42.94 -17.28 -14.54
CA GLN D 287 -43.59 -18.35 -13.77
C GLN D 287 -44.64 -19.06 -14.62
N SER D 288 -45.38 -18.31 -15.43
CA SER D 288 -46.38 -18.90 -16.31
C SER D 288 -45.74 -19.78 -17.36
N GLN D 289 -44.61 -19.35 -17.93
CA GLN D 289 -43.90 -20.19 -18.90
C GLN D 289 -43.46 -21.49 -18.27
N ALA D 290 -42.88 -21.42 -17.06
CA ALA D 290 -42.44 -22.63 -16.38
C ALA D 290 -43.62 -23.55 -16.08
N PHE D 291 -44.73 -22.97 -15.61
CA PHE D 291 -45.91 -23.77 -15.29
C PHE D 291 -46.48 -24.45 -16.53
N THR D 292 -46.57 -23.71 -17.64
CA THR D 292 -47.10 -24.28 -18.87
C THR D 292 -46.20 -25.39 -19.39
N PHE D 293 -44.89 -25.18 -19.35
CA PHE D 293 -43.98 -26.22 -19.82
C PHE D 293 -44.07 -27.46 -18.94
N LEU D 294 -44.17 -27.28 -17.62
CA LEU D 294 -44.32 -28.42 -16.72
C LEU D 294 -45.60 -29.19 -17.03
N VAL D 295 -46.71 -28.46 -17.22
CA VAL D 295 -47.98 -29.12 -17.51
C VAL D 295 -47.91 -29.89 -18.82
N ARG D 296 -47.33 -29.27 -19.86
CA ARG D 296 -47.25 -29.92 -21.15
C ARG D 296 -46.37 -31.18 -21.09
N ASP D 297 -45.21 -31.08 -20.45
CA ASP D 297 -44.32 -32.22 -20.36
C ASP D 297 -44.94 -33.34 -19.53
N GLN D 298 -45.63 -32.99 -18.44
CA GLN D 298 -46.31 -34.01 -17.64
C GLN D 298 -47.41 -34.70 -18.44
N ARG D 299 -48.16 -33.92 -19.22
CA ARG D 299 -49.20 -34.51 -20.06
C ARG D 299 -48.60 -35.45 -21.10
N LEU D 300 -47.47 -35.06 -21.70
CA LEU D 300 -46.78 -35.94 -22.64
C LEU D 300 -46.27 -37.20 -21.96
N GLY D 301 -46.15 -37.19 -20.64
CA GLY D 301 -45.68 -38.37 -19.92
C GLY D 301 -44.23 -38.23 -19.48
N ALA D 302 -44.03 -37.86 -18.23
CA ALA D 302 -42.69 -37.69 -17.67
C ALA D 302 -42.81 -37.57 -16.16
N ASN D 303 -41.68 -37.74 -15.48
CA ASN D 303 -41.61 -37.58 -14.03
C ASN D 303 -41.04 -36.19 -13.76
N VAL D 304 -41.91 -35.25 -13.41
CA VAL D 304 -41.48 -33.87 -13.19
C VAL D 304 -40.57 -33.78 -11.97
N ALA D 305 -40.87 -34.57 -10.94
CA ALA D 305 -40.03 -34.56 -9.75
C ALA D 305 -38.64 -35.09 -10.04
N SER D 306 -38.56 -36.21 -10.74
CA SER D 306 -37.27 -36.83 -11.08
C SER D 306 -36.85 -36.42 -12.49
N ALA D 307 -36.63 -35.12 -12.67
CA ALA D 307 -36.19 -34.55 -13.94
C ALA D 307 -34.99 -33.66 -13.64
N GLN D 308 -33.80 -34.26 -13.61
CA GLN D 308 -32.59 -33.53 -13.30
C GLN D 308 -32.17 -32.68 -14.49
N GLY D 309 -31.82 -31.41 -14.23
CA GLY D 309 -31.40 -30.51 -15.27
C GLY D 309 -29.94 -30.69 -15.61
N PRO D 310 -29.48 -29.89 -16.57
CA PRO D 310 -28.07 -29.96 -16.97
C PRO D 310 -27.10 -29.65 -15.83
N THR D 311 -27.47 -28.75 -14.93
CA THR D 311 -26.64 -28.39 -13.80
C THR D 311 -26.88 -29.28 -12.58
N GLY D 312 -27.87 -30.18 -12.63
CA GLY D 312 -28.15 -31.08 -11.55
C GLY D 312 -29.15 -30.56 -10.52
N LEU D 313 -29.56 -29.30 -10.62
CA LEU D 313 -30.48 -28.75 -9.64
C LEU D 313 -31.88 -29.31 -9.80
N GLY D 314 -32.36 -29.38 -11.03
CA GLY D 314 -33.71 -29.83 -11.30
C GLY D 314 -34.35 -29.05 -12.43
N LYS D 315 -34.93 -29.77 -13.39
CA LYS D 315 -35.45 -29.10 -14.59
C LYS D 315 -36.74 -28.36 -14.29
N TYR D 316 -37.63 -28.97 -13.50
CA TYR D 316 -38.96 -28.41 -13.27
C TYR D 316 -39.16 -27.89 -11.86
N LEU D 317 -38.89 -28.70 -10.85
CA LEU D 317 -39.12 -28.33 -9.46
C LEU D 317 -37.82 -28.44 -8.67
N MET D 318 -37.60 -27.48 -7.78
CA MET D 318 -36.42 -27.47 -6.92
C MET D 318 -36.81 -26.80 -5.60
N ARG D 319 -35.82 -26.51 -4.77
CA ARG D 319 -36.03 -25.94 -3.46
C ARG D 319 -35.47 -24.52 -3.41
N SER D 320 -36.22 -23.61 -2.80
CA SER D 320 -35.79 -22.24 -2.59
C SER D 320 -34.76 -22.19 -1.47
N PRO D 321 -34.01 -21.10 -1.36
CA PRO D 321 -33.03 -21.00 -0.25
C PRO D 321 -33.66 -21.06 1.13
N THR D 322 -34.96 -20.79 1.25
CA THR D 322 -35.64 -20.99 2.52
C THR D 322 -36.13 -22.41 2.71
N GLY D 323 -36.60 -23.06 1.65
CA GLY D 323 -36.99 -24.46 1.74
C GLY D 323 -38.24 -24.82 0.97
N GLU D 324 -38.93 -23.82 0.42
CA GLU D 324 -40.17 -24.08 -0.31
C GLU D 324 -39.88 -24.76 -1.64
N ILE D 325 -40.87 -25.49 -2.15
CA ILE D 325 -40.77 -26.11 -3.46
C ILE D 325 -41.15 -25.08 -4.50
N ILE D 326 -40.23 -24.81 -5.44
CA ILE D 326 -40.39 -23.75 -6.43
C ILE D 326 -40.06 -24.29 -7.81
N PHE D 327 -40.48 -23.54 -8.83
CA PHE D 327 -40.12 -23.87 -10.19
C PHE D 327 -38.62 -23.70 -10.41
N GLY D 328 -38.02 -24.64 -11.11
CA GLY D 328 -36.58 -24.62 -11.35
C GLY D 328 -36.20 -23.84 -12.59
N GLY D 329 -34.89 -23.73 -12.79
CA GLY D 329 -34.35 -23.00 -13.92
C GLY D 329 -33.86 -21.62 -13.56
N GLU D 330 -33.81 -20.72 -14.55
CA GLU D 330 -33.40 -19.35 -14.27
C GLU D 330 -34.49 -18.54 -13.59
N THR D 331 -35.70 -19.09 -13.46
CA THR D 331 -36.80 -18.40 -12.79
C THR D 331 -36.71 -18.51 -11.27
N MET D 332 -35.62 -19.05 -10.73
CA MET D 332 -35.47 -19.13 -9.28
C MET D 332 -35.56 -17.75 -8.65
N ARG D 333 -35.14 -16.71 -9.38
CA ARG D 333 -35.21 -15.36 -8.85
C ARG D 333 -36.63 -14.92 -8.60
N PHE D 334 -37.60 -15.48 -9.35
CA PHE D 334 -39.00 -15.12 -9.21
C PHE D 334 -39.77 -16.15 -8.40
N TRP D 335 -39.13 -16.75 -7.39
CA TRP D 335 -39.77 -17.82 -6.64
C TRP D 335 -40.81 -17.34 -5.65
N ASP D 336 -40.80 -16.05 -5.31
CA ASP D 336 -41.75 -15.50 -4.36
C ASP D 336 -42.92 -14.77 -5.03
N PHE D 337 -43.11 -15.02 -6.33
CA PHE D 337 -44.28 -14.49 -7.01
C PHE D 337 -45.54 -15.23 -6.55
N ARG D 338 -46.64 -14.49 -6.44
CA ARG D 338 -47.93 -15.05 -6.07
C ARG D 338 -49.00 -14.55 -7.03
N GLY D 339 -49.85 -15.45 -7.49
CA GLY D 339 -50.91 -15.10 -8.39
C GLY D 339 -52.14 -15.96 -8.17
N PRO D 340 -53.32 -15.42 -8.51
CA PRO D 340 -54.56 -16.18 -8.29
C PRO D 340 -54.62 -17.49 -9.06
N TRP D 341 -53.98 -17.57 -10.22
CA TRP D 341 -54.01 -18.78 -11.02
C TRP D 341 -53.01 -19.83 -10.55
N LEU D 342 -52.15 -19.50 -9.59
CA LEU D 342 -51.13 -20.42 -9.11
C LEU D 342 -51.29 -20.80 -7.65
N GLU D 343 -51.90 -19.94 -6.84
CA GLU D 343 -52.05 -20.23 -5.41
C GLU D 343 -52.80 -21.54 -5.12
N PRO D 344 -53.89 -21.91 -5.82
CA PRO D 344 -54.59 -23.15 -5.47
C PRO D 344 -53.72 -24.39 -5.53
N LEU D 345 -52.58 -24.31 -6.21
CA LEU D 345 -51.64 -25.41 -6.31
C LEU D 345 -50.54 -25.36 -5.26
N ARG D 346 -50.64 -24.46 -4.30
CA ARG D 346 -49.62 -24.26 -3.28
C ARG D 346 -50.08 -24.84 -1.95
N GLY D 347 -49.21 -25.65 -1.33
CA GLY D 347 -49.49 -26.22 -0.04
C GLY D 347 -48.76 -25.50 1.07
N PRO D 348 -48.69 -26.12 2.24
CA PRO D 348 -47.98 -25.48 3.37
C PRO D 348 -46.52 -25.22 3.09
N ASN D 349 -45.84 -26.07 2.33
CA ASN D 349 -44.41 -25.91 2.11
C ASN D 349 -44.10 -25.74 0.62
N GLY D 350 -44.87 -24.91 -0.07
CA GLY D 350 -44.63 -24.64 -1.46
C GLY D 350 -45.57 -25.39 -2.38
N LEU D 351 -45.16 -25.52 -3.63
CA LEU D 351 -45.95 -26.25 -4.62
C LEU D 351 -46.12 -27.70 -4.20
N ASP D 352 -47.34 -28.21 -4.37
CA ASP D 352 -47.67 -29.57 -3.99
C ASP D 352 -47.66 -30.45 -5.24
N LEU D 353 -46.89 -31.53 -5.19
CA LEU D 353 -46.80 -32.43 -6.33
C LEU D 353 -48.15 -33.07 -6.62
N ASN D 354 -48.86 -33.51 -5.58
CA ASN D 354 -50.15 -34.17 -5.78
C ASN D 354 -51.14 -33.23 -6.46
N LYS D 355 -51.17 -31.97 -6.05
CA LYS D 355 -52.04 -30.99 -6.69
C LYS D 355 -51.63 -30.76 -8.13
N LEU D 356 -50.31 -30.71 -8.40
CA LEU D 356 -49.85 -30.56 -9.77
C LEU D 356 -50.22 -31.75 -10.63
N LYS D 357 -50.43 -32.93 -10.02
CA LYS D 357 -50.80 -34.11 -10.79
C LYS D 357 -52.21 -33.98 -11.35
N ASN D 358 -53.21 -33.86 -10.47
CA ASN D 358 -54.60 -33.95 -10.88
C ASN D 358 -55.46 -32.91 -10.17
N ASP D 359 -54.98 -31.67 -10.11
CA ASP D 359 -55.78 -30.59 -9.53
C ASP D 359 -55.62 -29.29 -10.30
N ILE D 360 -55.36 -29.37 -11.61
CA ILE D 360 -55.19 -28.19 -12.44
C ILE D 360 -56.43 -28.03 -13.31
N GLN D 361 -57.11 -26.91 -13.17
CA GLN D 361 -58.31 -26.61 -13.93
C GLN D 361 -57.96 -26.00 -15.28
N PRO D 362 -58.83 -26.16 -16.28
CA PRO D 362 -58.51 -25.62 -17.62
C PRO D 362 -58.31 -24.11 -17.65
N TRP D 363 -59.04 -23.35 -16.83
CA TRP D 363 -58.88 -21.90 -16.86
C TRP D 363 -57.49 -21.49 -16.42
N GLN D 364 -56.92 -22.19 -15.43
CA GLN D 364 -55.55 -21.90 -15.00
C GLN D 364 -54.57 -22.12 -16.15
N GLU D 365 -54.71 -23.22 -16.87
CA GLU D 365 -53.83 -23.50 -17.99
C GLU D 365 -53.96 -22.45 -19.08
N ARG D 366 -55.21 -22.08 -19.42
CA ARG D 366 -55.42 -21.08 -20.46
C ARG D 366 -54.83 -19.74 -20.06
N ARG D 367 -55.04 -19.32 -18.82
CA ARG D 367 -54.47 -18.06 -18.35
C ARG D 367 -52.95 -18.10 -18.34
N ALA D 368 -52.38 -19.23 -17.95
CA ALA D 368 -50.93 -19.36 -17.96
C ALA D 368 -50.36 -19.25 -19.37
N ALA D 369 -51.00 -19.91 -20.34
CA ALA D 369 -50.54 -19.82 -21.72
C ALA D 369 -50.64 -18.38 -22.23
N GLU D 370 -51.78 -17.73 -21.95
CA GLU D 370 -51.97 -16.36 -22.43
C GLU D 370 -50.94 -15.42 -21.82
N TYR D 371 -50.63 -15.58 -20.53
CA TYR D 371 -49.65 -14.71 -19.89
C TYR D 371 -48.24 -14.99 -20.39
N MET D 372 -47.89 -16.27 -20.58
CA MET D 372 -46.55 -16.59 -21.04
C MET D 372 -46.34 -16.09 -22.47
N THR D 373 -47.41 -15.99 -23.27
CA THR D 373 -47.26 -15.44 -24.61
C THR D 373 -46.93 -13.95 -24.55
N HIS D 374 -47.67 -13.19 -23.74
CA HIS D 374 -47.54 -11.73 -23.72
C HIS D 374 -46.64 -11.30 -22.56
N ALA D 375 -45.34 -11.53 -22.75
CA ALA D 375 -44.37 -11.12 -21.75
C ALA D 375 -44.17 -9.61 -21.79
N PRO D 376 -43.78 -9.00 -20.67
CA PRO D 376 -43.58 -7.55 -20.64
C PRO D 376 -42.40 -7.08 -21.49
N LEU D 377 -41.66 -8.02 -22.08
CA LEU D 377 -40.56 -7.65 -22.96
C LEU D 377 -41.07 -6.91 -24.18
N GLY D 378 -40.29 -5.96 -24.66
CA GLY D 378 -40.69 -5.18 -25.81
C GLY D 378 -39.55 -4.40 -26.38
N SER D 379 -39.87 -3.52 -27.33
CA SER D 379 -38.89 -2.69 -27.99
C SER D 379 -39.47 -1.30 -28.22
N LEU D 380 -38.59 -0.34 -28.46
CA LEU D 380 -39.02 1.04 -28.69
C LEU D 380 -39.83 1.18 -29.97
N ASN D 381 -39.68 0.25 -30.91
CA ASN D 381 -40.50 0.20 -32.11
C ASN D 381 -41.81 -0.53 -31.90
N SER D 382 -42.11 -0.93 -30.66
CA SER D 382 -43.26 -1.78 -30.36
C SER D 382 -43.17 -3.11 -31.11
N VAL D 383 -42.09 -3.84 -30.82
CA VAL D 383 -41.83 -5.12 -31.48
C VAL D 383 -42.29 -6.26 -30.57
N GLY D 384 -41.73 -6.32 -29.38
CA GLY D 384 -42.02 -7.41 -28.48
C GLY D 384 -40.99 -8.52 -28.59
N GLY D 385 -40.83 -9.27 -27.50
CA GLY D 385 -39.83 -10.30 -27.44
C GLY D 385 -38.44 -9.75 -27.23
N VAL D 386 -37.46 -10.66 -27.30
CA VAL D 386 -36.07 -10.26 -27.09
C VAL D 386 -35.60 -9.44 -28.30
N ALA D 387 -34.49 -8.71 -28.10
CA ALA D 387 -33.98 -7.84 -29.16
C ALA D 387 -33.63 -8.61 -30.42
N THR D 388 -33.27 -9.89 -30.29
CA THR D 388 -32.95 -10.72 -31.46
C THR D 388 -34.21 -11.48 -31.91
N GLU D 389 -35.17 -10.71 -32.40
CA GLU D 389 -36.44 -11.24 -32.87
C GLU D 389 -36.81 -10.60 -34.20
N ILE D 390 -37.64 -11.32 -34.97
CA ILE D 390 -38.12 -10.80 -36.23
C ILE D 390 -39.26 -9.82 -36.01
N ASN D 391 -39.56 -9.03 -37.03
CA ASN D 391 -40.64 -8.04 -36.98
C ASN D 391 -41.96 -8.73 -37.33
N ALA D 392 -42.57 -9.33 -36.32
CA ALA D 392 -43.84 -10.03 -36.49
C ALA D 392 -44.87 -9.71 -35.42
N VAL D 393 -44.50 -8.98 -34.37
CA VAL D 393 -45.39 -8.69 -33.25
C VAL D 393 -45.38 -7.19 -33.01
N ASN D 394 -46.49 -6.68 -32.49
CA ASN D 394 -46.69 -5.26 -32.21
C ASN D 394 -47.14 -5.05 -30.78
N PHE D 395 -46.46 -5.69 -29.83
CA PHE D 395 -46.90 -5.70 -28.44
C PHE D 395 -45.80 -5.17 -27.52
N VAL D 396 -46.15 -4.16 -26.71
CA VAL D 396 -45.37 -3.76 -25.55
C VAL D 396 -46.35 -3.59 -24.39
N SER D 397 -46.04 -4.21 -23.25
CA SER D 397 -46.99 -4.26 -22.15
C SER D 397 -47.21 -2.88 -21.57
N PRO D 398 -48.45 -2.56 -21.16
CA PRO D 398 -48.68 -1.27 -20.49
C PRO D 398 -47.88 -1.09 -19.22
N ARG D 399 -47.58 -2.19 -18.52
CA ARG D 399 -46.79 -2.09 -17.29
C ARG D 399 -45.41 -1.51 -17.58
N SER D 400 -44.79 -1.93 -18.68
CA SER D 400 -43.47 -1.41 -19.02
C SER D 400 -43.52 0.10 -19.29
N TRP D 401 -44.53 0.54 -20.05
CA TRP D 401 -44.66 1.96 -20.34
C TRP D 401 -44.86 2.75 -19.06
N LEU D 402 -45.78 2.30 -18.20
CA LEU D 402 -46.05 3.01 -16.95
C LEU D 402 -44.79 3.09 -16.10
N ALA D 403 -44.09 1.96 -15.92
CA ALA D 403 -42.91 1.94 -15.08
C ALA D 403 -41.83 2.88 -15.61
N CYS D 404 -41.51 2.77 -16.91
CA CYS D 404 -40.44 3.60 -17.46
C CYS D 404 -40.79 5.08 -17.38
N SER D 405 -42.00 5.46 -17.81
CA SER D 405 -42.37 6.86 -17.81
C SER D 405 -42.38 7.44 -16.40
N HIS D 406 -42.94 6.70 -15.44
CA HIS D 406 -43.04 7.26 -14.10
C HIS D 406 -41.70 7.26 -13.38
N PHE D 407 -40.81 6.32 -13.69
CA PHE D 407 -39.47 6.41 -13.13
C PHE D 407 -38.74 7.64 -13.67
N CYS D 408 -38.86 7.90 -14.97
CA CYS D 408 -38.22 9.08 -15.55
C CYS D 408 -38.77 10.36 -14.91
N LEU D 409 -40.09 10.43 -14.76
CA LEU D 409 -40.69 11.61 -14.14
C LEU D 409 -40.25 11.77 -12.69
N GLY D 410 -40.17 10.65 -11.95
CA GLY D 410 -39.72 10.74 -10.57
C GLY D 410 -38.28 11.22 -10.47
N PHE D 411 -37.41 10.74 -11.36
CA PHE D 411 -36.02 11.19 -11.34
C PHE D 411 -35.92 12.68 -11.65
N PHE D 412 -36.63 13.15 -12.68
CA PHE D 412 -36.60 14.57 -12.99
C PHE D 412 -37.15 15.41 -11.85
N PHE D 413 -38.18 14.91 -11.16
CA PHE D 413 -38.73 15.70 -10.07
C PHE D 413 -37.83 15.69 -8.84
N PHE D 414 -37.06 14.61 -8.64
CA PHE D 414 -36.04 14.66 -7.60
C PHE D 414 -34.97 15.70 -7.94
N ILE D 415 -34.55 15.75 -9.21
CA ILE D 415 -33.62 16.79 -9.64
C ILE D 415 -34.22 18.18 -9.38
N GLY D 416 -35.51 18.32 -9.65
CA GLY D 416 -36.18 19.57 -9.37
C GLY D 416 -36.17 19.92 -7.90
N HIS D 417 -36.37 18.93 -7.03
CA HIS D 417 -36.26 19.17 -5.60
C HIS D 417 -34.88 19.69 -5.26
N LEU D 418 -33.83 19.03 -5.78
CA LEU D 418 -32.47 19.48 -5.50
C LEU D 418 -32.29 20.94 -5.90
N TRP D 419 -32.64 21.26 -7.15
CA TRP D 419 -32.43 22.60 -7.66
C TRP D 419 -33.19 23.63 -6.83
N HIS D 420 -34.48 23.41 -6.63
CA HIS D 420 -35.32 24.42 -6.01
C HIS D 420 -35.01 24.55 -4.52
N ALA D 421 -34.69 23.44 -3.84
CA ALA D 421 -34.30 23.53 -2.44
C ALA D 421 -33.00 24.31 -2.28
N GLY D 422 -32.01 24.02 -3.12
CA GLY D 422 -30.78 24.78 -3.06
C GLY D 422 -30.99 26.25 -3.30
N ARG D 423 -31.77 26.59 -4.34
CA ARG D 423 -32.00 27.99 -4.65
C ARG D 423 -32.80 28.68 -3.55
N ALA D 424 -33.79 28.00 -2.99
CA ALA D 424 -34.58 28.60 -1.92
C ALA D 424 -33.71 28.88 -0.69
N ARG D 425 -32.87 27.92 -0.31
CA ARG D 425 -31.99 28.15 0.82
C ARG D 425 -31.02 29.30 0.56
N ALA D 426 -30.46 29.35 -0.65
CA ALA D 426 -29.53 30.44 -0.98
C ALA D 426 -30.22 31.79 -0.97
N ALA D 427 -31.41 31.86 -1.57
CA ALA D 427 -32.12 33.14 -1.64
C ALA D 427 -32.55 33.62 -0.26
N ALA D 428 -32.99 32.69 0.59
CA ALA D 428 -33.32 33.06 1.96
C ALA D 428 -32.08 33.54 2.70
N ALA D 429 -30.95 32.89 2.48
CA ALA D 429 -29.70 33.36 3.07
C ALA D 429 -29.33 34.73 2.51
N GLY D 430 -29.50 34.94 1.21
CA GLY D 430 -29.28 36.24 0.60
C GLY D 430 -28.18 36.31 -0.44
N PHE D 431 -27.51 35.22 -0.79
CA PHE D 431 -26.42 35.25 -1.76
C PHE D 431 -26.75 34.42 -3.00
N GLU D 432 -28.01 34.43 -3.42
CA GLU D 432 -28.40 33.71 -4.62
C GLU D 432 -27.98 34.42 -5.90
N LYS D 433 -27.58 35.68 -5.82
CA LYS D 433 -27.17 36.42 -7.01
C LYS D 433 -25.67 36.36 -7.27
N GLY D 434 -24.88 36.20 -6.23
CA GLY D 434 -23.43 36.11 -6.39
C GLY D 434 -22.72 36.57 -5.14
N ILE D 435 -21.40 36.38 -5.17
CA ILE D 435 -20.55 36.79 -4.04
C ILE D 435 -20.51 38.31 -3.97
N ASP D 436 -20.39 38.84 -2.75
CA ASP D 436 -20.55 40.27 -2.51
C ASP D 436 -19.50 41.09 -3.25
N ARG D 437 -18.31 40.55 -3.43
CA ARG D 437 -17.12 41.15 -4.05
C ARG D 437 -16.49 42.19 -3.13
N PHE D 438 -17.13 42.56 -2.02
CA PHE D 438 -16.54 43.47 -1.05
C PHE D 438 -16.57 42.95 0.38
N ASP D 439 -17.41 41.98 0.68
CA ASP D 439 -17.47 41.32 1.98
C ASP D 439 -17.48 39.81 1.78
N GLU D 440 -16.56 39.33 0.95
CA GLU D 440 -16.50 37.92 0.59
C GLU D 440 -16.25 37.07 1.83
N PRO D 441 -17.10 36.08 2.12
CA PRO D 441 -16.93 35.31 3.36
C PRO D 441 -15.63 34.53 3.44
N VAL D 442 -15.10 34.07 2.30
CA VAL D 442 -13.91 33.23 2.32
C VAL D 442 -12.70 34.02 2.79
N LEU D 443 -12.60 35.29 2.37
CA LEU D 443 -11.43 36.09 2.68
C LEU D 443 -11.25 36.32 4.17
N SER D 444 -12.31 36.17 4.97
CA SER D 444 -12.23 36.36 6.41
C SER D 444 -11.98 35.07 7.17
N MET D 445 -11.78 33.96 6.47
CA MET D 445 -11.56 32.66 7.12
C MET D 445 -10.07 32.38 7.24
N ARG D 446 -9.73 31.56 8.22
CA ARG D 446 -8.34 31.19 8.45
C ARG D 446 -7.82 30.38 7.26
N PRO D 447 -6.64 30.70 6.73
CA PRO D 447 -6.15 29.99 5.55
C PRO D 447 -5.73 28.55 5.85
N LEU D 448 -5.28 27.84 4.82
CA LEU D 448 -4.88 26.43 4.94
C LEU D 448 -6.04 25.59 5.48
N ASP D 449 -7.25 25.92 5.03
CA ASP D 449 -8.47 25.21 5.44
C ASP D 449 -8.64 25.21 6.96
N ILE E 4 7.79 46.76 -50.13
CA ILE E 4 6.84 46.89 -49.04
C ILE E 4 7.33 46.10 -47.82
N GLY E 5 8.23 45.16 -48.06
CA GLY E 5 8.74 44.32 -46.99
C GLY E 5 9.80 45.00 -46.16
N THR E 6 10.77 44.21 -45.67
CA THR E 6 11.84 44.78 -44.84
C THR E 6 12.68 45.78 -45.63
N TYR E 7 12.99 45.45 -46.89
CA TYR E 7 13.80 46.32 -47.73
C TYR E 7 12.98 47.26 -48.60
N GLN E 8 11.65 47.25 -48.46
CA GLN E 8 10.77 48.14 -49.20
C GLN E 8 10.93 47.95 -50.71
N GLU E 9 10.61 46.75 -51.16
CA GLU E 9 10.72 46.38 -52.56
C GLU E 9 9.34 46.42 -53.22
N LYS E 10 9.27 45.98 -54.48
CA LYS E 10 8.07 46.14 -55.30
C LYS E 10 7.01 45.12 -54.90
N ARG E 11 5.90 45.14 -55.64
CA ARG E 11 4.77 44.24 -55.42
C ARG E 11 4.50 43.44 -56.69
N THR E 12 4.15 42.16 -56.50
CA THR E 12 3.92 41.27 -57.63
C THR E 12 2.58 40.55 -57.51
N TRP E 13 2.37 39.55 -58.37
CA TRP E 13 1.13 38.78 -58.36
C TRP E 13 0.85 38.18 -56.98
N PHE E 14 1.88 37.66 -56.32
CA PHE E 14 1.68 37.03 -55.02
C PHE E 14 1.15 38.03 -54.01
N ASP E 15 1.65 39.27 -54.05
CA ASP E 15 1.18 40.28 -53.10
C ASP E 15 -0.30 40.57 -53.29
N ASP E 16 -0.73 40.76 -54.54
CA ASP E 16 -2.14 41.03 -54.81
C ASP E 16 -3.01 39.86 -54.38
N ALA E 17 -2.58 38.64 -54.69
CA ALA E 17 -3.34 37.46 -54.28
C ALA E 17 -3.44 37.37 -52.75
N ASP E 18 -2.34 37.68 -52.05
CA ASP E 18 -2.36 37.65 -50.60
C ASP E 18 -3.31 38.69 -50.04
N ASP E 19 -3.29 39.91 -50.60
CA ASP E 19 -4.19 40.95 -50.11
C ASP E 19 -5.65 40.57 -50.35
N TRP E 20 -5.97 39.99 -51.50
CA TRP E 20 -7.36 39.63 -51.76
C TRP E 20 -7.80 38.47 -50.87
N LEU E 21 -6.97 37.44 -50.75
CA LEU E 21 -7.37 36.22 -50.04
C LEU E 21 -7.61 36.50 -48.56
N ARG E 22 -6.76 37.30 -47.93
CA ARG E 22 -6.86 37.57 -46.51
C ARG E 22 -7.82 38.71 -46.18
N GLN E 23 -8.49 39.28 -47.18
CA GLN E 23 -9.42 40.38 -46.93
C GLN E 23 -10.54 39.90 -46.00
N ASP E 24 -10.82 40.71 -44.99
CA ASP E 24 -11.84 40.33 -44.00
C ASP E 24 -13.23 40.41 -44.61
N ARG E 25 -14.02 39.38 -44.37
CA ARG E 25 -15.40 39.31 -44.88
C ARG E 25 -16.16 38.31 -44.03
N PHE E 26 -17.38 37.98 -44.45
CA PHE E 26 -18.20 37.02 -43.72
C PHE E 26 -17.56 35.63 -43.76
N VAL E 27 -17.02 35.24 -44.90
CA VAL E 27 -16.44 33.92 -45.10
C VAL E 27 -14.95 34.10 -45.34
N PHE E 28 -14.16 33.92 -44.28
CA PHE E 28 -12.71 34.02 -44.40
C PHE E 28 -12.19 32.89 -45.28
N VAL E 29 -11.59 33.23 -46.41
CA VAL E 29 -11.08 32.23 -47.34
C VAL E 29 -9.67 31.83 -46.95
N GLY E 30 -8.75 32.78 -46.99
CA GLY E 30 -7.37 32.49 -46.66
C GLY E 30 -6.67 31.64 -47.70
N TRP E 31 -5.36 31.47 -47.57
CA TRP E 31 -4.62 30.63 -48.51
C TRP E 31 -5.07 29.18 -48.41
N SER E 32 -5.28 28.69 -47.19
CA SER E 32 -5.71 27.31 -46.97
C SER E 32 -7.14 27.06 -47.42
N GLY E 33 -7.91 28.11 -47.72
CA GLY E 33 -9.26 27.91 -48.19
C GLY E 33 -9.31 27.19 -49.52
N LEU E 34 -8.36 27.48 -50.40
CA LEU E 34 -8.31 26.84 -51.71
C LEU E 34 -8.22 25.33 -51.60
N LEU E 35 -7.71 24.82 -50.48
CA LEU E 35 -7.66 23.39 -50.24
C LEU E 35 -8.84 22.91 -49.40
N LEU E 36 -9.23 23.68 -48.37
CA LEU E 36 -10.26 23.21 -47.45
C LEU E 36 -11.64 23.20 -48.12
N PHE E 37 -12.01 24.30 -48.78
CA PHE E 37 -13.40 24.42 -49.23
C PHE E 37 -13.78 23.39 -50.28
N PRO E 38 -13.03 23.20 -51.38
CA PRO E 38 -13.47 22.18 -52.35
C PRO E 38 -13.42 20.77 -51.80
N CYS E 39 -12.37 20.42 -51.05
CA CYS E 39 -12.25 19.06 -50.53
C CYS E 39 -13.37 18.74 -49.55
N ALA E 40 -13.62 19.63 -48.59
CA ALA E 40 -14.69 19.40 -47.63
C ALA E 40 -16.06 19.40 -48.32
N TYR E 41 -16.25 20.31 -49.28
CA TYR E 41 -17.52 20.36 -49.99
C TYR E 41 -17.78 19.06 -50.72
N PHE E 42 -16.77 18.52 -51.40
CA PHE E 42 -16.95 17.28 -52.13
C PHE E 42 -17.07 16.08 -51.20
N ALA E 43 -16.42 16.12 -50.03
CA ALA E 43 -16.61 15.05 -49.06
C ALA E 43 -18.06 14.99 -48.59
N LEU E 44 -18.61 16.13 -48.17
CA LEU E 44 -20.01 16.17 -47.76
C LEU E 44 -20.94 15.78 -48.91
N GLY E 45 -20.68 16.30 -50.11
CA GLY E 45 -21.52 15.98 -51.24
C GLY E 45 -21.49 14.50 -51.59
N GLY E 46 -20.30 13.90 -51.57
CA GLY E 46 -20.20 12.48 -51.84
C GLY E 46 -20.92 11.65 -50.80
N TRP E 47 -20.76 12.00 -49.52
CA TRP E 47 -21.46 11.25 -48.48
C TRP E 47 -22.97 11.33 -48.69
N LEU E 48 -23.49 12.52 -48.96
CA LEU E 48 -24.93 12.68 -49.09
C LEU E 48 -25.46 11.98 -50.34
N THR E 49 -24.80 12.18 -51.48
CA THR E 49 -25.26 11.54 -52.71
C THR E 49 -25.06 10.03 -52.69
N GLY E 50 -24.19 9.52 -51.82
CA GLY E 50 -24.04 8.09 -51.70
C GLY E 50 -25.08 7.49 -50.78
N THR E 51 -25.29 8.11 -49.63
CA THR E 51 -26.33 7.63 -48.73
C THR E 51 -27.73 7.88 -49.26
N THR E 52 -27.87 8.67 -50.33
CA THR E 52 -29.18 8.93 -50.91
C THR E 52 -29.49 8.05 -52.11
N PHE E 53 -28.52 7.78 -52.98
CA PHE E 53 -28.81 7.04 -54.21
C PHE E 53 -27.99 5.78 -54.38
N VAL E 54 -26.70 5.80 -54.03
CA VAL E 54 -25.81 4.70 -54.34
C VAL E 54 -26.07 3.53 -53.39
N THR E 55 -25.88 2.32 -53.89
CA THR E 55 -26.15 1.09 -53.15
C THR E 55 -24.85 0.37 -52.83
N SER E 56 -24.99 -0.70 -52.02
CA SER E 56 -23.88 -1.56 -51.65
C SER E 56 -24.17 -3.02 -51.97
N TRP E 57 -25.10 -3.27 -52.90
CA TRP E 57 -25.50 -4.64 -53.20
C TRP E 57 -24.35 -5.46 -53.77
N TYR E 58 -23.50 -4.83 -54.59
CA TYR E 58 -22.44 -5.56 -55.28
C TYR E 58 -21.14 -5.61 -54.48
N THR E 59 -20.94 -4.69 -53.54
CA THR E 59 -19.72 -4.68 -52.75
C THR E 59 -19.86 -5.49 -51.47
N HIS E 60 -20.97 -5.34 -50.76
CA HIS E 60 -21.17 -6.02 -49.49
C HIS E 60 -22.36 -6.99 -49.48
N GLY E 61 -23.20 -6.97 -50.52
CA GLY E 61 -24.42 -7.75 -50.45
C GLY E 61 -25.49 -7.15 -49.57
N LEU E 62 -25.39 -5.86 -49.28
CA LEU E 62 -26.35 -5.16 -48.43
C LEU E 62 -27.05 -4.08 -49.24
N ALA E 63 -28.19 -3.63 -48.72
CA ALA E 63 -28.93 -2.51 -49.29
C ALA E 63 -28.80 -1.34 -48.32
N THR E 64 -28.03 -0.32 -48.72
CA THR E 64 -27.74 0.83 -47.87
C THR E 64 -27.92 2.11 -48.68
N SER E 65 -29.15 2.65 -48.67
CA SER E 65 -29.46 3.92 -49.31
C SER E 65 -30.90 4.27 -48.99
N TYR E 66 -31.24 5.55 -49.19
CA TYR E 66 -32.63 5.97 -49.03
C TYR E 66 -33.50 5.44 -50.17
N LEU E 67 -32.94 5.34 -51.38
CA LEU E 67 -33.70 4.84 -52.51
C LEU E 67 -34.15 3.41 -52.29
N GLU E 68 -33.30 2.59 -51.68
CA GLU E 68 -33.63 1.19 -51.44
C GLU E 68 -34.56 0.99 -50.26
N GLY E 69 -34.78 1.99 -49.42
CA GLY E 69 -35.74 1.88 -48.35
C GLY E 69 -35.17 2.00 -46.96
N CYS E 70 -33.90 2.33 -46.85
CA CYS E 70 -33.26 2.48 -45.55
C CYS E 70 -33.45 3.89 -45.01
N ASN E 71 -33.52 3.99 -43.69
CA ASN E 71 -33.71 5.27 -43.02
C ASN E 71 -32.35 5.89 -42.71
N PHE E 72 -32.35 6.94 -41.89
CA PHE E 72 -31.12 7.64 -41.56
C PHE E 72 -30.15 6.75 -40.79
N LEU E 73 -30.67 5.92 -39.89
CA LEU E 73 -29.79 5.13 -39.04
C LEU E 73 -29.11 3.99 -39.79
N THR E 74 -29.81 3.37 -40.75
CA THR E 74 -29.30 2.19 -41.45
C THR E 74 -28.88 2.51 -42.87
N ALA E 75 -28.34 3.70 -43.10
CA ALA E 75 -27.81 4.09 -44.41
C ALA E 75 -26.35 4.46 -44.27
N ALA E 76 -25.56 4.10 -45.28
CA ALA E 76 -24.11 4.29 -45.19
C ALA E 76 -23.52 4.30 -46.60
N VAL E 77 -22.27 4.74 -46.68
CA VAL E 77 -21.47 4.65 -47.89
C VAL E 77 -20.47 3.53 -47.63
N SER E 78 -20.76 2.34 -48.15
CA SER E 78 -19.98 1.16 -47.83
C SER E 78 -18.63 1.17 -48.54
N THR E 79 -17.67 0.47 -47.95
CA THR E 79 -16.32 0.36 -48.46
C THR E 79 -16.28 -0.51 -49.71
N PRO E 80 -15.22 -0.40 -50.51
CA PRO E 80 -15.12 -1.24 -51.71
C PRO E 80 -15.00 -2.71 -51.35
N ALA E 81 -15.21 -3.56 -52.36
CA ALA E 81 -15.13 -5.00 -52.15
C ALA E 81 -13.71 -5.41 -51.81
N ASN E 82 -13.59 -6.53 -51.10
CA ASN E 82 -12.28 -7.02 -50.69
C ASN E 82 -11.40 -7.41 -51.87
N SER E 83 -11.99 -7.66 -53.03
CA SER E 83 -11.20 -7.98 -54.21
C SER E 83 -10.29 -6.82 -54.61
N MET E 84 -10.72 -5.59 -54.37
CA MET E 84 -9.93 -4.43 -54.78
C MET E 84 -8.68 -4.27 -53.92
N ALA E 85 -8.64 -4.88 -52.74
CA ALA E 85 -7.50 -4.82 -51.83
C ALA E 85 -7.26 -3.35 -51.50
N HIS E 86 -6.08 -2.79 -51.74
CA HIS E 86 -5.77 -1.41 -51.42
C HIS E 86 -5.72 -0.53 -52.66
N SER E 87 -6.58 -0.80 -53.64
CA SER E 87 -6.61 0.01 -54.84
C SER E 87 -7.10 1.41 -54.51
N LEU E 88 -6.42 2.42 -55.07
CA LEU E 88 -6.86 3.80 -54.87
C LEU E 88 -8.23 4.03 -55.49
N LEU E 89 -8.56 3.28 -56.54
CA LEU E 89 -9.91 3.22 -57.10
C LEU E 89 -10.35 4.59 -57.62
N PHE E 90 -9.55 5.14 -58.53
CA PHE E 90 -9.91 6.38 -59.21
C PHE E 90 -11.02 6.12 -60.21
N VAL E 91 -11.76 7.16 -60.55
CA VAL E 91 -12.82 7.03 -61.55
C VAL E 91 -12.21 6.72 -62.91
N TRP E 92 -11.01 7.22 -63.18
CA TRP E 92 -10.29 6.92 -64.41
C TRP E 92 -9.37 5.71 -64.27
N GLY E 93 -9.41 5.03 -63.13
CA GLY E 93 -8.50 3.94 -62.87
C GLY E 93 -8.80 2.71 -63.70
N PRO E 94 -7.88 1.74 -63.68
CA PRO E 94 -8.10 0.50 -64.45
C PRO E 94 -9.34 -0.26 -64.02
N GLU E 95 -9.73 -0.19 -62.75
CA GLU E 95 -10.90 -0.91 -62.29
C GLU E 95 -12.17 -0.37 -62.92
N ALA E 96 -12.35 0.95 -62.90
CA ALA E 96 -13.57 1.56 -63.43
C ALA E 96 -13.45 1.95 -64.89
N GLN E 97 -12.24 2.03 -65.44
CA GLN E 97 -12.00 2.29 -66.87
C GLN E 97 -12.67 3.56 -67.35
N GLY E 98 -12.90 4.52 -66.45
CA GLY E 98 -13.49 5.80 -66.80
C GLY E 98 -15.00 5.86 -66.66
N ASP E 99 -15.67 4.72 -66.52
CA ASP E 99 -17.12 4.73 -66.36
C ASP E 99 -17.51 5.27 -65.00
N PHE E 100 -18.65 5.97 -64.95
CA PHE E 100 -19.13 6.53 -63.69
C PHE E 100 -20.08 5.59 -62.96
N THR E 101 -21.11 5.10 -63.65
CA THR E 101 -22.11 4.27 -62.98
C THR E 101 -21.48 2.98 -62.46
N ARG E 102 -20.55 2.39 -63.21
CA ARG E 102 -19.81 1.25 -62.70
C ARG E 102 -18.97 1.64 -61.49
N TRP E 103 -18.32 2.81 -61.55
CA TRP E 103 -17.47 3.26 -60.46
C TRP E 103 -18.26 3.43 -59.17
N CYS E 104 -19.41 4.10 -59.24
CA CYS E 104 -20.27 4.23 -58.06
C CYS E 104 -20.80 2.88 -57.62
N GLN E 105 -21.14 2.01 -58.58
CA GLN E 105 -21.61 0.67 -58.28
C GLN E 105 -20.50 -0.21 -57.72
N LEU E 106 -19.25 0.14 -57.97
CA LEU E 106 -18.11 -0.68 -57.58
C LEU E 106 -17.55 -0.32 -56.22
N GLY E 107 -18.02 0.76 -55.61
CA GLY E 107 -17.59 1.15 -54.29
C GLY E 107 -16.56 2.26 -54.23
N GLY E 108 -16.21 2.86 -55.37
CA GLY E 108 -15.19 3.91 -55.37
C GLY E 108 -15.61 5.17 -54.64
N LEU E 109 -16.91 5.34 -54.42
CA LEU E 109 -17.38 6.55 -53.75
C LEU E 109 -16.87 6.64 -52.33
N TRP E 110 -16.69 5.50 -51.65
CA TRP E 110 -16.11 5.51 -50.32
C TRP E 110 -14.69 6.06 -50.35
N ALA E 111 -13.87 5.59 -51.29
CA ALA E 111 -12.50 6.10 -51.40
C ALA E 111 -12.49 7.59 -51.73
N PHE E 112 -13.37 8.01 -52.64
CA PHE E 112 -13.50 9.43 -52.96
C PHE E 112 -13.79 10.25 -51.71
N VAL E 113 -14.81 9.84 -50.95
CA VAL E 113 -15.20 10.58 -49.75
C VAL E 113 -14.06 10.61 -48.74
N ALA E 114 -13.44 9.46 -48.50
CA ALA E 114 -12.41 9.38 -47.46
C ALA E 114 -11.20 10.24 -47.81
N LEU E 115 -10.74 10.16 -49.06
CA LEU E 115 -9.55 10.92 -49.45
C LEU E 115 -9.82 12.42 -49.46
N HIS E 116 -10.95 12.83 -50.05
CA HIS E 116 -11.24 14.25 -50.05
C HIS E 116 -11.48 14.77 -48.63
N GLY E 117 -12.06 13.96 -47.75
CA GLY E 117 -12.23 14.38 -46.37
C GLY E 117 -10.92 14.49 -45.61
N ALA E 118 -9.99 13.57 -45.86
CA ALA E 118 -8.67 13.68 -45.21
C ALA E 118 -7.96 14.96 -45.65
N PHE E 119 -7.98 15.26 -46.94
CA PHE E 119 -7.38 16.51 -47.38
C PHE E 119 -8.13 17.71 -46.83
N GLY E 120 -9.44 17.60 -46.65
CA GLY E 120 -10.19 18.67 -46.01
C GLY E 120 -9.76 18.90 -44.57
N LEU E 121 -9.47 17.81 -43.86
CA LEU E 121 -8.96 17.94 -42.49
C LEU E 121 -7.62 18.64 -42.47
N ILE E 122 -6.73 18.27 -43.40
CA ILE E 122 -5.43 18.96 -43.49
C ILE E 122 -5.64 20.45 -43.75
N GLY E 123 -6.54 20.76 -44.69
CA GLY E 123 -6.82 22.15 -44.98
C GLY E 123 -7.42 22.89 -43.80
N PHE E 124 -8.24 22.20 -43.00
CA PHE E 124 -8.84 22.84 -41.83
C PHE E 124 -7.79 23.18 -40.79
N MET E 125 -6.83 22.26 -40.56
CA MET E 125 -5.77 22.61 -39.62
C MET E 125 -4.90 23.75 -40.14
N LEU E 126 -4.64 23.75 -41.45
CA LEU E 126 -3.91 24.87 -42.03
C LEU E 126 -4.67 26.18 -41.84
N ARG E 127 -6.00 26.13 -41.96
CA ARG E 127 -6.82 27.32 -41.75
C ARG E 127 -6.76 27.79 -40.31
N GLN E 128 -6.77 26.86 -39.37
CA GLN E 128 -6.61 27.24 -37.97
C GLN E 128 -5.28 27.93 -37.75
N PHE E 129 -4.20 27.41 -38.35
CA PHE E 129 -2.91 28.07 -38.25
C PHE E 129 -2.94 29.47 -38.84
N GLU E 130 -3.58 29.62 -40.02
CA GLU E 130 -3.64 30.92 -40.66
C GLU E 130 -4.41 31.93 -39.82
N ILE E 131 -5.55 31.51 -39.25
CA ILE E 131 -6.33 32.41 -38.41
C ILE E 131 -5.54 32.81 -37.17
N ALA E 132 -4.87 31.85 -36.54
CA ALA E 132 -4.09 32.16 -35.36
C ALA E 132 -2.98 33.15 -35.68
N ARG E 133 -2.31 32.98 -36.82
CA ARG E 133 -1.27 33.92 -37.21
C ARG E 133 -1.85 35.30 -37.49
N SER E 134 -3.01 35.36 -38.14
CA SER E 134 -3.62 36.64 -38.44
C SER E 134 -4.01 37.40 -37.17
N VAL E 135 -4.56 36.69 -36.18
CA VAL E 135 -5.01 37.33 -34.94
C VAL E 135 -3.88 37.51 -33.94
N ASN E 136 -2.69 36.99 -34.23
CA ASN E 136 -1.53 37.06 -33.34
C ASN E 136 -1.82 36.39 -32.00
N LEU E 137 -2.08 35.09 -32.07
CA LEU E 137 -2.31 34.25 -30.90
C LEU E 137 -1.53 32.96 -31.05
N ARG E 138 -1.21 32.35 -29.91
CA ARG E 138 -0.58 31.05 -29.93
C ARG E 138 -1.56 30.03 -30.53
N PRO E 139 -1.11 29.18 -31.45
CA PRO E 139 -2.02 28.26 -32.15
C PRO E 139 -2.25 26.95 -31.42
N TYR E 140 -2.70 27.05 -30.16
CA TYR E 140 -3.00 25.85 -29.39
C TYR E 140 -4.20 25.10 -29.94
N ASN E 141 -5.07 25.78 -30.69
CA ASN E 141 -6.23 25.11 -31.27
C ASN E 141 -5.81 24.07 -32.29
N ALA E 142 -4.79 24.37 -33.09
CA ALA E 142 -4.27 23.38 -34.04
C ALA E 142 -3.66 22.19 -33.31
N ILE E 143 -2.93 22.45 -32.23
CA ILE E 143 -2.37 21.36 -31.45
C ILE E 143 -3.47 20.47 -30.90
N ALA E 144 -4.57 21.08 -30.45
CA ALA E 144 -5.72 20.30 -29.99
C ALA E 144 -6.32 19.48 -31.13
N PHE E 145 -6.50 20.11 -32.29
CA PHE E 145 -7.10 19.44 -33.43
C PHE E 145 -6.20 18.36 -34.03
N SER E 146 -4.93 18.31 -33.62
CA SER E 146 -4.05 17.24 -34.07
C SER E 146 -4.60 15.87 -33.70
N ALA E 147 -5.23 15.75 -32.53
CA ALA E 147 -5.73 14.46 -32.09
C ALA E 147 -6.84 13.90 -32.97
N PRO E 148 -7.87 14.66 -33.36
CA PRO E 148 -8.86 14.09 -34.29
C PRO E 148 -8.25 13.62 -35.60
N ILE E 149 -7.27 14.34 -36.13
CA ILE E 149 -6.61 13.90 -37.36
C ILE E 149 -5.87 12.60 -37.12
N ALA E 150 -5.22 12.46 -35.97
CA ALA E 150 -4.54 11.21 -35.64
C ALA E 150 -5.52 10.05 -35.56
N VAL E 151 -6.68 10.28 -34.93
CA VAL E 151 -7.68 9.23 -34.83
C VAL E 151 -8.20 8.84 -36.21
N PHE E 152 -8.49 9.83 -37.05
CA PHE E 152 -9.00 9.54 -38.39
C PHE E 152 -7.97 8.78 -39.21
N VAL E 153 -6.69 9.19 -39.13
CA VAL E 153 -5.65 8.50 -39.89
C VAL E 153 -5.49 7.08 -39.39
N SER E 154 -5.50 6.88 -38.08
CA SER E 154 -5.32 5.53 -37.53
C SER E 154 -6.46 4.61 -37.91
N VAL E 155 -7.69 5.10 -37.87
CA VAL E 155 -8.84 4.22 -38.05
C VAL E 155 -9.20 4.03 -39.52
N PHE E 156 -9.19 5.10 -40.32
CA PHE E 156 -9.69 5.01 -41.69
C PHE E 156 -8.61 4.78 -42.73
N LEU E 157 -7.34 5.04 -42.41
CA LEU E 157 -6.28 4.87 -43.39
C LEU E 157 -5.25 3.82 -42.99
N ILE E 158 -4.66 3.93 -41.80
CA ILE E 158 -3.58 3.01 -41.43
C ILE E 158 -4.12 1.60 -41.20
N TYR E 159 -5.24 1.49 -40.48
CA TYR E 159 -5.80 0.17 -40.21
C TYR E 159 -6.19 -0.58 -41.47
N PRO E 160 -6.93 0.00 -42.41
CA PRO E 160 -7.22 -0.75 -43.65
C PRO E 160 -5.97 -1.11 -44.43
N LEU E 161 -4.95 -0.25 -44.41
CA LEU E 161 -3.70 -0.56 -45.11
C LEU E 161 -3.01 -1.75 -44.46
N GLY E 162 -3.06 -1.84 -43.13
CA GLY E 162 -2.49 -3.00 -42.45
C GLY E 162 -3.26 -4.27 -42.69
N GLN E 163 -4.54 -4.17 -43.05
CA GLN E 163 -5.38 -5.34 -43.28
C GLN E 163 -5.33 -5.72 -44.76
N SER E 164 -6.26 -6.58 -45.17
CA SER E 164 -6.25 -7.10 -46.54
C SER E 164 -6.80 -6.13 -47.57
N GLY E 165 -7.46 -5.06 -47.16
CA GLY E 165 -7.97 -4.10 -48.12
C GLY E 165 -8.88 -3.09 -47.47
N TRP E 166 -9.46 -2.23 -48.32
CA TRP E 166 -10.40 -1.22 -47.85
C TRP E 166 -11.67 -1.82 -47.30
N PHE E 167 -11.94 -3.10 -47.58
CA PHE E 167 -13.20 -3.70 -47.17
C PHE E 167 -13.39 -3.66 -45.66
N PHE E 168 -12.29 -3.71 -44.91
CA PHE E 168 -12.35 -3.78 -43.45
C PHE E 168 -12.27 -2.40 -42.80
N ALA E 169 -12.28 -1.33 -43.60
CA ALA E 169 -12.37 0.01 -43.07
C ALA E 169 -13.79 0.28 -42.58
N PRO E 170 -13.95 1.23 -41.67
CA PRO E 170 -15.31 1.64 -41.30
C PRO E 170 -16.05 2.28 -42.47
N SER E 171 -17.35 2.05 -42.52
CA SER E 171 -18.20 2.65 -43.54
C SER E 171 -18.93 3.84 -42.94
N PHE E 172 -19.10 4.88 -43.75
CA PHE E 172 -19.64 6.15 -43.26
C PHE E 172 -21.14 6.03 -43.04
N GLY E 173 -21.49 5.48 -41.88
CA GLY E 173 -22.88 5.34 -41.50
C GLY E 173 -22.99 4.91 -40.05
N VAL E 174 -24.15 5.19 -39.47
CA VAL E 174 -24.36 4.91 -38.04
C VAL E 174 -24.31 3.41 -37.78
N ALA E 175 -25.18 2.65 -38.45
CA ALA E 175 -25.18 1.21 -38.27
C ALA E 175 -23.87 0.60 -38.74
N ALA E 176 -23.24 1.18 -39.75
CA ALA E 176 -21.94 0.70 -40.19
C ALA E 176 -20.88 0.89 -39.12
N ILE E 177 -20.90 2.03 -38.44
CA ILE E 177 -19.96 2.26 -37.34
C ILE E 177 -20.22 1.28 -36.20
N PHE E 178 -21.50 1.01 -35.91
CA PHE E 178 -21.81 0.01 -34.88
C PHE E 178 -21.30 -1.36 -35.28
N ARG E 179 -21.43 -1.72 -36.56
CA ARG E 179 -20.87 -2.98 -37.04
C ARG E 179 -19.36 -3.01 -36.85
N PHE E 180 -18.69 -1.90 -37.16
CA PHE E 180 -17.25 -1.82 -36.98
C PHE E 180 -16.86 -2.03 -35.52
N ILE E 181 -17.61 -1.40 -34.61
CA ILE E 181 -17.32 -1.49 -33.19
C ILE E 181 -17.48 -2.94 -32.70
N LEU E 182 -18.61 -3.57 -33.08
CA LEU E 182 -18.83 -4.96 -32.68
C LEU E 182 -17.81 -5.89 -33.32
N PHE E 183 -17.35 -5.58 -34.54
CA PHE E 183 -16.33 -6.39 -35.17
C PHE E 183 -15.03 -6.33 -34.39
N PHE E 184 -14.63 -5.13 -33.96
CA PHE E 184 -13.43 -5.05 -33.13
C PHE E 184 -13.61 -5.78 -31.81
N GLN E 185 -14.78 -5.66 -31.20
CA GLN E 185 -15.02 -6.39 -29.96
C GLN E 185 -14.84 -7.89 -30.18
N GLY E 186 -15.49 -8.43 -31.21
CA GLY E 186 -15.47 -9.86 -31.42
C GLY E 186 -14.10 -10.39 -31.82
N PHE E 187 -13.41 -9.69 -32.71
CA PHE E 187 -12.17 -10.23 -33.29
C PHE E 187 -10.92 -9.77 -32.57
N HIS E 188 -10.81 -8.48 -32.25
CA HIS E 188 -9.58 -7.92 -31.72
C HIS E 188 -9.55 -7.84 -30.19
N ASN E 189 -10.68 -8.09 -29.52
CA ASN E 189 -10.79 -7.88 -28.08
C ASN E 189 -10.33 -6.47 -27.71
N TRP E 190 -10.89 -5.50 -28.43
CA TRP E 190 -10.41 -4.11 -28.33
C TRP E 190 -10.66 -3.51 -26.96
N THR E 191 -11.64 -4.02 -26.21
CA THR E 191 -11.88 -3.50 -24.87
C THR E 191 -10.71 -3.79 -23.93
N LEU E 192 -9.98 -4.88 -24.17
CA LEU E 192 -8.93 -5.31 -23.26
C LEU E 192 -7.58 -4.67 -23.55
N ASN E 193 -7.45 -3.96 -24.67
CA ASN E 193 -6.19 -3.31 -25.01
C ASN E 193 -5.95 -2.13 -24.08
N PRO E 194 -4.80 -2.06 -23.39
CA PRO E 194 -4.58 -0.95 -22.45
C PRO E 194 -4.64 0.43 -23.08
N PHE E 195 -4.25 0.55 -24.35
CA PHE E 195 -4.30 1.85 -25.01
C PHE E 195 -5.74 2.35 -25.15
N HIS E 196 -6.68 1.46 -25.47
CA HIS E 196 -8.07 1.86 -25.48
C HIS E 196 -8.54 2.25 -24.09
N MET E 197 -8.05 1.55 -23.06
CA MET E 197 -8.39 1.92 -21.68
C MET E 197 -7.92 3.34 -21.38
N MET E 198 -6.70 3.67 -21.79
CA MET E 198 -6.19 5.01 -21.54
C MET E 198 -6.97 6.04 -22.34
N GLY E 199 -7.38 5.70 -23.56
CA GLY E 199 -8.17 6.62 -24.35
C GLY E 199 -9.54 6.90 -23.76
N VAL E 200 -10.23 5.86 -23.30
CA VAL E 200 -11.55 6.05 -22.69
C VAL E 200 -11.41 6.81 -21.38
N ALA E 201 -10.34 6.52 -20.62
CA ALA E 201 -10.10 7.30 -19.40
C ALA E 201 -9.92 8.78 -19.73
N GLY E 202 -9.15 9.07 -20.78
CA GLY E 202 -8.96 10.46 -21.17
C GLY E 202 -10.24 11.13 -21.60
N VAL E 203 -11.07 10.43 -22.37
CA VAL E 203 -12.31 11.02 -22.88
C VAL E 203 -13.29 11.30 -21.73
N LEU E 204 -13.46 10.31 -20.84
CA LEU E 204 -14.35 10.52 -19.70
C LEU E 204 -13.80 11.60 -18.77
N GLY E 205 -12.49 11.66 -18.60
CA GLY E 205 -11.90 12.72 -17.80
C GLY E 205 -12.11 14.09 -18.41
N ALA E 206 -12.05 14.18 -19.73
CA ALA E 206 -12.32 15.45 -20.40
C ALA E 206 -13.77 15.89 -20.17
N ALA E 207 -14.71 14.94 -20.29
CA ALA E 207 -16.10 15.29 -20.03
C ALA E 207 -16.30 15.73 -18.57
N LEU E 208 -15.66 15.03 -17.65
CA LEU E 208 -15.72 15.38 -16.23
C LEU E 208 -15.16 16.78 -15.99
N LEU E 209 -14.02 17.09 -16.59
CA LEU E 209 -13.42 18.41 -16.43
C LEU E 209 -14.31 19.50 -16.99
N CYS E 210 -14.90 19.25 -18.15
CA CYS E 210 -15.83 20.23 -18.72
C CYS E 210 -16.99 20.50 -17.77
N ALA E 211 -17.61 19.43 -17.26
CA ALA E 211 -18.76 19.60 -16.38
C ALA E 211 -18.38 20.35 -15.11
N ILE E 212 -17.29 19.96 -14.46
CA ILE E 212 -16.91 20.61 -13.21
C ILE E 212 -16.53 22.07 -13.45
N HIS E 213 -15.77 22.34 -14.51
CA HIS E 213 -15.39 23.73 -14.77
C HIS E 213 -16.61 24.59 -15.00
N GLY E 214 -17.56 24.11 -15.82
CA GLY E 214 -18.76 24.89 -16.05
C GLY E 214 -19.55 25.14 -14.79
N ALA E 215 -19.79 24.09 -14.00
CA ALA E 215 -20.57 24.24 -12.78
C ALA E 215 -19.87 25.16 -11.79
N THR E 216 -18.56 24.99 -11.60
CA THR E 216 -17.82 25.80 -10.65
C THR E 216 -17.81 27.26 -11.06
N VAL E 217 -17.59 27.55 -12.35
CA VAL E 217 -17.59 28.94 -12.79
C VAL E 217 -18.98 29.55 -12.62
N GLU E 218 -20.02 28.82 -12.99
CA GLU E 218 -21.37 29.36 -12.89
C GLU E 218 -21.89 29.45 -11.46
N ASN E 219 -21.24 28.77 -10.50
CA ASN E 219 -21.68 28.81 -9.11
C ASN E 219 -20.74 29.59 -8.22
N THR E 220 -19.88 30.44 -8.80
CA THR E 220 -18.97 31.26 -8.01
C THR E 220 -18.90 32.67 -8.58
N LEU E 221 -19.96 33.11 -9.26
CA LEU E 221 -19.97 34.43 -9.87
C LEU E 221 -20.00 35.52 -8.80
N PHE E 222 -19.47 36.69 -9.17
CA PHE E 222 -19.58 37.88 -8.35
C PHE E 222 -20.91 38.57 -8.64
N GLU E 223 -21.48 39.18 -7.61
CA GLU E 223 -22.74 39.90 -7.76
C GLU E 223 -22.46 41.22 -8.46
N ASP E 224 -22.32 41.15 -9.78
CA ASP E 224 -21.98 42.29 -10.60
C ASP E 224 -23.19 43.07 -11.12
N GLY E 225 -24.39 42.66 -10.73
CA GLY E 225 -25.58 43.35 -11.21
C GLY E 225 -26.78 43.00 -10.36
N ASP E 226 -27.89 43.68 -10.67
CA ASP E 226 -29.15 43.45 -9.99
C ASP E 226 -29.99 42.41 -10.74
N GLY E 227 -31.05 41.97 -10.07
CA GLY E 227 -31.92 40.95 -10.64
C GLY E 227 -31.38 39.55 -10.46
N ALA E 228 -32.21 38.58 -10.81
CA ALA E 228 -31.83 37.18 -10.68
C ALA E 228 -31.14 36.63 -11.91
N ASN E 229 -31.43 37.18 -13.09
CA ASN E 229 -30.81 36.71 -14.33
C ASN E 229 -29.37 37.19 -14.35
N THR E 230 -28.45 36.31 -13.97
CA THR E 230 -27.05 36.69 -13.84
C THR E 230 -26.38 36.86 -15.20
N PHE E 231 -26.92 36.22 -16.24
CA PHE E 231 -26.29 36.28 -17.56
C PHE E 231 -26.17 37.71 -18.06
N ARG E 232 -27.17 38.54 -17.76
CA ARG E 232 -27.14 39.93 -18.21
C ARG E 232 -26.14 40.78 -17.43
N ALA E 233 -25.72 40.32 -16.24
CA ALA E 233 -24.80 41.10 -15.43
C ALA E 233 -23.35 40.81 -15.82
N PHE E 234 -23.02 40.96 -17.10
CA PHE E 234 -21.68 40.72 -17.57
C PHE E 234 -21.38 41.66 -18.73
N ASN E 235 -20.27 42.39 -18.62
CA ASN E 235 -19.81 43.27 -19.68
C ASN E 235 -18.61 42.61 -20.35
N PRO E 236 -18.69 42.27 -21.64
CA PRO E 236 -17.56 41.60 -22.30
C PRO E 236 -16.30 42.44 -22.36
N THR E 237 -16.41 43.76 -22.24
CA THR E 237 -15.25 44.65 -22.27
C THR E 237 -14.66 44.93 -20.90
N GLN E 238 -15.21 44.35 -19.84
CA GLN E 238 -14.72 44.61 -18.50
C GLN E 238 -13.33 43.99 -18.31
N ALA E 239 -12.55 44.60 -17.42
CA ALA E 239 -11.20 44.13 -17.11
C ALA E 239 -11.13 43.50 -15.73
N GLU E 240 -12.25 43.09 -15.17
CA GLU E 240 -12.31 42.50 -13.83
C GLU E 240 -12.86 41.09 -13.92
N GLU E 241 -12.31 40.21 -13.07
CA GLU E 241 -12.69 38.81 -13.12
C GLU E 241 -14.15 38.64 -12.71
N THR E 242 -14.85 37.72 -13.37
CA THR E 242 -16.28 37.51 -13.17
C THR E 242 -16.60 36.43 -12.16
N TYR E 243 -15.61 35.72 -11.64
CA TYR E 243 -15.86 34.73 -10.59
C TYR E 243 -14.67 34.68 -9.65
N SER E 244 -14.95 34.22 -8.43
CA SER E 244 -13.96 34.21 -7.35
C SER E 244 -13.15 32.93 -7.43
N MET E 245 -11.88 33.05 -7.82
CA MET E 245 -11.00 31.89 -7.85
C MET E 245 -10.71 31.38 -6.45
N VAL E 246 -10.60 32.27 -5.47
CA VAL E 246 -10.27 31.87 -4.11
C VAL E 246 -11.38 31.00 -3.52
N THR E 247 -12.63 31.42 -3.70
CA THR E 247 -13.76 30.67 -3.15
C THR E 247 -13.85 29.28 -3.79
N ALA E 248 -13.70 29.20 -5.11
CA ALA E 248 -13.73 27.91 -5.78
C ALA E 248 -12.58 27.01 -5.32
N ASN E 249 -11.40 27.59 -5.18
CA ASN E 249 -10.25 26.82 -4.71
C ASN E 249 -10.51 26.25 -3.33
N ARG E 250 -11.01 27.09 -2.41
CA ARG E 250 -11.29 26.60 -1.06
C ARG E 250 -12.37 25.53 -1.06
N PHE E 251 -13.43 25.74 -1.84
CA PHE E 251 -14.51 24.77 -1.88
C PHE E 251 -14.02 23.41 -2.38
N TRP E 252 -13.27 23.41 -3.49
CA TRP E 252 -12.83 22.14 -4.05
C TRP E 252 -11.71 21.50 -3.26
N SER E 253 -10.94 22.31 -2.53
CA SER E 253 -9.91 21.74 -1.66
C SER E 253 -10.52 21.14 -0.40
N GLN E 254 -11.65 21.66 0.06
CA GLN E 254 -12.31 21.08 1.23
C GLN E 254 -13.24 19.94 0.89
N ILE E 255 -13.80 19.91 -0.33
CA ILE E 255 -14.65 18.81 -0.74
C ILE E 255 -13.82 17.63 -1.23
N PHE E 256 -12.97 17.86 -2.22
CA PHE E 256 -12.23 16.80 -2.88
C PHE E 256 -10.89 16.52 -2.21
N GLY E 257 -10.16 17.56 -1.83
CA GLY E 257 -8.86 17.40 -1.21
C GLY E 257 -7.79 18.20 -1.92
N VAL E 258 -7.88 18.29 -3.24
CA VAL E 258 -6.96 19.07 -4.05
C VAL E 258 -7.78 19.94 -5.01
N ALA E 259 -7.32 21.16 -5.24
CA ALA E 259 -8.04 22.09 -6.10
C ALA E 259 -7.04 22.90 -6.91
N PHE E 260 -7.48 23.35 -8.07
CA PHE E 260 -6.65 24.20 -8.91
C PHE E 260 -6.46 25.57 -8.27
N SER E 261 -5.28 26.16 -8.52
CA SER E 261 -5.00 27.50 -8.07
C SER E 261 -4.46 28.40 -9.17
N ASN E 262 -4.27 27.87 -10.38
CA ASN E 262 -3.76 28.64 -11.51
C ASN E 262 -4.71 28.46 -12.68
N LYS E 263 -5.22 29.58 -13.21
CA LYS E 263 -6.16 29.50 -14.33
C LYS E 263 -5.49 28.92 -15.57
N ARG E 264 -4.26 29.35 -15.86
CA ARG E 264 -3.56 28.86 -17.03
C ARG E 264 -3.33 27.36 -16.95
N TRP E 265 -2.90 26.87 -15.79
CA TRP E 265 -2.69 25.44 -15.61
C TRP E 265 -4.00 24.67 -15.74
N LEU E 266 -5.08 25.21 -15.18
CA LEU E 266 -6.37 24.54 -15.25
C LEU E 266 -6.81 24.38 -16.71
N HIS E 267 -6.79 25.47 -17.47
CA HIS E 267 -7.25 25.39 -18.84
C HIS E 267 -6.31 24.56 -19.71
N PHE E 268 -5.01 24.59 -19.41
CA PHE E 268 -4.08 23.73 -20.14
C PHE E 268 -4.34 22.27 -19.83
N PHE E 269 -4.69 21.94 -18.58
CA PHE E 269 -5.05 20.56 -18.25
C PHE E 269 -6.30 20.13 -19.00
N MET E 270 -7.29 21.02 -19.08
CA MET E 270 -8.49 20.73 -19.87
C MET E 270 -8.13 20.46 -21.32
N LEU E 271 -7.20 21.24 -21.88
CA LEU E 271 -6.72 20.97 -23.23
C LEU E 271 -5.99 19.64 -23.32
N LEU E 272 -5.16 19.33 -22.34
CA LEU E 272 -4.21 18.22 -22.44
C LEU E 272 -4.85 16.86 -22.27
N VAL E 273 -5.88 16.72 -21.43
CA VAL E 273 -6.40 15.39 -21.13
C VAL E 273 -6.95 14.70 -22.39
N PRO E 274 -7.91 15.29 -23.11
CA PRO E 274 -8.50 14.56 -24.25
C PRO E 274 -7.54 14.32 -25.39
N VAL E 275 -6.62 15.25 -25.62
CA VAL E 275 -5.64 15.08 -26.69
C VAL E 275 -4.78 13.86 -26.42
N THR E 276 -4.29 13.73 -25.19
CA THR E 276 -3.51 12.55 -24.84
C THR E 276 -4.34 11.28 -24.96
N GLY E 277 -5.59 11.34 -24.50
CA GLY E 277 -6.42 10.15 -24.58
C GLY E 277 -6.60 9.63 -25.99
N LEU E 278 -6.95 10.53 -26.92
CA LEU E 278 -7.14 10.09 -28.31
C LEU E 278 -5.83 9.74 -28.99
N TRP E 279 -4.72 10.39 -28.63
CA TRP E 279 -3.44 9.97 -29.21
C TRP E 279 -3.10 8.55 -28.79
N MET E 280 -3.36 8.21 -27.52
CA MET E 280 -3.09 6.83 -27.08
C MET E 280 -4.03 5.84 -27.76
N SER E 281 -5.29 6.24 -27.97
CA SER E 281 -6.21 5.39 -28.71
C SER E 281 -5.72 5.16 -30.14
N ALA E 282 -5.19 6.21 -30.77
CA ALA E 282 -4.66 6.08 -32.12
C ALA E 282 -3.48 5.12 -32.15
N ILE E 283 -2.61 5.19 -31.15
CA ILE E 283 -1.48 4.25 -31.08
C ILE E 283 -1.99 2.82 -30.93
N GLY E 284 -3.02 2.63 -30.09
CA GLY E 284 -3.59 1.30 -29.94
C GLY E 284 -4.17 0.76 -31.24
N VAL E 285 -4.87 1.61 -32.00
CA VAL E 285 -5.42 1.17 -33.28
C VAL E 285 -4.31 0.85 -34.26
N VAL E 286 -3.24 1.64 -34.25
CA VAL E 286 -2.07 1.33 -35.08
C VAL E 286 -1.53 -0.06 -34.74
N GLY E 287 -1.46 -0.37 -33.44
CA GLY E 287 -1.06 -1.71 -33.04
C GLY E 287 -2.01 -2.78 -33.55
N LEU E 288 -3.31 -2.49 -33.50
CA LEU E 288 -4.30 -3.45 -34.01
C LEU E 288 -4.16 -3.68 -35.51
N ALA E 289 -3.70 -2.68 -36.24
CA ALA E 289 -3.64 -2.79 -37.70
C ALA E 289 -2.76 -3.94 -38.15
N LEU E 290 -1.82 -4.36 -37.29
CA LEU E 290 -0.92 -5.45 -37.61
C LEU E 290 -1.26 -6.74 -36.86
N ASN E 291 -2.50 -6.84 -36.37
CA ASN E 291 -2.97 -7.97 -35.57
C ASN E 291 -2.20 -8.13 -34.27
N LEU E 292 -1.48 -7.09 -33.84
CA LEU E 292 -0.81 -7.11 -32.54
C LEU E 292 -1.86 -6.84 -31.47
N ARG E 293 -2.52 -7.91 -31.06
CA ARG E 293 -3.67 -7.82 -30.18
C ARG E 293 -3.27 -8.17 -28.75
N ALA E 294 -3.78 -7.38 -27.80
CA ALA E 294 -3.72 -7.74 -26.39
C ALA E 294 -4.90 -8.66 -26.05
N TYR E 295 -4.91 -9.81 -26.73
CA TYR E 295 -6.11 -10.65 -26.74
C TYR E 295 -6.23 -11.47 -25.46
N ASP E 296 -5.21 -12.26 -25.14
CA ASP E 296 -5.33 -13.28 -24.10
C ASP E 296 -4.22 -13.12 -23.06
N PHE E 297 -4.52 -13.62 -21.87
CA PHE E 297 -3.53 -13.79 -20.80
C PHE E 297 -3.14 -15.25 -20.76
N VAL E 298 -1.86 -15.53 -21.02
CA VAL E 298 -1.41 -16.91 -21.20
C VAL E 298 -1.57 -17.69 -19.90
N SER E 299 -1.26 -17.07 -18.77
CA SER E 299 -1.35 -17.78 -17.49
C SER E 299 -2.77 -18.26 -17.20
N GLN E 300 -3.75 -17.38 -17.37
CA GLN E 300 -5.13 -17.75 -17.09
C GLN E 300 -5.65 -18.75 -18.11
N GLU E 301 -5.24 -18.63 -19.37
CA GLU E 301 -5.64 -19.61 -20.37
C GLU E 301 -5.11 -21.00 -20.02
N ILE E 302 -3.84 -21.08 -19.62
CA ILE E 302 -3.26 -22.36 -19.24
C ILE E 302 -3.97 -22.92 -18.02
N ARG E 303 -4.24 -22.06 -17.02
CA ARG E 303 -4.91 -22.53 -15.82
C ARG E 303 -6.32 -23.04 -16.13
N ALA E 304 -7.04 -22.35 -17.01
CA ALA E 304 -8.38 -22.79 -17.38
C ALA E 304 -8.35 -24.10 -18.15
N ALA E 305 -7.38 -24.25 -19.06
CA ALA E 305 -7.26 -25.50 -19.80
C ALA E 305 -6.94 -26.65 -18.87
N GLU E 306 -6.03 -26.43 -17.91
CA GLU E 306 -5.64 -27.49 -16.99
C GLU E 306 -6.77 -27.80 -16.01
N ASP E 307 -7.37 -26.77 -15.42
CA ASP E 307 -8.39 -26.95 -14.40
C ASP E 307 -9.76 -26.68 -14.99
N PRO E 308 -10.64 -27.68 -15.09
CA PRO E 308 -11.97 -27.44 -15.67
C PRO E 308 -12.91 -26.67 -14.77
N GLU E 309 -12.56 -26.43 -13.51
CA GLU E 309 -13.40 -25.70 -12.58
C GLU E 309 -13.04 -24.23 -12.48
N PHE E 310 -12.07 -23.75 -13.26
CA PHE E 310 -11.60 -22.39 -13.15
C PHE E 310 -12.38 -21.49 -14.10
N GLU E 311 -13.12 -20.53 -13.55
CA GLU E 311 -13.88 -19.58 -14.33
C GLU E 311 -13.65 -18.18 -13.80
N THR E 312 -13.37 -17.25 -14.72
CA THR E 312 -13.29 -15.83 -14.41
C THR E 312 -14.05 -15.07 -15.48
N PHE E 313 -14.28 -13.78 -15.23
CA PHE E 313 -14.97 -12.97 -16.22
C PHE E 313 -14.17 -12.87 -17.52
N TYR E 314 -12.85 -13.00 -17.43
CA TYR E 314 -12.02 -13.00 -18.63
C TYR E 314 -12.36 -14.17 -19.54
N THR E 315 -12.52 -15.36 -18.98
CA THR E 315 -12.85 -16.52 -19.80
C THR E 315 -14.25 -16.39 -20.41
N LYS E 316 -15.19 -15.82 -19.67
CA LYS E 316 -16.53 -15.59 -20.21
C LYS E 316 -16.47 -14.59 -21.36
N ASN E 317 -15.64 -13.56 -21.24
CA ASN E 317 -15.45 -12.63 -22.34
C ASN E 317 -14.85 -13.32 -23.54
N ILE E 318 -13.90 -14.23 -23.32
CA ILE E 318 -13.30 -14.98 -24.42
C ILE E 318 -14.37 -15.81 -25.14
N LEU E 319 -15.24 -16.45 -24.37
CA LEU E 319 -16.32 -17.24 -24.97
C LEU E 319 -17.27 -16.36 -25.77
N LEU E 320 -17.60 -15.18 -25.24
CA LEU E 320 -18.47 -14.26 -25.96
C LEU E 320 -17.83 -13.80 -27.26
N ASN E 321 -16.53 -13.51 -27.24
CA ASN E 321 -15.82 -13.13 -28.45
C ASN E 321 -15.86 -14.25 -29.48
N GLU E 322 -15.64 -15.50 -29.04
CA GLU E 322 -15.69 -16.63 -29.95
C GLU E 322 -17.07 -16.75 -30.58
N GLY E 323 -18.12 -16.59 -29.77
CA GLY E 323 -19.47 -16.63 -30.32
C GLY E 323 -19.73 -15.54 -31.33
N ILE E 324 -19.26 -14.31 -31.04
CA ILE E 324 -19.42 -13.21 -31.99
C ILE E 324 -18.75 -13.56 -33.30
N ARG E 325 -17.49 -13.99 -33.24
CA ARG E 325 -16.75 -14.31 -34.46
C ARG E 325 -17.50 -15.36 -35.28
N ALA E 326 -17.86 -16.47 -34.65
CA ALA E 326 -18.43 -17.58 -35.40
C ALA E 326 -19.78 -17.23 -35.98
N TRP E 327 -20.62 -16.53 -35.22
CA TRP E 327 -21.96 -16.23 -35.72
C TRP E 327 -22.02 -15.03 -36.64
N MET E 328 -20.97 -14.22 -36.70
CA MET E 328 -21.00 -13.01 -37.51
C MET E 328 -20.20 -13.15 -38.80
N ALA E 329 -19.12 -13.93 -38.80
CA ALA E 329 -18.27 -14.04 -39.99
C ALA E 329 -18.99 -14.67 -41.17
N ALA E 330 -20.10 -15.36 -40.94
CA ALA E 330 -20.82 -16.01 -42.05
C ALA E 330 -21.32 -14.98 -43.05
N GLN E 331 -21.86 -13.86 -42.54
CA GLN E 331 -22.40 -12.82 -43.41
C GLN E 331 -21.57 -11.55 -43.44
N ASP E 332 -20.65 -11.36 -42.48
CA ASP E 332 -19.82 -10.17 -42.49
C ASP E 332 -18.80 -10.21 -43.63
N GLN E 333 -18.21 -11.37 -43.88
CA GLN E 333 -17.17 -11.51 -44.88
C GLN E 333 -17.61 -12.45 -45.98
N PRO E 334 -18.38 -11.96 -46.95
CA PRO E 334 -18.86 -12.86 -48.02
C PRO E 334 -17.75 -13.46 -48.87
N HIS E 335 -16.63 -12.75 -49.03
CA HIS E 335 -15.59 -13.22 -49.94
C HIS E 335 -14.94 -14.52 -49.47
N GLU E 336 -15.08 -14.85 -48.18
CA GLU E 336 -14.59 -16.14 -47.69
C GLU E 336 -15.52 -17.28 -48.06
N ARG E 337 -16.77 -16.97 -48.42
CA ARG E 337 -17.77 -17.99 -48.78
C ARG E 337 -17.92 -19.04 -47.67
N LEU E 338 -17.90 -18.57 -46.43
CA LEU E 338 -18.00 -19.48 -45.29
C LEU E 338 -19.42 -20.05 -45.19
N VAL E 339 -19.50 -21.36 -45.02
CA VAL E 339 -20.77 -22.05 -44.81
C VAL E 339 -20.59 -22.91 -43.56
N PHE E 340 -20.97 -22.36 -42.41
CA PHE E 340 -20.83 -23.07 -41.15
C PHE E 340 -22.05 -23.95 -40.92
N PRO E 341 -21.90 -25.26 -40.77
CA PRO E 341 -23.03 -26.10 -40.36
C PRO E 341 -23.53 -25.68 -38.99
N GLU E 342 -24.84 -25.84 -38.78
CA GLU E 342 -25.46 -25.43 -37.52
C GLU E 342 -24.89 -26.19 -36.33
N GLU E 343 -24.28 -27.35 -36.56
CA GLU E 343 -23.76 -28.19 -35.50
C GLU E 343 -22.36 -27.80 -35.04
N VAL E 344 -21.68 -26.90 -35.75
CA VAL E 344 -20.33 -26.48 -35.37
C VAL E 344 -20.31 -25.07 -34.79
N LEU E 345 -21.39 -24.31 -34.93
CA LEU E 345 -21.44 -22.98 -34.32
C LEU E 345 -21.42 -23.10 -32.81
N PRO E 346 -20.54 -22.36 -32.13
CA PRO E 346 -20.55 -22.37 -30.66
C PRO E 346 -21.89 -21.90 -30.12
N ARG E 347 -22.34 -22.55 -29.06
CA ARG E 347 -23.68 -22.34 -28.54
C ARG E 347 -23.75 -22.87 -27.12
N GLY E 348 -24.39 -22.12 -26.24
CA GLY E 348 -24.64 -22.61 -24.90
C GLY E 348 -25.52 -23.85 -24.93
N ASN E 349 -25.00 -24.97 -24.42
CA ASN E 349 -25.69 -26.25 -24.55
C ASN E 349 -26.98 -26.30 -23.75
N ALA E 350 -27.17 -25.37 -22.81
CA ALA E 350 -28.37 -25.38 -21.97
C ALA E 350 -29.62 -25.11 -22.80
N LEU E 351 -29.53 -24.21 -23.77
CA LEU E 351 -30.66 -23.85 -24.62
C LEU E 351 -31.86 -23.35 -23.81
N ARG F 1 -25.03 44.76 -48.23
CA ARG F 1 -26.42 44.34 -48.29
C ARG F 1 -26.77 43.38 -47.16
N PRO F 2 -27.09 43.94 -45.97
CA PRO F 2 -27.49 43.10 -44.84
C PRO F 2 -28.59 42.10 -45.18
N PHE F 3 -28.72 41.04 -44.39
CA PHE F 3 -29.73 40.03 -44.64
C PHE F 3 -31.14 40.61 -44.54
N SER F 4 -31.33 41.65 -43.73
CA SER F 4 -32.63 42.30 -43.67
C SER F 4 -33.00 42.92 -45.00
N ASP F 5 -32.04 43.58 -45.66
CA ASP F 5 -32.29 44.14 -46.99
C ASP F 5 -32.43 43.05 -48.04
N ILE F 6 -31.72 41.93 -47.87
CA ILE F 6 -31.84 40.82 -48.81
C ILE F 6 -33.26 40.25 -48.79
N LEU F 7 -33.80 40.06 -47.59
CA LEU F 7 -35.16 39.52 -47.46
C LEU F 7 -36.20 40.51 -47.98
N THR F 8 -35.99 41.80 -47.73
CA THR F 8 -36.99 42.80 -48.06
C THR F 8 -37.21 42.91 -49.57
N SER F 9 -36.13 42.84 -50.36
CA SER F 9 -36.23 43.08 -51.79
C SER F 9 -37.18 42.09 -52.46
N ILE F 10 -38.07 42.61 -53.30
CA ILE F 10 -39.05 41.78 -53.98
C ILE F 10 -38.47 41.10 -55.20
N ARG F 11 -37.38 41.64 -55.76
CA ARG F 11 -36.75 41.00 -56.91
C ARG F 11 -36.25 39.60 -56.55
N TYR F 12 -35.67 39.45 -55.36
CA TYR F 12 -35.21 38.14 -54.93
C TYR F 12 -36.38 37.16 -54.80
N TRP F 13 -37.49 37.63 -54.24
CA TRP F 13 -38.66 36.77 -54.09
C TRP F 13 -39.20 36.33 -55.45
N VAL F 14 -39.30 37.25 -56.40
CA VAL F 14 -39.88 36.91 -57.69
C VAL F 14 -38.93 36.02 -58.50
N ILE F 15 -37.61 36.21 -58.33
CA ILE F 15 -36.68 35.38 -59.09
C ILE F 15 -36.51 34.00 -58.43
N HIS F 16 -36.80 33.87 -57.14
CA HIS F 16 -36.71 32.59 -56.48
C HIS F 16 -38.00 31.77 -56.56
N SER F 17 -39.15 32.45 -56.69
CA SER F 17 -40.41 31.72 -56.83
C SER F 17 -40.53 31.01 -58.16
N ILE F 18 -39.68 31.35 -59.13
CA ILE F 18 -39.69 30.66 -60.43
C ILE F 18 -38.62 29.58 -60.49
N THR F 19 -37.70 29.53 -59.53
CA THR F 19 -36.59 28.58 -59.54
C THR F 19 -36.71 27.50 -58.48
N VAL F 20 -37.13 27.84 -57.26
CA VAL F 20 -37.25 26.83 -56.20
C VAL F 20 -38.22 25.71 -56.58
N PRO F 21 -39.46 26.00 -56.98
CA PRO F 21 -40.33 24.88 -57.41
C PRO F 21 -39.80 24.16 -58.63
N ALA F 22 -39.06 24.86 -59.49
CA ALA F 22 -38.43 24.19 -60.63
C ALA F 22 -37.44 23.13 -60.16
N LEU F 23 -36.62 23.46 -59.16
CA LEU F 23 -35.68 22.48 -58.62
C LEU F 23 -36.41 21.34 -57.92
N PHE F 24 -37.48 21.66 -57.19
CA PHE F 24 -38.22 20.61 -56.50
C PHE F 24 -38.84 19.63 -57.49
N ILE F 25 -39.45 20.14 -58.55
CA ILE F 25 -40.06 19.25 -59.54
C ILE F 25 -38.97 18.53 -60.33
N ALA F 26 -37.81 19.15 -60.51
CA ALA F 26 -36.70 18.46 -61.16
C ALA F 26 -36.28 17.24 -60.36
N GLY F 27 -36.15 17.40 -59.03
CA GLY F 27 -35.81 16.26 -58.19
C GLY F 27 -36.90 15.20 -58.19
N TRP F 28 -38.16 15.63 -58.11
CA TRP F 28 -39.27 14.69 -58.11
C TRP F 28 -39.30 13.88 -59.40
N LEU F 29 -39.09 14.54 -60.55
CA LEU F 29 -39.03 13.82 -61.82
C LEU F 29 -37.80 12.92 -61.89
N PHE F 30 -36.67 13.38 -61.38
CA PHE F 30 -35.46 12.56 -61.36
C PHE F 30 -35.71 11.25 -60.65
N VAL F 31 -36.41 11.29 -59.53
CA VAL F 31 -36.77 10.05 -58.84
C VAL F 31 -37.84 9.28 -59.63
N SER F 32 -38.87 9.97 -60.10
CA SER F 32 -40.04 9.30 -60.64
C SER F 32 -39.79 8.72 -62.02
N THR F 33 -39.04 9.43 -62.88
CA THR F 33 -38.77 8.93 -64.22
C THR F 33 -37.84 7.72 -64.23
N GLY F 34 -37.23 7.39 -63.09
CA GLY F 34 -36.33 6.27 -63.02
C GLY F 34 -34.91 6.56 -63.47
N LEU F 35 -34.58 7.83 -63.74
CA LEU F 35 -33.23 8.18 -64.15
C LEU F 35 -32.23 7.91 -63.02
N ALA F 36 -32.67 8.01 -61.77
CA ALA F 36 -31.79 7.73 -60.65
C ALA F 36 -31.32 6.28 -60.66
N TYR F 37 -32.23 5.35 -60.97
CA TYR F 37 -31.86 3.94 -61.03
C TYR F 37 -30.83 3.67 -62.13
N ASP F 38 -30.87 4.46 -63.21
CA ASP F 38 -29.97 4.21 -64.33
C ASP F 38 -28.61 4.87 -64.12
N VAL F 39 -28.59 6.13 -63.69
CA VAL F 39 -27.34 6.87 -63.62
C VAL F 39 -26.44 6.32 -62.52
N PHE F 40 -27.04 5.92 -61.39
CA PHE F 40 -26.26 5.43 -60.25
C PHE F 40 -26.16 3.92 -60.19
N GLY F 41 -26.86 3.20 -61.06
CA GLY F 41 -26.77 1.75 -61.07
C GLY F 41 -27.47 1.05 -59.93
N THR F 42 -28.29 1.75 -59.16
CA THR F 42 -29.02 1.12 -58.07
C THR F 42 -30.06 0.15 -58.63
N PRO F 43 -30.04 -1.11 -58.26
CA PRO F 43 -31.03 -2.06 -58.79
C PRO F 43 -32.44 -1.67 -58.42
N ARG F 44 -33.36 -1.85 -59.37
CA ARG F 44 -34.76 -1.62 -59.10
C ARG F 44 -35.31 -2.72 -58.20
N PRO F 45 -36.41 -2.46 -57.48
CA PRO F 45 -36.90 -3.43 -56.49
C PRO F 45 -37.35 -4.76 -57.08
N ASN F 46 -37.22 -4.98 -58.39
CA ASN F 46 -37.58 -6.27 -58.98
C ASN F 46 -36.39 -7.03 -59.53
N GLU F 47 -35.21 -6.38 -59.65
CA GLU F 47 -34.03 -7.00 -60.24
C GLU F 47 -32.95 -7.28 -59.21
N TYR F 48 -33.29 -7.30 -57.93
CA TYR F 48 -32.30 -7.63 -56.90
C TYR F 48 -31.80 -9.05 -57.05
N PHE F 49 -32.70 -10.00 -57.29
CA PHE F 49 -32.35 -11.40 -57.46
C PHE F 49 -32.79 -11.84 -58.85
N THR F 50 -31.82 -12.01 -59.75
CA THR F 50 -32.10 -12.55 -61.07
C THR F 50 -32.05 -14.08 -61.02
N GLU F 51 -32.74 -14.70 -61.98
CA GLU F 51 -32.83 -16.16 -62.01
C GLU F 51 -31.47 -16.82 -62.22
N ASP F 52 -30.50 -16.08 -62.76
CA ASP F 52 -29.19 -16.66 -63.02
C ASP F 52 -28.45 -16.99 -61.72
N ARG F 53 -28.55 -16.13 -60.72
CA ARG F 53 -27.81 -16.30 -59.47
C ARG F 53 -28.70 -16.59 -58.28
N GLN F 54 -29.80 -15.85 -58.12
CA GLN F 54 -30.71 -15.96 -56.98
C GLN F 54 -30.01 -15.74 -55.64
N GLU F 55 -28.83 -15.14 -55.66
CA GLU F 55 -28.05 -14.88 -54.44
C GLU F 55 -27.37 -13.53 -54.57
N ALA F 56 -26.77 -13.09 -53.46
CA ALA F 56 -26.07 -11.82 -53.46
C ALA F 56 -24.80 -11.92 -54.32
N PRO F 57 -24.47 -10.87 -55.08
CA PRO F 57 -23.29 -10.92 -55.93
C PRO F 57 -22.00 -10.88 -55.11
N LEU F 58 -20.93 -11.37 -55.73
CA LEU F 58 -19.62 -11.41 -55.09
C LEU F 58 -18.56 -11.14 -56.16
N ILE F 59 -17.98 -9.94 -56.14
CA ILE F 59 -16.93 -9.59 -57.09
C ILE F 59 -15.66 -10.34 -56.74
N THR F 60 -14.95 -10.84 -57.76
CA THR F 60 -13.82 -11.74 -57.56
C THR F 60 -12.49 -11.08 -57.89
N ASP F 61 -12.31 -10.55 -59.10
CA ASP F 61 -11.04 -9.98 -59.51
C ASP F 61 -11.20 -8.49 -59.77
N ARG F 62 -10.19 -7.72 -59.35
CA ARG F 62 -10.29 -6.26 -59.46
C ARG F 62 -10.11 -5.78 -60.89
N PHE F 63 -9.15 -6.35 -61.62
CA PHE F 63 -8.81 -5.82 -62.94
C PHE F 63 -9.96 -5.98 -63.92
N ASN F 64 -10.64 -7.12 -63.89
CA ASN F 64 -11.75 -7.40 -64.79
C ASN F 64 -13.10 -7.20 -64.13
N ALA F 65 -13.16 -6.44 -63.03
CA ALA F 65 -14.41 -6.20 -62.35
C ALA F 65 -15.39 -5.40 -63.20
N LEU F 66 -14.89 -4.67 -64.21
CA LEU F 66 -15.77 -3.87 -65.06
C LEU F 66 -16.81 -4.74 -65.75
N GLU F 67 -16.37 -5.85 -66.34
CA GLU F 67 -17.30 -6.76 -66.98
C GLU F 67 -18.06 -7.61 -65.96
N GLN F 68 -17.40 -7.96 -64.85
CA GLN F 68 -18.01 -8.85 -63.88
C GLN F 68 -19.22 -8.20 -63.21
N VAL F 69 -19.11 -6.91 -62.86
CA VAL F 69 -20.23 -6.25 -62.19
C VAL F 69 -21.45 -6.20 -63.11
N LYS F 70 -21.21 -5.96 -64.41
CA LYS F 70 -22.33 -5.87 -65.34
C LYS F 70 -22.92 -7.25 -65.64
N LYS F 71 -22.08 -8.28 -65.74
CA LYS F 71 -22.63 -9.62 -65.95
C LYS F 71 -23.36 -10.12 -64.72
N LEU F 72 -22.93 -9.73 -63.52
CA LEU F 72 -23.65 -10.09 -62.32
C LEU F 72 -24.98 -9.34 -62.23
N SER F 73 -24.98 -8.06 -62.62
CA SER F 73 -26.20 -7.27 -62.59
C SER F 73 -27.22 -7.72 -63.63
N GLY F 74 -26.84 -8.58 -64.55
CA GLY F 74 -27.71 -8.97 -65.65
C GLY F 74 -27.68 -8.03 -66.83
N ASN F 75 -26.84 -7.00 -66.79
CA ASN F 75 -26.74 -6.05 -67.89
C ASN F 75 -25.76 -6.57 -68.94
N ILE G 1 -22.99 41.12 -57.30
CA ILE G 1 -23.98 40.05 -57.33
C ILE G 1 -23.31 38.70 -57.09
N PHE G 2 -22.31 38.38 -57.91
CA PHE G 2 -21.60 37.10 -57.83
C PHE G 2 -20.48 37.15 -56.80
N THR G 3 -20.80 37.54 -55.58
CA THR G 3 -19.83 37.56 -54.50
C THR G 3 -19.62 36.16 -53.95
N VAL G 4 -18.59 36.02 -53.11
CA VAL G 4 -18.28 34.71 -52.53
C VAL G 4 -19.41 34.24 -51.63
N ARG G 5 -20.08 35.17 -50.94
CA ARG G 5 -21.21 34.82 -50.09
C ARG G 5 -22.33 34.21 -50.92
N TRP G 6 -22.64 34.82 -52.07
CA TRP G 6 -23.65 34.27 -52.96
C TRP G 6 -23.27 32.87 -53.42
N LEU G 7 -22.00 32.70 -53.81
CA LEU G 7 -21.53 31.40 -54.27
C LEU G 7 -21.71 30.33 -53.20
N ALA G 8 -21.26 30.63 -51.98
CA ALA G 8 -21.37 29.64 -50.91
C ALA G 8 -22.82 29.31 -50.60
N ILE G 9 -23.66 30.34 -50.44
CA ILE G 9 -25.05 30.11 -50.06
C ILE G 9 -25.76 29.28 -51.12
N HIS G 10 -25.58 29.64 -52.40
CA HIS G 10 -26.29 28.92 -53.46
C HIS G 10 -25.74 27.52 -53.65
N GLY G 11 -24.42 27.35 -53.54
CA GLY G 11 -23.85 26.02 -53.65
C GLY G 11 -24.30 25.08 -52.55
N ILE G 12 -24.58 25.64 -51.36
CA ILE G 12 -25.10 24.79 -50.29
C ILE G 12 -26.62 24.60 -50.41
N ALA G 13 -27.33 25.56 -51.01
CA ALA G 13 -28.79 25.52 -51.01
C ALA G 13 -29.37 24.72 -52.17
N VAL G 14 -28.87 24.94 -53.40
CA VAL G 14 -29.47 24.30 -54.57
C VAL G 14 -29.45 22.78 -54.48
N PRO G 15 -28.31 22.12 -54.23
CA PRO G 15 -28.36 20.67 -54.04
C PRO G 15 -29.22 20.26 -52.87
N THR G 16 -29.30 21.09 -51.82
CA THR G 16 -30.13 20.75 -50.67
C THR G 16 -31.60 20.65 -51.06
N ILE G 17 -32.12 21.65 -51.79
CA ILE G 17 -33.52 21.60 -52.18
C ILE G 17 -33.75 20.51 -53.22
N PHE G 18 -32.79 20.29 -54.11
CA PHE G 18 -32.94 19.21 -55.08
C PHE G 18 -33.06 17.86 -54.38
N PHE G 19 -32.20 17.62 -53.39
CA PHE G 19 -32.23 16.36 -52.67
C PHE G 19 -33.46 16.25 -51.77
N LEU G 20 -33.93 17.37 -51.23
CA LEU G 20 -35.18 17.33 -50.47
C LEU G 20 -36.34 16.90 -51.35
N GLY G 21 -36.43 17.46 -52.56
CA GLY G 21 -37.44 17.01 -53.49
C GLY G 21 -37.29 15.55 -53.84
N ALA G 22 -36.04 15.11 -54.04
CA ALA G 22 -35.80 13.70 -54.36
C ALA G 22 -36.26 12.78 -53.24
N ILE G 23 -35.97 13.15 -51.99
CA ILE G 23 -36.37 12.32 -50.86
C ILE G 23 -37.89 12.31 -50.72
N THR G 24 -38.53 13.45 -50.90
CA THR G 24 -39.99 13.49 -50.83
C THR G 24 -40.60 12.60 -51.90
N ALA G 25 -40.02 12.60 -53.10
CA ALA G 25 -40.50 11.71 -54.16
C ALA G 25 -40.28 10.24 -53.79
N MET G 26 -39.11 9.92 -53.23
CA MET G 26 -38.82 8.54 -52.84
C MET G 26 -39.73 8.07 -51.71
N GLN G 27 -40.31 8.99 -50.94
CA GLN G 27 -41.20 8.59 -49.86
C GLN G 27 -42.44 7.87 -50.36
N PHE G 28 -42.78 8.01 -51.65
CA PHE G 28 -44.06 7.53 -52.15
C PHE G 28 -43.95 6.31 -53.06
N ILE G 29 -42.75 5.87 -53.43
CA ILE G 29 -42.63 4.71 -54.30
C ILE G 29 -43.00 3.45 -53.53
N GLN G 30 -43.87 2.63 -54.12
CA GLN G 30 -44.35 1.43 -53.45
C GLN G 30 -43.27 0.35 -53.48
N ARG G 31 -43.22 -0.44 -52.40
CA ARG G 31 -42.24 -1.51 -52.28
C ARG G 31 -42.84 -2.84 -52.72
N GLU H 1 -46.77 17.81 81.02
CA GLU H 1 -47.62 16.62 80.99
C GLU H 1 -49.03 16.98 80.51
N TRP H 2 -49.45 16.36 79.42
CA TRP H 2 -50.79 16.54 78.82
C TRP H 2 -50.93 18.00 78.41
N TYR H 3 -51.81 18.79 79.01
CA TYR H 3 -51.97 20.18 78.60
C TYR H 3 -50.68 20.96 78.78
N GLY H 4 -50.34 21.77 77.78
CA GLY H 4 -49.14 22.56 77.81
C GLY H 4 -48.34 22.43 76.53
N PRO H 5 -47.53 23.44 76.22
CA PRO H 5 -46.72 23.39 74.99
C PRO H 5 -45.75 22.22 74.95
N ASP H 6 -45.22 21.81 76.09
CA ASP H 6 -44.30 20.67 76.16
C ASP H 6 -45.07 19.38 76.44
N ARG H 7 -45.93 19.03 75.48
CA ARG H 7 -46.79 17.88 75.62
C ARG H 7 -46.34 16.75 74.70
N PRO H 8 -46.63 15.50 75.08
CA PRO H 8 -46.33 14.38 74.17
C PRO H 8 -47.07 14.53 72.85
N LYS H 9 -46.41 14.16 71.76
CA LYS H 9 -46.94 14.32 70.42
C LYS H 9 -47.12 12.97 69.76
N PHE H 10 -47.68 12.99 68.55
CA PHE H 10 -48.02 11.76 67.84
C PHE H 10 -46.87 11.24 66.99
N LEU H 11 -45.77 11.98 66.86
CA LEU H 11 -44.61 11.51 66.11
C LEU H 11 -43.34 11.51 66.96
N GLY H 12 -43.47 11.64 68.26
CA GLY H 12 -42.33 11.61 69.15
C GLY H 12 -41.31 12.69 68.84
N PRO H 13 -40.05 12.28 68.66
CA PRO H 13 -39.00 13.25 68.38
C PRO H 13 -39.15 13.96 67.04
N PHE H 14 -39.97 13.43 66.13
CA PHE H 14 -40.11 14.01 64.80
C PHE H 14 -41.27 15.00 64.70
N SER H 15 -41.97 15.28 65.79
CA SER H 15 -43.18 16.07 65.71
C SER H 15 -42.97 17.55 65.98
N GLU H 16 -42.09 17.90 66.92
CA GLU H 16 -41.92 19.30 67.29
C GLU H 16 -41.40 20.15 66.13
N GLY H 17 -40.83 19.51 65.10
CA GLY H 17 -40.39 20.26 63.94
C GLY H 17 -41.54 20.89 63.18
N ASP H 18 -42.68 20.21 63.13
CA ASP H 18 -43.83 20.72 62.37
C ASP H 18 -45.11 20.24 63.06
N THR H 19 -45.79 21.16 63.73
CA THR H 19 -47.10 20.92 64.33
C THR H 19 -48.03 22.06 63.96
N PRO H 20 -49.33 21.80 63.88
CA PRO H 20 -50.28 22.86 63.56
C PRO H 20 -50.23 23.98 64.59
N ALA H 21 -50.36 25.22 64.11
CA ALA H 21 -50.29 26.37 65.00
C ALA H 21 -51.57 26.52 65.82
N TYR H 22 -52.70 26.07 65.29
CA TYR H 22 -53.97 26.22 65.98
C TYR H 22 -54.20 25.18 67.08
N LEU H 23 -53.33 24.19 67.19
CA LEU H 23 -53.44 23.17 68.24
C LEU H 23 -52.51 23.56 69.38
N THR H 24 -52.98 24.52 70.18
CA THR H 24 -52.17 25.02 71.29
C THR H 24 -51.91 23.95 72.33
N GLY H 25 -52.94 23.18 72.68
CA GLY H 25 -52.78 22.14 73.68
C GLY H 25 -53.64 22.37 74.91
N GLU H 26 -54.77 23.06 74.74
CA GLU H 26 -55.70 23.34 75.82
C GLU H 26 -56.82 22.32 75.92
N PHE H 27 -56.80 21.28 75.08
CA PHE H 27 -57.86 20.29 75.06
C PHE H 27 -57.28 18.91 75.29
N PRO H 28 -58.06 17.99 75.88
CA PRO H 28 -57.52 16.65 76.16
C PRO H 28 -57.20 15.89 74.88
N GLY H 29 -56.19 15.04 74.96
CA GLY H 29 -55.79 14.23 73.83
C GLY H 29 -55.17 14.99 72.69
N ASP H 30 -54.62 16.18 72.96
CA ASP H 30 -54.03 17.01 71.91
C ASP H 30 -52.61 16.53 71.68
N TYR H 31 -52.45 15.59 70.75
CA TYR H 31 -51.14 15.10 70.34
C TYR H 31 -50.60 15.84 69.12
N GLY H 32 -51.29 16.86 68.65
CA GLY H 32 -50.84 17.63 67.51
C GLY H 32 -50.80 16.85 66.21
N TRP H 33 -51.86 16.11 65.92
CA TRP H 33 -51.97 15.33 64.68
C TRP H 33 -53.11 15.91 63.84
N ASP H 34 -52.80 16.91 63.02
CA ASP H 34 -53.76 17.49 62.09
C ASP H 34 -53.08 17.70 60.73
N THR H 35 -52.42 16.65 60.23
CA THR H 35 -51.67 16.78 58.99
C THR H 35 -52.55 17.18 57.82
N ALA H 36 -53.83 16.81 57.85
CA ALA H 36 -54.73 17.15 56.75
C ALA H 36 -55.26 18.58 56.83
N GLY H 37 -55.08 19.26 57.96
CA GLY H 37 -55.57 20.63 58.08
C GLY H 37 -57.07 20.75 58.03
N LEU H 38 -57.80 19.84 58.66
CA LEU H 38 -59.25 19.86 58.64
C LEU H 38 -59.87 20.64 59.78
N SER H 39 -59.08 21.09 60.75
CA SER H 39 -59.59 21.80 61.91
C SER H 39 -58.96 23.18 62.03
N ALA H 40 -58.71 23.82 60.89
CA ALA H 40 -58.17 25.18 60.93
C ALA H 40 -59.18 26.15 61.53
N ASP H 41 -60.45 26.02 61.16
CA ASP H 41 -61.48 26.89 61.71
C ASP H 41 -61.87 26.40 63.11
N PRO H 42 -61.85 27.28 64.11
CA PRO H 42 -62.15 26.82 65.49
C PRO H 42 -63.54 26.22 65.66
N GLU H 43 -64.54 26.73 64.95
CA GLU H 43 -65.88 26.16 65.06
C GLU H 43 -65.91 24.73 64.54
N THR H 44 -65.29 24.50 63.37
CA THR H 44 -65.19 23.15 62.85
C THR H 44 -64.36 22.27 63.78
N PHE H 45 -63.34 22.83 64.43
CA PHE H 45 -62.57 22.09 65.42
C PHE H 45 -63.45 21.63 66.57
N LYS H 46 -64.32 22.52 67.07
CA LYS H 46 -65.23 22.16 68.16
C LYS H 46 -66.19 21.06 67.71
N ARG H 47 -66.76 21.18 66.51
CA ARG H 47 -67.69 20.17 66.03
C ARG H 47 -66.99 18.82 65.87
N TYR H 48 -65.76 18.83 65.36
CA TYR H 48 -65.01 17.59 65.21
C TYR H 48 -64.69 16.97 66.57
N ARG H 49 -64.36 17.80 67.56
CA ARG H 49 -64.13 17.27 68.91
C ARG H 49 -65.39 16.60 69.45
N GLU H 50 -66.54 17.22 69.26
CA GLU H 50 -67.80 16.63 69.71
C GLU H 50 -68.04 15.29 69.02
N LEU H 51 -67.87 15.25 67.70
CA LEU H 51 -68.06 14.01 66.96
C LEU H 51 -67.11 12.93 67.44
N GLU H 52 -65.84 13.30 67.68
CA GLU H 52 -64.85 12.34 68.13
C GLU H 52 -65.24 11.75 69.48
N LEU H 53 -65.68 12.58 70.40
CA LEU H 53 -66.04 12.07 71.73
C LEU H 53 -67.26 11.17 71.66
N ILE H 54 -68.25 11.52 70.85
CA ILE H 54 -69.44 10.68 70.74
C ILE H 54 -69.08 9.32 70.14
N HIS H 55 -68.31 9.32 69.05
CA HIS H 55 -67.81 8.06 68.51
C HIS H 55 -67.02 7.27 69.55
N ALA H 56 -66.23 7.96 70.39
CA ALA H 56 -65.42 7.26 71.38
C ALA H 56 -66.30 6.53 72.38
N ARG H 57 -67.30 7.21 72.92
CA ARG H 57 -68.17 6.56 73.90
C ARG H 57 -68.96 5.41 73.27
N TRP H 58 -69.50 5.64 72.07
CA TRP H 58 -70.24 4.58 71.40
C TRP H 58 -69.36 3.37 71.11
N ALA H 59 -68.09 3.61 70.76
CA ALA H 59 -67.20 2.49 70.44
C ALA H 59 -66.74 1.77 71.70
N MET H 60 -66.59 2.47 72.81
CA MET H 60 -66.35 1.78 74.08
C MET H 60 -67.49 0.81 74.37
N LEU H 61 -68.73 1.30 74.30
CA LEU H 61 -69.87 0.43 74.55
C LEU H 61 -69.91 -0.71 73.55
N GLY H 62 -69.61 -0.42 72.28
CA GLY H 62 -69.64 -1.46 71.26
C GLY H 62 -68.60 -2.53 71.48
N ALA H 63 -67.39 -2.14 71.88
CA ALA H 63 -66.35 -3.12 72.15
C ALA H 63 -66.74 -4.03 73.30
N LEU H 64 -67.27 -3.46 74.39
CA LEU H 64 -67.71 -4.32 75.48
C LEU H 64 -68.84 -5.25 75.03
N GLY H 65 -69.80 -4.73 74.27
CA GLY H 65 -70.91 -5.55 73.83
C GLY H 65 -70.53 -6.61 72.83
N CYS H 66 -69.44 -6.38 72.09
CA CYS H 66 -68.94 -7.41 71.17
C CYS H 66 -68.18 -8.49 71.92
N ILE H 67 -67.40 -8.11 72.93
CA ILE H 67 -66.54 -9.08 73.60
C ILE H 67 -67.33 -9.93 74.58
N THR H 68 -68.19 -9.32 75.39
CA THR H 68 -68.76 -10.03 76.53
C THR H 68 -69.54 -11.29 76.17
N PRO H 69 -70.48 -11.28 75.20
CA PRO H 69 -71.21 -12.52 74.92
C PRO H 69 -70.33 -13.67 74.45
N GLU H 70 -69.29 -13.39 73.66
CA GLU H 70 -68.44 -14.48 73.18
C GLU H 70 -67.64 -15.10 74.31
N LEU H 71 -67.07 -14.27 75.19
CA LEU H 71 -66.35 -14.81 76.34
C LEU H 71 -67.29 -15.61 77.25
N LEU H 72 -68.49 -15.10 77.49
CA LEU H 72 -69.43 -15.83 78.33
C LEU H 72 -69.82 -17.16 77.70
N ALA H 73 -70.02 -17.18 76.38
CA ALA H 73 -70.33 -18.43 75.70
C ALA H 73 -69.17 -19.40 75.81
N LYS H 74 -67.93 -18.91 75.72
CA LYS H 74 -66.77 -19.77 75.92
C LYS H 74 -66.77 -20.35 77.32
N ASN H 75 -67.15 -19.56 78.32
CA ASN H 75 -67.28 -20.09 79.67
C ASN H 75 -68.42 -21.09 79.81
N GLY H 76 -69.35 -21.14 78.85
CA GLY H 76 -70.37 -22.16 78.86
C GLY H 76 -71.79 -21.66 79.03
N ILE H 77 -72.08 -20.46 78.56
CA ILE H 77 -73.42 -19.89 78.62
C ILE H 77 -74.12 -20.20 77.30
N PRO H 78 -75.29 -20.83 77.32
CA PRO H 78 -75.95 -21.21 76.06
C PRO H 78 -76.53 -20.03 75.31
N PHE H 79 -75.71 -19.30 74.58
CA PHE H 79 -76.19 -18.17 73.79
C PHE H 79 -76.74 -18.66 72.46
N GLY H 80 -77.69 -17.87 71.91
CA GLY H 80 -78.20 -18.18 70.59
C GLY H 80 -77.14 -18.06 69.52
N GLU H 81 -76.32 -17.01 69.60
CA GLU H 81 -75.22 -16.82 68.65
C GLU H 81 -74.19 -15.92 69.32
N ALA H 82 -72.99 -16.47 69.53
CA ALA H 82 -71.97 -15.74 70.30
C ALA H 82 -71.38 -14.60 69.47
N VAL H 83 -71.11 -14.84 68.19
CA VAL H 83 -70.44 -13.85 67.36
C VAL H 83 -71.33 -12.62 67.21
N TRP H 84 -70.72 -11.45 67.34
CA TRP H 84 -71.50 -10.20 67.35
C TRP H 84 -72.17 -9.96 66.00
N PHE H 85 -71.46 -10.23 64.91
CA PHE H 85 -71.97 -9.89 63.58
C PHE H 85 -73.03 -10.87 63.09
N LYS H 86 -73.27 -11.96 63.80
CA LYS H 86 -74.41 -12.83 63.53
C LYS H 86 -75.44 -12.80 64.65
N ALA H 87 -75.28 -11.91 65.62
CA ALA H 87 -76.18 -11.85 66.76
C ALA H 87 -77.52 -11.20 66.41
N GLY H 88 -77.58 -10.42 65.34
CA GLY H 88 -78.82 -9.76 64.97
C GLY H 88 -79.87 -10.68 64.38
N ALA H 89 -79.46 -11.83 63.84
CA ALA H 89 -80.39 -12.77 63.24
C ALA H 89 -81.16 -13.59 64.26
N GLN H 90 -80.79 -13.53 65.54
CA GLN H 90 -81.50 -14.27 66.57
C GLN H 90 -82.97 -13.87 66.66
N ILE H 91 -83.31 -12.66 66.23
CA ILE H 91 -84.71 -12.24 66.25
C ILE H 91 -85.53 -13.02 65.25
N PHE H 92 -84.90 -13.53 64.19
CA PHE H 92 -85.59 -14.34 63.19
C PHE H 92 -85.66 -15.81 63.56
N ALA H 93 -85.03 -16.22 64.66
CA ALA H 93 -85.08 -17.61 65.07
C ALA H 93 -86.49 -18.00 65.49
N GLU H 94 -86.78 -19.30 65.41
CA GLU H 94 -88.11 -19.78 65.77
C GLU H 94 -88.41 -19.55 67.25
N GLY H 95 -87.40 -19.71 68.10
CA GLY H 95 -87.57 -19.46 69.52
C GLY H 95 -87.43 -18.02 69.94
N GLY H 96 -87.01 -17.15 69.03
CA GLY H 96 -86.82 -15.74 69.35
C GLY H 96 -85.48 -15.49 70.03
N LEU H 97 -85.22 -14.20 70.26
CA LEU H 97 -83.99 -13.76 70.90
C LEU H 97 -84.19 -13.74 72.41
N ASN H 98 -83.40 -14.53 73.12
CA ASN H 98 -83.52 -14.64 74.57
C ASN H 98 -82.23 -14.18 75.22
N TYR H 99 -82.35 -13.33 76.24
CA TYR H 99 -81.19 -12.85 76.96
C TYR H 99 -80.54 -13.97 77.75
N LEU H 100 -79.24 -14.15 77.55
CA LEU H 100 -78.47 -15.19 78.25
C LEU H 100 -79.04 -16.58 78.02
N GLY H 101 -79.68 -16.78 76.87
CA GLY H 101 -80.23 -18.08 76.54
C GLY H 101 -81.57 -18.43 77.14
N ASN H 102 -81.80 -18.08 78.40
CA ASN H 102 -83.04 -18.43 79.08
C ASN H 102 -84.23 -17.80 78.37
N GLU H 103 -85.25 -18.62 78.09
CA GLU H 103 -86.42 -18.16 77.35
C GLU H 103 -87.35 -17.31 78.21
N ASN H 104 -87.12 -17.22 79.51
CA ASN H 104 -87.93 -16.38 80.37
C ASN H 104 -87.46 -14.93 80.39
N LEU H 105 -86.34 -14.62 79.74
CA LEU H 105 -85.79 -13.26 79.71
C LEU H 105 -86.04 -12.67 78.33
N ILE H 106 -86.77 -11.55 78.30
CA ILE H 106 -87.05 -10.77 77.10
C ILE H 106 -87.87 -11.56 76.09
N HIS H 107 -87.30 -12.65 75.56
CA HIS H 107 -88.02 -13.54 74.65
C HIS H 107 -88.60 -12.78 73.45
N ALA H 108 -87.82 -11.86 72.91
CA ALA H 108 -88.30 -11.03 71.80
C ALA H 108 -88.50 -11.86 70.54
N GLN H 109 -89.51 -11.49 69.76
CA GLN H 109 -89.85 -12.17 68.52
C GLN H 109 -89.92 -11.24 67.32
N SER H 110 -90.39 -10.00 67.50
CA SER H 110 -90.62 -9.09 66.40
C SER H 110 -89.50 -8.06 66.32
N ILE H 111 -88.97 -7.86 65.11
CA ILE H 111 -87.93 -6.84 64.91
C ILE H 111 -88.54 -5.45 64.77
N ILE H 112 -89.76 -5.36 64.22
CA ILE H 112 -90.37 -4.05 64.00
C ILE H 112 -90.68 -3.36 65.32
N ALA H 113 -91.19 -4.11 66.31
CA ALA H 113 -91.54 -3.50 67.58
C ALA H 113 -90.31 -2.94 68.28
N THR H 114 -89.25 -3.73 68.38
CA THR H 114 -88.02 -3.24 69.02
C THR H 114 -87.39 -2.10 68.24
N LEU H 115 -87.41 -2.15 66.91
CA LEU H 115 -86.85 -1.05 66.14
C LEU H 115 -87.63 0.24 66.35
N ALA H 116 -88.96 0.17 66.38
CA ALA H 116 -89.76 1.37 66.61
C ALA H 116 -89.53 1.93 68.01
N PHE H 117 -89.49 1.06 69.02
CA PHE H 117 -89.25 1.53 70.37
C PHE H 117 -87.89 2.20 70.47
N GLN H 118 -86.87 1.59 69.87
CA GLN H 118 -85.53 2.19 69.88
C GLN H 118 -85.53 3.52 69.16
N VAL H 119 -86.22 3.61 68.02
CA VAL H 119 -86.27 4.87 67.27
C VAL H 119 -86.85 5.98 68.14
N VAL H 120 -88.00 5.72 68.77
CA VAL H 120 -88.64 6.76 69.57
C VAL H 120 -87.75 7.15 70.75
N VAL H 121 -87.25 6.15 71.48
CA VAL H 121 -86.48 6.42 72.69
C VAL H 121 -85.19 7.18 72.35
N MET H 122 -84.44 6.69 71.38
CA MET H 122 -83.19 7.33 71.01
C MET H 122 -83.42 8.69 70.39
N GLY H 123 -84.53 8.89 69.67
CA GLY H 123 -84.84 10.21 69.16
C GLY H 123 -85.03 11.20 70.27
N LEU H 124 -85.82 10.83 71.29
CA LEU H 124 -86.02 11.72 72.42
C LEU H 124 -84.69 11.99 73.13
N ALA H 125 -83.91 10.95 73.36
CA ALA H 125 -82.66 11.09 74.11
C ALA H 125 -81.67 11.98 73.37
N GLU H 126 -81.51 11.77 72.06
CA GLU H 126 -80.55 12.55 71.30
C GLU H 126 -81.03 13.97 71.09
N ALA H 127 -82.35 14.18 70.96
CA ALA H 127 -82.85 15.55 70.92
C ALA H 127 -82.56 16.28 72.22
N TYR H 128 -82.74 15.61 73.36
CA TYR H 128 -82.42 16.23 74.64
C TYR H 128 -80.93 16.52 74.74
N ARG H 129 -80.09 15.61 74.25
CA ARG H 129 -78.64 15.85 74.27
C ARG H 129 -78.29 17.06 73.42
N ALA H 130 -78.88 17.16 72.22
CA ALA H 130 -78.54 18.25 71.31
C ALA H 130 -79.00 19.60 71.85
N ASN H 131 -80.21 19.65 72.42
CA ASN H 131 -80.76 20.93 72.87
C ASN H 131 -80.67 21.13 74.37
N GLY H 132 -80.99 20.12 75.16
CA GLY H 132 -81.08 20.28 76.60
C GLY H 132 -82.51 20.05 77.04
N GLY H 133 -82.68 19.25 78.09
CA GLY H 133 -83.99 18.88 78.55
C GLY H 133 -84.07 18.73 80.04
N PRO H 134 -84.79 17.70 80.50
CA PRO H 134 -84.98 17.50 81.94
C PRO H 134 -83.68 17.34 82.70
N LEU H 135 -82.67 16.72 82.10
CA LEU H 135 -81.41 16.46 82.79
C LEU H 135 -80.43 17.62 82.62
N GLY H 136 -80.89 18.82 82.94
CA GLY H 136 -80.05 20.00 82.84
C GLY H 136 -80.15 20.68 81.49
N GLU H 137 -80.03 22.01 81.52
CA GLU H 137 -80.09 22.82 80.32
C GLU H 137 -78.96 23.84 80.35
N GLY H 138 -78.39 24.11 79.17
CA GLY H 138 -77.30 25.06 79.08
C GLY H 138 -76.00 24.61 79.67
N LEU H 139 -75.80 23.30 79.82
CA LEU H 139 -74.60 22.75 80.41
C LEU H 139 -73.52 22.56 79.34
N ASP H 140 -72.40 21.98 79.76
CA ASP H 140 -71.32 21.68 78.83
C ASP H 140 -71.81 20.65 77.81
N PRO H 141 -71.68 20.92 76.51
CA PRO H 141 -72.20 19.97 75.51
C PRO H 141 -71.60 18.57 75.64
N LEU H 142 -70.34 18.45 76.02
CA LEU H 142 -69.68 17.15 76.08
C LEU H 142 -69.58 16.58 77.47
N HIS H 143 -69.46 17.42 78.50
CA HIS H 143 -69.32 16.97 79.89
C HIS H 143 -70.32 17.70 80.75
N PRO H 144 -71.61 17.35 80.64
CA PRO H 144 -72.63 18.03 81.45
C PRO H 144 -72.38 17.93 82.94
N GLY H 145 -71.90 16.79 83.42
CA GLY H 145 -71.76 16.63 84.85
C GLY H 145 -73.12 16.64 85.54
N GLY H 146 -73.12 17.07 86.79
CA GLY H 146 -74.36 17.18 87.52
C GLY H 146 -75.03 15.83 87.68
N ALA H 147 -76.26 15.74 87.16
CA ALA H 147 -77.01 14.49 87.27
C ALA H 147 -76.39 13.36 86.47
N PHE H 148 -75.50 13.68 85.52
CA PHE H 148 -74.77 12.66 84.78
C PHE H 148 -73.46 12.29 85.44
N ASP H 149 -73.15 12.86 86.60
CA ASP H 149 -71.98 12.49 87.40
C ASP H 149 -72.44 12.26 88.84
N PRO H 150 -73.23 11.21 89.08
CA PRO H 150 -73.76 11.00 90.44
C PRO H 150 -72.68 10.77 91.48
N LEU H 151 -71.57 10.12 91.11
CA LEU H 151 -70.53 9.80 92.08
C LEU H 151 -69.62 10.97 92.39
N GLY H 152 -69.65 12.04 91.59
CA GLY H 152 -68.82 13.20 91.82
C GLY H 152 -67.34 12.88 91.78
N LEU H 153 -66.92 12.07 90.81
CA LEU H 153 -65.53 11.65 90.72
C LEU H 153 -64.63 12.68 90.08
N ALA H 154 -65.17 13.77 89.55
CA ALA H 154 -64.40 14.78 88.84
C ALA H 154 -64.66 16.17 89.40
N ASP H 155 -64.72 16.28 90.73
CA ASP H 155 -64.92 17.59 91.35
C ASP H 155 -63.64 18.41 91.32
N ASP H 156 -62.49 17.79 91.53
CA ASP H 156 -61.22 18.49 91.52
C ASP H 156 -60.83 18.79 90.08
N PRO H 157 -60.62 20.05 89.70
CA PRO H 157 -60.37 20.37 88.29
C PRO H 157 -59.18 19.65 87.67
N ASP H 158 -58.08 19.49 88.41
CA ASP H 158 -56.93 18.78 87.84
C ASP H 158 -57.24 17.29 87.66
N THR H 159 -57.89 16.68 88.67
CA THR H 159 -58.33 15.30 88.53
C THR H 159 -59.36 15.18 87.42
N PHE H 160 -60.24 16.17 87.28
CA PHE H 160 -61.23 16.16 86.20
C PHE H 160 -60.53 16.17 84.84
N ALA H 161 -59.50 17.00 84.68
CA ALA H 161 -58.78 17.07 83.42
C ALA H 161 -58.03 15.77 83.14
N GLU H 162 -57.40 15.18 84.17
CA GLU H 162 -56.70 13.91 83.97
C GLU H 162 -57.68 12.82 83.56
N LEU H 163 -58.85 12.79 84.20
CA LEU H 163 -59.87 11.81 83.82
C LEU H 163 -60.38 12.05 82.41
N LYS H 164 -60.46 13.31 81.99
CA LYS H 164 -60.83 13.59 80.60
C LYS H 164 -59.80 13.03 79.63
N VAL H 165 -58.52 13.18 79.95
CA VAL H 165 -57.46 12.61 79.11
C VAL H 165 -57.60 11.10 79.07
N LYS H 166 -57.83 10.46 80.22
CA LYS H 166 -58.01 9.02 80.24
C LYS H 166 -59.21 8.59 79.40
N GLU H 167 -60.31 9.35 79.50
CA GLU H 167 -61.50 9.04 78.71
C GLU H 167 -61.20 9.08 77.23
N ILE H 168 -60.56 10.16 76.76
CA ILE H 168 -60.35 10.29 75.33
C ILE H 168 -59.36 9.24 74.83
N LYS H 169 -58.35 8.90 75.64
CA LYS H 169 -57.39 7.88 75.21
C LYS H 169 -58.04 6.50 75.12
N ASN H 170 -58.79 6.11 76.16
CA ASN H 170 -59.49 4.83 76.11
C ASN H 170 -60.48 4.80 74.95
N GLY H 171 -61.10 5.94 74.64
CA GLY H 171 -62.03 5.98 73.54
C GLY H 171 -61.37 5.83 72.18
N ARG H 172 -60.22 6.46 71.99
CA ARG H 172 -59.49 6.27 70.74
C ARG H 172 -59.06 4.82 70.57
N LEU H 173 -58.60 4.21 71.66
CA LEU H 173 -58.25 2.79 71.60
C LEU H 173 -59.48 1.94 71.24
N ALA H 174 -60.63 2.26 71.84
CA ALA H 174 -61.84 1.49 71.56
C ALA H 174 -62.28 1.64 70.11
N MET H 175 -62.18 2.85 69.56
CA MET H 175 -62.56 3.05 68.16
C MET H 175 -61.63 2.30 67.23
N PHE H 176 -60.32 2.33 67.52
CA PHE H 176 -59.38 1.56 66.72
C PHE H 176 -59.72 0.08 66.77
N SER H 177 -60.01 -0.43 67.97
CA SER H 177 -60.36 -1.85 68.11
C SER H 177 -61.66 -2.19 67.39
N MET H 178 -62.63 -1.27 67.38
CA MET H 178 -63.88 -1.56 66.70
C MET H 178 -63.70 -1.57 65.19
N PHE H 179 -62.85 -0.68 64.67
CA PHE H 179 -62.49 -0.76 63.26
C PHE H 179 -61.81 -2.09 62.95
N GLY H 180 -60.94 -2.55 63.84
CA GLY H 180 -60.36 -3.87 63.67
C GLY H 180 -61.40 -4.97 63.67
N PHE H 181 -62.39 -4.87 64.55
CA PHE H 181 -63.49 -5.83 64.56
C PHE H 181 -64.20 -5.88 63.22
N PHE H 182 -64.54 -4.71 62.68
CA PHE H 182 -65.23 -4.65 61.40
C PHE H 182 -64.40 -5.30 60.29
N VAL H 183 -63.12 -4.93 60.20
CA VAL H 183 -62.30 -5.45 59.12
C VAL H 183 -62.10 -6.96 59.27
N GLN H 184 -61.85 -7.43 60.50
CA GLN H 184 -61.64 -8.86 60.71
C GLN H 184 -62.90 -9.66 60.40
N ALA H 185 -64.07 -9.14 60.79
CA ALA H 185 -65.32 -9.82 60.45
C ALA H 185 -65.52 -9.86 58.95
N ILE H 186 -65.17 -8.78 58.25
CA ILE H 186 -65.31 -8.76 56.80
C ILE H 186 -64.40 -9.80 56.16
N VAL H 187 -63.16 -9.89 56.61
CA VAL H 187 -62.16 -10.74 55.97
C VAL H 187 -62.24 -12.18 56.46
N THR H 188 -62.01 -12.37 57.76
CA THR H 188 -61.89 -13.74 58.29
C THR H 188 -63.24 -14.44 58.31
N GLY H 189 -64.30 -13.75 58.74
CA GLY H 189 -65.59 -14.38 58.87
C GLY H 189 -65.83 -15.09 60.18
N LYS H 190 -64.94 -14.94 61.15
CA LYS H 190 -65.10 -15.54 62.47
C LYS H 190 -65.07 -14.46 63.54
N GLY H 191 -65.46 -14.84 64.75
CA GLY H 191 -65.50 -13.92 65.86
C GLY H 191 -64.12 -13.48 66.27
N PRO H 192 -64.02 -12.30 66.90
CA PRO H 192 -62.70 -11.80 67.33
C PRO H 192 -62.00 -12.72 68.30
N ILE H 193 -62.74 -13.35 69.21
CA ILE H 193 -62.12 -14.28 70.16
C ILE H 193 -61.60 -15.51 69.42
N GLN H 194 -62.36 -15.99 68.43
CA GLN H 194 -61.86 -17.09 67.60
C GLN H 194 -60.60 -16.68 66.86
N ASN H 195 -60.55 -15.44 66.37
CA ASN H 195 -59.34 -14.95 65.72
C ASN H 195 -58.15 -14.96 66.67
N LEU H 196 -58.37 -14.49 67.90
CA LEU H 196 -57.29 -14.47 68.88
C LEU H 196 -56.82 -15.87 69.21
N ASP H 197 -57.75 -16.81 69.39
CA ASP H 197 -57.38 -18.19 69.69
C ASP H 197 -56.59 -18.80 68.55
N ASP H 198 -57.03 -18.59 67.31
CA ASP H 198 -56.31 -19.13 66.16
C ASP H 198 -54.91 -18.54 66.06
N HIS H 199 -54.78 -17.22 66.26
CA HIS H 199 -53.46 -16.61 66.21
C HIS H 199 -52.56 -17.15 67.31
N LEU H 200 -53.10 -17.35 68.51
CA LEU H 200 -52.30 -17.89 69.60
C LEU H 200 -51.91 -19.34 69.34
N ALA H 201 -52.71 -20.07 68.57
CA ALA H 201 -52.37 -21.46 68.27
C ALA H 201 -51.12 -21.56 67.41
N ASN H 202 -51.07 -20.82 66.30
CA ASN H 202 -49.94 -20.84 65.37
C ASN H 202 -49.62 -19.42 64.95
N PRO H 203 -48.92 -18.66 65.80
CA PRO H 203 -48.73 -17.23 65.51
C PRO H 203 -48.04 -16.93 64.19
N THR H 204 -47.05 -17.74 63.81
CA THR H 204 -46.31 -17.45 62.59
C THR H 204 -47.10 -17.79 61.33
N ALA H 205 -47.87 -18.88 61.35
CA ALA H 205 -48.56 -19.33 60.14
C ALA H 205 -49.84 -18.54 59.90
N VAL H 206 -50.78 -18.60 60.84
CA VAL H 206 -52.08 -17.97 60.66
C VAL H 206 -52.01 -16.53 61.17
N ASN H 207 -52.33 -15.60 60.28
CA ASN H 207 -52.39 -14.18 60.58
C ASN H 207 -53.14 -13.50 59.43
N ALA H 208 -53.09 -12.17 59.39
CA ALA H 208 -53.80 -11.45 58.35
C ALA H 208 -53.30 -11.81 56.96
N PHE H 209 -51.99 -11.93 56.80
CA PHE H 209 -51.42 -12.19 55.47
C PHE H 209 -51.95 -13.49 54.88
N ALA H 210 -52.31 -14.46 55.72
CA ALA H 210 -52.87 -15.71 55.22
C ALA H 210 -54.09 -15.45 54.34
N TYR H 211 -54.93 -14.48 54.71
CA TYR H 211 -56.04 -14.06 53.87
C TYR H 211 -55.64 -12.85 53.04
N ALA H 212 -54.56 -13.00 52.28
CA ALA H 212 -54.08 -11.92 51.45
C ALA H 212 -54.66 -11.95 50.05
N THR H 213 -54.79 -13.13 49.46
CA THR H 213 -55.38 -13.29 48.13
C THR H 213 -56.89 -13.49 48.20
N LYS H 214 -57.53 -13.08 49.30
CA LYS H 214 -58.96 -13.28 49.45
C LYS H 214 -59.75 -12.49 48.42
N PHE H 215 -59.35 -11.24 48.17
CA PHE H 215 -60.11 -10.33 47.32
C PHE H 215 -59.42 -10.06 45.99
N THR H 216 -58.62 -10.99 45.50
CA THR H 216 -57.97 -10.80 44.22
C THR H 216 -59.03 -10.77 43.12
N PRO H 217 -58.93 -9.83 42.16
CA PRO H 217 -59.95 -9.74 41.12
C PRO H 217 -60.02 -11.03 40.29
N SER H 218 -61.24 -11.40 39.93
CA SER H 218 -61.48 -12.62 39.16
C SER H 218 -61.29 -12.33 37.67
N ALA H 219 -61.66 -13.30 36.83
CA ALA H 219 -61.55 -13.18 35.37
C ALA H 219 -60.13 -12.83 34.94
N GLU I 2 34.24 39.89 -26.79
CA GLU I 2 35.52 39.21 -26.63
C GLU I 2 35.74 38.18 -27.74
N PRO I 3 36.98 38.04 -28.19
CA PRO I 3 37.26 37.07 -29.27
C PRO I 3 37.12 35.64 -28.78
N GLY I 4 36.78 34.75 -29.71
CA GLY I 4 36.67 33.34 -29.42
C GLY I 4 37.98 32.61 -29.63
N LEU I 5 37.94 31.30 -29.36
CA LEU I 5 39.12 30.47 -29.54
C LEU I 5 39.44 30.32 -31.02
N VAL I 6 40.74 30.26 -31.33
CA VAL I 6 41.22 30.20 -32.69
C VAL I 6 41.91 28.86 -32.91
N THR I 7 41.54 28.19 -34.00
CA THR I 7 42.09 26.91 -34.39
C THR I 7 42.43 26.94 -35.88
N PRO I 8 43.50 26.25 -36.30
CA PRO I 8 43.76 26.17 -37.75
C PRO I 8 42.60 25.60 -38.55
N LEU I 9 41.90 24.60 -38.01
CA LEU I 9 40.70 24.11 -38.67
C LEU I 9 39.62 25.19 -38.71
N GLY I 10 39.47 25.94 -37.62
CA GLY I 10 38.51 27.04 -37.62
C GLY I 10 38.88 28.12 -38.63
N THR I 11 40.17 28.44 -38.74
CA THR I 11 40.61 29.41 -39.73
C THR I 11 40.33 28.91 -41.14
N LEU I 12 40.54 27.61 -41.39
CA LEU I 12 40.27 27.06 -42.70
C LEU I 12 38.78 27.10 -43.03
N LEU I 13 37.93 26.79 -42.05
CA LEU I 13 36.49 26.68 -42.28
C LEU I 13 35.74 27.99 -42.10
N ARG I 14 36.42 29.07 -41.70
CA ARG I 14 35.77 30.36 -41.50
C ARG I 14 34.97 30.86 -42.70
N PRO I 15 35.48 30.84 -43.93
CA PRO I 15 34.69 31.40 -45.04
C PRO I 15 33.36 30.70 -45.27
N LEU I 16 33.26 29.42 -44.95
CA LEU I 16 32.00 28.71 -45.17
C LEU I 16 30.87 29.29 -44.32
N ASN I 17 31.16 29.59 -43.06
CA ASN I 17 30.18 30.16 -42.15
C ASN I 17 30.19 31.68 -42.13
N SER I 18 31.14 32.32 -42.82
CA SER I 18 31.25 33.77 -42.75
C SER I 18 30.05 34.46 -43.39
N GLU I 19 29.71 34.07 -44.61
CA GLU I 19 28.64 34.74 -45.36
C GLU I 19 27.30 34.28 -44.79
N ALA I 20 26.90 34.92 -43.70
CA ALA I 20 25.69 34.57 -42.97
C ALA I 20 24.69 35.70 -43.05
N GLY I 21 23.46 35.38 -43.46
CA GLY I 21 22.39 36.35 -43.53
C GLY I 21 22.19 36.99 -44.89
N LYS I 22 23.12 36.80 -45.82
CA LYS I 22 22.99 37.40 -47.14
C LYS I 22 21.83 36.77 -47.90
N VAL I 23 21.08 37.60 -48.61
CA VAL I 23 19.92 37.16 -49.37
C VAL I 23 20.00 37.74 -50.77
N LEU I 24 19.27 37.10 -51.70
CA LEU I 24 19.19 37.56 -53.07
C LEU I 24 17.92 38.38 -53.23
N PRO I 25 18.01 39.64 -53.64
CA PRO I 25 16.82 40.50 -53.65
C PRO I 25 15.77 40.01 -54.64
N GLY I 26 14.51 40.27 -54.29
CA GLY I 26 13.39 39.87 -55.13
C GLY I 26 12.85 38.50 -54.77
N TRP I 27 12.21 37.84 -55.73
CA TRP I 27 11.70 36.49 -55.53
C TRP I 27 12.74 35.42 -55.86
N GLY I 28 13.88 35.80 -56.41
CA GLY I 28 14.94 34.83 -56.68
C GLY I 28 14.50 33.76 -57.66
N THR I 29 14.80 32.51 -57.31
CA THR I 29 14.51 31.36 -58.15
C THR I 29 13.33 30.55 -57.63
N THR I 30 12.31 31.22 -57.09
CA THR I 30 11.16 30.49 -56.54
C THR I 30 10.38 29.76 -57.61
N VAL I 31 10.31 30.33 -58.82
CA VAL I 31 9.57 29.68 -59.90
C VAL I 31 10.21 28.36 -60.27
N LEU I 32 11.55 28.32 -60.34
CA LEU I 32 12.24 27.07 -60.61
C LEU I 32 11.99 26.05 -59.51
N MET I 33 11.96 26.50 -58.26
CA MET I 33 11.63 25.61 -57.15
C MET I 33 10.23 25.03 -57.30
N ALA I 34 9.26 25.87 -57.68
CA ALA I 34 7.90 25.39 -57.88
C ALA I 34 7.82 24.38 -59.00
N VAL I 35 8.54 24.62 -60.10
CA VAL I 35 8.55 23.68 -61.21
C VAL I 35 9.13 22.34 -60.77
N PHE I 36 10.23 22.38 -60.02
CA PHE I 36 10.83 21.14 -59.54
C PHE I 36 9.91 20.41 -58.57
N ILE I 37 9.20 21.16 -57.71
CA ILE I 37 8.26 20.53 -56.80
C ILE I 37 7.15 19.83 -57.56
N LEU I 38 6.62 20.48 -58.61
CA LEU I 38 5.59 19.85 -59.42
C LEU I 38 6.11 18.59 -60.09
N LEU I 39 7.33 18.64 -60.62
CA LEU I 39 7.91 17.45 -61.23
C LEU I 39 8.07 16.32 -60.22
N PHE I 40 8.53 16.65 -59.02
CA PHE I 40 8.69 15.63 -57.99
C PHE I 40 7.36 15.04 -57.56
N ALA I 41 6.32 15.87 -57.47
CA ALA I 41 4.99 15.37 -57.14
C ALA I 41 4.48 14.41 -58.21
N ALA I 42 4.69 14.76 -59.49
CA ALA I 42 4.29 13.86 -60.55
C ALA I 42 5.06 12.54 -60.48
N PHE I 43 6.36 12.61 -60.22
CA PHE I 43 7.17 11.40 -60.11
C PHE I 43 6.70 10.52 -58.95
N LEU I 44 6.41 11.14 -57.81
CA LEU I 44 5.93 10.38 -56.65
C LEU I 44 4.58 9.74 -56.94
N LEU I 45 3.69 10.45 -57.64
CA LEU I 45 2.42 9.86 -58.03
C LEU I 45 2.63 8.66 -58.93
N ILE I 46 3.56 8.77 -59.88
CA ILE I 46 3.87 7.66 -60.77
C ILE I 46 4.34 6.45 -59.96
N ILE I 47 5.26 6.68 -59.03
CA ILE I 47 5.78 5.58 -58.22
C ILE I 47 4.68 4.94 -57.40
N LEU I 48 3.86 5.76 -56.74
CA LEU I 48 2.80 5.22 -55.89
C LEU I 48 1.80 4.41 -56.70
N GLU I 49 1.44 4.89 -57.90
CA GLU I 49 0.48 4.16 -58.70
C GLU I 49 1.06 2.86 -59.25
N ILE I 50 2.32 2.88 -59.67
CA ILE I 50 2.95 1.64 -60.11
C ILE I 50 2.98 0.63 -58.97
N TYR I 51 3.34 1.08 -57.77
CA TYR I 51 3.48 0.14 -56.67
C TYR I 51 2.11 -0.36 -56.22
N ASN I 52 1.09 0.49 -56.35
CA ASN I 52 -0.27 0.19 -55.93
C ASN I 52 -1.03 -0.67 -56.93
N SER I 53 -0.42 -0.96 -58.08
CA SER I 53 -1.03 -1.68 -59.20
C SER I 53 -2.14 -0.86 -59.86
N SER I 54 -2.33 0.40 -59.48
CA SER I 54 -3.29 1.25 -60.14
C SER I 54 -2.78 1.81 -61.46
N LEU I 55 -1.50 1.61 -61.77
CA LEU I 55 -0.91 1.99 -63.06
C LEU I 55 -0.10 0.81 -63.54
N ILE I 56 -0.66 0.04 -64.48
CA ILE I 56 -0.02 -1.18 -64.95
C ILE I 56 0.82 -0.85 -66.19
N LEU I 57 2.09 -1.20 -66.14
CA LEU I 57 2.99 -1.08 -67.27
C LEU I 57 3.40 -2.47 -67.74
N ASP I 58 3.56 -2.62 -69.06
CA ASP I 58 3.83 -3.94 -69.62
C ASP I 58 5.15 -4.52 -69.12
N ASP I 59 6.18 -3.68 -69.01
CA ASP I 59 7.49 -4.18 -68.60
C ASP I 59 7.47 -4.66 -67.14
N VAL I 60 6.86 -3.88 -66.25
CA VAL I 60 6.86 -4.21 -64.83
C VAL I 60 5.87 -5.34 -64.58
N SER I 61 6.15 -6.13 -63.54
CA SER I 61 5.31 -7.26 -63.17
C SER I 61 4.55 -7.05 -61.88
N MET I 62 5.11 -6.28 -60.94
CA MET I 62 4.44 -5.92 -59.69
C MET I 62 4.08 -7.16 -58.88
N SER I 63 5.09 -7.98 -58.61
CA SER I 63 4.92 -9.21 -57.84
C SER I 63 6.28 -9.80 -57.55
N TRP I 64 6.29 -10.87 -56.76
CA TRP I 64 7.53 -11.57 -56.44
C TRP I 64 8.16 -12.22 -57.66
N GLU I 65 7.36 -12.55 -58.68
CA GLU I 65 7.90 -13.16 -59.90
C GLU I 65 8.83 -12.22 -60.65
N THR I 66 8.85 -10.94 -60.31
CA THR I 66 9.88 -10.05 -60.87
C THR I 66 11.27 -10.55 -60.52
N LEU I 67 11.42 -11.19 -59.36
CA LEU I 67 12.71 -11.78 -58.98
C LEU I 67 13.08 -12.98 -59.85
N ALA I 68 12.13 -13.54 -60.61
CA ALA I 68 12.42 -14.66 -61.48
C ALA I 68 12.96 -14.23 -62.84
N LYS I 69 12.94 -12.94 -63.15
CA LYS I 69 13.42 -12.44 -64.44
C LYS I 69 14.94 -12.60 -64.55
N MET J 1 -24.18 -14.63 16.47
CA MET J 1 -24.41 -13.92 15.22
C MET J 1 -25.37 -12.76 15.44
N LEU J 2 -26.21 -12.88 16.47
CA LEU J 2 -27.15 -11.82 16.78
C LEU J 2 -26.45 -10.64 17.44
N THR J 3 -25.31 -10.88 18.09
CA THR J 3 -24.54 -9.78 18.67
C THR J 3 -24.06 -8.81 17.59
N LEU J 4 -23.65 -9.35 16.43
CA LEU J 4 -23.28 -8.49 15.32
C LEU J 4 -24.45 -7.64 14.86
N LYS J 5 -25.66 -8.23 14.83
CA LYS J 5 -26.84 -7.47 14.45
C LYS J 5 -27.10 -6.35 15.46
N ILE J 6 -26.96 -6.64 16.75
CA ILE J 6 -27.15 -5.60 17.76
C ILE J 6 -26.15 -4.48 17.58
N PHE J 7 -24.88 -4.82 17.36
CA PHE J 7 -23.85 -3.81 17.21
C PHE J 7 -24.11 -2.93 15.99
N VAL J 8 -24.47 -3.56 14.87
CA VAL J 8 -24.74 -2.80 13.65
C VAL J 8 -25.95 -1.91 13.83
N TYR J 9 -27.00 -2.43 14.47
CA TYR J 9 -28.19 -1.62 14.73
C TYR J 9 -27.85 -0.42 15.60
N THR J 10 -27.04 -0.62 16.63
CA THR J 10 -26.65 0.48 17.50
C THR J 10 -25.89 1.54 16.73
N VAL J 11 -24.92 1.12 15.93
CA VAL J 11 -24.10 2.10 15.18
C VAL J 11 -24.95 2.88 14.20
N VAL J 12 -25.80 2.16 13.43
CA VAL J 12 -26.63 2.82 12.43
C VAL J 12 -27.61 3.78 13.09
N THR J 13 -28.22 3.37 14.21
CA THR J 13 -29.15 4.23 14.89
C THR J 13 -28.46 5.48 15.42
N PHE J 14 -27.25 5.32 15.98
CA PHE J 14 -26.52 6.46 16.50
C PHE J 14 -26.22 7.46 15.38
N PHE J 15 -25.73 6.97 14.24
CA PHE J 15 -25.39 7.88 13.15
C PHE J 15 -26.64 8.54 12.56
N VAL J 16 -27.72 7.79 12.39
CA VAL J 16 -28.94 8.37 11.85
C VAL J 16 -29.51 9.42 12.80
N CYS J 17 -29.48 9.15 14.11
CA CYS J 17 -29.95 10.14 15.06
C CYS J 17 -29.08 11.39 15.03
N LEU J 18 -27.77 11.22 14.89
CA LEU J 18 -26.89 12.38 14.74
C LEU J 18 -27.29 13.20 13.53
N PHE J 19 -27.54 12.53 12.40
CA PHE J 19 -27.94 13.25 11.19
C PHE J 19 -29.26 13.99 11.40
N ILE J 20 -30.22 13.32 12.03
CA ILE J 20 -31.55 13.92 12.17
C ILE J 20 -31.49 15.13 13.08
N PHE J 21 -30.85 15.00 14.25
CA PHE J 21 -30.80 16.09 15.20
C PHE J 21 -29.80 17.18 14.79
N GLY J 22 -28.90 16.89 13.85
CA GLY J 22 -28.03 17.93 13.35
C GLY J 22 -28.77 19.01 12.59
N PHE J 23 -29.71 18.61 11.73
CA PHE J 23 -30.45 19.57 10.94
C PHE J 23 -31.55 20.26 11.71
N LEU J 24 -31.92 19.75 12.89
CA LEU J 24 -32.84 20.44 13.76
C LEU J 24 -32.16 21.49 14.63
N SER J 25 -30.83 21.55 14.60
CA SER J 25 -30.09 22.46 15.47
C SER J 25 -29.84 23.81 14.81
N ASN J 26 -30.93 24.44 14.36
CA ASN J 26 -30.89 25.77 13.76
C ASN J 26 -29.90 25.82 12.59
N ASP J 27 -29.98 24.80 11.74
CA ASP J 27 -29.09 24.74 10.58
C ASP J 27 -29.24 25.93 9.63
N PRO J 28 -30.44 26.39 9.27
CA PRO J 28 -30.54 27.47 8.27
C PRO J 28 -29.85 28.76 8.67
N ALA J 29 -29.58 28.97 9.96
CA ALA J 29 -28.88 30.17 10.41
C ALA J 29 -27.38 29.98 10.47
N ARG J 30 -26.85 28.93 9.86
CA ARG J 30 -25.41 28.69 9.84
C ARG J 30 -24.72 29.32 8.64
N ASN J 31 -25.46 30.03 7.80
CA ASN J 31 -24.89 30.67 6.62
C ASN J 31 -23.99 31.84 7.02
N PRO J 32 -23.03 32.20 6.18
CA PRO J 32 -22.17 33.35 6.47
C PRO J 32 -22.70 34.68 5.98
N GLY J 33 -23.87 34.73 5.36
CA GLY J 33 -24.39 35.96 4.84
C GLY J 33 -24.95 36.87 5.92
N LYS J 34 -25.35 38.06 5.49
CA LYS J 34 -25.91 39.07 6.38
C LYS J 34 -27.42 39.13 6.18
N ASN J 35 -28.16 39.03 7.28
CA ASN J 35 -29.62 39.06 7.21
C ASN J 35 -30.24 39.45 8.56
N LYS K 1 -65.70 0.78 -28.94
CA LYS K 1 -66.02 1.89 -29.83
C LYS K 1 -67.01 2.83 -29.18
N LEU K 2 -67.17 4.01 -29.77
CA LEU K 2 -68.13 4.98 -29.28
C LEU K 2 -69.55 4.48 -29.52
N PRO K 3 -70.52 4.95 -28.74
CA PRO K 3 -71.92 4.60 -29.00
C PRO K 3 -72.33 5.04 -30.40
N GLU K 4 -73.25 4.27 -31.00
CA GLU K 4 -73.62 4.50 -32.40
C GLU K 4 -74.12 5.92 -32.62
N ALA K 5 -74.86 6.47 -31.66
CA ALA K 5 -75.37 7.82 -31.80
C ALA K 5 -74.24 8.83 -31.95
N TYR K 6 -73.10 8.57 -31.32
CA TYR K 6 -71.91 9.41 -31.44
C TYR K 6 -70.89 8.83 -32.40
N ALA K 7 -71.28 7.86 -33.21
CA ALA K 7 -70.35 7.32 -34.21
C ALA K 7 -69.84 8.34 -35.20
N PRO K 8 -70.66 9.23 -35.78
CA PRO K 8 -70.11 10.18 -36.77
C PRO K 8 -69.04 11.09 -36.24
N PHE K 9 -69.06 11.41 -34.94
CA PHE K 9 -68.07 12.30 -34.34
C PHE K 9 -66.79 11.57 -33.96
N ALA K 10 -66.54 10.39 -34.53
CA ALA K 10 -65.30 9.67 -34.25
C ALA K 10 -64.05 10.43 -34.65
N PRO K 11 -63.94 11.07 -35.82
CA PRO K 11 -62.67 11.73 -36.17
C PRO K 11 -62.23 12.78 -35.17
N ILE K 12 -63.16 13.56 -34.63
CA ILE K 12 -62.80 14.63 -33.70
C ILE K 12 -62.00 14.07 -32.53
N VAL K 13 -62.47 12.96 -31.97
CA VAL K 13 -61.81 12.35 -30.83
C VAL K 13 -60.37 12.00 -31.19
N ASP K 14 -60.14 11.54 -32.42
CA ASP K 14 -58.80 11.15 -32.83
C ASP K 14 -57.80 12.30 -32.74
N VAL K 15 -58.28 13.54 -32.73
CA VAL K 15 -57.39 14.69 -32.60
C VAL K 15 -57.27 15.18 -31.16
N LEU K 16 -58.19 14.80 -30.28
CA LEU K 16 -58.25 15.41 -28.95
C LEU K 16 -56.99 15.20 -28.10
N PRO K 17 -56.41 14.00 -28.01
CA PRO K 17 -55.33 13.81 -27.02
C PRO K 17 -54.12 14.71 -27.21
N VAL K 18 -53.79 15.09 -28.46
CA VAL K 18 -52.58 15.87 -28.71
C VAL K 18 -52.78 17.36 -28.44
N ILE K 19 -53.97 17.79 -28.04
CA ILE K 19 -54.23 19.22 -27.87
C ILE K 19 -53.38 19.84 -26.77
N PRO K 20 -53.23 19.24 -25.58
CA PRO K 20 -52.42 19.89 -24.53
C PRO K 20 -51.00 20.24 -24.98
N VAL K 21 -50.36 19.37 -25.77
CA VAL K 21 -49.01 19.65 -26.24
C VAL K 21 -48.98 20.99 -26.98
N PHE K 22 -49.94 21.20 -27.88
CA PHE K 22 -49.99 22.45 -28.64
C PHE K 22 -49.96 23.65 -27.71
N PHE K 23 -50.57 23.54 -26.54
CA PHE K 23 -50.61 24.66 -25.60
C PHE K 23 -49.21 25.21 -25.35
N ILE K 24 -48.25 24.32 -25.06
CA ILE K 24 -46.90 24.80 -24.76
C ILE K 24 -46.33 25.55 -25.95
N LEU K 25 -46.57 25.03 -27.17
CA LEU K 25 -46.10 25.73 -28.35
C LEU K 25 -46.74 27.10 -28.45
N LEU K 26 -48.03 27.19 -28.15
CA LEU K 26 -48.72 28.48 -28.16
C LEU K 26 -47.99 29.49 -27.30
N ALA K 27 -47.50 29.05 -26.13
CA ALA K 27 -46.79 29.96 -25.24
C ALA K 27 -45.62 30.61 -25.98
N PHE K 28 -44.83 29.80 -26.68
CA PHE K 28 -43.70 30.35 -27.42
C PHE K 28 -44.18 31.33 -28.47
N VAL K 29 -45.27 31.00 -29.18
CA VAL K 29 -45.82 31.93 -30.16
C VAL K 29 -46.16 33.25 -29.49
N TRP K 30 -46.76 33.17 -28.30
CA TRP K 30 -47.09 34.41 -27.57
C TRP K 30 -45.82 35.20 -27.29
N GLN K 31 -44.74 34.52 -26.89
CA GLN K 31 -43.50 35.22 -26.64
C GLN K 31 -42.96 35.84 -27.92
N ALA K 32 -43.20 35.19 -29.07
CA ALA K 32 -42.80 35.78 -30.34
C ALA K 32 -43.64 36.99 -30.67
N ALA K 33 -44.88 37.03 -30.20
CA ALA K 33 -45.74 38.18 -30.48
C ALA K 33 -45.23 39.44 -29.78
N VAL K 34 -44.70 39.28 -28.57
CA VAL K 34 -44.19 40.41 -27.81
C VAL K 34 -42.68 40.58 -27.99
N SER K 35 -42.11 39.94 -29.02
CA SER K 35 -40.69 40.08 -29.35
C SER K 35 -39.80 39.67 -28.18
N PHE K 36 -40.24 38.66 -27.42
CA PHE K 36 -39.47 38.11 -26.30
C PHE K 36 -39.05 39.21 -25.33
N ARG K 37 -40.02 40.01 -24.90
CA ARG K 37 -39.74 41.14 -24.03
C ARG K 37 -39.09 40.71 -22.72
N ARG L 2 35.98 28.89 -20.64
CA ARG L 2 35.21 30.11 -20.43
C ARG L 2 33.79 29.77 -19.97
N PRO L 3 33.30 30.48 -18.95
CA PRO L 3 31.94 30.21 -18.46
C PRO L 3 30.90 30.47 -19.54
N ASN L 4 29.87 29.63 -19.55
CA ASN L 4 28.82 29.71 -20.56
C ASN L 4 27.74 30.70 -20.12
N PRO L 5 27.44 31.72 -20.92
CA PRO L 5 26.32 32.61 -20.58
C PRO L 5 25.00 31.89 -20.51
N ASN L 6 24.80 30.87 -21.34
CA ASN L 6 23.54 30.11 -21.37
C ASN L 6 23.53 29.12 -20.21
N LYS L 7 23.19 29.64 -19.03
CA LYS L 7 23.10 28.83 -17.83
C LYS L 7 21.72 29.00 -17.22
N GLN L 8 21.07 27.87 -16.91
CA GLN L 8 19.74 27.89 -16.32
C GLN L 8 19.59 26.68 -15.43
N VAL L 9 18.61 26.75 -14.52
CA VAL L 9 18.37 25.71 -13.54
C VAL L 9 16.94 25.18 -13.73
N VAL L 10 16.78 23.88 -13.59
CA VAL L 10 15.47 23.24 -13.70
C VAL L 10 14.77 23.28 -12.35
N GLU L 11 13.47 23.53 -12.36
CA GLU L 11 12.67 23.54 -11.14
C GLU L 11 11.49 22.59 -11.30
N LEU L 12 11.08 22.00 -10.17
CA LEU L 12 9.98 21.04 -10.15
C LEU L 12 9.30 21.17 -8.79
N ASN L 13 8.19 21.91 -8.75
CA ASN L 13 7.47 22.11 -7.51
C ASN L 13 6.84 20.80 -7.03
N ARG L 14 6.29 20.83 -5.81
CA ARG L 14 5.77 19.63 -5.20
C ARG L 14 4.59 19.06 -5.99
N THR L 15 3.79 19.94 -6.59
CA THR L 15 2.66 19.48 -7.40
C THR L 15 3.15 18.65 -8.58
N SER L 16 4.21 19.10 -9.24
CA SER L 16 4.76 18.33 -10.35
C SER L 16 5.30 16.98 -9.89
N LEU L 17 5.94 16.95 -8.71
CA LEU L 17 6.42 15.68 -8.18
C LEU L 17 5.26 14.72 -7.93
N TYR L 18 4.17 15.22 -7.32
CA TYR L 18 3.02 14.38 -7.07
C TYR L 18 2.42 13.87 -8.37
N TRP L 19 2.30 14.75 -9.37
CA TRP L 19 1.76 14.34 -10.66
C TRP L 19 2.63 13.25 -11.29
N GLY L 20 3.95 13.42 -11.26
CA GLY L 20 4.83 12.43 -11.86
C GLY L 20 4.77 11.09 -11.15
N LEU L 21 4.78 11.10 -9.82
CA LEU L 21 4.68 9.86 -9.07
C LEU L 21 3.35 9.16 -9.34
N LEU L 22 2.26 9.92 -9.35
CA LEU L 22 0.96 9.33 -9.65
C LEU L 22 0.95 8.74 -11.05
N LEU L 23 1.52 9.45 -12.03
CA LEU L 23 1.52 8.97 -13.40
C LEU L 23 2.30 7.66 -13.52
N ILE L 24 3.50 7.61 -12.94
CA ILE L 24 4.31 6.41 -13.10
C ILE L 24 3.67 5.23 -12.35
N PHE L 25 3.10 5.48 -11.17
CA PHE L 25 2.48 4.38 -10.43
C PHE L 25 1.23 3.88 -11.13
N VAL L 26 0.43 4.79 -11.70
CA VAL L 26 -0.77 4.37 -12.43
C VAL L 26 -0.40 3.59 -13.69
N LEU L 27 0.65 4.04 -14.39
CA LEU L 27 1.10 3.29 -15.56
C LEU L 27 1.58 1.90 -15.17
N ALA L 28 2.32 1.79 -14.07
CA ALA L 28 2.77 0.49 -13.60
C ALA L 28 1.59 -0.39 -13.25
N VAL L 29 0.59 0.17 -12.56
CA VAL L 29 -0.60 -0.61 -12.20
C VAL L 29 -1.31 -1.11 -13.46
N LEU L 30 -1.46 -0.23 -14.45
CA LEU L 30 -2.19 -0.60 -15.66
C LEU L 30 -1.44 -1.67 -16.45
N PHE L 31 -0.12 -1.55 -16.57
CA PHE L 31 0.63 -2.42 -17.46
C PHE L 31 1.24 -3.64 -16.77
N SER L 32 1.14 -3.75 -15.44
CA SER L 32 1.74 -4.90 -14.76
C SER L 32 1.08 -6.20 -15.17
N SER L 33 -0.25 -6.20 -15.29
CA SER L 33 -0.95 -7.42 -15.65
C SER L 33 -0.53 -7.92 -17.03
N TYR L 34 -0.32 -7.01 -17.97
CA TYR L 34 0.10 -7.40 -19.31
C TYR L 34 1.57 -7.79 -19.35
N ILE L 35 2.43 -7.12 -18.57
CA ILE L 35 3.84 -7.47 -18.57
C ILE L 35 4.05 -8.86 -17.96
N PHE L 36 3.41 -9.11 -16.82
CA PHE L 36 3.52 -10.44 -16.21
C PHE L 36 2.84 -11.49 -17.07
N ASN L 37 1.74 -11.14 -17.72
CA ASN L 37 0.97 -12.05 -18.58
C ASN L 37 0.46 -13.25 -17.80
N VAL M 1 5.67 -14.44 -13.31
CA VAL M 1 6.62 -15.17 -12.48
C VAL M 1 8.02 -15.04 -13.07
N ASN M 2 8.09 -14.62 -14.32
CA ASN M 2 9.38 -14.46 -14.99
C ASN M 2 10.18 -13.33 -14.35
N ILE M 3 11.50 -13.49 -14.36
CA ILE M 3 12.38 -12.47 -13.79
C ILE M 3 12.29 -11.18 -14.58
N TYR M 4 12.14 -11.27 -15.91
CA TYR M 4 12.13 -10.08 -16.74
C TYR M 4 10.99 -9.13 -16.37
N GLY M 5 9.79 -9.68 -16.18
CA GLY M 5 8.66 -8.83 -15.84
C GLY M 5 8.85 -8.13 -14.51
N LEU M 6 9.28 -8.87 -13.49
CA LEU M 6 9.48 -8.28 -12.17
C LEU M 6 10.57 -7.20 -12.20
N THR M 7 11.69 -7.47 -12.88
CA THR M 7 12.77 -6.49 -12.90
C THR M 7 12.38 -5.27 -13.71
N ALA M 8 11.64 -5.45 -14.81
CA ALA M 8 11.16 -4.30 -15.57
C ALA M 8 10.21 -3.44 -14.74
N THR M 9 9.29 -4.08 -14.02
CA THR M 9 8.38 -3.34 -13.16
C THR M 9 9.14 -2.58 -12.07
N ALA M 10 10.12 -3.24 -11.45
CA ALA M 10 10.88 -2.58 -10.39
C ALA M 10 11.65 -1.38 -10.93
N LEU M 11 12.32 -1.54 -12.07
CA LEU M 11 13.06 -0.43 -12.65
C LEU M 11 12.12 0.71 -13.03
N PHE M 12 10.98 0.40 -13.64
CA PHE M 12 10.04 1.44 -14.05
C PHE M 12 9.46 2.17 -12.84
N ILE M 13 9.30 1.46 -11.72
CA ILE M 13 8.84 2.13 -10.51
C ILE M 13 9.92 3.03 -9.94
N ILE M 14 11.17 2.55 -9.92
CA ILE M 14 12.19 3.21 -9.11
C ILE M 14 12.85 4.36 -9.86
N ILE M 15 13.32 4.13 -11.09
CA ILE M 15 14.14 5.13 -11.78
C ILE M 15 13.41 6.46 -11.96
N PRO M 16 12.19 6.51 -12.50
CA PRO M 16 11.49 7.80 -12.56
C PRO M 16 11.23 8.39 -11.19
N THR M 17 10.99 7.56 -10.18
CA THR M 17 10.82 8.07 -8.82
C THR M 17 12.08 8.77 -8.34
N SER M 18 13.24 8.17 -8.58
CA SER M 18 14.50 8.80 -8.19
C SER M 18 14.71 10.11 -8.95
N PHE M 19 14.43 10.11 -10.25
CA PHE M 19 14.59 11.33 -11.04
C PHE M 19 13.70 12.46 -10.54
N LEU M 20 12.43 12.14 -10.25
CA LEU M 20 11.51 13.15 -9.75
C LEU M 20 11.92 13.65 -8.37
N LEU M 21 12.40 12.75 -7.50
CA LEU M 21 12.87 13.17 -6.20
C LEU M 21 14.08 14.09 -6.32
N ILE M 22 14.99 13.79 -7.25
CA ILE M 22 16.13 14.66 -7.51
C ILE M 22 15.65 16.05 -7.87
N LEU M 23 14.74 16.14 -8.85
CA LEU M 23 14.29 17.45 -9.30
C LEU M 23 13.54 18.20 -8.19
N TYR M 24 12.70 17.49 -7.43
CA TYR M 24 11.95 18.16 -6.37
C TYR M 24 12.88 18.68 -5.28
N VAL M 25 13.89 17.89 -4.91
CA VAL M 25 14.84 18.34 -3.89
C VAL M 25 15.62 19.56 -4.39
N LYS M 26 16.03 19.53 -5.66
CA LYS M 26 16.70 20.68 -6.24
C LYS M 26 15.83 21.93 -6.16
N THR M 27 14.55 21.78 -6.51
CA THR M 27 13.65 22.93 -6.48
C THR M 27 13.44 23.43 -5.06
N ALA M 28 13.19 22.52 -4.12
CA ALA M 28 12.89 22.92 -2.74
C ALA M 28 14.08 23.60 -2.09
N SER M 29 15.29 23.10 -2.35
CA SER M 29 16.49 23.71 -1.77
C SER M 29 16.67 25.14 -2.25
N THR M 30 16.43 25.39 -3.53
CA THR M 30 16.58 26.73 -4.10
C THR M 30 15.52 27.68 -3.54
N GLU N 1 -92.27 32.25 59.24
CA GLU N 1 -92.12 30.82 58.97
C GLU N 1 -91.26 30.60 57.73
N PHE N 2 -90.39 29.59 57.79
CA PHE N 2 -89.43 29.22 56.75
C PHE N 2 -88.38 30.31 56.49
N TYR N 3 -88.40 31.39 57.26
CA TYR N 3 -87.43 32.46 57.10
C TYR N 3 -87.30 33.19 58.43
N GLY N 4 -86.18 33.89 58.59
CA GLY N 4 -85.94 34.66 59.79
C GLY N 4 -85.63 33.78 60.99
N PRO N 5 -85.69 34.37 62.19
CA PRO N 5 -85.34 33.59 63.39
C PRO N 5 -86.39 32.56 63.77
N ASN N 6 -87.66 32.92 63.70
CA ASN N 6 -88.74 32.01 64.12
C ASN N 6 -89.20 31.15 62.94
N ARG N 7 -88.27 30.34 62.45
CA ARG N 7 -88.51 29.47 61.31
C ARG N 7 -88.52 28.01 61.77
N ALA N 8 -89.02 27.15 60.89
CA ALA N 8 -89.02 25.72 61.17
C ALA N 8 -87.58 25.20 61.23
N LYS N 9 -87.35 24.24 62.12
CA LYS N 9 -86.02 23.72 62.38
C LYS N 9 -85.99 22.21 62.21
N TRP N 10 -84.76 21.67 62.19
CA TRP N 10 -84.57 20.25 61.92
C TRP N 10 -84.89 19.36 63.10
N LEU N 11 -85.09 19.93 64.29
CA LEU N 11 -85.45 19.16 65.48
C LEU N 11 -86.78 19.60 66.07
N GLY N 12 -87.56 20.37 65.32
CA GLY N 12 -88.82 20.86 65.81
C GLY N 12 -88.66 21.74 67.02
N PRO N 13 -89.48 21.51 68.05
CA PRO N 13 -89.39 22.33 69.26
C PRO N 13 -88.05 22.27 69.96
N TYR N 14 -87.40 21.11 69.96
CA TYR N 14 -86.13 20.93 70.67
C TYR N 14 -84.95 21.32 69.78
N SER N 15 -84.98 22.56 69.31
CA SER N 15 -83.96 23.02 68.38
C SER N 15 -83.48 24.45 68.63
N GLU N 16 -83.82 25.04 69.78
CA GLU N 16 -83.42 26.42 70.02
C GLU N 16 -81.90 26.56 70.10
N ASN N 17 -81.24 25.64 70.78
CA ASN N 17 -79.79 25.68 70.95
C ASN N 17 -79.05 24.83 69.92
N ALA N 18 -79.76 24.06 69.10
CA ALA N 18 -79.10 23.18 68.14
C ALA N 18 -78.55 23.95 66.94
N THR N 19 -79.25 25.00 66.52
CA THR N 19 -78.86 25.70 65.31
C THR N 19 -77.52 26.42 65.52
N PRO N 20 -76.60 26.32 64.56
CA PRO N 20 -75.35 27.07 64.66
C PRO N 20 -75.59 28.56 64.47
N ALA N 21 -74.60 29.35 64.92
CA ALA N 21 -74.72 30.80 64.83
C ALA N 21 -74.76 31.27 63.38
N TYR N 22 -73.95 30.66 62.51
CA TYR N 22 -73.83 31.16 61.14
C TYR N 22 -75.05 30.88 60.28
N LEU N 23 -75.93 29.97 60.72
CA LEU N 23 -77.17 29.70 60.00
C LEU N 23 -78.26 30.58 60.60
N THR N 24 -78.61 31.66 59.90
CA THR N 24 -79.51 32.68 60.42
C THR N 24 -80.83 32.75 59.65
N GLY N 25 -81.16 31.72 58.89
CA GLY N 25 -82.43 31.69 58.17
C GLY N 25 -82.55 32.75 57.10
N GLU N 26 -81.49 32.92 56.31
CA GLU N 26 -81.50 33.87 55.20
C GLU N 26 -81.74 33.20 53.85
N PHE N 27 -81.32 31.95 53.69
CA PHE N 27 -81.42 31.22 52.45
C PHE N 27 -82.54 30.18 52.51
N PRO N 28 -83.13 29.82 51.37
CA PRO N 28 -84.25 28.87 51.40
C PRO N 28 -83.86 27.52 51.94
N GLY N 29 -84.80 26.89 52.64
CA GLY N 29 -84.55 25.58 53.22
C GLY N 29 -83.48 25.57 54.28
N ASP N 30 -83.42 26.61 55.10
CA ASP N 30 -82.43 26.72 56.17
C ASP N 30 -83.11 26.27 57.46
N TYR N 31 -82.97 24.98 57.76
CA TYR N 31 -83.49 24.41 58.99
C TYR N 31 -82.46 24.43 60.11
N GLY N 32 -81.29 24.99 59.88
CA GLY N 32 -80.24 25.04 60.89
C GLY N 32 -79.66 23.70 61.26
N TRP N 33 -79.39 22.84 60.28
CA TRP N 33 -78.84 21.51 60.52
C TRP N 33 -77.42 21.46 59.96
N ASP N 34 -76.45 21.82 60.80
CA ASP N 34 -75.04 21.73 60.44
C ASP N 34 -74.25 21.13 61.60
N THR N 35 -74.74 20.00 62.12
CA THR N 35 -74.14 19.40 63.31
C THR N 35 -72.66 19.10 63.13
N ALA N 36 -72.22 18.80 61.91
CA ALA N 36 -70.83 18.50 61.65
C ALA N 36 -69.99 19.75 61.39
N GLY N 37 -70.61 20.91 61.28
CA GLY N 37 -69.86 22.14 61.11
C GLY N 37 -69.03 22.20 59.85
N LEU N 38 -69.58 21.76 58.73
CA LEU N 38 -68.85 21.73 57.47
C LEU N 38 -68.98 23.01 56.65
N SER N 39 -69.79 23.96 57.08
CA SER N 39 -70.00 25.19 56.34
C SER N 39 -69.85 26.41 57.24
N ALA N 40 -68.86 26.38 58.12
CA ALA N 40 -68.58 27.56 58.94
C ALA N 40 -68.08 28.71 58.08
N ASP N 41 -67.23 28.44 57.12
CA ASP N 41 -66.74 29.47 56.22
C ASP N 41 -67.84 29.88 55.24
N PRO N 42 -68.16 31.18 55.14
CA PRO N 42 -69.25 31.59 54.24
C PRO N 42 -69.03 31.21 52.79
N GLU N 43 -67.79 31.26 52.30
CA GLU N 43 -67.53 30.86 50.92
C GLU N 43 -67.85 29.39 50.70
N THR N 44 -67.39 28.53 51.61
CA THR N 44 -67.74 27.12 51.53
C THR N 44 -69.23 26.90 51.67
N PHE N 45 -69.90 27.73 52.50
CA PHE N 45 -71.35 27.65 52.61
C PHE N 45 -72.02 27.94 51.28
N LYS N 46 -71.56 28.97 50.56
CA LYS N 46 -72.14 29.29 49.27
C LYS N 46 -71.90 28.17 48.25
N ARG N 47 -70.67 27.62 48.25
CA ARG N 47 -70.39 26.53 47.32
C ARG N 47 -71.26 25.32 47.61
N TYR N 48 -71.45 24.99 48.89
CA TYR N 48 -72.30 23.86 49.25
C TYR N 48 -73.75 24.13 48.88
N ARG N 49 -74.21 25.38 49.02
CA ARG N 49 -75.58 25.70 48.61
C ARG N 49 -75.77 25.47 47.12
N GLU N 50 -74.81 25.91 46.31
CA GLU N 50 -74.91 25.70 44.87
C GLU N 50 -74.90 24.22 44.53
N LEU N 51 -74.01 23.46 45.17
CA LEU N 51 -73.95 22.02 44.94
C LEU N 51 -75.28 21.36 45.32
N GLU N 52 -75.85 21.77 46.46
CA GLU N 52 -77.12 21.20 46.90
C GLU N 52 -78.22 21.47 45.89
N LEU N 53 -78.29 22.70 45.38
CA LEU N 53 -79.35 23.03 44.42
C LEU N 53 -79.21 22.23 43.13
N ILE N 54 -77.99 22.14 42.60
CA ILE N 54 -77.80 21.39 41.36
C ILE N 54 -78.11 19.92 41.57
N HIS N 55 -77.65 19.35 42.69
CA HIS N 55 -77.94 17.97 43.00
C HIS N 55 -79.44 17.74 43.12
N ALA N 56 -80.14 18.69 43.76
CA ALA N 56 -81.59 18.55 43.94
C ALA N 56 -82.31 18.54 42.60
N ARG N 57 -81.93 19.44 41.69
CA ARG N 57 -82.59 19.47 40.39
C ARG N 57 -82.33 18.19 39.60
N TRP N 58 -81.07 17.75 39.58
CA TRP N 58 -80.74 16.52 38.87
C TRP N 58 -81.46 15.32 39.48
N ALA N 59 -81.62 15.32 40.81
CA ALA N 59 -82.31 14.21 41.46
C ALA N 59 -83.80 14.24 41.17
N MET N 60 -84.39 15.42 41.08
CA MET N 60 -85.79 15.52 40.65
C MET N 60 -85.96 14.87 39.29
N LEU N 61 -85.12 15.27 38.33
CA LEU N 61 -85.23 14.71 36.99
C LEU N 61 -85.01 13.20 37.01
N GLY N 62 -84.01 12.75 37.77
CA GLY N 62 -83.73 11.33 37.81
C GLY N 62 -84.86 10.51 38.40
N ALA N 63 -85.45 11.00 39.50
CA ALA N 63 -86.57 10.28 40.10
C ALA N 63 -87.75 10.19 39.13
N LEU N 64 -88.08 11.30 38.48
CA LEU N 64 -89.20 11.26 37.54
C LEU N 64 -88.91 10.31 36.38
N GLY N 65 -87.68 10.34 35.86
CA GLY N 65 -87.32 9.48 34.73
C GLY N 65 -87.13 8.03 35.12
N CYS N 66 -86.96 7.74 36.40
CA CYS N 66 -86.97 6.35 36.85
C CYS N 66 -88.39 5.85 37.02
N ILE N 67 -89.29 6.68 37.56
CA ILE N 67 -90.66 6.25 37.77
C ILE N 67 -91.39 6.05 36.45
N THR N 68 -91.24 6.98 35.51
CA THR N 68 -92.16 7.01 34.36
C THR N 68 -92.12 5.75 33.50
N PRO N 69 -90.96 5.26 33.02
CA PRO N 69 -91.00 4.09 32.11
C PRO N 69 -91.59 2.84 32.75
N GLU N 70 -91.36 2.62 34.04
CA GLU N 70 -91.91 1.42 34.68
C GLU N 70 -93.44 1.48 34.74
N LEU N 71 -93.98 2.64 35.11
CA LEU N 71 -95.43 2.78 35.12
C LEU N 71 -96.02 2.64 33.73
N LEU N 72 -95.35 3.23 32.72
CA LEU N 72 -95.84 3.12 31.35
C LEU N 72 -95.82 1.66 30.89
N ALA N 73 -94.78 0.91 31.25
CA ALA N 73 -94.73 -0.50 30.91
C ALA N 73 -95.85 -1.27 31.60
N LYS N 74 -96.12 -0.94 32.87
CA LYS N 74 -97.25 -1.56 33.56
C LYS N 74 -98.56 -1.23 32.85
N SER N 75 -98.65 -0.05 32.23
CA SER N 75 -99.86 0.31 31.48
C SER N 75 -100.05 -0.53 30.24
N GLY N 76 -98.98 -1.13 29.71
CA GLY N 76 -99.11 -2.00 28.55
C GLY N 76 -98.30 -1.58 27.34
N THR N 77 -97.19 -0.88 27.55
CA THR N 77 -96.30 -0.46 26.48
C THR N 77 -95.03 -1.31 26.54
N GLN N 78 -94.62 -1.85 25.39
CA GLN N 78 -93.44 -2.70 25.32
C GLN N 78 -92.21 -1.83 25.16
N PHE N 79 -91.39 -1.76 26.21
CA PHE N 79 -90.19 -0.92 26.20
C PHE N 79 -88.94 -1.68 25.81
N GLY N 80 -88.97 -3.00 25.83
CA GLY N 80 -87.75 -3.78 25.68
C GLY N 80 -87.06 -4.01 27.01
N GLU N 81 -86.92 -2.94 27.80
CA GLU N 81 -86.39 -3.05 29.15
C GLU N 81 -86.85 -1.82 29.93
N ALA N 82 -87.74 -2.02 30.89
CA ALA N 82 -88.36 -0.91 31.61
C ALA N 82 -87.70 -0.59 32.93
N VAL N 83 -87.03 -1.56 33.56
CA VAL N 83 -86.39 -1.32 34.85
C VAL N 83 -85.26 -0.31 34.67
N TRP N 84 -85.18 0.65 35.59
CA TRP N 84 -84.29 1.79 35.40
C TRP N 84 -82.83 1.38 35.35
N PHE N 85 -82.42 0.46 36.21
CA PHE N 85 -81.00 0.06 36.23
C PHE N 85 -80.67 -0.98 35.17
N LYS N 86 -81.63 -1.40 34.36
CA LYS N 86 -81.37 -2.27 33.22
C LYS N 86 -81.66 -1.59 31.89
N ALA N 87 -82.12 -0.34 31.90
CA ALA N 87 -82.55 0.34 30.69
C ALA N 87 -81.39 0.83 29.84
N GLY N 88 -80.17 0.82 30.34
CA GLY N 88 -79.04 1.27 29.57
C GLY N 88 -78.44 0.17 28.70
N ALA N 89 -78.71 -1.09 29.05
CA ALA N 89 -78.13 -2.22 28.36
C ALA N 89 -78.84 -2.56 27.06
N GLN N 90 -80.03 -2.00 26.82
CA GLN N 90 -80.76 -2.31 25.59
C GLN N 90 -80.17 -1.61 24.38
N ILE N 91 -79.19 -0.73 24.56
CA ILE N 91 -78.49 -0.15 23.41
C ILE N 91 -77.75 -1.24 22.64
N PHE N 92 -77.39 -2.34 23.30
CA PHE N 92 -76.69 -3.44 22.67
C PHE N 92 -77.62 -4.47 22.06
N SER N 93 -78.93 -4.29 22.19
CA SER N 93 -79.87 -5.24 21.61
C SER N 93 -79.84 -5.14 20.08
N GLU N 94 -80.33 -6.21 19.44
CA GLU N 94 -80.33 -6.23 17.98
C GLU N 94 -81.26 -5.19 17.39
N GLY N 95 -82.32 -4.81 18.12
CA GLY N 95 -83.24 -3.79 17.68
C GLY N 95 -82.89 -2.38 18.05
N GLY N 96 -81.81 -2.18 18.80
CA GLY N 96 -81.42 -0.86 19.22
C GLY N 96 -82.32 -0.32 20.32
N LEU N 97 -82.16 0.98 20.57
CA LEU N 97 -82.94 1.70 21.58
C LEU N 97 -84.03 2.49 20.88
N ASP N 98 -85.28 2.14 21.16
CA ASP N 98 -86.44 2.79 20.57
C ASP N 98 -87.23 3.51 21.65
N TYR N 99 -87.51 4.79 21.42
CA TYR N 99 -88.25 5.58 22.40
C TYR N 99 -89.70 5.09 22.46
N LEU N 100 -90.16 4.76 23.67
CA LEU N 100 -91.51 4.25 23.91
C LEU N 100 -91.79 2.95 23.15
N GLY N 101 -90.75 2.28 22.66
CA GLY N 101 -90.90 1.04 21.94
C GLY N 101 -91.23 1.20 20.47
N ASN N 102 -91.48 2.41 19.99
CA ASN N 102 -91.82 2.61 18.59
C ASN N 102 -90.55 2.50 17.75
N PRO N 103 -90.52 1.61 16.74
CA PRO N 103 -89.28 1.39 16.00
C PRO N 103 -88.86 2.56 15.11
N SER N 104 -89.73 3.54 14.90
CA SER N 104 -89.42 4.66 14.02
C SER N 104 -88.97 5.90 14.77
N LEU N 105 -88.77 5.80 16.08
CA LEU N 105 -88.32 6.92 16.90
C LEU N 105 -86.93 6.62 17.45
N VAL N 106 -86.01 7.56 17.25
CA VAL N 106 -84.64 7.49 17.74
C VAL N 106 -83.91 6.32 17.10
N HIS N 107 -84.24 5.11 17.54
CA HIS N 107 -83.69 3.87 17.00
C HIS N 107 -82.16 3.93 16.96
N ALA N 108 -81.58 4.18 18.12
CA ALA N 108 -80.13 4.28 18.24
C ALA N 108 -79.50 2.91 18.43
N GLN N 109 -78.37 2.70 17.76
CA GLN N 109 -77.68 1.41 17.80
C GLN N 109 -76.20 1.50 18.14
N ASN N 110 -75.61 2.69 18.15
CA ASN N 110 -74.20 2.87 18.46
C ASN N 110 -74.07 3.67 19.76
N ILE N 111 -73.32 3.13 20.71
CA ILE N 111 -73.20 3.76 22.02
C ILE N 111 -72.11 4.82 22.03
N VAL N 112 -71.02 4.60 21.29
CA VAL N 112 -69.92 5.57 21.29
C VAL N 112 -70.37 6.90 20.73
N ALA N 113 -71.14 6.87 19.64
CA ALA N 113 -71.64 8.11 19.05
C ALA N 113 -72.56 8.87 20.02
N THR N 114 -73.46 8.14 20.69
CA THR N 114 -74.34 8.78 21.65
C THR N 114 -73.55 9.40 22.80
N LEU N 115 -72.53 8.68 23.29
CA LEU N 115 -71.71 9.21 24.36
C LEU N 115 -70.95 10.45 23.93
N ALA N 116 -70.41 10.45 22.71
CA ALA N 116 -69.68 11.62 22.23
C ALA N 116 -70.60 12.82 22.07
N VAL N 117 -71.80 12.61 21.52
CA VAL N 117 -72.75 13.71 21.37
C VAL N 117 -73.15 14.25 22.75
N GLN N 118 -73.41 13.35 23.70
CA GLN N 118 -73.73 13.79 25.04
C GLN N 118 -72.60 14.59 25.65
N VAL N 119 -71.35 14.13 25.47
CA VAL N 119 -70.21 14.83 26.04
C VAL N 119 -70.14 16.25 25.48
N ILE N 120 -70.24 16.39 24.16
CA ILE N 120 -70.13 17.72 23.55
C ILE N 120 -71.24 18.63 24.02
N LEU N 121 -72.49 18.17 23.92
CA LEU N 121 -73.62 19.02 24.26
C LEU N 121 -73.63 19.39 25.74
N MET N 122 -73.39 18.40 26.60
CA MET N 122 -73.42 18.66 28.04
C MET N 122 -72.26 19.55 28.45
N GLY N 123 -71.07 19.37 27.86
CA GLY N 123 -69.99 20.29 28.14
C GLY N 123 -70.34 21.71 27.77
N LEU N 124 -70.94 21.89 26.59
CA LEU N 124 -71.31 23.23 26.17
C LEU N 124 -72.33 23.85 27.13
N VAL N 125 -73.36 23.08 27.52
CA VAL N 125 -74.42 23.66 28.35
C VAL N 125 -73.91 23.92 29.77
N GLU N 126 -73.09 23.04 30.32
CA GLU N 126 -72.53 23.28 31.65
C GLU N 126 -71.59 24.49 31.63
N GLY N 127 -70.81 24.64 30.57
CA GLY N 127 -70.01 25.84 30.43
C GLY N 127 -70.85 27.10 30.30
N TYR N 128 -71.98 27.00 29.61
CA TYR N 128 -72.92 28.13 29.56
C TYR N 128 -73.41 28.47 30.95
N ARG N 129 -73.74 27.46 31.74
CA ARG N 129 -74.21 27.70 33.10
C ARG N 129 -73.15 28.39 33.94
N VAL N 130 -71.88 27.97 33.79
CA VAL N 130 -70.83 28.49 34.66
C VAL N 130 -70.57 29.97 34.36
N ASN N 131 -70.41 30.32 33.08
CA ASN N 131 -69.94 31.64 32.71
C ASN N 131 -70.94 32.47 31.91
N GLY N 132 -72.04 31.88 31.46
CA GLY N 132 -72.97 32.60 30.62
C GLY N 132 -72.85 32.21 29.16
N GLY N 133 -73.95 32.37 28.43
CA GLY N 133 -74.00 31.99 27.05
C GLY N 133 -75.10 32.70 26.29
N PRO N 134 -75.71 31.99 25.33
CA PRO N 134 -76.77 32.62 24.52
C PRO N 134 -77.95 33.12 25.32
N ALA N 135 -78.32 32.43 26.40
CA ALA N 135 -79.46 32.87 27.19
C ALA N 135 -79.16 34.17 27.94
N GLY N 136 -77.96 34.30 28.48
CA GLY N 136 -77.58 35.51 29.20
C GLY N 136 -76.23 35.35 29.85
N GLU N 137 -75.69 36.48 30.30
CA GLU N 137 -74.38 36.50 30.94
C GLU N 137 -74.46 36.92 32.40
N GLY N 138 -75.00 38.10 32.69
CA GLY N 138 -74.96 38.63 34.05
C GLY N 138 -76.20 38.33 34.86
N LEU N 139 -76.44 37.04 35.13
CA LEU N 139 -77.59 36.61 35.91
C LEU N 139 -77.13 35.86 37.14
N ASP N 140 -78.07 35.57 38.02
CA ASP N 140 -77.76 34.83 39.23
C ASP N 140 -77.28 33.42 38.85
N PRO N 141 -76.22 32.92 39.48
CA PRO N 141 -75.73 31.59 39.12
C PRO N 141 -76.73 30.48 39.32
N LEU N 142 -77.64 30.61 40.29
CA LEU N 142 -78.61 29.56 40.59
C LEU N 142 -80.00 29.85 40.06
N TYR N 143 -80.39 31.13 39.95
CA TYR N 143 -81.71 31.51 39.48
C TYR N 143 -81.58 32.55 38.38
N PRO N 144 -81.15 32.12 37.18
CA PRO N 144 -80.97 33.09 36.09
C PRO N 144 -82.23 33.84 35.72
N GLY N 145 -83.38 33.18 35.76
CA GLY N 145 -84.60 33.83 35.33
C GLY N 145 -84.53 34.17 33.84
N GLU N 146 -85.18 35.28 33.49
CA GLU N 146 -85.17 35.80 32.12
C GLU N 146 -85.62 34.73 31.12
N SER N 147 -84.68 34.24 30.31
CA SER N 147 -85.01 33.25 29.30
C SER N 147 -85.42 31.92 29.90
N PHE N 148 -85.04 31.64 31.15
CA PHE N 148 -85.37 30.39 31.80
C PHE N 148 -86.62 30.48 32.66
N ASP N 149 -87.31 31.61 32.63
CA ASP N 149 -88.60 31.79 33.30
C ASP N 149 -89.58 32.39 32.31
N PRO N 150 -90.01 31.62 31.30
CA PRO N 150 -90.88 32.20 30.26
C PRO N 150 -92.25 32.56 30.79
N LEU N 151 -92.87 31.70 31.57
CA LEU N 151 -94.22 31.96 32.07
C LEU N 151 -94.25 33.07 33.11
N GLY N 152 -93.11 33.48 33.63
CA GLY N 152 -93.10 34.55 34.63
C GLY N 152 -93.78 34.17 35.92
N LEU N 153 -93.51 32.96 36.43
CA LEU N 153 -94.08 32.53 37.69
C LEU N 153 -93.37 33.10 38.91
N ALA N 154 -92.25 33.80 38.71
CA ALA N 154 -91.45 34.35 39.80
C ALA N 154 -91.20 35.83 39.52
N ASP N 155 -92.12 36.69 39.96
CA ASP N 155 -91.98 38.13 39.81
C ASP N 155 -92.27 38.91 41.08
N ASP N 156 -93.02 38.37 42.03
CA ASP N 156 -93.26 39.05 43.28
C ASP N 156 -92.38 38.44 44.35
N PRO N 157 -91.58 39.24 45.07
CA PRO N 157 -90.47 38.67 45.85
C PRO N 157 -90.87 37.60 46.87
N ASP N 158 -91.96 37.79 47.61
CA ASP N 158 -92.36 36.78 48.58
C ASP N 158 -92.76 35.48 47.91
N THR N 159 -93.47 35.58 46.79
CA THR N 159 -93.81 34.39 46.01
C THR N 159 -92.55 33.71 45.49
N PHE N 160 -91.57 34.50 45.07
CA PHE N 160 -90.31 33.93 44.61
C PHE N 160 -89.61 33.16 45.73
N ALA N 161 -89.56 33.74 46.93
CA ALA N 161 -88.93 33.05 48.05
C ALA N 161 -89.68 31.77 48.42
N GLU N 162 -91.01 31.83 48.44
CA GLU N 162 -91.80 30.64 48.76
C GLU N 162 -91.58 29.55 47.73
N LEU N 163 -91.53 29.92 46.45
CA LEU N 163 -91.28 28.94 45.40
C LEU N 163 -89.88 28.35 45.52
N LYS N 164 -88.90 29.17 45.92
CA LYS N 164 -87.56 28.65 46.15
C LYS N 164 -87.53 27.62 47.27
N VAL N 165 -88.25 27.90 48.36
CA VAL N 165 -88.31 26.96 49.47
C VAL N 165 -89.00 25.66 49.04
N LYS N 166 -90.08 25.78 48.27
CA LYS N 166 -90.74 24.59 47.74
C LYS N 166 -89.80 23.79 46.86
N GLU N 167 -89.03 24.48 46.02
CA GLU N 167 -88.07 23.81 45.15
C GLU N 167 -87.05 23.03 45.98
N ILE N 168 -86.50 23.65 47.01
CA ILE N 168 -85.46 22.99 47.80
C ILE N 168 -86.04 21.80 48.57
N LYS N 169 -87.28 21.92 49.05
CA LYS N 169 -87.86 20.82 49.80
C LYS N 169 -88.18 19.63 48.89
N ASN N 170 -88.80 19.90 47.74
CA ASN N 170 -89.04 18.84 46.77
C ASN N 170 -87.73 18.20 46.33
N GLY N 171 -86.67 19.00 46.19
CA GLY N 171 -85.39 18.46 45.78
C GLY N 171 -84.74 17.58 46.83
N ARG N 172 -84.83 17.97 48.10
CA ARG N 172 -84.31 17.13 49.15
C ARG N 172 -85.06 15.81 49.22
N LEU N 173 -86.39 15.87 49.06
CA LEU N 173 -87.17 14.64 49.02
C LEU N 173 -86.75 13.77 47.84
N ALA N 174 -86.51 14.38 46.68
CA ALA N 174 -86.09 13.63 45.51
C ALA N 174 -84.72 13.00 45.71
N MET N 175 -83.79 13.72 46.33
CA MET N 175 -82.48 13.15 46.62
C MET N 175 -82.58 11.97 47.56
N PHE N 176 -83.40 12.09 48.60
CA PHE N 176 -83.60 10.97 49.52
C PHE N 176 -84.19 9.77 48.79
N SER N 177 -85.20 10.01 47.95
CA SER N 177 -85.82 8.93 47.21
C SER N 177 -84.86 8.28 46.22
N MET N 178 -83.99 9.06 45.59
CA MET N 178 -83.03 8.49 44.65
C MET N 178 -81.96 7.67 45.36
N PHE N 179 -81.52 8.11 46.54
CA PHE N 179 -80.64 7.27 47.33
C PHE N 179 -81.33 5.96 47.70
N GLY N 180 -82.62 6.04 48.05
CA GLY N 180 -83.38 4.83 48.27
C GLY N 180 -83.44 3.94 47.06
N PHE N 181 -83.60 4.54 45.87
CA PHE N 181 -83.60 3.78 44.62
C PHE N 181 -82.29 3.00 44.47
N PHE N 182 -81.17 3.69 44.67
CA PHE N 182 -79.87 3.04 44.53
C PHE N 182 -79.74 1.87 45.50
N VAL N 183 -80.05 2.10 46.78
CA VAL N 183 -79.86 1.06 47.78
C VAL N 183 -80.80 -0.12 47.51
N GLN N 184 -82.05 0.16 47.14
CA GLN N 184 -83.00 -0.91 46.86
C GLN N 184 -82.58 -1.72 45.64
N ALA N 185 -82.08 -1.05 44.60
CA ALA N 185 -81.62 -1.77 43.42
C ALA N 185 -80.44 -2.67 43.77
N ILE N 186 -79.50 -2.18 44.59
CA ILE N 186 -78.37 -3.00 44.98
C ILE N 186 -78.82 -4.19 45.82
N VAL N 187 -79.73 -3.96 46.75
CA VAL N 187 -80.10 -5.01 47.70
C VAL N 187 -81.15 -5.94 47.10
N THR N 188 -82.31 -5.39 46.71
CA THR N 188 -83.41 -6.22 46.26
C THR N 188 -83.13 -6.86 44.91
N GLY N 189 -82.83 -6.05 43.91
CA GLY N 189 -82.59 -6.55 42.57
C GLY N 189 -83.76 -6.41 41.61
N LYS N 190 -84.81 -5.70 41.98
CA LYS N 190 -85.96 -5.47 41.11
C LYS N 190 -86.32 -3.99 41.14
N GLY N 191 -87.12 -3.58 40.16
CA GLY N 191 -87.50 -2.20 40.00
C GLY N 191 -88.27 -1.66 41.18
N PRO N 192 -88.15 -0.35 41.41
CA PRO N 192 -88.82 0.24 42.59
C PRO N 192 -90.33 0.06 42.61
N ILE N 193 -90.98 0.12 41.45
CA ILE N 193 -92.43 -0.09 41.42
C ILE N 193 -92.74 -1.55 41.75
N GLN N 194 -91.92 -2.48 41.27
CA GLN N 194 -92.10 -3.88 41.66
C GLN N 194 -91.90 -4.05 43.16
N ASN N 195 -90.94 -3.34 43.75
CA ASN N 195 -90.76 -3.39 45.19
C ASN N 195 -91.97 -2.86 45.93
N LEU N 196 -92.55 -1.75 45.45
CA LEU N 196 -93.75 -1.22 46.09
C LEU N 196 -94.91 -2.20 45.99
N ASP N 197 -95.07 -2.83 44.82
CA ASP N 197 -96.14 -3.82 44.66
C ASP N 197 -95.93 -5.01 45.59
N ASP N 198 -94.69 -5.47 45.73
CA ASP N 198 -94.41 -6.57 46.64
C ASP N 198 -94.69 -6.20 48.09
N HIS N 199 -94.33 -4.97 48.49
CA HIS N 199 -94.63 -4.53 49.85
C HIS N 199 -96.14 -4.47 50.08
N LEU N 200 -96.88 -3.95 49.09
CA LEU N 200 -98.33 -3.88 49.24
C LEU N 200 -98.97 -5.27 49.23
N SER N 201 -98.32 -6.25 48.60
CA SER N 201 -98.88 -7.60 48.58
C SER N 201 -98.92 -8.20 49.97
N ASN N 202 -97.85 -8.04 50.75
CA ASN N 202 -97.79 -8.55 52.11
C ASN N 202 -96.76 -7.75 52.89
N PRO N 203 -97.16 -6.63 53.49
CA PRO N 203 -96.18 -5.76 54.15
C PRO N 203 -95.44 -6.42 55.29
N THR N 204 -96.07 -7.34 56.02
CA THR N 204 -95.45 -7.90 57.21
C THR N 204 -94.24 -8.77 56.91
N VAL N 205 -94.11 -9.28 55.69
CA VAL N 205 -93.01 -10.16 55.35
C VAL N 205 -92.18 -9.57 54.22
N ASN N 206 -92.81 -8.73 53.39
CA ASN N 206 -92.12 -8.13 52.25
C ASN N 206 -91.60 -6.75 52.63
N ASN N 207 -90.55 -6.76 53.44
CA ASN N 207 -89.89 -5.52 53.83
C ASN N 207 -88.37 -5.65 53.68
N ALA N 208 -87.63 -4.67 54.17
CA ALA N 208 -86.18 -4.69 54.02
C ALA N 208 -85.55 -5.78 54.88
N PHE N 209 -86.14 -6.08 56.03
CA PHE N 209 -85.54 -7.03 56.95
C PHE N 209 -85.49 -8.44 56.39
N ALA N 210 -86.25 -8.71 55.33
CA ALA N 210 -86.15 -10.00 54.67
C ALA N 210 -84.80 -10.21 54.00
N PHE N 211 -84.07 -9.13 53.72
CA PHE N 211 -82.75 -9.20 53.09
C PHE N 211 -81.63 -8.85 54.05
N ALA N 212 -81.89 -8.93 55.36
CA ALA N 212 -80.88 -8.52 56.34
C ALA N 212 -79.64 -9.41 56.28
N THR N 213 -79.83 -10.72 56.11
CA THR N 213 -78.71 -11.65 56.11
C THR N 213 -78.09 -11.83 54.73
N LYS N 214 -78.46 -11.01 53.76
CA LYS N 214 -77.94 -11.17 52.40
C LYS N 214 -76.43 -10.94 52.36
N PHE N 215 -75.94 -9.91 53.05
CA PHE N 215 -74.53 -9.55 53.03
C PHE N 215 -73.79 -10.03 54.26
N THR N 216 -74.14 -11.20 54.78
CA THR N 216 -73.41 -11.73 55.93
C THR N 216 -71.98 -12.04 55.52
N PRO N 217 -71.00 -11.75 56.38
CA PRO N 217 -69.60 -11.92 55.98
C PRO N 217 -69.08 -13.33 56.20
N SER N 218 -69.99 -14.29 56.39
CA SER N 218 -69.59 -15.66 56.63
C SER N 218 -68.71 -16.18 55.50
N ALA N 219 -67.59 -16.80 55.86
CA ALA N 219 -66.65 -17.32 54.88
C ALA N 219 -65.73 -18.36 55.50
N LEU O 1 -42.53 -29.82 14.90
CA LEU O 1 -43.95 -29.71 14.60
C LEU O 1 -44.47 -31.01 14.00
N THR O 2 -45.64 -31.45 14.47
CA THR O 2 -46.25 -32.66 13.96
C THR O 2 -46.87 -32.41 12.58
N PHE O 3 -47.36 -33.49 11.98
CA PHE O 3 -47.97 -33.38 10.66
C PHE O 3 -49.20 -32.49 10.67
N ASP O 4 -50.02 -32.60 11.72
CA ASP O 4 -51.23 -31.79 11.80
C ASP O 4 -50.89 -30.30 11.90
N GLU O 5 -49.90 -29.95 12.72
CA GLU O 5 -49.49 -28.56 12.84
C GLU O 5 -48.94 -28.04 11.51
N ILE O 6 -48.16 -28.86 10.81
CA ILE O 6 -47.59 -28.45 9.53
C ILE O 6 -48.70 -28.18 8.53
N GLN O 7 -49.67 -29.09 8.45
CA GLN O 7 -50.77 -28.93 7.51
C GLN O 7 -51.75 -27.84 7.94
N GLY O 8 -51.73 -27.42 9.20
CA GLY O 8 -52.60 -26.35 9.64
C GLY O 8 -52.14 -24.96 9.35
N LEU O 9 -50.94 -24.80 8.79
CA LEU O 9 -50.37 -23.49 8.50
C LEU O 9 -50.57 -23.14 7.03
N THR O 10 -50.91 -21.88 6.79
CA THR O 10 -51.02 -21.39 5.42
C THR O 10 -49.62 -21.17 4.83
N TYR O 11 -49.58 -21.02 3.50
CA TYR O 11 -48.30 -20.87 2.83
C TYR O 11 -47.59 -19.60 3.25
N LEU O 12 -48.35 -18.52 3.48
CA LEU O 12 -47.74 -17.25 3.84
C LEU O 12 -47.01 -17.33 5.17
N GLN O 13 -47.60 -18.02 6.15
CA GLN O 13 -46.96 -18.16 7.46
C GLN O 13 -45.68 -18.95 7.36
N VAL O 14 -45.67 -20.02 6.56
CA VAL O 14 -44.49 -20.88 6.47
C VAL O 14 -43.35 -20.14 5.77
N LYS O 15 -43.67 -19.33 4.75
CA LYS O 15 -42.65 -18.71 3.93
C LYS O 15 -41.70 -17.87 4.77
N GLY O 16 -40.40 -18.07 4.56
CA GLY O 16 -39.38 -17.32 5.26
C GLY O 16 -39.04 -17.82 6.65
N SER O 17 -39.70 -18.87 7.13
CA SER O 17 -39.46 -19.38 8.47
C SER O 17 -38.51 -20.57 8.50
N GLY O 18 -38.23 -21.19 7.36
CA GLY O 18 -37.43 -22.40 7.34
C GLY O 18 -38.18 -23.66 7.71
N ILE O 19 -39.47 -23.55 8.00
CA ILE O 19 -40.27 -24.72 8.34
C ILE O 19 -40.41 -25.66 7.15
N ALA O 20 -40.50 -25.10 5.93
CA ALA O 20 -40.69 -25.91 4.73
C ALA O 20 -39.58 -26.92 4.52
N ASN O 21 -38.40 -26.67 5.08
CA ASN O 21 -37.28 -27.60 4.98
C ASN O 21 -37.25 -28.61 6.12
N THR O 22 -38.12 -28.44 7.12
CA THR O 22 -38.11 -29.34 8.28
C THR O 22 -38.84 -30.63 7.96
N CYS O 23 -38.86 -31.54 8.93
CA CYS O 23 -39.52 -32.83 8.82
C CYS O 23 -40.46 -33.01 10.00
N PRO O 24 -41.66 -33.56 9.78
CA PRO O 24 -42.61 -33.74 10.88
C PRO O 24 -42.05 -34.65 11.97
N VAL O 25 -42.37 -34.31 13.21
CA VAL O 25 -41.92 -35.05 14.38
C VAL O 25 -43.11 -35.82 14.95
N LEU O 26 -42.86 -37.07 15.35
CA LEU O 26 -43.91 -37.94 15.86
C LEU O 26 -43.97 -37.82 17.38
N GLU O 27 -44.82 -36.93 17.86
CA GLU O 27 -44.98 -36.77 19.30
C GLU O 27 -45.79 -37.92 19.90
N SER O 28 -46.82 -38.37 19.21
CA SER O 28 -47.67 -39.45 19.69
C SER O 28 -47.01 -40.79 19.35
N GLY O 29 -47.75 -41.89 19.54
CA GLY O 29 -47.24 -43.20 19.22
C GLY O 29 -46.54 -43.86 20.39
N THR O 30 -46.08 -45.08 20.15
CA THR O 30 -45.41 -45.90 21.16
C THR O 30 -44.05 -46.34 20.63
N THR O 31 -43.10 -46.51 21.55
CA THR O 31 -41.76 -46.98 21.21
C THR O 31 -41.62 -48.50 21.33
N ASN O 32 -42.70 -49.21 21.64
CA ASN O 32 -42.62 -50.66 21.77
C ASN O 32 -42.29 -51.31 20.43
N LEU O 33 -42.87 -50.79 19.35
CA LEU O 33 -42.72 -51.27 17.97
C LEU O 33 -43.38 -52.61 17.75
N LYS O 34 -44.05 -53.18 18.75
CA LYS O 34 -44.79 -54.43 18.57
C LYS O 34 -46.24 -54.20 18.20
N GLU O 35 -46.68 -52.95 18.10
CA GLU O 35 -48.04 -52.61 17.71
C GLU O 35 -48.21 -52.42 16.22
N LEU O 36 -47.16 -52.63 15.43
CA LEU O 36 -47.23 -52.51 13.99
C LEU O 36 -47.71 -53.84 13.41
N LYS O 37 -48.95 -53.86 12.92
CA LYS O 37 -49.52 -55.08 12.37
C LYS O 37 -48.78 -55.49 11.11
N ALA O 38 -48.54 -56.80 10.98
CA ALA O 38 -47.82 -57.31 9.83
C ALA O 38 -48.63 -57.13 8.56
N GLY O 39 -47.94 -56.83 7.46
CA GLY O 39 -48.57 -56.64 6.18
C GLY O 39 -47.81 -55.64 5.35
N SER O 40 -48.41 -55.28 4.22
CA SER O 40 -47.84 -54.33 3.28
C SER O 40 -48.67 -53.06 3.26
N TYR O 41 -48.00 -51.91 3.17
CA TYR O 41 -48.66 -50.62 3.17
C TYR O 41 -48.04 -49.74 2.10
N LYS O 42 -48.82 -48.78 1.62
CA LYS O 42 -48.36 -47.80 0.65
C LYS O 42 -47.76 -46.63 1.43
N LEU O 43 -46.43 -46.50 1.37
CA LEU O 43 -45.73 -45.45 2.09
C LEU O 43 -45.87 -44.13 1.35
N GLU O 44 -46.46 -43.13 2.01
CA GLU O 44 -46.64 -41.82 1.41
C GLU O 44 -46.22 -40.76 2.40
N ASN O 45 -45.95 -39.55 1.89
CA ASN O 45 -45.43 -38.44 2.69
C ASN O 45 -44.13 -38.84 3.38
N PHE O 46 -43.29 -39.57 2.66
CA PHE O 46 -42.01 -40.03 3.19
C PHE O 46 -41.03 -38.87 3.13
N CYS O 47 -40.63 -38.36 4.30
CA CYS O 47 -39.78 -37.19 4.40
C CYS O 47 -38.51 -37.54 5.17
N ILE O 48 -37.43 -36.84 4.84
CA ILE O 48 -36.11 -37.12 5.41
C ILE O 48 -35.39 -35.80 5.66
N GLU O 49 -34.82 -35.66 6.85
CA GLU O 49 -34.08 -34.46 7.23
C GLU O 49 -32.73 -34.84 7.80
N PRO O 50 -31.62 -34.50 7.14
CA PRO O 50 -30.30 -34.80 7.69
C PRO O 50 -29.96 -33.88 8.85
N THR O 51 -28.94 -34.28 9.60
CA THR O 51 -28.45 -33.52 10.74
C THR O 51 -26.94 -33.28 10.71
N SER O 52 -26.16 -34.16 10.09
CA SER O 52 -24.72 -33.99 9.97
C SER O 52 -24.30 -34.36 8.56
N PHE O 53 -23.17 -33.79 8.14
CA PHE O 53 -22.66 -33.98 6.78
C PHE O 53 -21.17 -34.28 6.82
N THR O 54 -20.77 -35.23 7.68
CA THR O 54 -19.37 -35.62 7.75
C THR O 54 -18.91 -36.20 6.43
N VAL O 55 -17.68 -35.87 6.03
CA VAL O 55 -17.11 -36.35 4.78
C VAL O 55 -15.80 -37.05 5.08
N LYS O 56 -15.52 -38.13 4.36
CA LYS O 56 -14.25 -38.82 4.51
C LYS O 56 -13.15 -38.06 3.78
N GLU O 57 -12.06 -37.76 4.50
CA GLU O 57 -10.95 -37.01 3.94
C GLU O 57 -9.65 -37.63 4.41
N GLU O 58 -8.64 -37.58 3.53
CA GLU O 58 -7.31 -38.03 3.89
C GLU O 58 -6.65 -37.01 4.81
N SER O 59 -6.01 -37.50 5.86
CA SER O 59 -5.37 -36.60 6.82
C SER O 59 -4.23 -35.84 6.14
N GLN O 60 -4.15 -34.53 6.44
CA GLN O 60 -3.12 -33.71 5.84
C GLN O 60 -1.72 -34.14 6.31
N PHE O 61 -1.60 -34.52 7.58
CA PHE O 61 -0.32 -34.97 8.10
C PHE O 61 0.04 -36.33 7.51
N LYS O 62 1.36 -36.54 7.34
CA LYS O 62 1.83 -37.77 6.71
C LYS O 62 1.48 -38.99 7.56
N GLY O 63 1.64 -38.89 8.87
CA GLY O 63 1.36 -40.01 9.75
C GLY O 63 -0.11 -40.28 10.02
N GLY O 64 -0.99 -39.38 9.59
CA GLY O 64 -2.40 -39.56 9.83
C GLY O 64 -3.06 -40.54 8.88
N GLU O 65 -4.32 -40.82 9.15
CA GLU O 65 -5.11 -41.74 8.35
C GLU O 65 -6.44 -41.08 7.98
N THR O 66 -7.05 -41.60 6.93
CA THR O 66 -8.32 -41.04 6.45
C THR O 66 -9.38 -41.12 7.55
N GLU O 67 -10.14 -40.03 7.69
CA GLU O 67 -11.12 -39.94 8.76
C GLU O 67 -12.29 -39.09 8.28
N PHE O 68 -13.43 -39.27 8.94
CA PHE O 68 -14.62 -38.47 8.64
C PHE O 68 -14.58 -37.19 9.44
N VAL O 69 -14.61 -36.05 8.75
CA VAL O 69 -14.51 -34.74 9.37
C VAL O 69 -15.79 -33.96 9.11
N LYS O 70 -16.07 -33.01 10.00
CA LYS O 70 -17.23 -32.15 9.88
C LYS O 70 -17.04 -31.14 8.76
N THR O 71 -18.16 -30.62 8.26
CA THR O 71 -18.15 -29.64 7.19
C THR O 71 -19.13 -28.51 7.52
N LYS O 72 -19.00 -27.42 6.78
CA LYS O 72 -19.90 -26.28 6.88
C LYS O 72 -20.74 -26.20 5.61
N LEU O 73 -22.04 -26.06 5.78
CA LEU O 73 -22.97 -26.07 4.65
C LEU O 73 -22.94 -24.73 3.92
N MET O 74 -23.02 -24.78 2.59
CA MET O 74 -23.02 -23.58 1.75
C MET O 74 -24.42 -23.25 1.23
N THR O 75 -25.09 -24.20 0.60
CA THR O 75 -26.41 -23.94 0.04
C THR O 75 -27.41 -23.68 1.17
N ARG O 76 -28.12 -22.57 1.07
CA ARG O 76 -29.07 -22.18 2.11
C ARG O 76 -30.22 -23.17 2.12
N LEU O 77 -30.27 -24.02 3.15
CA LEU O 77 -31.31 -25.06 3.30
C LEU O 77 -31.24 -25.93 2.06
N THR O 78 -32.35 -26.10 1.32
CA THR O 78 -32.44 -26.92 0.10
C THR O 78 -31.62 -28.21 0.19
N TYR O 79 -31.83 -28.96 1.28
CA TYR O 79 -31.17 -30.26 1.42
C TYR O 79 -32.10 -31.32 1.99
N THR O 80 -33.41 -31.12 1.94
CA THR O 80 -34.37 -32.04 2.54
C THR O 80 -35.17 -32.74 1.46
N LEU O 81 -35.18 -34.06 1.51
CA LEU O 81 -36.00 -34.85 0.58
C LEU O 81 -37.40 -35.00 1.15
N ASP O 82 -38.40 -34.84 0.29
CA ASP O 82 -39.78 -34.83 0.75
C ASP O 82 -40.68 -35.34 -0.37
N ALA O 83 -41.92 -35.67 0.02
CA ALA O 83 -42.99 -36.15 -0.86
C ALA O 83 -42.68 -37.49 -1.49
N MET O 84 -41.73 -38.25 -0.94
CA MET O 84 -41.40 -39.55 -1.50
C MET O 84 -42.55 -40.53 -1.27
N SER O 85 -42.72 -41.44 -2.21
CA SER O 85 -43.76 -42.47 -2.13
C SER O 85 -43.19 -43.81 -2.56
N GLY O 86 -43.59 -44.85 -1.86
CA GLY O 86 -43.15 -46.21 -2.14
C GLY O 86 -43.98 -47.25 -1.43
N SER O 87 -43.38 -48.39 -1.08
CA SER O 87 -44.09 -49.45 -0.39
C SER O 87 -43.27 -49.92 0.81
N PHE O 88 -43.97 -50.31 1.87
CA PHE O 88 -43.33 -50.75 3.11
C PHE O 88 -44.01 -52.02 3.59
N LYS O 89 -43.25 -53.10 3.69
CA LYS O 89 -43.77 -54.40 4.13
C LYS O 89 -43.09 -54.80 5.44
N VAL O 90 -43.90 -55.19 6.42
CA VAL O 90 -43.41 -55.62 7.73
C VAL O 90 -43.91 -57.03 7.99
N GLY O 91 -43.01 -57.91 8.41
CA GLY O 91 -43.36 -59.28 8.67
C GLY O 91 -43.76 -59.53 10.12
N SER O 92 -44.53 -60.61 10.33
CA SER O 92 -44.97 -60.96 11.67
C SER O 92 -43.80 -61.39 12.55
N ASP O 93 -42.85 -62.12 11.98
CA ASP O 93 -41.70 -62.59 12.75
C ASP O 93 -40.84 -61.43 13.25
N GLY O 94 -40.70 -60.38 12.42
CA GLY O 94 -39.88 -59.24 12.79
C GLY O 94 -39.13 -58.65 11.61
N SER O 95 -39.13 -59.37 10.50
CA SER O 95 -38.49 -58.88 9.29
C SER O 95 -39.33 -57.77 8.66
N ALA O 96 -38.66 -56.93 7.88
CA ALA O 96 -39.33 -55.79 7.25
C ALA O 96 -38.61 -55.45 5.95
N GLU O 97 -39.35 -54.79 5.06
CA GLU O 97 -38.84 -54.35 3.77
C GLU O 97 -39.28 -52.93 3.50
N LEU O 98 -38.39 -52.16 2.88
CA LEU O 98 -38.65 -50.77 2.54
C LEU O 98 -38.21 -50.51 1.10
N LYS O 99 -39.04 -49.77 0.37
CA LYS O 99 -38.73 -49.44 -1.02
C LYS O 99 -39.31 -48.08 -1.34
N GLU O 100 -38.52 -47.26 -2.05
CA GLU O 100 -38.91 -45.94 -2.49
C GLU O 100 -39.13 -45.96 -3.99
N ASP O 101 -40.23 -45.34 -4.43
CA ASP O 101 -40.62 -45.35 -5.83
C ASP O 101 -40.49 -44.01 -6.52
N ASP O 102 -41.07 -42.95 -5.95
CA ASP O 102 -41.10 -41.65 -6.62
C ASP O 102 -41.03 -40.55 -5.59
N GLY O 103 -41.09 -39.31 -6.07
CA GLY O 103 -41.03 -38.12 -5.24
C GLY O 103 -39.77 -37.31 -5.50
N ILE O 104 -39.56 -36.33 -4.63
CA ILE O 104 -38.33 -35.54 -4.66
C ILE O 104 -37.26 -36.33 -3.93
N ASP O 105 -36.51 -37.15 -4.68
CA ASP O 105 -35.59 -38.11 -4.09
C ASP O 105 -34.12 -37.69 -4.21
N TYR O 106 -33.85 -36.46 -4.61
CA TYR O 106 -32.47 -36.01 -4.76
C TYR O 106 -32.39 -34.52 -4.48
N ALA O 107 -31.21 -34.07 -4.06
CA ALA O 107 -30.97 -32.66 -3.78
C ALA O 107 -29.49 -32.37 -3.91
N ALA O 108 -29.14 -31.42 -4.77
CA ALA O 108 -27.74 -31.02 -4.90
C ALA O 108 -27.30 -30.23 -3.68
N THR O 109 -26.07 -30.47 -3.24
CA THR O 109 -25.57 -29.83 -2.02
C THR O 109 -24.08 -29.58 -2.19
N THR O 110 -23.57 -28.60 -1.45
CA THR O 110 -22.15 -28.27 -1.43
C THR O 110 -21.74 -27.95 -0.01
N VAL O 111 -20.70 -28.63 0.48
CA VAL O 111 -20.21 -28.44 1.83
C VAL O 111 -18.71 -28.19 1.77
N GLN O 112 -18.24 -27.25 2.60
CA GLN O 112 -16.83 -26.92 2.67
C GLN O 112 -16.22 -27.62 3.89
N LEU O 113 -15.19 -28.41 3.66
CA LEU O 113 -14.43 -29.03 4.73
C LEU O 113 -13.33 -28.09 5.20
N PRO O 114 -12.87 -28.23 6.45
CA PRO O 114 -11.87 -27.29 6.98
C PRO O 114 -10.62 -27.25 6.11
N GLY O 115 -10.11 -26.05 5.89
CA GLY O 115 -9.02 -25.81 4.96
C GLY O 115 -9.42 -25.06 3.72
N GLY O 116 -10.72 -24.86 3.49
CA GLY O 116 -11.20 -24.09 2.36
C GLY O 116 -11.71 -24.90 1.19
N GLU O 117 -11.46 -26.20 1.16
CA GLU O 117 -11.89 -27.03 0.04
C GLU O 117 -13.38 -27.31 0.14
N ARG O 118 -14.12 -26.92 -0.90
CA ARG O 118 -15.56 -27.15 -0.97
C ARG O 118 -15.83 -28.28 -1.94
N VAL O 119 -16.63 -29.25 -1.50
CA VAL O 119 -16.98 -30.42 -2.30
C VAL O 119 -18.49 -30.44 -2.49
N ALA O 120 -18.93 -30.69 -3.71
CA ALA O 120 -20.34 -30.81 -4.03
C ALA O 120 -20.72 -32.28 -4.15
N PHE O 121 -22.02 -32.54 -4.05
CA PHE O 121 -22.54 -33.89 -4.20
C PHE O 121 -24.04 -33.80 -4.40
N LEU O 122 -24.68 -34.96 -4.54
CA LEU O 122 -26.11 -35.08 -4.81
C LEU O 122 -26.70 -36.01 -3.76
N PHE O 123 -27.19 -35.43 -2.66
CA PHE O 123 -27.78 -36.23 -1.59
C PHE O 123 -29.06 -36.87 -2.10
N THR O 124 -29.07 -38.19 -2.23
CA THR O 124 -30.20 -38.89 -2.80
C THR O 124 -30.26 -40.31 -2.23
N ILE O 125 -31.46 -40.90 -2.28
CA ILE O 125 -31.66 -42.28 -1.87
C ILE O 125 -32.50 -43.01 -2.92
N LYS O 126 -32.60 -42.45 -4.12
CA LYS O 126 -33.57 -42.93 -5.08
C LYS O 126 -33.35 -44.40 -5.41
N GLN O 127 -34.45 -45.11 -5.70
CA GLN O 127 -34.45 -46.55 -5.97
C GLN O 127 -33.90 -47.34 -4.79
N PHE O 128 -34.25 -46.91 -3.57
CA PHE O 128 -33.81 -47.62 -2.38
C PHE O 128 -34.60 -48.93 -2.22
N ASP O 129 -33.91 -49.96 -1.76
CA ASP O 129 -34.54 -51.26 -1.50
C ASP O 129 -33.81 -51.91 -0.33
N GLY O 130 -34.36 -51.78 0.86
CA GLY O 130 -33.76 -52.29 2.08
C GLY O 130 -34.57 -53.43 2.65
N LYS O 131 -33.89 -54.43 3.20
CA LYS O 131 -34.53 -55.56 3.84
C LYS O 131 -33.81 -55.89 5.13
N GLY O 132 -34.57 -56.14 6.19
CA GLY O 132 -33.98 -56.47 7.47
C GLY O 132 -34.95 -56.18 8.59
N THR O 133 -34.46 -56.41 9.81
CA THR O 133 -35.27 -56.21 11.00
C THR O 133 -35.70 -54.74 11.12
N LEU O 134 -36.61 -54.49 12.06
CA LEU O 134 -37.09 -53.13 12.26
C LEU O 134 -35.96 -52.19 12.65
N ASP O 135 -35.06 -52.65 13.51
CA ASP O 135 -33.87 -51.89 13.88
C ASP O 135 -32.69 -52.49 13.14
N GLY O 136 -32.12 -51.74 12.20
CA GLY O 136 -30.98 -52.19 11.43
C GLY O 136 -31.25 -52.58 10.00
N ILE O 137 -32.40 -52.18 9.44
CA ILE O 137 -32.68 -52.49 8.03
C ILE O 137 -31.67 -51.76 7.15
N LYS O 138 -31.11 -52.49 6.19
CA LYS O 138 -30.02 -52.00 5.36
C LYS O 138 -30.34 -52.20 3.89
N GLY O 139 -29.87 -51.29 3.06
CA GLY O 139 -30.10 -51.40 1.64
C GLY O 139 -29.13 -50.53 0.87
N ASP O 140 -29.33 -50.50 -0.44
CA ASP O 140 -28.49 -49.71 -1.34
C ASP O 140 -29.37 -48.93 -2.30
N PHE O 141 -28.78 -47.93 -2.94
CA PHE O 141 -29.50 -47.05 -3.84
C PHE O 141 -28.57 -46.53 -4.92
N LEU O 142 -29.16 -46.05 -6.00
CA LEU O 142 -28.44 -45.51 -7.14
C LEU O 142 -28.20 -44.01 -6.95
N VAL O 143 -27.05 -43.54 -7.43
CA VAL O 143 -26.70 -42.12 -7.37
C VAL O 143 -26.47 -41.63 -8.80
N PRO O 144 -27.34 -40.78 -9.34
CA PRO O 144 -27.14 -40.29 -10.70
C PRO O 144 -25.93 -39.37 -10.79
N SER O 145 -25.56 -39.05 -12.03
CA SER O 145 -24.48 -38.11 -12.26
C SER O 145 -24.85 -36.74 -11.70
N TYR O 146 -23.85 -36.04 -11.15
CA TYR O 146 -24.10 -34.74 -10.55
C TYR O 146 -24.65 -33.75 -11.56
N ARG O 147 -24.13 -33.79 -12.79
CA ARG O 147 -24.59 -32.92 -13.86
C ARG O 147 -24.96 -33.76 -15.07
N GLY O 148 -25.82 -33.19 -15.91
CA GLY O 148 -26.20 -33.86 -17.14
C GLY O 148 -25.11 -33.79 -18.19
N SER O 149 -25.31 -34.56 -19.26
CA SER O 149 -24.35 -34.59 -20.35
C SER O 149 -24.29 -33.25 -21.10
N SER O 150 -25.30 -32.41 -20.96
CA SER O 150 -25.30 -31.11 -21.63
C SER O 150 -24.36 -30.11 -21.00
N PHE O 151 -23.93 -30.35 -19.75
CA PHE O 151 -23.03 -29.43 -19.08
C PHE O 151 -21.67 -29.40 -19.79
N LEU O 152 -21.10 -28.20 -19.90
CA LEU O 152 -19.81 -28.03 -20.55
C LEU O 152 -18.90 -27.15 -19.69
N ASP O 153 -17.60 -27.39 -19.81
CA ASP O 153 -16.60 -26.63 -19.08
C ASP O 153 -16.51 -25.21 -19.63
N PRO O 154 -15.97 -24.27 -18.84
CA PRO O 154 -15.77 -22.90 -19.33
C PRO O 154 -14.84 -22.83 -20.54
N ALA O 188 -24.47 -47.54 -12.66
CA ALA O 188 -23.73 -46.35 -12.27
C ALA O 188 -23.27 -46.44 -10.82
N LEU O 189 -23.04 -45.29 -10.21
CA LEU O 189 -22.60 -45.25 -8.82
C LEU O 189 -23.72 -45.66 -7.87
N LYS O 190 -23.34 -46.35 -6.80
CA LYS O 190 -24.29 -46.82 -5.81
C LYS O 190 -23.80 -46.49 -4.41
N GLY O 191 -24.73 -46.34 -3.49
CA GLY O 191 -24.40 -46.03 -2.12
C GLY O 191 -25.32 -46.75 -1.15
N SER O 192 -24.78 -47.09 0.01
CA SER O 192 -25.52 -47.86 0.99
C SER O 192 -26.26 -46.94 1.96
N ALA O 193 -27.21 -47.52 2.69
CA ALA O 193 -27.99 -46.78 3.67
C ALA O 193 -28.54 -47.76 4.70
N VAL O 194 -28.80 -47.25 5.90
CA VAL O 194 -29.32 -48.05 7.01
C VAL O 194 -30.40 -47.24 7.70
N PHE O 195 -31.64 -47.71 7.64
CA PHE O 195 -32.73 -47.11 8.38
C PHE O 195 -32.98 -47.89 9.67
N SER O 196 -33.78 -47.29 10.55
CA SER O 196 -34.19 -47.96 11.78
C SER O 196 -35.41 -47.22 12.33
N VAL O 197 -36.55 -47.89 12.36
CA VAL O 197 -37.75 -47.30 12.92
C VAL O 197 -37.60 -47.18 14.44
N ALA O 198 -37.95 -46.02 14.97
CA ALA O 198 -37.82 -45.75 16.39
C ALA O 198 -39.15 -45.62 17.11
N LYS O 199 -40.14 -44.99 16.48
CA LYS O 199 -41.45 -44.83 17.09
C LYS O 199 -42.53 -45.09 16.06
N VAL O 200 -43.64 -45.68 16.52
CA VAL O 200 -44.73 -46.08 15.65
C VAL O 200 -46.05 -45.66 16.30
N ASP O 201 -47.01 -45.27 15.46
CA ASP O 201 -48.34 -44.84 15.90
C ASP O 201 -49.35 -45.70 15.17
N PRO O 202 -49.72 -46.85 15.75
CA PRO O 202 -50.52 -47.83 14.98
C PRO O 202 -51.87 -47.31 14.52
N VAL O 203 -52.49 -46.39 15.26
CA VAL O 203 -53.83 -45.92 14.90
C VAL O 203 -53.78 -45.13 13.59
N THR O 204 -52.70 -44.37 13.37
CA THR O 204 -52.59 -43.55 12.17
C THR O 204 -51.30 -43.78 11.41
N GLY O 205 -50.64 -44.90 11.64
CA GLY O 205 -49.37 -45.17 10.98
C GLY O 205 -48.25 -44.31 11.51
N GLU O 206 -47.75 -43.39 10.68
CA GLU O 206 -46.87 -42.32 11.14
C GLU O 206 -45.64 -42.87 11.86
N ILE O 207 -44.81 -43.57 11.11
CA ILE O 207 -43.61 -44.20 11.65
C ILE O 207 -42.44 -43.23 11.51
N ALA O 208 -41.62 -43.14 12.57
CA ALA O 208 -40.48 -42.25 12.58
C ALA O 208 -39.25 -42.97 13.10
N GLY O 209 -38.09 -42.54 12.63
CA GLY O 209 -36.85 -43.17 13.05
C GLY O 209 -35.64 -42.37 12.63
N VAL O 210 -34.48 -43.00 12.78
CA VAL O 210 -33.20 -42.40 12.44
C VAL O 210 -32.56 -43.24 11.33
N PHE O 211 -31.78 -42.58 10.47
CA PHE O 211 -31.12 -43.25 9.36
C PHE O 211 -29.68 -42.77 9.25
N GLU O 212 -28.85 -43.61 8.64
CA GLU O 212 -27.48 -43.28 8.29
C GLU O 212 -27.18 -43.84 6.91
N SER O 213 -26.39 -43.10 6.14
CA SER O 213 -26.06 -43.50 4.78
C SER O 213 -24.67 -43.01 4.43
N ILE O 214 -24.07 -43.66 3.42
CA ILE O 214 -22.77 -43.27 2.89
C ILE O 214 -22.87 -43.29 1.36
N GLN O 215 -22.48 -42.20 0.72
CA GLN O 215 -22.63 -42.09 -0.72
C GLN O 215 -21.40 -41.45 -1.33
N PRO O 216 -21.11 -41.74 -2.60
CA PRO O 216 -19.97 -41.10 -3.27
C PRO O 216 -20.24 -39.61 -3.51
N SER O 217 -19.15 -38.87 -3.67
CA SER O 217 -19.22 -37.43 -3.89
C SER O 217 -19.48 -37.14 -5.37
N ASP O 218 -19.34 -35.87 -5.74
CA ASP O 218 -19.42 -35.50 -7.15
C ASP O 218 -18.19 -36.02 -7.89
N THR O 219 -18.43 -36.69 -9.02
CA THR O 219 -17.36 -37.25 -9.84
C THR O 219 -17.40 -36.71 -11.26
N ASP O 220 -18.03 -35.56 -11.47
CA ASP O 220 -18.17 -35.01 -12.82
C ASP O 220 -16.80 -34.64 -13.39
N LEU O 221 -16.70 -34.72 -14.72
CA LEU O 221 -15.52 -34.29 -15.47
C LEU O 221 -14.30 -35.16 -15.21
N GLY O 222 -14.43 -36.12 -14.28
CA GLY O 222 -13.32 -37.01 -13.97
C GLY O 222 -12.06 -36.30 -13.51
N ALA O 223 -12.19 -35.09 -12.96
CA ALA O 223 -11.04 -34.30 -12.57
C ALA O 223 -10.45 -34.71 -11.22
N LYS O 224 -11.19 -35.49 -10.43
CA LYS O 224 -10.72 -35.91 -9.12
C LYS O 224 -11.45 -37.19 -8.74
N PRO O 225 -10.86 -38.06 -7.93
CA PRO O 225 -11.56 -39.26 -7.51
C PRO O 225 -12.73 -38.92 -6.60
N PRO O 226 -13.80 -39.70 -6.63
CA PRO O 226 -14.94 -39.41 -5.76
C PRO O 226 -14.60 -39.62 -4.30
N LYS O 227 -15.27 -38.87 -3.44
CA LYS O 227 -15.13 -38.98 -2.00
C LYS O 227 -16.42 -39.52 -1.39
N ASP O 228 -16.32 -39.98 -0.14
CA ASP O 228 -17.45 -40.58 0.55
C ASP O 228 -18.01 -39.62 1.58
N ILE O 229 -19.32 -39.36 1.50
CA ILE O 229 -20.03 -38.52 2.45
C ILE O 229 -20.93 -39.41 3.29
N LYS O 230 -20.82 -39.26 4.61
CA LYS O 230 -21.64 -39.97 5.58
C LYS O 230 -22.68 -39.01 6.12
N VAL O 231 -23.96 -39.37 5.99
CA VAL O 231 -25.07 -38.53 6.39
C VAL O 231 -25.94 -39.28 7.38
N THR O 232 -26.15 -38.68 8.55
CA THR O 232 -27.10 -39.17 9.53
C THR O 232 -28.27 -38.21 9.62
N GLY O 233 -29.44 -38.72 10.00
CA GLY O 233 -30.58 -37.83 10.10
C GLY O 233 -31.82 -38.56 10.56
N LEU O 234 -32.94 -37.85 10.51
CA LEU O 234 -34.24 -38.36 10.91
C LEU O 234 -35.10 -38.61 9.69
N TRP O 235 -36.01 -39.58 9.80
CA TRP O 235 -36.91 -39.90 8.72
C TRP O 235 -38.30 -40.16 9.27
N TYR O 236 -39.30 -39.62 8.56
CA TYR O 236 -40.71 -39.74 8.91
C TYR O 236 -41.47 -40.30 7.72
N ALA O 237 -42.52 -41.06 8.00
CA ALA O 237 -43.29 -41.65 6.92
C ALA O 237 -44.71 -41.92 7.38
N GLN O 238 -45.65 -41.81 6.45
CA GLN O 238 -47.07 -42.05 6.72
C GLN O 238 -47.52 -43.21 5.85
N LEU O 239 -47.42 -44.42 6.38
CA LEU O 239 -47.82 -45.64 5.68
C LEU O 239 -49.31 -45.94 5.81
N LYS O 240 -50.05 -45.16 6.58
CA LYS O 240 -51.47 -45.38 6.80
C LYS O 240 -51.74 -46.77 7.39
N LYS P 1 -80.19 42.44 28.02
CA LYS P 1 -79.93 41.24 27.24
C LYS P 1 -78.45 41.17 26.87
N ALA P 2 -77.63 40.74 27.83
CA ALA P 2 -76.20 40.57 27.62
C ALA P 2 -75.90 39.09 27.47
N THR P 3 -75.37 38.69 26.32
CA THR P 3 -75.14 37.30 25.98
C THR P 3 -73.70 37.11 25.55
N ARG P 4 -73.28 35.85 25.49
CA ARG P 4 -71.97 35.46 25.00
C ARG P 4 -72.12 34.55 23.79
N GLY P 5 -71.01 34.31 23.11
CA GLY P 5 -71.03 33.47 21.93
C GLY P 5 -71.32 32.02 22.27
N TRP P 6 -71.77 31.28 21.25
CA TRP P 6 -72.07 29.87 21.44
C TRP P 6 -70.82 29.08 21.77
N LEU P 7 -69.70 29.40 21.13
CA LEU P 7 -68.42 28.74 21.38
C LEU P 7 -67.49 29.61 22.21
N GLY P 8 -68.04 30.41 23.13
CA GLY P 8 -67.26 31.32 23.92
C GLY P 8 -67.03 32.64 23.21
N GLY P 9 -66.44 33.58 23.96
CA GLY P 9 -66.17 34.89 23.42
C GLY P 9 -67.40 35.78 23.43
N GLN P 10 -67.24 36.96 22.84
CA GLN P 10 -68.33 37.93 22.80
C GLN P 10 -69.47 37.43 21.92
N GLY P 11 -70.69 37.77 22.31
CA GLY P 11 -71.88 37.35 21.58
C GLY P 11 -72.63 38.55 21.04
N GLY P 12 -73.20 38.39 19.84
CA GLY P 12 -73.93 39.45 19.19
C GLY P 12 -74.37 39.08 17.79
N ALA P 13 -74.35 40.06 16.88
CA ALA P 13 -74.75 39.85 15.50
C ALA P 13 -73.55 39.71 14.57
N ALA P 14 -72.34 39.61 15.11
CA ALA P 14 -71.09 39.51 14.33
C ALA P 14 -71.02 40.74 13.44
N ASP P 15 -70.86 40.60 12.12
CA ASP P 15 -70.78 41.74 11.22
C ASP P 15 -71.98 41.73 10.28
N LEU P 16 -72.69 42.86 10.23
CA LEU P 16 -73.87 42.98 9.39
C LEU P 16 -73.60 43.72 8.09
N ASP P 17 -72.35 44.06 7.80
CA ASP P 17 -72.04 44.72 6.54
C ASP P 17 -72.05 43.76 5.36
N LYS P 18 -72.10 42.45 5.61
CA LYS P 18 -72.14 41.51 4.51
C LYS P 18 -73.49 41.48 3.82
N TRP P 19 -74.56 41.83 4.54
CA TRP P 19 -75.91 41.74 4.01
C TRP P 19 -76.59 43.10 3.87
N TYR P 20 -75.99 44.17 4.36
CA TYR P 20 -76.60 45.49 4.32
C TYR P 20 -75.57 46.52 3.88
N GLY P 21 -76.07 47.63 3.34
CA GLY P 21 -75.22 48.72 2.92
C GLY P 21 -74.73 48.56 1.50
N PRO P 22 -74.03 49.58 0.99
CA PRO P 22 -73.49 49.47 -0.38
C PRO P 22 -72.57 48.30 -0.57
N ASP P 23 -71.76 47.97 0.44
CA ASP P 23 -70.94 46.76 0.42
C ASP P 23 -71.79 45.61 0.94
N ARG P 24 -71.90 44.55 0.15
CA ARG P 24 -72.74 43.41 0.48
C ARG P 24 -72.46 42.31 -0.52
N LYS P 25 -73.14 41.18 -0.35
CA LYS P 25 -73.05 40.07 -1.27
C LYS P 25 -74.13 40.18 -2.34
N LEU P 26 -73.79 39.76 -3.55
CA LEU P 26 -74.70 39.84 -4.68
C LEU P 26 -74.80 38.47 -5.35
N PHE P 27 -75.82 38.33 -6.21
CA PHE P 27 -76.09 37.06 -6.87
C PHE P 27 -75.05 36.70 -7.92
N LEU P 28 -74.13 37.61 -8.23
CA LEU P 28 -72.99 37.38 -9.09
C LEU P 28 -71.75 37.93 -8.42
N PRO P 29 -70.57 37.39 -8.72
CA PRO P 29 -69.35 37.87 -8.06
C PRO P 29 -68.94 39.26 -8.50
N SER P 30 -67.88 39.80 -7.90
CA SER P 30 -67.48 41.17 -8.18
C SER P 30 -67.01 41.33 -9.63
N GLY P 31 -66.28 40.35 -10.15
CA GLY P 31 -65.73 40.49 -11.49
C GLY P 31 -66.77 40.43 -12.59
N LEU P 32 -67.91 39.79 -12.32
CA LEU P 32 -68.97 39.68 -13.31
C LEU P 32 -70.11 40.67 -13.10
N TYR P 33 -70.13 41.37 -11.97
CA TYR P 33 -71.26 42.25 -11.64
C TYR P 33 -70.71 43.43 -10.84
N ASP P 34 -70.43 44.53 -11.53
CA ASP P 34 -69.94 45.72 -10.86
C ASP P 34 -71.08 46.39 -10.10
N ARG P 35 -70.72 47.15 -9.06
CA ARG P 35 -71.72 47.80 -8.23
C ARG P 35 -72.48 48.91 -8.94
N SER P 36 -72.03 49.32 -10.14
CA SER P 36 -72.70 50.41 -10.83
C SER P 36 -74.02 49.96 -11.46
N GLU P 37 -74.11 48.71 -11.89
CA GLU P 37 -75.32 48.23 -12.56
C GLU P 37 -76.41 47.79 -11.61
N ILE P 38 -76.18 47.88 -10.30
CA ILE P 38 -77.25 47.53 -9.36
C ILE P 38 -78.40 48.50 -9.54
N PRO P 39 -79.64 48.03 -9.67
CA PRO P 39 -80.78 48.95 -9.82
C PRO P 39 -80.87 49.90 -8.64
N GLU P 40 -81.28 51.13 -8.92
CA GLU P 40 -81.28 52.17 -7.90
C GLU P 40 -82.22 51.85 -6.74
N TYR P 41 -83.30 51.13 -7.00
CA TYR P 41 -84.24 50.77 -5.95
C TYR P 41 -83.77 49.59 -5.11
N LEU P 42 -82.71 48.90 -5.54
CA LEU P 42 -82.17 47.76 -4.79
C LEU P 42 -81.00 48.24 -3.94
N ASN P 43 -81.32 48.96 -2.88
CA ASN P 43 -80.34 49.43 -1.91
C ASN P 43 -80.31 48.51 -0.70
N GLY P 44 -79.25 48.64 0.08
CA GLY P 44 -79.04 47.75 1.22
C GLY P 44 -79.95 48.04 2.39
N GLU P 45 -81.26 47.89 2.22
CA GLU P 45 -82.21 48.10 3.29
C GLU P 45 -82.97 46.83 3.65
N LEU P 46 -83.59 46.17 2.66
CA LEU P 46 -84.33 44.96 2.94
C LEU P 46 -83.39 43.79 3.19
N ALA P 47 -83.83 42.86 4.04
CA ALA P 47 -83.02 41.69 4.35
C ALA P 47 -82.92 40.77 3.15
N GLY P 48 -81.76 40.14 3.01
CA GLY P 48 -81.54 39.20 1.92
C GLY P 48 -81.59 39.85 0.55
N ASP P 49 -80.99 41.03 0.40
CA ASP P 49 -80.98 41.75 -0.86
C ASP P 49 -79.66 41.47 -1.56
N TYR P 50 -79.72 40.68 -2.63
CA TYR P 50 -78.54 40.35 -3.41
C TYR P 50 -78.45 41.16 -4.70
N GLY P 51 -79.27 42.21 -4.83
CA GLY P 51 -79.27 42.98 -6.06
C GLY P 51 -79.67 42.16 -7.27
N TYR P 52 -80.64 41.27 -7.09
CA TYR P 52 -81.06 40.33 -8.12
C TYR P 52 -82.43 40.76 -8.64
N ASP P 53 -82.46 41.29 -9.86
CA ASP P 53 -83.73 41.64 -10.48
C ASP P 53 -83.57 41.71 -12.00
N PRO P 54 -83.38 40.59 -12.68
CA PRO P 54 -83.45 40.61 -14.14
C PRO P 54 -84.86 40.94 -14.60
N LEU P 55 -84.96 41.50 -15.81
CA LEU P 55 -86.23 41.86 -16.44
C LEU P 55 -86.90 43.02 -15.71
N GLY P 56 -86.31 43.47 -14.61
CA GLY P 56 -86.80 44.66 -13.92
C GLY P 56 -88.24 44.57 -13.46
N LEU P 57 -88.64 43.46 -12.84
CA LEU P 57 -90.01 43.35 -12.35
C LEU P 57 -90.31 44.41 -11.31
N GLY P 58 -89.39 44.64 -10.38
CA GLY P 58 -89.53 45.75 -9.47
C GLY P 58 -89.21 47.06 -10.16
N LYS P 59 -89.95 48.10 -9.81
CA LYS P 59 -89.81 49.41 -10.45
C LYS P 59 -89.33 50.49 -9.50
N ASP P 60 -89.74 50.45 -8.24
CA ASP P 60 -89.48 51.51 -7.27
C ASP P 60 -89.78 50.99 -5.87
N PRO P 61 -89.32 51.66 -4.80
CA PRO P 61 -89.33 51.03 -3.47
C PRO P 61 -90.69 50.53 -2.98
N GLU P 62 -91.79 51.24 -3.27
CA GLU P 62 -93.07 50.80 -2.72
C GLU P 62 -93.54 49.52 -3.39
N THR P 63 -93.32 49.38 -4.71
CA THR P 63 -93.62 48.11 -5.36
C THR P 63 -92.71 47.01 -4.85
N VAL P 64 -91.45 47.34 -4.54
CA VAL P 64 -90.54 46.37 -3.96
C VAL P 64 -91.06 45.86 -2.63
N ALA P 65 -91.58 46.75 -1.79
CA ALA P 65 -92.16 46.32 -0.52
C ALA P 65 -93.44 45.50 -0.75
N LYS P 66 -94.25 45.90 -1.73
CA LYS P 66 -95.45 45.14 -2.03
C LYS P 66 -95.13 43.72 -2.43
N TYR P 67 -94.08 43.54 -3.25
CA TYR P 67 -93.65 42.19 -3.62
C TYR P 67 -92.94 41.49 -2.47
N ARG P 68 -92.30 42.25 -1.58
CA ARG P 68 -91.63 41.65 -0.43
C ARG P 68 -92.64 41.00 0.50
N GLU P 69 -93.81 41.62 0.66
CA GLU P 69 -94.87 40.99 1.45
C GLU P 69 -95.18 39.60 0.92
N ASN P 70 -95.44 39.49 -0.39
CA ASN P 70 -95.75 38.21 -0.99
C ASN P 70 -94.58 37.24 -0.87
N GLU P 71 -93.35 37.73 -1.08
CA GLU P 71 -92.18 36.86 -0.97
C GLU P 71 -92.06 36.26 0.42
N LEU P 72 -92.24 37.08 1.45
CA LEU P 72 -92.10 36.58 2.82
C LEU P 72 -93.22 35.61 3.18
N LEU P 73 -94.47 35.93 2.79
CA LEU P 73 -95.57 35.03 3.08
C LEU P 73 -95.37 33.68 2.38
N HIS P 74 -94.98 33.73 1.10
CA HIS P 74 -94.71 32.51 0.36
C HIS P 74 -93.57 31.73 1.01
N ALA P 75 -92.53 32.42 1.45
CA ALA P 75 -91.39 31.73 2.05
C ALA P 75 -91.81 30.98 3.31
N ARG P 76 -92.57 31.64 4.19
CA ARG P 76 -92.98 30.97 5.42
C ARG P 76 -93.91 29.79 5.14
N TRP P 77 -94.86 29.97 4.23
CA TRP P 77 -95.73 28.85 3.87
C TRP P 77 -94.94 27.70 3.28
N ALA P 78 -93.92 28.01 2.48
CA ALA P 78 -93.12 26.96 1.85
C ALA P 78 -92.26 26.23 2.87
N MET P 79 -91.77 26.95 3.89
CA MET P 79 -91.05 26.27 4.97
C MET P 79 -91.96 25.26 5.66
N LEU P 80 -93.15 25.71 6.05
CA LEU P 80 -94.09 24.79 6.69
C LEU P 80 -94.41 23.61 5.78
N ALA P 81 -94.60 23.88 4.48
CA ALA P 81 -94.97 22.85 3.54
C ALA P 81 -93.84 21.85 3.32
N ALA P 82 -92.60 22.32 3.23
CA ALA P 82 -91.47 21.41 3.07
C ALA P 82 -91.33 20.51 4.28
N ALA P 83 -91.48 21.07 5.48
CA ALA P 83 -91.42 20.23 6.68
C ALA P 83 -92.53 19.18 6.66
N GLY P 84 -93.76 19.59 6.34
CA GLY P 84 -94.89 18.67 6.35
C GLY P 84 -94.91 17.70 5.18
N ILE P 85 -94.10 17.96 4.15
CA ILE P 85 -93.96 16.99 3.07
C ILE P 85 -92.90 15.98 3.40
N LEU P 86 -91.79 16.41 4.00
CA LEU P 86 -90.68 15.51 4.25
C LEU P 86 -90.93 14.60 5.44
N ILE P 87 -91.37 15.17 6.58
CA ILE P 87 -91.40 14.40 7.83
C ILE P 87 -92.35 13.22 7.77
N PRO P 88 -93.63 13.37 7.40
CA PRO P 88 -94.53 12.21 7.47
C PRO P 88 -94.11 11.05 6.59
N GLU P 89 -93.56 11.32 5.41
CA GLU P 89 -93.11 10.24 4.54
C GLU P 89 -91.97 9.45 5.18
N GLY P 90 -90.99 10.16 5.74
CA GLY P 90 -89.90 9.48 6.42
C GLY P 90 -90.37 8.70 7.63
N LEU P 91 -91.36 9.23 8.34
CA LEU P 91 -91.91 8.51 9.48
C LEU P 91 -92.61 7.22 9.04
N GLN P 92 -93.41 7.31 7.98
CA GLN P 92 -94.13 6.13 7.51
C GLN P 92 -93.18 5.08 6.96
N ALA P 93 -92.17 5.51 6.19
CA ALA P 93 -91.25 4.56 5.58
C ALA P 93 -90.37 3.84 6.60
N ASN P 94 -90.31 4.32 7.83
CA ASN P 94 -89.46 3.73 8.85
C ASN P 94 -90.23 2.85 9.83
N GLY P 95 -91.53 2.65 9.62
CA GLY P 95 -92.28 1.75 10.48
C GLY P 95 -93.61 2.27 10.95
N ALA P 96 -93.74 3.58 11.12
CA ALA P 96 -94.98 4.17 11.61
C ALA P 96 -96.10 3.96 10.60
N ASN P 97 -97.31 3.74 11.10
CA ASN P 97 -98.48 3.55 10.26
C ASN P 97 -99.23 4.88 10.11
N ILE P 98 -98.58 5.79 9.38
CA ILE P 98 -99.13 7.14 9.20
C ILE P 98 -100.44 7.09 8.43
N LYS P 99 -100.54 6.17 7.46
CA LYS P 99 -101.68 5.92 6.58
C LYS P 99 -101.85 7.01 5.54
N GLY P 100 -101.07 8.09 5.60
CA GLY P 100 -101.09 9.10 4.56
C GLY P 100 -99.94 8.94 3.59
N GLY P 101 -98.75 8.76 4.13
CA GLY P 101 -97.59 8.51 3.29
C GLY P 101 -97.21 9.72 2.47
N THR P 102 -96.98 9.51 1.17
CA THR P 102 -96.53 10.56 0.28
C THR P 102 -97.55 11.69 0.22
N TRP P 103 -97.05 12.92 0.06
CA TRP P 103 -97.90 14.09 0.14
C TRP P 103 -98.97 14.10 -0.95
N PHE P 104 -98.61 13.69 -2.17
CA PHE P 104 -99.55 13.73 -3.28
C PHE P 104 -100.61 12.64 -3.22
N GLU P 105 -100.57 11.77 -2.20
CA GLU P 105 -101.59 10.77 -2.00
C GLU P 105 -102.37 10.94 -0.71
N THR P 106 -101.98 11.87 0.17
CA THR P 106 -102.67 12.04 1.44
C THR P 106 -104.09 12.55 1.23
N GLY P 107 -104.31 13.39 0.21
CA GLY P 107 -105.64 13.95 0.02
C GLY P 107 -106.68 12.87 -0.25
N ALA P 108 -106.39 11.96 -1.17
CA ALA P 108 -107.36 10.92 -1.51
C ALA P 108 -107.58 9.93 -0.38
N GLU P 109 -106.68 9.88 0.60
CA GLU P 109 -106.86 8.96 1.72
C GLU P 109 -108.10 9.31 2.53
N MET P 110 -108.51 10.57 2.52
CA MET P 110 -109.66 11.02 3.30
C MET P 110 -110.93 11.10 2.47
N LEU P 111 -110.90 10.64 1.23
CA LEU P 111 -112.10 10.59 0.41
C LEU P 111 -113.05 9.52 0.92
N ASN P 112 -114.24 9.48 0.34
CA ASN P 112 -115.32 8.56 0.74
C ASN P 112 -115.59 8.82 2.22
N GLY P 113 -115.66 7.80 3.07
CA GLY P 113 -115.75 7.98 4.49
C GLY P 113 -114.45 7.84 5.24
N GLY P 114 -113.33 7.70 4.52
CA GLY P 114 -112.04 7.46 5.14
C GLY P 114 -111.56 8.58 6.03
N THR P 115 -110.78 8.23 7.05
CA THR P 115 -110.21 9.17 7.99
C THR P 115 -108.69 9.15 7.86
N LEU P 116 -108.01 9.85 8.77
CA LEU P 116 -106.57 9.99 8.69
C LEU P 116 -105.96 9.80 10.07
N ASN P 117 -104.82 9.11 10.13
CA ASN P 117 -104.08 8.92 11.36
C ASN P 117 -103.06 10.04 11.54
N TYR P 118 -102.95 10.54 12.76
CA TYR P 118 -102.08 11.67 13.08
C TYR P 118 -101.07 11.20 14.13
N PHE P 119 -99.79 11.30 13.81
CA PHE P 119 -98.73 10.85 14.69
C PHE P 119 -98.21 12.03 15.51
N ALA P 120 -98.27 11.91 16.84
CA ALA P 120 -97.68 12.90 17.73
C ALA P 120 -96.28 12.42 18.09
N VAL P 121 -95.31 12.90 17.33
CA VAL P 121 -93.89 12.55 17.50
C VAL P 121 -93.50 12.99 18.92
N PRO P 122 -92.77 12.13 19.70
CA PRO P 122 -93.07 12.03 21.13
C PRO P 122 -94.54 12.07 21.48
N TRP P 123 -95.04 10.88 21.83
CA TRP P 123 -96.38 10.45 22.24
C TRP P 123 -96.88 9.49 21.17
N GLY P 124 -98.16 9.14 21.21
CA GLY P 124 -98.69 8.08 20.38
C GLY P 124 -99.17 8.55 19.01
N ILE P 125 -99.76 7.61 18.28
CA ILE P 125 -100.45 7.90 17.03
C ILE P 125 -101.94 7.74 17.25
N VAL P 126 -102.70 8.79 16.90
CA VAL P 126 -104.14 8.80 17.11
C VAL P 126 -104.82 8.61 15.76
N SER P 127 -106.11 8.26 15.79
CA SER P 127 -106.92 8.11 14.57
C SER P 127 -107.96 9.22 14.62
N ASN P 128 -107.61 10.38 14.04
CA ASN P 128 -108.44 11.56 14.09
C ASN P 128 -109.80 11.26 13.47
N PRO P 129 -110.88 11.33 14.24
CA PRO P 129 -112.19 10.88 13.76
C PRO P 129 -113.00 11.91 12.99
N LEU P 130 -112.42 13.04 12.63
CA LEU P 130 -113.17 14.05 11.90
C LEU P 130 -113.46 13.58 10.48
N PRO P 131 -114.63 13.90 9.94
CA PRO P 131 -114.92 13.62 8.53
C PRO P 131 -114.32 14.70 7.65
N LEU P 132 -114.46 14.51 6.33
CA LEU P 132 -113.85 15.44 5.38
C LEU P 132 -114.53 16.80 5.42
N PHE P 133 -115.87 16.82 5.44
CA PHE P 133 -116.58 18.10 5.36
C PHE P 133 -116.35 18.95 6.61
N ALA P 134 -116.27 18.32 7.78
CA ALA P 134 -115.97 19.06 8.99
C ALA P 134 -114.57 19.67 8.92
N VAL P 135 -113.61 18.92 8.37
CA VAL P 135 -112.27 19.44 8.19
C VAL P 135 -112.29 20.65 7.25
N ILE P 136 -113.03 20.55 6.15
CA ILE P 136 -113.11 21.66 5.19
C ILE P 136 -113.69 22.88 5.87
N ALA P 137 -114.78 22.71 6.60
CA ALA P 137 -115.45 23.84 7.23
C ALA P 137 -114.55 24.51 8.27
N VAL P 138 -113.91 23.71 9.12
CA VAL P 138 -113.03 24.27 10.14
C VAL P 138 -111.87 25.01 9.50
N GLU P 139 -111.26 24.40 8.48
CA GLU P 139 -110.12 25.03 7.82
C GLU P 139 -110.51 26.35 7.19
N VAL P 140 -111.62 26.38 6.45
CA VAL P 140 -111.99 27.62 5.78
C VAL P 140 -112.34 28.69 6.79
N GLY P 141 -113.08 28.35 7.85
CA GLY P 141 -113.42 29.34 8.85
C GLY P 141 -112.20 29.91 9.54
N LEU P 142 -111.30 29.04 10.01
CA LEU P 142 -110.14 29.51 10.74
C LEU P 142 -109.20 30.32 9.85
N MET P 143 -108.94 29.84 8.63
CA MET P 143 -108.05 30.57 7.73
C MET P 143 -108.66 31.90 7.33
N GLY P 144 -109.96 31.94 7.06
CA GLY P 144 -110.60 33.21 6.75
C GLY P 144 -110.48 34.20 7.89
N ALA P 145 -110.73 33.74 9.12
CA ALA P 145 -110.61 34.62 10.28
C ALA P 145 -109.19 35.14 10.41
N VAL P 146 -108.19 34.26 10.29
CA VAL P 146 -106.81 34.66 10.49
C VAL P 146 -106.36 35.63 9.41
N GLU P 147 -106.70 35.35 8.15
CA GLU P 147 -106.28 36.24 7.07
C GLU P 147 -107.02 37.58 7.13
N PHE P 148 -108.28 37.57 7.57
CA PHE P 148 -108.98 38.83 7.79
C PHE P 148 -108.31 39.65 8.88
N TYR P 149 -107.88 38.98 9.96
CA TYR P 149 -107.15 39.68 11.01
C TYR P 149 -105.84 40.26 10.47
N ARG P 150 -105.13 39.50 9.65
CA ARG P 150 -103.87 39.98 9.10
C ARG P 150 -104.08 41.18 8.18
N ARG P 151 -105.11 41.12 7.34
CA ARG P 151 -105.35 42.22 6.41
C ARG P 151 -105.80 43.47 7.14
N ASN P 152 -106.73 43.33 8.09
CA ASN P 152 -107.22 44.49 8.83
C ASN P 152 -106.13 45.09 9.70
N GLY P 153 -105.33 44.26 10.35
CA GLY P 153 -104.31 44.73 11.26
C GLY P 153 -104.68 44.67 12.72
N THR P 154 -105.90 44.26 13.04
CA THR P 154 -106.35 44.13 14.42
C THR P 154 -107.07 42.80 14.60
N GLY P 155 -107.07 42.31 15.83
CA GLY P 155 -107.68 41.04 16.13
C GLY P 155 -108.17 40.94 17.56
N PRO P 156 -108.74 39.78 17.92
CA PRO P 156 -109.24 39.59 19.29
C PRO P 156 -108.10 39.64 20.30
N ALA P 157 -108.49 39.67 21.57
CA ALA P 157 -107.56 39.92 22.66
C ALA P 157 -107.33 38.64 23.46
N GLY P 158 -106.06 38.31 23.67
CA GLY P 158 -105.67 37.31 24.64
C GLY P 158 -106.02 35.87 24.33
N TYR P 159 -105.40 35.28 23.31
CA TYR P 159 -105.49 33.86 23.07
C TYR P 159 -104.36 33.16 23.84
N SER P 160 -104.23 31.84 23.65
CA SER P 160 -103.38 31.00 24.48
C SER P 160 -102.38 30.22 23.64
N PRO P 161 -101.31 30.87 23.17
CA PRO P 161 -100.25 30.16 22.46
C PRO P 161 -99.09 29.69 23.32
N GLY P 162 -99.24 29.68 24.64
CA GLY P 162 -98.07 29.52 25.50
C GLY P 162 -97.23 30.77 25.60
N ILE P 163 -97.82 31.94 25.36
CA ILE P 163 -97.08 33.17 25.25
C ILE P 163 -96.38 33.53 26.56
N GLY P 164 -95.21 34.16 26.44
CA GLY P 164 -94.49 34.59 27.62
C GLY P 164 -95.22 35.65 28.41
N LYS P 165 -95.78 36.64 27.72
CA LYS P 165 -96.58 37.69 28.34
C LYS P 165 -98.03 37.53 27.91
N PHE P 166 -98.93 37.43 28.89
CA PHE P 166 -100.32 37.13 28.63
C PHE P 166 -101.15 38.42 28.53
N ASP P 167 -102.43 38.24 28.20
CA ASP P 167 -103.42 39.32 28.19
C ASP P 167 -103.05 40.40 27.17
N SER P 168 -102.85 39.96 25.92
CA SER P 168 -102.68 40.89 24.82
C SER P 168 -104.02 41.53 24.49
N SER P 169 -104.01 42.84 24.29
CA SER P 169 -105.24 43.60 24.07
C SER P 169 -105.30 44.27 22.71
N VAL P 170 -104.27 45.03 22.33
CA VAL P 170 -104.29 45.80 21.10
C VAL P 170 -103.07 45.45 20.27
N PHE P 171 -103.27 45.31 18.97
CA PHE P 171 -102.21 45.03 18.01
C PHE P 171 -101.72 46.29 17.29
N ASP P 172 -102.19 47.46 17.71
CA ASP P 172 -101.88 48.70 17.00
C ASP P 172 -100.40 49.02 17.11
N GLY P 173 -99.83 49.50 16.01
CA GLY P 173 -98.44 49.90 15.97
C GLY P 173 -97.45 48.82 15.61
N LEU P 174 -97.88 47.57 15.49
CA LEU P 174 -96.97 46.49 15.15
C LEU P 174 -96.69 46.50 13.65
N ASP P 175 -95.42 46.28 13.31
CA ASP P 175 -95.01 46.31 11.91
C ASP P 175 -95.55 45.08 11.20
N PRO P 176 -96.28 45.24 10.10
CA PRO P 176 -96.67 44.07 9.30
C PRO P 176 -95.44 43.35 8.76
N LEU P 177 -95.57 42.04 8.63
CA LEU P 177 -94.54 41.07 8.25
C LEU P 177 -93.56 40.82 9.38
N TYR P 178 -93.60 41.59 10.47
CA TYR P 178 -92.77 41.36 11.63
C TYR P 178 -93.49 41.85 12.88
N PRO P 179 -94.68 41.31 13.19
CA PRO P 179 -95.44 41.87 14.32
C PRO P 179 -94.69 41.82 15.65
N GLY P 180 -93.94 40.75 15.89
CA GLY P 180 -93.29 40.62 17.18
C GLY P 180 -94.32 40.55 18.29
N GLY P 181 -93.91 40.95 19.48
CA GLY P 181 -94.81 41.05 20.61
C GLY P 181 -95.50 39.75 20.92
N PRO P 182 -96.79 39.67 20.61
CA PRO P 182 -97.51 38.41 20.81
C PRO P 182 -96.94 37.24 20.04
N PHE P 183 -96.32 37.49 18.89
CA PHE P 183 -95.76 36.45 18.05
C PHE P 183 -94.30 36.17 18.37
N ASP P 184 -93.76 36.74 19.44
CA ASP P 184 -92.39 36.48 19.88
C ASP P 184 -92.41 36.14 21.37
N PRO P 185 -92.92 34.96 21.72
CA PRO P 185 -92.94 34.57 23.14
C PRO P 185 -91.55 34.49 23.75
N LEU P 186 -90.55 34.06 22.99
CA LEU P 186 -89.22 33.85 23.54
C LEU P 186 -88.38 35.12 23.59
N GLY P 187 -88.84 36.21 22.96
CA GLY P 187 -88.13 37.47 23.04
C GLY P 187 -86.74 37.43 22.42
N LEU P 188 -86.62 36.87 21.22
CA LEU P 188 -85.34 36.82 20.51
C LEU P 188 -85.14 38.00 19.58
N ALA P 189 -86.11 38.91 19.46
CA ALA P 189 -86.03 40.03 18.55
C ALA P 189 -85.82 41.37 19.25
N ASP P 190 -85.54 41.36 20.56
CA ASP P 190 -85.35 42.61 21.28
C ASP P 190 -84.11 43.36 20.77
N ASP P 191 -83.03 42.63 20.55
CA ASP P 191 -81.80 43.26 20.07
C ASP P 191 -81.95 43.62 18.60
N PRO P 192 -81.68 44.87 18.21
CA PRO P 192 -81.95 45.25 16.80
C PRO P 192 -81.03 44.57 15.79
N GLU P 193 -79.72 44.59 15.99
CA GLU P 193 -78.83 43.97 15.02
C GLU P 193 -79.00 42.46 14.98
N VAL P 194 -79.25 41.84 16.15
CA VAL P 194 -79.60 40.42 16.16
C VAL P 194 -80.88 40.19 15.38
N LEU P 195 -81.83 41.13 15.49
CA LEU P 195 -83.06 41.02 14.71
C LEU P 195 -82.77 41.08 13.20
N GLN P 196 -81.85 41.95 12.80
CA GLN P 196 -81.49 42.02 11.38
C GLN P 196 -80.86 40.72 10.90
N GLU P 197 -79.94 40.17 11.69
CA GLU P 197 -79.33 38.89 11.32
C GLU P 197 -80.37 37.79 11.23
N LEU P 198 -81.30 37.76 12.18
CA LEU P 198 -82.35 36.75 12.15
C LEU P 198 -83.26 36.94 10.94
N LYS P 199 -83.51 38.19 10.55
CA LYS P 199 -84.29 38.44 9.34
C LYS P 199 -83.60 37.87 8.10
N VAL P 200 -82.28 38.09 8.00
CA VAL P 200 -81.53 37.56 6.87
C VAL P 200 -81.61 36.03 6.86
N LYS P 201 -81.40 35.41 8.02
CA LYS P 201 -81.47 33.95 8.10
C LYS P 201 -82.85 33.45 7.72
N GLU P 202 -83.89 34.13 8.20
CA GLU P 202 -85.27 33.74 7.90
C GLU P 202 -85.53 33.77 6.41
N ILE P 203 -85.16 34.87 5.74
CA ILE P 203 -85.48 34.97 4.33
C ILE P 203 -84.65 33.98 3.51
N LYS P 204 -83.40 33.73 3.90
CA LYS P 204 -82.58 32.79 3.14
C LYS P 204 -83.13 31.37 3.28
N ASN P 205 -83.44 30.94 4.51
CA ASN P 205 -84.02 29.62 4.70
C ASN P 205 -85.36 29.50 4.00
N GLY P 206 -86.14 30.59 3.98
CA GLY P 206 -87.42 30.55 3.30
C GLY P 206 -87.30 30.40 1.80
N ARG P 207 -86.34 31.11 1.19
CA ARG P 207 -86.11 30.96 -0.24
C ARG P 207 -85.64 29.55 -0.57
N LEU P 208 -84.75 28.99 0.27
CA LEU P 208 -84.34 27.61 0.07
C LEU P 208 -85.52 26.67 0.14
N ALA P 209 -86.41 26.88 1.11
CA ALA P 209 -87.59 26.03 1.23
C ALA P 209 -88.52 26.16 0.03
N MET P 210 -88.66 27.37 -0.50
CA MET P 210 -89.49 27.57 -1.69
C MET P 210 -88.95 26.79 -2.87
N VAL P 211 -87.64 26.89 -3.12
CA VAL P 211 -87.04 26.14 -4.23
C VAL P 211 -87.18 24.64 -3.97
N SER P 212 -87.00 24.21 -2.72
CA SER P 212 -87.11 22.79 -2.41
C SER P 212 -88.52 22.27 -2.63
N VAL P 213 -89.54 23.07 -2.31
CA VAL P 213 -90.92 22.63 -2.53
C VAL P 213 -91.23 22.54 -4.02
N LEU P 214 -90.72 23.51 -4.80
CA LEU P 214 -90.88 23.39 -6.25
C LEU P 214 -90.23 22.11 -6.76
N GLY P 215 -89.05 21.78 -6.23
CA GLY P 215 -88.40 20.54 -6.61
C GLY P 215 -89.20 19.32 -6.21
N PHE P 216 -89.75 19.34 -4.99
CA PHE P 216 -90.67 18.29 -4.54
C PHE P 216 -91.74 18.04 -5.59
N ALA P 217 -92.45 19.10 -5.96
CA ALA P 217 -93.55 18.96 -6.90
C ALA P 217 -93.08 18.39 -8.22
N VAL P 218 -92.03 18.97 -8.81
CA VAL P 218 -91.63 18.56 -10.15
C VAL P 218 -91.13 17.12 -10.16
N GLN P 219 -90.23 16.78 -9.24
CA GLN P 219 -89.65 15.45 -9.26
C GLN P 219 -90.62 14.38 -8.77
N SER P 220 -91.61 14.75 -7.96
CA SER P 220 -92.66 13.80 -7.62
C SER P 220 -93.58 13.55 -8.81
N TYR P 221 -93.84 14.58 -9.61
CA TYR P 221 -94.62 14.37 -10.82
C TYR P 221 -93.85 13.49 -11.80
N VAL P 222 -92.54 13.69 -11.91
CA VAL P 222 -91.75 12.95 -12.89
C VAL P 222 -91.54 11.50 -12.46
N THR P 223 -90.91 11.30 -11.30
CA THR P 223 -90.57 9.95 -10.88
C THR P 223 -91.80 9.15 -10.47
N GLY P 224 -92.73 9.78 -9.77
CA GLY P 224 -93.90 9.10 -9.28
C GLY P 224 -93.83 8.64 -7.84
N GLU P 225 -92.80 9.02 -7.10
CA GLU P 225 -92.65 8.70 -5.69
C GLU P 225 -92.51 9.98 -4.88
N GLY P 226 -92.45 9.83 -3.56
CA GLY P 226 -92.24 10.95 -2.69
C GLY P 226 -90.80 11.40 -2.67
N PRO P 227 -90.56 12.63 -2.19
CA PRO P 227 -89.17 13.11 -2.11
C PRO P 227 -88.28 12.26 -1.23
N TYR P 228 -88.82 11.72 -0.14
CA TYR P 228 -88.03 10.87 0.74
C TYR P 228 -87.59 9.59 0.03
N ALA P 229 -88.49 8.98 -0.73
CA ALA P 229 -88.15 7.78 -1.48
C ALA P 229 -87.07 8.09 -2.52
N ASN P 230 -87.20 9.21 -3.23
CA ASN P 230 -86.19 9.58 -4.21
C ASN P 230 -84.84 9.81 -3.53
N TRP P 231 -84.83 10.48 -2.39
CA TRP P 231 -83.59 10.73 -1.67
C TRP P 231 -82.92 9.42 -1.26
N THR P 232 -83.68 8.53 -0.62
CA THR P 232 -83.10 7.28 -0.16
C THR P 232 -82.60 6.42 -1.32
N LYS P 233 -83.39 6.34 -2.39
CA LYS P 233 -82.97 5.54 -3.54
C LYS P 233 -81.74 6.11 -4.22
N HIS P 234 -81.68 7.45 -4.36
CA HIS P 234 -80.50 8.05 -4.96
C HIS P 234 -79.26 7.84 -4.10
N VAL P 235 -79.41 7.95 -2.78
CA VAL P 235 -78.26 7.72 -1.91
C VAL P 235 -77.81 6.27 -2.01
N ALA P 236 -78.76 5.33 -2.06
CA ALA P 236 -78.39 3.92 -2.17
C ALA P 236 -77.70 3.61 -3.50
N ASP P 237 -78.23 4.14 -4.60
CA ASP P 237 -77.70 3.88 -5.94
C ASP P 237 -77.60 5.20 -6.69
N PRO P 238 -76.52 5.95 -6.49
CA PRO P 238 -76.41 7.28 -7.11
C PRO P 238 -76.49 7.26 -8.62
N PHE P 239 -75.59 6.53 -9.28
CA PHE P 239 -75.56 6.54 -10.73
C PHE P 239 -76.72 5.72 -11.32
N GLY P 240 -77.15 4.68 -10.61
CA GLY P 240 -78.24 3.86 -11.14
C GLY P 240 -79.57 4.58 -11.17
N TYR P 241 -79.86 5.38 -10.16
CA TYR P 241 -81.17 6.01 -10.00
C TYR P 241 -80.99 7.52 -9.94
N ASN P 242 -81.33 8.21 -11.04
CA ASN P 242 -81.30 9.67 -11.09
C ASN P 242 -82.26 10.11 -12.19
N LEU P 243 -82.22 11.40 -12.52
CA LEU P 243 -83.14 11.96 -13.50
C LEU P 243 -82.94 11.31 -14.87
N LEU P 244 -81.67 11.13 -15.27
CA LEU P 244 -81.38 10.61 -16.60
C LEU P 244 -81.88 9.18 -16.74
N THR P 245 -81.71 8.36 -15.70
CA THR P 245 -82.24 7.01 -15.74
C THR P 245 -83.77 7.02 -15.80
N VAL P 246 -84.40 7.88 -15.01
CA VAL P 246 -85.86 7.91 -14.95
C VAL P 246 -86.45 8.31 -16.30
N LEU P 247 -85.87 9.34 -16.93
CA LEU P 247 -86.37 9.81 -18.21
C LEU P 247 -86.18 8.74 -19.28
N GLY P 248 -87.23 8.50 -20.06
CA GLY P 248 -87.17 7.53 -21.13
C GLY P 248 -86.80 6.13 -20.69
N ALA P 249 -87.41 5.66 -19.59
CA ALA P 249 -87.10 4.33 -19.09
C ALA P 249 -87.50 3.26 -20.09
N GLU P 250 -88.65 3.41 -20.74
CA GLU P 250 -89.11 2.45 -21.73
C GLU P 250 -88.21 2.45 -22.96
N MET Q 1 3.19 -14.39 -5.62
CA MET Q 1 4.20 -13.38 -5.91
C MET Q 1 3.60 -12.19 -6.65
N GLU Q 2 2.95 -12.46 -7.78
CA GLU Q 2 2.37 -11.39 -8.58
C GLU Q 2 1.26 -10.67 -7.82
N ALA Q 3 0.48 -11.42 -7.01
CA ALA Q 3 -0.54 -10.78 -6.18
C ALA Q 3 0.10 -9.79 -5.20
N LEU Q 4 1.24 -10.16 -4.63
CA LEU Q 4 1.95 -9.24 -3.75
C LEU Q 4 2.39 -7.99 -4.50
N VAL Q 5 2.85 -8.15 -5.74
CA VAL Q 5 3.26 -6.99 -6.53
C VAL Q 5 2.08 -6.07 -6.80
N TYR Q 6 0.92 -6.65 -7.17
CA TYR Q 6 -0.26 -5.83 -7.41
C TYR Q 6 -0.68 -5.10 -6.15
N THR Q 7 -0.66 -5.80 -5.01
CA THR Q 7 -1.04 -5.17 -3.75
C THR Q 7 -0.08 -4.04 -3.39
N PHE Q 8 1.22 -4.24 -3.60
CA PHE Q 8 2.19 -3.19 -3.34
C PHE Q 8 1.95 -1.99 -4.24
N LEU Q 9 1.66 -2.22 -5.51
CA LEU Q 9 1.40 -1.10 -6.43
C LEU Q 9 0.16 -0.31 -5.99
N LEU Q 10 -0.92 -1.01 -5.64
CA LEU Q 10 -2.13 -0.32 -5.21
C LEU Q 10 -1.90 0.44 -3.90
N VAL Q 11 -1.18 -0.17 -2.95
CA VAL Q 11 -0.90 0.51 -1.69
C VAL Q 11 -0.05 1.75 -1.92
N GLY Q 12 0.95 1.66 -2.79
CA GLY Q 12 1.75 2.82 -3.11
C GLY Q 12 0.95 3.94 -3.75
N THR Q 13 0.06 3.58 -4.68
CA THR Q 13 -0.79 4.60 -5.30
C THR Q 13 -1.68 5.28 -4.26
N LEU Q 14 -2.28 4.49 -3.36
CA LEU Q 14 -3.11 5.08 -2.32
C LEU Q 14 -2.31 5.98 -1.39
N GLY Q 15 -1.08 5.56 -1.06
CA GLY Q 15 -0.22 6.40 -0.23
C GLY Q 15 0.12 7.72 -0.91
N ILE Q 16 0.40 7.67 -2.21
CA ILE Q 16 0.67 8.90 -2.95
C ILE Q 16 -0.56 9.80 -2.94
N ILE Q 17 -1.75 9.23 -3.11
CA ILE Q 17 -2.97 10.03 -3.05
C ILE Q 17 -3.11 10.68 -1.69
N PHE Q 18 -2.87 9.93 -0.62
CA PHE Q 18 -3.00 10.47 0.72
C PHE Q 18 -2.02 11.61 0.95
N PHE Q 19 -0.77 11.41 0.54
CA PHE Q 19 0.25 12.45 0.72
C PHE Q 19 -0.11 13.70 -0.08
N SER Q 20 -0.60 13.53 -1.30
CA SER Q 20 -0.99 14.67 -2.12
C SER Q 20 -2.15 15.43 -1.49
N ILE Q 21 -3.13 14.71 -0.94
CA ILE Q 21 -4.27 15.37 -0.30
C ILE Q 21 -3.82 16.15 0.93
N PHE Q 22 -3.00 15.53 1.78
CA PHE Q 22 -2.67 16.12 3.07
C PHE Q 22 -1.37 16.93 3.07
N PHE Q 23 -0.27 16.33 2.62
CA PHE Q 23 1.02 17.02 2.60
C PHE Q 23 1.20 17.78 1.28
N ARG Q 24 0.29 18.70 1.05
CA ARG Q 24 0.28 19.48 -0.18
C ARG Q 24 1.00 20.81 0.02
N ASP Q 25 1.38 21.41 -1.10
CA ASP Q 25 1.97 22.74 -1.07
C ASP Q 25 0.87 23.77 -0.80
N PRO Q 26 0.95 24.55 0.26
CA PRO Q 26 -0.11 25.53 0.56
C PRO Q 26 -0.24 26.53 -0.57
N PRO Q 27 -1.47 26.75 -1.07
CA PRO Q 27 -1.65 27.69 -2.17
C PRO Q 27 -1.71 29.13 -1.68
N ARG Q 28 -0.94 30.00 -2.32
CA ARG Q 28 -0.90 31.42 -1.99
C ARG Q 28 -1.19 32.25 -3.23
N MET Q 29 -1.91 33.36 -3.03
CA MET Q 29 -2.23 34.32 -4.09
C MET Q 29 -2.95 33.62 -5.25
N ILE Q 30 -4.13 33.09 -4.94
CA ILE Q 30 -4.90 32.33 -5.91
C ILE Q 30 -5.30 33.20 -7.08
N ASN R 1 -61.33 7.50 -46.33
CA ASN R 1 -61.43 8.63 -47.25
C ASN R 1 -62.10 9.83 -46.58
N ILE R 2 -63.41 9.74 -46.39
CA ILE R 2 -64.14 10.84 -45.78
C ILE R 2 -63.74 11.02 -44.32
N GLU R 3 -63.47 9.91 -43.62
CA GLU R 3 -63.03 9.99 -42.23
C GLU R 3 -61.72 10.76 -42.13
N LEU R 4 -60.77 10.46 -43.02
CA LEU R 4 -59.51 11.21 -43.04
C LEU R 4 -59.77 12.67 -43.38
N ALA R 5 -60.73 12.95 -44.26
CA ALA R 5 -61.04 14.32 -44.61
C ALA R 5 -61.50 15.11 -43.40
N LEU R 6 -62.47 14.57 -42.66
CA LEU R 6 -62.93 15.25 -41.46
C LEU R 6 -61.83 15.33 -40.40
N THR R 7 -60.98 14.30 -40.31
CA THR R 7 -59.89 14.34 -39.35
C THR R 7 -58.95 15.51 -39.64
N LEU R 8 -58.53 15.65 -40.90
CA LEU R 8 -57.65 16.76 -41.27
C LEU R 8 -58.35 18.11 -41.11
N VAL R 9 -59.64 18.19 -41.46
CA VAL R 9 -60.35 19.46 -41.32
C VAL R 9 -60.40 19.89 -39.86
N SER R 10 -60.76 18.95 -38.97
CA SER R 10 -60.79 19.26 -37.56
C SER R 10 -59.41 19.62 -37.04
N LEU R 11 -58.38 18.89 -37.49
CA LEU R 11 -57.03 19.16 -37.03
C LEU R 11 -56.60 20.58 -37.40
N VAL R 12 -56.82 20.97 -38.66
CA VAL R 12 -56.39 22.30 -39.08
C VAL R 12 -57.21 23.38 -38.40
N LEU R 13 -58.52 23.15 -38.23
CA LEU R 13 -59.35 24.14 -37.55
C LEU R 13 -58.88 24.35 -36.11
N VAL R 14 -58.66 23.25 -35.38
CA VAL R 14 -58.27 23.36 -33.98
C VAL R 14 -56.87 23.95 -33.84
N VAL R 15 -55.96 23.58 -34.76
CA VAL R 15 -54.61 24.14 -34.71
C VAL R 15 -54.63 25.64 -34.98
N SER R 16 -55.41 26.07 -35.98
CA SER R 16 -55.49 27.49 -36.30
C SER R 16 -56.24 28.28 -35.23
N ALA R 17 -57.07 27.63 -34.43
CA ALA R 17 -57.79 28.34 -33.38
C ALA R 17 -56.84 28.99 -32.38
N GLY R 18 -55.65 28.45 -32.21
CA GLY R 18 -54.69 28.98 -31.27
C GLY R 18 -54.10 30.32 -31.67
N PRO R 19 -53.29 30.32 -32.73
CA PRO R 19 -52.66 31.58 -33.17
C PRO R 19 -53.65 32.61 -33.69
N LEU R 20 -54.87 32.21 -34.03
CA LEU R 20 -55.87 33.18 -34.48
C LEU R 20 -56.18 34.19 -33.38
N VAL R 21 -56.25 33.73 -32.13
CA VAL R 21 -56.50 34.63 -31.00
C VAL R 21 -55.36 35.63 -30.88
N VAL R 22 -54.12 35.15 -30.98
CA VAL R 22 -52.96 36.02 -30.87
C VAL R 22 -52.96 37.05 -31.99
N VAL R 23 -53.27 36.62 -33.22
CA VAL R 23 -53.30 37.54 -34.36
C VAL R 23 -54.38 38.59 -34.17
N LEU R 24 -55.57 38.17 -33.72
CA LEU R 24 -56.65 39.13 -33.50
C LEU R 24 -56.28 40.14 -32.42
N LEU R 25 -55.68 39.67 -31.32
CA LEU R 25 -55.29 40.58 -30.25
C LEU R 25 -54.21 41.55 -30.71
N SER R 26 -53.24 41.07 -31.48
CA SER R 26 -52.20 41.96 -32.00
C SER R 26 -52.78 42.99 -32.94
N ALA R 27 -53.72 42.59 -33.80
CA ALA R 27 -54.36 43.54 -34.70
C ALA R 27 -55.17 44.57 -33.94
N ARG R 28 -55.88 44.16 -32.89
CA ARG R 28 -56.71 45.05 -32.11
C ARG R 28 -55.95 45.72 -30.97
N GLY R 29 -54.65 45.49 -30.87
CA GLY R 29 -53.85 46.13 -29.84
C GLY R 29 -54.18 45.71 -28.42
N GLY R 30 -54.35 44.41 -28.19
CA GLY R 30 -54.63 43.93 -26.85
C GLY R 30 -53.38 43.86 -25.99
N ASN R 31 -53.59 43.52 -24.73
CA ASN R 31 -52.49 43.41 -23.76
C ASN R 31 -51.95 41.98 -23.77
N LEU R 32 -51.33 41.62 -24.88
CA LEU R 32 -50.76 40.29 -25.03
C LEU R 32 -49.26 40.31 -24.68
N LEU S 1 -31.85 -30.42 11.04
CA LEU S 1 -31.22 -29.20 10.57
C LEU S 1 -29.72 -29.24 10.81
N VAL S 2 -28.94 -28.94 9.76
CA VAL S 2 -27.48 -29.03 9.86
C VAL S 2 -26.95 -28.00 10.84
N ASP S 3 -27.44 -26.76 10.74
CA ASP S 3 -26.97 -25.67 11.59
C ASP S 3 -28.15 -24.79 11.95
N GLU S 4 -27.85 -23.70 12.67
CA GLU S 4 -28.88 -22.77 13.13
C GLU S 4 -28.76 -21.45 12.37
N ARG S 5 -29.92 -20.83 12.12
CA ARG S 5 -30.01 -19.59 11.37
C ARG S 5 -31.02 -18.67 12.04
N MET S 6 -30.95 -17.39 11.66
CA MET S 6 -31.90 -16.42 12.19
C MET S 6 -33.28 -16.62 11.60
N ASN S 7 -33.35 -16.99 10.32
CA ASN S 7 -34.60 -17.30 9.63
C ASN S 7 -35.57 -16.11 9.68
N GLY S 8 -35.15 -14.99 9.10
CA GLY S 8 -35.97 -13.81 9.08
C GLY S 8 -35.86 -12.99 7.81
N ASP S 9 -35.32 -13.59 6.75
CA ASP S 9 -35.07 -12.84 5.52
C ASP S 9 -36.36 -12.39 4.85
N GLY S 10 -37.30 -13.30 4.68
CA GLY S 10 -38.55 -13.01 4.01
C GLY S 10 -39.75 -12.84 4.91
N THR S 11 -39.56 -12.80 6.23
CA THR S 11 -40.67 -12.69 7.16
C THR S 11 -41.26 -11.28 7.20
N GLY S 12 -40.49 -10.26 6.84
CA GLY S 12 -41.00 -8.90 6.84
C GLY S 12 -41.36 -8.37 8.21
N ARG S 13 -40.52 -8.62 9.20
CA ARG S 13 -40.78 -8.12 10.54
C ARG S 13 -40.67 -6.59 10.57
N PRO S 14 -41.40 -5.93 11.46
CA PRO S 14 -41.36 -4.46 11.49
C PRO S 14 -39.99 -3.95 11.89
N PHE S 15 -39.46 -3.02 11.09
CA PHE S 15 -38.13 -2.45 11.28
C PHE S 15 -37.04 -3.53 11.32
N GLY S 16 -37.33 -4.71 10.81
CA GLY S 16 -36.36 -5.79 10.82
C GLY S 16 -35.93 -6.22 12.20
N VAL S 17 -36.86 -6.23 13.16
CA VAL S 17 -36.58 -6.67 14.53
C VAL S 17 -37.36 -7.97 14.76
N ASN S 18 -36.67 -8.97 15.30
CA ASN S 18 -37.29 -10.23 15.68
C ASN S 18 -37.01 -10.59 17.14
N ASP S 19 -36.27 -9.74 17.85
CA ASP S 19 -35.97 -9.93 19.26
C ASP S 19 -36.21 -8.59 19.94
N PRO S 20 -36.86 -8.59 21.10
CA PRO S 20 -37.17 -7.31 21.77
C PRO S 20 -35.94 -6.50 22.12
N VAL S 21 -34.77 -7.12 22.23
CA VAL S 21 -33.57 -6.37 22.57
C VAL S 21 -33.22 -5.38 21.46
N LEU S 22 -33.53 -5.73 20.21
CA LEU S 22 -33.26 -4.81 19.11
C LEU S 22 -34.13 -3.55 19.21
N GLY S 23 -35.42 -3.74 19.49
CA GLY S 23 -36.28 -2.58 19.68
C GLY S 23 -35.87 -1.75 20.88
N TRP S 24 -35.46 -2.42 21.96
CA TRP S 24 -34.99 -1.69 23.13
C TRP S 24 -33.75 -0.88 22.80
N VAL S 25 -32.83 -1.43 22.02
CA VAL S 25 -31.64 -0.70 21.60
C VAL S 25 -32.03 0.51 20.75
N LEU S 26 -32.94 0.30 19.81
CA LEU S 26 -33.41 1.41 18.97
C LEU S 26 -33.96 2.56 19.83
N LEU S 27 -34.89 2.23 20.72
CA LEU S 27 -35.50 3.26 21.56
C LEU S 27 -34.48 3.90 22.49
N GLY S 28 -33.57 3.11 23.05
CA GLY S 28 -32.59 3.66 23.97
C GLY S 28 -31.65 4.65 23.29
N VAL S 29 -31.14 4.27 22.12
CA VAL S 29 -30.24 5.17 21.40
C VAL S 29 -30.97 6.43 20.97
N PHE S 30 -32.18 6.27 20.44
CA PHE S 30 -32.95 7.45 20.02
C PHE S 30 -33.24 8.35 21.20
N GLY S 31 -33.62 7.78 22.34
CA GLY S 31 -33.92 8.58 23.51
C GLY S 31 -32.70 9.29 24.06
N THR S 32 -31.55 8.62 24.06
CA THR S 32 -30.32 9.26 24.53
C THR S 32 -29.96 10.44 23.64
N MET S 33 -30.01 10.25 22.32
CA MET S 33 -29.68 11.35 21.42
C MET S 33 -30.68 12.50 21.55
N TRP S 34 -31.97 12.16 21.68
CA TRP S 34 -32.98 13.21 21.85
C TRP S 34 -32.79 13.97 23.15
N ALA S 35 -32.43 13.26 24.22
CA ALA S 35 -32.18 13.93 25.49
C ALA S 35 -30.99 14.87 25.41
N ILE S 36 -29.92 14.43 24.74
CA ILE S 36 -28.76 15.30 24.57
C ILE S 36 -29.13 16.54 23.77
N TRP S 37 -29.89 16.35 22.68
CA TRP S 37 -30.32 17.49 21.87
C TRP S 37 -31.22 18.42 22.68
N PHE S 38 -32.13 17.86 23.47
CA PHE S 38 -33.04 18.68 24.28
C PHE S 38 -32.27 19.50 25.30
N ILE S 39 -31.27 18.89 25.94
CA ILE S 39 -30.46 19.63 26.90
C ILE S 39 -29.69 20.75 26.20
N GLY S 40 -29.12 20.46 25.03
CA GLY S 40 -28.37 21.48 24.31
C GLY S 40 -29.20 22.49 23.57
N GLN S 41 -30.53 22.31 23.55
CA GLN S 41 -31.40 23.22 22.80
C GLN S 41 -31.29 24.66 23.28
N LYS S 42 -30.86 24.89 24.52
CA LYS S 42 -30.82 26.25 25.03
C LYS S 42 -29.80 27.11 24.29
N ASP S 43 -28.79 26.50 23.68
CA ASP S 43 -27.76 27.26 22.98
C ASP S 43 -28.11 27.57 21.54
N LEU S 44 -29.23 27.05 21.04
CA LEU S 44 -29.62 27.26 19.65
C LEU S 44 -30.50 28.49 19.46
N GLY S 45 -30.87 29.17 20.55
CA GLY S 45 -31.74 30.33 20.44
C GLY S 45 -33.20 29.93 20.33
N ASP S 46 -34.05 30.59 21.11
CA ASP S 46 -35.48 30.27 21.12
C ASP S 46 -36.24 31.10 20.09
N PHE S 47 -37.07 30.42 19.31
CA PHE S 47 -37.95 31.08 18.33
C PHE S 47 -39.34 31.30 18.92
N GLU S 48 -39.40 31.95 20.08
CA GLU S 48 -40.67 32.11 20.78
C GLU S 48 -41.62 33.04 20.04
N ASP S 49 -41.08 34.11 19.44
CA ASP S 49 -41.92 35.03 18.69
C ASP S 49 -42.53 34.32 17.48
N ALA S 50 -43.74 34.75 17.13
CA ALA S 50 -44.51 34.06 16.09
C ALA S 50 -43.79 34.09 14.75
N ASP S 51 -43.21 35.23 14.40
CA ASP S 51 -42.56 35.40 13.10
C ASP S 51 -41.05 35.39 13.33
N ASP S 52 -40.45 34.20 13.20
CA ASP S 52 -39.01 34.04 13.33
C ASP S 52 -38.57 32.86 12.49
N GLY S 53 -37.26 32.80 12.24
CA GLY S 53 -36.70 31.77 11.39
C GLY S 53 -36.32 32.33 10.02
N LEU S 54 -35.48 31.57 9.33
CA LEU S 54 -35.03 31.98 8.00
C LEU S 54 -36.22 32.05 7.06
N LYS S 55 -36.31 33.16 6.32
CA LYS S 55 -37.49 33.41 5.50
C LYS S 55 -37.12 34.41 4.41
N LEU S 56 -38.00 34.50 3.41
CA LEU S 56 -37.87 35.48 2.35
C LEU S 56 -39.22 36.11 2.03
N ALA T 1 6.23 0.89 -74.01
CA ALA T 1 5.01 0.92 -74.81
C ALA T 1 3.86 1.57 -74.05
N VAL T 2 3.00 2.29 -74.76
CA VAL T 2 1.89 2.97 -74.12
C VAL T 2 0.85 1.95 -73.67
N THR T 3 0.17 2.25 -72.58
CA THR T 3 -0.83 1.40 -71.96
C THR T 3 -2.08 2.23 -71.69
N PRO T 4 -3.27 1.63 -71.82
CA PRO T 4 -4.49 2.40 -71.52
C PRO T 4 -4.50 2.98 -70.12
N SER T 5 -3.97 2.27 -69.14
CA SER T 5 -3.85 2.84 -67.79
C SER T 5 -2.96 4.07 -67.80
N LEU T 6 -1.85 4.02 -68.53
CA LEU T 6 -0.96 5.17 -68.62
C LEU T 6 -1.63 6.34 -69.34
N LYS T 7 -2.40 6.05 -70.38
CA LYS T 7 -3.13 7.12 -71.07
C LYS T 7 -4.14 7.77 -70.15
N ASN T 8 -4.87 6.97 -69.38
CA ASN T 8 -5.80 7.53 -68.41
C ASN T 8 -5.08 8.35 -67.34
N PHE T 9 -3.90 7.89 -66.92
CA PHE T 9 -3.12 8.64 -65.94
C PHE T 9 -2.67 10.00 -66.48
N LEU T 10 -2.22 10.03 -67.74
CA LEU T 10 -1.84 11.29 -68.34
C LEU T 10 -3.04 12.22 -68.50
N GLY T 11 -4.19 11.66 -68.89
CA GLY T 11 -5.40 12.47 -68.93
C GLY T 11 -5.77 13.03 -67.58
N SER T 12 -5.60 12.24 -66.52
CA SER T 12 -5.86 12.73 -65.18
C SER T 12 -4.91 13.86 -64.81
N LEU T 13 -3.64 13.72 -65.17
CA LEU T 13 -2.66 14.77 -64.86
C LEU T 13 -3.02 16.07 -65.57
N ILE T 14 -3.38 15.99 -66.85
CA ILE T 14 -3.71 17.22 -67.58
C ILE T 14 -5.02 17.81 -67.05
N ALA T 15 -5.96 16.96 -66.65
CA ALA T 15 -7.20 17.47 -66.06
C ALA T 15 -6.93 18.21 -64.75
N GLY T 16 -6.09 17.62 -63.88
CA GLY T 16 -5.75 18.31 -62.65
C GLY T 16 -5.00 19.60 -62.89
N ALA T 17 -4.11 19.60 -63.88
CA ALA T 17 -3.41 20.84 -64.24
C ALA T 17 -4.39 21.91 -64.73
N THR T 18 -5.38 21.50 -65.53
CA THR T 18 -6.38 22.47 -65.99
C THR T 18 -7.20 23.01 -64.83
N VAL T 19 -7.55 22.16 -63.86
CA VAL T 19 -8.30 22.63 -62.70
C VAL T 19 -7.48 23.64 -61.90
N LEU T 20 -6.20 23.31 -61.67
CA LEU T 20 -5.34 24.23 -60.92
C LEU T 20 -5.16 25.55 -61.68
N GLY T 21 -4.99 25.48 -62.99
CA GLY T 21 -4.87 26.69 -63.79
C GLY T 21 -6.14 27.52 -63.76
N GLY T 22 -7.29 26.87 -63.76
CA GLY T 22 -8.55 27.59 -63.64
C GLY T 22 -8.69 28.29 -62.32
N ILE T 23 -8.29 27.63 -61.23
CA ILE T 23 -8.31 28.26 -59.91
C ILE T 23 -7.38 29.47 -59.89
N ALA T 24 -6.18 29.31 -60.43
CA ALA T 24 -5.22 30.41 -60.47
C ALA T 24 -5.75 31.57 -61.32
N LEU T 25 -6.35 31.27 -62.47
CA LEU T 25 -6.92 32.32 -63.30
C LEU T 25 -8.05 33.05 -62.58
N ALA T 26 -8.91 32.30 -61.88
CA ALA T 26 -10.00 32.93 -61.15
C ALA T 26 -9.49 33.86 -60.07
N ILE T 27 -8.52 33.40 -59.27
CA ILE T 27 -8.03 34.25 -58.19
C ILE T 27 -7.28 35.46 -58.74
N THR T 28 -6.53 35.28 -59.85
CA THR T 28 -5.84 36.40 -60.46
C THR T 28 -6.83 37.43 -61.00
N ALA T 29 -7.88 36.97 -61.67
CA ALA T 29 -8.86 37.90 -62.24
C ALA T 29 -9.61 38.65 -61.14
N VAL T 30 -10.01 37.95 -60.07
CA VAL T 30 -10.74 38.62 -59.01
C VAL T 30 -9.83 39.58 -58.25
N SER T 31 -8.56 39.23 -58.09
CA SER T 31 -7.63 40.07 -57.34
C SER T 31 -7.48 41.44 -58.00
N LYS T 32 -7.37 41.47 -59.32
CA LYS T 32 -7.25 42.73 -60.05
C LYS T 32 -8.00 42.67 -61.37
N PRO U 1 -45.03 35.54 39.52
CA PRO U 1 -43.99 35.70 38.50
C PRO U 1 -44.54 36.20 37.17
N ASP U 2 -43.67 36.31 36.17
CA ASP U 2 -44.05 36.76 34.83
C ASP U 2 -43.84 35.59 33.88
N SER U 3 -44.86 34.75 33.76
CA SER U 3 -44.79 33.59 32.88
C SER U 3 -46.21 33.18 32.51
N PHE U 4 -46.30 32.29 31.52
CA PHE U 4 -47.60 31.86 31.01
C PHE U 4 -48.42 31.11 32.05
N TRP U 5 -47.77 30.49 33.03
CA TRP U 5 -48.45 29.62 33.99
C TRP U 5 -48.73 30.30 35.32
N TYR U 6 -48.44 31.60 35.44
CA TYR U 6 -48.65 32.31 36.69
C TYR U 6 -49.32 33.65 36.40
N GLY U 7 -50.00 34.18 37.42
CA GLY U 7 -50.68 35.45 37.30
C GLY U 7 -52.13 35.29 36.90
N PRO U 8 -52.83 36.41 36.71
CA PRO U 8 -54.25 36.33 36.35
C PRO U 8 -54.52 35.88 34.93
N GLU U 9 -53.50 35.76 34.09
CA GLU U 9 -53.65 35.33 32.71
C GLU U 9 -53.32 33.86 32.50
N ARG U 10 -53.18 33.10 33.57
CA ARG U 10 -52.84 31.69 33.46
C ARG U 10 -53.98 30.92 32.82
N PRO U 11 -53.68 29.80 32.15
CA PRO U 11 -54.74 28.96 31.61
C PRO U 11 -55.59 28.36 32.72
N LEU U 12 -56.87 28.16 32.42
CA LEU U 12 -57.84 27.72 33.41
C LEU U 12 -58.55 26.46 32.92
N PHE U 13 -59.14 25.74 33.87
CA PHE U 13 -59.57 24.36 33.65
C PHE U 13 -60.84 24.22 32.83
N LEU U 14 -61.50 25.31 32.48
CA LEU U 14 -62.70 25.26 31.65
C LEU U 14 -62.58 26.12 30.40
N GLY U 15 -61.36 26.45 29.99
CA GLY U 15 -61.18 27.24 28.79
C GLY U 15 -61.82 28.61 28.92
N ALA U 16 -62.56 29.01 27.88
CA ALA U 16 -63.23 30.30 27.90
C ALA U 16 -64.47 30.28 28.81
N PHE U 17 -64.97 29.10 29.16
CA PHE U 17 -66.18 28.99 29.97
C PHE U 17 -65.91 29.01 31.46
N THR U 18 -64.65 29.18 31.88
CA THR U 18 -64.33 29.12 33.29
C THR U 18 -64.82 30.36 34.05
N GLY U 19 -64.92 31.49 33.38
CA GLY U 19 -65.28 32.72 34.06
C GLY U 19 -64.18 33.23 34.96
N GLU U 20 -64.55 33.73 36.14
CA GLU U 20 -63.58 34.25 37.09
C GLU U 20 -63.26 33.19 38.13
N PRO U 21 -61.99 32.87 38.36
CA PRO U 21 -61.64 31.85 39.36
C PRO U 21 -61.90 32.37 40.76
N PRO U 22 -61.91 31.49 41.77
CA PRO U 22 -62.13 31.94 43.15
C PRO U 22 -61.06 32.93 43.59
N SER U 23 -61.45 33.82 44.51
CA SER U 23 -60.56 34.91 44.91
C SER U 23 -59.28 34.38 45.56
N TYR U 24 -59.41 33.37 46.43
CA TYR U 24 -58.23 32.85 47.12
C TYR U 24 -57.27 32.14 46.19
N LEU U 25 -57.73 31.68 45.01
CA LEU U 25 -56.86 31.08 44.02
C LEU U 25 -56.30 32.18 43.11
N THR U 26 -55.43 32.99 43.69
CA THR U 26 -54.87 34.14 42.98
C THR U 26 -53.90 33.75 41.89
N GLY U 27 -53.42 32.51 41.88
CA GLY U 27 -52.53 32.06 40.82
C GLY U 27 -51.06 32.31 41.11
N GLU U 28 -50.61 31.92 42.30
CA GLU U 28 -49.21 32.06 42.68
C GLU U 28 -48.55 30.72 42.99
N PHE U 29 -49.20 29.62 42.66
CA PHE U 29 -48.71 28.28 42.95
C PHE U 29 -48.73 27.45 41.68
N PRO U 30 -47.87 26.44 41.57
CA PRO U 30 -47.80 25.65 40.35
C PRO U 30 -49.10 24.89 40.09
N GLY U 31 -49.44 24.78 38.81
CA GLY U 31 -50.63 24.04 38.40
C GLY U 31 -51.91 24.61 38.96
N ASP U 32 -52.06 25.93 38.90
CA ASP U 32 -53.23 26.63 39.43
C ASP U 32 -54.15 26.93 38.25
N TYR U 33 -55.13 26.04 38.05
CA TYR U 33 -56.14 26.23 37.01
C TYR U 33 -57.44 26.79 37.57
N GLY U 34 -57.50 27.14 38.85
CA GLY U 34 -58.69 27.70 39.44
C GLY U 34 -59.87 26.75 39.48
N TRP U 35 -59.62 25.51 39.88
CA TRP U 35 -60.67 24.50 39.98
C TRP U 35 -60.84 24.12 41.45
N ASP U 36 -61.69 24.88 42.15
CA ASP U 36 -62.05 24.56 43.53
C ASP U 36 -63.55 24.76 43.70
N THR U 37 -64.33 24.14 42.80
CA THR U 37 -65.78 24.31 42.84
C THR U 37 -66.36 23.92 44.19
N ALA U 38 -65.82 22.87 44.81
CA ALA U 38 -66.32 22.43 46.11
C ALA U 38 -65.99 23.40 47.23
N GLY U 39 -65.06 24.34 47.01
CA GLY U 39 -64.71 25.30 48.04
C GLY U 39 -64.07 24.68 49.27
N LEU U 40 -63.15 23.75 49.06
CA LEU U 40 -62.48 23.08 50.16
C LEU U 40 -61.19 23.77 50.59
N SER U 41 -60.78 24.82 49.88
CA SER U 41 -59.54 25.53 50.19
C SER U 41 -59.79 26.99 50.52
N ALA U 42 -60.92 27.28 51.17
CA ALA U 42 -61.20 28.65 51.60
C ALA U 42 -60.21 29.11 52.64
N ASP U 43 -59.86 28.25 53.58
CA ASP U 43 -58.92 28.59 54.63
C ASP U 43 -57.49 28.39 54.14
N PRO U 44 -56.63 29.40 54.21
CA PRO U 44 -55.27 29.25 53.66
C PRO U 44 -54.47 28.13 54.28
N GLU U 45 -54.64 27.85 55.58
CA GLU U 45 -53.93 26.73 56.19
C GLU U 45 -54.35 25.41 55.55
N THR U 46 -55.65 25.22 55.37
CA THR U 46 -56.14 24.02 54.70
C THR U 46 -55.63 23.96 53.27
N PHE U 47 -55.54 25.11 52.60
CA PHE U 47 -55.00 25.16 51.26
C PHE U 47 -53.55 24.68 51.23
N LYS U 48 -52.74 25.11 52.20
CA LYS U 48 -51.35 24.68 52.26
C LYS U 48 -51.24 23.18 52.53
N ARG U 49 -52.05 22.67 53.46
CA ARG U 49 -52.00 21.23 53.74
C ARG U 49 -52.43 20.43 52.52
N TYR U 50 -53.46 20.89 51.80
CA TYR U 50 -53.90 20.20 50.60
C TYR U 50 -52.83 20.25 49.52
N ARG U 51 -52.10 21.36 49.40
CA ARG U 51 -51.01 21.41 48.43
C ARG U 51 -49.93 20.39 48.77
N GLU U 52 -49.58 20.28 50.05
CA GLU U 52 -48.58 19.29 50.45
C GLU U 52 -49.08 17.88 50.15
N LEU U 53 -50.34 17.60 50.46
CA LEU U 53 -50.90 16.28 50.18
C LEU U 53 -50.88 15.98 48.70
N GLU U 54 -51.25 16.97 47.87
CA GLU U 54 -51.27 16.77 46.43
C GLU U 54 -49.88 16.45 45.90
N LEU U 55 -48.87 17.20 46.36
CA LEU U 55 -47.53 16.96 45.86
C LEU U 55 -47.00 15.59 46.27
N ILE U 56 -47.21 15.20 47.52
CA ILE U 56 -46.73 13.89 47.97
C ILE U 56 -47.46 12.78 47.21
N HIS U 57 -48.77 12.91 47.06
CA HIS U 57 -49.53 11.94 46.30
C HIS U 57 -49.02 11.86 44.87
N ALA U 58 -48.69 13.00 44.26
CA ALA U 58 -48.22 13.02 42.89
C ALA U 58 -46.91 12.26 42.74
N ARG U 59 -45.96 12.51 43.64
CA ARG U 59 -44.68 11.81 43.55
C ARG U 59 -44.87 10.31 43.75
N TRP U 60 -45.64 9.94 44.77
CA TRP U 60 -45.87 8.52 45.04
C TRP U 60 -46.55 7.84 43.86
N ALA U 61 -47.49 8.53 43.21
CA ALA U 61 -48.24 7.89 42.13
C ALA U 61 -47.42 7.83 40.85
N MET U 62 -46.52 8.80 40.63
CA MET U 62 -45.59 8.68 39.52
C MET U 62 -44.72 7.43 39.69
N LEU U 63 -44.16 7.26 40.89
CA LEU U 63 -43.37 6.06 41.16
C LEU U 63 -44.22 4.80 40.98
N GLY U 64 -45.46 4.84 41.48
CA GLY U 64 -46.31 3.66 41.39
C GLY U 64 -46.68 3.29 39.97
N ALA U 65 -47.00 4.29 39.13
CA ALA U 65 -47.33 4.01 37.74
C ALA U 65 -46.13 3.42 37.01
N LEU U 66 -44.94 3.99 37.22
CA LEU U 66 -43.76 3.44 36.57
C LEU U 66 -43.50 2.00 37.02
N GLY U 67 -43.66 1.74 38.32
CA GLY U 67 -43.41 0.41 38.86
C GLY U 67 -44.50 -0.59 38.55
N CYS U 68 -45.69 -0.13 38.18
CA CYS U 68 -46.72 -1.02 37.70
C CYS U 68 -46.52 -1.36 36.22
N ILE U 69 -45.99 -0.42 35.44
CA ILE U 69 -45.86 -0.65 34.01
C ILE U 69 -44.62 -1.48 33.71
N PHE U 70 -43.48 -1.14 34.31
CA PHE U 70 -42.21 -1.74 33.87
C PHE U 70 -42.16 -3.26 34.01
N PRO U 71 -42.45 -3.86 35.17
CA PRO U 71 -42.31 -5.33 35.27
C PRO U 71 -43.21 -6.09 34.32
N GLU U 72 -44.43 -5.61 34.08
CA GLU U 72 -45.31 -6.32 33.15
C GLU U 72 -44.77 -6.27 31.74
N LEU U 73 -44.22 -5.13 31.33
CA LEU U 73 -43.61 -5.03 30.01
C LEU U 73 -42.44 -6.00 29.89
N LEU U 74 -41.56 -6.03 30.89
CA LEU U 74 -40.43 -6.94 30.83
C LEU U 74 -40.88 -8.40 30.78
N GLY U 75 -41.90 -8.74 31.58
CA GLY U 75 -42.40 -10.10 31.57
C GLY U 75 -43.03 -10.48 30.24
N SER U 76 -43.72 -9.53 29.61
CA SER U 76 -44.29 -9.78 28.29
C SER U 76 -43.19 -10.02 27.27
N TYR U 77 -42.09 -9.27 27.36
CA TYR U 77 -41.00 -9.47 26.42
C TYR U 77 -40.28 -10.80 26.63
N GLY U 78 -40.37 -11.40 27.81
CA GLY U 78 -39.80 -12.72 28.01
C GLY U 78 -39.14 -12.97 29.34
N VAL U 79 -38.94 -11.92 30.15
CA VAL U 79 -38.29 -12.09 31.45
C VAL U 79 -39.17 -12.95 32.35
N PRO U 80 -38.64 -13.99 32.97
CA PRO U 80 -39.48 -14.92 33.75
C PRO U 80 -39.73 -14.46 35.19
N PHE U 81 -40.62 -13.47 35.32
CA PHE U 81 -41.04 -13.04 36.64
C PHE U 81 -41.93 -14.09 37.28
N GLY U 82 -41.96 -14.08 38.62
CA GLY U 82 -42.90 -14.94 39.32
C GLY U 82 -44.35 -14.56 39.03
N GLU U 83 -44.64 -13.27 39.11
CA GLU U 83 -45.97 -12.75 38.75
C GLU U 83 -45.77 -11.35 38.18
N ALA U 84 -45.92 -11.22 36.86
CA ALA U 84 -45.61 -9.96 36.21
C ALA U 84 -46.69 -8.91 36.46
N VAL U 85 -47.95 -9.35 36.65
CA VAL U 85 -49.05 -8.41 36.79
C VAL U 85 -48.90 -7.62 38.08
N TRP U 86 -49.24 -6.32 38.03
CA TRP U 86 -48.94 -5.43 39.15
C TRP U 86 -49.75 -5.79 40.38
N PHE U 87 -51.01 -6.17 40.23
CA PHE U 87 -51.86 -6.48 41.37
C PHE U 87 -51.76 -7.92 41.81
N LYS U 88 -50.87 -8.70 41.22
CA LYS U 88 -50.58 -10.06 41.65
C LYS U 88 -49.16 -10.25 42.15
N ALA U 89 -48.30 -9.24 42.01
CA ALA U 89 -46.90 -9.39 42.40
C ALA U 89 -46.72 -9.59 43.89
N GLY U 90 -47.69 -9.17 44.71
CA GLY U 90 -47.55 -9.34 46.14
C GLY U 90 -47.63 -10.78 46.61
N ALA U 91 -48.30 -11.64 45.85
CA ALA U 91 -48.48 -13.04 46.24
C ALA U 91 -47.28 -13.91 45.89
N GLN U 92 -46.23 -13.34 45.30
CA GLN U 92 -45.05 -14.14 44.99
C GLN U 92 -44.37 -14.66 46.25
N ILE U 93 -44.51 -13.96 47.37
CA ILE U 93 -43.82 -14.36 48.59
C ILE U 93 -44.39 -15.65 49.14
N PHE U 94 -45.63 -16.00 48.79
CA PHE U 94 -46.22 -17.26 49.22
C PHE U 94 -45.80 -18.44 48.35
N GLN U 95 -45.11 -18.20 47.25
CA GLN U 95 -44.66 -19.30 46.41
C GLN U 95 -43.54 -20.07 47.10
N GLU U 96 -43.31 -21.30 46.63
CA GLU U 96 -42.34 -22.18 47.28
C GLU U 96 -40.92 -21.62 47.18
N GLY U 97 -40.59 -20.99 46.05
CA GLY U 97 -39.27 -20.43 45.87
C GLY U 97 -39.07 -19.05 46.46
N GLY U 98 -40.14 -18.43 46.95
CA GLY U 98 -40.06 -17.09 47.47
C GLY U 98 -39.99 -16.05 46.37
N LEU U 99 -39.92 -14.80 46.79
CA LEU U 99 -39.84 -13.69 45.85
C LEU U 99 -38.44 -13.62 45.26
N ASP U 100 -38.36 -13.56 43.93
CA ASP U 100 -37.10 -13.52 43.21
C ASP U 100 -37.09 -12.28 42.31
N TYR U 101 -36.20 -11.33 42.63
CA TYR U 101 -36.08 -10.13 41.81
C TYR U 101 -35.62 -10.51 40.40
N LEU U 102 -36.31 -9.96 39.40
CA LEU U 102 -36.04 -10.22 37.99
C LEU U 102 -36.14 -11.69 37.63
N GLY U 103 -36.75 -12.51 38.48
CA GLY U 103 -36.87 -13.93 38.23
C GLY U 103 -35.61 -14.73 38.51
N ASN U 104 -34.58 -14.10 39.08
CA ASN U 104 -33.32 -14.79 39.35
C ASN U 104 -33.34 -15.37 40.76
N PRO U 105 -32.91 -16.62 40.94
CA PRO U 105 -32.90 -17.20 42.29
C PRO U 105 -31.80 -16.65 43.20
N ASN U 106 -30.86 -15.87 42.66
CA ASN U 106 -29.80 -15.27 43.46
C ASN U 106 -30.00 -13.79 43.71
N LEU U 107 -31.10 -13.21 43.23
CA LEU U 107 -31.43 -11.80 43.46
C LEU U 107 -32.48 -11.73 44.56
N VAL U 108 -32.09 -11.19 45.71
CA VAL U 108 -32.95 -11.01 46.88
C VAL U 108 -33.33 -12.36 47.46
N HIS U 109 -34.11 -13.14 46.71
CA HIS U 109 -34.59 -14.44 47.18
C HIS U 109 -35.25 -14.33 48.56
N ALA U 110 -36.24 -13.47 48.69
CA ALA U 110 -36.92 -13.31 49.97
C ALA U 110 -37.82 -14.49 50.26
N GLN U 111 -37.97 -14.80 51.56
CA GLN U 111 -38.78 -15.94 51.95
C GLN U 111 -39.88 -15.61 52.94
N SER U 112 -39.63 -14.68 53.87
CA SER U 112 -40.57 -14.38 54.95
C SER U 112 -41.16 -12.99 54.76
N ILE U 113 -42.50 -12.91 54.80
CA ILE U 113 -43.17 -11.62 54.66
C ILE U 113 -43.01 -10.77 55.91
N LEU U 114 -42.89 -11.41 57.08
CA LEU U 114 -42.80 -10.65 58.33
C LEU U 114 -41.55 -9.81 58.38
N ALA U 115 -40.41 -10.36 57.94
CA ALA U 115 -39.17 -9.58 57.93
C ALA U 115 -39.27 -8.40 56.99
N ILE U 116 -39.86 -8.61 55.82
CA ILE U 116 -40.04 -7.52 54.86
C ILE U 116 -40.89 -6.42 55.47
N LEU U 117 -42.00 -6.81 56.09
CA LEU U 117 -42.89 -5.81 56.69
C LEU U 117 -42.20 -5.05 57.81
N GLY U 118 -41.46 -5.76 58.67
CA GLY U 118 -40.80 -5.08 59.77
C GLY U 118 -39.73 -4.10 59.31
N THR U 119 -38.88 -4.53 58.36
CA THR U 119 -37.83 -3.64 57.89
C THR U 119 -38.43 -2.46 57.12
N GLN U 120 -39.49 -2.69 56.35
CA GLN U 120 -40.15 -1.58 55.67
C GLN U 120 -40.74 -0.60 56.66
N VAL U 121 -41.38 -1.10 57.72
CA VAL U 121 -41.96 -0.21 58.72
C VAL U 121 -40.88 0.65 59.34
N LEU U 122 -39.78 0.02 59.77
CA LEU U 122 -38.71 0.79 60.40
C LEU U 122 -38.13 1.84 59.45
N LEU U 123 -37.74 1.41 58.25
CA LEU U 123 -37.10 2.32 57.32
C LEU U 123 -38.01 3.47 56.92
N MET U 124 -39.27 3.16 56.59
CA MET U 124 -40.19 4.19 56.16
C MET U 124 -40.59 5.12 57.32
N GLY U 125 -40.68 4.59 58.54
CA GLY U 125 -40.91 5.47 59.67
C GLY U 125 -39.80 6.47 59.85
N ALA U 126 -38.55 5.99 59.77
CA ALA U 126 -37.42 6.92 59.84
C ALA U 126 -37.45 7.92 58.69
N ILE U 127 -37.79 7.44 57.49
CA ILE U 127 -37.80 8.31 56.32
C ILE U 127 -38.81 9.43 56.49
N GLU U 128 -40.03 9.09 56.88
CA GLU U 128 -41.07 10.10 56.98
C GLU U 128 -40.88 11.00 58.19
N GLY U 129 -40.30 10.48 59.27
CA GLY U 129 -39.92 11.34 60.38
C GLY U 129 -38.88 12.37 59.97
N TYR U 130 -37.91 11.95 59.15
CA TYR U 130 -36.94 12.90 58.62
C TYR U 130 -37.60 13.90 57.67
N ARG U 131 -38.58 13.45 56.90
CA ARG U 131 -39.25 14.35 55.97
C ARG U 131 -40.02 15.43 56.73
N VAL U 132 -40.75 15.05 57.77
CA VAL U 132 -41.54 16.02 58.52
C VAL U 132 -40.63 16.96 59.30
N ASN U 133 -39.67 16.40 60.03
CA ASN U 133 -38.73 17.17 60.84
C ASN U 133 -37.33 16.92 60.32
N GLY U 134 -36.59 18.01 60.07
CA GLY U 134 -35.26 17.93 59.48
C GLY U 134 -34.35 16.88 60.08
N GLY U 135 -33.61 16.19 59.22
CA GLY U 135 -32.72 15.14 59.66
C GLY U 135 -31.30 15.32 59.17
N PRO U 136 -30.58 14.21 58.98
CA PRO U 136 -29.18 14.32 58.55
C PRO U 136 -28.99 15.00 57.20
N LEU U 137 -29.94 14.84 56.28
CA LEU U 137 -29.82 15.42 54.94
C LEU U 137 -30.51 16.77 54.87
N GLY U 138 -30.07 17.69 55.72
CA GLY U 138 -30.64 19.02 55.76
C GLY U 138 -31.65 19.20 56.89
N GLU U 139 -31.59 20.35 57.56
CA GLU U 139 -32.47 20.62 58.69
C GLU U 139 -33.44 21.76 58.40
N GLY U 140 -32.94 22.94 58.06
CA GLY U 140 -33.79 24.09 57.81
C GLY U 140 -34.13 24.30 56.35
N LEU U 141 -34.83 23.35 55.75
CA LEU U 141 -35.19 23.42 54.34
C LEU U 141 -36.70 23.45 54.18
N ASP U 142 -37.14 23.76 52.97
CA ASP U 142 -38.57 23.80 52.67
C ASP U 142 -39.18 22.41 52.79
N LYS U 143 -40.43 22.36 53.24
CA LYS U 143 -41.09 21.08 53.47
C LYS U 143 -41.31 20.33 52.16
N LEU U 144 -41.71 21.03 51.10
CA LEU U 144 -42.04 20.37 49.84
C LEU U 144 -40.88 20.34 48.86
N TYR U 145 -40.02 21.35 48.88
CA TYR U 145 -38.89 21.46 47.95
C TYR U 145 -37.62 21.67 48.75
N PRO U 146 -37.13 20.63 49.43
CA PRO U 146 -35.92 20.79 50.25
C PRO U 146 -34.70 21.21 49.46
N GLY U 147 -34.55 20.73 48.23
CA GLY U 147 -33.35 21.04 47.47
C GLY U 147 -32.12 20.49 48.16
N GLY U 148 -31.00 21.17 47.98
CA GLY U 148 -29.78 20.79 48.66
C GLY U 148 -29.33 19.39 48.25
N SER U 149 -29.26 18.49 49.23
CA SER U 149 -28.81 17.13 48.96
C SER U 149 -29.77 16.36 48.07
N PHE U 150 -31.01 16.83 47.93
CA PHE U 150 -32.00 16.16 47.09
C PHE U 150 -32.06 16.75 45.68
N ASP U 151 -31.21 17.71 45.36
CA ASP U 151 -31.07 18.24 44.00
C ASP U 151 -29.58 18.29 43.67
N PRO U 152 -28.94 17.12 43.54
CA PRO U 152 -27.50 17.11 43.29
C PRO U 152 -27.09 17.74 41.97
N LEU U 153 -27.92 17.61 40.94
CA LEU U 153 -27.55 18.05 39.60
C LEU U 153 -27.72 19.55 39.39
N GLY U 154 -28.29 20.26 40.36
CA GLY U 154 -28.44 21.70 40.23
C GLY U 154 -29.36 22.12 39.11
N LEU U 155 -30.53 21.48 39.02
CA LEU U 155 -31.51 21.82 38.00
C LEU U 155 -32.49 22.90 38.44
N ALA U 156 -32.35 23.42 39.65
CA ALA U 156 -33.32 24.37 40.19
C ALA U 156 -32.64 25.63 40.72
N ASP U 157 -31.50 26.01 40.17
CA ASP U 157 -30.85 27.25 40.59
C ASP U 157 -31.58 28.47 40.05
N ASP U 158 -31.98 28.43 38.78
CA ASP U 158 -32.64 29.57 38.17
C ASP U 158 -34.09 29.61 38.62
N PRO U 159 -34.55 30.70 39.27
CA PRO U 159 -35.94 30.73 39.75
C PRO U 159 -36.97 30.57 38.64
N ASP U 160 -36.72 31.11 37.45
CA ASP U 160 -37.66 30.93 36.35
C ASP U 160 -37.73 29.47 35.93
N THR U 161 -36.56 28.83 35.74
CA THR U 161 -36.54 27.40 35.46
C THR U 161 -37.10 26.61 36.63
N PHE U 162 -36.91 27.08 37.86
CA PHE U 162 -37.49 26.40 39.01
C PHE U 162 -39.00 26.39 38.95
N ALA U 163 -39.61 27.53 38.63
CA ALA U 163 -41.06 27.59 38.51
C ALA U 163 -41.57 26.74 37.35
N GLU U 164 -40.86 26.78 36.22
CA GLU U 164 -41.27 25.97 35.08
C GLU U 164 -41.24 24.49 35.42
N LEU U 165 -40.17 24.05 36.09
CA LEU U 165 -40.05 22.65 36.47
C LEU U 165 -41.07 22.26 37.52
N LYS U 166 -41.42 23.20 38.42
CA LYS U 166 -42.48 22.92 39.38
C LYS U 166 -43.81 22.66 38.67
N VAL U 167 -44.13 23.50 37.69
CA VAL U 167 -45.36 23.30 36.92
C VAL U 167 -45.33 21.96 36.20
N LYS U 168 -44.20 21.63 35.58
CA LYS U 168 -44.09 20.35 34.88
C LYS U 168 -44.26 19.18 35.83
N GLU U 169 -43.64 19.27 37.00
CA GLU U 169 -43.75 18.20 38.00
C GLU U 169 -45.19 18.00 38.43
N ILE U 170 -45.89 19.10 38.73
CA ILE U 170 -47.26 18.96 39.22
C ILE U 170 -48.17 18.42 38.12
N LYS U 171 -47.95 18.82 36.86
CA LYS U 171 -48.79 18.33 35.78
C LYS U 171 -48.56 16.83 35.53
N ASN U 172 -47.29 16.42 35.48
CA ASN U 172 -47.00 14.99 35.31
C ASN U 172 -47.53 14.18 36.48
N GLY U 173 -47.45 14.73 37.69
CA GLY U 173 -47.97 14.01 38.85
C GLY U 173 -49.48 13.86 38.82
N ARG U 174 -50.19 14.91 38.41
CA ARG U 174 -51.65 14.79 38.29
C ARG U 174 -52.02 13.75 37.24
N LEU U 175 -51.31 13.76 36.10
CA LEU U 175 -51.55 12.74 35.08
C LEU U 175 -51.30 11.34 35.63
N ALA U 176 -50.22 11.18 36.40
CA ALA U 176 -49.90 9.87 36.97
C ALA U 176 -50.96 9.42 37.96
N MET U 177 -51.48 10.35 38.78
CA MET U 177 -52.51 9.96 39.74
C MET U 177 -53.80 9.56 39.03
N PHE U 178 -54.16 10.29 37.96
CA PHE U 178 -55.31 9.89 37.16
C PHE U 178 -55.11 8.50 36.57
N SER U 179 -53.92 8.25 36.03
CA SER U 179 -53.64 6.94 35.44
C SER U 179 -53.62 5.83 36.49
N MET U 180 -53.23 6.14 37.74
CA MET U 180 -53.24 5.12 38.78
C MET U 180 -54.65 4.81 39.24
N PHE U 181 -55.51 5.82 39.30
CA PHE U 181 -56.93 5.56 39.52
C PHE U 181 -57.49 4.67 38.42
N GLY U 182 -57.08 4.94 37.18
CA GLY U 182 -57.48 4.07 36.09
C GLY U 182 -56.97 2.65 36.26
N PHE U 183 -55.73 2.50 36.72
CA PHE U 183 -55.16 1.19 37.01
C PHE U 183 -56.04 0.43 38.00
N PHE U 184 -56.39 1.08 39.11
CA PHE U 184 -57.21 0.44 40.13
C PHE U 184 -58.55 0.01 39.56
N VAL U 185 -59.23 0.91 38.86
CA VAL U 185 -60.57 0.59 38.35
C VAL U 185 -60.50 -0.52 37.32
N GLN U 186 -59.52 -0.47 36.41
CA GLN U 186 -59.40 -1.50 35.39
C GLN U 186 -59.07 -2.86 36.01
N ALA U 187 -58.22 -2.87 37.04
CA ALA U 187 -57.92 -4.12 37.73
C ALA U 187 -59.17 -4.69 38.39
N ILE U 188 -59.97 -3.84 39.02
CA ILE U 188 -61.20 -4.32 39.66
C ILE U 188 -62.17 -4.87 38.62
N VAL U 189 -62.33 -4.18 37.50
CA VAL U 189 -63.36 -4.53 36.53
C VAL U 189 -62.90 -5.63 35.60
N THR U 190 -61.85 -5.37 34.82
CA THR U 190 -61.44 -6.31 33.77
C THR U 190 -60.79 -7.55 34.37
N GLY U 191 -59.89 -7.36 35.33
CA GLY U 191 -59.18 -8.47 35.92
C GLY U 191 -57.89 -8.86 35.24
N LYS U 192 -57.41 -8.06 34.29
CA LYS U 192 -56.15 -8.30 33.61
C LYS U 192 -55.23 -7.11 33.79
N GLY U 193 -53.96 -7.31 33.44
CA GLY U 193 -52.96 -6.27 33.54
C GLY U 193 -53.24 -5.11 32.61
N PRO U 194 -52.77 -3.92 32.98
CA PRO U 194 -53.00 -2.75 32.12
C PRO U 194 -52.47 -2.91 30.71
N LEU U 195 -51.30 -3.54 30.55
CA LEU U 195 -50.78 -3.78 29.21
C LEU U 195 -51.65 -4.79 28.46
N GLN U 196 -52.18 -5.79 29.16
CA GLN U 196 -53.11 -6.71 28.53
C GLN U 196 -54.37 -5.98 28.06
N ASN U 197 -54.87 -5.06 28.87
CA ASN U 197 -56.03 -4.27 28.46
C ASN U 197 -55.72 -3.41 27.24
N LEU U 198 -54.54 -2.79 27.22
CA LEU U 198 -54.15 -1.99 26.06
C LEU U 198 -54.05 -2.85 24.80
N SER U 199 -53.45 -4.03 24.93
CA SER U 199 -53.33 -4.92 23.77
C SER U 199 -54.70 -5.36 23.28
N ASP U 200 -55.60 -5.69 24.20
CA ASP U 200 -56.94 -6.09 23.81
C ASP U 200 -57.68 -4.96 23.11
N HIS U 201 -57.54 -3.73 23.62
CA HIS U 201 -58.18 -2.59 22.97
C HIS U 201 -57.61 -2.37 21.57
N LEU U 202 -56.29 -2.49 21.42
CA LEU U 202 -55.68 -2.30 20.11
C LEU U 202 -56.06 -3.39 19.14
N ALA U 203 -56.29 -4.61 19.63
CA ALA U 203 -56.67 -5.71 18.75
C ALA U 203 -58.00 -5.46 18.06
N ASN U 204 -58.98 -4.94 18.79
CA ASN U 204 -60.32 -4.67 18.25
C ASN U 204 -60.93 -3.50 19.00
N PRO U 205 -60.58 -2.27 18.61
CA PRO U 205 -61.09 -1.10 19.34
C PRO U 205 -62.60 -0.97 19.32
N GLY U 206 -63.26 -1.50 18.30
CA GLY U 206 -64.70 -1.36 18.21
C GLY U 206 -65.45 -2.05 19.35
N THR U 207 -65.00 -3.25 19.72
CA THR U 207 -65.70 -4.05 20.71
C THR U 207 -64.93 -4.21 22.02
N ASN U 208 -63.60 -4.18 21.98
CA ASN U 208 -62.78 -4.37 23.18
C ASN U 208 -62.56 -3.01 23.86
N ASN U 209 -63.63 -2.52 24.48
CA ASN U 209 -63.59 -1.28 25.25
C ASN U 209 -64.34 -1.50 26.55
N ALA U 210 -64.50 -0.41 27.31
CA ALA U 210 -65.05 -0.52 28.66
C ALA U 210 -66.49 -1.00 28.64
N PHE U 211 -67.28 -0.56 27.66
CA PHE U 211 -68.69 -0.90 27.63
C PHE U 211 -68.93 -2.40 27.54
N ALA U 212 -67.95 -3.17 27.08
CA ALA U 212 -68.09 -4.61 27.04
C ALA U 212 -68.34 -5.21 28.42
N TYR U 213 -67.84 -4.56 29.47
CA TYR U 213 -68.07 -5.01 30.83
C TYR U 213 -69.20 -4.26 31.51
N ALA U 214 -69.91 -3.39 30.78
CA ALA U 214 -70.93 -2.56 31.39
C ALA U 214 -71.97 -3.40 32.13
N THR U 215 -72.38 -4.51 31.54
CA THR U 215 -73.33 -5.41 32.19
C THR U 215 -72.60 -6.48 33.00
N LYS U 216 -71.67 -6.05 33.85
CA LYS U 216 -70.95 -6.99 34.70
C LYS U 216 -71.38 -6.94 36.16
N PHE U 217 -71.77 -5.77 36.66
CA PHE U 217 -72.15 -5.61 38.06
C PHE U 217 -73.64 -5.38 38.24
N THR U 218 -74.45 -5.69 37.24
CA THR U 218 -75.88 -5.51 37.36
C THR U 218 -76.43 -6.46 38.43
N PRO U 219 -77.31 -6.00 39.31
CA PRO U 219 -77.84 -6.88 40.36
C PRO U 219 -78.82 -7.90 39.78
N GLN U 220 -78.86 -9.06 40.42
CA GLN U 220 -79.85 -10.07 40.08
C GLN U 220 -80.39 -10.73 41.35
N MET V 1 -84.87 9.57 -32.10
CA MET V 1 -84.57 10.94 -32.48
C MET V 1 -83.07 11.20 -32.49
N THR V 2 -82.33 10.37 -33.24
CA THR V 2 -80.89 10.56 -33.35
C THR V 2 -80.54 11.80 -34.15
N SER V 3 -81.37 12.17 -35.14
CA SER V 3 -81.07 13.33 -35.96
C SER V 3 -81.07 14.61 -35.13
N ILE V 4 -82.07 14.76 -34.25
CA ILE V 4 -82.14 15.95 -33.40
C ILE V 4 -80.94 16.00 -32.46
N LEU V 5 -80.57 14.85 -31.89
CA LEU V 5 -79.42 14.81 -31.00
C LEU V 5 -78.15 15.23 -31.73
N GLN V 6 -77.95 14.71 -32.94
CA GLN V 6 -76.74 15.05 -33.69
C GLN V 6 -76.73 16.53 -34.08
N VAL V 7 -77.89 17.08 -34.45
CA VAL V 7 -77.95 18.50 -34.80
C VAL V 7 -77.61 19.35 -33.60
N ALA V 8 -78.19 19.01 -32.43
CA ALA V 8 -77.90 19.76 -31.21
C ALA V 8 -76.43 19.64 -30.82
N LEU V 9 -75.85 18.46 -30.99
CA LEU V 9 -74.43 18.27 -30.67
C LEU V 9 -73.55 19.11 -31.59
N LEU V 10 -73.88 19.16 -32.87
CA LEU V 10 -73.11 19.99 -33.79
C LEU V 10 -73.25 21.47 -33.43
N ALA V 11 -74.45 21.90 -33.04
CA ALA V 11 -74.63 23.26 -32.58
C ALA V 11 -73.78 23.55 -31.34
N LEU V 12 -73.72 22.58 -30.41
CA LEU V 12 -72.87 22.74 -29.25
C LEU V 12 -71.41 22.87 -29.63
N ILE V 13 -70.96 22.08 -30.60
CA ILE V 13 -69.56 22.17 -31.06
C ILE V 13 -69.27 23.54 -31.62
N PHE V 14 -70.18 24.05 -32.48
CA PHE V 14 -69.97 25.37 -33.06
C PHE V 14 -69.96 26.45 -32.00
N VAL V 15 -70.89 26.40 -31.04
CA VAL V 15 -70.95 27.40 -29.97
C VAL V 15 -69.69 27.35 -29.12
N SER V 16 -69.20 26.14 -28.82
CA SER V 16 -68.00 26.02 -28.01
C SER V 16 -66.79 26.58 -28.74
N PHE V 17 -66.69 26.32 -30.05
CA PHE V 17 -65.59 26.91 -30.83
C PHE V 17 -65.66 28.43 -30.82
N ALA V 18 -66.86 28.98 -31.02
CA ALA V 18 -67.01 30.43 -30.98
C ALA V 18 -66.61 30.99 -29.62
N LEU V 19 -67.03 30.32 -28.55
CA LEU V 19 -66.70 30.79 -27.20
C LEU V 19 -65.20 30.75 -26.94
N VAL V 20 -64.54 29.65 -27.31
CA VAL V 20 -63.12 29.54 -27.04
C VAL V 20 -62.31 30.49 -27.91
N VAL V 21 -62.83 30.86 -29.07
CA VAL V 21 -62.16 31.88 -29.87
C VAL V 21 -62.41 33.29 -29.34
N GLY V 22 -63.60 33.55 -28.81
CA GLY V 22 -63.98 34.90 -28.43
C GLY V 22 -63.62 35.33 -27.03
N VAL V 23 -63.74 34.44 -26.04
CA VAL V 23 -63.52 34.84 -24.65
C VAL V 23 -62.12 35.40 -24.40
N PRO V 24 -61.03 34.74 -24.84
CA PRO V 24 -59.71 35.37 -24.65
C PRO V 24 -59.60 36.73 -25.33
N VAL V 25 -60.23 36.88 -26.51
CA VAL V 25 -60.18 38.16 -27.20
C VAL V 25 -60.91 39.24 -26.39
N VAL V 26 -62.09 38.91 -25.86
CA VAL V 26 -62.84 39.86 -25.06
C VAL V 26 -62.05 40.24 -23.81
N PHE V 27 -61.46 39.26 -23.14
CA PHE V 27 -60.73 39.51 -21.90
C PHE V 27 -59.51 40.39 -22.15
N ALA V 28 -58.67 40.01 -23.12
CA ALA V 28 -57.41 40.71 -23.30
C ALA V 28 -57.55 42.05 -24.03
N THR V 29 -58.68 42.30 -24.67
CA THR V 29 -58.90 43.57 -25.36
C THR V 29 -59.19 44.65 -24.33
N PRO V 30 -58.44 45.75 -24.31
CA PRO V 30 -58.73 46.81 -23.34
C PRO V 30 -60.09 47.43 -23.58
N ASN V 31 -60.81 47.69 -22.48
CA ASN V 31 -62.15 48.27 -22.53
C ASN V 31 -63.07 47.43 -23.41
N GLY V 32 -62.93 46.11 -23.33
CA GLY V 32 -63.75 45.21 -24.10
C GLY V 32 -64.67 44.39 -23.24
N TRP V 33 -64.23 44.06 -22.02
CA TRP V 33 -65.06 43.28 -21.11
C TRP V 33 -66.27 44.07 -20.66
N THR V 34 -66.12 45.38 -20.48
CA THR V 34 -67.22 46.21 -19.99
C THR V 34 -68.38 46.24 -20.97
N ASP V 35 -68.08 46.35 -22.27
CA ASP V 35 -69.10 46.53 -23.30
C ASP V 35 -69.49 45.24 -24.01
N ASN V 36 -69.03 44.08 -23.53
CA ASN V 36 -69.39 42.81 -24.11
C ASN V 36 -69.84 41.80 -23.05
N LYS V 37 -70.33 42.26 -21.90
CA LYS V 37 -70.82 41.35 -20.88
C LYS V 37 -72.02 40.56 -21.38
N GLY V 38 -72.93 41.23 -22.08
CA GLY V 38 -74.15 40.56 -22.53
C GLY V 38 -73.87 39.43 -23.50
N ALA V 39 -72.98 39.68 -24.46
CA ALA V 39 -72.66 38.65 -25.44
C ALA V 39 -72.03 37.43 -24.79
N VAL V 40 -71.09 37.64 -23.88
CA VAL V 40 -70.43 36.53 -23.20
C VAL V 40 -71.42 35.76 -22.33
N PHE V 41 -72.28 36.48 -21.61
CA PHE V 41 -73.28 35.81 -20.78
C PHE V 41 -74.22 34.98 -21.64
N SER V 42 -74.69 35.53 -22.75
CA SER V 42 -75.58 34.79 -23.64
C SER V 42 -74.87 33.55 -24.21
N GLY V 43 -73.61 33.70 -24.59
CA GLY V 43 -72.89 32.56 -25.13
C GLY V 43 -72.72 31.44 -24.11
N LEU V 44 -72.34 31.80 -22.88
CA LEU V 44 -72.17 30.78 -21.85
C LEU V 44 -73.49 30.12 -21.50
N SER V 45 -74.57 30.91 -21.40
CA SER V 45 -75.88 30.34 -21.11
C SER V 45 -76.32 29.40 -22.23
N LEU V 46 -76.08 29.78 -23.48
CA LEU V 46 -76.41 28.91 -24.60
C LEU V 46 -75.60 27.63 -24.58
N TRP V 47 -74.31 27.73 -24.21
CA TRP V 47 -73.48 26.53 -24.11
C TRP V 47 -74.04 25.57 -23.06
N LEU V 48 -74.39 26.10 -21.88
CA LEU V 48 -74.95 25.24 -20.84
C LEU V 48 -76.28 24.65 -21.26
N LEU V 49 -77.14 25.45 -21.89
CA LEU V 49 -78.43 24.95 -22.33
C LEU V 49 -78.26 23.84 -23.35
N LEU V 50 -77.35 24.02 -24.30
CA LEU V 50 -77.13 23.00 -25.32
C LEU V 50 -76.57 21.71 -24.72
N VAL V 51 -75.64 21.81 -23.76
CA VAL V 51 -75.10 20.57 -23.20
C VAL V 51 -76.17 19.83 -22.40
N PHE V 52 -77.00 20.57 -21.66
CA PHE V 52 -78.08 19.91 -20.93
C PHE V 52 -79.11 19.28 -21.87
N VAL V 53 -79.43 19.98 -22.96
CA VAL V 53 -80.39 19.45 -23.92
C VAL V 53 -79.83 18.20 -24.58
N VAL V 54 -78.54 18.20 -24.92
CA VAL V 54 -77.90 17.02 -25.49
C VAL V 54 -77.96 15.86 -24.50
N GLY V 55 -77.73 16.14 -23.21
CA GLY V 55 -77.84 15.09 -22.22
C GLY V 55 -79.23 14.49 -22.15
N ILE V 56 -80.25 15.34 -22.17
CA ILE V 56 -81.63 14.86 -22.11
C ILE V 56 -81.95 14.02 -23.34
N LEU V 57 -81.54 14.50 -24.51
CA LEU V 57 -81.80 13.77 -25.75
C LEU V 57 -81.09 12.42 -25.73
N ASN V 58 -79.87 12.36 -25.20
CA ASN V 58 -79.19 11.09 -25.05
C ASN V 58 -79.96 10.16 -24.13
N SER V 59 -80.52 10.70 -23.04
CA SER V 59 -81.38 9.89 -22.18
C SER V 59 -82.58 9.37 -22.94
N PHE V 60 -83.08 10.12 -23.92
CA PHE V 60 -84.22 9.67 -24.72
C PHE V 60 -83.82 8.81 -25.90
N VAL V 61 -82.53 8.59 -26.13
CA VAL V 61 -82.09 7.76 -27.25
C VAL V 61 -81.42 6.49 -26.73
N SER W 2 57.60 28.82 -36.30
CA SER W 2 58.44 27.76 -35.77
C SER W 2 58.20 26.45 -36.52
N SER W 3 59.09 25.48 -36.30
CA SER W 3 58.92 24.16 -36.91
C SER W 3 57.84 23.38 -36.17
N LEU W 4 57.28 22.39 -36.88
CA LEU W 4 56.28 21.52 -36.25
C LEU W 4 56.87 20.79 -35.05
N TRP W 5 58.17 20.46 -35.12
CA TRP W 5 58.84 19.84 -34.00
C TRP W 5 58.83 20.76 -32.79
N ALA W 6 58.96 22.06 -33.01
CA ALA W 6 58.96 23.02 -31.90
C ALA W 6 57.62 22.99 -31.17
N ARG W 7 56.51 23.09 -31.91
CA ARG W 7 55.21 23.07 -31.27
C ARG W 7 54.92 21.72 -30.62
N PHE W 8 55.34 20.64 -31.26
CA PHE W 8 55.16 19.32 -30.67
C PHE W 8 55.91 19.20 -29.35
N CYS W 9 57.15 19.68 -29.32
CA CYS W 9 57.92 19.64 -28.08
C CYS W 9 57.29 20.51 -27.01
N GLU W 10 56.82 21.70 -27.38
CA GLU W 10 56.17 22.57 -26.40
C GLU W 10 54.93 21.91 -25.82
N TRP W 11 54.12 21.27 -26.67
CA TRP W 11 52.92 20.61 -26.17
C TRP W 11 53.27 19.42 -25.28
N ILE W 12 54.27 18.64 -25.66
CA ILE W 12 54.62 17.45 -24.89
C ILE W 12 55.11 17.84 -23.50
N THR W 13 56.06 18.77 -23.44
CA THR W 13 56.61 19.19 -22.17
C THR W 13 55.76 20.24 -21.48
N SER W 14 54.63 20.63 -22.07
CA SER W 14 53.75 21.62 -21.46
C SER W 14 53.27 21.12 -20.10
N THR W 15 53.29 22.02 -19.13
CA THR W 15 52.84 21.71 -17.78
C THR W 15 51.41 22.16 -17.53
N GLU W 16 50.72 22.66 -18.56
CA GLU W 16 49.33 23.10 -18.42
C GLU W 16 48.32 22.01 -18.72
N ASN W 17 48.76 20.84 -19.18
CA ASN W 17 47.84 19.75 -19.46
C ASN W 17 47.22 19.24 -18.18
N ARG W 18 46.02 18.65 -18.31
CA ARG W 18 45.35 18.09 -17.15
C ARG W 18 46.17 16.96 -16.52
N LEU W 19 46.75 16.10 -17.35
CA LEU W 19 47.68 15.07 -16.90
C LEU W 19 49.02 15.29 -17.59
N TYR W 20 50.06 15.53 -16.81
CA TYR W 20 51.37 15.79 -17.38
C TYR W 20 51.87 14.58 -18.14
N ILE W 21 52.39 14.83 -19.34
CA ILE W 21 52.90 13.77 -20.22
C ILE W 21 54.32 14.17 -20.65
N GLY W 22 55.31 13.77 -19.85
CA GLY W 22 56.67 14.15 -20.12
C GLY W 22 57.28 13.33 -21.24
N TRP W 23 58.59 13.48 -21.40
CA TRP W 23 59.30 12.65 -22.38
C TRP W 23 59.26 11.18 -22.00
N PHE W 24 59.22 10.89 -20.70
CA PHE W 24 58.99 9.52 -20.25
C PHE W 24 57.58 9.07 -20.60
N GLY W 25 56.61 9.97 -20.51
CA GLY W 25 55.23 9.61 -20.81
C GLY W 25 55.01 9.21 -22.26
N VAL W 26 55.92 9.64 -23.15
CA VAL W 26 55.79 9.30 -24.56
C VAL W 26 55.83 7.79 -24.74
N ILE W 27 56.65 7.10 -23.95
CA ILE W 27 56.65 5.63 -23.96
C ILE W 27 55.63 5.07 -22.97
N MET W 28 55.37 5.77 -21.87
CA MET W 28 54.49 5.24 -20.84
C MET W 28 53.07 5.07 -21.36
N ILE W 29 52.57 6.04 -22.12
CA ILE W 29 51.15 6.05 -22.47
C ILE W 29 50.81 4.93 -23.46
N PRO W 30 51.46 4.83 -24.63
CA PRO W 30 51.10 3.73 -25.54
C PRO W 30 51.32 2.35 -24.94
N CYS W 31 52.38 2.18 -24.15
CA CYS W 31 52.64 0.88 -23.55
C CYS W 31 51.53 0.49 -22.58
N LEU W 32 51.18 1.40 -21.67
CA LEU W 32 50.14 1.10 -20.69
C LEU W 32 48.79 0.93 -21.37
N LEU W 33 48.52 1.73 -22.41
CA LEU W 33 47.25 1.59 -23.12
C LEU W 33 47.14 0.25 -23.82
N THR W 34 48.21 -0.21 -24.47
CA THR W 34 48.19 -1.53 -25.09
C THR W 34 48.03 -2.61 -24.04
N ALA W 35 48.75 -2.49 -22.92
CA ALA W 35 48.64 -3.49 -21.86
C ALA W 35 47.20 -3.59 -21.35
N THR W 36 46.59 -2.45 -21.03
CA THR W 36 45.24 -2.49 -20.46
C THR W 36 44.22 -2.94 -21.50
N SER W 37 44.39 -2.55 -22.77
CA SER W 37 43.44 -2.98 -23.79
C SER W 37 43.49 -4.50 -23.97
N VAL W 38 44.69 -5.05 -24.11
CA VAL W 38 44.81 -6.50 -24.29
C VAL W 38 44.34 -7.22 -23.03
N PHE W 39 44.62 -6.67 -21.86
CA PHE W 39 44.18 -7.31 -20.62
C PHE W 39 42.66 -7.36 -20.54
N ILE W 40 42.00 -6.24 -20.85
CA ILE W 40 40.54 -6.20 -20.79
C ILE W 40 39.95 -7.18 -21.79
N ILE W 41 40.46 -7.17 -23.03
CA ILE W 41 39.90 -8.02 -24.07
C ILE W 41 40.10 -9.49 -23.72
N ALA W 42 41.29 -9.85 -23.23
CA ALA W 42 41.58 -11.24 -22.88
C ALA W 42 40.76 -11.68 -21.66
N PHE W 43 40.63 -10.82 -20.66
CA PHE W 43 39.87 -11.19 -19.47
C PHE W 43 38.41 -11.41 -19.81
N ILE W 44 37.84 -10.55 -20.65
CA ILE W 44 36.44 -10.70 -21.01
C ILE W 44 36.22 -11.93 -21.88
N ALA W 45 37.11 -12.16 -22.85
CA ALA W 45 36.92 -13.27 -23.79
C ALA W 45 38.28 -13.73 -24.28
N ALA W 46 38.64 -14.98 -23.96
CA ALA W 46 39.87 -15.59 -24.47
C ALA W 46 39.74 -17.10 -24.33
N PRO W 47 40.20 -17.85 -25.32
CA PRO W 47 40.09 -19.31 -25.26
C PRO W 47 40.95 -19.89 -24.15
N PRO W 48 40.69 -21.12 -23.73
CA PRO W 48 41.50 -21.72 -22.66
C PRO W 48 42.95 -21.83 -23.07
N VAL W 49 43.84 -21.67 -22.08
CA VAL W 49 45.27 -21.67 -22.29
C VAL W 49 45.86 -22.95 -21.73
N ASP W 50 46.76 -23.57 -22.52
CA ASP W 50 47.45 -24.79 -22.10
C ASP W 50 48.66 -24.38 -21.26
N ILE W 51 48.40 -24.10 -19.98
CA ILE W 51 49.43 -23.58 -19.09
C ILE W 51 50.55 -24.59 -18.86
N ASP W 52 50.27 -25.89 -18.99
CA ASP W 52 51.27 -26.90 -18.70
C ASP W 52 51.86 -27.57 -19.93
N GLY W 53 51.33 -27.30 -21.12
CA GLY W 53 51.89 -27.88 -22.32
C GLY W 53 51.65 -29.37 -22.46
N ILE W 54 50.61 -29.90 -21.82
CA ILE W 54 50.30 -31.32 -21.90
C ILE W 54 48.91 -31.51 -22.46
N ARG W 55 48.47 -30.54 -23.28
CA ARG W 55 47.15 -30.58 -23.93
C ARG W 55 46.02 -30.69 -22.90
N GLU W 56 46.18 -29.99 -21.78
CA GLU W 56 45.17 -29.91 -20.72
C GLU W 56 44.89 -28.45 -20.45
N PRO W 57 44.13 -27.78 -21.33
CA PRO W 57 43.97 -26.33 -21.22
C PRO W 57 43.23 -25.92 -19.96
N VAL W 58 43.58 -24.73 -19.47
CA VAL W 58 42.93 -24.12 -18.32
C VAL W 58 42.23 -22.86 -18.79
N SER W 59 40.93 -22.75 -18.50
CA SER W 59 40.13 -21.62 -18.92
C SER W 59 40.09 -20.57 -17.81
N GLY W 60 40.18 -19.30 -18.20
CA GLY W 60 40.16 -18.22 -17.23
C GLY W 60 39.36 -17.01 -17.68
N SER W 61 38.63 -17.13 -18.78
CA SER W 61 37.90 -16.00 -19.32
C SER W 61 36.54 -15.86 -18.65
N LEU W 62 35.91 -14.71 -18.88
CA LEU W 62 34.59 -14.46 -18.32
C LEU W 62 33.49 -15.21 -19.07
N LEU W 63 33.64 -15.36 -20.39
CA LEU W 63 32.62 -16.05 -21.18
C LEU W 63 32.74 -17.57 -21.12
N TYR W 64 33.80 -18.10 -20.51
CA TYR W 64 34.01 -19.54 -20.43
C TYR W 64 33.62 -20.11 -19.08
N GLY W 65 32.92 -19.34 -18.24
CA GLY W 65 32.42 -19.88 -16.99
C GLY W 65 32.83 -19.11 -15.75
N ASN W 66 34.00 -18.49 -15.80
CA ASN W 66 34.53 -17.81 -14.62
C ASN W 66 33.72 -16.58 -14.28
N ASN W 67 33.63 -16.29 -12.98
CA ASN W 67 33.13 -15.02 -12.49
C ASN W 67 34.31 -14.08 -12.27
N ILE W 68 34.07 -12.97 -11.57
CA ILE W 68 35.15 -11.99 -11.35
C ILE W 68 36.26 -12.59 -10.50
N ILE W 69 35.90 -13.33 -9.45
CA ILE W 69 36.92 -13.84 -8.53
C ILE W 69 37.80 -14.88 -9.21
N THR W 70 37.19 -15.82 -9.93
CA THR W 70 37.95 -16.91 -10.53
C THR W 70 38.56 -16.57 -11.88
N GLY W 71 38.12 -15.48 -12.52
CA GLY W 71 38.67 -15.12 -13.81
C GLY W 71 40.11 -14.64 -13.70
N ALA W 72 40.85 -14.84 -14.79
CA ALA W 72 42.26 -14.47 -14.84
C ALA W 72 42.75 -14.57 -16.28
N VAL W 73 43.95 -14.05 -16.51
CA VAL W 73 44.67 -14.23 -17.76
C VAL W 73 45.77 -15.24 -17.48
N ILE W 74 45.63 -16.44 -18.04
CA ILE W 74 46.53 -17.55 -17.72
C ILE W 74 47.92 -17.22 -18.23
N PRO W 75 48.98 -17.47 -17.45
CA PRO W 75 50.33 -17.28 -17.97
C PRO W 75 50.63 -18.22 -19.12
N THR W 76 51.59 -17.82 -19.96
CA THR W 76 51.86 -18.52 -21.21
C THR W 76 52.24 -19.98 -20.97
N SER W 77 52.22 -20.78 -22.03
CA SER W 77 52.40 -22.22 -21.91
C SER W 77 53.80 -22.55 -21.41
N ASN W 78 54.00 -23.83 -21.10
CA ASN W 78 55.30 -24.31 -20.66
C ASN W 78 56.18 -24.74 -21.83
N ALA W 79 55.57 -25.09 -22.97
CA ALA W 79 56.36 -25.45 -24.15
C ALA W 79 57.14 -24.26 -24.68
N ILE W 80 56.65 -23.04 -24.45
CA ILE W 80 57.36 -21.85 -24.89
C ILE W 80 58.66 -21.69 -24.10
N GLY W 81 58.64 -22.01 -22.82
CA GLY W 81 59.81 -21.79 -22.00
C GLY W 81 60.05 -20.30 -21.82
N LEU W 82 61.28 -19.86 -22.09
CA LEU W 82 61.64 -18.45 -22.04
C LEU W 82 61.70 -17.81 -23.42
N HIS W 83 61.19 -18.48 -24.45
CA HIS W 83 61.26 -17.94 -25.79
C HIS W 83 60.40 -16.69 -25.92
N PHE W 84 60.89 -15.73 -26.71
CA PHE W 84 60.08 -14.58 -27.07
C PHE W 84 58.96 -15.03 -28.00
N TYR W 85 57.72 -14.67 -27.65
CA TYR W 85 56.54 -15.16 -28.35
C TYR W 85 55.67 -13.98 -28.76
N PRO W 86 56.05 -13.27 -29.82
CA PRO W 86 55.17 -12.22 -30.35
C PRO W 86 54.00 -12.81 -31.10
N ILE W 87 53.06 -11.94 -31.46
CA ILE W 87 51.90 -12.38 -32.21
C ILE W 87 52.26 -12.80 -33.63
N TRP W 88 53.43 -12.38 -34.13
CA TRP W 88 53.82 -12.65 -35.51
C TRP W 88 54.76 -13.86 -35.65
N GLU W 89 55.06 -14.56 -34.57
CA GLU W 89 55.81 -15.81 -34.67
C GLU W 89 54.96 -17.06 -34.49
N ALA W 90 53.73 -16.91 -33.98
CA ALA W 90 52.85 -18.06 -33.87
C ALA W 90 52.41 -18.53 -35.24
N ALA W 91 52.12 -19.84 -35.33
CA ALA W 91 51.65 -20.40 -36.58
C ALA W 91 50.33 -19.76 -37.02
N SER W 92 49.43 -19.53 -36.07
CA SER W 92 48.16 -18.89 -36.34
C SER W 92 47.68 -18.16 -35.10
N LEU W 93 46.68 -17.30 -35.29
CA LEU W 93 46.13 -16.56 -34.16
C LEU W 93 45.53 -17.49 -33.12
N ASP W 94 44.86 -18.56 -33.57
CA ASP W 94 44.36 -19.57 -32.65
C ASP W 94 45.50 -20.22 -31.89
N GLU W 95 46.59 -20.55 -32.58
CA GLU W 95 47.75 -21.12 -31.92
C GLU W 95 48.35 -20.15 -30.90
N TRP W 96 48.39 -18.86 -31.25
CA TRP W 96 48.89 -17.86 -30.31
C TRP W 96 48.03 -17.80 -29.06
N LEU W 97 46.70 -17.85 -29.22
CA LEU W 97 45.82 -17.84 -28.06
C LEU W 97 45.99 -19.10 -27.22
N TYR W 98 46.17 -20.25 -27.87
CA TYR W 98 46.26 -21.52 -27.15
C TYR W 98 47.52 -21.62 -26.30
N ASN W 99 48.55 -20.83 -26.60
CA ASN W 99 49.81 -20.88 -25.87
C ASN W 99 49.98 -19.71 -24.91
N GLY W 100 48.93 -18.91 -24.70
CA GLY W 100 48.99 -17.83 -23.72
C GLY W 100 49.89 -16.68 -24.07
N GLY W 101 49.93 -16.28 -25.34
CA GLY W 101 50.66 -15.11 -25.75
C GLY W 101 50.26 -13.80 -25.08
N PRO W 102 48.95 -13.59 -24.87
CA PRO W 102 48.53 -12.33 -24.22
C PRO W 102 49.20 -12.07 -22.89
N TYR W 103 49.50 -13.10 -22.10
CA TYR W 103 50.20 -12.89 -20.85
C TYR W 103 51.56 -12.24 -21.10
N GLN W 104 52.30 -12.78 -22.07
CA GLN W 104 53.62 -12.22 -22.37
C GLN W 104 53.51 -10.79 -22.85
N LEU W 105 52.56 -10.52 -23.76
CA LEU W 105 52.39 -9.16 -24.27
C LEU W 105 52.07 -8.20 -23.14
N ILE W 106 51.11 -8.56 -22.29
CA ILE W 106 50.68 -7.68 -21.21
C ILE W 106 51.81 -7.44 -20.23
N VAL W 107 52.53 -8.49 -19.85
CA VAL W 107 53.57 -8.31 -18.85
C VAL W 107 54.71 -7.44 -19.38
N CYS W 108 55.09 -7.64 -20.65
CA CYS W 108 56.15 -6.82 -21.22
C CYS W 108 55.74 -5.35 -21.27
N HIS W 109 54.56 -5.07 -21.84
CA HIS W 109 54.12 -3.69 -21.97
C HIS W 109 53.91 -3.04 -20.60
N PHE W 110 53.39 -3.81 -19.63
CA PHE W 110 53.14 -3.26 -18.30
C PHE W 110 54.43 -2.93 -17.58
N LEU W 111 55.45 -3.80 -17.69
CA LEU W 111 56.72 -3.51 -17.05
C LEU W 111 57.36 -2.26 -17.66
N LEU W 112 57.33 -2.15 -19.00
CA LEU W 112 57.86 -0.95 -19.63
C LEU W 112 57.10 0.28 -19.16
N GLY W 113 55.78 0.17 -19.05
CA GLY W 113 54.97 1.31 -18.64
C GLY W 113 55.28 1.75 -17.23
N VAL W 114 55.45 0.80 -16.30
CA VAL W 114 55.70 1.20 -14.92
C VAL W 114 57.10 1.81 -14.78
N TYR W 115 58.08 1.29 -15.53
CA TYR W 115 59.40 1.94 -15.50
C TYR W 115 59.32 3.37 -16.01
N CYS W 116 58.62 3.58 -17.12
CA CYS W 116 58.48 4.93 -17.64
C CYS W 116 57.68 5.81 -16.70
N TYR W 117 56.73 5.24 -15.96
CA TYR W 117 55.98 5.99 -14.95
C TYR W 117 56.90 6.45 -13.83
N MET W 118 57.79 5.57 -13.38
CA MET W 118 58.76 5.95 -12.36
C MET W 118 59.65 7.07 -12.87
N GLY W 119 60.04 7.03 -14.14
CA GLY W 119 60.79 8.13 -14.71
C GLY W 119 59.98 9.43 -14.76
N ARG W 120 58.70 9.32 -15.14
CA ARG W 120 57.85 10.50 -15.26
C ARG W 120 57.68 11.19 -13.93
N GLU W 121 57.63 10.41 -12.84
CA GLU W 121 57.55 11.02 -11.51
C GLU W 121 58.73 11.96 -11.27
N TRP W 122 59.94 11.50 -11.56
CA TRP W 122 61.11 12.37 -11.42
C TRP W 122 61.02 13.57 -12.35
N GLU W 123 60.54 13.35 -13.58
CA GLU W 123 60.48 14.44 -14.55
C GLU W 123 59.59 15.58 -14.03
N LEU W 124 58.39 15.23 -13.56
CA LEU W 124 57.51 16.27 -13.07
C LEU W 124 58.01 16.87 -11.76
N SER W 125 58.70 16.08 -10.93
CA SER W 125 59.30 16.64 -9.73
C SER W 125 60.34 17.69 -10.08
N PHE W 126 61.16 17.41 -11.09
CA PHE W 126 62.16 18.38 -11.52
C PHE W 126 61.52 19.62 -12.12
N ARG W 127 60.43 19.43 -12.88
CA ARG W 127 59.78 20.58 -13.51
C ARG W 127 59.24 21.56 -12.48
N LEU W 128 58.65 21.05 -11.39
CA LEU W 128 58.04 21.92 -10.39
C LEU W 128 59.04 22.52 -9.41
N GLY W 129 60.29 22.06 -9.42
CA GLY W 129 61.28 22.61 -8.51
C GLY W 129 61.21 22.04 -7.11
N MET W 130 61.10 20.71 -7.02
CA MET W 130 61.00 20.00 -5.76
C MET W 130 62.01 18.86 -5.75
N ARG W 131 62.36 18.42 -4.54
CA ARG W 131 63.42 17.42 -4.40
C ARG W 131 62.96 16.08 -4.97
N PRO W 132 63.72 15.49 -5.88
CA PRO W 132 63.28 14.31 -6.65
C PRO W 132 63.60 12.96 -6.03
N TRP W 133 62.84 12.58 -5.01
CA TRP W 133 63.02 11.27 -4.39
C TRP W 133 61.71 10.51 -4.21
N ILE W 134 60.61 10.98 -4.79
CA ILE W 134 59.39 10.18 -4.78
C ILE W 134 59.56 8.96 -5.68
N ALA W 135 60.36 9.08 -6.74
CA ALA W 135 60.63 7.93 -7.60
C ALA W 135 61.33 6.83 -6.83
N VAL W 136 62.22 7.18 -5.90
CA VAL W 136 62.89 6.18 -5.09
C VAL W 136 61.88 5.42 -4.24
N ALA W 137 60.91 6.14 -3.65
CA ALA W 137 59.86 5.48 -2.89
C ALA W 137 59.02 4.57 -3.77
N TYR W 138 58.69 5.04 -4.98
CA TYR W 138 57.92 4.22 -5.92
C TYR W 138 58.72 3.02 -6.42
N SER W 139 60.05 3.06 -6.28
CA SER W 139 60.87 1.96 -6.78
C SER W 139 60.60 0.64 -6.07
N ALA W 140 59.95 0.67 -4.90
CA ALA W 140 59.72 -0.57 -4.17
C ALA W 140 58.57 -1.39 -4.77
N PRO W 141 57.37 -0.84 -4.97
CA PRO W 141 56.33 -1.65 -5.64
C PRO W 141 56.71 -2.08 -7.04
N VAL W 142 57.40 -1.25 -7.81
CA VAL W 142 57.79 -1.65 -9.15
C VAL W 142 58.83 -2.77 -9.09
N ALA W 143 59.74 -2.72 -8.10
CA ALA W 143 60.70 -3.81 -7.94
C ALA W 143 59.98 -5.10 -7.58
N ALA W 144 58.99 -5.01 -6.68
CA ALA W 144 58.23 -6.21 -6.33
C ALA W 144 57.49 -6.78 -7.53
N ALA W 145 56.89 -5.90 -8.34
CA ALA W 145 56.18 -6.37 -9.54
C ALA W 145 57.14 -7.02 -10.52
N SER W 146 58.32 -6.44 -10.70
CA SER W 146 59.31 -7.03 -11.59
C SER W 146 59.75 -8.39 -11.10
N ALA W 147 59.98 -8.52 -9.79
CA ALA W 147 60.38 -9.82 -9.24
C ALA W 147 59.28 -10.85 -9.41
N VAL W 148 58.02 -10.44 -9.19
CA VAL W 148 56.90 -11.37 -9.34
C VAL W 148 56.76 -11.81 -10.79
N PHE W 149 56.87 -10.88 -11.73
CA PHE W 149 56.49 -11.15 -13.12
C PHE W 149 57.66 -11.55 -14.01
N LEU W 150 58.87 -11.07 -13.71
CA LEU W 150 60.00 -11.24 -14.62
C LEU W 150 61.13 -12.06 -14.04
N VAL W 151 61.62 -11.71 -12.85
CA VAL W 151 62.81 -12.37 -12.32
C VAL W 151 62.53 -13.82 -11.96
N TYR W 152 61.38 -14.08 -11.34
CA TYR W 152 61.06 -15.45 -10.96
C TYR W 152 60.94 -16.39 -12.16
N PRO W 153 60.25 -16.02 -13.25
CA PRO W 153 60.30 -16.89 -14.44
C PRO W 153 61.71 -17.11 -14.96
N ILE W 154 62.57 -16.09 -14.90
CA ILE W 154 63.95 -16.25 -15.36
C ILE W 154 64.67 -17.29 -14.53
N GLY W 155 64.54 -17.19 -13.21
CA GLY W 155 65.19 -18.16 -12.34
C GLY W 155 64.65 -19.56 -12.51
N GLN W 156 63.33 -19.69 -12.62
CA GLN W 156 62.72 -21.01 -12.77
C GLN W 156 62.77 -21.52 -14.20
N GLY W 157 63.08 -20.68 -15.18
CA GLY W 157 63.27 -21.13 -16.54
C GLY W 157 62.02 -21.22 -17.39
N SER W 158 60.93 -20.56 -16.99
CA SER W 158 59.71 -20.58 -17.78
C SER W 158 58.79 -19.45 -17.33
N PHE W 159 58.16 -18.79 -18.30
CA PHE W 159 57.17 -17.77 -17.97
C PHE W 159 55.92 -18.35 -17.34
N SER W 160 55.69 -19.66 -17.46
CA SER W 160 54.49 -20.26 -16.89
C SER W 160 54.49 -20.22 -15.37
N ASP W 161 55.62 -19.90 -14.74
CA ASP W 161 55.71 -19.79 -13.29
C ASP W 161 55.39 -18.39 -12.78
N GLY W 162 55.09 -17.45 -13.67
CA GLY W 162 54.74 -16.11 -13.23
C GLY W 162 53.36 -16.06 -12.61
N MET W 163 53.08 -14.92 -11.99
CA MET W 163 51.80 -14.74 -11.32
C MET W 163 50.69 -14.58 -12.35
N PRO W 164 49.64 -15.39 -12.30
CA PRO W 164 48.50 -15.17 -13.21
C PRO W 164 47.84 -13.83 -12.92
N LEU W 165 47.32 -13.20 -13.98
CA LEU W 165 46.68 -11.89 -13.85
C LEU W 165 45.23 -12.09 -13.39
N GLY W 166 45.10 -12.44 -12.12
CA GLY W 166 43.78 -12.66 -11.56
C GLY W 166 43.85 -12.77 -10.06
N ILE W 167 42.70 -13.11 -9.47
CA ILE W 167 42.60 -13.22 -8.02
C ILE W 167 42.86 -14.66 -7.58
N SER W 168 42.04 -15.59 -8.06
CA SER W 168 42.28 -16.99 -7.77
C SER W 168 43.62 -17.44 -8.32
N GLY W 169 44.04 -16.87 -9.45
CA GLY W 169 45.39 -17.15 -9.94
C GLY W 169 46.45 -16.69 -8.98
N THR W 170 46.26 -15.51 -8.37
CA THR W 170 47.21 -15.03 -7.38
C THR W 170 47.28 -15.96 -6.18
N PHE W 171 46.12 -16.41 -5.69
CA PHE W 171 46.10 -17.33 -4.55
C PHE W 171 46.79 -18.64 -4.90
N ASN W 172 46.54 -19.16 -6.10
CA ASN W 172 47.20 -20.40 -6.52
C ASN W 172 48.70 -20.22 -6.61
N PHE W 173 49.15 -19.09 -7.15
CA PHE W 173 50.58 -18.81 -7.22
C PHE W 173 51.20 -18.78 -5.84
N MET W 174 50.53 -18.12 -4.89
CA MET W 174 51.06 -18.02 -3.53
C MET W 174 51.13 -19.39 -2.86
N ILE W 175 50.07 -20.19 -2.99
CA ILE W 175 50.06 -21.51 -2.35
C ILE W 175 51.14 -22.41 -2.96
N VAL W 176 51.25 -22.42 -4.29
CA VAL W 176 52.26 -23.24 -4.94
C VAL W 176 53.66 -22.77 -4.55
N PHE W 177 53.86 -21.46 -4.45
CA PHE W 177 55.15 -20.94 -4.04
C PHE W 177 55.50 -21.39 -2.63
N GLN W 178 54.54 -21.32 -1.71
CA GLN W 178 54.81 -21.78 -0.35
C GLN W 178 55.11 -23.28 -0.34
N ALA W 179 54.47 -24.03 -1.23
CA ALA W 179 54.76 -25.45 -1.34
C ALA W 179 56.20 -25.69 -1.77
N GLU W 180 56.62 -25.06 -2.86
CA GLU W 180 57.95 -25.34 -3.41
C GLU W 180 59.05 -24.71 -2.58
N HIS W 181 58.86 -23.45 -2.16
CA HIS W 181 59.81 -22.73 -1.33
C HIS W 181 59.14 -22.34 -0.03
N ASN W 182 59.86 -22.49 1.09
CA ASN W 182 59.28 -22.16 2.38
C ASN W 182 59.30 -20.64 2.52
N ILE W 183 58.29 -20.00 1.92
CA ILE W 183 58.21 -18.54 1.91
C ILE W 183 58.05 -17.99 3.31
N LEU W 184 57.23 -18.64 4.14
CA LEU W 184 56.91 -18.09 5.45
C LEU W 184 58.12 -18.08 6.36
N MET W 185 58.93 -19.14 6.31
CA MET W 185 60.12 -19.25 7.15
C MET W 185 61.34 -18.73 6.40
N HIS W 186 61.26 -17.47 5.99
CA HIS W 186 62.36 -16.80 5.32
C HIS W 186 62.51 -15.40 5.90
N PRO W 187 63.71 -14.99 6.28
CA PRO W 187 63.87 -13.68 6.93
C PRO W 187 63.40 -12.52 6.09
N PHE W 188 63.55 -12.57 4.76
CA PHE W 188 63.14 -11.45 3.93
C PHE W 188 61.62 -11.33 3.85
N HIS W 189 60.90 -12.45 3.79
CA HIS W 189 59.44 -12.35 3.89
C HIS W 189 59.02 -11.89 5.27
N MET W 190 59.78 -12.25 6.31
CA MET W 190 59.49 -11.75 7.65
C MET W 190 59.63 -10.24 7.70
N LEU W 191 60.68 -9.70 7.10
CA LEU W 191 60.82 -8.25 7.05
C LEU W 191 59.76 -7.60 6.16
N GLY W 192 59.32 -8.29 5.11
CA GLY W 192 58.21 -7.75 4.32
C GLY W 192 56.94 -7.64 5.13
N VAL W 193 56.60 -8.70 5.87
CA VAL W 193 55.42 -8.67 6.73
C VAL W 193 55.56 -7.60 7.80
N ALA W 194 56.74 -7.50 8.40
CA ALA W 194 56.98 -6.49 9.42
C ALA W 194 56.84 -5.09 8.83
N GLY W 195 57.33 -4.89 7.60
CA GLY W 195 57.20 -3.59 6.97
C GLY W 195 55.76 -3.23 6.68
N VAL W 196 54.97 -4.19 6.20
CA VAL W 196 53.57 -3.90 5.92
C VAL W 196 52.80 -3.60 7.20
N PHE W 197 52.99 -4.44 8.23
CA PHE W 197 52.30 -4.22 9.50
C PHE W 197 52.73 -2.91 10.15
N GLY W 198 54.02 -2.60 10.12
CA GLY W 198 54.49 -1.34 10.67
C GLY W 198 53.98 -0.16 9.87
N GLY W 199 53.87 -0.30 8.55
CA GLY W 199 53.31 0.77 7.76
C GLY W 199 51.88 1.07 8.15
N SER W 200 51.07 0.03 8.30
CA SER W 200 49.69 0.24 8.74
C SER W 200 49.64 0.85 10.13
N LEU W 201 50.47 0.34 11.06
CA LEU W 201 50.47 0.85 12.42
C LEU W 201 50.85 2.33 12.46
N PHE W 202 51.93 2.70 11.77
CA PHE W 202 52.40 4.07 11.81
C PHE W 202 51.45 5.00 11.06
N SER W 203 50.81 4.52 9.99
CA SER W 203 49.81 5.33 9.32
C SER W 203 48.66 5.64 10.28
N ALA W 204 48.15 4.62 10.97
CA ALA W 204 47.07 4.86 11.92
C ALA W 204 47.51 5.80 13.03
N MET W 205 48.71 5.59 13.56
CA MET W 205 49.18 6.42 14.67
C MET W 205 49.34 7.87 14.24
N HIS W 206 49.98 8.11 13.11
CA HIS W 206 50.19 9.47 12.63
C HIS W 206 48.87 10.15 12.33
N GLY W 207 47.96 9.44 11.65
CA GLY W 207 46.66 10.03 11.37
C GLY W 207 45.93 10.42 12.63
N SER W 208 45.91 9.52 13.62
CA SER W 208 45.20 9.79 14.86
C SER W 208 45.81 10.97 15.59
N LEU W 209 47.15 11.00 15.73
CA LEU W 209 47.80 12.07 16.47
C LEU W 209 47.56 13.41 15.80
N VAL W 210 47.72 13.48 14.48
CA VAL W 210 47.56 14.75 13.79
C VAL W 210 46.11 15.22 13.83
N THR W 211 45.16 14.31 13.60
CA THR W 211 43.76 14.71 13.61
C THR W 211 43.25 15.00 15.01
N SER W 212 43.96 14.54 16.05
CA SER W 212 43.57 14.86 17.41
C SER W 212 44.23 16.12 17.94
N SER W 213 45.37 16.51 17.39
CA SER W 213 46.04 17.75 17.79
C SER W 213 45.46 18.97 17.10
N LEU W 214 44.23 18.88 16.59
CA LEU W 214 43.65 19.96 15.82
C LEU W 214 43.28 21.15 16.70
N ILE W 215 43.64 22.35 16.26
CA ILE W 215 43.26 23.58 16.94
C ILE W 215 41.84 23.95 16.53
N ARG W 216 41.24 24.90 17.24
CA ARG W 216 39.90 25.37 16.93
C ARG W 216 39.79 25.89 15.50
N ASN W 238 49.25 21.98 16.73
CA ASN W 238 50.13 21.85 17.88
C ASN W 238 50.94 20.56 17.84
N ILE W 239 52.09 20.61 17.16
CA ILE W 239 52.98 19.45 17.15
C ILE W 239 53.52 19.16 18.54
N VAL W 240 53.72 20.21 19.34
CA VAL W 240 54.24 20.04 20.69
C VAL W 240 53.29 19.21 21.54
N ALA W 241 51.99 19.49 21.44
CA ALA W 241 51.01 18.75 22.23
C ALA W 241 50.99 17.27 21.85
N ALA W 242 51.01 16.98 20.55
CA ALA W 242 51.03 15.58 20.11
C ALA W 242 52.30 14.88 20.55
N HIS W 243 53.44 15.56 20.45
CA HIS W 243 54.70 14.97 20.90
C HIS W 243 54.67 14.68 22.40
N GLY W 244 54.13 15.61 23.19
CA GLY W 244 54.01 15.38 24.62
C GLY W 244 53.11 14.21 24.94
N TYR W 245 51.97 14.12 24.24
CA TYR W 245 51.07 13.00 24.46
C TYR W 245 51.75 11.67 24.13
N PHE W 246 52.43 11.61 22.98
CA PHE W 246 53.10 10.38 22.58
C PHE W 246 54.22 10.01 23.54
N GLY W 247 54.98 11.00 24.01
CA GLY W 247 56.03 10.72 24.97
C GLY W 247 55.49 10.21 26.29
N ARG W 248 54.39 10.79 26.76
CA ARG W 248 53.79 10.32 27.99
C ARG W 248 53.15 8.95 27.82
N LEU W 249 52.79 8.59 26.59
CA LEU W 249 52.09 7.32 26.36
C LEU W 249 53.04 6.13 26.34
N ILE W 250 53.99 6.12 25.42
CA ILE W 250 54.81 4.95 25.15
C ILE W 250 56.23 5.12 25.68
N PHE W 251 56.42 6.01 26.65
CA PHE W 251 57.70 6.25 27.31
C PHE W 251 58.78 6.77 26.37
N GLN W 252 58.39 7.33 25.22
CA GLN W 252 59.33 7.79 24.21
C GLN W 252 59.47 9.30 24.32
N TYR W 253 60.33 9.73 25.23
CA TYR W 253 60.50 11.15 25.54
C TYR W 253 61.59 11.83 24.73
N ALA W 254 62.35 11.09 23.92
CA ALA W 254 63.50 11.66 23.22
C ALA W 254 63.56 11.17 21.79
N SER W 255 62.43 11.16 21.08
CA SER W 255 62.41 10.74 19.70
C SER W 255 61.24 11.39 18.96
N PHE W 256 61.41 11.55 17.65
CA PHE W 256 60.38 12.09 16.77
C PHE W 256 59.90 13.46 17.24
N ASN W 257 60.83 14.28 17.73
CA ASN W 257 60.51 15.67 18.04
C ASN W 257 60.40 16.51 16.79
N ASN W 258 61.12 16.15 15.73
CA ASN W 258 61.11 16.91 14.48
C ASN W 258 60.14 16.28 13.50
N SER W 259 59.28 17.09 12.90
CA SER W 259 58.28 16.57 11.98
C SER W 259 58.93 16.00 10.72
N ARG W 260 60.00 16.64 10.24
CA ARG W 260 60.68 16.15 9.04
C ARG W 260 61.25 14.76 9.27
N SER W 261 61.88 14.54 10.42
CA SER W 261 62.41 13.22 10.74
C SER W 261 61.28 12.19 10.85
N LEU W 262 60.16 12.58 11.46
CA LEU W 262 59.04 11.66 11.59
C LEU W 262 58.51 11.24 10.22
N HIS W 263 58.34 12.20 9.31
CA HIS W 263 57.83 11.86 7.99
C HIS W 263 58.85 11.07 7.19
N PHE W 264 60.14 11.34 7.39
CA PHE W 264 61.15 10.52 6.72
C PHE W 264 61.10 9.07 7.20
N PHE W 265 60.92 8.87 8.51
CA PHE W 265 60.81 7.51 9.03
C PHE W 265 59.57 6.82 8.47
N LEU W 266 58.46 7.56 8.38
CA LEU W 266 57.25 7.03 7.78
C LEU W 266 57.50 6.57 6.35
N ALA W 267 58.24 7.37 5.57
CA ALA W 267 58.54 6.97 4.21
C ALA W 267 59.49 5.78 4.18
N ALA W 268 60.45 5.73 5.10
CA ALA W 268 61.55 4.77 4.99
C ALA W 268 61.10 3.37 5.38
N TRP W 269 60.27 3.23 6.41
CA TRP W 269 59.97 1.89 6.93
C TRP W 269 59.35 0.96 5.88
N PRO W 270 58.16 1.25 5.33
CA PRO W 270 57.57 0.31 4.37
C PRO W 270 58.39 0.13 3.10
N VAL W 271 59.09 1.18 2.65
CA VAL W 271 59.89 1.07 1.44
C VAL W 271 61.01 0.05 1.62
N ILE W 272 61.70 0.13 2.76
CA ILE W 272 62.76 -0.84 3.04
C ILE W 272 62.19 -2.23 3.18
N GLY W 273 61.05 -2.36 3.86
CA GLY W 273 60.42 -3.67 3.99
C GLY W 273 60.10 -4.29 2.64
N ILE W 274 59.53 -3.50 1.74
CA ILE W 274 59.15 -4.01 0.42
C ILE W 274 60.38 -4.33 -0.42
N TRP W 275 61.42 -3.49 -0.31
CA TRP W 275 62.68 -3.81 -0.99
C TRP W 275 63.19 -5.18 -0.56
N PHE W 276 63.19 -5.42 0.75
CA PHE W 276 63.73 -6.68 1.24
C PHE W 276 62.87 -7.87 0.84
N THR W 277 61.55 -7.71 0.84
CA THR W 277 60.71 -8.85 0.44
C THR W 277 60.86 -9.14 -1.05
N ALA W 278 61.00 -8.09 -1.87
CA ALA W 278 61.25 -8.31 -3.29
C ALA W 278 62.59 -9.00 -3.51
N LEU W 279 63.61 -8.62 -2.74
CA LEU W 279 64.91 -9.30 -2.86
C LEU W 279 64.80 -10.75 -2.43
N GLY W 280 64.01 -11.04 -1.40
CA GLY W 280 63.79 -12.43 -1.02
C GLY W 280 63.13 -13.23 -2.11
N LEU W 281 62.12 -12.64 -2.75
CA LEU W 281 61.50 -13.28 -3.91
C LEU W 281 62.53 -13.58 -4.99
N SER W 282 63.36 -12.59 -5.31
CA SER W 282 64.35 -12.77 -6.37
C SER W 282 65.37 -13.84 -6.01
N THR W 283 65.79 -13.89 -4.74
CA THR W 283 66.72 -14.93 -4.31
C THR W 283 66.10 -16.32 -4.41
N MET W 284 64.83 -16.45 -4.00
CA MET W 284 64.17 -17.75 -4.14
C MET W 284 64.00 -18.14 -5.60
N ALA W 285 63.95 -17.15 -6.50
CA ALA W 285 63.89 -17.49 -7.91
C ALA W 285 65.05 -18.36 -8.34
N PHE W 286 66.20 -18.24 -7.66
CA PHE W 286 67.37 -19.06 -7.93
C PHE W 286 67.51 -20.23 -6.95
N ASN W 287 66.40 -20.69 -6.39
CA ASN W 287 66.35 -21.85 -5.52
C ASN W 287 67.27 -21.68 -4.30
N LEU W 288 66.95 -20.65 -3.51
CA LEU W 288 67.59 -20.42 -2.22
C LEU W 288 66.46 -20.19 -1.22
N ASN W 289 65.93 -21.29 -0.69
CA ASN W 289 64.71 -21.25 0.11
C ASN W 289 65.03 -20.75 1.51
N GLY W 290 63.99 -20.73 2.36
CA GLY W 290 64.12 -20.27 3.72
C GLY W 290 64.61 -21.37 4.65
N PHE W 291 64.50 -21.09 5.94
CA PHE W 291 64.99 -22.02 6.96
C PHE W 291 64.26 -23.34 6.87
N ASN W 292 65.00 -24.43 7.12
CA ASN W 292 64.47 -25.79 7.08
C ASN W 292 64.82 -26.46 8.41
N PHE W 293 63.96 -26.28 9.40
CA PHE W 293 64.16 -26.88 10.73
C PHE W 293 63.40 -28.19 10.84
N ASN W 294 63.73 -29.11 9.94
CA ASN W 294 63.14 -30.44 9.94
C ASN W 294 64.09 -31.41 10.62
N GLN W 295 63.55 -32.29 11.46
CA GLN W 295 64.33 -33.31 12.18
C GLN W 295 65.37 -32.68 13.09
N SER W 296 65.22 -31.39 13.42
CA SER W 296 66.24 -30.69 14.18
C SER W 296 66.31 -31.18 15.62
N VAL W 297 65.15 -31.29 16.27
CA VAL W 297 65.08 -31.75 17.65
C VAL W 297 65.04 -33.27 17.67
N VAL W 298 66.00 -33.87 18.35
CA VAL W 298 66.11 -35.32 18.45
C VAL W 298 66.14 -35.71 19.92
N ASP W 299 66.22 -37.01 20.16
CA ASP W 299 66.19 -37.58 21.50
C ASP W 299 67.36 -38.55 21.65
N SER W 300 67.62 -38.96 22.89
CA SER W 300 68.55 -40.04 23.11
C SER W 300 68.08 -41.28 22.36
N GLN W 301 69.03 -42.00 21.77
CA GLN W 301 68.81 -43.10 20.82
C GLN W 301 68.22 -42.60 19.50
N GLY W 302 68.28 -41.30 19.24
CA GLY W 302 67.95 -40.76 17.92
C GLY W 302 66.51 -40.93 17.49
N ARG W 303 65.56 -40.64 18.37
CA ARG W 303 64.16 -40.64 18.02
C ARG W 303 63.69 -39.18 17.88
N VAL W 304 63.20 -38.84 16.69
CA VAL W 304 62.85 -37.45 16.42
C VAL W 304 61.63 -37.04 17.25
N LEU W 305 61.68 -35.82 17.79
CA LEU W 305 60.57 -35.22 18.51
C LEU W 305 60.02 -34.08 17.66
N ASN W 306 58.71 -34.10 17.41
CA ASN W 306 58.14 -33.17 16.46
C ASN W 306 58.08 -31.75 17.03
N THR W 307 58.08 -30.77 16.13
CA THR W 307 57.92 -29.37 16.46
C THR W 307 56.93 -28.75 15.48
N TRP W 308 56.66 -27.45 15.66
CA TRP W 308 55.70 -26.77 14.78
C TRP W 308 56.20 -26.75 13.34
N ALA W 309 57.51 -26.60 13.16
CA ALA W 309 58.07 -26.63 11.80
C ALA W 309 57.77 -27.96 11.13
N ASP W 310 57.58 -29.02 11.89
CA ASP W 310 57.24 -30.31 11.29
C ASP W 310 55.82 -30.34 10.76
N ILE W 311 54.88 -29.72 11.46
CA ILE W 311 53.52 -29.59 10.92
C ILE W 311 53.51 -28.69 9.71
N ILE W 312 54.31 -27.62 9.73
CA ILE W 312 54.43 -26.78 8.54
C ILE W 312 54.99 -27.60 7.37
N ASN W 313 55.96 -28.47 7.65
CA ASN W 313 56.51 -29.33 6.62
C ASN W 313 55.45 -30.29 6.08
N ARG W 314 54.60 -30.81 6.97
CA ARG W 314 53.53 -31.70 6.52
C ARG W 314 52.57 -30.98 5.58
N ALA W 315 52.21 -29.75 5.93
CA ALA W 315 51.34 -28.97 5.04
C ALA W 315 52.00 -28.70 3.71
N ASN W 316 53.29 -28.33 3.72
CA ASN W 316 54.00 -28.10 2.47
C ASN W 316 54.08 -29.37 1.64
N LEU W 317 54.27 -30.51 2.30
CA LEU W 317 54.32 -31.78 1.58
C LEU W 317 52.99 -32.09 0.92
N GLY W 318 51.88 -31.84 1.62
CA GLY W 318 50.58 -32.04 1.01
C GLY W 318 50.36 -31.14 -0.19
N MET W 319 50.73 -29.86 -0.05
CA MET W 319 50.59 -28.93 -1.16
C MET W 319 51.42 -29.37 -2.35
N GLU W 320 52.67 -29.78 -2.11
CA GLU W 320 53.55 -30.18 -3.21
C GLU W 320 53.04 -31.46 -3.89
N VAL W 321 52.54 -32.40 -3.09
CA VAL W 321 52.03 -33.64 -3.66
C VAL W 321 50.82 -33.38 -4.53
N MET W 322 49.89 -32.54 -4.05
CA MET W 322 48.69 -32.27 -4.83
C MET W 322 48.92 -31.30 -5.98
N HIS W 323 50.01 -30.53 -5.94
CA HIS W 323 50.27 -29.55 -7.00
C HIS W 323 50.58 -30.23 -8.33
N GLU W 324 51.33 -31.33 -8.31
CA GLU W 324 51.78 -31.94 -9.54
C GLU W 324 50.59 -32.58 -10.27
N ARG W 325 50.84 -32.93 -11.53
CA ARG W 325 49.81 -33.57 -12.35
C ARG W 325 50.30 -34.85 -13.03
N ASN W 326 51.57 -35.20 -12.91
CA ASN W 326 52.10 -36.40 -13.52
C ASN W 326 53.42 -36.82 -12.88
N GLY X 1 26.59 23.19 7.51
CA GLY X 1 25.54 22.24 7.82
C GLY X 1 26.07 20.90 8.28
N LEU X 2 25.16 20.04 8.73
CA LEU X 2 25.56 18.75 9.26
C LEU X 2 26.02 17.83 8.13
N PRO X 3 27.13 17.11 8.31
CA PRO X 3 27.50 16.08 7.33
C PRO X 3 26.51 14.93 7.36
N TRP X 4 26.66 14.03 6.38
CA TRP X 4 25.69 12.94 6.23
C TRP X 4 25.65 12.01 7.43
N TYR X 5 26.68 12.00 8.27
CA TYR X 5 26.74 11.12 9.43
C TYR X 5 26.39 11.83 10.73
N ARG X 6 25.88 13.06 10.65
CA ARG X 6 25.47 13.80 11.85
C ARG X 6 24.04 14.32 11.73
N VAL X 7 23.24 13.74 10.83
CA VAL X 7 21.90 14.27 10.58
C VAL X 7 20.99 14.02 11.78
N HIS X 8 21.12 12.85 12.42
CA HIS X 8 20.23 12.49 13.51
C HIS X 8 20.63 13.14 14.84
N THR X 9 21.49 14.14 14.83
CA THR X 9 21.86 14.86 16.04
C THR X 9 21.00 16.09 16.28
N VAL X 10 20.01 16.34 15.42
CA VAL X 10 19.13 17.49 15.60
C VAL X 10 18.14 17.31 16.75
N VAL X 11 17.95 16.08 17.21
CA VAL X 11 17.04 15.79 18.31
C VAL X 11 17.81 15.49 19.60
N ILE X 12 19.07 15.95 19.68
CA ILE X 12 19.89 15.69 20.86
C ILE X 12 19.49 16.58 22.02
N ASN X 13 18.81 17.68 21.77
CA ASN X 13 18.36 18.59 22.83
C ASN X 13 16.91 18.97 22.61
N ASP X 14 16.08 17.96 22.31
CA ASP X 14 14.65 18.18 22.09
C ASP X 14 13.93 16.90 22.46
N PRO X 15 13.47 16.79 23.71
CA PRO X 15 12.88 15.52 24.17
C PRO X 15 11.70 15.04 23.34
N GLY X 16 10.85 15.95 22.88
CA GLY X 16 9.67 15.52 22.14
C GLY X 16 10.02 14.81 20.85
N ARG X 17 10.93 15.38 20.07
CA ARG X 17 11.30 14.75 18.81
C ARG X 17 12.14 13.51 19.03
N LEU X 18 12.88 13.45 20.15
CA LEU X 18 13.56 12.22 20.52
C LEU X 18 12.56 11.10 20.78
N ILE X 19 11.49 11.41 21.52
CA ILE X 19 10.43 10.43 21.73
C ILE X 19 9.82 10.03 20.39
N SER X 20 9.65 10.99 19.49
CA SER X 20 9.05 10.70 18.19
C SER X 20 9.90 9.73 17.38
N VAL X 21 11.21 9.98 17.31
CA VAL X 21 12.06 9.10 16.50
C VAL X 21 12.18 7.72 17.15
N HIS X 22 12.22 7.66 18.48
CA HIS X 22 12.26 6.35 19.14
C HIS X 22 10.95 5.59 18.89
N LEU X 23 9.83 6.30 18.87
CA LEU X 23 8.56 5.68 18.53
C LEU X 23 8.56 5.17 17.10
N MET X 24 9.13 5.93 16.18
CA MET X 24 9.21 5.49 14.79
C MET X 24 10.02 4.22 14.66
N HIS X 25 11.16 4.16 15.37
CA HIS X 25 11.96 2.94 15.33
C HIS X 25 11.19 1.76 15.90
N THR X 26 10.47 1.97 17.01
CA THR X 26 9.67 0.90 17.58
C THR X 26 8.61 0.41 16.60
N ALA X 27 7.96 1.35 15.89
CA ALA X 27 6.96 0.97 14.91
C ALA X 27 7.57 0.16 13.77
N LEU X 28 8.76 0.56 13.31
CA LEU X 28 9.43 -0.21 12.26
C LEU X 28 9.76 -1.62 12.73
N VAL X 29 10.24 -1.76 13.96
CA VAL X 29 10.58 -3.08 14.49
C VAL X 29 9.33 -3.96 14.57
N SER X 30 8.24 -3.40 15.09
CA SER X 30 7.00 -4.17 15.21
C SER X 30 6.48 -4.57 13.83
N GLY X 31 6.53 -3.66 12.86
CA GLY X 31 6.10 -3.99 11.52
C GLY X 31 6.94 -5.09 10.91
N TRP X 32 8.25 -5.06 11.13
CA TRP X 32 9.09 -6.15 10.64
C TRP X 32 8.69 -7.48 11.28
N ALA X 33 8.43 -7.47 12.59
CA ALA X 33 8.04 -8.71 13.25
C ALA X 33 6.76 -9.26 12.64
N GLY X 34 5.76 -8.41 12.46
CA GLY X 34 4.50 -8.86 11.89
C GLY X 34 4.65 -9.40 10.48
N SER X 35 5.38 -8.66 9.64
CA SER X 35 5.55 -9.08 8.24
C SER X 35 6.33 -10.38 8.15
N MET X 36 7.38 -10.53 8.96
CA MET X 36 8.15 -11.76 8.94
C MET X 36 7.32 -12.94 9.42
N ALA X 37 6.50 -12.74 10.45
CA ALA X 37 5.62 -13.81 10.90
C ALA X 37 4.65 -14.22 9.80
N LEU X 38 4.07 -13.24 9.10
CA LEU X 38 3.13 -13.54 8.03
C LEU X 38 3.81 -14.33 6.91
N PHE X 39 5.01 -13.89 6.52
CA PHE X 39 5.74 -14.59 5.46
C PHE X 39 6.09 -16.01 5.88
N GLU X 40 6.53 -16.19 7.12
CA GLU X 40 6.88 -17.52 7.61
C GLU X 40 5.68 -18.45 7.61
N ILE X 41 4.51 -17.95 8.04
CA ILE X 41 3.32 -18.78 8.00
C ILE X 41 2.92 -19.07 6.56
N SER X 42 3.12 -18.13 5.65
CA SER X 42 2.82 -18.38 4.24
C SER X 42 3.69 -19.50 3.69
N VAL X 43 4.97 -19.54 4.09
CA VAL X 43 5.90 -20.51 3.53
C VAL X 43 5.91 -21.84 4.28
N PHE X 44 5.56 -21.85 5.57
CA PHE X 44 5.72 -23.03 6.41
C PHE X 44 4.88 -24.19 5.90
N ASP X 45 5.43 -25.40 6.05
CA ASP X 45 4.75 -26.64 5.65
C ASP X 45 4.58 -27.53 6.87
N PRO X 46 3.38 -27.61 7.45
CA PRO X 46 3.21 -28.39 8.67
C PRO X 46 2.84 -29.85 8.45
N SER X 47 3.06 -30.35 7.23
CA SER X 47 2.61 -31.71 6.90
C SER X 47 3.29 -32.76 7.77
N ASP X 48 4.61 -32.72 7.86
CA ASP X 48 5.37 -33.72 8.61
C ASP X 48 6.21 -33.02 9.68
N PRO X 49 5.90 -33.20 10.96
CA PRO X 49 6.74 -32.63 12.02
C PRO X 49 7.82 -33.55 12.55
N VAL X 50 8.03 -34.72 11.94
CA VAL X 50 9.04 -35.67 12.41
C VAL X 50 10.31 -35.50 11.59
N LEU X 51 10.21 -35.71 10.28
CA LEU X 51 11.36 -35.57 9.40
C LEU X 51 11.48 -34.21 8.76
N ASN X 52 10.49 -33.33 8.95
CA ASN X 52 10.53 -31.96 8.41
C ASN X 52 10.12 -30.97 9.48
N PRO X 53 10.94 -30.81 10.52
CA PRO X 53 10.59 -29.87 11.58
C PRO X 53 10.72 -28.42 11.10
N MET X 54 10.28 -27.50 11.96
CA MET X 54 10.31 -26.09 11.59
C MET X 54 11.74 -25.58 11.46
N TRP X 55 12.66 -26.12 12.25
CA TRP X 55 14.05 -25.68 12.15
C TRP X 55 14.72 -26.16 10.87
N ARG X 56 14.12 -27.15 10.20
CA ARG X 56 14.67 -27.63 8.94
C ARG X 56 14.24 -26.76 7.76
N GLN X 57 13.11 -26.08 7.86
CA GLN X 57 12.61 -25.23 6.79
C GLN X 57 13.08 -23.79 6.89
N GLY X 58 14.14 -23.54 7.66
CA GLY X 58 14.69 -22.19 7.76
C GLY X 58 13.73 -21.18 8.36
N MET X 59 13.01 -21.58 9.40
CA MET X 59 12.10 -20.68 10.09
C MET X 59 12.81 -19.99 11.24
N PHE X 60 12.74 -18.66 11.25
CA PHE X 60 13.44 -17.84 12.23
C PHE X 60 12.52 -17.33 13.33
N VAL X 61 11.40 -16.72 12.96
CA VAL X 61 10.48 -16.16 13.93
C VAL X 61 9.53 -17.21 14.50
N LEU X 62 9.16 -18.21 13.70
CA LEU X 62 8.27 -19.25 14.19
C LEU X 62 8.78 -19.97 15.43
N PRO X 63 10.06 -20.34 15.56
CA PRO X 63 10.51 -20.95 16.82
C PRO X 63 10.34 -20.02 18.02
N PHE X 64 10.53 -18.71 17.84
CA PHE X 64 10.40 -17.80 18.96
C PHE X 64 8.94 -17.60 19.34
N MET X 65 8.04 -17.61 18.37
CA MET X 65 6.61 -17.60 18.69
C MET X 65 6.22 -18.87 19.42
N THR X 66 6.72 -20.02 18.97
CA THR X 66 6.35 -21.31 19.56
C THR X 66 6.96 -21.48 20.95
N ARG X 67 8.09 -20.84 21.22
CA ARG X 67 8.77 -21.03 22.50
C ARG X 67 7.88 -20.65 23.68
N LEU X 68 7.04 -19.63 23.51
CA LEU X 68 6.28 -19.08 24.63
C LEU X 68 4.82 -19.52 24.64
N GLY X 69 4.41 -20.40 23.74
CA GLY X 69 3.08 -20.97 23.85
C GLY X 69 2.20 -20.93 22.62
N ILE X 70 2.64 -20.23 21.58
CA ILE X 70 1.84 -20.12 20.35
C ILE X 70 2.02 -21.43 19.58
N THR X 71 1.04 -22.33 19.71
CA THR X 71 1.14 -23.66 19.11
C THR X 71 0.01 -23.97 18.14
N GLN X 72 -0.80 -22.98 17.76
CA GLN X 72 -1.94 -23.23 16.90
C GLN X 72 -2.00 -22.16 15.82
N SER X 73 -2.69 -22.50 14.73
CA SER X 73 -2.87 -21.60 13.60
C SER X 73 -4.31 -21.66 13.13
N TRP X 74 -4.74 -20.58 12.46
CA TRP X 74 -6.09 -20.54 11.91
C TRP X 74 -6.27 -21.47 10.72
N GLY X 75 -5.20 -22.07 10.21
CA GLY X 75 -5.28 -22.99 9.11
C GLY X 75 -5.73 -24.39 9.48
N GLY X 76 -5.98 -24.65 10.75
CA GLY X 76 -6.44 -25.96 11.18
C GLY X 76 -5.37 -26.94 11.56
N TRP X 77 -4.14 -26.49 11.80
CA TRP X 77 -3.04 -27.37 12.16
C TRP X 77 -2.31 -26.81 13.37
N THR X 78 -1.64 -27.70 14.08
CA THR X 78 -0.83 -27.34 15.24
C THR X 78 0.62 -27.71 14.98
N ILE X 79 1.53 -27.06 15.71
CA ILE X 79 2.95 -27.34 15.53
C ILE X 79 3.28 -28.75 15.98
N SER X 80 2.49 -29.32 16.89
CA SER X 80 2.72 -30.70 17.31
C SER X 80 2.45 -31.68 16.19
N GLY X 81 1.41 -31.43 15.39
CA GLY X 81 1.07 -32.29 14.29
C GLY X 81 -0.33 -32.84 14.35
N GLU X 82 -1.21 -32.16 15.07
CA GLU X 82 -2.60 -32.57 15.22
C GLU X 82 -3.52 -31.46 14.74
N THR X 83 -4.76 -31.83 14.46
CA THR X 83 -5.75 -30.86 14.01
C THR X 83 -6.01 -29.83 15.10
N ALA X 84 -6.19 -28.58 14.68
CA ALA X 84 -6.35 -27.46 15.61
C ALA X 84 -7.83 -27.23 15.89
N THR X 85 -8.19 -27.24 17.17
CA THR X 85 -9.53 -26.92 17.63
C THR X 85 -9.49 -25.63 18.42
N ASN X 86 -10.55 -24.82 18.29
CA ASN X 86 -10.73 -23.50 18.90
C ASN X 86 -9.42 -22.74 19.04
N PRO X 87 -8.77 -22.39 17.93
CA PRO X 87 -7.44 -21.76 18.02
C PRO X 87 -7.43 -20.47 18.82
N GLY X 88 -8.52 -19.71 18.80
CA GLY X 88 -8.58 -18.49 19.58
C GLY X 88 -7.89 -17.34 18.90
N ILE X 89 -7.80 -16.24 19.66
CA ILE X 89 -7.18 -15.02 19.13
C ILE X 89 -5.68 -15.21 18.98
N TRP X 90 -5.04 -15.82 19.98
CA TRP X 90 -3.57 -15.89 20.03
C TRP X 90 -3.09 -17.09 19.24
N SER X 91 -3.11 -16.95 17.93
CA SER X 91 -2.48 -17.87 17.00
C SER X 91 -1.36 -17.14 16.26
N TYR X 92 -0.70 -17.84 15.34
CA TYR X 92 0.39 -17.23 14.60
C TYR X 92 -0.10 -16.03 13.80
N GLU X 93 -1.18 -16.22 13.02
CA GLU X 93 -1.74 -15.10 12.26
C GLU X 93 -2.24 -14.01 13.19
N GLY X 94 -2.84 -14.40 14.32
CA GLY X 94 -3.30 -13.41 15.27
C GLY X 94 -2.15 -12.57 15.83
N VAL X 95 -1.05 -13.22 16.16
CA VAL X 95 0.11 -12.50 16.68
C VAL X 95 0.67 -11.56 15.61
N ALA X 96 0.77 -12.03 14.36
CA ALA X 96 1.28 -11.17 13.30
C ALA X 96 0.39 -9.95 13.08
N ALA X 97 -0.93 -10.17 13.05
CA ALA X 97 -1.85 -9.06 12.85
C ALA X 97 -1.78 -8.08 14.01
N ALA X 98 -1.67 -8.60 15.24
CA ALA X 98 -1.57 -7.73 16.40
C ALA X 98 -0.31 -6.87 16.34
N HIS X 99 0.82 -7.48 15.94
CA HIS X 99 2.05 -6.71 15.82
C HIS X 99 1.93 -5.64 14.74
N ILE X 100 1.27 -5.96 13.63
CA ILE X 100 1.09 -4.97 12.57
C ILE X 100 0.25 -3.80 13.05
N ILE X 101 -0.85 -4.08 13.75
CA ILE X 101 -1.71 -3.01 14.27
C ILE X 101 -0.95 -2.16 15.28
N LEU X 102 -0.15 -2.81 16.14
CA LEU X 102 0.66 -2.07 17.09
C LEU X 102 1.65 -1.17 16.38
N SER X 103 2.26 -1.65 15.29
CA SER X 103 3.18 -0.82 14.52
C SER X 103 2.48 0.40 13.96
N GLY X 104 1.27 0.21 13.42
CA GLY X 104 0.53 1.36 12.91
C GLY X 104 0.19 2.37 13.99
N ALA X 105 -0.24 1.90 15.16
CA ALA X 105 -0.55 2.79 16.25
C ALA X 105 0.69 3.56 16.71
N LEU X 106 1.82 2.88 16.79
CA LEU X 106 3.06 3.55 17.17
C LEU X 106 3.48 4.57 16.13
N PHE X 107 3.23 4.28 14.84
CA PHE X 107 3.51 5.27 13.81
C PHE X 107 2.68 6.53 14.01
N LEU X 108 1.39 6.36 14.29
CA LEU X 108 0.55 7.53 14.52
C LEU X 108 1.01 8.31 15.75
N ALA X 109 1.36 7.61 16.82
CA ALA X 109 1.84 8.29 18.02
C ALA X 109 3.13 9.04 17.75
N SER X 110 4.02 8.46 16.95
CA SER X 110 5.26 9.13 16.59
C SER X 110 4.99 10.40 15.80
N VAL X 111 4.04 10.35 14.87
CA VAL X 111 3.68 11.54 14.10
C VAL X 111 3.17 12.63 15.03
N TRP X 112 2.29 12.26 15.97
CA TRP X 112 1.76 13.26 16.89
C TRP X 112 2.87 13.86 17.74
N HIS X 113 3.76 13.03 18.29
CA HIS X 113 4.81 13.55 19.15
C HIS X 113 5.81 14.39 18.38
N TRP X 114 6.02 14.10 17.09
CA TRP X 114 6.86 14.95 16.27
C TRP X 114 6.20 16.30 16.02
N THR X 115 4.89 16.31 15.75
CA THR X 115 4.22 17.57 15.45
C THR X 115 4.22 18.51 16.64
N TYR X 116 3.91 18.00 17.83
CA TYR X 116 3.83 18.79 19.05
C TYR X 116 5.01 18.42 19.94
N TRP X 117 5.96 19.34 20.07
CA TRP X 117 7.18 19.11 20.84
C TRP X 117 7.38 20.08 21.98
N ASP X 118 6.84 21.30 21.88
CA ASP X 118 7.06 22.33 22.89
C ASP X 118 6.10 22.13 24.07
N LEU X 119 6.33 21.03 24.79
CA LEU X 119 5.50 20.68 25.92
C LEU X 119 6.06 21.29 27.20
N GLU X 120 5.16 21.71 28.09
CA GLU X 120 5.60 22.23 29.38
C GLU X 120 6.21 21.16 30.27
N LEU X 121 5.98 19.88 29.95
CA LEU X 121 6.55 18.80 30.76
C LEU X 121 8.06 18.79 30.70
N PHE X 122 8.64 19.16 29.56
CA PHE X 122 10.08 19.11 29.36
C PHE X 122 10.79 20.38 29.77
N ARG X 123 10.07 21.35 30.32
CA ARG X 123 10.65 22.63 30.71
C ARG X 123 10.98 22.64 32.19
N ASP X 124 12.18 23.09 32.54
CA ASP X 124 12.58 23.20 33.93
C ASP X 124 11.74 24.27 34.62
N PRO X 125 11.08 23.96 35.74
CA PRO X 125 10.26 24.99 36.41
C PRO X 125 11.04 26.22 36.84
N ARG X 126 12.32 26.07 37.20
CA ARG X 126 13.10 27.22 37.64
C ARG X 126 13.65 28.00 36.47
N THR X 127 14.48 27.37 35.63
CA THR X 127 15.12 28.08 34.54
C THR X 127 14.19 28.34 33.37
N GLY X 128 13.23 27.46 33.13
CA GLY X 128 12.35 27.60 31.98
C GLY X 128 12.90 27.03 30.69
N LYS X 129 14.00 26.30 30.74
CA LYS X 129 14.61 25.70 29.56
C LYS X 129 14.41 24.19 29.57
N THR X 130 14.58 23.59 28.39
CA THR X 130 14.42 22.15 28.26
C THR X 130 15.43 21.41 29.13
N ALA X 131 14.96 20.42 29.88
CA ALA X 131 15.82 19.66 30.76
C ALA X 131 15.19 18.30 31.02
N LEU X 132 16.03 17.35 31.42
CA LEU X 132 15.59 16.02 31.79
C LEU X 132 16.33 15.60 33.05
N ASP X 133 15.58 15.06 34.02
CA ASP X 133 16.15 14.64 35.30
C ASP X 133 16.49 13.16 35.20
N LEU X 134 17.58 12.88 34.49
CA LEU X 134 17.89 11.51 34.05
C LEU X 134 17.80 10.46 35.15
N PRO X 135 18.32 10.69 36.37
CA PRO X 135 18.15 9.65 37.41
C PRO X 135 16.70 9.29 37.69
N LYS X 136 15.78 10.26 37.66
CA LYS X 136 14.40 9.94 38.01
C LYS X 136 13.71 9.17 36.89
N ILE X 137 13.96 9.54 35.63
CA ILE X 137 13.45 8.74 34.52
C ILE X 137 14.01 7.33 34.59
N PHE X 138 15.30 7.19 34.91
CA PHE X 138 15.87 5.87 35.05
C PHE X 138 15.17 5.09 36.15
N GLY X 139 14.88 5.74 37.28
CA GLY X 139 14.18 5.06 38.36
C GLY X 139 12.81 4.58 37.95
N ILE X 140 12.05 5.44 37.26
CA ILE X 140 10.71 5.06 36.82
C ILE X 140 10.78 3.88 35.86
N HIS X 141 11.68 3.96 34.87
CA HIS X 141 11.76 2.92 33.86
C HIS X 141 12.23 1.60 34.47
N LEU X 142 13.16 1.67 35.42
CA LEU X 142 13.62 0.46 36.10
C LEU X 142 12.50 -0.16 36.93
N PHE X 143 11.70 0.69 37.59
CA PHE X 143 10.55 0.19 38.33
C PHE X 143 9.59 -0.56 37.42
N LEU X 144 9.29 0.03 36.25
CA LEU X 144 8.39 -0.63 35.31
C LEU X 144 8.98 -1.94 34.80
N SER X 145 10.28 -1.94 34.49
CA SER X 145 10.91 -3.15 33.98
C SER X 145 10.89 -4.25 35.03
N GLY X 146 11.18 -3.92 36.28
CA GLY X 146 11.12 -4.92 37.34
C GLY X 146 9.73 -5.46 37.55
N LEU X 147 8.72 -4.58 37.51
CA LEU X 147 7.35 -5.03 37.66
C LEU X 147 6.96 -5.99 36.55
N LEU X 148 7.31 -5.64 35.31
CA LEU X 148 6.98 -6.51 34.18
C LEU X 148 7.71 -7.83 34.26
N CYS X 149 8.98 -7.80 34.66
CA CYS X 149 9.75 -9.04 34.79
C CYS X 149 9.13 -9.95 35.84
N PHE X 150 8.77 -9.40 37.00
CA PHE X 150 8.16 -10.21 38.04
C PHE X 150 6.83 -10.78 37.56
N GLY X 151 6.02 -9.97 36.87
CA GLY X 151 4.76 -10.47 36.36
C GLY X 151 4.94 -11.61 35.39
N PHE X 152 5.90 -11.48 34.47
CA PHE X 152 6.16 -12.54 33.51
C PHE X 152 6.64 -13.80 34.20
N GLY X 153 7.53 -13.65 35.18
CA GLY X 153 8.08 -14.83 35.84
C GLY X 153 7.14 -15.50 36.81
N ALA X 154 6.13 -14.78 37.30
CA ALA X 154 5.21 -15.35 38.27
C ALA X 154 3.88 -15.76 37.67
N PHE X 155 3.51 -15.26 36.49
CA PHE X 155 2.21 -15.56 35.93
C PHE X 155 2.26 -16.25 34.57
N HIS X 156 3.32 -16.07 33.80
CA HIS X 156 3.38 -16.67 32.47
C HIS X 156 4.11 -18.00 32.49
N VAL X 157 5.37 -18.01 32.89
CA VAL X 157 6.16 -19.24 32.85
C VAL X 157 5.65 -20.24 33.88
N THR X 158 5.23 -19.78 35.04
CA THR X 158 4.74 -20.69 36.07
C THR X 158 3.40 -21.32 35.71
N GLY X 159 2.71 -20.78 34.70
CA GLY X 159 1.43 -21.34 34.32
C GLY X 159 0.29 -20.99 35.25
N VAL X 160 0.52 -20.11 36.23
CA VAL X 160 -0.56 -19.69 37.11
C VAL X 160 -1.65 -18.98 36.34
N PHE X 161 -1.26 -18.08 35.45
CA PHE X 161 -2.23 -17.38 34.60
C PHE X 161 -1.91 -17.61 33.13
N GLY X 162 -0.62 -17.61 32.78
CA GLY X 162 -0.20 -17.76 31.41
C GLY X 162 -0.17 -19.22 30.98
N PRO X 163 0.38 -19.48 29.79
CA PRO X 163 0.38 -20.83 29.24
C PRO X 163 1.61 -21.67 29.54
N GLY X 164 2.65 -21.10 30.14
CA GLY X 164 3.90 -21.81 30.36
C GLY X 164 4.89 -21.54 29.26
N ILE X 165 5.90 -22.42 29.18
CA ILE X 165 6.94 -22.32 28.16
C ILE X 165 7.22 -23.73 27.62
N TRP X 166 7.98 -23.77 26.53
CA TRP X 166 8.30 -25.03 25.89
C TRP X 166 9.35 -25.80 26.68
N VAL X 167 9.04 -27.04 27.03
CA VAL X 167 9.98 -27.93 27.70
C VAL X 167 9.97 -29.27 26.97
N SER X 168 11.13 -29.91 26.91
CA SER X 168 11.30 -31.16 26.19
C SER X 168 12.19 -32.09 26.98
N ASP X 169 12.18 -33.36 26.61
CA ASP X 169 13.06 -34.37 27.20
C ASP X 169 14.48 -34.16 26.72
N PRO X 170 15.47 -34.78 27.39
CA PRO X 170 16.87 -34.50 27.03
C PRO X 170 17.22 -34.74 25.56
N TYR X 171 16.62 -35.75 24.94
CA TYR X 171 16.93 -36.08 23.55
C TYR X 171 15.98 -35.44 22.56
N GLY X 172 15.10 -34.57 23.01
CA GLY X 172 14.24 -33.82 22.11
C GLY X 172 13.29 -34.68 21.31
N LEU X 173 12.61 -35.62 21.97
CA LEU X 173 11.64 -36.48 21.30
C LEU X 173 10.21 -36.14 21.66
N THR X 174 9.92 -35.82 22.92
CA THR X 174 8.57 -35.49 23.37
C THR X 174 8.64 -34.16 24.12
N GLY X 175 8.35 -33.08 23.41
CA GLY X 175 8.36 -31.76 24.01
C GLY X 175 7.09 -31.00 23.67
N ARG X 176 6.72 -30.09 24.57
CA ARG X 176 5.50 -29.31 24.42
C ARG X 176 5.55 -28.16 25.41
N VAL X 177 4.55 -27.28 25.30
CA VAL X 177 4.43 -26.15 26.22
C VAL X 177 3.79 -26.64 27.51
N GLN X 178 4.44 -26.35 28.63
CA GLN X 178 3.98 -26.78 29.94
C GLN X 178 4.23 -25.67 30.94
N PRO X 179 3.48 -25.65 32.03
CA PRO X 179 3.85 -24.80 33.17
C PRO X 179 5.15 -25.28 33.78
N VAL X 180 5.94 -24.32 34.27
CA VAL X 180 7.26 -24.61 34.82
C VAL X 180 7.25 -24.15 36.28
N ALA X 181 7.40 -25.10 37.19
CA ALA X 181 7.46 -24.75 38.61
C ALA X 181 8.81 -24.12 38.93
N PRO X 182 8.83 -23.06 39.74
CA PRO X 182 10.11 -22.46 40.13
C PRO X 182 10.97 -23.46 40.89
N SER X 183 12.28 -23.37 40.66
CA SER X 183 13.24 -24.29 41.28
C SER X 183 14.26 -23.46 42.05
N TRP X 184 13.97 -23.23 43.33
CA TRP X 184 14.91 -22.54 44.21
C TRP X 184 15.91 -23.53 44.77
N GLY X 185 17.18 -23.18 44.72
CA GLY X 185 18.22 -24.04 45.24
C GLY X 185 19.47 -23.91 44.39
N ALA X 186 20.34 -24.91 44.52
CA ALA X 186 21.58 -24.92 43.75
C ALA X 186 21.28 -24.98 42.26
N ASP X 187 20.32 -25.82 41.87
CA ASP X 187 19.86 -25.84 40.50
C ASP X 187 19.09 -24.55 40.21
N GLY X 188 18.67 -24.39 38.97
CA GLY X 188 18.18 -23.12 38.49
C GLY X 188 19.29 -22.34 37.84
N PHE X 189 20.47 -22.36 38.46
CA PHE X 189 21.69 -21.93 37.78
C PHE X 189 22.20 -23.00 36.83
N ASP X 190 21.67 -24.21 36.93
CA ASP X 190 21.85 -25.22 35.90
C ASP X 190 21.12 -24.71 34.66
N PRO X 191 21.85 -24.35 33.61
CA PRO X 191 21.21 -23.70 32.46
C PRO X 191 20.13 -24.54 31.80
N TYR X 192 20.29 -25.85 31.77
CA TYR X 192 19.35 -26.74 31.11
C TYR X 192 18.16 -27.10 32.00
N ASN X 193 17.91 -26.32 33.04
CA ASN X 193 16.78 -26.56 33.94
C ASN X 193 15.73 -25.49 33.70
N PRO X 194 14.54 -25.85 33.22
CA PRO X 194 13.51 -24.82 32.94
C PRO X 194 13.08 -24.02 34.15
N GLY X 195 13.10 -24.62 35.35
CA GLY X 195 12.71 -23.89 36.55
C GLY X 195 13.59 -22.69 36.83
N GLY X 196 14.81 -22.70 36.31
CA GLY X 196 15.68 -21.55 36.47
C GLY X 196 15.08 -20.29 35.86
N ILE X 197 14.36 -20.44 34.75
CA ILE X 197 13.76 -19.28 34.10
C ILE X 197 12.78 -18.61 35.06
N ALA X 198 11.88 -19.39 35.65
CA ALA X 198 10.87 -18.83 36.54
C ALA X 198 11.51 -18.25 37.80
N SER X 199 12.43 -19.00 38.41
CA SER X 199 13.07 -18.51 39.63
C SER X 199 13.82 -17.21 39.37
N HIS X 200 14.60 -17.17 38.29
CA HIS X 200 15.35 -15.98 37.94
C HIS X 200 14.44 -14.80 37.69
N HIS X 201 13.36 -15.01 36.93
CA HIS X 201 12.52 -13.87 36.59
C HIS X 201 11.82 -13.33 37.83
N ILE X 202 11.37 -14.21 38.72
CA ILE X 202 10.72 -13.73 39.95
C ILE X 202 11.71 -12.94 40.80
N ALA X 203 12.89 -13.52 41.05
CA ALA X 203 13.86 -12.86 41.93
C ALA X 203 14.36 -11.54 41.32
N ALA X 204 14.65 -11.55 40.02
CA ALA X 204 15.10 -10.34 39.35
C ALA X 204 14.03 -9.28 39.30
N GLY X 205 12.76 -9.67 39.16
CA GLY X 205 11.70 -8.68 39.21
C GLY X 205 11.59 -8.03 40.57
N ILE X 206 11.70 -8.83 41.63
CA ILE X 206 11.64 -8.27 42.99
C ILE X 206 12.81 -7.30 43.21
N LEU X 207 14.01 -7.73 42.83
CA LEU X 207 15.17 -6.86 43.02
C LEU X 207 15.07 -5.62 42.15
N GLY X 208 14.52 -5.76 40.94
CA GLY X 208 14.39 -4.63 40.06
C GLY X 208 13.39 -3.60 40.56
N VAL X 209 12.27 -4.05 41.12
CA VAL X 209 11.32 -3.09 41.66
C VAL X 209 11.90 -2.41 42.90
N LEU X 210 12.63 -3.15 43.73
CA LEU X 210 13.28 -2.52 44.88
C LEU X 210 14.30 -1.46 44.43
N ALA X 211 15.12 -1.81 43.44
CA ALA X 211 16.11 -0.86 42.94
C ALA X 211 15.46 0.33 42.25
N GLY X 212 14.34 0.11 41.57
CA GLY X 212 13.62 1.22 40.98
C GLY X 212 13.10 2.18 42.04
N LEU X 213 12.55 1.64 43.13
CA LEU X 213 12.12 2.50 44.22
C LEU X 213 13.30 3.28 44.80
N PHE X 214 14.44 2.61 44.99
CA PHE X 214 15.60 3.31 45.54
C PHE X 214 16.06 4.44 44.63
N HIS X 215 16.27 4.13 43.34
CA HIS X 215 16.72 5.16 42.41
C HIS X 215 15.68 6.24 42.21
N LEU X 216 14.41 5.95 42.49
CA LEU X 216 13.38 6.96 42.43
C LEU X 216 13.40 7.89 43.65
N CYS X 217 13.77 7.38 44.81
CA CYS X 217 13.72 8.18 46.02
C CYS X 217 15.03 8.93 46.31
N VAL X 218 16.17 8.30 46.07
CA VAL X 218 17.46 8.82 46.50
C VAL X 218 18.14 9.54 45.34
N ARG X 219 18.55 10.78 45.58
CA ARG X 219 19.28 11.58 44.61
C ARG X 219 20.76 11.17 44.56
N PRO X 220 21.41 11.30 43.42
CA PRO X 220 22.82 10.93 43.32
C PRO X 220 23.72 11.96 43.99
N SER X 221 24.90 11.50 44.38
CA SER X 221 25.89 12.37 45.00
C SER X 221 26.53 13.28 43.96
N ILE X 222 27.03 14.43 44.44
CA ILE X 222 27.63 15.42 43.54
C ILE X 222 28.89 14.85 42.88
N ARG X 223 29.70 14.11 43.65
CA ARG X 223 30.90 13.51 43.10
C ARG X 223 30.57 12.55 41.97
N LEU X 224 29.58 11.67 42.21
CA LEU X 224 29.15 10.75 41.16
C LEU X 224 28.47 11.49 40.03
N TYR X 225 27.72 12.54 40.35
CA TYR X 225 27.02 13.30 39.31
C TYR X 225 28.00 13.91 38.32
N PHE X 226 29.09 14.48 38.82
CA PHE X 226 30.09 15.05 37.92
C PHE X 226 30.96 13.96 37.28
N GLY X 227 31.24 12.89 38.01
CA GLY X 227 32.11 11.85 37.47
C GLY X 227 31.52 11.16 36.26
N LEU X 228 30.26 10.77 36.34
CA LEU X 228 29.60 10.07 35.26
C LEU X 228 28.84 11.00 34.32
N SER X 229 28.92 12.31 34.55
CA SER X 229 28.27 13.30 33.70
C SER X 229 26.78 13.01 33.55
N MET X 230 26.11 12.86 34.68
CA MET X 230 24.69 12.54 34.68
C MET X 230 23.84 13.64 34.07
N GLY X 231 24.39 14.84 33.92
CA GLY X 231 23.63 15.92 33.30
C GLY X 231 23.50 15.79 31.79
N SER X 232 24.34 14.99 31.16
CA SER X 232 24.31 14.79 29.72
C SER X 232 23.54 13.53 29.37
N ILE X 233 23.02 13.49 28.14
CA ILE X 233 22.25 12.33 27.70
C ILE X 233 23.10 11.32 26.94
N GLU X 234 24.27 11.73 26.45
CA GLU X 234 25.09 10.81 25.67
C GLU X 234 25.70 9.71 26.53
N THR X 235 26.01 10.00 27.80
CA THR X 235 26.50 8.96 28.69
C THR X 235 25.47 7.86 28.87
N VAL X 236 24.18 8.24 28.88
CA VAL X 236 23.12 7.24 28.92
C VAL X 236 23.20 6.33 27.70
N LEU X 237 23.44 6.92 26.53
CA LEU X 237 23.57 6.13 25.31
C LEU X 237 24.75 5.18 25.39
N SER X 238 25.89 5.66 25.88
CA SER X 238 27.07 4.80 25.96
C SER X 238 26.84 3.63 26.91
N SER X 239 26.26 3.91 28.08
CA SER X 239 26.00 2.84 29.04
C SER X 239 24.98 1.85 28.50
N SER X 240 23.94 2.35 27.82
CA SER X 240 22.94 1.47 27.23
C SER X 240 23.55 0.57 26.17
N ILE X 241 24.41 1.13 25.31
CA ILE X 241 25.07 0.31 24.29
C ILE X 241 25.96 -0.74 24.94
N ALA X 242 26.62 -0.37 26.05
CA ALA X 242 27.45 -1.33 26.75
C ALA X 242 26.62 -2.52 27.25
N ALA X 243 25.53 -2.23 27.96
CA ALA X 243 24.67 -3.30 28.44
C ALA X 243 24.10 -4.09 27.29
N VAL X 244 23.84 -3.44 26.16
CA VAL X 244 23.23 -4.11 25.02
C VAL X 244 24.19 -5.11 24.40
N PHE X 245 25.46 -4.74 24.19
CA PHE X 245 26.32 -5.76 23.59
C PHE X 245 26.72 -6.83 24.61
N TRP X 246 26.73 -6.50 25.91
CA TRP X 246 26.87 -7.54 26.92
C TRP X 246 25.77 -8.57 26.79
N ALA X 247 24.52 -8.10 26.68
CA ALA X 247 23.39 -9.01 26.51
C ALA X 247 23.50 -9.78 25.21
N ALA X 248 24.01 -9.14 24.16
CA ALA X 248 24.12 -9.82 22.87
C ALA X 248 25.12 -10.97 22.94
N PHE X 249 26.28 -10.73 23.53
CA PHE X 249 27.24 -11.80 23.79
C PHE X 249 26.60 -12.93 24.60
N VAL X 250 25.90 -12.59 25.67
CA VAL X 250 25.33 -13.63 26.52
C VAL X 250 24.32 -14.48 25.74
N VAL X 251 23.45 -13.83 24.98
CA VAL X 251 22.41 -14.55 24.24
C VAL X 251 23.04 -15.40 23.13
N ALA X 252 24.03 -14.86 22.43
CA ALA X 252 24.68 -15.64 21.38
C ALA X 252 25.38 -16.87 21.95
N GLY X 253 26.07 -16.71 23.08
CA GLY X 253 26.70 -17.86 23.71
C GLY X 253 25.69 -18.89 24.18
N THR X 254 24.58 -18.43 24.76
CA THR X 254 23.53 -19.35 25.19
C THR X 254 22.94 -20.10 24.00
N MET X 255 22.75 -19.42 22.88
CA MET X 255 22.20 -20.05 21.69
C MET X 255 23.15 -21.09 21.12
N TRP X 256 24.44 -20.75 20.99
CA TRP X 256 25.38 -21.64 20.33
C TRP X 256 25.61 -22.91 21.14
N TYR X 257 25.72 -22.80 22.46
CA TYR X 257 26.00 -23.95 23.31
C TYR X 257 24.74 -24.67 23.76
N GLY X 258 23.56 -24.14 23.45
CA GLY X 258 22.32 -24.75 23.86
C GLY X 258 21.98 -24.47 25.31
N SER X 259 20.69 -24.46 25.60
CA SER X 259 20.20 -24.19 26.95
C SER X 259 18.72 -24.56 26.99
N ALA X 260 18.14 -24.44 28.19
CA ALA X 260 16.71 -24.70 28.35
C ALA X 260 15.87 -23.65 27.64
N ALA X 261 16.43 -22.49 27.34
CA ALA X 261 15.74 -21.44 26.62
C ALA X 261 15.84 -21.61 25.11
N THR X 262 16.64 -22.56 24.63
CA THR X 262 16.80 -22.82 23.20
C THR X 262 16.63 -24.32 22.95
N PRO X 263 15.39 -24.82 23.03
CA PRO X 263 15.17 -26.26 22.84
C PRO X 263 15.55 -26.70 21.44
N ILE X 264 16.05 -27.93 21.33
CA ILE X 264 16.50 -28.44 20.04
C ILE X 264 15.35 -28.82 19.13
N GLU X 265 14.14 -28.94 19.66
CA GLU X 265 12.98 -29.21 18.81
C GLU X 265 12.49 -27.97 18.07
N LEU X 266 12.98 -26.79 18.43
CA LEU X 266 12.61 -25.55 17.76
C LEU X 266 13.72 -24.95 16.92
N PHE X 267 14.97 -25.11 17.33
CA PHE X 267 16.10 -24.53 16.62
C PHE X 267 17.04 -25.56 16.01
N GLY X 268 16.94 -26.82 16.41
CA GLY X 268 17.77 -27.86 15.86
C GLY X 268 18.83 -28.31 16.85
N PRO X 269 19.54 -29.38 16.50
CA PRO X 269 20.60 -29.89 17.39
C PRO X 269 21.80 -28.97 17.44
N THR X 270 22.84 -29.38 18.16
CA THR X 270 24.01 -28.55 18.39
C THR X 270 25.24 -29.22 17.79
N ARG X 271 26.23 -28.40 17.46
CA ARG X 271 27.51 -28.91 16.99
C ARG X 271 28.13 -29.88 17.99
N TYR X 272 28.06 -29.55 19.27
CA TYR X 272 28.68 -30.36 20.31
C TYR X 272 27.94 -31.65 20.60
N GLN X 273 26.68 -31.76 20.19
CA GLN X 273 25.99 -33.05 20.31
C GLN X 273 26.48 -34.03 19.26
N TRP X 274 26.84 -33.54 18.08
CA TRP X 274 27.45 -34.39 17.07
C TRP X 274 28.91 -34.67 17.39
N ASP X 275 29.61 -33.71 18.00
CA ASP X 275 31.01 -33.93 18.36
C ASP X 275 31.17 -35.07 19.35
N GLN X 276 30.32 -35.12 20.38
CA GLN X 276 30.46 -36.08 21.46
C GLN X 276 29.62 -37.33 21.26
N GLY X 277 28.96 -37.46 20.12
CA GLY X 277 28.15 -38.64 19.84
C GLY X 277 27.00 -38.81 20.81
N PHE X 278 26.28 -37.72 21.07
CA PHE X 278 25.15 -37.72 21.99
C PHE X 278 24.07 -38.68 21.54
N PHE X 279 23.45 -38.39 20.40
CA PHE X 279 22.38 -39.23 19.89
C PHE X 279 22.90 -40.62 19.52
N GLN X 280 24.13 -40.70 19.02
CA GLN X 280 24.69 -42.01 18.71
C GLN X 280 24.80 -42.87 19.96
N GLN X 281 25.28 -42.29 21.06
CA GLN X 281 25.37 -43.04 22.31
C GLN X 281 23.99 -43.44 22.81
N GLU X 282 23.01 -42.55 22.72
CA GLU X 282 21.66 -42.89 23.15
C GLU X 282 21.09 -44.05 22.33
N ILE X 283 21.26 -43.98 21.02
CA ILE X 283 20.75 -45.04 20.14
C ILE X 283 21.44 -46.36 20.45
N GLN X 284 22.76 -46.32 20.62
CA GLN X 284 23.50 -47.55 20.92
C GLN X 284 23.05 -48.14 22.25
N LYS X 285 22.86 -47.31 23.27
CA LYS X 285 22.40 -47.82 24.56
C LYS X 285 21.02 -48.45 24.44
N ARG X 286 20.11 -47.79 23.71
CA ARG X 286 18.76 -48.33 23.57
C ARG X 286 18.76 -49.66 22.83
N VAL X 287 19.51 -49.74 21.73
CA VAL X 287 19.54 -50.98 20.96
C VAL X 287 20.24 -52.09 21.74
N GLN X 288 21.25 -51.74 22.53
CA GLN X 288 21.90 -52.74 23.36
C GLN X 288 20.95 -53.27 24.44
N ALA X 289 20.15 -52.38 25.03
CA ALA X 289 19.16 -52.83 26.00
C ALA X 289 18.14 -53.75 25.35
N SER X 290 17.68 -53.40 24.16
CA SER X 290 16.72 -54.25 23.45
C SER X 290 17.33 -55.61 23.12
N LEU X 291 18.59 -55.63 22.68
CA LEU X 291 19.26 -56.89 22.39
C LEU X 291 19.40 -57.75 23.64
N ALA X 292 19.84 -57.13 24.74
CA ALA X 292 20.00 -57.88 25.98
C ALA X 292 18.67 -58.38 26.52
N GLU X 293 17.57 -57.72 26.15
CA GLU X 293 16.26 -58.21 26.54
C GLU X 293 15.99 -59.58 25.96
N GLY X 294 16.37 -59.79 24.70
CA GLY X 294 16.19 -61.09 24.07
C GLY X 294 15.77 -61.00 22.62
N ALA X 295 15.53 -59.79 22.13
CA ALA X 295 15.10 -59.62 20.75
C ALA X 295 16.28 -59.82 19.79
N SER X 296 15.95 -59.97 18.52
CA SER X 296 16.96 -60.10 17.47
C SER X 296 17.50 -58.74 17.10
N LEU X 297 18.31 -58.70 16.04
CA LEU X 297 18.87 -57.42 15.57
C LEU X 297 17.81 -56.57 14.88
N SER X 298 17.00 -57.19 14.02
CA SER X 298 16.08 -56.42 13.19
C SER X 298 15.01 -55.74 14.03
N ASP X 299 14.35 -56.50 14.91
CA ASP X 299 13.28 -55.92 15.72
C ASP X 299 13.83 -54.93 16.75
N ALA X 300 15.02 -55.21 17.29
CA ALA X 300 15.63 -54.26 18.22
C ALA X 300 15.95 -52.94 17.53
N TRP X 301 16.48 -53.00 16.31
CA TRP X 301 16.78 -51.77 15.59
C TRP X 301 15.53 -51.10 15.04
N SER X 302 14.43 -51.83 14.91
CA SER X 302 13.18 -51.22 14.46
C SER X 302 12.51 -50.41 15.56
N ARG X 303 12.84 -50.66 16.82
CA ARG X 303 12.21 -49.93 17.91
C ARG X 303 12.69 -48.49 18.00
N ILE X 304 13.83 -48.16 17.39
CA ILE X 304 14.38 -46.81 17.45
C ILE X 304 13.49 -45.86 16.66
N PRO X 305 12.98 -44.80 17.27
CA PRO X 305 12.14 -43.86 16.54
C PRO X 305 12.93 -43.14 15.45
N GLU X 306 12.22 -42.79 14.38
CA GLU X 306 12.86 -42.13 13.25
C GLU X 306 13.40 -40.76 13.62
N LYS X 307 12.75 -40.07 14.56
CA LYS X 307 13.22 -38.75 14.98
C LYS X 307 14.60 -38.84 15.61
N LEU X 308 14.81 -39.81 16.49
CA LEU X 308 16.10 -39.96 17.16
C LEU X 308 17.21 -40.25 16.16
N ALA X 309 16.93 -41.12 15.19
CA ALA X 309 17.93 -41.39 14.15
C ALA X 309 18.16 -40.17 13.27
N PHE X 310 17.11 -39.37 13.04
CA PHE X 310 17.27 -38.16 12.24
C PHE X 310 18.19 -37.17 12.94
N TYR X 311 18.08 -37.05 14.26
CA TYR X 311 18.97 -36.16 14.99
C TYR X 311 20.43 -36.60 14.85
N ASP X 312 20.67 -37.90 14.70
CA ASP X 312 22.03 -38.43 14.57
C ASP X 312 22.42 -38.45 13.09
N TYR X 313 22.64 -37.26 12.55
CA TYR X 313 22.96 -37.10 11.13
C TYR X 313 23.66 -35.77 10.96
N ILE X 314 24.77 -35.77 10.20
CA ILE X 314 25.60 -34.57 10.12
C ILE X 314 24.90 -33.45 9.36
N GLY X 315 23.84 -33.75 8.62
CA GLY X 315 23.16 -32.72 7.87
C GLY X 315 22.55 -31.65 8.75
N ASN X 316 22.05 -32.04 9.94
CA ASN X 316 21.43 -31.11 10.86
C ASN X 316 22.43 -30.41 11.76
N ASN X 317 23.72 -30.73 11.65
CA ASN X 317 24.74 -30.05 12.42
C ASN X 317 24.83 -28.61 11.94
N PRO X 318 24.68 -27.63 12.82
CA PRO X 318 24.70 -26.22 12.37
C PRO X 318 26.07 -25.73 11.95
N ALA X 319 27.12 -26.52 12.14
CA ALA X 319 28.47 -26.11 11.80
C ALA X 319 28.94 -26.67 10.46
N LYS X 320 28.03 -27.22 9.67
CA LYS X 320 28.39 -27.77 8.36
C LYS X 320 27.97 -26.86 7.21
N GLY X 321 27.40 -25.70 7.50
CA GLY X 321 26.89 -24.82 6.47
C GLY X 321 27.97 -23.91 5.91
N GLY X 322 27.51 -22.96 5.09
CA GLY X 322 28.39 -21.98 4.48
C GLY X 322 27.81 -20.59 4.59
N LEU X 323 28.69 -19.60 4.43
CA LEU X 323 28.27 -18.21 4.58
C LEU X 323 27.27 -17.82 3.49
N PHE X 324 27.53 -18.23 2.25
CA PHE X 324 26.68 -17.83 1.13
C PHE X 324 25.79 -18.98 0.64
N ARG X 325 25.74 -20.09 1.37
CA ARG X 325 24.77 -21.15 1.09
C ARG X 325 23.47 -20.77 1.78
N THR X 326 22.76 -19.83 1.15
CA THR X 326 21.57 -19.24 1.73
C THR X 326 20.38 -20.19 1.61
N GLY X 327 19.34 -19.89 2.37
CA GLY X 327 18.10 -20.63 2.31
C GLY X 327 17.97 -21.63 3.44
N ALA X 328 16.88 -22.40 3.35
CA ALA X 328 16.58 -23.42 4.33
C ALA X 328 17.44 -24.66 4.10
N MET X 329 17.42 -25.55 5.10
CA MET X 329 18.15 -26.81 4.97
C MET X 329 17.60 -27.66 3.82
N ASN X 330 16.28 -27.64 3.64
CA ASN X 330 15.68 -28.49 2.61
C ASN X 330 16.24 -28.18 1.23
N SER X 331 16.64 -26.93 0.99
CA SER X 331 17.32 -26.59 -0.25
C SER X 331 18.75 -27.12 -0.29
N GLY X 332 19.27 -27.59 0.83
CA GLY X 332 20.63 -28.07 0.89
C GLY X 332 20.81 -29.47 0.37
N ASP X 333 20.11 -30.44 0.97
CA ASP X 333 20.22 -31.84 0.57
C ASP X 333 18.86 -32.48 0.44
N GLY X 334 17.86 -31.72 0.00
CA GLY X 334 16.54 -32.26 -0.21
C GLY X 334 15.72 -32.36 1.07
N ILE X 335 14.52 -32.88 0.92
CA ILE X 335 13.59 -33.05 2.03
C ILE X 335 13.67 -34.49 2.50
N ALA X 336 13.95 -34.70 3.78
CA ALA X 336 13.98 -36.05 4.32
C ALA X 336 12.60 -36.68 4.20
N VAL X 337 12.54 -37.91 3.69
CA VAL X 337 11.27 -38.59 3.49
C VAL X 337 11.19 -39.94 4.17
N GLY X 338 12.29 -40.59 4.50
CA GLY X 338 12.24 -41.87 5.18
C GLY X 338 13.60 -42.28 5.69
N TRP X 339 13.59 -43.23 6.62
CA TRP X 339 14.80 -43.78 7.20
C TRP X 339 15.04 -45.16 6.62
N LEU X 340 16.16 -45.32 5.90
CA LEU X 340 16.47 -46.61 5.32
C LEU X 340 16.73 -47.66 6.38
N GLY X 341 17.45 -47.29 7.43
CA GLY X 341 17.75 -48.19 8.52
C GLY X 341 19.20 -48.05 8.92
N HIS X 342 19.65 -48.96 9.77
CA HIS X 342 21.04 -48.98 10.22
C HIS X 342 21.83 -49.94 9.36
N ALA X 343 22.95 -49.48 8.82
CA ALA X 343 23.76 -50.27 7.92
C ALA X 343 24.90 -50.93 8.69
N SER X 344 25.04 -52.25 8.52
CA SER X 344 26.12 -53.03 9.11
C SER X 344 26.98 -53.57 7.99
N PHE X 345 28.28 -53.29 8.06
CA PHE X 345 29.24 -53.72 7.05
C PHE X 345 30.03 -54.90 7.59
N LYS X 346 30.14 -55.95 6.79
CA LYS X 346 30.81 -57.17 7.21
C LYS X 346 31.69 -57.66 6.08
N ASP X 347 32.94 -57.98 6.40
CA ASP X 347 33.84 -58.53 5.39
C ASP X 347 33.51 -60.00 5.14
N GLN X 348 34.18 -60.58 4.14
CA GLN X 348 33.94 -61.97 3.80
C GLN X 348 34.30 -62.91 4.95
N GLU X 349 35.31 -62.55 5.75
CA GLU X 349 35.67 -63.37 6.91
C GLU X 349 34.54 -63.42 7.93
N GLY X 350 33.91 -62.27 8.18
CA GLY X 350 32.82 -62.21 9.14
C GLY X 350 32.98 -61.11 10.15
N ARG X 351 34.15 -60.48 10.19
CA ARG X 351 34.38 -59.37 11.11
C ARG X 351 33.46 -58.21 10.78
N GLU X 352 32.82 -57.65 11.80
CA GLU X 352 31.97 -56.50 11.61
C GLU X 352 32.83 -55.25 11.46
N LEU X 353 32.56 -54.47 10.41
CA LEU X 353 33.31 -53.26 10.12
C LEU X 353 32.46 -52.04 10.42
N PHE X 354 33.07 -51.04 11.05
CA PHE X 354 32.41 -49.78 11.37
C PHE X 354 33.07 -48.67 10.58
N VAL X 355 32.24 -47.85 9.92
CA VAL X 355 32.73 -46.74 9.11
C VAL X 355 33.02 -45.55 10.03
N ARG X 356 34.20 -44.95 9.85
CA ARG X 356 34.56 -43.79 10.65
C ARG X 356 33.72 -42.58 10.25
N ARG X 357 33.09 -41.96 11.23
CA ARG X 357 32.23 -40.82 10.97
C ARG X 357 33.06 -39.57 10.70
N MET X 358 32.57 -38.75 9.77
CA MET X 358 33.29 -37.55 9.38
C MET X 358 33.28 -36.54 10.52
N PRO X 359 34.42 -36.00 10.92
CA PRO X 359 34.43 -34.95 11.93
C PRO X 359 33.69 -33.72 11.43
N THR X 360 33.09 -32.99 12.36
CA THR X 360 32.28 -31.82 12.01
C THR X 360 33.09 -30.70 11.42
N PHE X 361 34.38 -30.90 11.20
CA PHE X 361 35.28 -29.82 10.84
C PHE X 361 35.90 -29.99 9.46
N PHE X 362 35.71 -31.15 8.82
CA PHE X 362 36.23 -31.42 7.49
C PHE X 362 35.16 -31.19 6.44
N GLU X 363 35.54 -30.53 5.34
CA GLU X 363 34.64 -30.42 4.20
C GLU X 363 34.54 -31.74 3.45
N THR X 364 35.67 -32.40 3.22
CA THR X 364 35.73 -33.69 2.55
C THR X 364 36.55 -34.63 3.40
N PHE X 365 36.00 -35.81 3.70
CA PHE X 365 36.66 -36.78 4.55
C PHE X 365 36.69 -38.13 3.83
N PRO X 366 37.86 -38.76 3.71
CA PRO X 366 37.91 -40.09 3.11
C PRO X 366 37.11 -41.10 3.93
N VAL X 367 36.47 -42.02 3.23
CA VAL X 367 35.65 -43.05 3.87
C VAL X 367 36.55 -44.23 4.24
N LEU X 368 36.47 -44.63 5.50
CA LEU X 368 37.29 -45.73 6.03
C LEU X 368 36.42 -46.65 6.85
N LEU X 369 36.48 -47.94 6.56
CA LEU X 369 35.79 -48.97 7.33
C LEU X 369 36.82 -49.64 8.22
N LEU X 370 36.70 -49.40 9.53
CA LEU X 370 37.67 -49.86 10.51
C LEU X 370 37.24 -51.17 11.13
N ASP X 371 38.18 -51.82 11.80
CA ASP X 371 37.90 -53.05 12.52
C ASP X 371 37.26 -52.72 13.86
N LYS X 372 37.07 -53.73 14.70
CA LYS X 372 36.52 -53.46 16.03
C LYS X 372 37.54 -52.81 16.95
N ASP X 373 38.83 -53.03 16.70
CA ASP X 373 39.89 -52.46 17.51
C ASP X 373 40.44 -51.16 16.94
N GLY X 374 39.88 -50.66 15.85
CA GLY X 374 40.34 -49.43 15.23
C GLY X 374 41.30 -49.61 14.08
N ILE X 375 41.67 -50.84 13.74
CA ILE X 375 42.57 -51.10 12.63
C ILE X 375 41.80 -50.92 11.32
N VAL X 376 42.44 -50.28 10.34
CA VAL X 376 41.80 -50.03 9.06
C VAL X 376 41.67 -51.34 8.29
N ARG X 377 40.48 -51.63 7.81
CA ARG X 377 40.22 -52.84 7.03
C ARG X 377 39.83 -52.56 5.59
N ALA X 378 38.96 -51.57 5.35
CA ALA X 378 38.55 -51.26 3.99
C ALA X 378 38.53 -49.75 3.81
N ASP X 379 38.64 -49.31 2.55
CA ASP X 379 38.59 -47.89 2.24
C ASP X 379 38.45 -47.71 0.75
N VAL X 380 37.58 -46.79 0.35
CA VAL X 380 37.48 -46.38 -1.04
C VAL X 380 38.71 -45.53 -1.34
N PRO X 381 39.56 -45.93 -2.29
CA PRO X 381 40.75 -45.13 -2.59
C PRO X 381 40.39 -43.80 -3.21
N PHE X 382 41.36 -42.89 -3.19
CA PHE X 382 41.21 -41.63 -3.91
C PHE X 382 40.87 -41.91 -5.37
N ARG X 383 40.22 -40.93 -6.00
CA ARG X 383 39.72 -41.12 -7.36
C ARG X 383 40.82 -41.63 -8.29
N LYS X 384 40.53 -42.73 -8.98
CA LYS X 384 41.41 -43.31 -9.99
C LYS X 384 42.83 -43.52 -9.44
N ALA X 385 42.91 -44.11 -8.25
CA ALA X 385 44.18 -44.38 -7.60
C ALA X 385 44.33 -45.87 -7.34
N GLU X 386 45.55 -46.37 -7.50
CA GLU X 386 45.83 -47.77 -7.21
C GLU X 386 45.58 -48.06 -5.74
N SER X 387 44.97 -49.20 -5.47
CA SER X 387 44.49 -49.53 -4.13
C SER X 387 44.98 -50.91 -3.72
N LYS X 388 44.91 -51.16 -2.41
CA LYS X 388 45.25 -52.45 -1.84
C LYS X 388 44.22 -52.97 -0.85
N TYR X 389 43.30 -52.13 -0.37
CA TYR X 389 42.25 -52.53 0.55
C TYR X 389 40.90 -52.01 0.10
N SER X 390 40.69 -51.95 -1.21
CA SER X 390 39.44 -51.41 -1.74
C SER X 390 38.27 -52.33 -1.38
N ILE X 391 37.05 -51.83 -1.64
CA ILE X 391 35.86 -52.61 -1.34
C ILE X 391 35.82 -53.89 -2.17
N GLU X 392 36.17 -53.79 -3.46
CA GLU X 392 36.15 -54.97 -4.32
C GLU X 392 37.15 -56.01 -3.85
N GLN X 393 38.35 -55.59 -3.47
CA GLN X 393 39.39 -56.54 -3.06
C GLN X 393 39.04 -57.21 -1.75
N VAL X 394 38.64 -56.42 -0.74
CA VAL X 394 38.29 -57.00 0.56
C VAL X 394 37.00 -57.79 0.47
N GLY X 395 36.03 -57.30 -0.31
CA GLY X 395 34.76 -57.97 -0.42
C GLY X 395 33.84 -57.69 0.75
N VAL X 396 33.46 -56.42 0.90
CA VAL X 396 32.61 -55.98 2.00
C VAL X 396 31.16 -56.05 1.57
N SER X 397 30.31 -56.58 2.45
CA SER X 397 28.88 -56.70 2.20
C SER X 397 28.12 -55.91 3.26
N VAL X 398 27.08 -55.20 2.82
CA VAL X 398 26.29 -54.34 3.71
C VAL X 398 24.91 -54.96 3.88
N THR X 399 24.41 -54.94 5.11
CA THR X 399 23.06 -55.39 5.42
C THR X 399 22.38 -54.37 6.32
N PHE X 400 21.08 -54.16 6.10
CA PHE X 400 20.36 -53.12 6.81
C PHE X 400 19.41 -53.71 7.82
N TYR X 401 19.26 -53.00 8.94
CA TYR X 401 18.35 -53.40 10.02
C TYR X 401 17.39 -52.26 10.29
N GLY X 402 16.11 -52.59 10.38
CA GLY X 402 15.09 -51.61 10.69
C GLY X 402 14.85 -50.61 9.57
N GLY X 403 13.79 -49.82 9.70
CA GLY X 403 13.54 -48.78 8.72
C GLY X 403 12.99 -49.30 7.42
N GLU X 404 13.12 -48.48 6.38
CA GLU X 404 12.57 -48.80 5.07
C GLU X 404 13.23 -50.05 4.49
N LEU X 405 14.56 -50.14 4.57
CA LEU X 405 15.31 -51.28 4.08
C LEU X 405 15.60 -52.18 5.27
N ASP X 406 14.74 -53.17 5.48
CA ASP X 406 14.88 -54.10 6.59
C ASP X 406 15.12 -55.50 6.05
N GLY X 407 16.20 -56.12 6.49
CA GLY X 407 16.51 -57.48 6.07
C GLY X 407 17.08 -57.61 4.68
N LEU X 408 17.38 -56.50 4.00
CA LEU X 408 17.91 -56.54 2.65
C LEU X 408 19.43 -56.45 2.70
N THR X 409 20.09 -57.38 2.02
CA THR X 409 21.54 -57.46 1.98
C THR X 409 22.03 -57.20 0.57
N PHE X 410 23.04 -56.35 0.44
CA PHE X 410 23.63 -55.99 -0.85
C PHE X 410 25.08 -56.45 -0.89
N THR X 411 25.48 -56.99 -2.03
CA THR X 411 26.85 -57.46 -2.24
C THR X 411 27.55 -56.77 -3.41
N ASP X 412 26.80 -56.15 -4.32
CA ASP X 412 27.39 -55.43 -5.43
C ASP X 412 28.31 -54.33 -4.89
N PRO X 413 29.57 -54.27 -5.31
CA PRO X 413 30.48 -53.27 -4.75
C PRO X 413 30.04 -51.83 -4.97
N ALA X 414 29.32 -51.53 -6.06
CA ALA X 414 28.92 -50.15 -6.31
C ALA X 414 27.94 -49.66 -5.25
N THR X 415 26.88 -50.42 -4.99
CA THR X 415 25.92 -50.01 -3.98
C THR X 415 26.54 -50.04 -2.58
N VAL X 416 27.49 -50.96 -2.34
CA VAL X 416 28.20 -50.98 -1.07
C VAL X 416 28.98 -49.69 -0.88
N LYS X 417 29.69 -49.24 -1.92
CA LYS X 417 30.42 -47.98 -1.83
C LYS X 417 29.46 -46.81 -1.61
N LYS X 418 28.33 -46.80 -2.31
CA LYS X 418 27.36 -45.73 -2.16
C LYS X 418 26.85 -45.66 -0.72
N TYR X 419 26.50 -46.82 -0.16
CA TYR X 419 25.96 -46.80 1.20
C TYR X 419 27.05 -46.53 2.23
N ALA X 420 28.30 -46.89 1.94
CA ALA X 420 29.40 -46.51 2.82
C ALA X 420 29.58 -45.00 2.85
N ARG X 421 29.51 -44.36 1.68
CA ARG X 421 29.59 -42.91 1.63
C ARG X 421 28.42 -42.29 2.37
N LYS X 422 27.22 -42.84 2.22
CA LYS X 422 26.06 -42.32 2.94
C LYS X 422 26.23 -42.47 4.45
N ALA X 423 26.73 -43.62 4.90
CA ALA X 423 26.88 -43.88 6.33
C ALA X 423 28.06 -43.14 6.94
N GLN X 424 28.98 -42.64 6.11
CA GLN X 424 30.03 -41.77 6.63
C GLN X 424 29.45 -40.55 7.34
N LEU X 425 28.30 -40.07 6.87
CA LEU X 425 27.66 -38.90 7.47
C LEU X 425 26.87 -39.23 8.73
N GLY X 426 26.63 -40.51 9.01
CA GLY X 426 25.84 -40.88 10.15
C GLY X 426 24.73 -41.85 9.79
N GLU X 427 23.49 -41.50 10.12
CA GLU X 427 22.36 -42.33 9.73
C GLU X 427 21.97 -42.05 8.28
N ILE X 428 21.53 -43.08 7.59
CA ILE X 428 21.21 -42.99 6.17
C ILE X 428 19.72 -42.69 6.03
N PHE X 429 19.40 -41.67 5.22
CA PHE X 429 18.03 -41.24 5.04
C PHE X 429 17.74 -41.03 3.56
N GLU X 430 16.50 -41.32 3.18
CA GLU X 430 16.05 -41.06 1.81
C GLU X 430 15.65 -39.59 1.68
N PHE X 431 16.08 -38.96 0.59
CA PHE X 431 15.90 -37.53 0.40
C PHE X 431 15.21 -37.26 -0.92
N ASP X 432 14.25 -36.35 -0.89
CA ASP X 432 13.57 -35.84 -2.09
C ASP X 432 14.32 -34.59 -2.53
N ARG X 433 15.09 -34.71 -3.60
CA ARG X 433 15.94 -33.63 -4.07
C ARG X 433 15.36 -32.94 -5.30
N SER X 434 14.12 -33.26 -5.67
CA SER X 434 13.51 -32.69 -6.86
C SER X 434 12.48 -31.60 -6.57
N THR X 435 11.85 -31.63 -5.40
CA THR X 435 10.79 -30.66 -5.11
C THR X 435 11.34 -29.24 -5.04
N LEU X 436 12.49 -29.05 -4.40
CA LEU X 436 13.08 -27.74 -4.21
C LEU X 436 14.33 -27.52 -5.04
N GLN X 437 14.66 -28.45 -5.94
CA GLN X 437 15.87 -28.35 -6.75
C GLN X 437 17.10 -28.14 -5.87
N SER X 438 17.24 -28.99 -4.86
CA SER X 438 18.30 -28.82 -3.88
C SER X 438 19.67 -28.98 -4.52
N ASP X 439 20.61 -28.14 -4.09
CA ASP X 439 21.94 -28.14 -4.68
C ASP X 439 22.71 -29.41 -4.35
N GLY X 440 22.67 -29.85 -3.09
CA GLY X 440 23.46 -30.97 -2.63
C GLY X 440 24.47 -30.63 -1.58
N VAL X 441 24.56 -29.37 -1.13
CA VAL X 441 25.53 -28.93 -0.14
C VAL X 441 24.77 -28.43 1.09
N PHE X 442 25.27 -28.81 2.26
CA PHE X 442 24.56 -28.52 3.50
C PHE X 442 24.47 -27.02 3.74
N ARG X 443 23.32 -26.58 4.26
CA ARG X 443 23.13 -25.22 4.73
C ARG X 443 23.35 -25.17 6.24
N SER X 444 22.99 -24.05 6.85
CA SER X 444 23.19 -23.85 8.28
C SER X 444 21.86 -23.71 8.99
N SER X 445 21.83 -24.12 10.25
CA SER X 445 20.63 -24.07 11.06
C SER X 445 20.31 -22.62 11.44
N PRO X 446 19.07 -22.33 11.81
CA PRO X 446 18.77 -21.02 12.39
C PRO X 446 19.60 -20.70 13.62
N ARG X 447 20.02 -21.73 14.37
CA ARG X 447 20.92 -21.52 15.50
C ARG X 447 22.20 -20.84 15.05
N GLY X 448 22.83 -21.37 14.00
CA GLY X 448 24.07 -20.79 13.53
C GLY X 448 23.92 -19.38 12.99
N TRP X 449 22.85 -19.14 12.22
CA TRP X 449 22.61 -17.81 11.69
C TRP X 449 22.37 -16.81 12.80
N PHE X 450 21.56 -17.18 13.79
CA PHE X 450 21.31 -16.31 14.93
C PHE X 450 22.61 -15.97 15.64
N THR X 451 23.43 -16.99 15.92
CA THR X 451 24.68 -16.76 16.63
C THR X 451 25.60 -15.83 15.84
N PHE X 452 25.75 -16.10 14.54
CA PHE X 452 26.65 -15.29 13.72
C PHE X 452 26.19 -13.83 13.69
N GLY X 453 24.91 -13.62 13.38
CA GLY X 453 24.41 -12.26 13.32
C GLY X 453 24.56 -11.52 14.63
N HIS X 454 24.25 -12.18 15.75
CA HIS X 454 24.27 -11.47 17.01
C HIS X 454 25.69 -11.23 17.52
N VAL X 455 26.64 -12.13 17.24
CA VAL X 455 28.02 -11.84 17.62
C VAL X 455 28.56 -10.68 16.79
N CYS X 456 28.25 -10.63 15.49
CA CYS X 456 28.71 -9.50 14.69
C CYS X 456 28.12 -8.19 15.18
N PHE X 457 26.81 -8.20 15.50
CA PHE X 457 26.19 -7.00 16.03
C PHE X 457 26.81 -6.60 17.36
N ALA X 458 27.15 -7.58 18.20
CA ALA X 458 27.73 -7.26 19.49
C ALA X 458 29.10 -6.63 19.34
N LEU X 459 29.91 -7.11 18.41
CA LEU X 459 31.22 -6.49 18.18
C LEU X 459 31.05 -5.06 17.67
N LEU X 460 30.18 -4.86 16.68
CA LEU X 460 29.96 -3.51 16.19
C LEU X 460 29.45 -2.60 17.29
N PHE X 461 28.62 -3.11 18.18
CA PHE X 461 28.08 -2.30 19.26
C PHE X 461 29.13 -2.05 20.34
N PHE X 462 30.10 -2.94 20.51
CA PHE X 462 31.22 -2.63 21.39
C PHE X 462 31.99 -1.43 20.84
N PHE X 463 32.23 -1.42 19.53
CA PHE X 463 32.88 -0.24 18.94
C PHE X 463 32.03 1.01 19.14
N GLY X 464 30.71 0.88 18.97
CA GLY X 464 29.83 2.02 19.19
C GLY X 464 29.88 2.52 20.62
N HIS X 465 29.95 1.61 21.58
CA HIS X 465 30.06 2.00 22.99
C HIS X 465 31.34 2.77 23.23
N ILE X 466 32.45 2.28 22.67
CA ILE X 466 33.71 3.00 22.81
C ILE X 466 33.59 4.41 22.24
N TRP X 467 33.05 4.52 21.03
CA TRP X 467 32.98 5.83 20.37
C TRP X 467 32.09 6.79 21.16
N HIS X 468 30.92 6.33 21.59
CA HIS X 468 30.00 7.23 22.27
C HIS X 468 30.47 7.59 23.67
N GLY X 469 31.12 6.65 24.38
CA GLY X 469 31.73 7.01 25.64
C GLY X 469 32.84 8.03 25.48
N ALA X 470 33.67 7.87 24.44
CA ALA X 470 34.70 8.85 24.17
C ALA X 470 34.10 10.22 23.89
N ARG X 471 33.03 10.25 23.09
CA ARG X 471 32.40 11.52 22.76
C ARG X 471 31.79 12.18 23.99
N THR X 472 31.13 11.39 24.86
CA THR X 472 30.46 12.00 26.00
C THR X 472 31.45 12.41 27.09
N ILE X 473 32.61 11.76 27.16
CA ILE X 473 33.60 12.12 28.18
C ILE X 473 34.62 13.12 27.67
N PHE X 474 34.49 13.55 26.41
CA PHE X 474 35.37 14.56 25.81
C PHE X 474 34.57 15.65 25.12
N ARG X 475 33.42 16.03 25.69
CA ARG X 475 32.50 16.91 24.98
C ARG X 475 33.09 18.30 24.77
N ASP X 476 33.92 18.76 25.72
CA ASP X 476 34.47 20.11 25.62
C ASP X 476 35.37 20.25 24.40
N VAL X 477 36.20 19.25 24.14
CA VAL X 477 37.08 19.31 22.97
C VAL X 477 36.35 18.85 21.72
N PHE X 478 35.33 18.01 21.86
CA PHE X 478 34.53 17.60 20.71
C PHE X 478 33.53 18.66 20.28
N ALA X 479 33.43 19.77 21.02
CA ALA X 479 32.53 20.85 20.65
C ALA X 479 32.93 21.55 19.34
N GLY X 480 33.99 21.06 18.70
CA GLY X 480 34.37 21.61 17.41
C GLY X 480 35.75 22.22 17.35
N ILE X 481 36.68 21.71 18.15
CA ILE X 481 38.05 22.21 18.15
C ILE X 481 38.69 22.02 16.78
N GLY Y 1 88.72 15.65 11.52
CA GLY Y 1 87.64 15.72 10.55
C GLY Y 1 86.97 17.09 10.50
N ARG Y 2 85.65 17.10 10.44
CA ARG Y 2 84.89 18.34 10.40
C ARG Y 2 83.53 18.12 11.04
N ASP Y 3 82.90 19.22 11.44
CA ASP Y 3 81.62 19.19 12.13
C ASP Y 3 80.48 19.52 11.16
N GLN Y 4 79.25 19.46 11.68
CA GLN Y 4 78.09 19.76 10.86
C GLN Y 4 78.01 21.24 10.53
N GLU Y 5 78.37 22.10 11.47
CA GLU Y 5 78.21 23.54 11.28
C GLU Y 5 79.05 24.05 10.10
N THR Y 6 80.27 23.56 9.97
CA THR Y 6 81.18 24.03 8.94
C THR Y 6 81.02 23.28 7.62
N THR Y 7 80.15 22.28 7.55
CA THR Y 7 79.99 21.51 6.32
C THR Y 7 78.52 21.39 5.92
N GLY Y 8 77.62 21.39 6.90
CA GLY Y 8 76.21 21.21 6.63
C GLY Y 8 75.77 19.77 6.49
N PHE Y 9 76.67 18.81 6.67
CA PHE Y 9 76.34 17.39 6.56
C PHE Y 9 76.48 16.73 7.93
N ALA Y 10 75.45 15.97 8.31
CA ALA Y 10 75.47 15.27 9.59
C ALA Y 10 76.50 14.15 9.55
N TRP Y 11 76.63 13.45 10.69
CA TRP Y 11 77.61 12.37 10.78
C TRP Y 11 77.28 11.24 9.80
N TRP Y 12 76.00 10.89 9.68
CA TRP Y 12 75.59 9.82 8.77
C TRP Y 12 75.68 10.24 7.30
N SER Y 13 76.21 11.42 7.01
CA SER Y 13 76.57 11.83 5.66
C SER Y 13 77.99 12.34 5.62
N GLY Y 14 78.83 11.84 6.54
CA GLY Y 14 80.14 12.43 6.74
C GLY Y 14 81.03 12.39 5.51
N ASN Y 15 80.98 11.27 4.78
CA ASN Y 15 81.81 11.17 3.57
C ASN Y 15 81.47 12.24 2.55
N ALA Y 16 80.24 12.76 2.59
CA ALA Y 16 79.88 13.84 1.67
C ALA Y 16 80.70 15.09 1.88
N ARG Y 17 81.38 15.20 3.03
CA ARG Y 17 82.26 16.33 3.28
C ARG Y 17 83.56 16.25 2.48
N LEU Y 18 83.83 15.13 1.83
CA LEU Y 18 85.08 14.95 1.10
C LEU Y 18 84.98 15.29 -0.38
N ILE Y 19 83.85 15.83 -0.83
CA ILE Y 19 83.67 16.07 -2.25
C ILE Y 19 84.70 17.06 -2.77
N ASN Y 20 84.95 18.12 -2.02
CA ASN Y 20 85.85 19.19 -2.45
C ASN Y 20 87.29 18.99 -1.97
N LEU Y 21 87.58 17.90 -1.28
CA LEU Y 21 88.93 17.61 -0.78
C LEU Y 21 89.51 16.48 -1.64
N SER Y 22 90.45 16.84 -2.52
CA SER Y 22 91.00 15.86 -3.44
C SER Y 22 91.86 14.82 -2.71
N GLY Y 23 92.76 15.27 -1.84
CA GLY Y 23 93.66 14.35 -1.18
C GLY Y 23 92.94 13.37 -0.27
N LYS Y 24 91.97 13.88 0.50
CA LYS Y 24 91.21 13.02 1.39
C LYS Y 24 90.44 11.96 0.60
N LEU Y 25 89.82 12.38 -0.51
CA LEU Y 25 89.07 11.45 -1.35
C LEU Y 25 89.99 10.38 -1.93
N LEU Y 26 91.17 10.80 -2.40
CA LEU Y 26 92.12 9.83 -2.93
C LEU Y 26 92.55 8.83 -1.86
N GLY Y 27 92.80 9.31 -0.65
CA GLY Y 27 93.16 8.40 0.43
C GLY Y 27 92.06 7.42 0.76
N ALA Y 28 90.81 7.91 0.80
CA ALA Y 28 89.69 7.03 1.07
C ALA Y 28 89.56 5.96 -0.01
N HIS Y 29 89.70 6.35 -1.28
CA HIS Y 29 89.60 5.38 -2.36
C HIS Y 29 90.71 4.33 -2.28
N VAL Y 30 91.93 4.77 -1.97
CA VAL Y 30 93.04 3.83 -1.88
C VAL Y 30 92.83 2.86 -0.72
N ALA Y 31 92.35 3.38 0.42
CA ALA Y 31 92.07 2.50 1.55
C ALA Y 31 90.98 1.48 1.22
N HIS Y 32 89.95 1.90 0.48
CA HIS Y 32 88.91 0.96 0.10
C HIS Y 32 89.44 -0.11 -0.84
N ALA Y 33 90.31 0.27 -1.78
CA ALA Y 33 90.93 -0.73 -2.65
C ALA Y 33 91.77 -1.71 -1.82
N GLY Y 34 92.46 -1.19 -0.81
CA GLY Y 34 93.16 -2.06 0.11
C GLY Y 34 92.24 -3.03 0.81
N LEU Y 35 91.05 -2.57 1.21
CA LEU Y 35 90.06 -3.46 1.80
C LEU Y 35 89.64 -4.55 0.82
N ILE Y 36 89.44 -4.18 -0.44
CA ILE Y 36 89.00 -5.17 -1.44
C ILE Y 36 90.04 -6.26 -1.60
N VAL Y 37 91.30 -5.86 -1.80
CA VAL Y 37 92.33 -6.89 -1.98
C VAL Y 37 92.59 -7.65 -0.69
N PHE Y 38 92.35 -7.02 0.47
CA PHE Y 38 92.44 -7.75 1.73
C PHE Y 38 91.42 -8.87 1.78
N TRP Y 39 90.18 -8.58 1.41
CA TRP Y 39 89.18 -9.64 1.40
C TRP Y 39 89.55 -10.71 0.39
N ALA Y 40 90.04 -10.31 -0.78
CA ALA Y 40 90.44 -11.29 -1.78
C ALA Y 40 91.48 -12.26 -1.23
N GLY Y 41 92.55 -11.72 -0.66
CA GLY Y 41 93.61 -12.58 -0.13
C GLY Y 41 93.14 -13.43 1.04
N ALA Y 42 92.41 -12.82 1.98
CA ALA Y 42 91.97 -13.56 3.16
C ALA Y 42 91.02 -14.69 2.79
N MET Y 43 90.07 -14.41 1.90
CA MET Y 43 89.16 -15.46 1.46
C MET Y 43 89.89 -16.55 0.68
N ASN Y 44 90.86 -16.17 -0.15
CA ASN Y 44 91.63 -17.18 -0.87
C ASN Y 44 92.35 -18.10 0.10
N LEU Y 45 92.99 -17.53 1.13
CA LEU Y 45 93.68 -18.36 2.11
C LEU Y 45 92.71 -19.22 2.90
N PHE Y 46 91.56 -18.66 3.29
CA PHE Y 46 90.59 -19.41 4.05
C PHE Y 46 90.06 -20.60 3.26
N GLU Y 47 89.77 -20.38 1.98
CA GLU Y 47 89.27 -21.48 1.14
C GLU Y 47 90.36 -22.50 0.84
N VAL Y 48 91.62 -22.05 0.74
CA VAL Y 48 92.71 -23.00 0.55
C VAL Y 48 92.86 -23.89 1.77
N SER Y 49 92.78 -23.30 2.97
CA SER Y 49 92.91 -24.10 4.19
C SER Y 49 91.79 -25.13 4.30
N HIS Y 50 90.57 -24.73 4.00
CA HIS Y 50 89.41 -25.62 4.07
C HIS Y 50 89.15 -26.30 2.73
N PHE Y 51 90.17 -26.92 2.16
CA PHE Y 51 90.07 -27.53 0.84
C PHE Y 51 90.50 -28.98 0.89
N VAL Y 52 89.68 -29.86 0.33
CA VAL Y 52 90.00 -31.27 0.17
C VAL Y 52 90.07 -31.56 -1.33
N PRO Y 53 91.28 -31.67 -1.90
CA PRO Y 53 91.40 -31.81 -3.35
C PRO Y 53 90.75 -33.06 -3.91
N GLU Y 54 90.52 -34.08 -3.08
CA GLU Y 54 89.90 -35.30 -3.57
C GLU Y 54 88.47 -35.05 -4.06
N LYS Y 55 87.70 -34.27 -3.30
CA LYS Y 55 86.32 -34.01 -3.65
C LYS Y 55 86.21 -32.90 -4.71
N PRO Y 56 85.10 -32.87 -5.45
CA PRO Y 56 84.92 -31.79 -6.43
C PRO Y 56 84.85 -30.43 -5.75
N MET Y 57 85.28 -29.41 -6.50
CA MET Y 57 85.38 -28.07 -5.95
C MET Y 57 84.02 -27.49 -5.58
N TYR Y 58 82.92 -28.03 -6.10
CA TYR Y 58 81.60 -27.48 -5.82
C TYR Y 58 80.88 -28.19 -4.69
N GLU Y 59 81.31 -29.40 -4.32
CA GLU Y 59 80.70 -30.07 -3.17
C GLU Y 59 80.98 -29.31 -1.87
N GLN Y 60 82.07 -28.55 -1.83
CA GLN Y 60 82.40 -27.69 -0.70
C GLN Y 60 82.34 -26.24 -1.16
N GLY Y 61 81.91 -25.36 -0.26
CA GLY Y 61 81.54 -24.01 -0.63
C GLY Y 61 82.69 -23.10 -1.01
N LEU Y 62 83.32 -23.38 -2.14
CA LEU Y 62 84.44 -22.58 -2.63
C LEU Y 62 83.96 -21.66 -3.75
N ILE Y 63 84.43 -20.42 -3.72
CA ILE Y 63 84.01 -19.40 -4.68
C ILE Y 63 85.18 -18.87 -5.49
N LEU Y 64 86.31 -18.58 -4.85
CA LEU Y 64 87.48 -18.04 -5.53
C LEU Y 64 88.36 -19.12 -6.14
N LEU Y 65 88.43 -20.28 -5.49
CA LEU Y 65 89.13 -21.42 -6.07
C LEU Y 65 88.62 -21.81 -7.44
N PRO Y 66 87.31 -21.87 -7.71
CA PRO Y 66 86.89 -22.08 -9.11
C PRO Y 66 87.44 -21.05 -10.06
N HIS Y 67 87.55 -19.79 -9.64
CA HIS Y 67 88.11 -18.75 -10.49
C HIS Y 67 89.57 -19.06 -10.82
N ILE Y 68 90.38 -19.30 -9.79
CA ILE Y 68 91.80 -19.55 -10.04
C ILE Y 68 91.98 -20.83 -10.85
N ALA Y 69 91.06 -21.79 -10.69
CA ALA Y 69 91.14 -23.02 -11.48
C ALA Y 69 90.83 -22.77 -12.95
N THR Y 70 89.76 -22.01 -13.23
CA THR Y 70 89.41 -21.77 -14.63
C THR Y 70 90.40 -20.86 -15.31
N LEU Y 71 91.18 -20.09 -14.55
CA LEU Y 71 92.35 -19.46 -15.15
C LEU Y 71 93.40 -20.48 -15.57
N GLY Y 72 93.37 -21.69 -15.01
CA GLY Y 72 94.23 -22.75 -15.48
C GLY Y 72 95.46 -23.00 -14.64
N TYR Y 73 95.31 -22.99 -13.31
CA TYR Y 73 96.41 -23.22 -12.39
C TYR Y 73 96.14 -24.50 -11.60
N GLY Y 74 97.06 -25.45 -11.69
CA GLY Y 74 96.94 -26.69 -10.93
C GLY Y 74 95.71 -27.50 -11.25
N VAL Y 75 95.37 -27.62 -12.53
CA VAL Y 75 94.22 -28.40 -12.98
C VAL Y 75 94.66 -29.32 -14.11
N GLY Y 76 94.37 -30.61 -13.96
CA GLY Y 76 94.63 -31.57 -14.99
C GLY Y 76 93.38 -31.83 -15.82
N PRO Y 77 93.46 -32.78 -16.75
CA PRO Y 77 92.28 -33.10 -17.57
C PRO Y 77 91.14 -33.61 -16.70
N GLY Y 78 89.93 -33.16 -17.03
CA GLY Y 78 88.75 -33.54 -16.28
C GLY Y 78 88.52 -32.77 -15.00
N GLY Y 79 89.40 -31.84 -14.65
CA GLY Y 79 89.23 -31.04 -13.45
C GLY Y 79 89.96 -31.52 -12.22
N GLU Y 80 90.84 -32.51 -12.34
CA GLU Y 80 91.61 -32.97 -11.19
C GLU Y 80 92.60 -31.91 -10.75
N ILE Y 81 92.82 -31.83 -9.44
CA ILE Y 81 93.76 -30.86 -8.88
C ILE Y 81 95.16 -31.46 -8.92
N ILE Y 82 96.01 -30.93 -9.80
CA ILE Y 82 97.41 -31.37 -9.85
C ILE Y 82 98.14 -30.96 -8.59
N ASP Y 83 97.98 -29.70 -8.19
CA ASP Y 83 98.58 -29.18 -6.97
C ASP Y 83 97.79 -27.96 -6.52
N THR Y 84 97.98 -27.57 -5.26
CA THR Y 84 97.23 -26.49 -4.65
C THR Y 84 98.14 -25.35 -4.19
N PHE Y 85 99.33 -25.24 -4.78
CA PHE Y 85 100.26 -24.18 -4.42
C PHE Y 85 99.94 -22.83 -5.06
N PRO Y 86 99.58 -22.77 -6.36
CA PRO Y 86 99.29 -21.46 -6.96
C PRO Y 86 98.17 -20.72 -6.25
N TYR Y 87 97.17 -21.43 -5.74
CA TYR Y 87 96.12 -20.77 -4.97
C TYR Y 87 96.70 -20.09 -3.74
N PHE Y 88 97.61 -20.79 -3.04
CA PHE Y 88 98.24 -20.22 -1.86
C PHE Y 88 99.07 -18.99 -2.21
N VAL Y 89 99.84 -19.05 -3.30
CA VAL Y 89 100.68 -17.92 -3.64
C VAL Y 89 99.82 -16.72 -4.05
N SER Y 90 98.71 -16.98 -4.75
CA SER Y 90 97.79 -15.90 -5.09
C SER Y 90 97.23 -15.24 -3.83
N GLY Y 91 96.82 -16.07 -2.86
CA GLY Y 91 96.27 -15.51 -1.64
C GLY Y 91 97.28 -14.65 -0.89
N VAL Y 92 98.50 -15.16 -0.74
CA VAL Y 92 99.49 -14.41 0.05
C VAL Y 92 99.90 -13.14 -0.70
N LEU Y 93 100.02 -13.20 -2.03
CA LEU Y 93 100.36 -12.01 -2.79
C LEU Y 93 99.28 -10.95 -2.65
N HIS Y 94 98.01 -11.35 -2.72
CA HIS Y 94 96.93 -10.40 -2.56
C HIS Y 94 96.95 -9.79 -1.15
N LEU Y 95 97.26 -10.60 -0.14
CA LEU Y 95 97.33 -10.09 1.23
C LEU Y 95 98.44 -9.04 1.38
N ILE Y 96 99.61 -9.31 0.82
CA ILE Y 96 100.72 -8.36 0.94
C ILE Y 96 100.40 -7.07 0.20
N SER Y 97 99.87 -7.19 -1.02
CA SER Y 97 99.46 -6.00 -1.75
C SER Y 97 98.40 -5.22 -0.98
N SER Y 98 97.54 -5.93 -0.25
CA SER Y 98 96.56 -5.26 0.60
C SER Y 98 97.23 -4.46 1.68
N ALA Y 99 98.25 -5.02 2.32
CA ALA Y 99 98.97 -4.27 3.35
C ALA Y 99 99.55 -2.99 2.77
N VAL Y 100 100.17 -3.08 1.60
CA VAL Y 100 100.75 -1.90 0.96
C VAL Y 100 99.68 -0.85 0.69
N LEU Y 101 98.57 -1.29 0.08
CA LEU Y 101 97.52 -0.35 -0.29
C LEU Y 101 96.87 0.28 0.94
N GLY Y 102 96.72 -0.49 2.01
CA GLY Y 102 96.14 0.07 3.22
C GLY Y 102 97.04 1.13 3.84
N PHE Y 103 98.36 0.88 3.86
CA PHE Y 103 99.27 1.90 4.35
C PHE Y 103 99.17 3.17 3.52
N GLY Y 104 99.14 3.02 2.20
CA GLY Y 104 98.99 4.19 1.34
C GLY Y 104 97.69 4.92 1.59
N GLY Y 105 96.61 4.17 1.78
CA GLY Y 105 95.32 4.79 2.00
C GLY Y 105 95.27 5.60 3.28
N VAL Y 106 95.79 5.03 4.38
CA VAL Y 106 95.76 5.77 5.64
C VAL Y 106 96.68 6.99 5.56
N TYR Y 107 97.83 6.84 4.91
CA TYR Y 107 98.73 7.98 4.77
C TYR Y 107 98.07 9.12 4.01
N HIS Y 108 97.50 8.83 2.85
CA HIS Y 108 96.86 9.88 2.07
C HIS Y 108 95.61 10.41 2.76
N SER Y 109 94.97 9.59 3.59
CA SER Y 109 93.72 9.99 4.23
C SER Y 109 93.96 10.94 5.40
N LEU Y 110 95.05 10.76 6.14
CA LEU Y 110 95.18 11.60 7.34
C LEU Y 110 96.58 12.13 7.59
N ILE Y 111 97.44 12.16 6.57
CA ILE Y 111 98.74 12.82 6.70
C ILE Y 111 98.93 13.81 5.56
N GLY Y 112 98.70 13.35 4.33
CA GLY Y 112 98.94 14.15 3.16
C GLY Y 112 98.02 15.36 3.07
N PRO Y 113 98.28 16.23 2.10
CA PRO Y 113 97.50 17.48 2.00
C PRO Y 113 96.04 17.21 1.71
N GLU Y 114 95.18 18.07 2.24
CA GLU Y 114 93.75 17.93 2.01
C GLU Y 114 93.41 18.12 0.54
N THR Y 115 93.98 19.12 -0.10
CA THR Y 115 93.76 19.41 -1.51
C THR Y 115 95.07 19.34 -2.25
N LEU Y 116 95.07 18.65 -3.40
CA LEU Y 116 96.26 18.49 -4.21
C LEU Y 116 96.37 19.52 -5.32
N GLU Y 117 95.45 20.49 -5.37
CA GLU Y 117 95.42 21.42 -6.49
C GLU Y 117 96.67 22.29 -6.54
N GLU Y 118 97.16 22.75 -5.38
CA GLU Y 118 98.23 23.73 -5.35
C GLU Y 118 99.60 23.08 -5.54
N SER Y 119 99.97 22.17 -4.65
CA SER Y 119 101.32 21.63 -4.67
C SER Y 119 101.59 20.79 -5.91
N TYR Y 120 100.61 19.97 -6.32
CA TYR Y 120 100.79 19.01 -7.41
C TYR Y 120 99.74 19.26 -8.49
N PRO Y 121 100.03 20.12 -9.47
CA PRO Y 121 99.03 20.40 -10.51
C PRO Y 121 98.63 19.18 -11.32
N PHE Y 122 99.53 18.20 -11.50
CA PHE Y 122 99.19 17.02 -12.28
C PHE Y 122 98.07 16.23 -11.63
N PHE Y 123 98.19 15.95 -10.34
CA PHE Y 123 97.13 15.25 -9.59
C PHE Y 123 96.17 16.25 -8.96
N GLY Y 124 95.68 17.19 -9.74
CA GLY Y 124 94.79 18.21 -9.21
C GLY Y 124 93.60 18.43 -10.12
N TYR Y 125 92.40 18.20 -9.60
CA TYR Y 125 91.20 18.25 -10.41
C TYR Y 125 90.10 19.00 -9.68
N VAL Y 126 89.23 19.62 -10.46
CA VAL Y 126 87.98 20.20 -9.97
C VAL Y 126 86.86 19.55 -10.76
N TRP Y 127 85.81 19.09 -10.06
CA TRP Y 127 84.73 18.37 -10.73
C TRP Y 127 84.15 19.18 -11.87
N LYS Y 128 84.09 20.51 -11.71
CA LYS Y 128 83.56 21.35 -12.77
C LYS Y 128 84.42 21.30 -14.02
N ASP Y 129 85.72 21.06 -13.87
CA ASP Y 129 86.61 20.98 -15.02
C ASP Y 129 86.20 19.80 -15.91
N LYS Y 130 86.35 19.98 -17.23
CA LYS Y 130 85.91 18.99 -18.19
C LYS Y 130 87.03 18.39 -19.00
N ASN Y 131 88.28 18.77 -18.74
CA ASN Y 131 89.44 18.20 -19.43
C ASN Y 131 90.27 17.29 -18.54
N LYS Y 132 90.51 17.70 -17.29
CA LYS Y 132 91.23 16.85 -16.35
C LYS Y 132 90.45 15.57 -16.08
N MET Y 133 89.13 15.67 -16.01
CA MET Y 133 88.31 14.47 -15.83
C MET Y 133 88.47 13.50 -16.99
N THR Y 134 88.49 14.02 -18.21
CA THR Y 134 88.73 13.17 -19.37
C THR Y 134 90.13 12.55 -19.32
N ASN Y 135 91.11 13.32 -18.83
CA ASN Y 135 92.46 12.76 -18.70
C ASN Y 135 92.47 11.58 -17.74
N ILE Y 136 91.81 11.73 -16.59
CA ILE Y 136 91.74 10.64 -15.61
C ILE Y 136 91.04 9.44 -16.20
N LEU Y 137 89.93 9.69 -16.89
CA LEU Y 137 89.18 8.61 -17.53
C LEU Y 137 90.04 7.88 -18.55
N GLY Y 138 90.83 8.62 -19.32
CA GLY Y 138 91.71 7.99 -20.29
C GLY Y 138 92.78 7.14 -19.64
N TYR Y 139 93.36 7.64 -18.54
CA TYR Y 139 94.37 6.85 -17.84
C TYR Y 139 93.78 5.53 -17.35
N HIS Y 140 92.59 5.59 -16.75
CA HIS Y 140 92.00 4.38 -16.21
C HIS Y 140 91.52 3.44 -17.31
N LEU Y 141 91.09 4.00 -18.45
CA LEU Y 141 90.76 3.15 -19.60
C LEU Y 141 92.00 2.44 -20.12
N ILE Y 142 93.15 3.13 -20.12
CA ILE Y 142 94.40 2.49 -20.51
C ILE Y 142 94.70 1.33 -19.55
N MET Y 143 94.50 1.56 -18.26
CA MET Y 143 94.74 0.50 -17.27
C MET Y 143 93.84 -0.71 -17.55
N LEU Y 144 92.56 -0.48 -17.80
CA LEU Y 144 91.64 -1.58 -18.06
C LEU Y 144 92.01 -2.34 -19.34
N GLY Y 145 92.38 -1.61 -20.39
CA GLY Y 145 92.80 -2.27 -21.62
C GLY Y 145 94.05 -3.10 -21.41
N LEU Y 146 94.99 -2.59 -20.61
CA LEU Y 146 96.18 -3.38 -20.29
C LEU Y 146 95.81 -4.64 -19.54
N GLY Y 147 94.84 -4.57 -18.63
CA GLY Y 147 94.41 -5.76 -17.93
C GLY Y 147 93.81 -6.80 -18.85
N ALA Y 148 92.95 -6.35 -19.77
CA ALA Y 148 92.34 -7.28 -20.71
C ALA Y 148 93.40 -7.93 -21.60
N TRP Y 149 94.36 -7.13 -22.08
CA TRP Y 149 95.42 -7.70 -22.92
C TRP Y 149 96.32 -8.62 -22.11
N LEU Y 150 96.47 -8.37 -20.81
CA LEU Y 150 97.18 -9.31 -19.95
C LEU Y 150 96.47 -10.65 -19.87
N LEU Y 151 95.13 -10.62 -19.76
CA LEU Y 151 94.38 -11.88 -19.78
C LEU Y 151 94.59 -12.61 -21.10
N VAL Y 152 94.53 -11.88 -22.22
CA VAL Y 152 94.74 -12.50 -23.53
C VAL Y 152 96.14 -13.11 -23.61
N TRP Y 153 97.14 -12.37 -23.15
CA TRP Y 153 98.52 -12.88 -23.18
C TRP Y 153 98.65 -14.15 -22.35
N LYS Y 154 98.03 -14.18 -21.17
CA LYS Y 154 98.06 -15.39 -20.35
C LYS Y 154 97.43 -16.56 -21.09
N ALA Y 155 96.29 -16.32 -21.74
CA ALA Y 155 95.59 -17.41 -22.41
C ALA Y 155 96.25 -17.84 -23.70
N MET Y 156 97.17 -17.02 -24.26
CA MET Y 156 97.75 -17.33 -25.55
C MET Y 156 99.23 -17.69 -25.49
N TYR Y 157 99.99 -17.20 -24.51
CA TYR Y 157 101.43 -17.44 -24.47
C TYR Y 157 101.90 -17.96 -23.12
N PHE Y 158 101.00 -18.57 -22.35
CA PHE Y 158 101.36 -19.19 -21.08
C PHE Y 158 100.68 -20.54 -20.96
N GLY Y 159 100.66 -21.11 -19.75
CA GLY Y 159 100.05 -22.40 -19.49
C GLY Y 159 98.69 -22.58 -20.12
N GLY Y 160 97.96 -21.49 -20.31
CA GLY Y 160 96.71 -21.50 -21.03
C GLY Y 160 95.51 -21.34 -20.11
N VAL Y 161 94.35 -21.71 -20.66
CA VAL Y 161 93.08 -21.58 -19.95
C VAL Y 161 92.35 -22.92 -20.03
N TYR Y 162 91.49 -23.17 -19.06
CA TYR Y 162 90.79 -24.44 -18.95
C TYR Y 162 89.63 -24.45 -19.93
N ASP Y 163 89.83 -25.06 -21.08
CA ASP Y 163 88.76 -25.23 -22.06
C ASP Y 163 87.95 -26.46 -21.67
N THR Y 164 86.67 -26.26 -21.38
CA THR Y 164 85.80 -27.35 -20.94
C THR Y 164 85.16 -28.10 -22.10
N TRP Y 165 85.39 -27.68 -23.34
CA TRP Y 165 84.86 -28.36 -24.51
C TRP Y 165 85.91 -29.21 -25.21
N ALA Y 166 87.06 -29.43 -24.57
CA ALA Y 166 88.06 -30.31 -25.16
C ALA Y 166 87.51 -31.74 -25.21
N PRO Y 167 87.89 -32.53 -26.21
CA PRO Y 167 87.39 -33.90 -26.30
C PRO Y 167 87.79 -34.72 -25.07
N GLY Y 168 86.87 -35.59 -24.65
CA GLY Y 168 87.10 -36.42 -23.48
C GLY Y 168 87.16 -35.63 -22.19
N GLY Y 169 86.30 -34.64 -22.02
CA GLY Y 169 86.30 -33.81 -20.83
C GLY Y 169 87.18 -32.59 -20.97
N GLY Y 170 87.01 -31.66 -20.03
CA GLY Y 170 87.76 -30.42 -20.07
C GLY Y 170 89.25 -30.64 -19.85
N ASP Y 171 90.04 -29.71 -20.37
CA ASP Y 171 91.49 -29.76 -20.21
C ASP Y 171 92.05 -28.36 -20.37
N VAL Y 172 93.28 -28.18 -19.88
CA VAL Y 172 93.96 -26.90 -19.97
C VAL Y 172 94.57 -26.78 -21.36
N ARG Y 173 93.97 -25.93 -22.20
CA ARG Y 173 94.42 -25.74 -23.56
C ARG Y 173 94.97 -24.34 -23.73
N VAL Y 174 95.86 -24.19 -24.72
CA VAL Y 174 96.44 -22.90 -25.09
C VAL Y 174 95.78 -22.47 -26.39
N ILE Y 175 95.07 -21.35 -26.35
CA ILE Y 175 94.34 -20.88 -27.53
C ILE Y 175 95.34 -20.44 -28.59
N THR Y 176 95.14 -20.92 -29.81
CA THR Y 176 96.06 -20.64 -30.91
C THR Y 176 95.43 -19.87 -32.07
N ASN Y 177 94.11 -19.67 -32.06
CA ASN Y 177 93.48 -18.92 -33.13
C ASN Y 177 92.20 -18.27 -32.62
N PRO Y 178 92.29 -17.23 -31.80
CA PRO Y 178 91.08 -16.54 -31.36
C PRO Y 178 90.35 -15.90 -32.52
N THR Y 179 89.02 -15.89 -32.43
CA THR Y 179 88.19 -15.34 -33.51
C THR Y 179 88.18 -13.82 -33.41
N THR Y 180 88.88 -13.16 -34.32
CA THR Y 180 88.92 -11.71 -34.37
C THR Y 180 87.90 -11.13 -35.34
N ASN Y 181 87.07 -11.97 -35.96
CA ASN Y 181 86.06 -11.49 -36.89
C ASN Y 181 85.06 -10.60 -36.17
N ALA Y 182 84.89 -9.38 -36.66
CA ALA Y 182 84.02 -8.42 -35.98
C ALA Y 182 82.57 -8.88 -35.99
N ALA Y 183 82.13 -9.52 -37.07
CA ALA Y 183 80.73 -9.92 -37.19
C ALA Y 183 80.33 -10.87 -36.08
N VAL Y 184 81.13 -11.92 -35.85
CA VAL Y 184 80.78 -12.91 -34.83
C VAL Y 184 80.91 -12.30 -33.43
N ILE Y 185 81.83 -11.36 -33.25
CA ILE Y 185 82.01 -10.76 -31.93
C ILE Y 185 80.82 -9.88 -31.57
N PHE Y 186 80.38 -9.04 -32.50
CA PHE Y 186 79.29 -8.13 -32.20
C PHE Y 186 77.91 -8.75 -32.42
N GLY Y 187 77.84 -9.94 -33.02
CA GLY Y 187 76.59 -10.66 -33.06
C GLY Y 187 76.07 -10.99 -31.67
N TYR Y 188 76.99 -11.22 -30.73
CA TYR Y 188 76.59 -11.46 -29.35
C TYR Y 188 75.89 -10.23 -28.77
N LEU Y 189 76.43 -9.04 -29.02
CA LEU Y 189 75.78 -7.82 -28.55
C LEU Y 189 74.43 -7.64 -29.20
N VAL Y 190 74.36 -7.79 -30.53
CA VAL Y 190 73.09 -7.56 -31.22
C VAL Y 190 72.12 -8.72 -31.03
N LYS Y 191 72.52 -9.78 -30.35
CA LYS Y 191 71.66 -10.94 -30.17
C LYS Y 191 70.51 -10.62 -29.21
N SER Y 192 69.45 -11.41 -29.32
CA SER Y 192 68.28 -11.28 -28.47
C SER Y 192 68.56 -11.86 -27.08
N PRO Y 193 67.87 -11.37 -26.05
CA PRO Y 193 68.02 -11.94 -24.70
C PRO Y 193 66.97 -12.99 -24.31
N PHE Y 194 66.13 -13.44 -25.25
CA PHE Y 194 65.08 -14.40 -24.95
C PHE Y 194 65.39 -15.76 -25.54
N GLY Y 195 64.89 -16.79 -24.86
CA GLY Y 195 64.89 -18.14 -25.43
C GLY Y 195 66.28 -18.64 -25.75
N GLY Y 196 66.44 -19.20 -26.94
CA GLY Y 196 67.72 -19.76 -27.33
C GLY Y 196 68.82 -18.74 -27.40
N ASP Y 197 68.47 -17.48 -27.65
CA ASP Y 197 69.43 -16.39 -27.71
C ASP Y 197 69.61 -15.81 -26.33
N GLY Y 198 70.81 -15.88 -25.79
CA GLY Y 198 71.05 -15.44 -24.42
C GLY Y 198 71.88 -14.18 -24.31
N TRP Y 199 72.00 -13.43 -25.41
CA TRP Y 199 72.85 -12.24 -25.46
C TRP Y 199 74.28 -12.70 -25.16
N ILE Y 200 75.10 -11.90 -24.49
CA ILE Y 200 76.49 -12.29 -24.28
C ILE Y 200 76.59 -13.53 -23.38
N CYS Y 201 75.53 -13.87 -22.66
CA CYS Y 201 75.53 -15.09 -21.87
C CYS Y 201 75.55 -16.35 -22.72
N SER Y 202 75.34 -16.23 -24.03
CA SER Y 202 75.28 -17.40 -24.90
C SER Y 202 76.64 -17.84 -25.41
N VAL Y 203 77.72 -17.15 -25.03
CA VAL Y 203 79.04 -17.50 -25.55
C VAL Y 203 79.42 -18.90 -25.07
N ASP Y 204 79.96 -19.70 -25.99
CA ASP Y 204 80.24 -21.11 -25.71
C ASP Y 204 81.71 -21.45 -25.83
N ASN Y 205 82.36 -21.15 -26.94
CA ASN Y 205 83.74 -21.55 -27.13
C ASN Y 205 84.71 -20.50 -26.59
N MET Y 206 85.87 -20.98 -26.14
CA MET Y 206 86.87 -20.08 -25.55
C MET Y 206 87.52 -19.19 -26.60
N GLU Y 207 87.54 -19.63 -27.86
CA GLU Y 207 88.13 -18.81 -28.92
C GLU Y 207 87.40 -17.49 -29.06
N ASP Y 208 86.06 -17.53 -29.02
CA ASP Y 208 85.29 -16.30 -29.11
C ASP Y 208 85.54 -15.40 -27.92
N ILE Y 209 85.67 -15.97 -26.73
CA ILE Y 209 85.95 -15.18 -25.54
C ILE Y 209 87.28 -14.47 -25.68
N ILE Y 210 88.31 -15.19 -26.13
CA ILE Y 210 89.63 -14.59 -26.26
C ILE Y 210 89.64 -13.51 -27.34
N GLY Y 211 88.98 -13.77 -28.47
CA GLY Y 211 88.89 -12.75 -29.50
C GLY Y 211 88.16 -11.52 -29.04
N GLY Y 212 87.06 -11.71 -28.30
CA GLY Y 212 86.34 -10.57 -27.77
C GLY Y 212 87.16 -9.78 -26.78
N HIS Y 213 87.96 -10.47 -25.96
CA HIS Y 213 88.83 -9.75 -25.04
C HIS Y 213 89.91 -8.98 -25.78
N ILE Y 214 90.43 -9.54 -26.88
CA ILE Y 214 91.37 -8.80 -27.72
C ILE Y 214 90.71 -7.52 -28.22
N TRP Y 215 89.49 -7.64 -28.74
CA TRP Y 215 88.79 -6.48 -29.28
C TRP Y 215 88.55 -5.44 -28.20
N ILE Y 216 88.10 -5.88 -27.03
CA ILE Y 216 87.78 -4.94 -25.97
C ILE Y 216 89.04 -4.27 -25.44
N GLY Y 217 90.15 -5.01 -25.36
CA GLY Y 217 91.38 -4.41 -24.90
C GLY Y 217 91.90 -3.35 -25.85
N THR Y 218 91.92 -3.65 -27.15
CA THR Y 218 92.41 -2.66 -28.10
C THR Y 218 91.47 -1.46 -28.17
N LEU Y 219 90.15 -1.71 -28.09
CA LEU Y 219 89.19 -0.61 -28.10
C LEU Y 219 89.38 0.28 -26.87
N GLU Y 220 89.60 -0.31 -25.71
CA GLU Y 220 89.78 0.48 -24.49
C GLU Y 220 91.07 1.28 -24.54
N ILE Y 221 92.15 0.69 -25.06
CA ILE Y 221 93.39 1.44 -25.17
C ILE Y 221 93.22 2.62 -26.11
N LEU Y 222 92.59 2.39 -27.26
CA LEU Y 222 92.34 3.49 -28.20
C LEU Y 222 91.45 4.56 -27.59
N GLY Y 223 90.41 4.14 -26.86
CA GLY Y 223 89.53 5.10 -26.22
C GLY Y 223 90.23 5.92 -25.16
N GLY Y 224 91.11 5.29 -24.38
CA GLY Y 224 91.89 6.04 -23.42
C GLY Y 224 92.81 7.05 -24.07
N ILE Y 225 93.49 6.65 -25.15
CA ILE Y 225 94.34 7.58 -25.88
C ILE Y 225 93.50 8.74 -26.42
N TRP Y 226 92.31 8.44 -26.93
CA TRP Y 226 91.42 9.48 -27.43
C TRP Y 226 91.01 10.44 -26.33
N HIS Y 227 90.63 9.90 -25.17
CA HIS Y 227 90.09 10.74 -24.10
C HIS Y 227 91.18 11.59 -23.44
N ILE Y 228 92.43 11.10 -23.42
CA ILE Y 228 93.51 11.89 -22.84
C ILE Y 228 93.71 13.17 -23.63
N TYR Y 229 93.67 13.09 -24.96
CA TYR Y 229 93.96 14.22 -25.83
C TYR Y 229 92.70 14.88 -26.37
N THR Y 230 91.59 14.86 -25.61
CA THR Y 230 90.35 15.40 -26.13
C THR Y 230 89.53 16.01 -25.01
N THR Y 231 88.63 16.91 -25.40
CA THR Y 231 87.63 17.58 -24.59
C THR Y 231 86.25 17.26 -25.14
N PRO Y 232 85.26 17.02 -24.28
CA PRO Y 232 83.95 16.59 -24.78
C PRO Y 232 83.33 17.58 -25.76
N TRP Y 233 82.58 17.02 -26.72
CA TRP Y 233 81.94 17.81 -27.75
C TRP Y 233 80.85 18.69 -27.15
N PRO Y 234 80.46 19.77 -27.84
CA PRO Y 234 79.45 20.67 -27.28
C PRO Y 234 78.14 19.99 -26.92
N TRP Y 235 77.68 19.03 -27.71
CA TRP Y 235 76.46 18.31 -27.36
C TRP Y 235 76.66 17.49 -26.09
N ALA Y 236 77.86 16.92 -25.92
CA ALA Y 236 78.15 16.22 -24.67
C ALA Y 236 78.12 17.16 -23.49
N ARG Y 237 78.65 18.37 -23.65
CA ARG Y 237 78.58 19.36 -22.59
C ARG Y 237 77.13 19.72 -22.28
N ARG Y 238 76.30 19.86 -23.31
CA ARG Y 238 74.92 20.27 -23.11
C ARG Y 238 74.06 19.16 -22.52
N ALA Y 239 74.44 17.89 -22.73
CA ALA Y 239 73.57 16.78 -22.35
C ALA Y 239 73.85 16.24 -20.94
N PHE Y 240 75.06 16.37 -20.43
CA PHE Y 240 75.43 15.82 -19.14
C PHE Y 240 75.52 16.91 -18.08
N VAL Y 241 75.64 16.46 -16.83
CA VAL Y 241 75.88 17.33 -15.69
C VAL Y 241 77.29 17.05 -15.21
N TRP Y 242 78.08 18.11 -15.01
CA TRP Y 242 79.50 17.99 -14.71
C TRP Y 242 79.73 18.32 -13.24
N SER Y 243 79.60 17.31 -12.39
CA SER Y 243 79.86 17.42 -10.97
C SER Y 243 80.14 16.03 -10.43
N GLY Y 244 80.69 15.98 -9.22
CA GLY Y 244 81.10 14.70 -8.65
C GLY Y 244 79.94 13.73 -8.50
N GLU Y 245 78.82 14.22 -8.00
CA GLU Y 245 77.67 13.34 -7.78
C GLU Y 245 77.13 12.81 -9.10
N ALA Y 246 77.21 13.60 -10.18
CA ALA Y 246 76.74 13.13 -11.47
C ALA Y 246 77.60 11.98 -11.98
N TYR Y 247 78.92 12.12 -11.86
CA TYR Y 247 79.81 11.03 -12.28
C TYR Y 247 79.56 9.79 -11.44
N LEU Y 248 79.34 9.97 -10.13
CA LEU Y 248 79.02 8.84 -9.28
C LEU Y 248 77.72 8.18 -9.72
N SER Y 249 76.73 8.98 -10.12
CA SER Y 249 75.45 8.42 -10.58
C SER Y 249 75.63 7.58 -11.83
N TYR Y 250 76.40 8.09 -12.79
CA TYR Y 250 76.64 7.33 -14.02
C TYR Y 250 77.33 6.02 -13.70
N SER Y 251 78.35 6.07 -12.83
CA SER Y 251 79.06 4.86 -12.47
C SER Y 251 78.14 3.87 -11.76
N LEU Y 252 77.26 4.37 -10.89
CA LEU Y 252 76.34 3.49 -10.18
C LEU Y 252 75.40 2.79 -11.15
N GLY Y 253 74.85 3.53 -12.11
CA GLY Y 253 73.96 2.90 -13.07
C GLY Y 253 74.67 1.83 -13.88
N ALA Y 254 75.87 2.16 -14.38
CA ALA Y 254 76.61 1.20 -15.18
C ALA Y 254 76.95 -0.04 -14.37
N ILE Y 255 77.36 0.14 -13.11
CA ILE Y 255 77.80 -0.99 -12.31
C ILE Y 255 76.61 -1.83 -11.87
N GLY Y 256 75.43 -1.23 -11.68
CA GLY Y 256 74.24 -2.02 -11.41
C GLY Y 256 73.85 -2.87 -12.60
N VAL Y 257 73.90 -2.30 -13.80
CA VAL Y 257 73.63 -3.10 -15.00
C VAL Y 257 74.62 -4.24 -15.11
N MET Y 258 75.90 -3.96 -14.85
CA MET Y 258 76.91 -5.01 -14.89
C MET Y 258 76.65 -6.09 -13.85
N GLY Y 259 76.15 -5.69 -12.68
CA GLY Y 259 75.80 -6.69 -11.67
C GLY Y 259 74.69 -7.61 -12.13
N PHE Y 260 73.65 -7.06 -12.76
CA PHE Y 260 72.59 -7.89 -13.31
C PHE Y 260 73.14 -8.85 -14.37
N ILE Y 261 73.99 -8.34 -15.26
CA ILE Y 261 74.55 -9.17 -16.31
C ILE Y 261 75.39 -10.30 -15.71
N ALA Y 262 76.18 -9.99 -14.68
CA ALA Y 262 76.99 -11.01 -14.03
C ALA Y 262 76.12 -12.07 -13.37
N CYS Y 263 75.02 -11.67 -12.73
CA CYS Y 263 74.10 -12.64 -12.16
C CYS Y 263 73.59 -13.60 -13.23
N CYS Y 264 73.13 -13.05 -14.36
CA CYS Y 264 72.60 -13.90 -15.42
C CYS Y 264 73.68 -14.82 -15.98
N MET Y 265 74.89 -14.28 -16.21
CA MET Y 265 75.96 -15.09 -16.76
C MET Y 265 76.36 -16.22 -15.82
N SER Y 266 76.45 -15.92 -14.53
CA SER Y 266 76.80 -16.96 -13.56
C SER Y 266 75.74 -18.03 -13.49
N TRP Y 267 74.47 -17.64 -13.57
CA TRP Y 267 73.40 -18.62 -13.43
C TRP Y 267 73.29 -19.51 -14.67
N PHE Y 268 73.46 -18.94 -15.87
CA PHE Y 268 73.23 -19.68 -17.10
C PHE Y 268 74.48 -20.23 -17.74
N ASN Y 269 75.48 -19.39 -17.98
CA ASN Y 269 76.66 -19.81 -18.74
C ASN Y 269 77.44 -20.89 -18.00
N ASN Y 270 78.02 -21.81 -18.76
CA ASN Y 270 78.77 -22.93 -18.19
C ASN Y 270 80.09 -23.16 -18.92
N THR Y 271 80.61 -22.15 -19.61
CA THR Y 271 81.90 -22.25 -20.27
C THR Y 271 82.94 -21.37 -19.61
N ALA Y 272 82.66 -20.08 -19.44
CA ALA Y 272 83.47 -19.24 -18.57
C ALA Y 272 83.29 -19.62 -17.11
N TYR Y 273 82.28 -20.43 -16.79
CA TYR Y 273 82.03 -20.94 -15.45
C TYR Y 273 81.90 -22.45 -15.55
N PRO Y 274 83.02 -23.16 -15.71
CA PRO Y 274 82.95 -24.59 -16.03
C PRO Y 274 82.20 -25.38 -14.95
N SER Y 275 81.43 -26.37 -15.39
CA SER Y 275 80.62 -27.14 -14.46
C SER Y 275 81.48 -27.98 -13.52
N GLU Y 276 82.72 -28.27 -13.91
CA GLU Y 276 83.59 -29.06 -13.04
C GLU Y 276 83.96 -28.30 -11.77
N PHE Y 277 83.85 -26.98 -11.77
CA PHE Y 277 84.23 -26.17 -10.62
C PHE Y 277 83.04 -25.54 -9.90
N TYR Y 278 82.12 -24.93 -10.64
CA TYR Y 278 80.95 -24.29 -10.04
C TYR Y 278 79.77 -25.23 -9.90
N GLY Y 279 79.87 -26.46 -10.38
CA GLY Y 279 78.76 -27.37 -10.37
C GLY Y 279 77.88 -27.18 -11.58
N PRO Y 280 76.88 -28.04 -11.74
CA PRO Y 280 76.00 -27.94 -12.91
C PRO Y 280 74.95 -26.86 -12.72
N THR Y 281 74.54 -26.27 -13.84
CA THR Y 281 73.42 -25.35 -13.82
C THR Y 281 72.12 -26.11 -13.64
N GLY Y 282 71.05 -25.36 -13.36
CA GLY Y 282 69.74 -25.95 -13.23
C GLY Y 282 69.30 -26.74 -14.45
N PRO Y 283 69.35 -26.10 -15.62
CA PRO Y 283 69.08 -26.86 -16.86
C PRO Y 283 70.01 -28.04 -17.04
N GLU Y 284 71.29 -27.87 -16.69
CA GLU Y 284 72.23 -28.97 -16.80
C GLU Y 284 71.84 -30.12 -15.89
N ALA Y 285 71.43 -29.81 -14.65
CA ALA Y 285 71.02 -30.84 -13.72
C ALA Y 285 69.79 -31.59 -14.24
N SER Y 286 68.80 -30.86 -14.74
CA SER Y 286 67.59 -31.51 -15.22
C SER Y 286 67.87 -32.40 -16.43
N GLN Y 287 68.61 -31.87 -17.42
CA GLN Y 287 68.96 -32.65 -18.59
C GLN Y 287 69.79 -33.87 -18.21
N SER Y 288 70.71 -33.71 -17.26
CA SER Y 288 71.54 -34.83 -16.83
C SER Y 288 70.70 -35.91 -16.17
N GLN Y 289 69.72 -35.51 -15.35
CA GLN Y 289 68.83 -36.49 -14.73
C GLN Y 289 68.05 -37.25 -15.79
N ALA Y 290 67.51 -36.54 -16.78
CA ALA Y 290 66.76 -37.21 -17.85
C ALA Y 290 67.64 -38.18 -18.60
N PHE Y 291 68.86 -37.76 -18.96
CA PHE Y 291 69.78 -38.61 -19.69
C PHE Y 291 70.16 -39.84 -18.87
N THR Y 292 70.38 -39.64 -17.56
CA THR Y 292 70.76 -40.75 -16.68
C THR Y 292 69.64 -41.78 -16.59
N PHE Y 293 68.40 -41.32 -16.43
CA PHE Y 293 67.28 -42.26 -16.42
C PHE Y 293 67.16 -42.98 -17.75
N LEU Y 294 67.36 -42.27 -18.85
CA LEU Y 294 67.25 -42.89 -20.17
C LEU Y 294 68.28 -44.00 -20.33
N VAL Y 295 69.54 -43.74 -19.97
CA VAL Y 295 70.57 -44.75 -20.15
C VAL Y 295 70.37 -45.90 -19.18
N ARG Y 296 69.95 -45.60 -17.95
CA ARG Y 296 69.72 -46.67 -16.97
C ARG Y 296 68.61 -47.60 -17.42
N ASP Y 297 67.53 -47.06 -17.99
CA ASP Y 297 66.46 -47.92 -18.50
C ASP Y 297 66.82 -48.57 -19.83
N GLN Y 298 67.78 -47.99 -20.57
CA GLN Y 298 68.21 -48.64 -21.81
C GLN Y 298 69.08 -49.86 -21.52
N ARG Y 299 70.00 -49.75 -20.57
CA ARG Y 299 70.84 -50.90 -20.24
C ARG Y 299 70.06 -51.97 -19.49
N LEU Y 300 68.87 -51.64 -19.00
CA LEU Y 300 68.04 -52.57 -18.25
C LEU Y 300 67.71 -53.83 -19.05
N GLY Y 312 60.29 -45.85 -30.36
CA GLY Y 312 61.72 -45.61 -30.38
C GLY Y 312 62.15 -44.52 -29.43
N LEU Y 313 61.19 -43.74 -28.94
CA LEU Y 313 61.48 -42.67 -28.00
C LEU Y 313 61.96 -43.20 -26.65
N GLY Y 314 61.63 -44.43 -26.30
CA GLY Y 314 62.05 -44.98 -25.01
C GLY Y 314 61.52 -44.20 -23.83
N LYS Y 315 60.27 -43.75 -23.91
CA LYS Y 315 59.55 -43.05 -22.84
C LYS Y 315 60.39 -41.93 -22.21
N TYR Y 316 61.36 -41.40 -22.96
CA TYR Y 316 62.19 -40.31 -22.49
C TYR Y 316 62.48 -39.27 -23.55
N LEU Y 317 61.98 -39.44 -24.77
CA LEU Y 317 62.22 -38.52 -25.87
C LEU Y 317 60.89 -37.90 -26.30
N MET Y 318 60.99 -36.74 -26.96
CA MET Y 318 59.78 -36.02 -27.35
C MET Y 318 60.16 -35.04 -28.45
N ARG Y 319 59.14 -34.60 -29.20
CA ARG Y 319 59.33 -33.58 -30.22
C ARG Y 319 59.24 -32.19 -29.61
N SER Y 320 60.15 -31.32 -30.04
CA SER Y 320 60.20 -29.95 -29.57
C SER Y 320 59.10 -29.13 -30.23
N PRO Y 321 58.79 -27.94 -29.70
CA PRO Y 321 57.81 -27.08 -30.37
C PRO Y 321 58.21 -26.73 -31.80
N THR Y 322 59.51 -26.67 -32.10
CA THR Y 322 59.97 -26.45 -33.46
C THR Y 322 60.28 -27.75 -34.19
N GLY Y 323 60.34 -28.87 -33.48
CA GLY Y 323 60.49 -30.15 -34.14
C GLY Y 323 61.84 -30.83 -34.01
N GLU Y 324 62.47 -30.72 -32.84
CA GLU Y 324 63.72 -31.41 -32.57
C GLU Y 324 63.52 -32.43 -31.45
N ILE Y 325 64.36 -33.46 -31.45
CA ILE Y 325 64.32 -34.46 -30.39
C ILE Y 325 64.86 -33.84 -29.11
N ILE Y 326 64.05 -33.87 -28.06
CA ILE Y 326 64.43 -33.32 -26.76
C ILE Y 326 64.03 -34.31 -25.68
N PHE Y 327 64.67 -34.20 -24.51
CA PHE Y 327 64.31 -35.04 -23.38
C PHE Y 327 62.91 -34.71 -22.89
N GLY Y 328 62.15 -35.73 -22.55
CA GLY Y 328 60.77 -35.55 -22.13
C GLY Y 328 60.65 -35.11 -20.69
N GLY Y 329 59.41 -35.14 -20.21
CA GLY Y 329 59.12 -34.67 -18.87
C GLY Y 329 59.11 -33.15 -18.79
N GLU Y 330 59.16 -32.64 -17.56
CA GLU Y 330 59.24 -31.21 -17.36
C GLU Y 330 60.51 -30.60 -17.91
N THR Y 331 61.58 -31.39 -18.03
CA THR Y 331 62.84 -30.96 -18.62
C THR Y 331 62.66 -30.38 -20.01
N MET Y 332 61.46 -30.50 -20.60
CA MET Y 332 61.17 -29.87 -21.88
C MET Y 332 61.42 -28.36 -21.82
N ARG Y 333 61.25 -27.75 -20.64
CA ARG Y 333 61.49 -26.32 -20.55
C ARG Y 333 62.98 -26.00 -20.71
N PHE Y 334 63.85 -26.88 -20.26
CA PHE Y 334 65.30 -26.71 -20.41
C PHE Y 334 65.82 -27.43 -21.65
N TRP Y 335 65.24 -27.16 -22.81
CA TRP Y 335 65.66 -27.84 -24.03
C TRP Y 335 66.67 -27.04 -24.84
N ASP Y 336 67.06 -25.86 -24.38
CA ASP Y 336 68.09 -25.07 -25.03
C ASP Y 336 69.48 -25.33 -24.48
N PHE Y 337 69.60 -26.21 -23.49
CA PHE Y 337 70.89 -26.44 -22.85
C PHE Y 337 71.85 -27.18 -23.78
N ARG Y 338 73.11 -26.75 -23.76
CA ARG Y 338 74.19 -27.42 -24.46
C ARG Y 338 75.32 -27.68 -23.48
N GLY Y 339 75.82 -28.92 -23.44
CA GLY Y 339 76.88 -29.28 -22.54
C GLY Y 339 77.96 -30.09 -23.21
N PRO Y 340 79.18 -30.03 -22.68
CA PRO Y 340 80.28 -30.80 -23.26
C PRO Y 340 80.05 -32.30 -23.25
N TRP Y 341 79.35 -32.81 -22.24
CA TRP Y 341 79.08 -34.25 -22.14
C TRP Y 341 77.87 -34.69 -22.94
N LEU Y 342 77.17 -33.77 -23.59
CA LEU Y 342 75.98 -34.09 -24.35
C LEU Y 342 76.08 -33.77 -25.84
N GLU Y 343 76.93 -32.81 -26.22
CA GLU Y 343 77.10 -32.49 -27.62
C GLU Y 343 77.52 -33.67 -28.49
N PRO Y 344 78.43 -34.56 -28.07
CA PRO Y 344 78.75 -35.70 -28.94
C PRO Y 344 77.55 -36.56 -29.31
N LEU Y 345 76.57 -36.66 -28.43
CA LEU Y 345 75.36 -37.45 -28.71
C LEU Y 345 74.33 -36.67 -29.51
N ARG Y 346 74.59 -35.41 -29.84
CA ARG Y 346 73.65 -34.59 -30.57
C ARG Y 346 73.82 -34.78 -32.08
N GLY Y 347 72.72 -34.63 -32.81
CA GLY Y 347 72.73 -34.78 -34.24
C GLY Y 347 72.29 -33.50 -34.94
N PRO Y 348 72.20 -33.56 -36.28
CA PRO Y 348 71.77 -32.37 -37.03
C PRO Y 348 70.37 -31.89 -36.65
N ASN Y 349 69.46 -32.81 -36.33
CA ASN Y 349 68.10 -32.48 -35.93
C ASN Y 349 67.85 -33.11 -34.56
N GLY Y 350 68.22 -32.38 -33.50
CA GLY Y 350 68.03 -32.89 -32.16
C GLY Y 350 69.00 -34.03 -31.85
N LEU Y 351 68.63 -34.78 -30.82
CA LEU Y 351 69.44 -35.93 -30.40
C LEU Y 351 69.41 -37.02 -31.47
N ASP Y 352 70.53 -37.71 -31.60
CA ASP Y 352 70.68 -38.76 -32.61
C ASP Y 352 70.35 -40.09 -31.96
N LEU Y 353 69.29 -40.74 -32.44
CA LEU Y 353 68.83 -41.99 -31.83
C LEU Y 353 69.92 -43.05 -31.86
N ASN Y 354 70.62 -43.18 -33.00
CA ASN Y 354 71.69 -44.15 -33.09
C ASN Y 354 72.81 -43.83 -32.09
N LYS Y 355 73.14 -42.54 -31.95
CA LYS Y 355 74.15 -42.15 -30.99
C LYS Y 355 73.66 -42.29 -29.56
N LEU Y 356 72.35 -42.14 -29.33
CA LEU Y 356 71.81 -42.39 -28.00
C LEU Y 356 71.82 -43.88 -27.67
N LYS Y 357 71.80 -44.74 -28.69
CA LYS Y 357 71.80 -46.18 -28.44
C LYS Y 357 73.19 -46.75 -28.25
N ASN Y 358 74.23 -46.15 -28.84
CA ASN Y 358 75.58 -46.68 -28.77
C ASN Y 358 76.52 -45.55 -28.38
N ASP Y 359 77.83 -45.83 -28.46
CA ASP Y 359 78.91 -44.86 -28.32
C ASP Y 359 78.72 -43.87 -27.18
N ILE Y 360 78.17 -44.33 -26.06
CA ILE Y 360 78.04 -43.52 -24.85
C ILE Y 360 79.18 -43.92 -23.94
N GLN Y 361 80.22 -43.08 -23.89
CA GLN Y 361 81.40 -43.40 -23.10
C GLN Y 361 81.07 -43.39 -21.62
N PRO Y 362 81.77 -44.20 -20.82
CA PRO Y 362 81.46 -44.23 -19.38
C PRO Y 362 81.67 -42.89 -18.68
N TRP Y 363 82.61 -42.06 -19.15
CA TRP Y 363 82.86 -40.79 -18.48
C TRP Y 363 81.65 -39.86 -18.59
N GLN Y 364 80.97 -39.88 -19.74
CA GLN Y 364 79.76 -39.07 -19.89
C GLN Y 364 78.69 -39.51 -18.89
N GLU Y 365 78.50 -40.82 -18.75
CA GLU Y 365 77.51 -41.33 -17.81
C GLU Y 365 77.87 -40.97 -16.37
N ARG Y 366 79.15 -41.10 -16.02
CA ARG Y 366 79.59 -40.77 -14.67
C ARG Y 366 79.37 -39.28 -14.38
N ARG Y 367 79.73 -38.42 -15.34
CA ARG Y 367 79.54 -36.98 -15.13
C ARG Y 367 78.07 -36.63 -15.01
N ALA Y 368 77.23 -37.25 -15.84
CA ALA Y 368 75.79 -36.99 -15.75
C ALA Y 368 75.24 -37.43 -14.41
N ALA Y 369 75.65 -38.61 -13.93
CA ALA Y 369 75.19 -39.09 -12.64
C ALA Y 369 75.65 -38.18 -11.52
N GLU Y 370 76.89 -37.70 -11.59
CA GLU Y 370 77.40 -36.78 -10.58
C GLU Y 370 76.62 -35.47 -10.58
N TYR Y 371 76.31 -34.94 -11.77
CA TYR Y 371 75.56 -33.70 -11.85
C TYR Y 371 74.10 -33.89 -11.42
N MET Y 372 73.58 -35.11 -11.53
CA MET Y 372 72.18 -35.34 -11.19
C MET Y 372 71.90 -35.08 -9.72
N THR Y 373 72.80 -35.53 -8.84
CA THR Y 373 72.58 -35.48 -7.40
C THR Y 373 72.96 -34.14 -6.78
N HIS Y 374 73.46 -33.19 -7.57
CA HIS Y 374 73.90 -31.89 -7.07
C HIS Y 374 73.21 -30.76 -7.83
N ALA Y 375 71.89 -30.88 -7.97
CA ALA Y 375 71.12 -29.84 -8.63
C ALA Y 375 71.17 -28.55 -7.81
N PRO Y 376 71.06 -27.39 -8.48
CA PRO Y 376 71.14 -26.12 -7.75
C PRO Y 376 69.92 -25.86 -6.89
N LEU Y 377 69.80 -26.59 -5.78
CA LEU Y 377 68.76 -26.38 -4.79
C LEU Y 377 69.41 -26.25 -3.42
N GLY Y 378 68.77 -25.52 -2.52
CA GLY Y 378 69.34 -25.32 -1.21
C GLY Y 378 68.45 -24.47 -0.33
N SER Y 379 69.02 -24.05 0.79
CA SER Y 379 68.31 -23.26 1.79
C SER Y 379 69.29 -22.37 2.52
N LEU Y 380 68.77 -21.31 3.14
CA LEU Y 380 69.60 -20.44 3.97
C LEU Y 380 70.19 -21.20 5.14
N ASN Y 381 69.42 -22.15 5.69
CA ASN Y 381 69.87 -23.02 6.76
C ASN Y 381 70.95 -24.00 6.28
N SER Y 382 71.30 -23.96 5.00
CA SER Y 382 72.28 -24.86 4.40
C SER Y 382 71.83 -26.32 4.52
N VAL Y 383 70.70 -26.61 3.87
CA VAL Y 383 70.16 -27.97 3.78
C VAL Y 383 69.82 -28.19 2.32
N GLY Y 384 70.65 -28.97 1.62
CA GLY Y 384 70.43 -29.18 0.20
C GLY Y 384 69.21 -30.05 -0.05
N GLY Y 385 68.51 -29.75 -1.15
CA GLY Y 385 67.36 -30.51 -1.57
C GLY Y 385 66.14 -29.63 -1.68
N VAL Y 386 64.98 -30.28 -1.67
CA VAL Y 386 63.70 -29.57 -1.78
C VAL Y 386 63.29 -29.09 -0.40
N ALA Y 387 62.41 -28.09 -0.37
CA ALA Y 387 61.95 -27.52 0.90
C ALA Y 387 61.20 -28.54 1.76
N THR Y 388 60.70 -29.62 1.17
CA THR Y 388 59.98 -30.65 1.91
C THR Y 388 60.88 -31.79 2.38
N GLU Y 389 62.17 -31.74 2.08
CA GLU Y 389 63.09 -32.81 2.45
C GLU Y 389 63.59 -32.61 3.87
N ILE Y 390 63.88 -33.74 4.53
CA ILE Y 390 64.44 -33.73 5.88
C ILE Y 390 65.89 -33.29 5.83
N ASN Y 391 66.47 -33.00 6.99
CA ASN Y 391 67.86 -32.57 7.08
C ASN Y 391 68.77 -33.78 6.86
N ALA Y 392 69.27 -33.93 5.63
CA ALA Y 392 70.15 -35.04 5.30
C ALA Y 392 71.54 -34.56 4.88
N VAL Y 393 71.63 -33.68 3.90
CA VAL Y 393 72.91 -33.21 3.37
C VAL Y 393 72.86 -31.69 3.24
N ASN Y 394 73.98 -31.04 3.55
CA ASN Y 394 74.11 -29.60 3.45
C ASN Y 394 74.86 -29.25 2.16
N PHE Y 395 74.15 -28.70 1.19
CA PHE Y 395 74.78 -28.32 -0.08
C PHE Y 395 73.92 -27.25 -0.75
N VAL Y 396 74.47 -26.05 -0.91
CA VAL Y 396 73.88 -25.01 -1.74
C VAL Y 396 74.91 -24.68 -2.81
N SER Y 397 74.49 -24.75 -4.07
CA SER Y 397 75.43 -24.63 -5.18
C SER Y 397 76.05 -23.22 -5.19
N PRO Y 398 77.34 -23.12 -5.53
CA PRO Y 398 77.95 -21.79 -5.63
C PRO Y 398 77.28 -20.90 -6.66
N ARG Y 399 76.69 -21.50 -7.70
CA ARG Y 399 75.98 -20.71 -8.70
C ARG Y 399 74.83 -19.94 -8.06
N SER Y 400 74.06 -20.60 -7.19
CA SER Y 400 72.95 -19.92 -6.54
C SER Y 400 73.43 -18.77 -5.65
N TRP Y 401 74.51 -18.99 -4.89
CA TRP Y 401 75.05 -17.94 -4.05
C TRP Y 401 75.50 -16.74 -4.88
N LEU Y 402 76.27 -17.00 -5.93
CA LEU Y 402 76.75 -15.91 -6.77
C LEU Y 402 75.60 -15.15 -7.39
N ALA Y 403 74.63 -15.87 -7.95
CA ALA Y 403 73.51 -15.23 -8.63
C ALA Y 403 72.70 -14.37 -7.66
N CYS Y 404 72.36 -14.92 -6.50
CA CYS Y 404 71.54 -14.17 -5.54
C CYS Y 404 72.29 -12.94 -5.04
N SER Y 405 73.54 -13.12 -4.63
CA SER Y 405 74.30 -12.00 -4.08
C SER Y 405 74.46 -10.88 -5.10
N HIS Y 406 74.87 -11.22 -6.32
CA HIS Y 406 75.09 -10.17 -7.29
C HIS Y 406 73.80 -9.58 -7.83
N PHE Y 407 72.70 -10.32 -7.86
CA PHE Y 407 71.43 -9.69 -8.19
C PHE Y 407 71.04 -8.67 -7.14
N CYS Y 408 71.19 -9.00 -5.87
CA CYS Y 408 70.87 -8.05 -4.81
C CYS Y 408 71.74 -6.80 -4.92
N LEU Y 409 73.04 -7.00 -5.13
CA LEU Y 409 73.95 -5.86 -5.24
C LEU Y 409 73.62 -5.00 -6.46
N GLY Y 410 73.30 -5.63 -7.59
CA GLY Y 410 72.93 -4.87 -8.77
C GLY Y 410 71.67 -4.05 -8.56
N PHE Y 411 70.67 -4.64 -7.91
CA PHE Y 411 69.44 -3.89 -7.66
C PHE Y 411 69.71 -2.71 -6.74
N PHE Y 412 70.49 -2.92 -5.67
CA PHE Y 412 70.76 -1.82 -4.76
C PHE Y 412 71.57 -0.73 -5.43
N PHE Y 413 72.49 -1.09 -6.31
CA PHE Y 413 73.28 -0.06 -6.98
C PHE Y 413 72.47 0.67 -8.03
N PHE Y 414 71.49 0.02 -8.64
CA PHE Y 414 70.56 0.74 -9.49
C PHE Y 414 69.75 1.77 -8.68
N ILE Y 415 69.29 1.37 -7.50
CA ILE Y 415 68.62 2.32 -6.62
C ILE Y 415 69.54 3.48 -6.29
N GLY Y 416 70.82 3.18 -6.07
CA GLY Y 416 71.80 4.23 -5.83
C GLY Y 416 71.93 5.18 -6.99
N HIS Y 417 71.93 4.65 -8.22
CA HIS Y 417 71.94 5.52 -9.39
C HIS Y 417 70.75 6.45 -9.38
N LEU Y 418 69.56 5.89 -9.13
CA LEU Y 418 68.36 6.72 -9.10
C LEU Y 418 68.51 7.86 -8.10
N TRP Y 419 68.89 7.53 -6.86
CA TRP Y 419 69.00 8.54 -5.82
C TRP Y 419 70.02 9.61 -6.19
N HIS Y 420 71.23 9.18 -6.55
CA HIS Y 420 72.30 10.15 -6.76
C HIS Y 420 72.07 10.98 -8.01
N ALA Y 421 71.49 10.39 -9.07
CA ALA Y 421 71.17 11.17 -10.26
C ALA Y 421 70.12 12.22 -9.97
N GLY Y 422 69.06 11.85 -9.22
CA GLY Y 422 68.08 12.84 -8.83
C GLY Y 422 68.71 13.97 -8.04
N ARG Y 423 69.54 13.62 -7.06
CA ARG Y 423 70.16 14.65 -6.24
C ARG Y 423 71.12 15.52 -7.04
N ALA Y 424 71.84 14.92 -7.99
CA ALA Y 424 72.76 15.68 -8.81
C ALA Y 424 72.03 16.70 -9.67
N ARG Y 425 70.92 16.27 -10.29
CA ARG Y 425 70.14 17.23 -11.09
C ARG Y 425 69.57 18.32 -10.22
N ALA Y 426 69.05 17.98 -9.04
CA ALA Y 426 68.48 18.99 -8.16
C ALA Y 426 69.54 19.98 -7.71
N ALA Y 427 70.73 19.49 -7.36
CA ALA Y 427 71.80 20.38 -6.91
C ALA Y 427 72.30 21.27 -8.04
N ALA Y 428 72.38 20.73 -9.26
CA ALA Y 428 72.78 21.55 -10.39
C ALA Y 428 71.76 22.65 -10.65
N ALA Y 429 70.47 22.33 -10.54
CA ALA Y 429 69.43 23.33 -10.73
C ALA Y 429 69.24 24.23 -9.53
N GLY Y 430 69.75 23.83 -8.36
CA GLY Y 430 69.60 24.63 -7.16
C GLY Y 430 68.32 24.35 -6.39
N PHE Y 431 67.91 23.09 -6.36
CA PHE Y 431 66.71 22.68 -5.63
C PHE Y 431 67.01 21.79 -4.43
N GLU Y 432 68.27 21.48 -4.15
CA GLU Y 432 68.60 20.53 -3.11
C GLU Y 432 68.20 21.02 -1.72
N LYS Y 433 68.04 22.33 -1.54
CA LYS Y 433 67.68 22.84 -0.23
C LYS Y 433 66.18 22.78 0.01
N GLY Y 434 65.40 23.26 -0.94
CA GLY Y 434 63.95 23.21 -0.80
C GLY Y 434 63.29 24.23 -1.70
N ILE Y 435 62.03 24.51 -1.41
CA ILE Y 435 61.25 25.48 -2.17
C ILE Y 435 61.63 26.88 -1.75
N ASP Y 436 61.57 27.82 -2.69
CA ASP Y 436 62.13 29.16 -2.48
C ASP Y 436 61.49 29.89 -1.31
N ARG Y 437 60.20 29.64 -1.07
CA ARG Y 437 59.37 30.23 -0.03
C ARG Y 437 58.99 31.68 -0.37
N PHE Y 438 59.55 32.28 -1.41
CA PHE Y 438 59.16 33.60 -1.87
C PHE Y 438 58.57 33.58 -3.28
N ASP Y 439 59.27 32.95 -4.22
CA ASP Y 439 58.80 32.83 -5.60
C ASP Y 439 58.93 31.36 -6.01
N GLU Y 440 57.91 30.58 -5.71
CA GLU Y 440 57.94 29.18 -6.12
C GLU Y 440 57.24 29.02 -7.47
N PRO Y 441 57.66 28.03 -8.25
CA PRO Y 441 57.11 27.90 -9.61
C PRO Y 441 55.61 27.69 -9.65
N VAL Y 442 55.04 27.00 -8.67
CA VAL Y 442 53.61 26.68 -8.72
C VAL Y 442 52.77 27.95 -8.63
N LEU Y 443 53.20 28.91 -7.83
CA LEU Y 443 52.46 30.16 -7.70
C LEU Y 443 52.49 31.01 -8.97
N SER Y 444 53.33 30.65 -9.95
CA SER Y 444 53.40 31.33 -11.22
C SER Y 444 52.70 30.57 -12.34
N MET Y 445 51.73 29.73 -12.00
CA MET Y 445 51.12 28.81 -12.95
C MET Y 445 49.61 28.97 -12.91
N ARG Y 446 48.97 28.76 -14.04
CA ARG Y 446 47.52 28.83 -14.10
C ARG Y 446 46.92 27.73 -13.23
N PRO Y 447 45.87 28.02 -12.46
CA PRO Y 447 45.25 26.98 -11.64
C PRO Y 447 44.77 25.82 -12.48
N LEU Y 448 44.94 24.61 -11.95
CA LEU Y 448 44.57 23.41 -12.68
C LEU Y 448 43.06 23.32 -12.83
N ASP Y 449 42.61 22.91 -14.01
CA ASP Y 449 41.19 22.80 -14.30
C ASP Y 449 40.62 21.49 -13.79
N THR Z 1 40.68 22.21 50.67
CA THR Z 1 39.53 21.48 50.15
C THR Z 1 39.64 21.28 48.65
N ILE Z 2 38.55 20.82 48.04
CA ILE Z 2 38.50 20.51 46.61
C ILE Z 2 37.36 21.31 45.99
N ALA Z 3 37.65 22.00 44.88
CA ALA Z 3 36.64 22.77 44.15
C ALA Z 3 35.97 21.85 43.15
N ILE Z 4 35.00 21.09 43.64
CA ILE Z 4 34.24 20.18 42.78
C ILE Z 4 33.43 20.95 41.74
N GLY Z 5 33.09 22.20 42.02
CA GLY Z 5 32.20 22.95 41.15
C GLY Z 5 31.47 24.05 41.89
N THR Z 6 30.14 24.02 41.84
CA THR Z 6 29.33 25.06 42.48
C THR Z 6 29.69 25.20 43.96
N TYR Z 7 29.98 24.09 44.63
CA TYR Z 7 30.33 24.09 46.04
C TYR Z 7 31.70 23.45 46.24
N GLN Z 8 32.31 23.77 47.38
CA GLN Z 8 33.62 23.24 47.74
C GLN Z 8 33.44 22.10 48.73
N GLU Z 9 34.04 20.96 48.42
CA GLU Z 9 33.89 19.76 49.23
C GLU Z 9 35.24 19.40 49.86
N LYS Z 10 35.21 19.01 51.12
CA LYS Z 10 36.45 18.64 51.81
C LYS Z 10 37.11 17.45 51.12
N ARG Z 11 38.43 17.46 51.09
CA ARG Z 11 39.15 16.40 50.39
C ARG Z 11 39.05 15.09 51.15
N THR Z 12 39.27 14.00 50.43
CA THR Z 12 39.06 12.66 50.95
C THR Z 12 40.18 11.77 50.43
N TRP Z 13 40.34 10.59 51.05
CA TRP Z 13 41.29 9.58 50.60
C TRP Z 13 41.39 9.49 49.08
N PHE Z 14 40.24 9.47 48.40
CA PHE Z 14 40.23 9.36 46.96
C PHE Z 14 40.96 10.53 46.32
N ASP Z 15 40.81 11.73 46.89
CA ASP Z 15 41.51 12.89 46.34
C ASP Z 15 43.01 12.73 46.43
N ASP Z 16 43.51 12.23 47.57
CA ASP Z 16 44.96 12.02 47.71
C ASP Z 16 45.44 10.95 46.73
N ALA Z 17 44.69 9.85 46.60
CA ALA Z 17 45.10 8.79 45.68
C ALA Z 17 45.14 9.31 44.24
N ASP Z 18 44.12 10.07 43.85
CA ASP Z 18 44.09 10.62 42.49
C ASP Z 18 45.24 11.60 42.28
N ASP Z 19 45.53 12.41 43.29
CA ASP Z 19 46.63 13.37 43.17
C ASP Z 19 47.95 12.65 42.99
N TRP Z 20 48.19 11.58 43.74
CA TRP Z 20 49.45 10.85 43.60
C TRP Z 20 49.54 10.14 42.25
N LEU Z 21 48.45 9.47 41.86
CA LEU Z 21 48.49 8.65 40.64
C LEU Z 21 48.75 9.49 39.40
N ARG Z 22 48.13 10.68 39.33
CA ARG Z 22 48.29 11.54 38.17
C ARG Z 22 49.52 12.43 38.23
N GLN Z 23 50.32 12.30 39.28
CA GLN Z 23 51.53 13.11 39.41
C GLN Z 23 52.49 12.82 38.27
N ASP Z 24 53.09 13.89 37.73
CA ASP Z 24 54.02 13.74 36.62
C ASP Z 24 55.30 13.04 37.10
N ARG Z 25 55.80 12.14 36.27
CA ARG Z 25 57.02 11.38 36.56
C ARG Z 25 57.48 10.74 35.26
N PHE Z 26 58.51 9.91 35.35
CA PHE Z 26 59.05 9.27 34.15
C PHE Z 26 58.02 8.35 33.51
N VAL Z 27 57.36 7.53 34.32
CA VAL Z 27 56.38 6.57 33.83
C VAL Z 27 55.01 6.98 34.38
N PHE Z 28 54.15 7.50 33.51
CA PHE Z 28 52.82 7.93 33.92
C PHE Z 28 52.01 6.71 34.34
N VAL Z 29 51.74 6.59 35.64
CA VAL Z 29 51.00 5.45 36.14
C VAL Z 29 49.50 5.62 35.87
N GLY Z 30 48.91 6.66 36.46
CA GLY Z 30 47.49 6.90 36.29
C GLY Z 30 46.62 5.83 36.91
N TRP Z 31 45.30 6.02 36.87
CA TRP Z 31 44.39 5.01 37.40
C TRP Z 31 44.44 3.73 36.56
N SER Z 32 44.55 3.88 35.24
CA SER Z 32 44.62 2.72 34.35
C SER Z 32 45.86 1.88 34.59
N GLY Z 33 46.91 2.46 35.19
CA GLY Z 33 48.12 1.69 35.42
C GLY Z 33 47.88 0.49 36.31
N LEU Z 34 46.98 0.63 37.28
CA LEU Z 34 46.67 -0.47 38.20
C LEU Z 34 46.22 -1.72 37.44
N LEU Z 35 45.52 -1.53 36.33
CA LEU Z 35 45.08 -2.66 35.52
C LEU Z 35 46.08 -3.01 34.41
N LEU Z 36 46.82 -2.03 33.92
CA LEU Z 36 47.70 -2.28 32.78
C LEU Z 36 49.00 -2.95 33.20
N PHE Z 37 49.71 -2.36 34.17
CA PHE Z 37 51.05 -2.86 34.49
C PHE Z 37 51.06 -4.30 34.96
N PRO Z 38 50.25 -4.72 35.94
CA PRO Z 38 50.33 -6.14 36.37
C PRO Z 38 49.96 -7.10 35.25
N CYS Z 39 48.87 -6.84 34.53
CA CYS Z 39 48.42 -7.78 33.51
C CYS Z 39 49.44 -7.90 32.38
N ALA Z 40 49.93 -6.77 31.87
CA ALA Z 40 50.92 -6.80 30.79
C ALA Z 40 52.21 -7.44 31.25
N TYR Z 41 52.67 -7.11 32.46
CA TYR Z 41 53.91 -7.69 32.96
C TYR Z 41 53.78 -9.20 33.10
N PHE Z 42 52.67 -9.69 33.63
CA PHE Z 42 52.49 -11.12 33.77
C PHE Z 42 52.32 -11.81 32.43
N ALA Z 43 51.70 -11.14 31.45
CA ALA Z 43 51.58 -11.73 30.12
C ALA Z 43 52.96 -11.93 29.50
N LEU Z 44 53.79 -10.89 29.53
CA LEU Z 44 55.14 -11.02 28.99
C LEU Z 44 55.95 -12.07 29.73
N GLY Z 45 55.87 -12.06 31.07
CA GLY Z 45 56.61 -13.04 31.84
C GLY Z 45 56.17 -14.46 31.56
N GLY Z 46 54.86 -14.68 31.47
CA GLY Z 46 54.36 -16.00 31.15
C GLY Z 46 54.80 -16.47 29.79
N TRP Z 47 54.75 -15.57 28.79
CA TRP Z 47 55.20 -15.96 27.46
C TRP Z 47 56.67 -16.36 27.48
N LEU Z 48 57.52 -15.56 28.13
CA LEU Z 48 58.94 -15.86 28.14
C LEU Z 48 59.25 -17.15 28.89
N THR Z 49 58.62 -17.35 30.05
CA THR Z 49 58.90 -18.56 30.82
C THR Z 49 58.34 -19.80 30.14
N GLY Z 50 57.22 -19.66 29.43
CA GLY Z 50 56.69 -20.79 28.68
C GLY Z 50 57.58 -21.17 27.50
N THR Z 51 58.08 -20.17 26.77
CA THR Z 51 58.97 -20.46 25.67
C THR Z 51 60.34 -20.94 26.12
N THR Z 52 60.72 -20.65 27.37
CA THR Z 52 62.04 -21.05 27.84
C THR Z 52 62.07 -22.44 28.47
N PHE Z 53 61.16 -22.71 29.40
CA PHE Z 53 61.20 -23.95 30.18
C PHE Z 53 60.05 -24.90 29.91
N VAL Z 54 58.84 -24.40 29.71
CA VAL Z 54 57.66 -25.25 29.66
C VAL Z 54 57.58 -25.96 28.31
N THR Z 55 57.26 -27.25 28.36
CA THR Z 55 57.19 -28.09 27.18
C THR Z 55 55.74 -28.25 26.70
N SER Z 56 55.57 -29.06 25.65
CA SER Z 56 54.25 -29.38 25.12
C SER Z 56 54.18 -30.87 24.76
N TRP Z 57 54.99 -31.70 25.40
CA TRP Z 57 55.05 -33.12 25.08
C TRP Z 57 53.74 -33.85 25.36
N TYR Z 58 52.83 -33.25 26.14
CA TYR Z 58 51.58 -33.90 26.52
C TYR Z 58 50.36 -33.27 25.88
N THR Z 59 50.33 -31.95 25.71
CA THR Z 59 49.18 -31.30 25.11
C THR Z 59 49.12 -31.57 23.60
N HIS Z 60 50.26 -31.44 22.92
CA HIS Z 60 50.31 -31.58 21.48
C HIS Z 60 51.22 -32.70 21.00
N GLY Z 61 52.08 -33.24 21.86
CA GLY Z 61 53.10 -34.17 21.40
C GLY Z 61 54.27 -33.51 20.70
N LEU Z 62 54.49 -32.23 20.94
CA LEU Z 62 55.57 -31.48 20.31
C LEU Z 62 56.48 -30.89 21.38
N ALA Z 63 57.78 -30.83 21.07
CA ALA Z 63 58.75 -30.15 21.91
C ALA Z 63 58.87 -28.71 21.44
N THR Z 64 58.51 -27.76 22.30
CA THR Z 64 58.42 -26.35 21.93
C THR Z 64 59.06 -25.47 23.00
N SER Z 65 60.26 -25.81 23.44
CA SER Z 65 60.96 -25.02 24.44
C SER Z 65 62.44 -24.93 24.09
N TYR Z 66 63.08 -23.87 24.59
CA TYR Z 66 64.53 -23.75 24.44
C TYR Z 66 65.25 -24.89 25.15
N LEU Z 67 64.74 -25.29 26.32
CA LEU Z 67 65.37 -26.36 27.08
C LEU Z 67 65.37 -27.67 26.31
N GLU Z 68 64.45 -27.84 25.38
CA GLU Z 68 64.40 -29.01 24.51
C GLU Z 68 65.18 -28.83 23.22
N GLY Z 69 65.77 -27.65 23.01
CA GLY Z 69 66.58 -27.39 21.83
C GLY Z 69 65.92 -26.59 20.74
N CYS Z 70 64.73 -26.03 20.97
CA CYS Z 70 64.07 -25.26 19.94
C CYS Z 70 64.75 -23.90 19.74
N ASN Z 71 64.56 -23.35 18.55
CA ASN Z 71 65.09 -22.04 18.21
C ASN Z 71 64.11 -20.97 18.66
N PHE Z 72 64.40 -19.71 18.34
CA PHE Z 72 63.45 -18.64 18.60
C PHE Z 72 62.23 -18.75 17.70
N LEU Z 73 62.42 -19.19 16.45
CA LEU Z 73 61.31 -19.28 15.51
C LEU Z 73 60.34 -20.40 15.88
N THR Z 74 60.85 -21.53 16.34
CA THR Z 74 60.01 -22.69 16.58
C THR Z 74 59.42 -22.73 17.99
N ALA Z 75 60.02 -22.05 18.96
CA ALA Z 75 59.49 -22.04 20.31
C ALA Z 75 58.15 -21.34 20.35
N ALA Z 76 57.25 -21.86 21.19
CA ALA Z 76 55.90 -21.33 21.25
C ALA Z 76 55.26 -21.73 22.58
N VAL Z 77 54.17 -21.06 22.91
CA VAL Z 77 53.35 -21.40 24.06
C VAL Z 77 52.12 -22.13 23.53
N SER Z 78 52.13 -23.45 23.64
CA SER Z 78 51.08 -24.27 23.03
C SER Z 78 49.78 -24.15 23.80
N THR Z 79 48.68 -24.35 23.09
CA THR Z 79 47.35 -24.35 23.66
C THR Z 79 47.12 -25.64 24.46
N PRO Z 80 46.17 -25.64 25.39
CA PRO Z 80 45.87 -26.86 26.14
C PRO Z 80 45.28 -27.94 25.25
N ALA Z 81 45.34 -29.18 25.73
CA ALA Z 81 44.84 -30.30 24.96
C ALA Z 81 43.35 -30.16 24.71
N ASN Z 82 42.87 -30.82 23.65
CA ASN Z 82 41.47 -30.73 23.29
C ASN Z 82 40.55 -31.34 24.33
N SER Z 83 41.08 -32.17 25.24
CA SER Z 83 40.26 -32.74 26.28
C SER Z 83 39.72 -31.67 27.22
N MET Z 84 40.49 -30.60 27.46
CA MET Z 84 40.06 -29.54 28.34
C MET Z 84 38.87 -28.77 27.81
N ALA Z 85 38.55 -28.88 26.53
CA ALA Z 85 37.43 -28.20 25.89
C ALA Z 85 37.61 -26.70 26.10
N HIS Z 86 36.66 -25.99 26.71
CA HIS Z 86 36.76 -24.55 26.93
C HIS Z 86 37.02 -24.23 28.40
N SER Z 87 37.76 -25.09 29.10
CA SER Z 87 38.05 -24.83 30.51
C SER Z 87 38.88 -23.57 30.65
N LEU Z 88 38.50 -22.73 31.61
CA LEU Z 88 39.30 -21.54 31.91
C LEU Z 88 40.66 -21.93 32.48
N LEU Z 89 40.78 -23.14 33.02
CA LEU Z 89 42.07 -23.73 33.40
C LEU Z 89 42.77 -22.91 34.48
N PHE Z 90 42.01 -22.56 35.51
CA PHE Z 90 42.60 -21.92 36.68
C PHE Z 90 43.57 -22.89 37.36
N VAL Z 91 44.65 -22.34 37.92
CA VAL Z 91 45.62 -23.18 38.62
C VAL Z 91 44.98 -23.86 39.81
N TRP Z 92 43.97 -23.23 40.42
CA TRP Z 92 43.22 -23.82 41.51
C TRP Z 92 42.02 -24.63 41.03
N GLY Z 93 41.83 -24.75 39.72
CA GLY Z 93 40.66 -25.41 39.19
C GLY Z 93 40.73 -26.91 39.33
N PRO Z 94 39.63 -27.57 38.95
CA PRO Z 94 39.59 -29.04 39.06
C PRO Z 94 40.59 -29.75 38.17
N GLU Z 95 41.05 -29.12 37.08
CA GLU Z 95 41.96 -29.78 36.16
C GLU Z 95 43.33 -30.00 36.80
N ALA Z 96 43.88 -28.95 37.41
CA ALA Z 96 45.22 -29.01 38.00
C ALA Z 96 45.20 -29.22 39.51
N GLN Z 97 44.18 -28.71 40.20
CA GLN Z 97 44.04 -28.88 41.64
C GLN Z 97 45.25 -28.34 42.40
N GLY Z 98 45.76 -27.19 41.96
CA GLY Z 98 46.79 -26.47 42.67
C GLY Z 98 48.22 -26.85 42.29
N ASP Z 99 48.42 -28.07 41.77
CA ASP Z 99 49.77 -28.53 41.44
C ASP Z 99 50.35 -27.71 40.30
N PHE Z 100 51.38 -26.92 40.59
CA PHE Z 100 51.95 -26.04 39.57
C PHE Z 100 52.60 -26.84 38.45
N THR Z 101 53.32 -27.91 38.78
CA THR Z 101 53.99 -28.70 37.76
C THR Z 101 52.97 -29.31 36.80
N ARG Z 102 51.94 -29.95 37.34
CA ARG Z 102 50.90 -30.52 36.49
C ARG Z 102 50.10 -29.45 35.76
N TRP Z 103 49.93 -28.28 36.38
CA TRP Z 103 49.25 -27.19 35.69
C TRP Z 103 50.03 -26.74 34.46
N CYS Z 104 51.35 -26.62 34.60
CA CYS Z 104 52.18 -26.27 33.44
C CYS Z 104 52.17 -27.38 32.41
N GLN Z 105 52.17 -28.64 32.85
CA GLN Z 105 52.17 -29.75 31.90
C GLN Z 105 50.87 -29.79 31.10
N LEU Z 106 49.74 -29.53 31.75
CA LEU Z 106 48.46 -29.54 31.04
C LEU Z 106 48.31 -28.37 30.08
N GLY Z 107 49.09 -27.32 30.25
CA GLY Z 107 49.05 -26.20 29.33
C GLY Z 107 48.22 -25.03 29.80
N GLY Z 108 48.26 -24.75 31.10
CA GLY Z 108 47.53 -23.60 31.62
C GLY Z 108 48.18 -22.27 31.33
N LEU Z 109 49.46 -22.29 30.94
CA LEU Z 109 50.15 -21.03 30.66
C LEU Z 109 49.51 -20.31 29.48
N TRP Z 110 48.98 -21.05 28.50
CA TRP Z 110 48.33 -20.38 27.37
C TRP Z 110 47.13 -19.57 27.83
N ALA Z 111 46.25 -20.17 28.62
CA ALA Z 111 45.08 -19.45 29.11
C ALA Z 111 45.49 -18.30 30.02
N PHE Z 112 46.48 -18.53 30.88
CA PHE Z 112 46.99 -17.47 31.74
C PHE Z 112 47.45 -16.26 30.91
N VAL Z 113 48.30 -16.51 29.93
CA VAL Z 113 48.83 -15.44 29.09
C VAL Z 113 47.71 -14.75 28.33
N ALA Z 114 46.80 -15.52 27.74
CA ALA Z 114 45.74 -14.93 26.93
C ALA Z 114 44.84 -14.01 27.76
N LEU Z 115 44.40 -14.49 28.92
CA LEU Z 115 43.49 -13.70 29.74
C LEU Z 115 44.18 -12.46 30.30
N HIS Z 116 45.38 -12.63 30.86
CA HIS Z 116 46.09 -11.47 31.39
C HIS Z 116 46.42 -10.48 30.28
N GLY Z 117 46.71 -10.97 29.07
CA GLY Z 117 46.97 -10.08 27.95
C GLY Z 117 45.74 -9.30 27.51
N ALA Z 118 44.58 -9.97 27.44
CA ALA Z 118 43.37 -9.25 27.06
C ALA Z 118 43.06 -8.15 28.06
N PHE Z 119 43.19 -8.46 29.35
CA PHE Z 119 42.98 -7.41 30.34
C PHE Z 119 44.05 -6.32 30.22
N GLY Z 120 45.26 -6.70 29.80
CA GLY Z 120 46.28 -5.69 29.58
C GLY Z 120 45.95 -4.74 28.44
N LEU Z 121 45.40 -5.26 27.35
CA LEU Z 121 44.94 -4.38 26.27
C LEU Z 121 43.81 -3.47 26.72
N ILE Z 122 42.86 -3.99 27.51
CA ILE Z 122 41.83 -3.12 28.04
C ILE Z 122 42.45 -2.00 28.87
N GLY Z 123 43.41 -2.36 29.73
CA GLY Z 123 44.08 -1.35 30.53
C GLY Z 123 44.84 -0.34 29.69
N PHE Z 124 45.46 -0.80 28.59
CA PHE Z 124 46.20 0.10 27.72
C PHE Z 124 45.28 1.09 27.04
N MET Z 125 44.12 0.63 26.58
CA MET Z 125 43.16 1.55 25.98
C MET Z 125 42.66 2.56 27.01
N LEU Z 126 42.40 2.10 28.24
CA LEU Z 126 42.03 3.02 29.29
C LEU Z 126 43.15 4.03 29.57
N ARG Z 127 44.40 3.58 29.46
CA ARG Z 127 45.53 4.50 29.63
C ARG Z 127 45.56 5.56 28.56
N GLN Z 128 45.28 5.17 27.31
CA GLN Z 128 45.17 6.15 26.23
C GLN Z 128 44.09 7.17 26.54
N PHE Z 129 42.93 6.69 26.99
CA PHE Z 129 41.83 7.59 27.34
C PHE Z 129 42.25 8.57 28.44
N GLU Z 130 42.88 8.04 29.49
CA GLU Z 130 43.25 8.88 30.62
C GLU Z 130 44.27 9.93 30.22
N ILE Z 131 45.28 9.53 29.45
CA ILE Z 131 46.32 10.48 29.06
C ILE Z 131 45.73 11.55 28.14
N ALA Z 132 44.88 11.15 27.20
CA ALA Z 132 44.26 12.14 26.32
C ALA Z 132 43.40 13.12 27.11
N ARG Z 133 42.67 12.62 28.11
CA ARG Z 133 41.87 13.53 28.94
C ARG Z 133 42.76 14.48 29.73
N SER Z 134 43.90 13.98 30.22
CA SER Z 134 44.81 14.84 30.98
C SER Z 134 45.40 15.93 30.11
N VAL Z 135 45.73 15.62 28.85
CA VAL Z 135 46.37 16.59 27.97
C VAL Z 135 45.36 17.46 27.23
N ASN Z 136 44.06 17.18 27.36
CA ASN Z 136 43.00 17.93 26.69
C ASN Z 136 43.13 17.83 25.17
N LEU Z 137 43.02 16.59 24.69
CA LEU Z 137 43.04 16.30 23.26
C LEU Z 137 41.93 15.32 22.93
N ARG Z 138 41.49 15.34 21.68
CA ARG Z 138 40.52 14.36 21.23
C ARG Z 138 41.15 12.96 21.28
N PRO Z 139 40.44 11.98 21.82
CA PRO Z 139 41.01 10.64 22.01
C PRO Z 139 40.90 9.75 20.78
N TYR Z 140 41.25 10.30 19.61
CA TYR Z 140 41.20 9.51 18.39
C TYR Z 140 42.15 8.33 18.43
N ASN Z 141 43.18 8.39 19.28
CA ASN Z 141 44.09 7.26 19.41
C ASN Z 141 43.37 6.03 19.94
N ALA Z 142 42.42 6.22 20.87
CA ALA Z 142 41.68 5.07 21.39
C ALA Z 142 40.81 4.44 20.31
N ILE Z 143 40.10 5.25 19.53
CA ILE Z 143 39.30 4.71 18.45
C ILE Z 143 40.17 4.00 17.43
N ALA Z 144 41.35 4.54 17.15
CA ALA Z 144 42.29 3.86 16.26
C ALA Z 144 42.72 2.51 16.82
N PHE Z 145 43.05 2.47 18.12
CA PHE Z 145 43.52 1.25 18.76
C PHE Z 145 42.41 0.23 18.99
N SER Z 146 41.15 0.63 18.81
CA SER Z 146 40.05 -0.33 18.94
C SER Z 146 40.19 -1.49 17.97
N ALA Z 147 40.74 -1.25 16.78
CA ALA Z 147 40.85 -2.32 15.78
C ALA Z 147 41.76 -3.45 16.21
N PRO Z 148 42.97 -3.21 16.75
CA PRO Z 148 43.76 -4.34 17.27
C PRO Z 148 43.04 -5.14 18.34
N ILE Z 149 42.27 -4.47 19.21
CA ILE Z 149 41.51 -5.19 20.23
C ILE Z 149 40.47 -6.08 19.58
N ALA Z 150 39.79 -5.57 18.54
CA ALA Z 150 38.80 -6.39 17.84
C ALA Z 150 39.46 -7.60 17.19
N VAL Z 151 40.61 -7.40 16.56
CA VAL Z 151 41.31 -8.52 15.92
C VAL Z 151 41.71 -9.56 16.97
N PHE Z 152 42.27 -9.10 18.09
CA PHE Z 152 42.70 -10.03 19.12
C PHE Z 152 41.52 -10.80 19.69
N VAL Z 153 40.42 -10.11 19.95
CA VAL Z 153 39.24 -10.78 20.51
C VAL Z 153 38.68 -11.79 19.53
N SER Z 154 38.56 -11.41 18.26
CA SER Z 154 37.95 -12.30 17.28
C SER Z 154 38.82 -13.51 17.01
N VAL Z 155 40.15 -13.36 17.01
CA VAL Z 155 41.01 -14.48 16.64
C VAL Z 155 41.37 -15.35 17.84
N PHE Z 156 41.66 -14.75 18.99
CA PHE Z 156 42.17 -15.50 20.13
C PHE Z 156 41.09 -15.91 21.13
N LEU Z 157 39.92 -15.27 21.10
CA LEU Z 157 38.86 -15.61 22.05
C LEU Z 157 37.60 -16.14 21.38
N ILE Z 158 37.03 -15.41 20.42
CA ILE Z 158 35.76 -15.83 19.84
C ILE Z 158 35.93 -17.09 19.00
N TYR Z 159 37.00 -17.16 18.20
CA TYR Z 159 37.19 -18.32 17.33
C TYR Z 159 37.31 -19.62 18.11
N PRO Z 160 38.18 -19.74 19.12
CA PRO Z 160 38.17 -20.99 19.91
C PRO Z 160 36.87 -21.23 20.65
N LEU Z 161 36.17 -20.17 21.07
CA LEU Z 161 34.90 -20.36 21.76
C LEU Z 161 33.85 -20.97 20.83
N GLY Z 162 33.85 -20.56 19.57
CA GLY Z 162 32.95 -21.17 18.62
C GLY Z 162 33.38 -22.53 18.09
N GLN Z 163 34.64 -22.90 18.32
CA GLN Z 163 35.19 -24.17 17.87
C GLN Z 163 35.13 -25.19 19.00
N SER Z 164 35.82 -26.32 18.81
CA SER Z 164 35.77 -27.41 19.78
C SER Z 164 36.33 -26.98 21.13
N GLY Z 165 37.40 -26.20 21.15
CA GLY Z 165 37.98 -25.77 22.39
C GLY Z 165 39.15 -24.84 22.17
N TRP Z 166 39.89 -24.59 23.25
CA TRP Z 166 41.08 -23.74 23.16
C TRP Z 166 42.15 -24.35 22.27
N PHE Z 167 42.07 -25.66 22.01
CA PHE Z 167 43.11 -26.34 21.25
C PHE Z 167 43.30 -25.74 19.87
N PHE Z 168 42.22 -25.23 19.26
CA PHE Z 168 42.28 -24.71 17.91
C PHE Z 168 42.55 -23.21 17.86
N ALA Z 169 42.77 -22.57 19.01
CA ALA Z 169 43.15 -21.19 19.04
C ALA Z 169 44.61 -21.03 18.65
N PRO Z 170 45.02 -19.87 18.16
CA PRO Z 170 46.42 -19.67 17.82
C PRO Z 170 47.33 -19.85 19.04
N SER Z 171 48.49 -20.44 18.81
CA SER Z 171 49.48 -20.64 19.86
C SER Z 171 50.56 -19.57 19.72
N PHE Z 172 50.98 -19.01 20.84
CA PHE Z 172 51.88 -17.85 20.82
C PHE Z 172 53.27 -18.30 20.42
N GLY Z 173 53.57 -18.20 19.13
CA GLY Z 173 54.90 -18.54 18.64
C GLY Z 173 54.99 -18.22 17.17
N VAL Z 174 56.23 -18.03 16.73
CA VAL Z 174 56.46 -17.63 15.34
C VAL Z 174 56.02 -18.74 14.39
N ALA Z 175 56.41 -19.98 14.66
CA ALA Z 175 56.04 -21.08 13.79
C ALA Z 175 54.59 -21.50 13.99
N ALA Z 176 54.08 -21.39 15.22
CA ALA Z 176 52.69 -21.74 15.47
C ALA Z 176 51.73 -20.81 14.72
N ILE Z 177 52.12 -19.55 14.54
CA ILE Z 177 51.27 -18.63 13.77
C ILE Z 177 51.23 -19.04 12.31
N PHE Z 178 52.37 -19.45 11.75
CA PHE Z 178 52.36 -19.94 10.37
C PHE Z 178 51.51 -21.21 10.25
N ARG Z 179 51.59 -22.08 11.26
CA ARG Z 179 50.74 -23.26 11.26
C ARG Z 179 49.27 -22.86 11.26
N PHE Z 180 48.90 -21.88 12.08
CA PHE Z 180 47.53 -21.39 12.13
C PHE Z 180 47.10 -20.83 10.78
N ILE Z 181 47.99 -20.09 10.13
CA ILE Z 181 47.68 -19.49 8.83
C ILE Z 181 47.43 -20.57 7.79
N LEU Z 182 48.33 -21.55 7.70
CA LEU Z 182 48.13 -22.64 6.74
C LEU Z 182 46.91 -23.47 7.09
N PHE Z 183 46.61 -23.60 8.38
CA PHE Z 183 45.42 -24.31 8.82
C PHE Z 183 44.16 -23.63 8.32
N PHE Z 184 44.10 -22.30 8.43
CA PHE Z 184 42.95 -21.58 7.88
C PHE Z 184 42.89 -21.73 6.37
N GLN Z 185 44.04 -21.64 5.70
CA GLN Z 185 44.05 -21.80 4.25
C GLN Z 185 43.49 -23.15 3.83
N GLY Z 186 43.88 -24.21 4.53
CA GLY Z 186 43.44 -25.54 4.20
C GLY Z 186 41.99 -25.81 4.54
N PHE Z 187 41.63 -25.66 5.81
CA PHE Z 187 40.31 -26.09 6.28
C PHE Z 187 39.22 -25.05 6.08
N HIS Z 188 39.56 -23.80 5.75
CA HIS Z 188 38.55 -22.76 5.66
C HIS Z 188 38.52 -22.03 4.34
N ASN Z 189 39.53 -22.20 3.48
CA ASN Z 189 39.67 -21.37 2.28
C ASN Z 189 39.61 -19.90 2.64
N TRP Z 190 40.30 -19.54 3.73
CA TRP Z 190 40.26 -18.20 4.28
C TRP Z 190 40.74 -17.14 3.29
N THR Z 191 41.54 -17.54 2.30
CA THR Z 191 42.02 -16.58 1.32
C THR Z 191 40.92 -16.10 0.38
N LEU Z 192 39.77 -16.77 0.34
CA LEU Z 192 38.69 -16.44 -0.56
C LEU Z 192 37.54 -15.69 0.12
N ASN Z 193 37.58 -15.54 1.44
CA ASN Z 193 36.52 -14.82 2.13
C ASN Z 193 36.60 -13.35 1.80
N PRO Z 194 35.51 -12.72 1.34
CA PRO Z 194 35.59 -11.29 0.97
C PRO Z 194 36.01 -10.39 2.10
N PHE Z 195 35.75 -10.78 3.35
CA PHE Z 195 36.17 -9.95 4.47
C PHE Z 195 37.68 -9.95 4.62
N HIS Z 196 38.34 -11.09 4.40
CA HIS Z 196 39.79 -11.09 4.36
C HIS Z 196 40.32 -10.28 3.20
N MET Z 197 39.60 -10.27 2.08
CA MET Z 197 39.99 -9.41 0.97
C MET Z 197 39.93 -7.95 1.37
N MET Z 198 38.88 -7.55 2.09
CA MET Z 198 38.80 -6.19 2.58
C MET Z 198 39.95 -5.87 3.53
N GLY Z 199 40.27 -6.81 4.42
CA GLY Z 199 41.39 -6.58 5.33
C GLY Z 199 42.71 -6.42 4.60
N VAL Z 200 42.96 -7.26 3.61
CA VAL Z 200 44.18 -7.16 2.82
C VAL Z 200 44.25 -5.82 2.10
N ALA Z 201 43.14 -5.42 1.48
CA ALA Z 201 43.11 -4.14 0.79
C ALA Z 201 43.37 -2.99 1.76
N GLY Z 202 42.75 -3.03 2.94
CA GLY Z 202 42.96 -1.97 3.91
C GLY Z 202 44.40 -1.88 4.38
N VAL Z 203 45.01 -3.02 4.68
CA VAL Z 203 46.37 -3.01 5.20
C VAL Z 203 47.36 -2.54 4.14
N LEU Z 204 47.23 -3.07 2.91
CA LEU Z 204 48.13 -2.64 1.85
C LEU Z 204 47.93 -1.17 1.51
N GLY Z 205 46.68 -0.70 1.50
CA GLY Z 205 46.43 0.71 1.27
C GLY Z 205 47.00 1.59 2.37
N ALA Z 206 46.97 1.11 3.61
CA ALA Z 206 47.57 1.85 4.70
C ALA Z 206 49.07 1.97 4.51
N ALA Z 207 49.73 0.88 4.11
CA ALA Z 207 51.16 0.95 3.85
C ALA Z 207 51.46 1.92 2.71
N LEU Z 208 50.64 1.88 1.66
CA LEU Z 208 50.81 2.81 0.54
C LEU Z 208 50.66 4.25 1.00
N LEU Z 209 49.64 4.52 1.82
CA LEU Z 209 49.42 5.88 2.31
C LEU Z 209 50.60 6.35 3.15
N CYS Z 210 51.12 5.49 4.01
CA CYS Z 210 52.28 5.86 4.81
C CYS Z 210 53.45 6.24 3.91
N ALA Z 211 53.75 5.40 2.92
CA ALA Z 211 54.89 5.69 2.04
C ALA Z 211 54.68 6.98 1.26
N ILE Z 212 53.49 7.15 0.68
CA ILE Z 212 53.21 8.35 -0.11
C ILE Z 212 53.32 9.60 0.75
N HIS Z 213 52.71 9.58 1.94
CA HIS Z 213 52.73 10.77 2.77
C HIS Z 213 54.15 11.12 3.19
N GLY Z 214 54.92 10.12 3.63
CA GLY Z 214 56.29 10.40 4.02
C GLY Z 214 57.12 10.96 2.88
N ALA Z 215 57.05 10.32 1.71
CA ALA Z 215 57.85 10.79 0.58
C ALA Z 215 57.40 12.18 0.12
N THR Z 216 56.10 12.44 0.14
CA THR Z 216 55.59 13.72 -0.35
C THR Z 216 55.95 14.86 0.59
N VAL Z 217 55.78 14.66 1.90
CA VAL Z 217 56.17 15.69 2.85
C VAL Z 217 57.68 15.93 2.78
N GLU Z 218 58.47 14.86 2.70
CA GLU Z 218 59.91 15.03 2.71
C GLU Z 218 60.43 15.67 1.42
N ASN Z 219 59.64 15.70 0.35
CA ASN Z 219 60.09 16.21 -0.93
C ASN Z 219 59.46 17.55 -1.30
N THR Z 220 58.75 18.19 -0.39
CA THR Z 220 58.15 19.50 -0.65
C THR Z 220 58.49 20.49 0.46
N LEU Z 221 59.62 20.28 1.13
CA LEU Z 221 59.99 21.12 2.26
C LEU Z 221 60.37 22.52 1.79
N PHE Z 222 60.18 23.49 2.67
CA PHE Z 222 60.64 24.85 2.45
C PHE Z 222 62.09 24.98 2.92
N GLU Z 223 62.83 25.87 2.27
CA GLU Z 223 64.20 26.12 2.66
C GLU Z 223 64.24 26.99 3.91
N ASP Z 224 65.17 26.68 4.80
CA ASP Z 224 65.32 27.44 6.04
C ASP Z 224 66.79 27.73 6.39
N ALA Z 239 55.03 28.03 13.54
CA ALA Z 239 53.72 28.52 13.11
C ALA Z 239 53.44 28.13 11.67
N GLU Z 240 54.21 28.72 10.75
CA GLU Z 240 54.04 28.42 9.33
C GLU Z 240 54.43 26.97 9.05
N GLU Z 241 53.78 26.38 8.07
CA GLU Z 241 54.02 24.98 7.74
C GLU Z 241 55.44 24.78 7.22
N THR Z 242 55.95 23.57 7.40
CA THR Z 242 57.29 23.22 6.96
C THR Z 242 57.34 22.68 5.54
N TYR Z 243 56.20 22.56 4.87
CA TYR Z 243 56.19 22.07 3.50
C TYR Z 243 55.04 22.72 2.75
N SER Z 244 55.15 22.75 1.43
CA SER Z 244 54.20 23.43 0.56
C SER Z 244 53.11 22.45 0.15
N MET Z 245 51.89 22.71 0.63
CA MET Z 245 50.76 21.87 0.24
C MET Z 245 50.38 22.08 -1.22
N VAL Z 246 50.54 23.30 -1.73
CA VAL Z 246 50.13 23.61 -3.10
C VAL Z 246 50.95 22.82 -4.10
N THR Z 247 52.27 22.77 -3.90
CA THR Z 247 53.13 22.06 -4.82
C THR Z 247 52.84 20.57 -4.82
N ALA Z 248 52.64 19.98 -3.64
CA ALA Z 248 52.30 18.56 -3.56
C ALA Z 248 50.97 18.28 -4.23
N ASN Z 249 49.98 19.15 -4.02
CA ASN Z 249 48.69 18.96 -4.66
C ASN Z 249 48.81 19.03 -6.17
N ARG Z 250 49.58 19.99 -6.68
CA ARG Z 250 49.77 20.09 -8.12
C ARG Z 250 50.46 18.84 -8.67
N PHE Z 251 51.50 18.38 -7.97
CA PHE Z 251 52.24 17.21 -8.42
C PHE Z 251 51.35 15.98 -8.50
N TRP Z 252 50.61 15.70 -7.41
CA TRP Z 252 49.78 14.50 -7.41
C TRP Z 252 48.54 14.65 -8.27
N SER Z 253 48.10 15.87 -8.56
CA SER Z 253 46.99 16.05 -9.48
C SER Z 253 47.42 15.83 -10.92
N GLN Z 254 48.65 16.21 -11.26
CA GLN Z 254 49.13 16.02 -12.62
C GLN Z 254 49.81 14.68 -12.84
N ILE Z 255 50.06 13.90 -11.79
CA ILE Z 255 50.65 12.58 -11.96
C ILE Z 255 49.56 11.50 -11.89
N PHE Z 256 48.87 11.43 -10.77
CA PHE Z 256 47.92 10.35 -10.54
C PHE Z 256 46.52 10.67 -11.07
N GLY Z 257 46.06 11.91 -10.89
CA GLY Z 257 44.74 12.28 -11.35
C GLY Z 257 43.92 12.95 -10.27
N VAL Z 258 44.09 12.50 -9.03
CA VAL Z 258 43.43 13.10 -7.88
C VAL Z 258 44.49 13.36 -6.82
N ALA Z 259 44.20 14.32 -5.94
CA ALA Z 259 45.15 14.69 -4.90
C ALA Z 259 44.40 15.28 -3.72
N PHE Z 260 44.97 15.10 -2.53
CA PHE Z 260 44.41 15.70 -1.34
C PHE Z 260 44.60 17.21 -1.35
N SER Z 261 43.61 17.92 -0.81
CA SER Z 261 43.70 19.36 -0.67
C SER Z 261 43.52 19.85 0.76
N ASN Z 262 43.15 18.98 1.69
CA ASN Z 262 42.93 19.35 3.09
C ASN Z 262 43.78 18.44 3.97
N LYS Z 263 44.57 19.05 4.85
CA LYS Z 263 45.39 18.26 5.77
C LYS Z 263 44.53 17.41 6.69
N ARG Z 264 43.43 17.99 7.19
CA ARG Z 264 42.49 17.26 8.04
C ARG Z 264 42.03 15.99 7.35
N TRP Z 265 41.55 16.11 6.10
CA TRP Z 265 41.02 14.96 5.39
C TRP Z 265 42.10 13.92 5.12
N LEU Z 266 43.31 14.37 4.76
CA LEU Z 266 44.39 13.44 4.48
C LEU Z 266 44.73 12.61 5.72
N HIS Z 267 44.94 13.28 6.85
CA HIS Z 267 45.33 12.52 8.04
C HIS Z 267 44.18 11.68 8.57
N PHE Z 268 42.94 12.14 8.42
CA PHE Z 268 41.82 11.30 8.83
C PHE Z 268 41.68 10.08 7.94
N PHE Z 269 41.97 10.22 6.64
CA PHE Z 269 41.97 9.06 5.74
C PHE Z 269 43.04 8.06 6.15
N MET Z 270 44.22 8.56 6.48
CA MET Z 270 45.29 7.69 6.98
C MET Z 270 44.85 6.95 8.22
N LEU Z 271 44.13 7.62 9.12
CA LEU Z 271 43.58 6.95 10.29
C LEU Z 271 42.53 5.92 9.90
N LEU Z 272 41.67 6.27 8.95
CA LEU Z 272 40.44 5.50 8.72
C LEU Z 272 40.72 4.18 8.01
N VAL Z 273 41.63 4.17 7.04
CA VAL Z 273 41.80 2.99 6.19
C VAL Z 273 42.14 1.72 6.99
N PRO Z 274 43.22 1.70 7.80
CA PRO Z 274 43.58 0.43 8.44
C PRO Z 274 42.56 -0.05 9.45
N VAL Z 275 41.90 0.88 10.16
CA VAL Z 275 40.91 0.50 11.16
C VAL Z 275 39.75 -0.23 10.50
N THR Z 276 39.25 0.31 9.39
CA THR Z 276 38.18 -0.35 8.66
C THR Z 276 38.63 -1.71 8.13
N GLY Z 277 39.85 -1.77 7.58
CA GLY Z 277 40.33 -3.07 7.09
C GLY Z 277 40.35 -4.12 8.17
N LEU Z 278 40.90 -3.77 9.33
CA LEU Z 278 41.01 -4.73 10.42
C LEU Z 278 39.64 -5.10 10.98
N TRP Z 279 38.71 -4.15 11.03
CA TRP Z 279 37.38 -4.47 11.54
C TRP Z 279 36.66 -5.44 10.61
N MET Z 280 36.78 -5.24 9.30
CA MET Z 280 36.17 -6.19 8.37
C MET Z 280 36.83 -7.57 8.49
N SER Z 281 38.14 -7.61 8.67
CA SER Z 281 38.81 -8.89 8.89
C SER Z 281 38.29 -9.57 10.16
N ALA Z 282 38.07 -8.80 11.23
CA ALA Z 282 37.54 -9.37 12.45
C ALA Z 282 36.15 -9.94 12.25
N ILE Z 283 35.30 -9.23 11.48
CA ILE Z 283 33.97 -9.76 11.19
C ILE Z 283 34.08 -11.07 10.42
N GLY Z 284 35.00 -11.14 9.45
CA GLY Z 284 35.19 -12.38 8.73
C GLY Z 284 35.62 -13.53 9.62
N VAL Z 285 36.53 -13.26 10.55
CA VAL Z 285 36.99 -14.31 11.46
C VAL Z 285 35.86 -14.75 12.38
N VAL Z 286 35.02 -13.80 12.81
CA VAL Z 286 33.83 -14.16 13.58
C VAL Z 286 32.94 -15.10 12.78
N GLY Z 287 32.76 -14.81 11.50
CA GLY Z 287 32.00 -15.71 10.65
C GLY Z 287 32.62 -17.09 10.56
N LEU Z 288 33.95 -17.15 10.43
CA LEU Z 288 34.62 -18.44 10.38
C LEU Z 288 34.48 -19.22 11.68
N ALA Z 289 34.35 -18.52 12.81
CA ALA Z 289 34.30 -19.20 14.10
C ALA Z 289 33.15 -20.18 14.17
N LEU Z 290 32.10 -19.96 13.38
CA LEU Z 290 30.95 -20.86 13.30
C LEU Z 290 30.98 -21.73 12.07
N ASN Z 291 32.14 -21.85 11.42
CA ASN Z 291 32.31 -22.61 10.18
C ASN Z 291 31.48 -22.06 9.04
N LEU Z 292 31.00 -20.82 9.16
CA LEU Z 292 30.32 -20.14 8.06
C LEU Z 292 31.39 -19.61 7.11
N ARG Z 293 31.65 -20.35 6.04
CA ARG Z 293 32.76 -20.08 5.16
C ARG Z 293 32.27 -19.69 3.77
N ALA Z 294 33.05 -18.84 3.11
CA ALA Z 294 32.88 -18.58 1.68
C ALA Z 294 33.77 -19.55 0.91
N TYR Z 295 33.41 -20.84 1.01
CA TYR Z 295 34.30 -21.90 0.59
C TYR Z 295 34.22 -22.16 -0.90
N ASP Z 296 33.02 -22.36 -1.44
CA ASP Z 296 32.89 -22.89 -2.79
C ASP Z 296 31.84 -22.12 -3.58
N PHE Z 297 31.96 -22.22 -4.91
CA PHE Z 297 30.97 -21.72 -5.86
C PHE Z 297 30.26 -22.92 -6.44
N VAL Z 298 28.96 -23.04 -6.18
CA VAL Z 298 28.23 -24.25 -6.54
C VAL Z 298 28.19 -24.44 -8.05
N SER Z 299 28.07 -23.35 -8.80
CA SER Z 299 28.05 -23.45 -10.26
C SER Z 299 29.37 -24.00 -10.79
N GLN Z 300 30.48 -23.50 -10.27
CA GLN Z 300 31.78 -24.02 -10.69
C GLN Z 300 31.93 -25.47 -10.29
N GLU Z 301 31.47 -25.85 -9.10
CA GLU Z 301 31.58 -27.23 -8.66
C GLU Z 301 30.82 -28.17 -9.58
N ILE Z 302 29.58 -27.81 -9.92
CA ILE Z 302 28.78 -28.69 -10.77
C ILE Z 302 29.35 -28.74 -12.18
N ARG Z 303 29.84 -27.60 -12.69
CA ARG Z 303 30.45 -27.60 -14.02
C ARG Z 303 31.68 -28.48 -14.06
N ALA Z 304 32.52 -28.43 -13.01
CA ALA Z 304 33.71 -29.26 -12.97
C ALA Z 304 33.34 -30.73 -12.82
N ALA Z 305 32.31 -31.04 -12.03
CA ALA Z 305 31.91 -32.42 -11.84
C ALA Z 305 31.36 -33.03 -13.12
N GLU Z 306 30.50 -32.29 -13.83
CA GLU Z 306 29.89 -32.84 -15.03
C GLU Z 306 30.92 -32.99 -16.15
N ASP Z 307 31.75 -31.98 -16.37
CA ASP Z 307 32.74 -32.01 -17.44
C ASP Z 307 34.13 -32.19 -16.86
N PRO Z 308 34.78 -33.32 -17.05
CA PRO Z 308 36.14 -33.50 -16.51
C PRO Z 308 37.17 -32.58 -17.14
N GLU Z 309 36.93 -32.08 -18.35
CA GLU Z 309 37.90 -31.22 -19.02
C GLU Z 309 37.83 -29.77 -18.54
N PHE Z 310 36.78 -29.37 -17.85
CA PHE Z 310 36.67 -28.02 -17.34
C PHE Z 310 37.57 -27.87 -16.12
N GLU Z 311 38.41 -26.83 -16.13
CA GLU Z 311 39.37 -26.63 -15.05
C GLU Z 311 39.75 -25.16 -15.00
N THR Z 312 39.62 -24.56 -13.83
CA THR Z 312 40.03 -23.18 -13.60
C THR Z 312 40.97 -23.14 -12.40
N PHE Z 313 41.44 -21.95 -12.06
CA PHE Z 313 42.33 -21.81 -10.92
C PHE Z 313 41.62 -22.08 -9.61
N TYR Z 314 40.32 -21.82 -9.55
CA TYR Z 314 39.53 -22.12 -8.36
C TYR Z 314 39.52 -23.62 -8.07
N THR Z 315 39.37 -24.45 -9.12
CA THR Z 315 39.42 -25.89 -8.94
C THR Z 315 40.79 -26.34 -8.42
N LYS Z 316 41.86 -25.74 -8.94
CA LYS Z 316 43.19 -26.08 -8.47
C LYS Z 316 43.34 -25.73 -7.00
N ASN Z 317 42.80 -24.57 -6.59
CA ASN Z 317 42.85 -24.20 -5.19
C ASN Z 317 42.08 -25.19 -4.33
N ILE Z 318 40.92 -25.65 -4.82
CA ILE Z 318 40.14 -26.63 -4.07
C ILE Z 318 40.94 -27.91 -3.88
N LEU Z 319 41.61 -28.39 -4.93
CA LEU Z 319 42.42 -29.59 -4.83
C LEU Z 319 43.56 -29.39 -3.84
N LEU Z 320 44.20 -28.21 -3.88
CA LEU Z 320 45.27 -27.93 -2.93
C LEU Z 320 44.76 -27.93 -1.50
N ASN Z 321 43.57 -27.39 -1.27
CA ASN Z 321 42.99 -27.43 0.06
C ASN Z 321 42.73 -28.85 0.52
N GLU Z 322 42.24 -29.70 -0.39
CA GLU Z 322 42.03 -31.10 -0.05
C GLU Z 322 43.35 -31.75 0.37
N GLY Z 323 44.41 -31.49 -0.40
CA GLY Z 323 45.70 -32.05 -0.04
C GLY Z 323 46.19 -31.57 1.31
N ILE Z 324 46.04 -30.27 1.58
CA ILE Z 324 46.47 -29.71 2.86
C ILE Z 324 45.74 -30.40 4.00
N ARG Z 325 44.41 -30.48 3.91
CA ARG Z 325 43.64 -31.09 4.97
C ARG Z 325 44.06 -32.53 5.21
N ALA Z 326 44.13 -33.33 4.14
CA ALA Z 326 44.41 -34.75 4.30
C ALA Z 326 45.81 -34.99 4.86
N TRP Z 327 46.80 -34.24 4.37
CA TRP Z 327 48.17 -34.47 4.81
C TRP Z 327 48.52 -33.78 6.12
N MET Z 328 47.67 -32.88 6.62
CA MET Z 328 47.92 -32.24 7.91
C MET Z 328 47.16 -32.90 9.06
N ALA Z 329 45.93 -33.36 8.81
CA ALA Z 329 45.08 -33.81 9.91
C ALA Z 329 45.65 -34.99 10.67
N ALA Z 330 46.53 -35.78 10.05
CA ALA Z 330 47.05 -36.96 10.72
C ALA Z 330 47.83 -36.60 11.98
N GLN Z 331 48.66 -35.56 11.91
CA GLN Z 331 49.50 -35.16 13.03
C GLN Z 331 49.07 -33.87 13.70
N ASP Z 332 48.31 -33.02 13.02
CA ASP Z 332 47.91 -31.75 13.62
C ASP Z 332 46.82 -31.94 14.68
N GLN Z 333 46.01 -32.98 14.56
CA GLN Z 333 44.89 -33.23 15.47
C GLN Z 333 45.02 -34.63 16.05
N PRO Z 334 45.93 -34.82 17.01
CA PRO Z 334 46.15 -36.15 17.57
C PRO Z 334 44.94 -36.71 18.30
N HIS Z 335 44.02 -35.87 18.78
CA HIS Z 335 42.87 -36.38 19.52
C HIS Z 335 41.90 -37.13 18.63
N GLU Z 336 41.96 -36.92 17.30
CA GLU Z 336 41.11 -37.68 16.39
C GLU Z 336 41.62 -39.10 16.22
N ARG Z 337 42.91 -39.33 16.43
CA ARG Z 337 43.53 -40.64 16.23
C ARG Z 337 43.30 -41.15 14.81
N LEU Z 338 43.66 -40.33 13.84
CA LEU Z 338 43.46 -40.65 12.43
C LEU Z 338 44.66 -41.41 11.89
N VAL Z 339 44.39 -42.47 11.13
CA VAL Z 339 45.44 -43.26 10.47
C VAL Z 339 44.98 -43.42 9.02
N PHE Z 340 45.45 -42.55 8.15
CA PHE Z 340 45.07 -42.61 6.74
C PHE Z 340 45.98 -43.58 6.00
N PRO Z 341 45.43 -44.62 5.36
CA PRO Z 341 46.26 -45.46 4.50
C PRO Z 341 46.78 -44.68 3.31
N GLU Z 342 47.90 -45.16 2.75
CA GLU Z 342 48.54 -44.45 1.65
C GLU Z 342 47.65 -44.34 0.43
N GLU Z 343 46.65 -45.21 0.29
CA GLU Z 343 45.84 -45.24 -0.92
C GLU Z 343 44.69 -44.25 -0.89
N VAL Z 344 44.39 -43.64 0.26
CA VAL Z 344 43.33 -42.64 0.33
C VAL Z 344 43.88 -41.22 0.39
N LEU Z 345 45.18 -41.05 0.50
CA LEU Z 345 45.76 -39.71 0.50
C LEU Z 345 45.65 -39.12 -0.90
N PRO Z 346 45.08 -37.93 -1.06
CA PRO Z 346 45.00 -37.30 -2.38
C PRO Z 346 46.39 -37.07 -2.97
N ARG Z 347 46.50 -37.29 -4.27
CA ARG Z 347 47.76 -37.13 -4.99
C ARG Z 347 47.48 -36.53 -6.34
N GLY Z 348 48.47 -35.84 -6.89
CA GLY Z 348 48.28 -35.20 -8.18
C GLY Z 348 48.11 -36.19 -9.31
N ASN Z 349 48.91 -37.26 -9.31
CA ASN Z 349 48.88 -38.22 -10.40
C ASN Z 349 47.58 -39.02 -10.44
N ALA Z 350 46.84 -39.07 -9.35
CA ALA Z 350 45.61 -39.84 -9.30
C ALA Z 350 44.41 -39.10 -9.89
N LEU Z 351 44.53 -37.81 -10.15
CA LEU Z 351 43.40 -37.01 -10.64
C LEU Z 351 42.86 -37.55 -11.96
N ASP AA 5 69.10 12.28 34.51
CA ASP AA 5 69.68 11.90 35.79
C ASP AA 5 70.47 10.60 35.66
N ILE AA 6 71.13 10.42 34.51
CA ILE AA 6 71.93 9.21 34.29
C ILE AA 6 73.15 9.25 35.20
N LEU AA 7 73.42 8.12 35.86
CA LEU AA 7 74.54 7.99 36.77
C LEU AA 7 75.29 6.70 36.44
N THR AA 8 76.33 6.82 35.62
CA THR AA 8 77.17 5.70 35.21
C THR AA 8 78.53 5.76 35.91
N SER AA 9 78.55 6.29 37.13
CA SER AA 9 79.80 6.43 37.86
C SER AA 9 80.34 5.07 38.30
N ILE AA 10 81.56 5.10 38.85
CA ILE AA 10 82.20 3.87 39.32
C ILE AA 10 81.42 3.25 40.46
N ARG AA 11 80.73 4.07 41.26
CA ARG AA 11 79.93 3.56 42.36
C ARG AA 11 78.90 2.56 41.86
N TYR AA 12 78.17 2.92 40.81
CA TYR AA 12 77.24 1.98 40.17
C TYR AA 12 77.94 0.72 39.72
N TRP AA 13 79.04 0.86 38.99
CA TRP AA 13 79.69 -0.29 38.38
C TRP AA 13 80.41 -1.17 39.39
N VAL AA 14 80.53 -0.74 40.64
CA VAL AA 14 81.10 -1.58 41.68
C VAL AA 14 80.02 -2.17 42.58
N ILE AA 15 78.92 -1.45 42.79
CA ILE AA 15 77.83 -2.02 43.58
C ILE AA 15 77.10 -3.10 42.80
N HIS AA 16 76.96 -2.92 41.48
CA HIS AA 16 76.23 -3.89 40.67
C HIS AA 16 77.15 -4.95 40.06
N SER AA 17 78.42 -4.99 40.45
CA SER AA 17 79.35 -5.97 39.94
C SER AA 17 79.41 -7.25 40.78
N ILE AA 18 78.60 -7.34 41.83
CA ILE AA 18 78.58 -8.51 42.70
C ILE AA 18 77.28 -9.28 42.57
N THR AA 19 76.14 -8.59 42.48
CA THR AA 19 74.85 -9.27 42.41
C THR AA 19 74.63 -9.88 41.03
N VAL AA 20 75.05 -9.19 39.97
CA VAL AA 20 74.84 -9.72 38.62
C VAL AA 20 75.54 -11.04 38.41
N PRO AA 21 76.83 -11.20 38.73
CA PRO AA 21 77.42 -12.55 38.62
C PRO AA 21 76.74 -13.55 39.53
N ALA AA 22 76.24 -13.12 40.69
CA ALA AA 22 75.50 -14.03 41.55
C ALA AA 22 74.25 -14.56 40.85
N LEU AA 23 73.52 -13.68 40.17
CA LEU AA 23 72.33 -14.11 39.45
C LEU AA 23 72.70 -15.04 38.30
N PHE AA 24 73.77 -14.71 37.57
CA PHE AA 24 74.18 -15.56 36.46
C PHE AA 24 74.54 -16.96 36.95
N ILE AA 25 75.31 -17.04 38.04
CA ILE AA 25 75.69 -18.34 38.58
C ILE AA 25 74.47 -19.07 39.13
N ALA AA 26 73.52 -18.33 39.72
CA ALA AA 26 72.31 -18.96 40.21
C ALA AA 26 71.52 -19.60 39.08
N GLY AA 27 71.38 -18.90 37.96
CA GLY AA 27 70.69 -19.49 36.81
C GLY AA 27 71.42 -20.69 36.25
N TRP AA 28 72.75 -20.58 36.15
CA TRP AA 28 73.55 -21.70 35.65
C TRP AA 28 73.37 -22.93 36.53
N LEU AA 29 73.42 -22.74 37.85
CA LEU AA 29 73.24 -23.86 38.77
C LEU AA 29 71.82 -24.39 38.71
N PHE AA 30 70.84 -23.50 38.52
CA PHE AA 30 69.45 -23.94 38.40
C PHE AA 30 69.27 -24.88 37.21
N VAL AA 31 69.87 -24.54 36.08
CA VAL AA 31 69.76 -25.43 34.92
C VAL AA 31 70.59 -26.69 35.13
N SER AA 32 71.82 -26.56 35.64
CA SER AA 32 72.74 -27.69 35.67
C SER AA 32 72.33 -28.74 36.70
N THR AA 33 71.91 -28.30 37.89
CA THR AA 33 71.61 -29.23 38.97
C THR AA 33 70.44 -30.14 38.62
N GLY AA 34 69.60 -29.75 37.67
CA GLY AA 34 68.43 -30.51 37.30
C GLY AA 34 67.15 -30.02 37.91
N LEU AA 35 67.17 -28.93 38.67
CA LEU AA 35 65.95 -28.41 39.26
C LEU AA 35 64.98 -27.92 38.20
N ALA AA 36 65.49 -27.53 37.03
CA ALA AA 36 64.61 -27.05 35.96
C ALA AA 36 63.66 -28.14 35.50
N TYR AA 37 64.17 -29.36 35.34
CA TYR AA 37 63.31 -30.47 34.94
C TYR AA 37 62.28 -30.80 36.01
N ASP AA 38 62.68 -30.78 37.28
CA ASP AA 38 61.77 -31.16 38.36
C ASP AA 38 60.68 -30.11 38.54
N VAL AA 39 61.04 -28.83 38.50
CA VAL AA 39 60.08 -27.77 38.79
C VAL AA 39 59.03 -27.68 37.69
N PHE AA 40 59.46 -27.65 36.43
CA PHE AA 40 58.55 -27.45 35.32
C PHE AA 40 58.05 -28.74 34.68
N GLY AA 41 58.58 -29.89 35.09
CA GLY AA 41 58.09 -31.15 34.57
C GLY AA 41 58.55 -31.51 33.18
N THR AA 42 59.47 -30.75 32.59
CA THR AA 42 59.97 -31.07 31.26
C THR AA 42 60.74 -32.39 31.30
N PRO AA 43 60.41 -33.34 30.44
CA PRO AA 43 61.10 -34.64 30.49
C PRO AA 43 62.56 -34.51 30.11
N ARG AA 44 63.38 -35.36 30.73
CA ARG AA 44 64.79 -35.44 30.41
C ARG AA 44 64.97 -36.16 29.07
N PRO AA 45 66.13 -35.99 28.43
CA PRO AA 45 66.34 -36.64 27.12
C PRO AA 45 66.30 -38.16 27.17
N ASN AA 46 66.45 -38.78 28.34
CA ASN AA 46 66.36 -40.23 28.47
C ASN AA 46 65.06 -40.66 29.16
N GLU AA 47 64.03 -39.82 29.12
CA GLU AA 47 62.74 -40.16 29.72
C GLU AA 47 61.56 -39.83 28.82
N TYR AA 48 61.80 -39.41 27.58
CA TYR AA 48 60.69 -39.10 26.68
C TYR AA 48 59.84 -40.33 26.40
N PHE AA 49 60.47 -41.48 26.18
CA PHE AA 49 59.78 -42.73 25.93
C PHE AA 49 60.16 -43.73 27.03
N THR AA 50 59.16 -44.17 27.78
CA THR AA 50 59.39 -45.11 28.87
C THR AA 50 59.34 -46.55 28.34
N GLU AA 51 59.32 -47.52 29.24
CA GLU AA 51 59.26 -48.92 28.83
C GLU AA 51 57.88 -49.27 28.29
N ASP AA 52 56.83 -48.85 28.98
CA ASP AA 52 55.47 -49.22 28.58
C ASP AA 52 54.98 -48.39 27.39
N ARG AA 53 55.46 -47.18 27.24
CA ARG AA 53 55.00 -46.26 26.20
C ARG AA 53 56.11 -45.99 25.20
N GLN AA 54 55.79 -46.09 23.91
CA GLN AA 54 56.75 -45.80 22.86
C GLN AA 54 56.16 -44.87 21.80
N GLU AA 55 55.24 -43.99 22.20
CA GLU AA 55 54.70 -43.01 21.28
C GLU AA 55 54.30 -41.77 22.08
N ALA AA 56 53.84 -40.75 21.36
CA ALA AA 56 53.46 -39.50 22.00
C ALA AA 56 52.26 -39.72 22.92
N PRO AA 57 52.32 -39.29 24.17
CA PRO AA 57 51.20 -39.54 25.09
C PRO AA 57 49.97 -38.73 24.71
N LEU AA 58 48.82 -39.24 25.13
CA LEU AA 58 47.53 -38.61 24.86
C LEU AA 58 46.79 -38.41 26.18
N ILE AA 59 46.10 -37.28 26.30
CA ILE AA 59 45.41 -36.95 27.55
C ILE AA 59 44.04 -37.61 27.59
N THR AA 60 43.21 -37.34 26.57
CA THR AA 60 41.90 -37.96 26.35
C THR AA 60 41.06 -38.05 27.63
N ASP AA 61 41.21 -37.07 28.51
CA ASP AA 61 40.40 -37.01 29.72
C ASP AA 61 40.51 -35.60 30.30
N ARG AA 62 39.49 -35.21 31.08
CA ARG AA 62 39.43 -33.87 31.64
C ARG AA 62 39.57 -33.86 33.16
N PHE AA 63 38.70 -34.57 33.88
CA PHE AA 63 38.72 -34.55 35.34
C PHE AA 63 39.64 -35.62 35.93
N ASN AA 64 40.16 -36.53 35.11
CA ASN AA 64 41.11 -37.53 35.55
C ASN AA 64 42.53 -37.19 35.10
N ALA AA 65 42.76 -35.94 34.69
CA ALA AA 65 44.03 -35.60 34.05
C ALA AA 65 45.21 -35.72 35.00
N LEU AA 66 45.02 -35.38 36.28
CA LEU AA 66 46.12 -35.31 37.22
C LEU AA 66 46.84 -36.66 37.38
N GLU AA 67 46.14 -37.67 37.91
CA GLU AA 67 46.79 -38.95 38.13
C GLU AA 67 47.08 -39.68 36.84
N GLN AA 68 46.32 -39.40 35.77
CA GLN AA 68 46.65 -39.99 34.48
C GLN AA 68 48.00 -39.48 33.98
N VAL AA 69 48.24 -38.17 34.07
CA VAL AA 69 49.54 -37.61 33.70
C VAL AA 69 50.63 -38.16 34.60
N LYS AA 70 50.34 -38.28 35.91
CA LYS AA 70 51.32 -38.85 36.81
C LYS AA 70 51.69 -40.28 36.41
N LYS AA 71 50.69 -41.07 36.01
CA LYS AA 71 50.94 -42.46 35.61
C LYS AA 71 51.74 -42.54 34.32
N LEU AA 72 51.36 -41.74 33.31
CA LEU AA 72 52.02 -41.85 32.02
C LEU AA 72 53.34 -41.09 31.95
N SER AA 73 53.70 -40.36 33.00
CA SER AA 73 54.98 -39.67 33.06
C SER AA 73 56.09 -40.53 33.64
N GLY AA 74 55.81 -41.78 33.97
CA GLY AA 74 56.80 -42.68 34.53
C GLY AA 74 56.92 -42.65 36.04
N ASN AA 75 56.18 -41.77 36.71
CA ASN AA 75 56.23 -41.69 38.17
C ASN AA 75 55.00 -42.33 38.80
N ILE BA 1 66.89 4.39 47.66
CA ILE BA 1 65.48 4.75 47.62
C ILE BA 1 64.73 3.84 46.66
N PHE BA 2 63.53 3.44 47.05
CA PHE BA 2 62.72 2.52 46.25
C PHE BA 2 61.69 3.30 45.44
N THR BA 3 62.20 4.08 44.50
CA THR BA 3 61.36 4.85 43.61
C THR BA 3 60.74 3.96 42.53
N VAL BA 4 59.73 4.50 41.85
CA VAL BA 4 58.96 3.70 40.89
C VAL BA 4 59.82 3.29 39.71
N ARG BA 5 60.68 4.19 39.22
CA ARG BA 5 61.55 3.84 38.10
C ARG BA 5 62.52 2.73 38.49
N TRP BA 6 63.02 2.77 39.73
CA TRP BA 6 63.89 1.70 40.21
C TRP BA 6 63.14 0.37 40.20
N LEU BA 7 61.90 0.38 40.67
CA LEU BA 7 61.10 -0.84 40.69
C LEU BA 7 60.91 -1.38 39.28
N ALA BA 8 60.55 -0.51 38.33
CA ALA BA 8 60.34 -0.96 36.97
C ALA BA 8 61.60 -1.55 36.36
N ILE BA 9 62.72 -0.83 36.49
CA ILE BA 9 63.97 -1.29 35.89
C ILE BA 9 64.39 -2.61 36.48
N HIS BA 10 64.34 -2.74 37.81
CA HIS BA 10 64.78 -3.98 38.43
C HIS BA 10 63.86 -5.15 38.09
N GLY BA 11 62.54 -4.91 38.08
CA GLY BA 11 61.62 -5.96 37.72
C GLY BA 11 61.81 -6.45 36.30
N ILE BA 12 62.14 -5.55 35.38
CA ILE BA 12 62.44 -5.99 34.02
C ILE BA 12 63.79 -6.70 33.96
N ALA BA 13 64.77 -6.23 34.71
CA ALA BA 13 66.16 -6.63 34.48
C ALA BA 13 66.51 -7.96 35.16
N VAL BA 14 66.13 -8.13 36.43
CA VAL BA 14 66.57 -9.31 37.17
C VAL BA 14 66.16 -10.61 36.49
N PRO BA 15 64.88 -10.82 36.13
CA PRO BA 15 64.54 -12.04 35.38
C PRO BA 15 65.26 -12.15 34.06
N THR BA 16 65.58 -11.03 33.41
CA THR BA 16 66.32 -11.08 32.16
C THR BA 16 67.70 -11.69 32.36
N ILE BA 17 68.41 -11.24 33.40
CA ILE BA 17 69.72 -11.80 33.70
C ILE BA 17 69.62 -13.27 34.06
N PHE BA 18 68.63 -13.62 34.89
CA PHE BA 18 68.46 -15.03 35.28
C PHE BA 18 68.21 -15.89 34.05
N PHE BA 19 67.35 -15.43 33.14
CA PHE BA 19 67.01 -16.20 31.96
C PHE BA 19 68.18 -16.29 31.00
N LEU BA 20 68.99 -15.22 30.89
CA LEU BA 20 70.16 -15.29 30.04
C LEU BA 20 71.16 -16.31 30.56
N GLY BA 21 71.39 -16.34 31.88
CA GLY BA 21 72.24 -17.37 32.45
C GLY BA 21 71.71 -18.76 32.20
N ALA BA 22 70.39 -18.94 32.38
CA ALA BA 22 69.78 -20.23 32.13
C ALA BA 22 69.94 -20.66 30.68
N ILE BA 23 69.75 -19.73 29.74
CA ILE BA 23 69.83 -20.07 28.32
C ILE BA 23 71.26 -20.41 27.94
N THR BA 24 72.24 -19.70 28.50
CA THR BA 24 73.63 -20.09 28.26
C THR BA 24 73.91 -21.49 28.78
N ALA BA 25 73.39 -21.81 29.97
CA ALA BA 25 73.55 -23.16 30.49
C ALA BA 25 72.91 -24.20 29.57
N MET BA 26 71.75 -23.87 29.00
CA MET BA 26 71.12 -24.74 28.02
C MET BA 26 72.02 -24.92 26.80
N GLN BA 27 72.68 -23.84 26.37
CA GLN BA 27 73.64 -23.95 25.28
C GLN BA 27 74.74 -24.94 25.63
N PHE BA 28 75.14 -24.97 26.90
CA PHE BA 28 76.21 -25.87 27.32
C PHE BA 28 75.83 -27.33 27.11
N ILE BA 29 74.60 -27.71 27.45
CA ILE BA 29 74.22 -29.12 27.39
C ILE BA 29 74.12 -29.56 25.92
N GLN BA 30 74.05 -30.88 25.73
CA GLN BA 30 74.07 -31.45 24.37
C GLN BA 30 73.03 -30.80 23.48
N ARG BA 31 71.75 -30.93 23.84
CA ARG BA 31 70.66 -30.27 23.11
C ARG BA 31 69.35 -30.42 23.88
N GLN CA 1 11.69 32.33 26.77
CA GLN CA 1 10.70 32.59 25.74
C GLN CA 1 9.29 32.32 26.26
N GLU CA 2 8.34 32.16 25.35
CA GLU CA 2 6.97 31.89 25.75
C GLU CA 2 6.87 30.49 26.38
N PRO CA 3 5.98 30.32 27.35
CA PRO CA 3 5.77 29.00 27.94
C PRO CA 3 5.29 28.00 26.90
N GLY CA 4 5.71 26.75 27.07
CA GLY CA 4 5.34 25.71 26.14
C GLY CA 4 3.90 25.27 26.31
N LEU CA 5 3.50 24.33 25.45
CA LEU CA 5 2.13 23.83 25.45
C LEU CA 5 1.81 23.17 26.78
N VAL CA 6 0.60 23.44 27.30
CA VAL CA 6 0.14 22.92 28.57
C VAL CA 6 -0.96 21.90 28.30
N THR CA 7 -0.80 20.70 28.86
CA THR CA 7 -1.73 19.60 28.67
C THR CA 7 -1.97 18.95 30.02
N PRO CA 8 -3.20 18.49 30.29
CA PRO CA 8 -3.45 17.84 31.59
C PRO CA 8 -2.54 16.67 31.87
N LEU CA 9 -2.22 15.84 30.88
CA LEU CA 9 -1.28 14.75 31.11
C LEU CA 9 0.11 15.30 31.43
N GLY CA 10 0.53 16.35 30.73
CA GLY CA 10 1.83 16.96 31.03
C GLY CA 10 1.90 17.50 32.44
N THR CA 11 0.82 18.17 32.87
CA THR CA 11 0.78 18.68 34.24
C THR CA 11 0.74 17.54 35.25
N LEU CA 12 0.11 16.42 34.90
CA LEU CA 12 0.05 15.28 35.82
C LEU CA 12 1.45 14.71 36.06
N LEU CA 13 2.26 14.61 35.01
CA LEU CA 13 3.60 14.06 35.12
C LEU CA 13 4.65 15.14 35.38
N ARG CA 14 4.24 16.40 35.53
CA ARG CA 14 5.20 17.47 35.78
C ARG CA 14 6.07 17.27 37.03
N PRO CA 15 5.55 16.83 38.17
CA PRO CA 15 6.43 16.69 39.34
C PRO CA 15 7.58 15.73 39.14
N LEU CA 16 7.43 14.74 38.26
CA LEU CA 16 8.52 13.78 38.04
C LEU CA 16 9.72 14.45 37.40
N ASN CA 17 9.50 15.18 36.32
CA ASN CA 17 10.59 15.86 35.60
C ASN CA 17 10.71 17.30 36.07
N SER CA 18 10.93 17.47 37.38
CA SER CA 18 11.06 18.80 37.96
C SER CA 18 12.17 18.88 39.00
N GLU CA 19 13.15 17.99 38.94
CA GLU CA 19 14.25 17.98 39.90
C GLU CA 19 15.59 17.81 39.20
N ALA CA 20 15.79 18.49 38.07
CA ALA CA 20 17.04 18.35 37.34
C ALA CA 20 18.19 19.01 38.11
N GLY CA 21 19.37 18.40 38.04
CA GLY CA 21 20.52 18.95 38.70
C GLY CA 21 20.47 18.88 40.21
N LYS CA 22 19.77 17.91 40.76
CA LYS CA 22 19.51 17.83 42.19
C LYS CA 22 20.42 16.75 42.77
N VAL CA 23 21.38 17.15 43.60
CA VAL CA 23 22.42 16.24 44.07
C VAL CA 23 22.57 16.34 45.60
N LEU CA 24 23.25 15.33 46.17
CA LEU CA 24 23.65 15.22 47.57
C LEU CA 24 25.10 15.65 47.72
N PRO CA 25 25.41 16.55 48.66
CA PRO CA 25 26.81 16.92 48.88
C PRO CA 25 27.61 15.74 49.40
N GLY CA 26 28.89 15.73 49.06
CA GLY CA 26 29.76 14.64 49.48
C GLY CA 26 29.65 13.44 48.56
N TRP CA 27 30.12 12.31 49.05
CA TRP CA 27 30.12 11.07 48.27
C TRP CA 27 28.78 10.35 48.32
N GLY CA 28 27.88 10.74 49.21
CA GLY CA 28 26.56 10.13 49.23
C GLY CA 28 26.61 8.66 49.58
N THR CA 29 26.02 7.84 48.72
CA THR CA 29 25.88 6.40 48.93
C THR CA 29 26.75 5.61 47.97
N THR CA 30 27.96 6.09 47.71
CA THR CA 30 28.84 5.40 46.76
C THR CA 30 29.41 4.11 47.35
N VAL CA 31 29.62 4.06 48.67
CA VAL CA 31 30.16 2.85 49.29
C VAL CA 31 29.18 1.69 49.14
N LEU CA 32 27.89 1.95 49.33
CA LEU CA 32 26.89 0.91 49.12
C LEU CA 32 26.90 0.43 47.68
N MET CA 33 27.06 1.36 46.73
CA MET CA 33 27.17 0.99 45.32
C MET CA 33 28.37 0.08 45.08
N ALA CA 34 29.51 0.41 45.68
CA ALA CA 34 30.70 -0.43 45.51
C ALA CA 34 30.47 -1.82 46.09
N VAL CA 35 29.83 -1.90 47.26
CA VAL CA 35 29.55 -3.20 47.86
C VAL CA 35 28.67 -4.02 46.94
N PHE CA 36 27.62 -3.41 46.39
CA PHE CA 36 26.72 -4.15 45.51
C PHE CA 36 27.41 -4.57 44.21
N ILE CA 37 28.30 -3.73 43.69
CA ILE CA 37 29.05 -4.11 42.50
C ILE CA 37 29.93 -5.32 42.79
N LEU CA 38 30.61 -5.32 43.94
CA LEU CA 38 31.44 -6.47 44.29
C LEU CA 38 30.60 -7.73 44.43
N LEU CA 39 29.44 -7.62 45.07
CA LEU CA 39 28.56 -8.78 45.20
C LEU CA 39 28.09 -9.29 43.84
N PHE CA 40 27.72 -8.37 42.95
CA PHE CA 40 27.27 -8.77 41.62
C PHE CA 40 28.39 -9.42 40.83
N ALA CA 41 29.62 -8.93 40.96
CA ALA CA 41 30.75 -9.57 40.30
C ALA CA 41 30.97 -10.98 40.82
N ALA CA 42 30.85 -11.16 42.14
CA ALA CA 42 30.98 -12.50 42.70
C ALA CA 42 29.90 -13.43 42.17
N PHE CA 43 28.66 -12.94 42.08
CA PHE CA 43 27.57 -13.77 41.57
C PHE CA 43 27.78 -14.12 40.10
N LEU CA 44 28.25 -13.15 39.32
CA LEU CA 44 28.54 -13.42 37.91
C LEU CA 44 29.63 -14.47 37.77
N LEU CA 45 30.65 -14.40 38.61
CA LEU CA 45 31.68 -15.44 38.59
C LEU CA 45 31.09 -16.80 38.95
N ILE CA 46 30.21 -16.83 39.95
CA ILE CA 46 29.51 -18.07 40.30
C ILE CA 46 28.86 -18.69 39.07
N ILE CA 47 27.99 -17.93 38.41
CA ILE CA 47 27.21 -18.52 37.31
C ILE CA 47 28.11 -18.85 36.13
N LEU CA 48 29.11 -18.00 35.87
CA LEU CA 48 30.03 -18.28 34.76
C LEU CA 48 30.79 -19.56 34.96
N GLU CA 49 31.31 -19.79 36.18
CA GLU CA 49 32.06 -21.02 36.42
C GLU CA 49 31.14 -22.23 36.45
N ILE CA 50 29.92 -22.07 36.95
CA ILE CA 50 28.97 -23.18 36.94
C ILE CA 50 28.65 -23.59 35.51
N TYR CA 51 28.40 -22.60 34.65
CA TYR CA 51 28.09 -22.88 33.26
C TYR CA 51 29.27 -23.44 32.49
N ASN CA 52 30.49 -23.17 32.95
CA ASN CA 52 31.70 -23.58 32.24
C ASN CA 52 32.23 -24.92 32.72
N SER CA 53 31.54 -25.58 33.63
CA SER CA 53 31.97 -26.84 34.24
C SER CA 53 33.27 -26.70 35.03
N SER CA 54 33.73 -25.49 35.27
CA SER CA 54 34.89 -25.24 36.10
C SER CA 54 34.55 -25.17 37.58
N LEU CA 55 33.27 -25.15 37.92
CA LEU CA 55 32.80 -25.17 39.31
C LEU CA 55 31.70 -26.22 39.37
N ILE CA 56 32.01 -27.39 39.94
CA ILE CA 56 31.12 -28.54 39.93
C ILE CA 56 30.40 -28.62 41.26
N LEU CA 57 29.08 -28.65 41.22
CA LEU CA 57 28.25 -28.80 42.40
C LEU CA 57 27.48 -30.11 42.31
N ASP CA 58 27.16 -30.68 43.48
CA ASP CA 58 26.49 -31.98 43.51
C ASP CA 58 25.11 -31.92 42.85
N ASP CA 59 24.33 -30.88 43.15
CA ASP CA 59 22.96 -30.84 42.68
C ASP CA 59 22.88 -30.55 41.18
N VAL CA 60 23.68 -29.61 40.69
CA VAL CA 60 23.65 -29.28 39.27
C VAL CA 60 24.41 -30.34 38.49
N SER CA 61 23.90 -30.67 37.30
CA SER CA 61 24.54 -31.65 36.43
C SER CA 61 25.17 -31.05 35.19
N MET CA 62 24.70 -29.86 34.80
CA MET CA 62 25.22 -29.14 33.60
C MET CA 62 25.30 -30.10 32.41
N SER CA 63 24.14 -30.53 31.91
CA SER CA 63 24.11 -31.44 30.74
C SER CA 63 22.72 -31.39 30.11
N TRP CA 64 22.61 -31.83 28.85
CA TRP CA 64 21.27 -31.90 28.21
C TRP CA 64 20.45 -32.92 28.98
N GLU CA 65 21.11 -33.75 29.79
CA GLU CA 65 20.41 -34.83 30.53
C GLU CA 65 19.71 -34.29 31.77
N THR CA 66 19.86 -32.99 32.05
CA THR CA 66 19.16 -32.37 33.21
C THR CA 66 17.72 -32.03 32.81
N LEU CA 67 17.38 -32.17 31.53
CA LEU CA 67 15.99 -31.91 31.07
C LEU CA 67 15.12 -33.07 31.55
N ALA CA 68 15.73 -34.13 32.05
CA ALA CA 68 14.99 -35.30 32.59
C ALA CA 68 14.27 -34.91 33.89
N MET DA 1 51.32 -12.02 -41.78
CA MET DA 1 51.61 -11.48 -40.45
C MET DA 1 52.84 -10.59 -40.50
N LEU DA 2 53.59 -10.67 -41.59
CA LEU DA 2 54.80 -9.86 -41.74
C LEU DA 2 54.47 -8.38 -41.76
N THR DA 3 53.32 -8.02 -42.34
CA THR DA 3 52.89 -6.63 -42.35
C THR DA 3 52.69 -6.12 -40.92
N LEU DA 4 52.10 -6.94 -40.06
CA LEU DA 4 51.94 -6.56 -38.66
C LEU DA 4 53.29 -6.38 -37.99
N LYS DA 5 54.25 -7.25 -38.30
CA LYS DA 5 55.60 -7.11 -37.76
C LYS DA 5 56.22 -5.78 -38.16
N ILE DA 6 56.12 -5.44 -39.44
CA ILE DA 6 56.70 -4.18 -39.93
C ILE DA 6 56.00 -3.00 -39.27
N PHE DA 7 54.68 -3.09 -39.12
CA PHE DA 7 53.92 -2.01 -38.51
C PHE DA 7 54.39 -1.77 -37.08
N VAL DA 8 54.52 -2.85 -36.30
CA VAL DA 8 54.94 -2.73 -34.92
C VAL DA 8 56.37 -2.19 -34.83
N TYR DA 9 57.26 -2.67 -35.69
CA TYR DA 9 58.63 -2.15 -35.68
C TYR DA 9 58.65 -0.66 -35.98
N THR DA 10 57.87 -0.22 -36.98
CA THR DA 10 57.85 1.20 -37.32
C THR DA 10 57.33 2.02 -36.14
N VAL DA 11 56.26 1.57 -35.49
CA VAL DA 11 55.70 2.31 -34.37
C VAL DA 11 56.72 2.42 -33.24
N VAL DA 12 57.36 1.31 -32.89
CA VAL DA 12 58.31 1.31 -31.77
C VAL DA 12 59.50 2.20 -32.10
N THR DA 13 60.03 2.11 -33.32
CA THR DA 13 61.16 2.95 -33.70
C THR DA 13 60.79 4.43 -33.66
N PHE DA 14 59.59 4.78 -34.14
CA PHE DA 14 59.16 6.17 -34.11
C PHE DA 14 59.09 6.68 -32.68
N PHE DA 15 58.48 5.90 -31.78
CA PHE DA 15 58.34 6.35 -30.40
C PHE DA 15 59.70 6.48 -29.71
N VAL DA 16 60.59 5.51 -29.93
CA VAL DA 16 61.90 5.58 -29.29
C VAL DA 16 62.71 6.75 -29.84
N CYS DA 17 62.64 7.00 -31.14
CA CYS DA 17 63.33 8.15 -31.71
C CYS DA 17 62.79 9.45 -31.14
N LEU DA 18 61.47 9.55 -30.99
CA LEU DA 18 60.89 10.75 -30.38
C LEU DA 18 61.39 10.92 -28.95
N PHE DA 19 61.43 9.84 -28.18
CA PHE DA 19 61.92 9.89 -26.81
C PHE DA 19 63.36 10.41 -26.75
N ILE DA 20 64.23 9.82 -27.56
CA ILE DA 20 65.65 10.17 -27.52
C ILE DA 20 65.85 11.62 -27.95
N PHE DA 21 65.19 12.04 -29.04
CA PHE DA 21 65.33 13.41 -29.50
C PHE DA 21 64.76 14.40 -28.50
N GLY DA 22 63.68 14.03 -27.81
CA GLY DA 22 63.12 14.91 -26.80
C GLY DA 22 64.07 15.12 -25.64
N PHE DA 23 64.67 14.04 -25.13
CA PHE DA 23 65.66 14.23 -24.06
C PHE DA 23 66.90 14.95 -24.54
N LEU DA 24 67.26 14.82 -25.82
CA LEU DA 24 68.36 15.61 -26.35
C LEU DA 24 67.99 17.08 -26.52
N SER DA 25 66.69 17.39 -26.61
CA SER DA 25 66.27 18.76 -26.92
C SER DA 25 66.56 19.72 -25.77
N ASN DA 26 66.26 19.32 -24.54
CA ASN DA 26 66.31 20.26 -23.43
C ASN DA 26 67.74 20.65 -23.08
N ASP DA 27 67.87 21.75 -22.34
CA ASP DA 27 69.14 22.35 -21.95
C ASP DA 27 69.53 21.91 -20.54
N PRO DA 28 70.83 21.96 -20.21
CA PRO DA 28 71.27 21.47 -18.91
C PRO DA 28 70.80 22.35 -17.77
N ALA DA 29 70.74 21.75 -16.59
CA ALA DA 29 70.36 22.48 -15.38
C ALA DA 29 71.41 23.55 -15.06
N ARG DA 30 70.94 24.69 -14.57
CA ARG DA 30 71.82 25.80 -14.23
C ARG DA 30 71.17 26.60 -13.11
N ASN DA 31 72.02 27.15 -12.23
CA ASN DA 31 71.52 27.96 -11.13
C ASN DA 31 71.55 29.43 -11.55
N PRO DA 32 70.39 30.06 -11.75
CA PRO DA 32 70.39 31.49 -12.13
C PRO DA 32 71.02 32.38 -11.07
N GLY DA 33 70.89 32.03 -9.79
CA GLY DA 33 71.47 32.85 -8.74
C GLY DA 33 72.98 32.88 -8.80
N LYS DA 34 73.61 31.76 -8.52
CA LYS DA 34 75.07 31.64 -8.59
C LYS DA 34 75.47 30.28 -9.13
N LYS EA 1 94.61 -28.81 1.93
CA LYS EA 1 94.81 -27.94 3.08
C LYS EA 1 95.99 -27.00 2.87
N LEU EA 2 96.36 -26.27 3.90
CA LEU EA 2 97.51 -25.39 3.85
C LEU EA 2 98.79 -26.21 3.80
N PRO EA 3 99.87 -25.64 3.27
CA PRO EA 3 101.16 -26.33 3.32
C PRO EA 3 101.61 -26.57 4.76
N GLU EA 4 102.38 -27.64 4.95
CA GLU EA 4 102.76 -28.06 6.29
C GLU EA 4 103.57 -26.98 7.00
N ALA EA 5 104.45 -26.29 6.26
CA ALA EA 5 105.28 -25.26 6.86
C ALA EA 5 104.44 -24.17 7.51
N TYR EA 6 103.27 -23.86 6.93
CA TYR EA 6 102.34 -22.90 7.50
C TYR EA 6 101.16 -23.57 8.19
N ALA EA 7 101.25 -24.88 8.44
CA ALA EA 7 100.13 -25.60 9.06
C ALA EA 7 99.75 -25.07 10.44
N PRO EA 8 100.67 -24.82 11.38
CA PRO EA 8 100.24 -24.37 12.71
C PRO EA 8 99.54 -23.02 12.70
N PHE EA 9 99.69 -22.22 11.65
CA PHE EA 9 99.07 -20.90 11.57
C PHE EA 9 97.68 -20.95 10.93
N ALA EA 10 97.17 -22.14 10.64
CA ALA EA 10 95.82 -22.27 10.10
C ALA EA 10 94.74 -21.63 10.96
N PRO EA 11 94.73 -21.77 12.29
CA PRO EA 11 93.66 -21.11 13.07
C PRO EA 11 93.57 -19.61 12.84
N ILE EA 12 94.72 -18.92 12.72
CA ILE EA 12 94.69 -17.48 12.47
C ILE EA 12 93.97 -17.19 11.15
N VAL EA 13 94.27 -17.97 10.12
CA VAL EA 13 93.58 -17.82 8.84
C VAL EA 13 92.07 -17.92 9.05
N ASP EA 14 91.64 -18.78 9.97
CA ASP EA 14 90.21 -18.99 10.18
C ASP EA 14 89.49 -17.74 10.66
N VAL EA 15 90.19 -16.71 11.11
CA VAL EA 15 89.55 -15.47 11.50
C VAL EA 15 89.82 -14.34 10.51
N LEU EA 16 90.73 -14.54 9.55
CA LEU EA 16 91.07 -13.45 8.63
C LEU EA 16 89.89 -12.87 7.85
N PRO EA 17 88.97 -13.67 7.29
CA PRO EA 17 87.92 -13.05 6.44
C PRO EA 17 87.00 -12.08 7.17
N VAL EA 18 86.94 -12.11 8.50
CA VAL EA 18 85.96 -11.32 9.23
C VAL EA 18 86.38 -9.87 9.46
N ILE EA 19 87.69 -9.58 9.47
CA ILE EA 19 88.15 -8.23 9.79
C ILE EA 19 87.54 -7.15 8.91
N PRO EA 20 87.41 -7.31 7.58
CA PRO EA 20 86.82 -6.23 6.78
C PRO EA 20 85.43 -5.80 7.24
N VAL EA 21 84.65 -6.73 7.80
CA VAL EA 21 83.36 -6.35 8.39
C VAL EA 21 83.55 -5.43 9.58
N PHE EA 22 84.62 -5.60 10.35
CA PHE EA 22 84.84 -4.82 11.56
C PHE EA 22 85.19 -3.36 11.28
N PHE EA 23 85.50 -2.99 10.04
CA PHE EA 23 85.95 -1.63 9.79
C PHE EA 23 84.80 -0.63 9.86
N ILE EA 24 83.59 -1.03 9.45
CA ILE EA 24 82.45 -0.13 9.60
C ILE EA 24 82.14 0.06 11.08
N LEU EA 25 82.29 -0.99 11.89
CA LEU EA 25 82.14 -0.84 13.33
C LEU EA 25 83.20 0.07 13.91
N LEU EA 26 84.43 -0.01 13.36
CA LEU EA 26 85.48 0.92 13.78
C LEU EA 26 85.11 2.36 13.47
N ALA EA 27 84.55 2.58 12.28
CA ALA EA 27 84.09 3.93 11.94
C ALA EA 27 83.01 4.40 12.90
N PHE EA 28 82.08 3.51 13.24
CA PHE EA 28 81.02 3.88 14.17
C PHE EA 28 81.56 4.21 15.56
N VAL EA 29 82.53 3.42 16.05
CA VAL EA 29 83.07 3.68 17.38
C VAL EA 29 83.90 4.96 17.37
N TRP EA 30 84.59 5.23 16.26
CA TRP EA 30 85.32 6.49 16.15
C TRP EA 30 84.36 7.68 16.20
N GLN EA 31 83.24 7.59 15.48
CA GLN EA 31 82.26 8.67 15.51
C GLN EA 31 81.67 8.82 16.91
N ALA EA 32 81.42 7.70 17.59
CA ALA EA 32 80.87 7.75 18.94
C ALA EA 32 81.84 8.41 19.91
N ALA EA 33 83.14 8.09 19.80
CA ALA EA 33 84.13 8.73 20.64
C ALA EA 33 84.23 10.22 20.33
N VAL EA 34 84.10 10.59 19.06
CA VAL EA 34 84.07 11.99 18.64
C VAL EA 34 82.78 12.62 19.14
N SER EA 35 81.82 11.79 19.55
CA SER EA 35 80.51 12.22 20.03
C SER EA 35 79.68 12.85 18.91
N PHE EA 36 79.92 12.41 17.68
CA PHE EA 36 79.13 12.81 16.52
C PHE EA 36 79.14 14.33 16.35
N ARG EA 37 80.32 14.93 16.41
CA ARG EA 37 80.45 16.38 16.27
C ARG EA 37 80.00 16.83 14.89
N ALA FA 1 3.97 23.77 19.23
CA ALA FA 1 3.86 23.98 17.79
C ALA FA 1 4.34 25.37 17.40
N ARG FA 2 5.59 25.45 16.94
CA ARG FA 2 6.21 26.70 16.51
C ARG FA 2 7.49 26.37 15.75
N PRO FA 3 8.11 27.33 15.05
CA PRO FA 3 9.37 27.04 14.37
C PRO FA 3 10.43 26.45 15.29
N ASN FA 4 10.87 25.24 14.97
CA ASN FA 4 11.81 24.52 15.83
C ASN FA 4 13.19 25.15 15.71
N PRO FA 5 13.80 25.58 16.82
CA PRO FA 5 15.17 26.14 16.72
C PRO FA 5 16.19 25.16 16.20
N ASN FA 6 16.02 23.85 16.46
CA ASN FA 6 16.97 22.85 16.00
C ASN FA 6 16.78 22.60 14.51
N LYS FA 7 17.13 23.58 13.68
CA LYS FA 7 16.97 23.49 12.24
C LYS FA 7 18.36 23.51 11.60
N GLN FA 8 18.66 22.48 10.81
CA GLN FA 8 19.94 22.40 10.11
C GLN FA 8 19.72 21.64 8.81
N VAL FA 9 20.65 21.86 7.87
CA VAL FA 9 20.57 21.28 6.53
C VAL FA 9 21.80 20.41 6.30
N VAL FA 10 21.59 19.26 5.67
CA VAL FA 10 22.69 18.36 5.34
C VAL FA 10 23.32 18.79 4.02
N GLU FA 11 24.64 18.62 3.93
CA GLU FA 11 25.37 18.93 2.70
C GLU FA 11 26.24 17.75 2.31
N LEU FA 12 26.56 17.68 1.02
CA LEU FA 12 27.38 16.59 0.50
C LEU FA 12 28.07 17.11 -0.77
N ASN FA 13 29.35 17.44 -0.65
CA ASN FA 13 30.09 17.98 -1.79
C ASN FA 13 30.37 16.89 -2.81
N ARG FA 14 30.91 17.31 -3.96
CA ARG FA 14 31.10 16.39 -5.08
C ARG FA 14 32.10 15.29 -4.73
N THR FA 15 33.15 15.62 -3.98
CA THR FA 15 34.13 14.61 -3.58
C THR FA 15 33.47 13.50 -2.77
N SER FA 16 32.59 13.87 -1.85
CA SER FA 16 31.86 12.86 -1.08
C SER FA 16 30.98 12.01 -1.98
N LEU FA 17 30.35 12.63 -2.98
CA LEU FA 17 29.52 11.86 -3.91
C LEU FA 17 30.36 10.83 -4.66
N TYR FA 18 31.53 11.25 -5.14
CA TYR FA 18 32.40 10.31 -5.85
C TYR FA 18 32.85 9.19 -4.94
N TRP FA 19 33.21 9.52 -3.70
CA TRP FA 19 33.64 8.48 -2.76
C TRP FA 19 32.52 7.47 -2.53
N GLY FA 20 31.29 7.96 -2.32
CA GLY FA 20 30.18 7.06 -2.08
C GLY FA 20 29.87 6.17 -3.27
N LEU FA 21 29.84 6.77 -4.47
CA LEU FA 21 29.57 5.99 -5.66
C LEU FA 21 30.64 4.92 -5.88
N LEU FA 22 31.91 5.29 -5.69
CA LEU FA 22 32.98 4.33 -5.86
C LEU FA 22 32.87 3.21 -4.83
N LEU FA 23 32.55 3.54 -3.58
CA LEU FA 23 32.40 2.51 -2.56
C LEU FA 23 31.28 1.54 -2.91
N ILE FA 24 30.13 2.08 -3.35
CA ILE FA 24 28.99 1.23 -3.69
C ILE FA 24 29.34 0.30 -4.84
N PHE FA 25 29.93 0.86 -5.91
CA PHE FA 25 30.22 0.04 -7.08
C PHE FA 25 31.30 -0.99 -6.79
N VAL FA 26 32.30 -0.63 -5.99
CA VAL FA 26 33.35 -1.59 -5.64
C VAL FA 26 32.78 -2.72 -4.79
N LEU FA 27 31.93 -2.40 -3.82
CA LEU FA 27 31.32 -3.44 -3.01
C LEU FA 27 30.47 -4.36 -3.87
N ALA FA 28 29.70 -3.79 -4.80
CA ALA FA 28 28.90 -4.61 -5.70
C ALA FA 28 29.76 -5.52 -6.56
N VAL FA 29 30.87 -4.99 -7.09
CA VAL FA 29 31.78 -5.81 -7.88
C VAL FA 29 32.33 -6.95 -7.05
N LEU FA 30 32.71 -6.66 -5.80
CA LEU FA 30 33.29 -7.68 -4.94
C LEU FA 30 32.28 -8.76 -4.59
N PHE FA 31 31.03 -8.40 -4.33
CA PHE FA 31 30.07 -9.35 -3.79
C PHE FA 31 29.13 -9.95 -4.81
N SER FA 32 29.13 -9.47 -6.06
CA SER FA 32 28.20 -10.00 -7.05
C SER FA 32 28.51 -11.47 -7.36
N SER FA 33 29.78 -11.81 -7.50
CA SER FA 33 30.15 -13.19 -7.80
C SER FA 33 29.73 -14.12 -6.68
N TYR FA 34 29.89 -13.68 -5.42
CA TYR FA 34 29.47 -14.50 -4.29
C TYR FA 34 27.96 -14.66 -4.26
N ILE FA 35 27.23 -13.57 -4.50
CA ILE FA 35 25.77 -13.61 -4.39
C ILE FA 35 25.17 -14.48 -5.50
N PHE FA 36 25.67 -14.33 -6.73
CA PHE FA 36 25.22 -15.21 -7.81
C PHE FA 36 25.62 -16.65 -7.56
N ASN FA 37 26.65 -16.87 -6.75
CA ASN FA 37 27.12 -18.20 -6.39
C ASN FA 37 27.49 -19.02 -7.63
N ASN GA 2 18.33 -17.08 -9.42
CA ASN GA 2 18.97 -15.87 -9.90
C ASN GA 2 18.12 -14.64 -9.62
N ILE GA 3 16.83 -14.85 -9.39
CA ILE GA 3 15.92 -13.74 -9.14
C ILE GA 3 16.30 -13.03 -7.86
N TYR GA 4 16.59 -13.79 -6.80
CA TYR GA 4 16.99 -13.19 -5.53
C TYR GA 4 18.25 -12.36 -5.69
N GLY GA 5 19.29 -12.95 -6.28
CA GLY GA 5 20.55 -12.25 -6.42
C GLY GA 5 20.46 -11.04 -7.34
N LEU GA 6 19.79 -11.19 -8.48
CA LEU GA 6 19.65 -10.08 -9.40
C LEU GA 6 18.86 -8.93 -8.77
N THR GA 7 17.77 -9.25 -8.07
CA THR GA 7 16.99 -8.21 -7.41
C THR GA 7 17.81 -7.51 -6.34
N ALA GA 8 18.55 -8.27 -5.53
CA ALA GA 8 19.37 -7.67 -4.48
C ALA GA 8 20.44 -6.77 -5.08
N THR GA 9 21.11 -7.22 -6.14
CA THR GA 9 22.14 -6.41 -6.77
C THR GA 9 21.55 -5.14 -7.36
N ALA GA 10 20.41 -5.25 -8.03
CA ALA GA 10 19.78 -4.06 -8.62
C ALA GA 10 19.40 -3.04 -7.55
N LEU GA 11 18.78 -3.51 -6.46
CA LEU GA 11 18.39 -2.59 -5.40
C LEU GA 11 19.61 -1.95 -4.75
N PHE GA 12 20.65 -2.74 -4.50
CA PHE GA 12 21.86 -2.20 -3.87
C PHE GA 12 22.56 -1.19 -4.77
N ILE GA 13 22.49 -1.40 -6.09
CA ILE GA 13 23.06 -0.42 -7.01
C ILE GA 13 22.22 0.85 -7.03
N ILE GA 14 20.89 0.71 -7.04
CA ILE GA 14 20.04 1.84 -7.35
C ILE GA 14 19.80 2.72 -6.13
N ILE GA 15 19.26 2.13 -5.05
CA ILE GA 15 18.76 2.94 -3.94
C ILE GA 15 19.84 3.81 -3.29
N PRO GA 16 20.98 3.27 -2.86
CA PRO GA 16 22.01 4.14 -2.27
C PRO GA 16 22.53 5.21 -3.23
N THR GA 17 22.63 4.88 -4.53
CA THR GA 17 23.05 5.89 -5.50
C THR GA 17 22.01 7.00 -5.61
N SER GA 18 20.72 6.64 -5.58
CA SER GA 18 19.68 7.67 -5.58
C SER GA 18 19.78 8.55 -4.34
N PHE GA 19 20.02 7.94 -3.18
CA PHE GA 19 20.16 8.72 -1.95
C PHE GA 19 21.34 9.69 -2.04
N LEU GA 20 22.49 9.20 -2.49
CA LEU GA 20 23.67 10.06 -2.62
C LEU GA 20 23.45 11.17 -3.62
N LEU GA 21 22.81 10.85 -4.75
CA LEU GA 21 22.53 11.87 -5.76
C LEU GA 21 21.58 12.94 -5.23
N ILE GA 22 20.56 12.52 -4.46
CA ILE GA 22 19.64 13.48 -3.87
C ILE GA 22 20.38 14.41 -2.93
N LEU GA 23 21.25 13.85 -2.08
CA LEU GA 23 22.01 14.69 -1.16
C LEU GA 23 22.91 15.66 -1.92
N TYR GA 24 23.60 15.18 -2.95
CA TYR GA 24 24.50 16.05 -3.70
C TYR GA 24 23.74 17.16 -4.41
N VAL GA 25 22.60 16.84 -5.02
CA VAL GA 25 21.82 17.85 -5.73
C VAL GA 25 21.27 18.87 -4.75
N LYS GA 26 20.89 18.43 -3.54
CA LYS GA 26 20.53 19.37 -2.50
C LYS GA 26 21.70 20.29 -2.16
N THR GA 27 22.92 19.73 -2.07
CA THR GA 27 24.08 20.53 -1.74
C THR GA 27 24.42 21.51 -2.87
N ALA GA 28 24.41 21.04 -4.11
CA ALA GA 28 24.89 21.86 -5.22
C ALA GA 28 23.95 23.00 -5.58
N SER GA 29 22.70 22.94 -5.12
CA SER GA 29 21.75 24.01 -5.45
C SER GA 29 22.19 25.34 -4.86
N THR GA 30 22.66 25.34 -3.61
CA THR GA 30 23.12 26.55 -2.97
C THR GA 30 24.58 26.82 -3.32
N GLN GA 31 24.87 26.94 -4.62
CA GLN GA 31 26.21 27.16 -5.17
C GLN GA 31 27.33 26.48 -4.38
N ARG HA 1 18.20 8.98 71.21
CA ARG HA 1 17.02 9.25 70.40
C ARG HA 1 17.39 10.09 69.18
N PRO HA 2 16.95 9.66 68.00
CA PRO HA 2 17.27 10.42 66.77
C PRO HA 2 16.70 11.83 66.82
N GLU HA 3 17.47 12.78 66.27
CA GLU HA 3 17.06 14.18 66.30
C GLU HA 3 15.85 14.43 65.41
N TRP HA 4 15.79 13.75 64.26
CA TRP HA 4 14.67 13.96 63.34
C TRP HA 4 13.38 13.33 63.84
N LEU HA 5 13.44 12.50 64.87
CA LEU HA 5 12.25 12.00 65.56
C LEU HA 5 11.75 13.10 66.49
N ASP HA 6 11.08 14.09 65.89
CA ASP HA 6 10.63 15.26 66.62
C ASP HA 6 9.50 14.97 67.58
N GLY HA 7 8.89 13.79 67.51
CA GLY HA 7 7.76 13.53 68.39
C GLY HA 7 6.52 14.29 67.93
N SER HA 8 5.57 14.39 68.85
CA SER HA 8 4.28 15.05 68.62
C SER HA 8 3.48 14.37 67.51
N LEU HA 9 3.80 13.10 67.22
CA LEU HA 9 3.06 12.31 66.24
C LEU HA 9 2.80 10.94 66.84
N PRO HA 10 1.72 10.27 66.45
CA PRO HA 10 1.33 9.03 67.13
C PRO HA 10 2.37 7.93 67.05
N GLY HA 11 3.12 7.85 65.95
CA GLY HA 11 4.00 6.71 65.73
C GLY HA 11 5.43 6.90 66.21
N ASP HA 12 5.67 7.91 67.04
CA ASP HA 12 7.02 8.16 67.55
C ASP HA 12 7.48 7.02 68.46
N ARG HA 13 8.49 6.29 68.02
CA ARG HA 13 9.06 5.21 68.82
C ARG HA 13 10.58 5.15 68.72
N GLY HA 14 11.21 6.09 68.03
CA GLY HA 14 12.65 6.09 67.88
C GLY HA 14 13.17 4.91 67.09
N PHE HA 15 12.50 4.59 65.98
CA PHE HA 15 12.88 3.46 65.12
C PHE HA 15 13.08 3.98 63.70
N ASP HA 16 14.32 4.31 63.36
CA ASP HA 16 14.66 4.70 62.00
C ASP HA 16 16.17 4.53 61.81
N PRO HA 17 16.68 3.30 61.81
CA PRO HA 17 18.14 3.12 61.72
C PRO HA 17 18.75 3.64 60.43
N LEU HA 18 18.03 3.57 59.31
CA LEU HA 18 18.60 3.93 58.02
C LEU HA 18 18.36 5.39 57.64
N GLY HA 19 17.68 6.16 58.48
CA GLY HA 19 17.46 7.57 58.18
C GLY HA 19 16.64 7.84 56.95
N LEU HA 20 15.56 7.08 56.74
CA LEU HA 20 14.70 7.32 55.58
C LEU HA 20 14.02 8.67 55.68
N SER HA 21 13.55 9.04 56.87
CA SER HA 21 12.89 10.32 57.09
C SER HA 21 13.85 11.41 57.52
N LYS HA 22 15.15 11.11 57.63
CA LYS HA 22 16.14 12.10 58.02
C LYS HA 22 16.32 13.12 56.89
N PRO HA 23 16.09 14.40 57.14
CA PRO HA 23 16.35 15.40 56.10
C PRO HA 23 17.83 15.46 55.76
N SER HA 24 18.11 15.78 54.50
CA SER HA 24 19.47 15.89 54.01
C SER HA 24 19.63 17.19 53.25
N GLU HA 25 20.82 17.78 53.34
CA GLU HA 25 21.10 19.00 52.58
C GLU HA 25 21.20 18.68 51.10
N PHE HA 26 20.90 19.69 50.27
CA PHE HA 26 20.84 19.51 48.83
C PHE HA 26 21.59 20.61 48.13
N VAL HA 27 22.08 20.30 46.93
CA VAL HA 27 22.76 21.27 46.06
C VAL HA 27 22.15 21.16 44.67
N VAL HA 28 21.86 22.30 44.06
CA VAL HA 28 21.28 22.36 42.72
C VAL HA 28 22.38 22.73 41.74
N ILE HA 29 22.43 22.02 40.62
CA ILE HA 29 23.43 22.27 39.59
C ILE HA 29 22.75 22.63 38.27
N GLY HA 71 8.31 16.17 54.59
CA GLY HA 71 8.09 14.95 53.84
C GLY HA 71 7.61 13.81 54.71
N LEU HA 72 7.73 13.98 56.03
CA LEU HA 72 7.31 12.94 56.97
C LEU HA 72 5.82 12.66 56.87
N ALA HA 73 5.04 13.66 56.50
CA ALA HA 73 3.58 13.49 56.42
C ALA HA 73 3.21 12.44 55.38
N ARG HA 74 3.89 12.45 54.23
CA ARG HA 74 3.57 11.48 53.19
C ARG HA 74 3.88 10.06 53.66
N PHE HA 75 5.02 9.86 54.32
CA PHE HA 75 5.36 8.52 54.80
C PHE HA 75 4.40 8.06 55.89
N ARG HA 76 3.98 8.97 56.77
CA ARG HA 76 2.99 8.62 57.77
C ARG HA 76 1.67 8.23 57.13
N GLU HA 77 1.26 8.96 56.08
CA GLU HA 77 0.04 8.60 55.36
C GLU HA 77 0.17 7.22 54.73
N CYS HA 78 1.33 6.92 54.15
CA CYS HA 78 1.53 5.62 53.52
C CYS HA 78 1.46 4.49 54.54
N GLU HA 79 2.14 4.67 55.69
CA GLU HA 79 2.02 3.66 56.73
C GLU HA 79 0.58 3.50 57.19
N LEU HA 80 -0.13 4.63 57.34
CA LEU HA 80 -1.52 4.57 57.79
C LEU HA 80 -2.37 3.76 56.83
N ILE HA 81 -2.28 4.05 55.53
CA ILE HA 81 -3.12 3.36 54.55
C ILE HA 81 -2.76 1.88 54.47
N HIS HA 82 -1.45 1.57 54.43
CA HIS HA 82 -1.03 0.19 54.36
C HIS HA 82 -1.51 -0.58 55.59
N GLY HA 83 -1.41 0.03 56.78
CA GLY HA 83 -1.87 -0.62 57.98
C GLY HA 83 -3.37 -0.83 58.02
N ARG HA 84 -4.14 0.17 57.56
CA ARG HA 84 -5.59 0.02 57.49
C ARG HA 84 -5.95 -1.19 56.63
N TRP HA 85 -5.35 -1.28 55.44
CA TRP HA 85 -5.66 -2.41 54.59
C TRP HA 85 -5.16 -3.71 55.21
N ALA HA 86 -4.06 -3.67 55.97
CA ALA HA 86 -3.54 -4.87 56.60
C ALA HA 86 -4.52 -5.40 57.65
N MET HA 87 -5.05 -4.52 58.50
CA MET HA 87 -6.03 -4.97 59.48
C MET HA 87 -7.30 -5.47 58.80
N LEU HA 88 -7.75 -4.78 57.75
CA LEU HA 88 -8.91 -5.26 57.02
C LEU HA 88 -8.67 -6.68 56.48
N ALA HA 89 -7.52 -6.89 55.86
CA ALA HA 89 -7.21 -8.20 55.28
C ALA HA 89 -7.09 -9.27 56.35
N CYS HA 90 -6.44 -8.94 57.48
CA CYS HA 90 -6.27 -9.92 58.54
C CYS HA 90 -7.61 -10.34 59.13
N LEU HA 91 -8.47 -9.35 59.42
CA LEU HA 91 -9.78 -9.67 59.96
C LEU HA 91 -10.60 -10.48 58.97
N GLY HA 92 -10.55 -10.11 57.68
CA GLY HA 92 -11.29 -10.87 56.68
C GLY HA 92 -10.80 -12.30 56.55
N ALA HA 93 -9.48 -12.49 56.55
CA ALA HA 93 -8.94 -13.84 56.45
C ALA HA 93 -9.33 -14.68 57.65
N LEU HA 94 -9.25 -14.11 58.86
CA LEU HA 94 -9.62 -14.85 60.05
C LEU HA 94 -11.11 -15.23 60.03
N VAL HA 95 -11.96 -14.28 59.65
CA VAL HA 95 -13.40 -14.56 59.61
C VAL HA 95 -13.71 -15.62 58.56
N ALA HA 96 -13.07 -15.52 57.38
CA ALA HA 96 -13.29 -16.51 56.34
C ALA HA 96 -12.85 -17.89 56.77
N GLU HA 97 -11.70 -17.99 57.44
CA GLU HA 97 -11.25 -19.28 57.94
C GLU HA 97 -12.22 -19.83 58.97
N ALA HA 98 -12.75 -18.96 59.84
CA ALA HA 98 -13.63 -19.43 60.91
C ALA HA 98 -14.97 -19.89 60.38
N THR HA 99 -15.58 -19.12 59.47
CA THR HA 99 -16.97 -19.39 59.10
C THR HA 99 -17.08 -20.51 58.07
N THR HA 100 -16.52 -20.31 56.87
CA THR HA 100 -16.68 -21.31 55.81
C THR HA 100 -15.60 -22.37 55.81
N GLY HA 101 -14.41 -22.06 56.34
CA GLY HA 101 -13.36 -23.03 56.50
C GLY HA 101 -12.40 -23.16 55.33
N VAL HA 102 -12.70 -22.55 54.18
CA VAL HA 102 -11.80 -22.62 53.04
C VAL HA 102 -10.58 -21.74 53.31
N SER HA 103 -9.42 -22.18 52.84
CA SER HA 103 -8.19 -21.43 53.06
C SER HA 103 -8.23 -20.11 52.30
N TRP HA 104 -7.66 -19.07 52.93
CA TRP HA 104 -7.63 -17.76 52.30
C TRP HA 104 -6.83 -17.79 51.00
N VAL HA 105 -5.75 -18.56 50.97
CA VAL HA 105 -4.96 -18.70 49.75
C VAL HA 105 -5.79 -19.39 48.67
N GLU HA 106 -6.63 -20.34 49.07
CA GLU HA 106 -7.47 -21.06 48.11
C GLU HA 106 -8.60 -20.21 47.57
N ALA HA 107 -9.00 -19.17 48.30
CA ALA HA 107 -10.13 -18.34 47.87
C ALA HA 107 -9.85 -17.71 46.52
N GLY HA 108 -10.83 -17.79 45.63
CA GLY HA 108 -10.67 -17.31 44.28
C GLY HA 108 -10.83 -18.42 43.26
N LYS HA 109 -10.25 -19.59 43.55
CA LYS HA 109 -10.43 -20.74 42.67
C LYS HA 109 -11.86 -21.24 42.72
N VAL HA 110 -12.40 -21.42 43.93
CA VAL HA 110 -13.80 -21.83 44.07
C VAL HA 110 -14.72 -20.70 43.62
N GLU HA 111 -14.34 -19.45 43.87
CA GLU HA 111 -15.17 -18.31 43.46
C GLU HA 111 -15.27 -18.24 41.95
N LEU HA 112 -14.15 -18.46 41.24
CA LEU HA 112 -14.20 -18.43 39.78
C LEU HA 112 -15.11 -19.53 39.24
N ASP HA 113 -15.03 -20.72 39.81
CA ASP HA 113 -15.94 -21.80 39.41
C ASP HA 113 -17.38 -21.45 39.77
N GLY HA 114 -17.60 -20.94 40.98
CA GLY HA 114 -18.92 -20.51 41.39
C GLY HA 114 -18.87 -19.44 42.47
N ALA HA 115 -19.53 -18.31 42.22
CA ALA HA 115 -19.50 -17.21 43.18
C ALA HA 115 -20.41 -17.51 44.37
N SER HA 116 -19.90 -17.24 45.57
CA SER HA 116 -20.66 -17.47 46.79
C SER HA 116 -20.05 -16.71 47.96
N TYR HA 117 -20.89 -16.00 48.71
CA TYR HA 117 -20.46 -15.27 49.90
C TYR HA 117 -21.24 -15.80 51.10
N ALA HA 118 -20.51 -16.16 52.16
CA ALA HA 118 -21.11 -16.70 53.38
C ALA HA 118 -22.00 -17.90 53.09
N GLY HA 119 -21.59 -18.73 52.13
CA GLY HA 119 -22.36 -19.88 51.74
C GLY HA 119 -23.57 -19.58 50.89
N LEU HA 120 -23.76 -18.34 50.46
CA LEU HA 120 -24.89 -17.93 49.66
C LEU HA 120 -24.42 -17.52 48.27
N SER HA 121 -25.04 -18.08 47.24
CA SER HA 121 -24.59 -17.85 45.88
C SER HA 121 -24.87 -16.43 45.43
N LEU HA 122 -24.10 -15.96 44.46
CA LEU HA 122 -24.24 -14.63 43.89
C LEU HA 122 -24.25 -14.73 42.37
N PRO HA 123 -25.08 -13.92 41.70
CA PRO HA 123 -25.20 -13.99 40.23
C PRO HA 123 -24.22 -13.07 39.51
N PHE HA 124 -22.93 -13.27 39.74
CA PHE HA 124 -21.89 -12.44 39.16
C PHE HA 124 -20.80 -13.31 38.56
N SER HA 125 -20.39 -12.95 37.34
CA SER HA 125 -19.24 -13.60 36.70
C SER HA 125 -17.97 -12.81 37.01
N ILE HA 126 -16.83 -13.40 36.66
CA ILE HA 126 -15.55 -12.78 36.99
C ILE HA 126 -15.38 -11.47 36.25
N THR HA 127 -15.92 -11.38 35.03
CA THR HA 127 -15.78 -10.14 34.26
C THR HA 127 -16.56 -9.00 34.90
N GLN HA 128 -17.83 -9.24 35.23
CA GLN HA 128 -18.62 -8.21 35.89
C GLN HA 128 -18.03 -7.86 37.26
N LEU HA 129 -17.54 -8.87 37.97
CA LEU HA 129 -16.92 -8.62 39.28
C LEU HA 129 -15.72 -7.68 39.14
N ILE HA 130 -14.82 -7.98 38.21
CA ILE HA 130 -13.61 -7.16 38.09
C ILE HA 130 -13.97 -5.77 37.58
N TRP HA 131 -14.96 -5.66 36.69
CA TRP HA 131 -15.36 -4.35 36.20
C TRP HA 131 -15.94 -3.49 37.32
N ILE HA 132 -16.87 -4.06 38.10
CA ILE HA 132 -17.45 -3.32 39.21
C ILE HA 132 -16.37 -2.92 40.20
N GLU HA 133 -15.46 -3.86 40.51
CA GLU HA 133 -14.40 -3.58 41.47
C GLU HA 133 -13.52 -2.44 41.00
N VAL HA 134 -13.07 -2.48 39.74
CA VAL HA 134 -12.17 -1.43 39.27
C VAL HA 134 -12.89 -0.09 39.24
N ILE HA 135 -14.16 -0.07 38.80
CA ILE HA 135 -14.88 1.21 38.74
C ILE HA 135 -15.02 1.81 40.13
N LEU HA 136 -15.52 1.02 41.08
CA LEU HA 136 -15.80 1.56 42.41
C LEU HA 136 -14.52 1.94 43.13
N VAL HA 137 -13.50 1.08 43.08
CA VAL HA 137 -12.25 1.38 43.76
C VAL HA 137 -11.55 2.57 43.12
N GLY HA 138 -11.59 2.68 41.78
CA GLY HA 138 -11.00 3.82 41.12
C GLY HA 138 -11.70 5.12 41.50
N GLY HA 139 -13.03 5.09 41.60
CA GLY HA 139 -13.74 6.28 42.05
C GLY HA 139 -13.36 6.67 43.46
N ALA HA 140 -13.31 5.69 44.37
CA ALA HA 140 -12.95 5.98 45.76
C ALA HA 140 -11.54 6.52 45.86
N GLU HA 141 -10.58 5.89 45.17
CA GLU HA 141 -9.23 6.42 45.09
C GLU HA 141 -9.19 7.85 44.56
N PHE HA 142 -9.82 8.08 43.40
CA PHE HA 142 -9.72 9.39 42.75
C PHE HA 142 -10.31 10.48 43.63
N TYR HA 143 -11.35 10.16 44.40
CA TYR HA 143 -11.84 11.12 45.38
C TYR HA 143 -10.89 11.23 46.56
N ARG HA 144 -10.14 10.17 46.86
CA ARG HA 144 -9.26 10.17 48.03
C ARG HA 144 -8.08 11.12 47.85
N ASN HA 145 -7.39 11.03 46.72
CA ASN HA 145 -6.15 11.79 46.55
C ASN HA 145 -6.39 13.27 46.23
N SER HA 146 -7.62 13.67 45.94
CA SER HA 146 -7.91 15.06 45.61
C SER HA 146 -8.14 15.86 46.88
N GLU HA 147 -7.04 16.02 47.64
CA GLU HA 147 -7.07 16.80 48.87
C GLU HA 147 -5.73 17.52 49.00
N THR HA 148 -5.76 18.84 48.89
CA THR HA 148 -4.55 19.63 49.01
C THR HA 148 -4.00 19.69 50.43
N ASN HA 149 -4.78 19.28 51.44
CA ASN HA 149 -4.37 19.40 52.82
C ASN HA 149 -3.94 18.03 53.31
N PRO HA 150 -2.65 17.83 53.62
CA PRO HA 150 -2.22 16.49 54.07
C PRO HA 150 -2.85 16.04 55.37
N GLU HA 151 -3.15 16.96 56.29
CA GLU HA 151 -3.77 16.56 57.55
C GLU HA 151 -5.14 15.92 57.30
N LYS HA 152 -5.94 16.51 56.41
CA LYS HA 152 -7.20 15.89 56.03
C LYS HA 152 -6.98 14.68 55.13
N ARG HA 153 -5.88 14.66 54.38
CA ARG HA 153 -5.57 13.50 53.54
C ARG HA 153 -5.39 12.25 54.39
N CYS HA 154 -4.61 12.36 55.47
CA CYS HA 154 -4.44 11.23 56.38
C CYS HA 154 -5.66 11.01 57.26
N TYR HA 155 -6.30 12.09 57.72
CA TYR HA 155 -7.33 12.03 58.74
C TYR HA 155 -8.55 12.79 58.26
N PRO HA 156 -9.29 12.24 57.29
CA PRO HA 156 -10.43 12.97 56.73
C PRO HA 156 -11.52 13.28 57.74
N GLY HA 157 -11.79 12.36 58.68
CA GLY HA 157 -12.87 12.56 59.63
C GLY HA 157 -14.20 12.76 58.92
N GLY HA 158 -14.95 13.75 59.36
CA GLY HA 158 -16.20 14.09 58.70
C GLY HA 158 -17.20 12.94 58.75
N VAL HA 159 -17.74 12.59 57.58
CA VAL HA 159 -18.74 11.54 57.49
C VAL HA 159 -18.15 10.18 57.87
N PHE HA 160 -16.84 10.02 57.67
CA PHE HA 160 -16.17 8.76 58.00
C PHE HA 160 -16.06 8.53 59.50
N ASP HA 161 -16.36 9.53 60.32
CA ASP HA 161 -16.38 9.40 61.77
C ASP HA 161 -17.81 9.66 62.24
N PRO HA 162 -18.63 8.61 62.41
CA PRO HA 162 -20.03 8.82 62.81
C PRO HA 162 -20.15 9.45 64.19
N LEU HA 163 -19.55 8.82 65.20
CA LEU HA 163 -19.56 9.39 66.54
C LEU HA 163 -18.58 10.55 66.61
N LYS HA 164 -18.92 11.56 67.41
CA LYS HA 164 -18.09 12.75 67.55
C LYS HA 164 -16.90 12.46 68.46
N LEU HA 165 -16.13 11.45 68.06
CA LEU HA 165 -14.99 11.01 68.85
C LEU HA 165 -13.80 11.95 68.69
N ALA HA 166 -13.60 12.48 67.48
CA ALA HA 166 -12.47 13.37 67.24
C ALA HA 166 -12.59 14.64 68.09
N SER HA 167 -13.63 15.44 67.85
CA SER HA 167 -13.85 16.70 68.54
C SER HA 167 -12.61 17.58 68.46
N GLU HA 168 -12.13 18.04 69.62
CA GLU HA 168 -10.88 18.80 69.68
C GLU HA 168 -9.99 18.35 70.82
N ASP HA 169 -10.12 17.10 71.26
CA ASP HA 169 -9.32 16.60 72.36
C ASP HA 169 -7.85 16.53 71.95
N GLU HA 170 -6.96 16.73 72.93
CA GLU HA 170 -5.53 16.73 72.68
C GLU HA 170 -4.81 15.48 73.20
N GLU HA 171 -5.42 14.74 74.12
CA GLU HA 171 -4.77 13.59 74.73
C GLU HA 171 -5.46 12.28 74.41
N ARG HA 172 -6.76 12.17 74.70
CA ARG HA 172 -7.48 10.92 74.43
C ARG HA 172 -7.52 10.61 72.94
N ALA HA 173 -7.79 11.62 72.11
CA ALA HA 173 -7.79 11.42 70.67
C ALA HA 173 -6.41 10.98 70.18
N PHE HA 174 -5.36 11.62 70.69
CA PHE HA 174 -4.00 11.23 70.32
C PHE HA 174 -3.71 9.80 70.77
N ARG HA 175 -4.19 9.42 71.97
CA ARG HA 175 -3.95 8.07 72.45
C ARG HA 175 -4.65 7.04 71.57
N LEU HA 176 -5.89 7.29 71.18
CA LEU HA 176 -6.58 6.35 70.29
C LEU HA 176 -5.95 6.33 68.91
N LYS HA 177 -5.39 7.46 68.47
CA LYS HA 177 -4.67 7.50 67.20
C LYS HA 177 -3.41 6.63 67.28
N THR HA 178 -2.69 6.70 68.39
CA THR HA 178 -1.57 5.79 68.61
C THR HA 178 -2.02 4.35 68.62
N ALA HA 179 -3.20 4.09 69.20
CA ALA HA 179 -3.74 2.73 69.20
C ALA HA 179 -4.00 2.25 67.78
N GLU HA 180 -4.59 3.10 66.94
CA GLU HA 180 -4.82 2.70 65.55
C GLU HA 180 -3.50 2.41 64.86
N ILE HA 181 -2.49 3.25 65.05
CA ILE HA 181 -1.22 3.04 64.34
C ILE HA 181 -0.52 1.77 64.84
N LYS HA 182 -0.61 1.50 66.15
CA LYS HA 182 0.02 0.30 66.70
C LYS HA 182 -0.67 -0.96 66.18
N HIS HA 183 -2.01 -0.96 66.17
CA HIS HA 183 -2.71 -2.11 65.63
C HIS HA 183 -2.46 -2.26 64.13
N ALA HA 184 -2.25 -1.14 63.43
CA ALA HA 184 -1.89 -1.21 62.02
C ALA HA 184 -0.56 -1.91 61.82
N ARG HA 185 0.45 -1.54 62.63
CA ARG HA 185 1.74 -2.21 62.54
C ARG HA 185 1.62 -3.70 62.87
N LEU HA 186 0.87 -4.01 63.92
CA LEU HA 186 0.68 -5.41 64.31
C LEU HA 186 0.02 -6.20 63.19
N ALA HA 187 -1.00 -5.62 62.55
CA ALA HA 187 -1.67 -6.32 61.46
C ALA HA 187 -0.76 -6.47 60.25
N MET HA 188 0.08 -5.46 59.96
CA MET HA 188 0.99 -5.57 58.84
C MET HA 188 1.97 -6.72 59.05
N VAL HA 189 2.57 -6.79 60.24
CA VAL HA 189 3.53 -7.87 60.48
C VAL HA 189 2.83 -9.22 60.53
N SER HA 190 1.61 -9.26 61.07
CA SER HA 190 0.86 -10.52 61.10
C SER HA 190 0.53 -11.01 59.69
N PHE HA 191 0.10 -10.10 58.82
CA PHE HA 191 -0.22 -10.51 57.46
C PHE HA 191 1.04 -10.90 56.69
N PHE HA 192 2.17 -10.25 56.97
CA PHE HA 192 3.42 -10.69 56.37
C PHE HA 192 3.77 -12.11 56.82
N GLY HA 193 3.55 -12.41 58.10
CA GLY HA 193 3.75 -13.76 58.57
C GLY HA 193 2.82 -14.77 57.90
N TYR HA 194 1.56 -14.38 57.73
CA TYR HA 194 0.61 -15.25 57.01
C TYR HA 194 1.07 -15.51 55.58
N GLY HA 195 1.53 -14.47 54.89
CA GLY HA 195 2.00 -14.65 53.53
C GLY HA 195 3.24 -15.52 53.45
N VAL HA 196 4.16 -15.36 54.41
CA VAL HA 196 5.35 -16.20 54.45
C VAL HA 196 4.95 -17.66 54.69
N GLN HA 197 4.04 -17.89 55.63
CA GLN HA 197 3.62 -19.26 55.91
C GLN HA 197 2.83 -19.86 54.75
N ALA HA 198 2.15 -19.03 53.95
CA ALA HA 198 1.44 -19.54 52.79
C ALA HA 198 2.40 -20.16 51.79
N LEU HA 199 3.54 -19.51 51.55
CA LEU HA 199 4.56 -20.09 50.70
C LEU HA 199 5.23 -21.27 51.39
N SER HA 200 5.72 -22.21 50.58
CA SER HA 200 6.38 -23.42 51.08
C SER HA 200 5.43 -24.28 51.91
N THR HA 201 4.13 -24.13 51.70
CA THR HA 201 3.13 -24.95 52.38
C THR HA 201 2.00 -25.33 51.43
N MET IA 1 23.63 -14.53 -18.44
CA MET IA 1 23.85 -13.09 -18.54
C MET IA 1 24.72 -12.58 -17.40
N GLU IA 2 25.35 -13.51 -16.69
CA GLU IA 2 26.22 -13.13 -15.58
C GLU IA 2 27.42 -12.32 -16.07
N ALA IA 3 28.02 -12.75 -17.18
CA ALA IA 3 29.13 -12.00 -17.75
C ALA IA 3 28.71 -10.58 -18.11
N LEU IA 4 27.47 -10.42 -18.58
CA LEU IA 4 26.98 -9.10 -18.94
C LEU IA 4 26.93 -8.17 -17.72
N VAL IA 5 26.40 -8.66 -16.60
CA VAL IA 5 26.29 -7.80 -15.43
C VAL IA 5 27.66 -7.54 -14.81
N TYR IA 6 28.56 -8.53 -14.86
CA TYR IA 6 29.93 -8.29 -14.40
C TYR IA 6 30.59 -7.19 -15.21
N THR IA 7 30.47 -7.28 -16.54
CA THR IA 7 31.06 -6.25 -17.40
C THR IA 7 30.42 -4.90 -17.16
N PHE IA 8 29.10 -4.86 -16.96
CA PHE IA 8 28.43 -3.60 -16.70
C PHE IA 8 28.94 -2.97 -15.41
N LEU IA 9 29.11 -3.77 -14.35
CA LEU IA 9 29.63 -3.23 -13.09
C LEU IA 9 31.05 -2.71 -13.25
N LEU IA 10 31.91 -3.46 -13.95
CA LEU IA 10 33.27 -3.01 -14.15
C LEU IA 10 33.32 -1.71 -14.96
N VAL IA 11 32.51 -1.62 -16.00
CA VAL IA 11 32.48 -0.42 -16.82
C VAL IA 11 31.93 0.76 -16.04
N GLY IA 12 30.95 0.52 -15.17
CA GLY IA 12 30.47 1.58 -14.30
C GLY IA 12 31.54 2.09 -13.37
N THR IA 13 32.33 1.19 -12.79
CA THR IA 13 33.43 1.61 -11.92
C THR IA 13 34.46 2.43 -12.71
N LEU IA 14 34.79 1.98 -13.91
CA LEU IA 14 35.73 2.72 -14.74
C LEU IA 14 35.20 4.11 -15.08
N GLY IA 15 33.90 4.20 -15.39
CA GLY IA 15 33.31 5.50 -15.67
C GLY IA 15 33.33 6.42 -14.47
N ILE IA 16 33.07 5.88 -13.28
CA ILE IA 16 33.16 6.70 -12.07
C ILE IA 16 34.58 7.22 -11.89
N ILE IA 17 35.58 6.36 -12.11
CA ILE IA 17 36.97 6.79 -11.99
C ILE IA 17 37.27 7.91 -12.98
N PHE IA 18 36.85 7.74 -14.23
CA PHE IA 18 37.11 8.74 -15.26
C PHE IA 18 36.46 10.07 -14.90
N PHE IA 19 35.19 10.03 -14.45
CA PHE IA 19 34.49 11.25 -14.09
C PHE IA 19 35.15 11.93 -12.90
N SER IA 20 35.60 11.15 -11.92
CA SER IA 20 36.30 11.75 -10.77
C SER IA 20 37.60 12.41 -11.21
N ILE IA 21 38.32 11.79 -12.15
CA ILE IA 21 39.57 12.37 -12.62
C ILE IA 21 39.32 13.68 -13.36
N PHE IA 22 38.39 13.67 -14.31
CA PHE IA 22 38.27 14.78 -15.26
C PHE IA 22 37.20 15.79 -14.91
N PHE IA 23 36.28 15.47 -14.01
CA PHE IA 23 35.17 16.36 -13.70
C PHE IA 23 35.15 16.71 -12.21
N ARG IA 24 36.34 16.85 -11.61
CA ARG IA 24 36.43 17.22 -10.21
C ARG IA 24 36.11 18.71 -10.05
N ASP IA 25 35.55 19.05 -8.90
CA ASP IA 25 35.20 20.44 -8.63
C ASP IA 25 36.47 21.27 -8.37
N PRO IA 26 36.44 22.56 -8.70
CA PRO IA 26 37.61 23.41 -8.48
C PRO IA 26 37.80 23.67 -6.99
N PRO IA 27 39.04 23.96 -6.56
CA PRO IA 27 39.32 24.28 -5.16
C PRO IA 27 38.71 25.62 -4.74
N ASN JA 1 90.62 -28.12 23.99
CA ASN JA 1 90.92 -27.87 22.59
C ASN JA 1 91.88 -26.71 22.42
N ILE JA 2 93.15 -27.02 22.15
CA ILE JA 2 94.15 -25.97 22.00
C ILE JA 2 93.88 -25.13 20.77
N GLU JA 3 93.35 -25.75 19.71
CA GLU JA 3 93.09 -25.01 18.48
C GLU JA 3 92.00 -23.97 18.71
N LEU JA 4 90.91 -24.36 19.38
CA LEU JA 4 89.84 -23.41 19.68
C LEU JA 4 90.32 -22.30 20.59
N ALA JA 5 91.11 -22.64 21.61
CA ALA JA 5 91.62 -21.61 22.51
C ALA JA 5 92.50 -20.61 21.78
N LEU JA 6 93.38 -21.11 20.91
CA LEU JA 6 94.24 -20.22 20.14
C LEU JA 6 93.41 -19.36 19.19
N THR JA 7 92.36 -19.94 18.60
CA THR JA 7 91.48 -19.17 17.72
C THR JA 7 90.82 -18.03 18.48
N LEU JA 8 90.29 -18.31 19.67
CA LEU JA 8 89.64 -17.27 20.45
C LEU JA 8 90.61 -16.19 20.91
N VAL JA 9 91.81 -16.58 21.35
CA VAL JA 9 92.75 -15.56 21.81
C VAL JA 9 93.24 -14.71 20.64
N SER JA 10 93.46 -15.33 19.48
CA SER JA 10 93.83 -14.55 18.29
C SER JA 10 92.69 -13.62 17.90
N LEU JA 11 91.44 -14.09 17.99
CA LEU JA 11 90.31 -13.25 17.63
C LEU JA 11 90.21 -12.04 18.55
N VAL JA 12 90.36 -12.24 19.86
CA VAL JA 12 90.24 -11.10 20.77
C VAL JA 12 91.40 -10.13 20.57
N LEU JA 13 92.61 -10.67 20.34
CA LEU JA 13 93.75 -9.78 20.09
C LEU JA 13 93.56 -8.97 18.81
N VAL JA 14 93.02 -9.60 17.76
CA VAL JA 14 92.89 -8.88 16.50
C VAL JA 14 91.72 -7.91 16.54
N VAL JA 15 90.69 -8.18 17.34
CA VAL JA 15 89.54 -7.29 17.38
C VAL JA 15 89.75 -6.12 18.35
N SER JA 16 90.60 -6.28 19.37
CA SER JA 16 90.83 -5.21 20.32
C SER JA 16 91.71 -4.10 19.78
N ALA JA 17 92.26 -4.26 18.57
CA ALA JA 17 93.22 -3.28 18.05
C ALA JA 17 92.58 -1.91 17.86
N GLY JA 18 91.44 -1.85 17.16
CA GLY JA 18 90.79 -0.61 16.84
C GLY JA 18 90.35 0.20 18.05
N PRO JA 19 89.65 -0.43 18.99
CA PRO JA 19 89.31 0.28 20.23
C PRO JA 19 90.53 0.77 20.99
N LEU JA 20 91.63 0.01 20.97
CA LEU JA 20 92.85 0.47 21.62
C LEU JA 20 93.38 1.73 20.94
N VAL JA 21 93.35 1.76 19.61
CA VAL JA 21 93.85 2.93 18.89
C VAL JA 21 92.99 4.15 19.17
N VAL JA 22 91.66 3.99 19.13
CA VAL JA 22 90.79 5.13 19.35
C VAL JA 22 90.91 5.63 20.79
N VAL JA 23 91.05 4.72 21.75
CA VAL JA 23 91.22 5.13 23.15
C VAL JA 23 92.53 5.87 23.32
N LEU JA 24 93.61 5.36 22.72
CA LEU JA 24 94.90 6.02 22.85
C LEU JA 24 94.87 7.42 22.25
N LEU JA 25 94.24 7.57 21.07
CA LEU JA 25 94.12 8.89 20.47
C LEU JA 25 93.28 9.82 21.32
N SER JA 26 92.19 9.31 21.91
CA SER JA 26 91.35 10.15 22.75
C SER JA 26 92.09 10.62 23.99
N ALA JA 27 92.83 9.71 24.64
CA ALA JA 27 93.52 10.07 25.88
C ALA JA 27 94.70 10.99 25.61
N ARG JA 28 95.52 10.68 24.61
CA ARG JA 28 96.71 11.49 24.34
C ARG JA 28 96.34 12.84 23.76
N GLY JA 29 95.24 12.93 23.01
CA GLY JA 29 94.81 14.19 22.45
C GLY JA 29 95.17 14.35 20.98
N GLY JA 30 94.93 13.31 20.19
CA GLY JA 30 95.24 13.34 18.78
C GLY JA 30 94.23 14.17 18.00
N ASN JA 31 94.30 14.02 16.68
CA ASN JA 31 93.38 14.75 15.81
C ASN JA 31 91.93 14.34 16.01
N LEU JA 32 91.69 13.20 16.67
CA LEU JA 32 90.35 12.74 16.96
C LEU JA 32 89.58 13.75 17.81
N ALA KA 1 26.51 -29.40 50.50
CA ALA KA 1 27.82 -30.06 50.50
C ALA KA 1 28.86 -29.19 49.80
N VAL KA 2 30.06 -29.15 50.37
CA VAL KA 2 31.15 -28.34 49.85
C VAL KA 2 32.04 -29.26 49.01
N THR KA 3 31.95 -29.12 47.70
CA THR KA 3 32.83 -29.85 46.79
C THR KA 3 34.22 -29.22 46.80
N PRO KA 4 35.25 -29.98 46.44
CA PRO KA 4 36.60 -29.38 46.39
C PRO KA 4 36.70 -28.20 45.45
N SER KA 5 35.97 -28.23 44.33
CA SER KA 5 35.99 -27.11 43.40
C SER KA 5 35.45 -25.85 44.06
N LEU KA 6 34.36 -25.96 44.81
CA LEU KA 6 33.80 -24.81 45.50
C LEU KA 6 34.76 -24.26 46.54
N LYS KA 7 35.41 -25.14 47.29
CA LYS KA 7 36.39 -24.69 48.28
C LYS KA 7 37.56 -23.96 47.61
N ASN KA 8 38.06 -24.51 46.51
CA ASN KA 8 39.14 -23.85 45.79
C ASN KA 8 38.68 -22.50 45.25
N PHE KA 9 37.44 -22.41 44.77
CA PHE KA 9 36.94 -21.14 44.27
C PHE KA 9 36.83 -20.11 45.38
N LEU KA 10 36.36 -20.52 46.56
CA LEU KA 10 36.29 -19.59 47.68
C LEU KA 10 37.68 -19.12 48.08
N GLY KA 11 38.66 -20.03 48.09
CA GLY KA 11 40.04 -19.62 48.34
C GLY KA 11 40.54 -18.64 47.31
N SER KA 12 40.16 -18.84 46.04
CA SER KA 12 40.55 -17.91 44.98
C SER KA 12 39.94 -16.54 45.20
N LEU KA 13 38.68 -16.49 45.63
CA LEU KA 13 38.05 -15.21 45.95
C LEU KA 13 38.79 -14.52 47.09
N ILE KA 14 39.17 -15.29 48.11
CA ILE KA 14 39.91 -14.71 49.23
C ILE KA 14 41.25 -14.15 48.74
N ALA KA 15 41.94 -14.89 47.88
CA ALA KA 15 43.22 -14.41 47.35
C ALA KA 15 43.06 -13.14 46.52
N GLY KA 16 42.01 -13.09 45.70
CA GLY KA 16 41.76 -11.88 44.93
C GLY KA 16 41.47 -10.68 45.80
N ALA KA 17 40.65 -10.88 46.83
CA ALA KA 17 40.42 -9.81 47.79
C ALA KA 17 41.72 -9.39 48.47
N THR KA 18 42.58 -10.36 48.77
CA THR KA 18 43.85 -10.06 49.42
C THR KA 18 44.74 -9.19 48.53
N VAL KA 19 44.84 -9.53 47.25
CA VAL KA 19 45.72 -8.75 46.37
C VAL KA 19 45.12 -7.36 46.12
N LEU KA 20 43.80 -7.28 46.00
CA LEU KA 20 43.18 -5.95 45.85
C LEU KA 20 43.43 -5.09 47.08
N GLY KA 21 43.29 -5.68 48.28
CA GLY KA 21 43.57 -4.93 49.49
C GLY KA 21 45.03 -4.54 49.60
N GLY KA 22 45.93 -5.40 49.12
CA GLY KA 22 47.34 -5.05 49.12
C GLY KA 22 47.63 -3.85 48.24
N ILE KA 23 47.04 -3.84 47.03
CA ILE KA 23 47.21 -2.68 46.15
C ILE KA 23 46.63 -1.43 46.79
N ALA KA 24 45.44 -1.55 47.38
CA ALA KA 24 44.81 -0.38 48.00
C ALA KA 24 45.63 0.15 49.16
N LEU KA 25 46.16 -0.73 50.00
CA LEU KA 25 46.97 -0.28 51.13
C LEU KA 25 48.29 0.32 50.67
N ALA KA 26 48.89 -0.22 49.60
CA ALA KA 26 50.10 0.38 49.07
C ALA KA 26 49.83 1.80 48.57
N ILE KA 27 48.72 1.97 47.84
CA ILE KA 27 48.37 3.31 47.35
C ILE KA 27 48.11 4.26 48.52
N THR KA 28 47.39 3.78 49.54
CA THR KA 28 47.11 4.61 50.70
C THR KA 28 48.39 5.03 51.41
N ALA KA 29 49.32 4.08 51.61
CA ALA KA 29 50.56 4.40 52.31
C ALA KA 29 51.41 5.37 51.53
N VAL KA 30 51.52 5.17 50.22
CA VAL KA 30 52.39 6.04 49.42
C VAL KA 30 51.77 7.44 49.28
N SER KA 31 50.45 7.51 49.07
CA SER KA 31 49.80 8.79 48.80
C SER KA 31 49.87 9.72 50.01
N LYS KA 32 49.71 9.18 51.21
CA LYS KA 32 49.68 9.98 52.43
C LYS KA 32 50.95 10.81 52.60
N MET LA 1 114.30 -26.61 7.61
CA MET LA 1 114.41 -25.40 8.43
C MET LA 1 113.02 -24.77 8.66
N THR LA 2 111.99 -25.61 8.71
CA THR LA 2 110.65 -25.10 8.95
C THR LA 2 110.54 -24.40 10.30
N SER LA 3 111.37 -24.79 11.28
CA SER LA 3 111.30 -24.19 12.60
C SER LA 3 111.68 -22.72 12.57
N ILE LA 4 112.81 -22.39 11.92
CA ILE LA 4 113.22 -21.00 11.86
C ILE LA 4 112.27 -20.20 10.98
N LEU LA 5 111.68 -20.84 9.96
CA LEU LA 5 110.66 -20.17 9.16
C LEU LA 5 109.46 -19.79 10.02
N GLN LA 6 109.00 -20.71 10.87
CA GLN LA 6 107.88 -20.42 11.74
C GLN LA 6 108.24 -19.33 12.74
N VAL LA 7 109.46 -19.36 13.27
CA VAL LA 7 109.89 -18.32 14.21
C VAL LA 7 109.89 -16.96 13.54
N ALA LA 8 110.44 -16.89 12.33
CA ALA LA 8 110.45 -15.63 11.59
C ALA LA 8 109.04 -15.18 11.24
N LEU LA 9 108.14 -16.11 10.98
CA LEU LA 9 106.76 -15.73 10.67
C LEU LA 9 106.03 -15.22 11.90
N LEU LA 10 106.33 -15.79 13.08
CA LEU LA 10 105.81 -15.23 14.31
C LEU LA 10 106.34 -13.82 14.55
N ALA LA 11 107.63 -13.61 14.27
CA ALA LA 11 108.19 -12.27 14.39
C ALA LA 11 107.51 -11.31 13.42
N LEU LA 12 107.21 -11.77 12.21
CA LEU LA 12 106.50 -10.95 11.24
C LEU LA 12 105.11 -10.60 11.75
N ILE LA 13 104.40 -11.56 12.33
CA ILE LA 13 103.08 -11.29 12.89
C ILE LA 13 103.17 -10.23 13.99
N PHE LA 14 104.16 -10.38 14.87
CA PHE LA 14 104.30 -9.45 15.98
C PHE LA 14 104.61 -8.04 15.47
N VAL LA 15 105.55 -7.92 14.52
CA VAL LA 15 105.92 -6.61 14.03
C VAL LA 15 104.77 -5.99 13.23
N SER LA 16 104.00 -6.81 12.51
CA SER LA 16 102.85 -6.29 11.79
C SER LA 16 101.80 -5.77 12.75
N PHE LA 17 101.53 -6.50 13.84
CA PHE LA 17 100.58 -6.01 14.83
C PHE LA 17 101.06 -4.71 15.45
N ALA LA 18 102.34 -4.63 15.79
CA ALA LA 18 102.89 -3.40 16.35
C ALA LA 18 102.75 -2.24 15.37
N LEU LA 19 103.05 -2.48 14.09
CA LEU LA 19 102.95 -1.44 13.08
C LEU LA 19 101.51 -0.96 12.91
N VAL LA 20 100.57 -1.90 12.84
CA VAL LA 20 99.18 -1.52 12.58
C VAL LA 20 98.61 -0.80 13.79
N VAL LA 21 99.07 -1.12 15.00
CA VAL LA 21 98.57 -0.43 16.18
C VAL LA 21 99.31 0.87 16.46
N GLY LA 22 100.48 1.06 15.86
CA GLY LA 22 101.27 2.25 16.13
C GLY LA 22 101.18 3.35 15.08
N VAL LA 23 101.00 2.97 13.81
CA VAL LA 23 100.99 3.97 12.75
C VAL LA 23 99.84 4.98 12.91
N PRO LA 24 98.58 4.55 13.11
CA PRO LA 24 97.52 5.56 13.30
C PRO LA 24 97.72 6.44 14.52
N VAL LA 25 98.27 5.90 15.61
CA VAL LA 25 98.39 6.69 16.82
C VAL LA 25 99.58 7.66 16.76
N VAL LA 26 100.57 7.38 15.90
CA VAL LA 26 101.66 8.32 15.70
C VAL LA 26 101.38 9.29 14.55
N PHE LA 27 100.42 8.99 13.68
CA PHE LA 27 100.06 9.96 12.64
C PHE LA 27 99.05 10.99 13.15
N ALA LA 28 97.96 10.52 13.74
CA ALA LA 28 96.88 11.43 14.13
C ALA LA 28 97.31 12.37 15.25
N THR LA 29 98.29 11.96 16.07
CA THR LA 29 98.75 12.81 17.15
C THR LA 29 99.41 14.07 16.57
N PRO LA 30 99.28 15.22 17.25
CA PRO LA 30 99.87 16.45 16.72
C PRO LA 30 101.38 16.31 16.52
N ASN LA 31 101.86 16.86 15.42
CA ASN LA 31 103.26 16.80 14.98
C ASN LA 31 103.91 15.45 15.28
N GLY LA 32 103.16 14.39 14.96
CA GLY LA 32 103.66 13.04 15.13
C GLY LA 32 104.45 12.55 13.94
N TRP LA 33 104.26 13.20 12.78
CA TRP LA 33 105.02 12.86 11.60
C TRP LA 33 106.48 13.28 11.71
N THR LA 34 106.81 14.15 12.66
CA THR LA 34 108.18 14.66 12.78
C THR LA 34 109.04 13.79 13.69
N ASP LA 35 108.62 13.62 14.95
CA ASP LA 35 109.47 13.00 15.96
C ASP LA 35 109.88 11.58 15.57
N ASN LA 36 109.03 10.87 14.84
CA ASN LA 36 109.32 9.51 14.40
C ASN LA 36 109.50 9.41 12.89
N LYS LA 37 109.78 10.54 12.22
CA LYS LA 37 109.76 10.57 10.76
C LYS LA 37 110.61 9.48 10.13
N GLY LA 38 111.74 9.18 10.75
CA GLY LA 38 112.56 8.07 10.30
C GLY LA 38 112.24 6.80 11.05
N ALA LA 39 112.03 6.93 12.37
CA ALA LA 39 111.90 5.77 13.24
C ALA LA 39 110.85 4.80 12.74
N VAL LA 40 109.60 5.26 12.67
CA VAL LA 40 108.52 4.43 12.13
C VAL LA 40 108.89 3.95 10.73
N PHE LA 41 109.41 4.85 9.90
CA PHE LA 41 109.83 4.47 8.56
C PHE LA 41 110.79 3.28 8.61
N SER LA 42 111.78 3.35 9.51
CA SER LA 42 112.74 2.26 9.63
C SER LA 42 112.01 0.94 9.90
N GLY LA 43 111.05 0.97 10.81
CA GLY LA 43 110.30 -0.23 11.11
C GLY LA 43 109.67 -0.84 9.88
N LEU LA 44 109.07 0.00 9.03
CA LEU LA 44 108.48 -0.49 7.80
C LEU LA 44 109.50 -1.29 7.00
N SER LA 45 110.71 -0.75 6.85
CA SER LA 45 111.76 -1.48 6.14
C SER LA 45 111.95 -2.86 6.74
N LEU LA 46 112.08 -2.92 8.07
CA LEU LA 46 112.19 -4.22 8.74
C LEU LA 46 111.04 -5.12 8.34
N TRP LA 47 109.81 -4.60 8.44
CA TRP LA 47 108.64 -5.37 8.05
C TRP LA 47 108.82 -5.91 6.64
N LEU LA 48 109.19 -5.03 5.70
CA LEU LA 48 109.43 -5.46 4.34
C LEU LA 48 110.47 -6.56 4.30
N LEU LA 49 111.62 -6.33 4.95
CA LEU LA 49 112.65 -7.36 4.97
C LEU LA 49 112.07 -8.68 5.43
N LEU LA 50 111.25 -8.63 6.49
CA LEU LA 50 110.77 -9.87 7.10
C LEU LA 50 110.01 -10.71 6.08
N VAL LA 51 109.16 -10.09 5.25
CA VAL LA 51 108.39 -10.91 4.33
C VAL LA 51 109.33 -11.57 3.32
N PHE LA 52 110.32 -10.82 2.83
CA PHE LA 52 111.30 -11.45 1.96
C PHE LA 52 112.09 -12.51 2.71
N VAL LA 53 112.28 -12.32 4.02
CA VAL LA 53 112.93 -13.34 4.83
C VAL LA 53 112.13 -14.64 4.80
N VAL LA 54 110.79 -14.55 4.81
CA VAL LA 54 109.97 -15.76 4.72
C VAL LA 54 109.69 -16.14 3.28
N GLY LA 55 110.16 -15.35 2.32
CA GLY LA 55 110.01 -15.72 0.92
C GLY LA 55 111.07 -16.71 0.48
N ILE LA 56 112.34 -16.33 0.63
CA ILE LA 56 113.44 -17.17 0.17
C ILE LA 56 113.41 -18.52 0.88
N LEU LA 57 113.14 -18.52 2.18
CA LEU LA 57 113.06 -19.77 2.92
C LEU LA 57 112.02 -20.72 2.33
N ASN LA 58 110.94 -20.17 1.77
CA ASN LA 58 109.92 -21.03 1.16
C ASN LA 58 110.50 -21.81 -0.01
N SER LA 59 111.43 -21.20 -0.75
CA SER LA 59 112.07 -21.92 -1.85
C SER LA 59 113.00 -23.02 -1.34
N PHE LA 60 113.45 -22.94 -0.08
CA PHE LA 60 114.35 -23.91 0.50
C PHE LA 60 113.68 -24.78 1.56
N VAL LA 61 112.38 -24.62 1.77
CA VAL LA 61 111.67 -25.38 2.81
C VAL LA 61 111.64 -26.85 2.44
#